data_9ER3
#
_entry.id   9ER3
#
_cell.length_a   1.00
_cell.length_b   1.00
_cell.length_c   1.00
_cell.angle_alpha   90.00
_cell.angle_beta   90.00
_cell.angle_gamma   90.00
#
_symmetry.space_group_name_H-M   'P 1'
#
_entity_poly.entity_id   1
_entity_poly.type   'polypeptide(L)'
_entity_poly.pdbx_seq_one_letter_code
;TSIYPKFRAAAVQAAPIYLNLEASVEKSCELIDEAASNGAKLVAFPEAFLPGYPWFAFIGHPEYTRKFYHELYKNAVEIP
SLAIQKISEAAKRNETYVCISCSEKDGGSLYLAQLWFNPNGDLIGKHRKMRASVAERLIWGDGSGSMMPVFQTRIGNLGG
LMCWEHQVPLDLMAMNAQNEQVHVASWPGYFDDEISSRYYAIATQTFVLMTSSIYTEEMKEMICLTQEQRDYFETFKSGH
TCIYGPDGEPISDMVPAETEGIAYAEIDVERVIDYKYYIDPAGHYSNQSLSMNFNQQPTPVVKHLNHQKNEVFTYEDIQ
;
_entity_poly.pdbx_strand_id   S,H,L,B,A,D,M,F,G,K,I,C,N,E,O,P,J,R,T
#
# COMPACT_ATOMS: atom_id res chain seq x y z
N THR A 1 -49.01 -23.86 59.33
CA THR A 1 -48.89 -22.40 59.10
C THR A 1 -49.37 -22.03 57.69
N SER A 2 -49.20 -20.76 57.32
CA SER A 2 -49.74 -20.21 56.08
C SER A 2 -51.27 -20.36 56.05
N ILE A 3 -51.90 -19.65 56.97
CA ILE A 3 -53.35 -19.58 57.06
C ILE A 3 -53.86 -18.49 56.14
N TYR A 4 -55.19 -18.48 55.92
CA TYR A 4 -55.85 -17.46 55.09
C TYR A 4 -57.20 -17.14 55.71
N PRO A 5 -57.21 -16.30 56.74
CA PRO A 5 -58.43 -16.12 57.55
C PRO A 5 -59.41 -15.13 56.92
N LYS A 6 -60.58 -15.03 57.55
CA LYS A 6 -61.63 -14.11 57.15
C LYS A 6 -62.08 -13.33 58.38
N PHE A 7 -62.20 -12.02 58.23
CA PHE A 7 -62.53 -11.16 59.36
C PHE A 7 -63.11 -9.84 58.85
N ARG A 8 -63.62 -9.06 59.79
CA ARG A 8 -64.21 -7.76 59.50
C ARG A 8 -63.22 -6.65 59.88
N ALA A 9 -62.97 -5.74 58.96
CA ALA A 9 -62.07 -4.61 59.18
C ALA A 9 -62.87 -3.32 59.24
N ALA A 10 -62.26 -2.29 59.84
CA ALA A 10 -62.94 -1.01 60.00
C ALA A 10 -61.91 0.11 59.87
N ALA A 11 -61.97 0.86 58.78
CA ALA A 11 -61.22 2.09 58.63
C ALA A 11 -62.05 3.26 59.16
N VAL A 12 -61.39 4.17 59.88
CA VAL A 12 -62.07 5.24 60.60
C VAL A 12 -61.76 6.57 59.94
N GLN A 13 -62.80 7.38 59.73
CA GLN A 13 -62.66 8.76 59.27
C GLN A 13 -63.12 9.67 60.40
N ALA A 14 -62.15 10.19 61.17
CA ALA A 14 -62.46 11.02 62.31
C ALA A 14 -61.34 12.03 62.51
N ALA A 15 -61.66 13.10 63.23
CA ALA A 15 -60.68 14.08 63.63
C ALA A 15 -60.47 14.03 65.14
N PRO A 16 -59.27 14.36 65.63
CA PRO A 16 -59.04 14.35 67.07
C PRO A 16 -59.49 15.65 67.71
N ILE A 17 -59.36 15.71 69.03
CA ILE A 17 -59.46 16.96 69.78
C ILE A 17 -58.10 17.65 69.65
N TYR A 18 -58.01 18.64 68.79
CA TYR A 18 -56.73 19.06 68.25
C TYR A 18 -55.76 19.47 69.35
N LEU A 19 -54.57 18.88 69.31
CA LEU A 19 -53.49 19.18 70.25
C LEU A 19 -53.94 18.99 71.70
N ASN A 20 -54.79 18.00 71.92
CA ASN A 20 -55.25 17.62 73.25
C ASN A 20 -55.10 16.11 73.36
N LEU A 21 -54.16 15.66 74.20
CA LEU A 21 -53.85 14.24 74.25
C LEU A 21 -54.95 13.44 74.96
N GLU A 22 -55.44 13.94 76.09
CA GLU A 22 -56.41 13.18 76.87
C GLU A 22 -57.72 13.00 76.12
N ALA A 23 -58.26 14.10 75.59
CA ALA A 23 -59.52 14.00 74.86
C ALA A 23 -59.36 13.22 73.57
N SER A 24 -58.20 13.33 72.92
CA SER A 24 -57.95 12.54 71.72
C SER A 24 -57.92 11.05 72.04
N VAL A 25 -57.28 10.67 73.15
CA VAL A 25 -57.24 9.27 73.53
C VAL A 25 -58.64 8.78 73.90
N GLU A 26 -59.43 9.62 74.57
CA GLU A 26 -60.79 9.23 74.91
C GLU A 26 -61.63 9.02 73.65
N LYS A 27 -61.49 9.92 72.68
CA LYS A 27 -62.19 9.74 71.41
C LYS A 27 -61.74 8.47 70.71
N SER A 28 -60.44 8.18 70.74
CA SER A 28 -59.95 6.95 70.11
C SER A 28 -60.53 5.72 70.78
N CYS A 29 -60.61 5.72 72.11
CA CYS A 29 -61.21 4.60 72.82
C CYS A 29 -62.67 4.43 72.43
N GLU A 30 -63.41 5.53 72.34
CA GLU A 30 -64.81 5.44 71.95
C GLU A 30 -64.97 4.90 70.53
N LEU A 31 -64.12 5.36 69.61
CA LEU A 31 -64.21 4.88 68.23
C LEU A 31 -63.87 3.40 68.15
N ILE A 32 -62.87 2.95 68.91
CA ILE A 32 -62.53 1.54 68.94
C ILE A 32 -63.72 0.73 69.48
N ASP A 33 -64.33 1.20 70.56
CA ASP A 33 -65.48 0.51 71.11
C ASP A 33 -66.58 0.37 70.07
N GLU A 34 -66.89 1.47 69.37
CA GLU A 34 -67.95 1.44 68.38
C GLU A 34 -67.64 0.46 67.25
N ALA A 35 -66.44 0.57 66.67
CA ALA A 35 -66.07 -0.29 65.55
C ALA A 35 -66.10 -1.75 65.97
N ALA A 36 -65.57 -2.06 67.15
CA ALA A 36 -65.58 -3.45 67.63
C ALA A 36 -66.99 -3.95 67.84
N SER A 37 -67.87 -3.11 68.39
CA SER A 37 -69.26 -3.50 68.57
C SER A 37 -69.92 -3.78 67.24
N ASN A 38 -69.50 -3.11 66.18
CA ASN A 38 -70.00 -3.39 64.84
C ASN A 38 -69.29 -4.57 64.18
N GLY A 39 -68.62 -5.42 64.97
CA GLY A 39 -68.03 -6.65 64.47
C GLY A 39 -66.60 -6.55 63.96
N ALA A 40 -65.99 -5.36 64.01
CA ALA A 40 -64.67 -5.18 63.42
C ALA A 40 -63.59 -5.81 64.30
N LYS A 41 -62.72 -6.60 63.68
CA LYS A 41 -61.58 -7.19 64.35
C LYS A 41 -60.27 -6.45 64.08
N LEU A 42 -60.29 -5.45 63.20
CA LEU A 42 -59.14 -4.59 62.98
C LEU A 42 -59.66 -3.16 62.85
N VAL A 43 -59.05 -2.23 63.59
CA VAL A 43 -59.43 -0.83 63.56
C VAL A 43 -58.18 -0.01 63.24
N ALA A 44 -58.30 0.90 62.27
CA ALA A 44 -57.19 1.74 61.85
C ALA A 44 -57.61 3.21 61.91
N PHE A 45 -56.64 4.08 62.13
CA PHE A 45 -56.85 5.49 62.39
C PHE A 45 -56.04 6.37 61.45
N PRO A 46 -56.46 7.61 61.24
CA PRO A 46 -55.72 8.51 60.35
C PRO A 46 -54.30 8.75 60.83
N GLU A 47 -53.51 9.35 59.93
CA GLU A 47 -52.13 9.70 60.26
C GLU A 47 -52.10 10.77 61.35
N ALA A 48 -51.22 10.56 62.33
CA ALA A 48 -50.97 11.53 63.39
C ALA A 48 -52.25 11.87 64.15
N PHE A 49 -53.10 10.86 64.35
CA PHE A 49 -54.38 11.12 65.01
C PHE A 49 -54.17 11.68 66.41
N LEU A 50 -53.23 11.13 67.16
CA LEU A 50 -53.00 11.56 68.53
C LEU A 50 -51.77 12.48 68.58
N PRO A 51 -51.92 13.76 68.93
CA PRO A 51 -53.13 14.53 69.22
C PRO A 51 -53.67 15.29 68.01
N GLY A 52 -53.00 15.25 66.86
CA GLY A 52 -53.47 15.94 65.67
C GLY A 52 -52.38 16.20 64.66
N TYR A 53 -52.75 16.28 63.38
CA TYR A 53 -51.76 16.54 62.35
C TYR A 53 -51.32 18.00 62.41
N PRO A 54 -50.01 18.29 62.35
CA PRO A 54 -49.56 19.67 62.51
C PRO A 54 -49.88 20.54 61.31
N TRP A 55 -51.16 20.89 61.13
CA TRP A 55 -51.56 21.74 60.02
C TRP A 55 -50.96 23.13 60.14
N PHE A 56 -50.60 23.56 61.35
CA PHE A 56 -50.00 24.89 61.51
C PHE A 56 -48.69 25.01 60.74
N ALA A 57 -47.98 23.91 60.51
CA ALA A 57 -46.71 23.96 59.82
C ALA A 57 -46.85 24.33 58.35
N PHE A 58 -48.05 24.32 57.80
CA PHE A 58 -48.26 24.57 56.38
C PHE A 58 -48.86 25.92 56.07
N ILE A 59 -49.22 26.73 57.07
CA ILE A 59 -49.87 28.01 56.81
C ILE A 59 -49.13 29.14 57.52
N GLY A 60 -47.83 28.99 57.70
CA GLY A 60 -47.03 30.07 58.27
C GLY A 60 -45.56 29.72 58.20
N HIS A 61 -44.75 30.66 58.63
CA HIS A 61 -43.30 30.49 58.59
C HIS A 61 -42.82 29.69 59.80
N PRO A 62 -41.55 29.26 59.81
CA PRO A 62 -41.08 28.42 60.91
C PRO A 62 -41.25 29.01 62.29
N GLU A 63 -41.10 30.33 62.45
CA GLU A 63 -41.20 30.91 63.79
C GLU A 63 -42.62 30.85 64.32
N TYR A 64 -43.61 31.01 63.44
CA TYR A 64 -45.00 30.80 63.83
C TYR A 64 -45.27 29.33 64.11
N THR A 65 -44.69 28.44 63.30
CA THR A 65 -44.84 27.01 63.51
C THR A 65 -44.28 26.58 64.86
N ARG A 66 -43.28 27.30 65.37
CA ARG A 66 -42.61 26.92 66.61
C ARG A 66 -43.57 26.97 67.80
N LYS A 67 -44.40 28.00 67.86
CA LYS A 67 -45.28 28.16 69.01
C LYS A 67 -46.25 26.98 69.14
N PHE A 68 -46.80 26.53 68.02
CA PHE A 68 -47.71 25.39 68.05
C PHE A 68 -46.96 24.07 68.18
N TYR A 69 -45.74 23.98 67.63
CA TYR A 69 -44.92 22.80 67.87
C TYR A 69 -44.67 22.61 69.35
N HIS A 70 -44.55 23.70 70.10
CA HIS A 70 -44.43 23.60 71.55
C HIS A 70 -45.59 22.80 72.13
N GLU A 71 -46.82 23.17 71.78
CA GLU A 71 -47.99 22.52 72.36
C GLU A 71 -48.16 21.10 71.84
N LEU A 72 -47.78 20.84 70.59
CA LEU A 72 -47.78 19.47 70.11
C LEU A 72 -46.78 18.62 70.86
N TYR A 73 -45.58 19.15 71.08
CA TYR A 73 -44.55 18.45 71.83
C TYR A 73 -45.03 18.13 73.24
N LYS A 74 -45.79 19.04 73.84
CA LYS A 74 -46.27 18.80 75.20
C LYS A 74 -47.34 17.71 75.26
N ASN A 75 -47.96 17.36 74.13
CA ASN A 75 -49.00 16.35 74.08
C ASN A 75 -48.59 15.14 73.24
N ALA A 76 -47.29 14.97 73.01
CA ALA A 76 -46.83 13.80 72.28
C ALA A 76 -47.01 12.54 73.13
N VAL A 77 -47.17 11.41 72.44
CA VAL A 77 -47.31 10.13 73.11
C VAL A 77 -45.91 9.60 73.44
N GLU A 78 -45.78 9.04 74.64
CA GLU A 78 -44.56 8.39 75.09
C GLU A 78 -44.86 6.92 75.35
N ILE A 79 -43.83 6.08 75.17
CA ILE A 79 -43.94 4.65 75.45
C ILE A 79 -42.94 4.33 76.57
N PRO A 80 -43.39 4.03 77.79
CA PRO A 80 -44.77 3.91 78.28
C PRO A 80 -45.42 5.25 78.64
N SER A 81 -46.74 5.32 78.63
CA SER A 81 -47.46 6.52 79.02
C SER A 81 -48.86 6.11 79.44
N LEU A 82 -49.71 7.10 79.72
CA LEU A 82 -51.11 6.81 80.00
C LEU A 82 -51.88 6.53 78.72
N ALA A 83 -51.53 7.21 77.62
CA ALA A 83 -52.23 6.99 76.36
C ALA A 83 -52.05 5.57 75.87
N ILE A 84 -50.80 5.07 75.91
CA ILE A 84 -50.54 3.70 75.50
C ILE A 84 -51.35 2.73 76.34
N GLN A 85 -51.43 2.99 77.65
CA GLN A 85 -52.20 2.13 78.53
C GLN A 85 -53.67 2.12 78.16
N LYS A 86 -54.24 3.29 77.91
CA LYS A 86 -55.66 3.36 77.59
C LYS A 86 -55.97 2.67 76.26
N ILE A 87 -55.13 2.90 75.25
CA ILE A 87 -55.38 2.27 73.95
C ILE A 87 -55.19 0.77 74.06
N SER A 88 -54.20 0.31 74.81
CA SER A 88 -54.01 -1.12 75.00
C SER A 88 -55.19 -1.74 75.72
N GLU A 89 -55.70 -1.05 76.74
CA GLU A 89 -56.85 -1.58 77.48
C GLU A 89 -58.08 -1.65 76.58
N ALA A 90 -58.29 -0.64 75.74
CA ALA A 90 -59.42 -0.70 74.82
C ALA A 90 -59.27 -1.85 73.83
N ALA A 91 -58.06 -2.04 73.30
CA ALA A 91 -57.84 -3.16 72.36
C ALA A 91 -58.09 -4.49 73.04
N LYS A 92 -57.63 -4.65 74.28
CA LYS A 92 -57.85 -5.90 74.99
C LYS A 92 -59.33 -6.11 75.31
N ARG A 93 -60.01 -5.07 75.77
CA ARG A 93 -61.42 -5.19 76.12
C ARG A 93 -62.26 -5.55 74.91
N ASN A 94 -61.95 -4.96 73.76
CA ASN A 94 -62.71 -5.22 72.54
C ASN A 94 -62.11 -6.34 71.70
N GLU A 95 -60.95 -6.89 72.10
CA GLU A 95 -60.37 -8.05 71.44
C GLU A 95 -60.16 -7.80 69.96
N THR A 96 -59.55 -6.67 69.65
CA THR A 96 -59.37 -6.22 68.27
C THR A 96 -57.93 -5.78 68.06
N TYR A 97 -57.40 -6.07 66.88
CA TYR A 97 -56.15 -5.45 66.47
C TYR A 97 -56.39 -3.97 66.19
N VAL A 98 -55.51 -3.12 66.70
CA VAL A 98 -55.67 -1.68 66.59
C VAL A 98 -54.38 -1.10 66.03
N CYS A 99 -54.49 -0.35 64.94
CA CYS A 99 -53.40 0.47 64.43
C CYS A 99 -53.80 1.93 64.62
N ILE A 100 -52.99 2.66 65.39
CA ILE A 100 -53.27 4.05 65.71
C ILE A 100 -52.01 4.86 65.45
N SER A 101 -52.16 5.98 64.76
CA SER A 101 -51.04 6.86 64.44
C SER A 101 -51.01 8.03 65.40
N CYS A 102 -49.82 8.52 65.69
CA CYS A 102 -49.64 9.53 66.73
C CYS A 102 -48.30 10.22 66.54
N SER A 103 -48.10 11.30 67.29
CA SER A 103 -46.81 11.94 67.43
C SER A 103 -46.09 11.31 68.61
N GLU A 104 -44.97 10.65 68.34
CA GLU A 104 -44.26 9.86 69.34
C GLU A 104 -43.04 10.63 69.82
N LYS A 105 -42.86 10.68 71.14
CA LYS A 105 -41.74 11.39 71.76
C LYS A 105 -40.73 10.38 72.26
N ASP A 106 -39.50 10.46 71.75
CA ASP A 106 -38.39 9.64 72.21
C ASP A 106 -37.27 10.58 72.64
N GLY A 107 -37.14 10.79 73.95
CA GLY A 107 -36.18 11.73 74.46
C GLY A 107 -36.53 13.15 74.08
N GLY A 108 -35.60 13.84 73.41
CA GLY A 108 -35.81 15.22 73.07
C GLY A 108 -36.58 15.44 71.79
N SER A 109 -36.69 14.42 70.94
CA SER A 109 -37.25 14.56 69.61
C SER A 109 -38.67 14.02 69.54
N LEU A 110 -39.34 14.34 68.44
CA LEU A 110 -40.66 13.81 68.11
C LEU A 110 -40.56 12.98 66.85
N TYR A 111 -41.42 11.96 66.76
CA TYR A 111 -41.47 11.07 65.61
C TYR A 111 -42.93 10.80 65.28
N LEU A 112 -43.16 10.43 64.02
CA LEU A 112 -44.49 10.04 63.56
C LEU A 112 -44.52 8.52 63.44
N ALA A 113 -45.37 7.88 64.24
CA ALA A 113 -45.37 6.43 64.35
C ALA A 113 -46.78 5.89 64.31
N GLN A 114 -46.94 4.75 63.65
CA GLN A 114 -48.14 3.92 63.79
C GLN A 114 -47.90 2.90 64.90
N LEU A 115 -48.80 2.84 65.87
CA LEU A 115 -48.71 1.92 66.99
C LEU A 115 -49.70 0.79 66.80
N TRP A 116 -49.24 -0.44 66.92
CA TRP A 116 -50.04 -1.63 66.69
C TRP A 116 -50.34 -2.32 68.01
N PHE A 117 -51.61 -2.67 68.22
CA PHE A 117 -52.06 -3.39 69.39
C PHE A 117 -52.85 -4.60 68.94
N ASN A 118 -52.73 -5.69 69.68
CA ASN A 118 -53.43 -6.92 69.36
C ASN A 118 -54.57 -7.16 70.33
N PRO A 119 -55.41 -8.17 70.08
CA PRO A 119 -56.57 -8.41 70.97
C PRO A 119 -56.21 -8.65 72.42
N ASN A 120 -54.93 -8.79 72.76
CA ASN A 120 -54.52 -8.94 74.15
C ASN A 120 -54.02 -7.64 74.76
N GLY A 121 -54.00 -6.55 74.00
CA GLY A 121 -53.48 -5.30 74.50
C GLY A 121 -51.98 -5.16 74.42
N ASP A 122 -51.28 -6.10 73.81
CA ASP A 122 -49.84 -6.01 73.67
C ASP A 122 -49.49 -4.98 72.60
N LEU A 123 -48.62 -4.04 72.94
CA LEU A 123 -48.07 -3.14 71.93
C LEU A 123 -47.07 -3.95 71.12
N ILE A 124 -47.55 -4.57 70.06
CA ILE A 124 -46.75 -5.56 69.35
C ILE A 124 -45.67 -4.93 68.48
N GLY A 125 -45.79 -3.65 68.15
CA GLY A 125 -44.75 -2.99 67.38
C GLY A 125 -45.20 -1.64 66.90
N LYS A 126 -44.23 -0.87 66.44
CA LYS A 126 -44.49 0.45 65.88
C LYS A 126 -43.68 0.64 64.62
N HIS A 127 -44.21 1.46 63.72
CA HIS A 127 -43.54 1.85 62.48
C HIS A 127 -43.43 3.36 62.45
N ARG A 128 -42.21 3.86 62.32
CA ARG A 128 -41.96 5.29 62.23
C ARG A 128 -41.86 5.71 60.76
N LYS A 129 -42.57 6.77 60.40
CA LYS A 129 -42.48 7.29 59.05
C LYS A 129 -41.04 7.52 58.64
N MET A 130 -40.62 6.87 57.56
CA MET A 130 -39.20 6.83 57.22
C MET A 130 -38.68 8.19 56.78
N ARG A 131 -39.57 9.08 56.32
CA ARG A 131 -39.16 10.40 55.87
C ARG A 131 -40.36 11.33 56.00
N ALA A 132 -40.14 12.50 56.60
CA ALA A 132 -41.20 13.49 56.72
C ALA A 132 -41.41 14.20 55.39
N SER A 133 -42.67 14.55 55.12
CA SER A 133 -43.00 15.25 53.89
C SER A 133 -42.76 16.74 54.07
N VAL A 134 -43.11 17.52 53.05
CA VAL A 134 -42.89 18.97 53.04
C VAL A 134 -43.44 19.58 54.31
N ALA A 135 -42.58 20.22 55.10
CA ALA A 135 -42.97 20.96 56.28
C ALA A 135 -43.37 20.07 57.45
N GLU A 136 -43.46 18.76 57.22
CA GLU A 136 -43.43 17.83 58.34
C GLU A 136 -42.03 17.66 58.87
N ARG A 137 -41.03 18.06 58.10
CA ARG A 137 -39.64 17.94 58.52
C ARG A 137 -39.27 18.92 59.61
N LEU A 138 -40.08 19.96 59.81
CA LEU A 138 -39.91 20.86 60.95
C LEU A 138 -40.39 20.24 62.26
N ILE A 139 -41.15 19.15 62.21
CA ILE A 139 -41.80 18.58 63.37
C ILE A 139 -41.17 17.26 63.78
N TRP A 140 -41.01 16.34 62.82
CA TRP A 140 -40.68 14.95 63.12
C TRP A 140 -39.33 14.55 62.54
N GLY A 141 -38.76 13.50 63.12
CA GLY A 141 -37.55 12.90 62.60
C GLY A 141 -37.83 11.71 61.71
N ASP A 142 -36.77 11.10 61.22
CA ASP A 142 -36.88 9.98 60.29
C ASP A 142 -36.92 8.65 61.02
N GLY A 143 -37.56 7.67 60.39
CA GLY A 143 -37.59 6.32 60.90
C GLY A 143 -36.39 5.52 60.45
N SER A 144 -36.42 4.23 60.77
CA SER A 144 -35.33 3.33 60.44
C SER A 144 -35.89 2.04 59.85
N GLY A 145 -35.00 1.31 59.16
CA GLY A 145 -35.38 0.03 58.62
C GLY A 145 -35.79 -1.00 59.66
N SER A 146 -35.43 -0.75 60.92
CA SER A 146 -35.83 -1.63 62.02
C SER A 146 -37.25 -1.36 62.50
N MET A 147 -37.93 -0.35 61.96
CA MET A 147 -39.30 -0.06 62.33
C MET A 147 -40.21 -0.15 61.11
N MET A 148 -40.07 -1.23 60.34
CA MET A 148 -40.94 -1.54 59.21
C MET A 148 -41.53 -2.92 59.39
N PRO A 149 -42.27 -3.14 60.47
CA PRO A 149 -42.76 -4.49 60.76
C PRO A 149 -43.88 -4.93 59.84
N VAL A 150 -43.96 -6.24 59.65
CA VAL A 150 -45.16 -6.92 59.17
C VAL A 150 -45.47 -8.00 60.19
N PHE A 151 -46.61 -7.88 60.86
CA PHE A 151 -46.95 -8.78 61.95
C PHE A 151 -47.70 -9.98 61.40
N GLN A 152 -47.26 -11.17 61.78
CA GLN A 152 -47.98 -12.40 61.47
C GLN A 152 -48.95 -12.66 62.60
N THR A 153 -50.23 -12.41 62.35
CA THR A 153 -51.27 -12.44 63.36
C THR A 153 -52.28 -13.52 63.03
N ARG A 154 -53.36 -13.55 63.80
CA ARG A 154 -54.46 -14.49 63.56
C ARG A 154 -55.38 -14.02 62.44
N ILE A 155 -55.15 -12.84 61.89
CA ILE A 155 -55.97 -12.30 60.82
C ILE A 155 -55.13 -11.96 59.59
N GLY A 156 -53.95 -12.55 59.47
CA GLY A 156 -53.09 -12.37 58.31
C GLY A 156 -51.85 -11.56 58.65
N ASN A 157 -51.07 -11.27 57.60
CA ASN A 157 -49.88 -10.47 57.75
C ASN A 157 -50.27 -9.00 57.68
N LEU A 158 -50.13 -8.28 58.79
CA LEU A 158 -50.54 -6.89 58.89
C LEU A 158 -49.34 -5.96 58.80
N GLY A 159 -49.59 -4.77 58.28
CA GLY A 159 -48.58 -3.73 58.24
C GLY A 159 -49.24 -2.41 57.88
N GLY A 160 -48.43 -1.36 57.80
CA GLY A 160 -48.97 -0.06 57.48
C GLY A 160 -47.89 0.92 57.07
N LEU A 161 -48.32 1.93 56.32
CA LEU A 161 -47.49 3.06 55.95
C LEU A 161 -48.34 4.31 56.03
N MET A 162 -47.70 5.47 56.07
CA MET A 162 -48.37 6.75 56.26
C MET A 162 -48.14 7.66 55.08
N CYS A 163 -49.22 8.23 54.56
CA CYS A 163 -49.19 9.34 53.59
C CYS A 163 -48.23 8.99 52.46
N TRP A 164 -47.26 9.84 52.13
CA TRP A 164 -46.44 9.65 50.94
C TRP A 164 -45.45 8.54 51.06
N GLU A 165 -45.46 7.69 52.09
CA GLU A 165 -44.65 6.48 52.04
C GLU A 165 -45.13 5.52 50.97
N HIS A 166 -46.39 5.65 50.54
CA HIS A 166 -46.90 4.81 49.46
C HIS A 166 -46.38 5.22 48.11
N GLN A 167 -45.83 6.43 47.99
CA GLN A 167 -45.25 6.92 46.76
C GLN A 167 -43.75 6.69 46.69
N VAL A 168 -43.20 5.93 47.65
CA VAL A 168 -41.78 5.58 47.66
C VAL A 168 -41.69 4.11 47.30
N PRO A 169 -41.19 3.76 46.10
CA PRO A 169 -41.17 2.35 45.71
C PRO A 169 -40.41 1.44 46.66
N LEU A 170 -39.35 1.94 47.30
CA LEU A 170 -38.56 1.08 48.19
C LEU A 170 -39.36 0.67 49.42
N ASP A 171 -40.23 1.55 49.93
CA ASP A 171 -41.10 1.16 51.04
C ASP A 171 -42.05 0.06 50.62
N LEU A 172 -42.64 0.18 49.43
CA LEU A 172 -43.49 -0.89 48.91
C LEU A 172 -42.71 -2.18 48.79
N MET A 173 -41.47 -2.09 48.33
CA MET A 173 -40.64 -3.28 48.16
C MET A 173 -40.37 -3.95 49.49
N ALA A 174 -40.00 -3.16 50.50
CA ALA A 174 -39.75 -3.73 51.82
C ALA A 174 -41.01 -4.36 52.40
N MET A 175 -42.17 -3.75 52.18
CA MET A 175 -43.41 -4.29 52.71
C MET A 175 -43.81 -5.57 51.99
N ASN A 176 -43.62 -5.61 50.67
CA ASN A 176 -43.96 -6.80 49.89
C ASN A 176 -43.01 -7.95 50.20
N ALA A 177 -41.76 -7.65 50.53
CA ALA A 177 -40.80 -8.72 50.83
C ALA A 177 -41.23 -9.54 52.04
N GLN A 178 -41.90 -8.90 52.99
CA GLN A 178 -42.36 -9.58 54.20
C GLN A 178 -43.70 -10.25 54.02
N ASN A 179 -44.20 -10.35 52.78
CA ASN A 179 -45.45 -11.04 52.49
C ASN A 179 -46.62 -10.42 53.24
N GLU A 180 -46.68 -9.09 53.23
CA GLU A 180 -47.82 -8.38 53.81
C GLU A 180 -49.09 -8.73 53.06
N GLN A 181 -50.19 -8.81 53.80
CA GLN A 181 -51.47 -9.21 53.21
C GLN A 181 -52.58 -8.22 53.48
N VAL A 182 -52.61 -7.59 54.64
CA VAL A 182 -53.61 -6.59 54.99
C VAL A 182 -52.87 -5.35 55.45
N HIS A 183 -53.10 -4.23 54.76
CA HIS A 183 -52.28 -3.03 54.90
C HIS A 183 -53.15 -1.87 55.37
N VAL A 184 -52.65 -1.12 56.32
CA VAL A 184 -53.30 0.10 56.81
C VAL A 184 -52.60 1.29 56.18
N ALA A 185 -53.36 2.07 55.41
CA ALA A 185 -52.83 3.26 54.74
C ALA A 185 -53.41 4.49 55.43
N SER A 186 -52.62 5.09 56.32
CA SER A 186 -53.05 6.26 57.08
C SER A 186 -52.70 7.52 56.31
N TRP A 187 -53.68 8.41 56.16
CA TRP A 187 -53.49 9.68 55.48
C TRP A 187 -53.99 10.82 56.36
N PRO A 188 -53.41 12.01 56.21
CA PRO A 188 -53.77 13.12 57.12
C PRO A 188 -55.02 13.87 56.70
N GLY A 189 -55.28 13.95 55.41
CA GLY A 189 -56.50 14.56 54.92
C GLY A 189 -56.32 15.71 53.95
N TYR A 190 -55.14 15.86 53.38
CA TYR A 190 -54.85 16.96 52.46
C TYR A 190 -54.13 16.54 51.19
N PHE A 191 -53.48 15.38 51.18
CA PHE A 191 -52.73 14.90 50.03
C PHE A 191 -53.53 13.84 49.28
N ASP A 192 -53.35 13.82 47.95
CA ASP A 192 -54.16 12.98 47.08
C ASP A 192 -53.91 11.50 47.35
N ASP A 193 -54.89 10.85 47.99
CA ASP A 193 -54.67 9.55 48.60
C ASP A 193 -55.26 8.38 47.84
N GLU A 194 -56.32 8.60 47.05
CA GLU A 194 -57.01 7.48 46.40
C GLU A 194 -56.08 6.74 45.43
N ILE A 195 -55.39 7.47 44.55
CA ILE A 195 -54.55 6.83 43.54
C ILE A 195 -53.46 6.02 44.21
N SER A 196 -52.80 6.61 45.22
CA SER A 196 -51.68 5.93 45.86
C SER A 196 -52.12 4.66 46.58
N SER A 197 -53.22 4.74 47.32
CA SER A 197 -53.69 3.58 48.07
C SER A 197 -54.16 2.47 47.13
N ARG A 198 -54.88 2.83 46.07
CA ARG A 198 -55.31 1.83 45.11
C ARG A 198 -54.11 1.17 44.42
N TYR A 199 -53.13 1.97 44.00
CA TYR A 199 -51.96 1.40 43.37
C TYR A 199 -51.19 0.52 44.34
N TYR A 200 -51.13 0.91 45.61
CA TYR A 200 -50.47 0.08 46.60
C TYR A 200 -51.18 -1.26 46.72
N ALA A 201 -52.51 -1.24 46.79
CA ALA A 201 -53.25 -2.49 46.86
C ALA A 201 -52.91 -3.38 45.68
N ILE A 202 -52.82 -2.80 44.48
CA ILE A 202 -52.52 -3.59 43.30
C ILE A 202 -51.08 -4.12 43.34
N ALA A 203 -50.13 -3.26 43.68
CA ALA A 203 -48.71 -3.58 43.53
C ALA A 203 -48.21 -4.51 44.63
N THR A 204 -48.83 -4.47 45.81
CA THR A 204 -48.47 -5.36 46.90
C THR A 204 -49.42 -6.55 47.02
N GLN A 205 -50.53 -6.55 46.28
CA GLN A 205 -51.52 -7.62 46.35
C GLN A 205 -52.07 -7.77 47.76
N THR A 206 -52.39 -6.65 48.39
CA THR A 206 -52.89 -6.62 49.75
C THR A 206 -54.21 -5.88 49.81
N PHE A 207 -55.01 -6.21 50.81
CA PHE A 207 -56.13 -5.37 51.20
C PHE A 207 -55.59 -4.10 51.85
N VAL A 208 -56.20 -2.96 51.52
CA VAL A 208 -55.76 -1.67 52.00
C VAL A 208 -56.94 -0.99 52.71
N LEU A 209 -56.75 -0.64 53.97
CA LEU A 209 -57.69 0.18 54.72
C LEU A 209 -57.16 1.61 54.67
N MET A 210 -57.68 2.40 53.74
CA MET A 210 -57.32 3.80 53.65
C MET A 210 -58.17 4.60 54.64
N THR A 211 -57.51 5.31 55.53
CA THR A 211 -58.19 6.09 56.57
C THR A 211 -57.65 7.51 56.57
N SER A 212 -58.55 8.47 56.74
CA SER A 212 -58.20 9.88 56.65
C SER A 212 -59.01 10.65 57.69
N SER A 213 -58.42 11.73 58.19
CA SER A 213 -59.09 12.58 59.16
C SER A 213 -59.77 13.75 58.45
N ILE A 214 -60.50 14.54 59.23
CA ILE A 214 -61.23 15.68 58.71
C ILE A 214 -60.76 16.92 59.46
N TYR A 215 -61.17 18.08 58.96
CA TYR A 215 -60.86 19.35 59.57
C TYR A 215 -62.01 19.77 60.48
N THR A 216 -61.69 20.14 61.71
CA THR A 216 -62.68 20.63 62.66
C THR A 216 -62.52 22.13 62.86
N GLU A 217 -63.61 22.76 63.28
CA GLU A 217 -63.59 24.20 63.48
C GLU A 217 -62.64 24.59 64.62
N GLU A 218 -62.61 23.82 65.69
CA GLU A 218 -61.74 24.16 66.82
C GLU A 218 -60.27 24.21 66.37
N MET A 219 -59.88 23.33 65.47
CA MET A 219 -58.53 23.38 64.91
C MET A 219 -58.28 24.71 64.22
N LYS A 220 -59.21 25.13 63.36
CA LYS A 220 -59.03 26.40 62.65
C LYS A 220 -58.96 27.57 63.62
N GLU A 221 -59.83 27.59 64.62
CA GLU A 221 -59.82 28.66 65.61
C GLU A 221 -58.52 28.67 66.40
N MET A 222 -57.90 27.51 66.56
CA MET A 222 -56.62 27.45 67.26
C MET A 222 -55.47 27.95 66.40
N ILE A 223 -55.43 27.58 65.12
CA ILE A 223 -54.23 27.78 64.31
C ILE A 223 -54.39 28.87 63.26
N CYS A 224 -55.58 29.40 63.04
CA CYS A 224 -55.79 30.48 62.07
C CYS A 224 -55.89 31.78 62.86
N LEU A 225 -54.73 32.36 63.16
CA LEU A 225 -54.68 33.58 63.97
C LEU A 225 -55.21 34.78 63.20
N THR A 226 -54.76 34.95 61.96
CA THR A 226 -55.16 36.07 61.14
C THR A 226 -56.22 35.63 60.13
N GLN A 227 -56.56 36.51 59.19
CA GLN A 227 -57.57 36.21 58.19
C GLN A 227 -56.98 35.58 56.95
N GLU A 228 -55.79 36.02 56.54
CA GLU A 228 -55.12 35.37 55.43
C GLU A 228 -54.87 33.90 55.73
N GLN A 229 -54.44 33.60 56.96
CA GLN A 229 -54.23 32.22 57.35
C GLN A 229 -55.52 31.42 57.27
N ARG A 230 -56.62 31.99 57.77
CA ARG A 230 -57.89 31.28 57.77
C ARG A 230 -58.33 30.98 56.34
N ASP A 231 -58.26 31.99 55.46
CA ASP A 231 -58.69 31.78 54.09
C ASP A 231 -57.80 30.77 53.38
N TYR A 232 -56.48 30.84 53.62
CA TYR A 232 -55.58 29.89 52.98
C TYR A 232 -55.85 28.46 53.45
N PHE A 233 -56.12 28.29 54.73
CA PHE A 233 -56.42 26.95 55.22
C PHE A 233 -57.77 26.47 54.72
N GLU A 234 -58.70 27.39 54.45
CA GLU A 234 -60.01 27.00 53.96
C GLU A 234 -59.95 26.35 52.58
N THR A 235 -58.88 26.54 51.83
CA THR A 235 -58.74 25.94 50.51
C THR A 235 -58.20 24.53 50.55
N PHE A 236 -57.96 23.97 51.74
CA PHE A 236 -57.38 22.64 51.86
C PHE A 236 -58.43 21.58 51.58
N LYS A 237 -58.16 20.73 50.59
CA LYS A 237 -59.07 19.65 50.24
C LYS A 237 -59.10 18.60 51.35
N SER A 238 -60.21 17.87 51.41
CA SER A 238 -60.39 16.80 52.38
C SER A 238 -59.97 15.47 51.79
N GLY A 239 -59.83 14.48 52.67
CA GLY A 239 -59.45 13.13 52.27
C GLY A 239 -60.64 12.20 52.16
N HIS A 240 -60.33 10.93 51.94
CA HIS A 240 -61.33 9.88 51.82
C HIS A 240 -60.92 8.70 52.67
N THR A 241 -61.91 7.94 53.12
CA THR A 241 -61.70 6.74 53.94
C THR A 241 -62.43 5.60 53.27
N CYS A 242 -61.68 4.68 52.67
CA CYS A 242 -62.25 3.54 51.97
C CYS A 242 -61.45 2.30 52.32
N ILE A 243 -61.87 1.18 51.77
CA ILE A 243 -61.14 -0.08 51.86
C ILE A 243 -61.12 -0.69 50.47
N TYR A 244 -60.00 -1.32 50.12
CA TYR A 244 -59.80 -1.86 48.79
C TYR A 244 -59.40 -3.33 48.87
N GLY A 245 -59.72 -4.06 47.81
CA GLY A 245 -59.28 -5.42 47.65
C GLY A 245 -57.94 -5.47 46.95
N PRO A 246 -57.34 -6.67 46.87
CA PRO A 246 -56.01 -6.78 46.27
C PRO A 246 -55.93 -6.35 44.82
N ASP A 247 -57.05 -6.24 44.12
CA ASP A 247 -57.07 -5.77 42.74
C ASP A 247 -57.21 -4.26 42.62
N GLY A 248 -57.33 -3.54 43.72
CA GLY A 248 -57.50 -2.11 43.70
C GLY A 248 -58.93 -1.63 43.72
N GLU A 249 -59.87 -2.50 43.67
CA GLU A 249 -61.26 -2.05 43.69
C GLU A 249 -61.75 -1.88 45.12
N PRO A 250 -62.74 -1.03 45.34
CA PRO A 250 -63.23 -0.81 46.72
C PRO A 250 -64.22 -1.87 47.13
N ILE A 251 -64.10 -2.31 48.38
CA ILE A 251 -64.99 -3.31 48.95
C ILE A 251 -65.86 -2.71 50.06
N SER A 252 -65.94 -1.38 50.14
CA SER A 252 -66.79 -0.73 51.13
C SER A 252 -67.23 0.62 50.59
N ASP A 253 -68.21 1.20 51.28
CA ASP A 253 -68.69 2.53 50.93
C ASP A 253 -67.69 3.60 51.36
N MET A 254 -67.58 4.66 50.57
CA MET A 254 -66.80 5.81 50.98
C MET A 254 -67.52 6.53 52.10
N VAL A 255 -66.81 6.81 53.19
CA VAL A 255 -67.43 7.63 54.22
C VAL A 255 -67.69 9.02 53.65
N PRO A 256 -68.80 9.67 53.94
CA PRO A 256 -69.03 11.02 53.41
C PRO A 256 -67.91 11.96 53.82
N ALA A 257 -67.54 12.84 52.90
CA ALA A 257 -66.43 13.76 53.14
C ALA A 257 -66.76 14.72 54.26
N GLU A 258 -65.77 14.98 55.11
CA GLU A 258 -65.90 15.92 56.22
C GLU A 258 -66.97 15.48 57.21
N THR A 259 -67.20 14.19 57.31
CA THR A 259 -68.13 13.61 58.28
C THR A 259 -67.40 12.55 59.08
N GLU A 260 -67.78 12.41 60.34
CA GLU A 260 -67.24 11.34 61.17
C GLU A 260 -67.99 10.05 60.88
N GLY A 261 -67.24 8.97 60.66
CA GLY A 261 -67.85 7.70 60.34
C GLY A 261 -66.79 6.65 60.11
N ILE A 262 -67.25 5.41 60.01
CA ILE A 262 -66.37 4.26 59.87
C ILE A 262 -66.80 3.45 58.66
N ALA A 263 -65.82 3.00 57.89
CA ALA A 263 -66.05 2.12 56.75
C ALA A 263 -65.67 0.70 57.15
N TYR A 264 -66.60 -0.23 56.98
CA TYR A 264 -66.40 -1.64 57.28
C TYR A 264 -66.31 -2.44 55.99
N ALA A 265 -65.68 -3.60 56.09
CA ALA A 265 -65.57 -4.49 54.95
C ALA A 265 -65.35 -5.91 55.45
N GLU A 266 -65.58 -6.87 54.56
CA GLU A 266 -65.23 -8.26 54.79
C GLU A 266 -63.88 -8.53 54.13
N ILE A 267 -62.92 -9.00 54.91
CA ILE A 267 -61.58 -9.27 54.43
C ILE A 267 -61.40 -10.78 54.38
N ASP A 268 -61.41 -11.34 53.18
CA ASP A 268 -61.04 -12.74 52.96
C ASP A 268 -59.62 -12.74 52.42
N VAL A 269 -58.66 -13.08 53.28
CA VAL A 269 -57.26 -13.03 52.91
C VAL A 269 -56.93 -13.99 51.78
N GLU A 270 -57.81 -14.97 51.51
CA GLU A 270 -57.54 -15.92 50.43
C GLU A 270 -57.48 -15.23 49.08
N ARG A 271 -58.16 -14.11 48.91
CA ARG A 271 -58.20 -13.45 47.62
C ARG A 271 -56.82 -13.06 47.12
N VAL A 272 -55.85 -12.92 48.02
CA VAL A 272 -54.52 -12.49 47.62
C VAL A 272 -53.85 -13.53 46.73
N ILE A 273 -54.24 -14.81 46.84
CA ILE A 273 -53.62 -15.85 46.03
C ILE A 273 -53.90 -15.60 44.56
N ASP A 274 -55.14 -15.20 44.23
CA ASP A 274 -55.52 -15.00 42.84
C ASP A 274 -54.72 -13.89 42.18
N TYR A 275 -54.06 -13.04 42.97
CA TYR A 275 -53.27 -11.94 42.44
C TYR A 275 -51.77 -12.16 42.60
N LYS A 276 -51.34 -13.01 43.54
CA LYS A 276 -49.99 -13.53 43.49
C LYS A 276 -49.78 -14.36 42.22
N TYR A 277 -50.86 -14.90 41.68
CA TYR A 277 -50.80 -15.56 40.39
C TYR A 277 -50.37 -14.58 39.30
N TYR A 278 -50.91 -13.36 39.34
CA TYR A 278 -50.61 -12.37 38.31
C TYR A 278 -49.22 -11.78 38.51
N ILE A 279 -48.97 -11.19 39.68
CA ILE A 279 -47.78 -10.40 39.91
C ILE A 279 -47.36 -10.53 41.36
N ASP A 280 -46.04 -10.52 41.59
CA ASP A 280 -45.45 -10.55 42.91
C ASP A 280 -44.03 -9.98 42.82
N PRO A 281 -43.87 -8.67 42.96
CA PRO A 281 -42.57 -8.06 42.64
C PRO A 281 -41.40 -8.65 43.40
N ALA A 282 -41.60 -9.13 44.62
CA ALA A 282 -40.53 -9.73 45.40
C ALA A 282 -40.33 -11.20 45.10
N GLY A 283 -41.18 -11.81 44.29
CA GLY A 283 -41.08 -13.23 44.00
C GLY A 283 -40.85 -13.55 42.54
N HIS A 284 -41.82 -14.22 41.92
CA HIS A 284 -41.66 -14.65 40.55
C HIS A 284 -41.55 -13.47 39.59
N TYR A 285 -42.23 -12.36 39.89
CA TYR A 285 -42.30 -11.23 38.97
C TYR A 285 -41.15 -10.26 39.23
N SER A 286 -39.93 -10.80 39.11
CA SER A 286 -38.71 -10.04 39.34
C SER A 286 -37.75 -10.25 38.19
N ASN A 287 -36.67 -9.47 38.20
CA ASN A 287 -35.57 -9.60 37.26
C ASN A 287 -34.27 -9.55 38.04
N GLN A 288 -33.38 -10.51 37.80
CA GLN A 288 -32.19 -10.65 38.64
C GLN A 288 -31.26 -9.44 38.56
N SER A 289 -31.40 -8.60 37.54
CA SER A 289 -30.53 -7.43 37.45
C SER A 289 -30.91 -6.34 38.43
N LEU A 290 -32.13 -6.36 38.94
CA LEU A 290 -32.60 -5.40 39.94
C LEU A 290 -32.76 -6.12 41.27
N SER A 291 -32.48 -5.40 42.35
CA SER A 291 -32.59 -5.96 43.69
C SER A 291 -32.50 -4.82 44.68
N MET A 292 -32.90 -5.10 45.91
CA MET A 292 -33.01 -4.09 46.95
C MET A 292 -32.24 -4.52 48.18
N ASN A 293 -31.56 -3.56 48.81
CA ASN A 293 -30.87 -3.78 50.08
C ASN A 293 -31.76 -3.25 51.20
N PHE A 294 -32.41 -4.17 51.91
CA PHE A 294 -33.25 -3.83 53.05
C PHE A 294 -32.44 -4.04 54.32
N ASN A 295 -32.02 -2.93 54.93
CA ASN A 295 -31.22 -2.97 56.15
C ASN A 295 -32.12 -2.74 57.36
N GLN A 296 -32.17 -3.72 58.26
CA GLN A 296 -33.06 -3.69 59.41
C GLN A 296 -32.31 -3.52 60.73
N GLN A 297 -31.05 -3.11 60.68
CA GLN A 297 -30.32 -2.86 61.91
C GLN A 297 -30.88 -1.63 62.60
N PRO A 298 -31.03 -1.64 63.93
CA PRO A 298 -31.46 -0.42 64.63
C PRO A 298 -30.44 0.69 64.40
N THR A 299 -30.93 1.91 64.25
CA THR A 299 -30.08 3.07 63.96
C THR A 299 -30.44 4.24 64.86
N PRO A 300 -30.30 4.09 66.17
CA PRO A 300 -30.29 5.25 67.05
C PRO A 300 -28.97 5.98 66.96
N VAL A 301 -28.98 7.24 67.38
CA VAL A 301 -27.76 8.04 67.35
C VAL A 301 -26.73 7.45 68.31
N VAL A 302 -27.16 7.08 69.51
CA VAL A 302 -26.28 6.61 70.56
C VAL A 302 -26.77 5.24 71.02
N LYS A 303 -25.92 4.24 70.89
CA LYS A 303 -26.22 2.90 71.39
C LYS A 303 -25.85 2.82 72.85
N HIS A 304 -26.81 2.42 73.68
CA HIS A 304 -26.60 2.25 75.12
C HIS A 304 -26.17 0.80 75.34
N LEU A 305 -24.87 0.58 75.40
CA LEU A 305 -24.31 -0.75 75.59
C LEU A 305 -24.15 -1.02 77.08
N ASN A 306 -24.59 -2.20 77.51
CA ASN A 306 -24.52 -2.61 78.91
C ASN A 306 -25.15 -1.56 79.82
N HIS A 307 -26.33 -1.09 79.42
CA HIS A 307 -27.06 -0.11 80.21
C HIS A 307 -27.07 -0.50 81.68
N GLN A 308 -26.97 0.50 82.55
CA GLN A 308 -26.93 0.26 83.99
C GLN A 308 -27.50 1.47 84.73
N LYS A 309 -27.93 1.22 85.96
CA LYS A 309 -28.52 2.24 86.83
C LYS A 309 -27.50 2.70 87.86
N ASN A 310 -27.95 3.49 88.83
CA ASN A 310 -27.08 4.13 89.80
C ASN A 310 -27.39 3.64 91.21
N GLU A 311 -26.36 3.65 92.06
CA GLU A 311 -26.47 3.20 93.44
C GLU A 311 -26.92 4.39 94.29
N VAL A 312 -28.24 4.49 94.52
CA VAL A 312 -28.83 5.59 95.25
C VAL A 312 -28.55 5.36 96.74
N PHE A 313 -27.55 6.04 97.28
CA PHE A 313 -27.22 5.98 98.70
C PHE A 313 -28.27 6.75 99.48
N THR A 314 -29.20 6.04 100.11
CA THR A 314 -30.30 6.71 100.79
C THR A 314 -29.81 7.48 102.01
N TYR A 315 -30.64 8.43 102.45
CA TYR A 315 -30.28 9.26 103.59
C TYR A 315 -30.11 8.44 104.85
N GLU A 316 -30.90 7.38 105.02
CA GLU A 316 -30.82 6.57 106.23
C GLU A 316 -29.46 5.91 106.38
N ASP A 317 -28.91 5.39 105.27
CA ASP A 317 -27.60 4.75 105.34
C ASP A 317 -26.52 5.76 105.71
N ILE A 318 -26.57 6.96 105.14
CA ILE A 318 -25.51 7.94 105.37
C ILE A 318 -25.44 8.31 106.85
N GLN A 319 -26.58 8.38 107.52
CA GLN A 319 -26.62 8.71 108.95
C GLN A 319 -26.47 7.47 109.82
N THR B 1 6.45 13.03 57.82
CA THR B 1 5.32 13.38 56.91
C THR B 1 4.58 14.61 57.41
N SER B 2 4.09 14.54 58.64
CA SER B 2 3.33 15.64 59.21
C SER B 2 4.09 16.94 59.03
N ILE B 3 3.46 17.88 58.34
CA ILE B 3 4.06 19.17 58.01
C ILE B 3 3.27 20.26 58.74
N TYR B 4 3.94 21.38 58.99
CA TYR B 4 3.37 22.49 59.73
C TYR B 4 3.68 23.77 58.97
N PRO B 5 2.94 24.04 57.90
CA PRO B 5 3.24 25.20 57.06
C PRO B 5 2.67 26.49 57.62
N LYS B 6 3.17 27.59 57.07
CA LYS B 6 2.69 28.94 57.39
C LYS B 6 2.19 29.60 56.11
N PHE B 7 1.04 30.25 56.20
CA PHE B 7 0.42 30.86 55.03
C PHE B 7 -0.56 31.92 55.50
N ARG B 8 -1.07 32.69 54.54
CA ARG B 8 -2.05 33.73 54.79
C ARG B 8 -3.42 33.26 54.31
N ALA B 9 -4.44 33.50 55.12
CA ALA B 9 -5.79 33.05 54.85
C ALA B 9 -6.69 34.24 54.50
N ALA B 10 -7.82 33.94 53.88
CA ALA B 10 -8.79 34.96 53.48
C ALA B 10 -10.19 34.42 53.73
N ALA B 11 -10.90 35.03 54.69
CA ALA B 11 -12.31 34.76 54.92
C ALA B 11 -13.12 35.90 54.34
N VAL B 12 -14.12 35.56 53.53
CA VAL B 12 -14.84 36.53 52.72
C VAL B 12 -16.19 36.82 53.38
N GLN B 13 -16.51 38.10 53.52
CA GLN B 13 -17.87 38.55 53.84
C GLN B 13 -18.42 39.24 52.62
N ALA B 14 -19.53 38.74 52.10
CA ALA B 14 -20.11 39.28 50.88
C ALA B 14 -21.44 38.60 50.63
N ALA B 15 -22.26 39.25 49.79
CA ALA B 15 -23.51 38.70 49.33
C ALA B 15 -23.42 38.35 47.86
N PRO B 16 -24.20 37.39 47.39
CA PRO B 16 -24.19 37.06 45.96
C PRO B 16 -25.21 37.88 45.19
N ILE B 17 -25.32 37.62 43.89
CA ILE B 17 -26.45 38.10 43.10
C ILE B 17 -27.57 37.09 43.28
N TYR B 18 -28.59 37.45 44.04
CA TYR B 18 -29.50 36.48 44.61
C TYR B 18 -30.18 35.65 43.53
N LEU B 19 -30.01 34.33 43.61
CA LEU B 19 -30.62 33.38 42.69
C LEU B 19 -30.25 33.69 41.24
N ASN B 20 -29.00 34.08 41.03
CA ASN B 20 -28.47 34.33 39.69
C ASN B 20 -27.07 33.71 39.64
N LEU B 21 -26.99 32.50 39.08
CA LEU B 21 -25.74 31.75 39.17
C LEU B 21 -24.62 32.43 38.41
N GLU B 22 -24.88 32.95 37.20
CA GLU B 22 -23.81 33.55 36.42
C GLU B 22 -23.19 34.74 37.14
N ALA B 23 -24.02 35.66 37.61
CA ALA B 23 -23.50 36.86 38.26
C ALA B 23 -22.82 36.52 39.58
N SER B 24 -23.37 35.56 40.32
CA SER B 24 -22.73 35.15 41.58
C SER B 24 -21.38 34.49 41.32
N VAL B 25 -21.26 33.71 40.24
CA VAL B 25 -19.97 33.10 39.92
C VAL B 25 -18.98 34.17 39.51
N GLU B 26 -19.43 35.19 38.78
CA GLU B 26 -18.54 36.29 38.44
C GLU B 26 -18.06 37.02 39.70
N LYS B 27 -18.97 37.26 40.64
CA LYS B 27 -18.58 37.91 41.89
C LYS B 27 -17.61 37.04 42.67
N SER B 28 -17.81 35.73 42.68
CA SER B 28 -16.91 34.85 43.39
C SER B 28 -15.52 34.86 42.76
N CYS B 29 -15.45 34.88 41.43
CA CYS B 29 -14.15 34.99 40.77
C CYS B 29 -13.46 36.30 41.12
N GLU B 30 -14.21 37.40 41.13
CA GLU B 30 -13.64 38.69 41.52
C GLU B 30 -13.13 38.66 42.96
N LEU B 31 -13.89 38.06 43.86
CA LEU B 31 -13.48 38.00 45.26
C LEU B 31 -12.23 37.15 45.43
N ILE B 32 -12.16 36.02 44.72
CA ILE B 32 -10.96 35.20 44.76
C ILE B 32 -9.76 35.96 44.23
N ASP B 33 -9.96 36.73 43.17
CA ASP B 33 -8.87 37.55 42.62
C ASP B 33 -8.39 38.55 43.66
N GLU B 34 -9.32 39.24 44.32
CA GLU B 34 -8.93 40.22 45.33
C GLU B 34 -8.17 39.56 46.48
N ALA B 35 -8.69 38.44 46.97
CA ALA B 35 -8.06 37.76 48.09
C ALA B 35 -6.65 37.30 47.72
N ALA B 36 -6.49 36.71 46.54
CA ALA B 36 -5.18 36.21 46.15
C ALA B 36 -4.20 37.33 45.85
N SER B 37 -4.69 38.46 45.32
CA SER B 37 -3.83 39.62 45.12
C SER B 37 -3.35 40.18 46.45
N ASN B 38 -4.20 40.12 47.48
CA ASN B 38 -3.76 40.54 48.81
C ASN B 38 -2.81 39.55 49.45
N GLY B 39 -2.60 38.38 48.85
CA GLY B 39 -1.58 37.45 49.31
C GLY B 39 -2.07 36.18 49.98
N ALA B 40 -3.36 35.86 49.87
CA ALA B 40 -3.90 34.70 50.56
C ALA B 40 -3.67 33.42 49.77
N LYS B 41 -3.52 32.32 50.49
CA LYS B 41 -3.42 30.99 49.90
C LYS B 41 -4.66 30.15 50.10
N LEU B 42 -5.63 30.65 50.86
CA LEU B 42 -6.91 29.97 51.04
C LEU B 42 -8.00 31.03 51.11
N VAL B 43 -9.08 30.82 50.36
CA VAL B 43 -10.21 31.73 50.30
C VAL B 43 -11.48 30.95 50.61
N ALA B 44 -12.30 31.47 51.52
CA ALA B 44 -13.50 30.80 51.98
C ALA B 44 -14.71 31.70 51.75
N PHE B 45 -15.83 31.10 51.34
CA PHE B 45 -17.04 31.82 51.05
C PHE B 45 -18.17 31.39 51.99
N PRO B 46 -19.16 32.26 52.24
CA PRO B 46 -20.24 31.91 53.16
C PRO B 46 -21.09 30.75 52.69
N GLU B 47 -22.05 30.34 53.52
CA GLU B 47 -22.89 29.19 53.22
C GLU B 47 -23.84 29.49 52.06
N ALA B 48 -23.98 28.53 51.16
CA ALA B 48 -24.91 28.61 50.04
C ALA B 48 -24.67 29.87 49.21
N PHE B 49 -23.40 30.23 49.04
CA PHE B 49 -23.08 31.47 48.35
C PHE B 49 -23.57 31.42 46.90
N LEU B 50 -23.44 30.27 46.24
CA LEU B 50 -23.91 30.11 44.88
C LEU B 50 -25.23 29.34 44.88
N PRO B 51 -26.37 29.94 44.51
CA PRO B 51 -26.61 31.35 44.15
C PRO B 51 -27.17 32.18 45.30
N GLY B 52 -27.12 31.69 46.52
CA GLY B 52 -27.58 32.44 47.68
C GLY B 52 -28.37 31.57 48.62
N TYR B 53 -28.41 31.98 49.88
CA TYR B 53 -29.15 31.25 50.89
C TYR B 53 -30.65 31.44 50.69
N PRO B 54 -31.46 30.39 50.83
CA PRO B 54 -32.91 30.52 50.59
C PRO B 54 -33.67 31.10 51.77
N TRP B 55 -33.54 32.42 51.97
CA TRP B 55 -34.24 33.09 53.06
C TRP B 55 -35.74 33.07 52.88
N PHE B 56 -36.23 32.82 51.66
CA PHE B 56 -37.66 32.76 51.41
C PHE B 56 -38.33 31.61 52.13
N ALA B 57 -37.56 30.66 52.66
CA ALA B 57 -38.10 29.53 53.40
C ALA B 57 -38.31 29.82 54.88
N PHE B 58 -37.97 31.00 55.35
CA PHE B 58 -38.11 31.36 56.75
C PHE B 58 -39.11 32.47 57.01
N ILE B 59 -39.79 32.99 55.98
CA ILE B 59 -40.69 34.11 56.15
C ILE B 59 -42.04 33.84 55.49
N GLY B 60 -42.30 32.59 55.15
CA GLY B 60 -43.55 32.22 54.51
C GLY B 60 -43.85 30.76 54.73
N HIS B 61 -45.00 30.34 54.22
CA HIS B 61 -45.43 28.95 54.33
C HIS B 61 -44.92 28.14 53.13
N PRO B 62 -44.97 26.81 53.23
CA PRO B 62 -44.28 25.98 52.20
C PRO B 62 -44.72 26.25 50.78
N GLU B 63 -46.00 26.52 50.54
CA GLU B 63 -46.44 26.81 49.18
C GLU B 63 -45.86 28.13 48.67
N TYR B 64 -45.64 29.08 49.57
CA TYR B 64 -44.90 30.29 49.22
C TYR B 64 -43.45 29.97 48.88
N THR B 65 -42.84 29.06 49.65
CA THR B 65 -41.45 28.68 49.40
C THR B 65 -41.28 27.96 48.08
N ARG B 66 -42.32 27.26 47.61
CA ARG B 66 -42.20 26.48 46.39
C ARG B 66 -41.82 27.36 45.19
N LYS B 67 -42.42 28.54 45.09
CA LYS B 67 -42.20 29.39 43.94
C LYS B 67 -40.74 29.81 43.83
N PHE B 68 -40.13 30.20 44.96
CA PHE B 68 -38.73 30.59 44.94
C PHE B 68 -37.80 29.40 44.88
N TYR B 69 -38.22 28.26 45.44
CA TYR B 69 -37.46 27.04 45.23
C TYR B 69 -37.34 26.73 43.74
N HIS B 70 -38.37 27.05 42.96
CA HIS B 70 -38.30 26.87 41.52
C HIS B 70 -37.11 27.61 40.93
N GLU B 71 -37.01 28.90 41.23
CA GLU B 71 -35.90 29.70 40.71
C GLU B 71 -34.56 29.18 41.22
N LEU B 72 -34.48 28.81 42.50
CA LEU B 72 -33.22 28.30 43.03
C LEU B 72 -32.81 27.02 42.30
N TYR B 73 -33.75 26.10 42.14
CA TYR B 73 -33.47 24.84 41.47
C TYR B 73 -32.98 25.08 40.05
N LYS B 74 -33.55 26.07 39.37
CA LYS B 74 -33.03 26.42 38.05
C LYS B 74 -31.64 27.04 38.11
N ASN B 75 -31.14 27.41 39.29
CA ASN B 75 -29.87 28.09 39.42
C ASN B 75 -28.87 27.34 40.29
N ALA B 76 -29.12 26.06 40.56
CA ALA B 76 -28.19 25.27 41.35
C ALA B 76 -26.94 24.94 40.55
N VAL B 77 -25.87 24.65 41.28
CA VAL B 77 -24.61 24.24 40.67
C VAL B 77 -24.64 22.74 40.41
N GLU B 78 -24.17 22.34 39.24
CA GLU B 78 -24.05 20.93 38.89
C GLU B 78 -22.59 20.58 38.65
N ILE B 79 -22.25 19.32 38.90
CA ILE B 79 -20.89 18.82 38.73
C ILE B 79 -20.90 17.77 37.63
N PRO B 80 -20.36 18.04 36.44
CA PRO B 80 -19.69 19.27 35.98
C PRO B 80 -20.64 20.35 35.52
N SER B 81 -20.15 21.58 35.40
CA SER B 81 -20.96 22.70 34.91
C SER B 81 -20.01 23.84 34.59
N LEU B 82 -20.57 24.94 34.12
CA LEU B 82 -19.76 26.13 33.82
C LEU B 82 -19.33 26.83 35.10
N ALA B 83 -20.17 26.83 36.13
CA ALA B 83 -19.78 27.44 37.40
C ALA B 83 -18.54 26.77 37.97
N ILE B 84 -18.50 25.44 37.93
CA ILE B 84 -17.33 24.70 38.40
C ILE B 84 -16.10 25.08 37.59
N GLN B 85 -16.26 25.19 36.27
CA GLN B 85 -15.13 25.57 35.42
C GLN B 85 -14.61 26.96 35.76
N LYS B 86 -15.50 27.92 35.98
CA LYS B 86 -15.07 29.26 36.30
C LYS B 86 -14.34 29.31 37.63
N ILE B 87 -14.88 28.63 38.65
CA ILE B 87 -14.23 28.66 39.95
C ILE B 87 -12.90 27.94 39.91
N SER B 88 -12.82 26.83 39.16
CA SER B 88 -11.57 26.12 39.03
C SER B 88 -10.53 26.96 38.30
N GLU B 89 -10.94 27.69 37.27
CA GLU B 89 -10.01 28.56 36.58
C GLU B 89 -9.52 29.69 37.49
N ALA B 90 -10.42 30.25 38.30
CA ALA B 90 -10.00 31.26 39.25
C ALA B 90 -8.97 30.70 40.25
N ALA B 91 -9.23 29.50 40.77
CA ALA B 91 -8.29 28.88 41.70
C ALA B 91 -6.94 28.63 41.04
N LYS B 92 -6.93 28.13 39.81
CA LYS B 92 -5.67 27.87 39.13
C LYS B 92 -4.92 29.15 38.80
N ARG B 93 -5.63 30.15 38.29
CA ARG B 93 -4.99 31.43 37.95
C ARG B 93 -4.38 32.07 39.18
N ASN B 94 -5.11 32.09 40.28
CA ASN B 94 -4.63 32.73 41.50
C ASN B 94 -3.79 31.80 42.37
N GLU B 95 -3.68 30.53 42.00
CA GLU B 95 -2.87 29.55 42.72
C GLU B 95 -3.19 29.57 44.21
N THR B 96 -4.47 29.39 44.52
CA THR B 96 -4.96 29.39 45.89
C THR B 96 -5.91 28.22 46.06
N TYR B 97 -6.08 27.79 47.31
CA TYR B 97 -7.17 26.90 47.65
C TYR B 97 -8.45 27.71 47.79
N VAL B 98 -9.56 27.13 47.39
CA VAL B 98 -10.86 27.78 47.45
C VAL B 98 -11.86 26.83 48.08
N CYS B 99 -12.57 27.30 49.09
CA CYS B 99 -13.73 26.60 49.64
C CYS B 99 -14.94 27.50 49.42
N ILE B 100 -15.86 27.04 48.57
CA ILE B 100 -17.04 27.82 48.20
C ILE B 100 -18.27 26.95 48.45
N SER B 101 -19.29 27.53 49.07
CA SER B 101 -20.53 26.83 49.32
C SER B 101 -21.53 27.13 48.22
N CYS B 102 -22.45 26.19 48.00
CA CYS B 102 -23.39 26.31 46.90
C CYS B 102 -24.53 25.32 47.11
N SER B 103 -25.62 25.54 46.39
CA SER B 103 -26.66 24.54 46.21
C SER B 103 -26.27 23.63 45.06
N GLU B 104 -26.24 22.33 45.33
CA GLU B 104 -25.73 21.35 44.38
C GLU B 104 -26.88 20.47 43.91
N LYS B 105 -27.09 20.41 42.60
CA LYS B 105 -28.14 19.60 42.01
C LYS B 105 -27.54 18.28 41.55
N ASP B 106 -27.87 17.21 42.27
CA ASP B 106 -27.51 15.86 41.88
C ASP B 106 -28.79 15.09 41.60
N GLY B 107 -28.92 14.60 40.37
CA GLY B 107 -30.19 14.00 39.97
C GLY B 107 -31.27 15.05 39.90
N GLY B 108 -32.39 14.79 40.55
CA GLY B 108 -33.49 15.73 40.60
C GLY B 108 -33.67 16.36 41.96
N SER B 109 -32.62 16.36 42.78
CA SER B 109 -32.66 16.89 44.13
C SER B 109 -31.56 17.93 44.30
N LEU B 110 -31.73 18.77 45.31
CA LEU B 110 -30.73 19.77 45.68
C LEU B 110 -30.07 19.39 47.00
N TYR B 111 -28.79 19.70 47.10
CA TYR B 111 -28.01 19.52 48.32
C TYR B 111 -27.19 20.78 48.57
N LEU B 112 -26.80 20.97 49.82
CA LEU B 112 -25.91 22.06 50.21
C LEU B 112 -24.51 21.50 50.34
N ALA B 113 -23.59 22.02 49.54
CA ALA B 113 -22.25 21.44 49.44
C ALA B 113 -21.20 22.52 49.63
N GLN B 114 -20.03 22.11 50.11
CA GLN B 114 -18.83 22.93 50.10
C GLN B 114 -17.85 22.31 49.11
N LEU B 115 -17.47 23.07 48.10
CA LEU B 115 -16.57 22.61 47.05
C LEU B 115 -15.16 23.10 47.32
N TRP B 116 -14.18 22.24 47.08
CA TRP B 116 -12.79 22.52 47.39
C TRP B 116 -11.95 22.44 46.13
N PHE B 117 -11.20 23.50 45.85
CA PHE B 117 -10.33 23.58 44.69
C PHE B 117 -8.91 23.85 45.16
N ASN B 118 -7.96 23.12 44.60
CA ASN B 118 -6.55 23.28 44.91
C ASN B 118 -5.89 24.22 43.92
N PRO B 119 -4.65 24.64 44.20
CA PRO B 119 -3.98 25.60 43.30
C PRO B 119 -3.79 25.10 41.88
N ASN B 120 -3.76 23.78 41.65
CA ASN B 120 -3.71 23.28 40.28
C ASN B 120 -5.05 23.45 39.56
N GLY B 121 -6.12 23.79 40.29
CA GLY B 121 -7.42 23.99 39.71
C GLY B 121 -8.33 22.78 39.74
N ASP B 122 -7.91 21.68 40.33
CA ASP B 122 -8.76 20.50 40.43
C ASP B 122 -9.84 20.71 41.48
N LEU B 123 -10.92 19.96 41.34
CA LEU B 123 -11.95 19.87 42.39
C LEU B 123 -11.59 18.68 43.26
N ILE B 124 -10.96 18.94 44.39
CA ILE B 124 -10.38 17.86 45.19
C ILE B 124 -11.44 17.12 46.01
N GLY B 125 -12.60 17.70 46.24
CA GLY B 125 -13.63 17.04 47.00
C GLY B 125 -14.74 18.00 47.35
N LYS B 126 -15.81 17.43 47.89
CA LYS B 126 -16.96 18.21 48.31
C LYS B 126 -17.56 17.60 49.57
N HIS B 127 -18.12 18.47 50.42
CA HIS B 127 -18.81 18.07 51.63
C HIS B 127 -20.25 18.56 51.55
N ARG B 128 -21.19 17.64 51.64
CA ARG B 128 -22.61 17.96 51.65
C ARG B 128 -23.08 18.06 53.09
N LYS B 129 -23.82 19.13 53.40
CA LYS B 129 -24.29 19.31 54.76
C LYS B 129 -25.00 18.05 55.23
N MET B 130 -24.63 17.58 56.42
CA MET B 130 -25.14 16.31 56.90
C MET B 130 -26.63 16.37 57.18
N ARG B 131 -27.09 17.45 57.79
CA ARG B 131 -28.49 17.61 58.17
C ARG B 131 -28.89 19.07 57.95
N ALA B 132 -29.93 19.29 57.17
CA ALA B 132 -30.41 20.63 56.93
C ALA B 132 -31.12 21.17 58.17
N SER B 133 -30.93 22.46 58.43
CA SER B 133 -31.46 23.06 59.64
C SER B 133 -32.91 23.50 59.44
N VAL B 134 -33.46 24.15 60.46
CA VAL B 134 -34.87 24.54 60.49
C VAL B 134 -35.26 25.22 59.20
N ALA B 135 -36.21 24.63 58.47
CA ALA B 135 -36.78 25.25 57.27
C ALA B 135 -35.83 25.18 56.08
N GLU B 136 -34.61 24.71 56.30
CA GLU B 136 -33.76 24.27 55.19
C GLU B 136 -34.13 22.87 54.73
N ARG B 137 -34.91 22.15 55.52
CA ARG B 137 -35.32 20.79 55.16
C ARG B 137 -36.33 20.77 54.03
N LEU B 138 -36.88 21.91 53.64
CA LEU B 138 -37.71 21.98 52.45
C LEU B 138 -36.88 22.08 51.18
N ILE B 139 -35.60 22.38 51.28
CA ILE B 139 -34.77 22.75 50.14
C ILE B 139 -33.73 21.69 49.83
N TRP B 140 -33.01 21.23 50.84
CA TRP B 140 -31.83 20.41 50.66
C TRP B 140 -32.00 19.04 51.32
N GLY B 141 -31.40 18.03 50.70
CA GLY B 141 -31.35 16.71 51.29
C GLY B 141 -30.20 16.58 52.27
N ASP B 142 -30.10 15.39 52.85
CA ASP B 142 -29.07 15.12 53.83
C ASP B 142 -27.82 14.57 53.18
N GLY B 143 -26.68 14.80 53.82
CA GLY B 143 -25.41 14.30 53.35
C GLY B 143 -25.13 12.91 53.86
N SER B 144 -23.87 12.50 53.76
CA SER B 144 -23.47 11.16 54.16
C SER B 144 -22.03 11.20 54.63
N GLY B 145 -21.65 10.18 55.39
CA GLY B 145 -20.29 10.10 55.91
C GLY B 145 -19.24 10.00 54.84
N SER B 146 -19.59 9.54 53.64
CA SER B 146 -18.62 9.44 52.55
C SER B 146 -18.18 10.81 52.04
N MET B 147 -18.89 11.87 52.39
CA MET B 147 -18.59 13.20 51.89
C MET B 147 -18.28 14.15 53.03
N MET B 148 -17.41 13.73 53.95
CA MET B 148 -16.91 14.56 55.05
C MET B 148 -15.39 14.53 54.99
N PRO B 149 -14.79 15.14 53.97
CA PRO B 149 -13.37 14.93 53.72
C PRO B 149 -12.48 15.92 54.46
N VAL B 150 -11.29 15.43 54.79
CA VAL B 150 -10.18 16.26 55.24
C VAL B 150 -9.06 16.08 54.23
N PHE B 151 -8.57 17.19 53.68
CA PHE B 151 -7.59 17.16 52.62
C PHE B 151 -6.21 17.41 53.22
N GLN B 152 -5.28 16.48 53.00
CA GLN B 152 -3.88 16.68 53.36
C GLN B 152 -3.22 17.46 52.24
N THR B 153 -3.05 18.76 52.45
CA THR B 153 -2.59 19.67 51.42
C THR B 153 -1.25 20.26 51.80
N ARG B 154 -0.73 21.12 50.93
CA ARG B 154 0.53 21.80 51.18
C ARG B 154 0.41 22.91 52.22
N ILE B 155 -0.80 23.26 52.64
CA ILE B 155 -1.00 24.30 53.65
C ILE B 155 -1.70 23.74 54.89
N GLY B 156 -1.61 22.44 55.12
CA GLY B 156 -2.20 21.81 56.28
C GLY B 156 -3.31 20.84 55.89
N ASN B 157 -3.97 20.31 56.92
CA ASN B 157 -5.13 19.44 56.76
C ASN B 157 -6.38 20.31 56.80
N LEU B 158 -7.00 20.52 55.65
CA LEU B 158 -8.13 21.45 55.52
C LEU B 158 -9.45 20.69 55.54
N GLY B 159 -10.46 21.31 56.16
CA GLY B 159 -11.79 20.75 56.21
C GLY B 159 -12.78 21.86 56.46
N GLY B 160 -14.06 21.50 56.47
CA GLY B 160 -15.09 22.50 56.67
C GLY B 160 -16.39 21.90 57.15
N LEU B 161 -17.22 22.78 57.71
CA LEU B 161 -18.59 22.45 58.08
C LEU B 161 -19.42 23.70 57.89
N MET B 162 -20.74 23.51 57.80
CA MET B 162 -21.66 24.59 57.49
C MET B 162 -22.61 24.83 58.65
N CYS B 163 -22.70 26.08 59.09
CA CYS B 163 -23.73 26.57 60.01
C CYS B 163 -23.86 25.60 61.19
N TRP B 164 -25.05 25.10 61.50
CA TRP B 164 -25.29 24.34 62.72
C TRP B 164 -24.57 23.00 62.75
N GLU B 165 -23.82 22.64 61.71
CA GLU B 165 -22.98 21.45 61.79
C GLU B 165 -21.92 21.58 62.88
N HIS B 166 -21.63 22.80 63.32
CA HIS B 166 -20.67 23.02 64.39
C HIS B 166 -21.26 22.78 65.78
N GLN B 167 -22.56 22.55 65.88
CA GLN B 167 -23.22 22.26 67.15
C GLN B 167 -23.63 20.80 67.27
N VAL B 168 -23.25 19.97 66.30
CA VAL B 168 -23.49 18.53 66.36
C VAL B 168 -22.18 17.87 66.77
N PRO B 169 -22.06 17.33 67.99
CA PRO B 169 -20.74 16.86 68.44
C PRO B 169 -20.14 15.80 67.54
N LEU B 170 -20.96 14.94 66.92
CA LEU B 170 -20.42 13.88 66.09
C LEU B 170 -19.70 14.42 64.86
N ASP B 171 -20.11 15.59 64.36
CA ASP B 171 -19.38 16.19 63.25
C ASP B 171 -18.03 16.71 63.70
N LEU B 172 -17.98 17.33 64.88
CA LEU B 172 -16.69 17.71 65.47
C LEU B 172 -15.78 16.50 65.59
N MET B 173 -16.31 15.37 66.06
CA MET B 173 -15.48 14.19 66.24
C MET B 173 -15.05 13.60 64.91
N ALA B 174 -15.93 13.63 63.90
CA ALA B 174 -15.54 13.15 62.59
C ALA B 174 -14.40 13.97 62.02
N MET B 175 -14.45 15.30 62.19
CA MET B 175 -13.35 16.12 61.72
C MET B 175 -12.07 15.87 62.51
N ASN B 176 -12.19 15.77 63.85
CA ASN B 176 -11.02 15.56 64.69
C ASN B 176 -10.34 14.24 64.38
N ALA B 177 -11.11 13.17 64.20
CA ALA B 177 -10.53 11.86 63.92
C ALA B 177 -9.70 11.86 62.65
N GLN B 178 -9.99 12.77 61.72
CA GLN B 178 -9.20 12.92 60.51
C GLN B 178 -8.04 13.90 60.70
N ASN B 179 -7.84 14.43 61.90
CA ASN B 179 -6.72 15.31 62.22
C ASN B 179 -6.80 16.63 61.44
N GLU B 180 -7.96 17.28 61.53
CA GLU B 180 -8.15 18.57 60.88
C GLU B 180 -7.24 19.62 61.51
N GLN B 181 -6.76 20.55 60.68
CA GLN B 181 -5.87 21.61 61.12
C GLN B 181 -6.38 23.00 60.82
N VAL B 182 -6.96 23.23 59.64
CA VAL B 182 -7.46 24.54 59.23
C VAL B 182 -8.91 24.35 58.80
N HIS B 183 -9.83 25.03 59.48
CA HIS B 183 -11.26 24.80 59.32
C HIS B 183 -11.92 26.02 58.70
N VAL B 184 -12.70 25.79 57.66
CA VAL B 184 -13.55 26.81 57.06
C VAL B 184 -14.97 26.62 57.59
N ALA B 185 -15.46 27.61 58.31
CA ALA B 185 -16.79 27.58 58.93
C ALA B 185 -17.72 28.51 58.16
N SER B 186 -18.55 27.96 57.29
CA SER B 186 -19.47 28.75 56.49
C SER B 186 -20.77 28.95 57.24
N TRP B 187 -21.26 30.18 57.26
CA TRP B 187 -22.51 30.54 57.90
C TRP B 187 -23.35 31.39 56.97
N PRO B 188 -24.67 31.34 57.08
CA PRO B 188 -25.52 32.08 56.15
C PRO B 188 -25.68 33.55 56.52
N GLY B 189 -25.73 33.85 57.81
CA GLY B 189 -25.82 35.23 58.25
C GLY B 189 -26.79 35.49 59.38
N TYR B 190 -27.74 34.58 59.58
CA TYR B 190 -28.81 34.79 60.54
C TYR B 190 -28.57 34.12 61.89
N PHE B 191 -27.84 33.02 61.91
CA PHE B 191 -27.63 32.25 63.13
C PHE B 191 -26.33 32.65 63.81
N ASP B 192 -26.31 32.58 65.13
CA ASP B 192 -25.16 33.04 65.91
C ASP B 192 -23.91 32.25 65.55
N ASP B 193 -22.95 32.91 64.90
CA ASP B 193 -21.74 32.25 64.43
C ASP B 193 -20.62 32.23 65.46
N GLU B 194 -20.62 33.18 66.40
CA GLU B 194 -19.46 33.38 67.26
C GLU B 194 -19.15 32.15 68.11
N ILE B 195 -20.08 31.79 69.00
CA ILE B 195 -19.79 30.79 70.02
C ILE B 195 -19.43 29.46 69.38
N SER B 196 -20.22 29.03 68.40
CA SER B 196 -20.00 27.72 67.80
C SER B 196 -18.62 27.64 67.13
N SER B 197 -18.23 28.70 66.42
CA SER B 197 -16.95 28.67 65.73
C SER B 197 -15.78 28.73 66.70
N ARG B 198 -15.87 29.56 67.74
CA ARG B 198 -14.80 29.61 68.73
C ARG B 198 -14.68 28.28 69.48
N TYR B 199 -15.82 27.68 69.84
CA TYR B 199 -15.78 26.38 70.49
C TYR B 199 -15.19 25.34 69.57
N TYR B 200 -15.50 25.40 68.28
CA TYR B 200 -14.89 24.47 67.34
C TYR B 200 -13.38 24.65 67.33
N ALA B 201 -12.91 25.90 67.30
CA ALA B 201 -11.48 26.16 67.33
C ALA B 201 -10.85 25.48 68.53
N ILE B 202 -11.44 25.65 69.71
CA ILE B 202 -10.86 25.07 70.92
C ILE B 202 -10.93 23.54 70.87
N ALA B 203 -12.09 23.00 70.53
CA ALA B 203 -12.35 21.57 70.70
C ALA B 203 -11.65 20.71 69.65
N THR B 204 -11.49 21.24 68.44
CA THR B 204 -10.78 20.52 67.38
C THR B 204 -9.34 20.99 67.20
N GLN B 205 -8.90 21.98 67.99
CA GLN B 205 -7.55 22.53 67.90
C GLN B 205 -7.20 22.87 66.45
N THR B 206 -8.04 23.71 65.85
CA THR B 206 -7.89 24.13 64.47
C THR B 206 -7.98 25.65 64.40
N PHE B 207 -7.33 26.22 63.40
CA PHE B 207 -7.63 27.58 63.00
C PHE B 207 -8.95 27.59 62.24
N VAL B 208 -9.84 28.50 62.62
CA VAL B 208 -11.20 28.54 62.08
C VAL B 208 -11.37 29.81 61.26
N LEU B 209 -11.66 29.64 59.97
CA LEU B 209 -12.05 30.75 59.11
C LEU B 209 -13.56 30.84 59.13
N MET B 210 -14.09 31.82 59.88
CA MET B 210 -15.52 32.05 59.95
C MET B 210 -15.90 33.03 58.86
N THR B 211 -16.83 32.63 58.00
CA THR B 211 -17.29 33.47 56.91
C THR B 211 -18.81 33.53 56.94
N SER B 212 -19.35 34.71 56.69
CA SER B 212 -20.79 34.94 56.71
C SER B 212 -21.19 35.82 55.54
N SER B 213 -22.47 35.75 55.20
CA SER B 213 -23.04 36.58 54.15
C SER B 213 -23.76 37.76 54.77
N ILE B 214 -24.14 38.70 53.91
CA ILE B 214 -24.88 39.88 54.30
C ILE B 214 -26.13 39.97 53.42
N TYR B 215 -27.11 40.70 53.91
CA TYR B 215 -28.35 40.90 53.17
C TYR B 215 -28.23 42.09 52.23
N THR B 216 -28.96 42.02 51.13
CA THR B 216 -28.99 43.08 50.15
C THR B 216 -30.44 43.47 49.89
N GLU B 217 -30.62 44.69 49.39
CA GLU B 217 -31.96 45.19 49.10
C GLU B 217 -32.58 44.47 47.91
N GLU B 218 -31.77 44.02 46.95
CA GLU B 218 -32.32 43.26 45.83
C GLU B 218 -32.94 41.94 46.31
N MET B 219 -32.27 41.27 47.25
CA MET B 219 -32.83 40.07 47.84
C MET B 219 -34.15 40.36 48.53
N LYS B 220 -34.20 41.44 49.31
CA LYS B 220 -35.42 41.80 50.02
C LYS B 220 -36.56 42.08 49.05
N GLU B 221 -36.29 42.86 48.01
CA GLU B 221 -37.34 43.14 47.03
C GLU B 221 -37.79 41.88 46.32
N MET B 222 -36.87 40.95 46.06
CA MET B 222 -37.25 39.72 45.38
C MET B 222 -38.16 38.86 46.24
N ILE B 223 -37.78 38.61 47.50
CA ILE B 223 -38.49 37.59 48.28
C ILE B 223 -39.58 38.15 49.18
N CYS B 224 -39.66 39.45 49.39
CA CYS B 224 -40.68 40.05 50.23
C CYS B 224 -41.84 40.52 49.34
N LEU B 225 -43.01 39.91 49.53
CA LEU B 225 -44.19 40.24 48.74
C LEU B 225 -45.12 41.20 49.47
N THR B 226 -45.45 40.90 50.72
CA THR B 226 -46.25 41.78 51.55
C THR B 226 -45.34 42.79 52.25
N GLN B 227 -45.95 43.60 53.12
CA GLN B 227 -45.16 44.45 54.01
C GLN B 227 -44.84 43.77 55.32
N GLU B 228 -45.73 42.88 55.79
CA GLU B 228 -45.44 42.12 57.00
C GLU B 228 -44.23 41.22 56.79
N GLN B 229 -44.14 40.60 55.61
CA GLN B 229 -42.95 39.79 55.30
C GLN B 229 -41.69 40.64 55.31
N ARG B 230 -41.75 41.83 54.71
CA ARG B 230 -40.58 42.70 54.70
C ARG B 230 -40.18 43.09 56.11
N ASP B 231 -41.15 43.43 56.95
CA ASP B 231 -40.82 43.83 58.31
C ASP B 231 -40.23 42.67 59.10
N TYR B 232 -40.79 41.47 58.92
CA TYR B 232 -40.27 40.30 59.62
C TYR B 232 -38.86 39.95 59.17
N PHE B 233 -38.57 40.09 57.87
CA PHE B 233 -37.25 39.83 57.36
C PHE B 233 -36.27 40.97 57.63
N GLU B 234 -36.76 42.13 58.04
CA GLU B 234 -35.88 43.22 58.45
C GLU B 234 -35.30 43.02 59.84
N THR B 235 -35.85 42.12 60.63
CA THR B 235 -35.37 41.88 61.98
C THR B 235 -34.25 40.85 62.05
N PHE B 236 -33.96 40.17 60.94
CA PHE B 236 -32.91 39.17 60.94
C PHE B 236 -31.57 39.81 61.26
N LYS B 237 -30.83 39.18 62.17
CA LYS B 237 -29.56 39.73 62.63
C LYS B 237 -28.44 39.37 61.66
N SER B 238 -27.35 40.12 61.76
CA SER B 238 -26.24 39.99 60.82
C SER B 238 -25.25 38.91 61.29
N GLY B 239 -24.46 38.42 60.33
CA GLY B 239 -23.39 37.50 60.63
C GLY B 239 -22.07 38.21 60.89
N HIS B 240 -21.03 37.41 61.08
CA HIS B 240 -19.70 37.93 61.35
C HIS B 240 -18.67 37.12 60.57
N THR B 241 -17.61 37.80 60.16
CA THR B 241 -16.50 37.16 59.44
C THR B 241 -15.22 37.46 60.19
N CYS B 242 -14.60 36.43 60.74
CA CYS B 242 -13.37 36.59 61.52
C CYS B 242 -12.62 35.26 61.53
N ILE B 243 -11.35 35.32 61.87
CA ILE B 243 -10.48 34.15 61.93
C ILE B 243 -9.99 34.00 63.36
N TYR B 244 -9.96 32.75 63.84
CA TYR B 244 -9.54 32.44 65.20
C TYR B 244 -8.36 31.48 65.18
N GLY B 245 -7.56 31.54 66.24
CA GLY B 245 -6.48 30.60 66.44
C GLY B 245 -6.99 29.34 67.12
N PRO B 246 -6.11 28.35 67.29
CA PRO B 246 -6.51 27.12 67.97
C PRO B 246 -6.85 27.30 69.44
N ASP B 247 -6.73 28.51 69.99
CA ASP B 247 -7.23 28.81 71.34
C ASP B 247 -8.59 29.48 71.32
N GLY B 248 -9.20 29.64 70.16
CA GLY B 248 -10.49 30.31 70.07
C GLY B 248 -10.42 31.81 70.11
N GLU B 249 -9.23 32.39 70.07
CA GLU B 249 -9.11 33.84 70.11
C GLU B 249 -8.88 34.39 68.72
N PRO B 250 -9.46 35.55 68.40
CA PRO B 250 -9.33 36.09 67.04
C PRO B 250 -7.89 36.40 66.69
N ILE B 251 -7.52 36.14 65.44
CA ILE B 251 -6.23 36.51 64.90
C ILE B 251 -6.35 37.49 63.75
N SER B 252 -7.55 38.04 63.54
CA SER B 252 -7.77 39.06 62.52
C SER B 252 -8.98 39.89 62.95
N ASP B 253 -9.17 40.99 62.23
CA ASP B 253 -10.24 41.93 62.55
C ASP B 253 -11.58 41.42 62.05
N MET B 254 -12.59 41.48 62.91
CA MET B 254 -13.95 41.22 62.48
C MET B 254 -14.35 42.23 61.42
N VAL B 255 -14.93 41.76 60.33
CA VAL B 255 -15.29 42.65 59.22
C VAL B 255 -16.51 43.48 59.62
N PRO B 256 -16.60 44.75 59.21
CA PRO B 256 -17.74 45.58 59.65
C PRO B 256 -19.08 44.99 59.28
N ALA B 257 -20.05 45.18 60.15
CA ALA B 257 -21.36 44.54 60.00
C ALA B 257 -22.05 44.97 58.73
N GLU B 258 -22.60 43.99 58.01
CA GLU B 258 -23.37 44.22 56.80
C GLU B 258 -22.58 45.03 55.78
N THR B 259 -21.35 44.60 55.54
CA THR B 259 -20.50 45.19 54.52
C THR B 259 -19.69 44.09 53.86
N GLU B 260 -19.33 44.30 52.60
CA GLU B 260 -18.46 43.38 51.91
C GLU B 260 -17.01 43.65 52.29
N GLY B 261 -16.28 42.57 52.54
CA GLY B 261 -14.88 42.70 52.92
C GLY B 261 -14.25 41.32 52.98
N ILE B 262 -12.96 41.31 53.29
CA ILE B 262 -12.21 40.07 53.45
C ILE B 262 -11.33 40.18 54.68
N ALA B 263 -11.37 39.17 55.52
CA ALA B 263 -10.50 39.08 56.69
C ALA B 263 -9.27 38.28 56.32
N TYR B 264 -8.10 38.77 56.73
CA TYR B 264 -6.84 38.10 56.48
C TYR B 264 -6.16 37.79 57.80
N ALA B 265 -5.54 36.62 57.87
CA ALA B 265 -4.80 36.20 59.05
C ALA B 265 -3.58 35.40 58.61
N GLU B 266 -2.61 35.31 59.50
CA GLU B 266 -1.43 34.48 59.31
C GLU B 266 -1.64 33.18 60.06
N ILE B 267 -1.86 32.10 59.31
CA ILE B 267 -2.08 30.78 59.89
C ILE B 267 -0.75 30.11 60.09
N ASP B 268 -0.48 29.66 61.32
CA ASP B 268 0.73 28.90 61.65
C ASP B 268 0.27 27.51 62.08
N VAL B 269 0.32 26.56 61.15
CA VAL B 269 -0.17 25.23 61.46
C VAL B 269 0.63 24.63 62.61
N GLU B 270 1.88 25.07 62.78
CA GLU B 270 2.71 24.61 63.89
C GLU B 270 2.12 24.98 65.25
N ARG B 271 1.27 26.02 65.30
CA ARG B 271 0.70 26.44 66.57
C ARG B 271 -0.25 25.40 67.16
N VAL B 272 -0.84 24.55 66.31
CA VAL B 272 -1.80 23.58 66.80
C VAL B 272 -1.17 22.55 67.71
N ILE B 273 0.16 22.38 67.64
CA ILE B 273 0.84 21.40 68.49
C ILE B 273 0.68 21.77 69.95
N ASP B 274 0.84 23.05 70.28
CA ASP B 274 0.79 23.48 71.67
C ASP B 274 -0.57 23.26 72.30
N TYR B 275 -1.61 23.11 71.50
CA TYR B 275 -2.95 22.86 72.02
C TYR B 275 -3.34 21.39 71.91
N LYS B 276 -2.75 20.65 70.97
CA LYS B 276 -2.80 19.19 71.06
C LYS B 276 -2.13 18.71 72.33
N TYR B 277 -1.21 19.50 72.89
CA TYR B 277 -0.61 19.19 74.17
C TYR B 277 -1.67 19.14 75.27
N TYR B 278 -2.56 20.12 75.28
CA TYR B 278 -3.59 20.17 76.31
C TYR B 278 -4.65 19.10 76.12
N ILE B 279 -5.10 18.92 74.88
CA ILE B 279 -6.35 18.22 74.64
C ILE B 279 -6.36 17.71 73.21
N ASP B 280 -6.88 16.51 73.03
CA ASP B 280 -7.09 15.92 71.71
C ASP B 280 -8.15 14.83 71.84
N PRO B 281 -9.43 15.16 71.77
CA PRO B 281 -10.48 14.17 72.05
C PRO B 281 -10.39 12.91 71.22
N ALA B 282 -9.90 12.98 69.98
CA ALA B 282 -9.75 11.78 69.17
C ALA B 282 -8.49 11.00 69.50
N GLY B 283 -7.60 11.54 70.33
CA GLY B 283 -6.36 10.88 70.67
C GLY B 283 -6.21 10.57 72.14
N HIS B 284 -5.28 11.24 72.80
CA HIS B 284 -4.95 10.93 74.18
C HIS B 284 -6.05 11.34 75.15
N TYR B 285 -6.87 12.32 74.77
CA TYR B 285 -7.86 12.89 75.68
C TYR B 285 -9.21 12.20 75.48
N SER B 286 -9.22 10.91 75.80
CA SER B 286 -10.39 10.08 75.55
C SER B 286 -10.51 9.03 76.65
N ASN B 287 -11.70 8.45 76.73
CA ASN B 287 -12.00 7.37 77.66
C ASN B 287 -12.50 6.17 76.88
N GLN B 288 -12.11 4.97 77.31
CA GLN B 288 -12.46 3.77 76.58
C GLN B 288 -13.95 3.44 76.64
N SER B 289 -14.72 4.11 77.48
CA SER B 289 -16.15 3.83 77.58
C SER B 289 -16.97 4.52 76.50
N LEU B 290 -16.40 5.50 75.80
CA LEU B 290 -17.09 6.22 74.74
C LEU B 290 -16.35 6.02 73.42
N SER B 291 -17.10 5.79 72.36
CA SER B 291 -16.52 5.58 71.04
C SER B 291 -17.54 6.01 69.99
N MET B 292 -17.04 6.23 68.78
CA MET B 292 -17.84 6.76 67.68
C MET B 292 -17.74 5.83 66.49
N ASN B 293 -18.83 5.71 65.74
CA ASN B 293 -18.89 4.94 64.50
C ASN B 293 -18.95 5.92 63.34
N PHE B 294 -17.90 5.96 62.53
CA PHE B 294 -17.82 6.86 61.38
C PHE B 294 -17.95 6.00 60.12
N ASN B 295 -19.18 5.91 59.61
CA ASN B 295 -19.48 5.11 58.42
C ASN B 295 -19.21 5.97 57.19
N GLN B 296 -18.09 5.72 56.52
CA GLN B 296 -17.65 6.52 55.39
C GLN B 296 -18.01 5.89 54.05
N GLN B 297 -18.87 4.89 54.04
CA GLN B 297 -19.31 4.29 52.80
C GLN B 297 -20.33 5.19 52.10
N PRO B 298 -20.37 5.17 50.77
CA PRO B 298 -21.41 5.93 50.07
C PRO B 298 -22.80 5.42 50.42
N THR B 299 -23.76 6.34 50.40
CA THR B 299 -25.16 5.99 50.68
C THR B 299 -26.06 6.55 49.58
N PRO B 300 -25.89 6.08 48.35
CA PRO B 300 -26.85 6.41 47.30
C PRO B 300 -28.06 5.50 47.36
N VAL B 301 -29.21 6.06 47.00
CA VAL B 301 -30.44 5.27 47.02
C VAL B 301 -30.35 4.12 46.02
N VAL B 302 -29.81 4.39 44.83
CA VAL B 302 -29.64 3.38 43.79
C VAL B 302 -28.16 3.25 43.52
N LYS B 303 -27.62 2.06 43.76
CA LYS B 303 -26.23 1.76 43.41
C LYS B 303 -26.16 1.40 41.93
N HIS B 304 -25.36 2.13 41.18
CA HIS B 304 -25.15 1.84 39.76
C HIS B 304 -23.96 0.90 39.65
N LEU B 305 -24.23 -0.32 39.20
CA LEU B 305 -23.21 -1.35 39.05
C LEU B 305 -22.99 -1.62 37.57
N ASN B 306 -21.72 -1.71 37.17
CA ASN B 306 -21.35 -2.00 35.79
C ASN B 306 -21.99 -1.02 34.82
N HIS B 307 -22.01 0.26 35.20
CA HIS B 307 -22.53 1.30 34.32
C HIS B 307 -21.78 1.28 33.00
N GLN B 308 -22.48 0.90 31.92
CA GLN B 308 -21.86 0.77 30.61
C GLN B 308 -22.75 1.44 29.58
N LYS B 309 -22.11 2.09 28.60
CA LYS B 309 -22.83 2.84 27.58
C LYS B 309 -23.24 1.91 26.44
N ASN B 310 -24.52 1.95 26.09
CA ASN B 310 -25.02 1.14 24.99
C ASN B 310 -24.75 1.83 23.65
N GLU B 311 -24.73 1.03 22.59
CA GLU B 311 -24.47 1.52 21.25
C GLU B 311 -25.71 2.21 20.67
N VAL B 312 -25.48 3.07 19.68
CA VAL B 312 -26.54 3.78 18.98
C VAL B 312 -26.40 3.49 17.49
N PHE B 313 -27.53 3.19 16.84
CA PHE B 313 -27.57 2.93 15.40
C PHE B 313 -28.01 4.20 14.69
N THR B 314 -27.10 4.82 13.96
CA THR B 314 -27.40 6.08 13.29
C THR B 314 -28.28 5.85 12.06
N TYR B 315 -28.89 6.93 11.60
CA TYR B 315 -29.74 6.85 10.42
C TYR B 315 -28.96 6.31 9.23
N GLU B 316 -27.78 6.87 8.99
CA GLU B 316 -26.98 6.44 7.84
C GLU B 316 -26.61 4.97 7.94
N ASP B 317 -26.33 4.50 9.15
CA ASP B 317 -26.03 3.09 9.35
C ASP B 317 -27.22 2.21 8.96
N ILE B 318 -28.44 2.62 9.34
CA ILE B 318 -29.62 1.88 8.92
C ILE B 318 -29.81 1.97 7.41
N GLN B 319 -29.31 3.04 6.80
CA GLN B 319 -29.42 3.22 5.36
C GLN B 319 -28.13 2.84 4.63
N THR C 1 17.63 34.34 -23.42
CA THR C 1 16.35 33.85 -22.86
C THR C 1 15.88 34.77 -21.74
N SER C 2 14.64 34.58 -21.30
CA SER C 2 14.05 35.38 -20.24
C SER C 2 14.11 36.88 -20.58
N ILE C 3 13.41 37.24 -21.63
CA ILE C 3 13.33 38.62 -22.08
C ILE C 3 12.08 39.26 -21.48
N TYR C 4 12.13 40.58 -21.33
CA TYR C 4 11.02 41.35 -20.75
C TYR C 4 10.77 42.57 -21.63
N PRO C 5 10.20 42.38 -22.82
CA PRO C 5 10.08 43.48 -23.77
C PRO C 5 8.98 44.46 -23.39
N LYS C 6 8.95 45.57 -24.12
CA LYS C 6 7.92 46.59 -23.97
C LYS C 6 7.37 46.91 -25.35
N PHE C 7 6.04 46.87 -25.47
CA PHE C 7 5.38 47.07 -26.75
C PHE C 7 4.04 47.75 -26.52
N ARG C 8 3.31 47.98 -27.59
CA ARG C 8 1.96 48.54 -27.53
C ARG C 8 0.98 47.50 -28.03
N ALA C 9 -0.16 47.42 -27.36
CA ALA C 9 -1.17 46.42 -27.65
C ALA C 9 -2.50 47.09 -27.93
N ALA C 10 -3.32 46.43 -28.75
CA ALA C 10 -4.63 46.94 -29.14
C ALA C 10 -5.68 45.89 -28.82
N ALA C 11 -6.75 46.31 -28.15
CA ALA C 11 -7.91 45.48 -27.88
C ALA C 11 -9.08 46.05 -28.67
N VAL C 12 -9.63 45.25 -29.57
CA VAL C 12 -10.67 45.70 -30.49
C VAL C 12 -12.04 45.46 -29.87
N GLN C 13 -12.94 46.43 -30.05
CA GLN C 13 -14.35 46.29 -29.74
C GLN C 13 -15.14 46.55 -31.01
N ALA C 14 -15.72 45.50 -31.58
CA ALA C 14 -16.43 45.63 -32.84
C ALA C 14 -17.39 44.46 -32.98
N ALA C 15 -18.18 44.50 -34.03
CA ALA C 15 -19.08 43.42 -34.41
C ALA C 15 -18.79 43.01 -35.84
N PRO C 16 -18.98 41.74 -36.18
CA PRO C 16 -18.75 41.30 -37.55
C PRO C 16 -19.97 41.57 -38.41
N ILE C 17 -19.80 41.35 -39.71
CA ILE C 17 -20.93 41.28 -40.62
C ILE C 17 -21.54 39.89 -40.41
N TYR C 18 -22.73 39.85 -39.81
CA TYR C 18 -23.17 38.66 -39.11
C TYR C 18 -23.34 37.48 -40.06
N LEU C 19 -22.66 36.37 -39.72
CA LEU C 19 -22.73 35.12 -40.48
C LEU C 19 -22.39 35.35 -41.95
N ASN C 20 -21.44 36.26 -42.19
CA ASN C 20 -20.93 36.55 -43.52
C ASN C 20 -19.41 36.52 -43.43
N LEU C 21 -18.81 35.43 -43.88
CA LEU C 21 -17.39 35.21 -43.62
C LEU C 21 -16.51 36.20 -44.38
N GLU C 22 -16.80 36.43 -45.66
CA GLU C 22 -15.96 37.31 -46.46
C GLU C 22 -16.00 38.74 -45.95
N ALA C 23 -17.19 39.24 -45.64
CA ALA C 23 -17.30 40.59 -45.11
C ALA C 23 -16.67 40.69 -43.72
N SER C 24 -16.81 39.65 -42.91
CA SER C 24 -16.18 39.65 -41.59
C SER C 24 -14.67 39.68 -41.71
N VAL C 25 -14.11 38.94 -42.65
CA VAL C 25 -12.67 38.94 -42.84
C VAL C 25 -12.20 40.29 -43.35
N GLU C 26 -12.99 40.93 -44.21
CA GLU C 26 -12.65 42.29 -44.65
C GLU C 26 -12.62 43.25 -43.47
N LYS C 27 -13.64 43.18 -42.62
CA LYS C 27 -13.66 44.04 -41.44
C LYS C 27 -12.47 43.77 -40.52
N SER C 28 -12.12 42.50 -40.35
CA SER C 28 -10.97 42.15 -39.52
C SER C 28 -9.68 42.73 -40.10
N CYS C 29 -9.51 42.63 -41.43
CA CYS C 29 -8.33 43.21 -42.06
C CYS C 29 -8.27 44.72 -41.84
N GLU C 30 -9.41 45.40 -41.98
CA GLU C 30 -9.42 46.84 -41.75
C GLU C 30 -9.07 47.19 -40.31
N LEU C 31 -9.62 46.45 -39.35
CA LEU C 31 -9.32 46.74 -37.95
C LEU C 31 -7.85 46.48 -37.63
N ILE C 32 -7.27 45.43 -38.20
CA ILE C 32 -5.84 45.19 -38.01
C ILE C 32 -5.04 46.33 -38.59
N ASP C 33 -5.41 46.79 -39.79
CA ASP C 33 -4.70 47.92 -40.40
C ASP C 33 -4.74 49.13 -39.48
N GLU C 34 -5.92 49.47 -38.97
CA GLU C 34 -6.05 50.65 -38.13
C GLU C 34 -5.24 50.51 -36.84
N ALA C 35 -5.38 49.39 -36.15
CA ALA C 35 -4.69 49.21 -34.88
C ALA C 35 -3.18 49.23 -35.06
N ALA C 36 -2.68 48.61 -36.13
CA ALA C 36 -1.25 48.59 -36.35
C ALA C 36 -0.75 49.93 -36.84
N SER C 37 -1.58 50.72 -37.53
CA SER C 37 -1.19 52.06 -37.92
C SER C 37 -1.15 53.00 -36.72
N ASN C 38 -1.91 52.71 -35.67
CA ASN C 38 -1.79 53.45 -34.43
C ASN C 38 -0.61 52.97 -33.57
N GLY C 39 0.21 52.05 -34.08
CA GLY C 39 1.40 51.61 -33.40
C GLY C 39 1.29 50.32 -32.62
N ALA C 40 0.13 49.68 -32.62
CA ALA C 40 -0.05 48.45 -31.85
C ALA C 40 0.79 47.32 -32.42
N LYS C 41 1.32 46.49 -31.53
CA LYS C 41 2.06 45.30 -31.92
C LYS C 41 1.32 44.01 -31.60
N LEU C 42 0.20 44.08 -30.89
CA LEU C 42 -0.67 42.95 -30.67
C LEU C 42 -2.10 43.42 -30.87
N VAL C 43 -2.88 42.65 -31.62
CA VAL C 43 -4.27 42.99 -31.94
C VAL C 43 -5.13 41.80 -31.55
N ALA C 44 -6.05 42.02 -30.61
CA ALA C 44 -6.93 40.99 -30.11
C ALA C 44 -8.37 41.28 -30.50
N PHE C 45 -9.09 40.25 -30.93
CA PHE C 45 -10.45 40.39 -31.42
C PHE C 45 -11.45 39.72 -30.48
N PRO C 46 -12.72 40.10 -30.55
CA PRO C 46 -13.72 39.50 -29.67
C PRO C 46 -13.94 38.02 -29.96
N GLU C 47 -14.71 37.39 -29.08
CA GLU C 47 -14.95 35.96 -29.18
C GLU C 47 -15.82 35.64 -30.38
N ALA C 48 -15.44 34.58 -31.10
CA ALA C 48 -16.22 34.07 -32.24
C ALA C 48 -16.47 35.17 -33.27
N PHE C 49 -15.46 36.01 -33.50
CA PHE C 49 -15.64 37.15 -34.39
C PHE C 49 -15.95 36.71 -35.82
N LEU C 50 -15.29 35.67 -36.31
CA LEU C 50 -15.51 35.21 -37.67
C LEU C 50 -16.37 33.95 -37.64
N PRO C 51 -17.63 33.98 -38.13
CA PRO C 51 -18.39 35.10 -38.69
C PRO C 51 -19.33 35.75 -37.70
N GLY C 52 -19.42 35.26 -36.47
CA GLY C 52 -20.30 35.86 -35.48
C GLY C 52 -20.68 34.92 -34.36
N TYR C 53 -20.99 35.47 -33.19
CA TYR C 53 -21.39 34.64 -32.06
C TYR C 53 -22.81 34.12 -32.26
N PRO C 54 -23.07 32.83 -32.05
CA PRO C 54 -24.41 32.31 -32.32
C PRO C 54 -25.43 32.75 -31.30
N TRP C 55 -25.86 34.02 -31.36
CA TRP C 55 -26.87 34.50 -30.42
C TRP C 55 -28.19 33.80 -30.62
N PHE C 56 -28.47 33.31 -31.82
CA PHE C 56 -29.71 32.61 -32.08
C PHE C 56 -29.87 31.39 -31.18
N ALA C 57 -28.78 30.84 -30.66
CA ALA C 57 -28.85 29.66 -29.80
C ALA C 57 -29.39 29.98 -28.42
N PHE C 58 -29.56 31.25 -28.06
CA PHE C 58 -30.00 31.64 -26.73
C PHE C 58 -31.42 32.18 -26.67
N ILE C 59 -32.09 32.35 -27.81
CA ILE C 59 -33.41 32.95 -27.82
C ILE C 59 -34.41 32.08 -28.58
N GLY C 60 -34.18 30.78 -28.59
CA GLY C 60 -35.12 29.87 -29.20
C GLY C 60 -34.81 28.44 -28.81
N HIS C 61 -35.54 27.52 -29.42
CA HIS C 61 -35.35 26.09 -29.14
C HIS C 61 -34.41 25.49 -30.16
N PRO C 62 -33.94 24.26 -29.91
CA PRO C 62 -32.92 23.67 -30.79
C PRO C 62 -33.29 23.63 -32.26
N GLU C 63 -34.57 23.44 -32.61
CA GLU C 63 -34.94 23.43 -34.02
C GLU C 63 -34.80 24.80 -34.64
N TYR C 64 -35.18 25.84 -33.90
CA TYR C 64 -34.91 27.21 -34.35
C TYR C 64 -33.42 27.46 -34.50
N THR C 65 -32.63 26.99 -33.53
CA THR C 65 -31.18 27.17 -33.62
C THR C 65 -30.59 26.44 -34.81
N ARG C 66 -31.25 25.36 -35.26
CA ARG C 66 -30.75 24.56 -36.37
C ARG C 66 -30.65 25.38 -37.65
N LYS C 67 -31.66 26.18 -37.94
CA LYS C 67 -31.70 26.90 -39.21
C LYS C 67 -30.53 27.86 -39.33
N PHE C 68 -30.21 28.59 -38.26
CA PHE C 68 -29.10 29.50 -38.29
C PHE C 68 -27.77 28.80 -38.10
N TYR C 69 -27.75 27.65 -37.44
CA TYR C 69 -26.55 26.82 -37.45
C TYR C 69 -26.18 26.44 -38.86
N HIS C 70 -27.16 26.24 -39.72
CA HIS C 70 -26.87 25.96 -41.13
C HIS C 70 -26.02 27.07 -41.74
N GLU C 71 -26.47 28.33 -41.61
CA GLU C 71 -25.75 29.44 -42.19
C GLU C 71 -24.39 29.64 -41.53
N LEU C 72 -24.33 29.54 -40.21
CA LEU C 72 -23.05 29.65 -39.51
C LEU C 72 -22.09 28.58 -39.99
N TYR C 73 -22.58 27.36 -40.20
CA TYR C 73 -21.73 26.26 -40.63
C TYR C 73 -21.17 26.51 -42.01
N LYS C 74 -22.00 27.02 -42.92
CA LYS C 74 -21.49 27.34 -44.25
C LYS C 74 -20.49 28.48 -44.23
N ASN C 75 -20.44 29.25 -43.14
CA ASN C 75 -19.54 30.39 -43.01
C ASN C 75 -18.43 30.16 -41.99
N ALA C 76 -18.17 28.91 -41.64
CA ALA C 76 -17.08 28.60 -40.73
C ALA C 76 -15.73 28.72 -41.44
N VAL C 77 -14.70 28.97 -40.66
CA VAL C 77 -13.35 29.11 -41.19
C VAL C 77 -12.71 27.74 -41.26
N GLU C 78 -12.00 27.48 -42.36
CA GLU C 78 -11.27 26.24 -42.55
C GLU C 78 -9.78 26.53 -42.60
N ILE C 79 -8.99 25.54 -42.22
CA ILE C 79 -7.53 25.66 -42.21
C ILE C 79 -6.94 24.63 -43.16
N PRO C 80 -6.47 25.03 -44.36
CA PRO C 80 -6.36 26.38 -44.93
C PRO C 80 -7.64 26.88 -45.58
N SER C 81 -7.73 28.18 -45.81
CA SER C 81 -8.88 28.80 -46.44
C SER C 81 -8.49 30.20 -46.85
N LEU C 82 -9.37 30.86 -47.61
CA LEU C 82 -9.11 32.23 -48.00
C LEU C 82 -9.09 33.16 -46.80
N ALA C 83 -9.89 32.85 -45.77
CA ALA C 83 -9.90 33.67 -44.56
C ALA C 83 -8.54 33.63 -43.86
N ILE C 84 -7.98 32.43 -43.72
CA ILE C 84 -6.66 32.31 -43.08
C ILE C 84 -5.61 33.05 -43.89
N GLN C 85 -5.67 32.95 -45.22
CA GLN C 85 -4.75 33.68 -46.07
C GLN C 85 -4.88 35.18 -45.87
N LYS C 86 -6.11 35.69 -45.82
CA LYS C 86 -6.31 37.13 -45.69
C LYS C 86 -5.80 37.62 -44.34
N ILE C 87 -6.07 36.89 -43.27
CA ILE C 87 -5.58 37.33 -41.96
C ILE C 87 -4.07 37.21 -41.89
N SER C 88 -3.51 36.17 -42.50
CA SER C 88 -2.06 36.01 -42.52
C SER C 88 -1.42 37.19 -43.24
N GLU C 89 -1.99 37.59 -44.37
CA GLU C 89 -1.45 38.72 -45.12
C GLU C 89 -1.60 40.02 -44.35
N ALA C 90 -2.73 40.23 -43.68
CA ALA C 90 -2.89 41.44 -42.89
C ALA C 90 -1.85 41.49 -41.77
N ALA C 91 -1.65 40.38 -41.07
CA ALA C 91 -0.67 40.34 -39.99
C ALA C 91 0.73 40.61 -40.50
N LYS C 92 1.11 39.97 -41.61
CA LYS C 92 2.46 40.19 -42.15
C LYS C 92 2.64 41.61 -42.66
N ARG C 93 1.65 42.14 -43.37
CA ARG C 93 1.74 43.48 -43.92
C ARG C 93 1.89 44.51 -42.80
N ASN C 94 1.12 44.37 -41.74
CA ASN C 94 1.15 45.31 -40.64
C ASN C 94 2.20 44.99 -39.59
N GLU C 95 2.90 43.87 -39.73
CA GLU C 95 3.92 43.44 -38.78
C GLU C 95 3.40 43.49 -37.34
N THR C 96 2.32 42.75 -37.11
CA THR C 96 1.72 42.67 -35.79
C THR C 96 1.35 41.22 -35.49
N TYR C 97 1.47 40.86 -34.22
CA TYR C 97 0.83 39.65 -33.74
C TYR C 97 -0.67 39.86 -33.69
N VAL C 98 -1.43 38.85 -34.09
CA VAL C 98 -2.88 38.92 -34.11
C VAL C 98 -3.43 37.70 -33.40
N CYS C 99 -4.43 37.92 -32.55
CA CYS C 99 -5.25 36.85 -31.98
C CYS C 99 -6.68 37.10 -32.42
N ILE C 100 -7.20 36.25 -33.28
CA ILE C 100 -8.54 36.40 -33.85
C ILE C 100 -9.35 35.16 -33.53
N SER C 101 -10.53 35.35 -32.96
CA SER C 101 -11.44 34.27 -32.63
C SER C 101 -12.39 34.01 -33.79
N CYS C 102 -12.80 32.76 -33.94
CA CYS C 102 -13.59 32.36 -35.10
C CYS C 102 -14.30 31.04 -34.80
N SER C 103 -15.21 30.69 -35.70
CA SER C 103 -15.74 29.33 -35.79
C SER C 103 -14.86 28.55 -36.75
N GLU C 104 -14.34 27.42 -36.29
CA GLU C 104 -13.37 26.64 -37.04
C GLU C 104 -14.00 25.31 -37.42
N LYS C 105 -13.96 24.99 -38.71
CA LYS C 105 -14.57 23.77 -39.22
C LYS C 105 -13.49 22.73 -39.46
N ASP C 106 -13.59 21.60 -38.75
CA ASP C 106 -12.69 20.47 -38.91
C ASP C 106 -13.53 19.26 -39.31
N GLY C 107 -13.37 18.81 -40.54
CA GLY C 107 -14.21 17.72 -41.02
C GLY C 107 -15.66 18.17 -41.04
N GLY C 108 -16.51 17.47 -40.30
CA GLY C 108 -17.92 17.77 -40.24
C GLY C 108 -18.41 18.50 -39.01
N SER C 109 -17.52 19.00 -38.17
CA SER C 109 -17.89 19.61 -36.89
C SER C 109 -17.29 20.99 -36.78
N LEU C 110 -17.97 21.85 -36.00
CA LEU C 110 -17.49 23.20 -35.72
C LEU C 110 -16.84 23.26 -34.35
N TYR C 111 -15.80 24.06 -34.24
CA TYR C 111 -15.15 24.35 -32.97
C TYR C 111 -14.96 25.86 -32.88
N LEU C 112 -14.90 26.35 -31.65
CA LEU C 112 -14.60 27.75 -31.37
C LEU C 112 -13.11 27.87 -31.10
N ALA C 113 -12.40 28.63 -31.93
CA ALA C 113 -10.95 28.67 -31.89
C ALA C 113 -10.42 30.09 -31.85
N GLN C 114 -9.31 30.28 -31.14
CA GLN C 114 -8.52 31.50 -31.16
C GLN C 114 -7.28 31.25 -32.02
N LEU C 115 -7.16 31.95 -33.13
CA LEU C 115 -6.06 31.76 -34.06
C LEU C 115 -5.02 32.86 -33.89
N TRP C 116 -3.75 32.48 -33.93
CA TRP C 116 -2.64 33.37 -33.67
C TRP C 116 -1.78 33.51 -34.90
N PHE C 117 -1.46 34.76 -35.25
CA PHE C 117 -0.59 35.07 -36.38
C PHE C 117 0.54 35.96 -35.90
N ASN C 118 1.74 35.71 -36.38
CA ASN C 118 2.92 36.48 -36.01
C ASN C 118 3.26 37.49 -37.10
N PRO C 119 4.20 38.40 -36.83
CA PRO C 119 4.48 39.47 -37.80
C PRO C 119 5.00 39.00 -39.14
N ASN C 120 5.30 37.71 -39.31
CA ASN C 120 5.65 37.17 -40.62
C ASN C 120 4.44 36.57 -41.33
N GLY C 121 3.26 36.59 -40.70
CA GLY C 121 2.07 35.99 -41.27
C GLY C 121 1.91 34.51 -41.03
N ASP C 122 2.78 33.89 -40.24
CA ASP C 122 2.62 32.48 -39.92
C ASP C 122 1.48 32.28 -38.93
N LEU C 123 0.76 31.17 -39.07
CA LEU C 123 -0.26 30.78 -38.10
C LEU C 123 0.44 29.97 -37.03
N ILE C 124 0.92 30.67 -35.99
CA ILE C 124 1.78 30.03 -35.01
C ILE C 124 1.03 29.03 -34.12
N GLY C 125 -0.29 29.09 -34.08
CA GLY C 125 -1.03 28.12 -33.31
C GLY C 125 -2.49 28.49 -33.22
N LYS C 126 -3.24 27.62 -32.58
CA LYS C 126 -4.66 27.86 -32.33
C LYS C 126 -5.04 27.25 -30.99
N HIS C 127 -6.04 27.85 -30.35
CA HIS C 127 -6.61 27.36 -29.11
C HIS C 127 -8.08 27.10 -29.31
N ARG C 128 -8.53 25.89 -29.01
CA ARG C 128 -9.94 25.56 -29.04
C ARG C 128 -10.52 25.64 -27.64
N LYS C 129 -11.71 26.25 -27.53
CA LYS C 129 -12.35 26.40 -26.23
C LYS C 129 -12.55 25.05 -25.58
N MET C 130 -12.07 24.93 -24.33
CA MET C 130 -12.06 23.63 -23.67
C MET C 130 -13.47 23.09 -23.48
N ARG C 131 -14.42 23.95 -23.13
CA ARG C 131 -15.79 23.55 -22.90
C ARG C 131 -16.72 24.61 -23.47
N ALA C 132 -17.85 24.18 -24.01
CA ALA C 132 -18.86 25.08 -24.55
C ALA C 132 -19.83 25.48 -23.45
N SER C 133 -20.35 26.70 -23.56
CA SER C 133 -21.29 27.23 -22.58
C SER C 133 -22.66 26.62 -22.80
N VAL C 134 -23.67 27.18 -22.13
CA VAL C 134 -24.93 26.48 -21.96
C VAL C 134 -25.57 26.13 -23.30
N ALA C 135 -25.71 27.12 -24.18
CA ALA C 135 -26.40 26.91 -25.44
C ALA C 135 -25.46 26.70 -26.61
N GLU C 136 -24.24 27.23 -26.54
CA GLU C 136 -23.28 26.98 -27.59
C GLU C 136 -22.73 25.56 -27.55
N ARG C 137 -23.24 24.72 -26.64
CA ARG C 137 -23.02 23.29 -26.74
C ARG C 137 -23.76 22.67 -27.91
N LEU C 138 -24.83 23.32 -28.38
CA LEU C 138 -25.47 22.88 -29.62
C LEU C 138 -24.61 23.18 -30.84
N ILE C 139 -23.68 24.12 -30.74
CA ILE C 139 -22.96 24.64 -31.89
C ILE C 139 -21.58 24.02 -32.01
N TRP C 140 -20.79 24.07 -30.94
CA TRP C 140 -19.37 23.75 -31.00
C TRP C 140 -19.05 22.51 -30.18
N GLY C 141 -18.06 21.77 -30.66
CA GLY C 141 -17.47 20.70 -29.89
C GLY C 141 -16.42 21.21 -28.93
N ASP C 142 -15.91 20.30 -28.11
CA ASP C 142 -14.93 20.63 -27.09
C ASP C 142 -13.52 20.60 -27.65
N GLY C 143 -12.64 21.38 -27.02
CA GLY C 143 -11.23 21.35 -27.34
C GLY C 143 -10.47 20.33 -26.51
N SER C 144 -9.18 20.24 -26.77
CA SER C 144 -8.32 19.27 -26.10
C SER C 144 -7.14 19.97 -25.44
N GLY C 145 -6.50 19.26 -24.52
CA GLY C 145 -5.34 19.80 -23.82
C GLY C 145 -4.16 20.05 -24.72
N SER C 146 -4.11 19.41 -25.88
CA SER C 146 -3.03 19.64 -26.83
C SER C 146 -3.12 21.01 -27.51
N MET C 147 -4.23 21.72 -27.33
CA MET C 147 -4.44 22.99 -28.02
C MET C 147 -4.63 24.12 -27.01
N MET C 148 -3.73 24.22 -26.04
CA MET C 148 -3.71 25.30 -25.05
C MET C 148 -2.33 25.95 -25.07
N PRO C 149 -1.95 26.55 -26.19
CA PRO C 149 -0.55 26.98 -26.37
C PRO C 149 -0.23 28.34 -25.77
N VAL C 150 0.98 28.45 -25.24
CA VAL C 150 1.58 29.73 -24.89
C VAL C 150 2.79 29.89 -25.78
N PHE C 151 2.84 30.98 -26.52
CA PHE C 151 3.91 31.22 -27.48
C PHE C 151 4.96 32.11 -26.86
N GLN C 152 6.21 31.65 -26.90
CA GLN C 152 7.35 32.47 -26.52
C GLN C 152 7.73 33.31 -27.72
N THR C 153 7.30 34.57 -27.73
CA THR C 153 7.55 35.48 -28.83
C THR C 153 8.40 36.65 -28.34
N ARG C 154 8.64 37.60 -29.23
CA ARG C 154 9.48 38.75 -28.90
C ARG C 154 8.71 39.87 -28.22
N ILE C 155 7.40 39.71 -28.03
CA ILE C 155 6.63 40.62 -27.21
C ILE C 155 6.12 39.93 -25.94
N GLY C 156 6.70 38.79 -25.61
CA GLY C 156 6.41 38.08 -24.37
C GLY C 156 5.69 36.77 -24.61
N ASN C 157 5.54 36.02 -23.52
CA ASN C 157 4.81 34.76 -23.58
C ASN C 157 3.32 35.06 -23.70
N LEU C 158 2.78 34.83 -24.88
CA LEU C 158 1.42 35.19 -25.21
C LEU C 158 0.48 34.01 -25.03
N GLY C 159 -0.76 34.31 -24.69
CA GLY C 159 -1.77 33.28 -24.54
C GLY C 159 -3.15 33.90 -24.54
N GLY C 160 -4.15 33.04 -24.52
CA GLY C 160 -5.52 33.50 -24.48
C GLY C 160 -6.51 32.42 -24.10
N LEU C 161 -7.61 32.84 -23.50
CA LEU C 161 -8.77 31.98 -23.26
C LEU C 161 -10.00 32.73 -23.73
N MET C 162 -11.13 32.03 -23.76
CA MET C 162 -12.37 32.57 -24.31
C MET C 162 -13.46 32.54 -23.25
N CYS C 163 -14.08 33.69 -23.01
CA CYS C 163 -15.26 33.80 -22.17
C CYS C 163 -15.12 33.04 -20.86
N TRP C 164 -16.04 32.12 -20.56
CA TRP C 164 -16.06 31.47 -19.26
C TRP C 164 -14.90 30.53 -19.02
N GLU C 165 -13.94 30.43 -19.95
CA GLU C 165 -12.73 29.69 -19.67
C GLU C 165 -11.90 30.35 -18.58
N HIS C 166 -12.15 31.63 -18.28
CA HIS C 166 -11.47 32.32 -17.20
C HIS C 166 -12.11 32.01 -15.85
N GLN C 167 -13.25 31.35 -15.82
CA GLN C 167 -13.90 30.92 -14.59
C GLN C 167 -13.59 29.47 -14.24
N VAL C 168 -12.69 28.83 -14.97
CA VAL C 168 -12.35 27.42 -14.81
C VAL C 168 -10.94 27.37 -14.22
N PRO C 169 -10.78 27.05 -12.93
CA PRO C 169 -9.44 27.15 -12.31
C PRO C 169 -8.38 26.30 -12.97
N LEU C 170 -8.73 25.14 -13.52
CA LEU C 170 -7.73 24.29 -14.16
C LEU C 170 -7.22 24.92 -15.45
N ASP C 171 -8.06 25.68 -16.16
CA ASP C 171 -7.57 26.43 -17.31
C ASP C 171 -6.54 27.47 -16.90
N LEU C 172 -6.83 28.20 -15.81
CA LEU C 172 -5.87 29.18 -15.30
C LEU C 172 -4.57 28.50 -14.91
N MET C 173 -4.65 27.35 -14.25
CA MET C 173 -3.44 26.66 -13.85
C MET C 173 -2.65 26.20 -15.06
N ALA C 174 -3.33 25.71 -16.09
CA ALA C 174 -2.63 25.29 -17.31
C ALA C 174 -1.90 26.47 -17.94
N MET C 175 -2.54 27.64 -17.98
CA MET C 175 -1.90 28.78 -18.63
C MET C 175 -0.74 29.32 -17.79
N ASN C 176 -0.92 29.39 -16.48
CA ASN C 176 0.13 29.90 -15.61
C ASN C 176 1.29 28.92 -15.46
N ALA C 177 1.07 27.63 -15.69
CA ALA C 177 2.17 26.69 -15.68
C ALA C 177 3.15 26.94 -16.82
N GLN C 178 2.68 27.51 -17.92
CA GLN C 178 3.52 27.78 -19.08
C GLN C 178 4.10 29.18 -19.08
N ASN C 179 3.97 29.91 -17.96
CA ASN C 179 4.58 31.23 -17.78
C ASN C 179 4.00 32.24 -18.76
N GLU C 180 2.68 32.31 -18.81
CA GLU C 180 2.02 33.31 -19.63
C GLU C 180 2.27 34.70 -19.07
N GLN C 181 2.46 35.67 -19.97
CA GLN C 181 2.76 37.03 -19.57
C GLN C 181 1.79 38.06 -20.12
N VAL C 182 1.34 37.88 -21.36
CA VAL C 182 0.32 38.73 -21.96
C VAL C 182 -0.83 37.84 -22.40
N HIS C 183 -2.03 38.19 -21.98
CA HIS C 183 -3.20 37.34 -22.15
C HIS C 183 -4.28 38.07 -22.93
N VAL C 184 -4.90 37.36 -23.86
CA VAL C 184 -6.05 37.84 -24.62
C VAL C 184 -7.28 37.13 -24.10
N ALA C 185 -8.23 37.90 -23.57
CA ALA C 185 -9.47 37.36 -23.04
C ALA C 185 -10.60 37.78 -23.99
N SER C 186 -11.02 36.86 -24.84
CA SER C 186 -12.09 37.13 -25.80
C SER C 186 -13.44 36.84 -25.17
N TRP C 187 -14.35 37.80 -25.27
CA TRP C 187 -15.70 37.66 -24.77
C TRP C 187 -16.70 38.03 -25.85
N PRO C 188 -17.89 37.44 -25.85
CA PRO C 188 -18.88 37.76 -26.89
C PRO C 188 -19.68 39.03 -26.61
N GLY C 189 -19.92 39.33 -25.34
CA GLY C 189 -20.58 40.56 -24.99
C GLY C 189 -21.92 40.41 -24.31
N TYR C 190 -22.15 39.31 -23.61
CA TYR C 190 -23.39 39.11 -22.87
C TYR C 190 -23.11 38.59 -21.47
N PHE C 191 -22.00 37.90 -21.31
CA PHE C 191 -21.56 37.36 -20.02
C PHE C 191 -20.61 38.35 -19.37
N ASP C 192 -20.76 38.53 -18.06
CA ASP C 192 -19.93 39.49 -17.33
C ASP C 192 -18.46 39.14 -17.51
N ASP C 193 -17.68 40.14 -17.91
CA ASP C 193 -16.29 39.93 -18.27
C ASP C 193 -15.29 40.73 -17.45
N GLU C 194 -15.75 41.58 -16.53
CA GLU C 194 -14.84 42.46 -15.79
C GLU C 194 -14.15 41.71 -14.65
N ILE C 195 -14.92 41.17 -13.72
CA ILE C 195 -14.35 40.49 -12.56
C ILE C 195 -13.50 39.31 -13.00
N SER C 196 -13.97 38.55 -14.00
CA SER C 196 -13.22 37.39 -14.46
C SER C 196 -11.87 37.78 -15.04
N SER C 197 -11.86 38.80 -15.90
CA SER C 197 -10.62 39.19 -16.57
C SER C 197 -9.65 39.83 -15.58
N ARG C 198 -10.15 40.63 -14.65
CA ARG C 198 -9.27 41.23 -13.64
C ARG C 198 -8.70 40.18 -12.70
N TYR C 199 -9.54 39.22 -12.28
CA TYR C 199 -9.04 38.12 -11.46
C TYR C 199 -7.98 37.33 -12.23
N TYR C 200 -8.20 37.12 -13.53
CA TYR C 200 -7.19 36.43 -14.32
C TYR C 200 -5.87 37.19 -14.32
N ALA C 201 -5.94 38.51 -14.52
CA ALA C 201 -4.74 39.33 -14.47
C ALA C 201 -4.00 39.13 -13.16
N ILE C 202 -4.73 39.18 -12.04
CA ILE C 202 -4.10 39.09 -10.73
C ILE C 202 -3.51 37.69 -10.52
N ALA C 203 -4.30 36.65 -10.78
CA ALA C 203 -3.92 35.30 -10.40
C ALA C 203 -2.88 34.69 -11.31
N THR C 204 -2.78 35.13 -12.56
CA THR C 204 -1.77 34.62 -13.48
C THR C 204 -0.60 35.57 -13.66
N GLN C 205 -0.65 36.76 -13.05
CA GLN C 205 0.40 37.75 -13.17
C GLN C 205 0.67 38.07 -14.64
N THR C 206 -0.40 38.49 -15.31
CA THR C 206 -0.38 38.75 -16.75
C THR C 206 -1.01 40.10 -17.03
N PHE C 207 -0.66 40.66 -18.18
CA PHE C 207 -1.43 41.73 -18.78
C PHE C 207 -2.59 41.10 -19.54
N VAL C 208 -3.81 41.58 -19.31
CA VAL C 208 -5.00 41.01 -19.91
C VAL C 208 -5.62 42.01 -20.87
N LEU C 209 -5.76 41.61 -22.12
CA LEU C 209 -6.45 42.39 -23.14
C LEU C 209 -7.86 41.83 -23.28
N MET C 210 -8.81 42.46 -22.62
CA MET C 210 -10.20 42.01 -22.66
C MET C 210 -10.87 42.65 -23.86
N THR C 211 -11.27 41.83 -24.83
CA THR C 211 -11.90 42.28 -26.06
C THR C 211 -13.29 41.68 -26.15
N SER C 212 -14.29 42.53 -26.34
CA SER C 212 -15.68 42.09 -26.43
C SER C 212 -16.32 42.68 -27.67
N SER C 213 -17.43 42.08 -28.08
CA SER C 213 -18.16 42.48 -29.26
C SER C 213 -19.38 43.31 -28.88
N ILE C 214 -20.07 43.82 -29.89
CA ILE C 214 -21.26 44.66 -29.71
C ILE C 214 -22.36 44.13 -30.61
N TYR C 215 -23.59 44.16 -30.10
CA TYR C 215 -24.73 43.77 -30.93
C TYR C 215 -24.98 44.82 -32.00
N THR C 216 -25.53 44.39 -33.12
CA THR C 216 -25.83 45.28 -34.23
C THR C 216 -27.27 45.07 -34.67
N GLU C 217 -27.81 46.09 -35.35
CA GLU C 217 -29.19 46.00 -35.83
C GLU C 217 -29.33 44.92 -36.89
N GLU C 218 -28.29 44.69 -37.70
CA GLU C 218 -28.38 43.68 -38.75
C GLU C 218 -28.64 42.30 -38.16
N MET C 219 -27.84 41.89 -37.18
CA MET C 219 -28.04 40.58 -36.57
C MET C 219 -29.37 40.51 -35.85
N LYS C 220 -29.78 41.60 -35.21
CA LYS C 220 -31.10 41.65 -34.58
C LYS C 220 -32.18 41.33 -35.60
N GLU C 221 -32.17 42.00 -36.74
CA GLU C 221 -33.18 41.74 -37.75
C GLU C 221 -33.08 40.34 -38.31
N MET C 222 -31.86 39.78 -38.40
CA MET C 222 -31.69 38.48 -39.01
C MET C 222 -32.22 37.36 -38.12
N ILE C 223 -31.95 37.41 -36.81
CA ILE C 223 -32.25 36.26 -35.96
C ILE C 223 -33.50 36.44 -35.09
N CYS C 224 -34.07 37.63 -35.02
CA CYS C 224 -35.25 37.88 -34.18
C CYS C 224 -36.49 37.84 -35.06
N LEU C 225 -37.07 36.65 -35.18
CA LEU C 225 -38.19 36.41 -36.10
C LEU C 225 -39.54 36.70 -35.48
N THR C 226 -39.63 36.87 -34.17
CA THR C 226 -40.88 37.18 -33.49
C THR C 226 -40.65 38.32 -32.52
N GLN C 227 -41.74 39.02 -32.18
CA GLN C 227 -41.64 40.14 -31.25
C GLN C 227 -41.18 39.66 -29.88
N GLU C 228 -41.61 38.48 -29.46
CA GLU C 228 -41.12 37.93 -28.20
C GLU C 228 -39.61 37.73 -28.26
N GLN C 229 -39.11 37.18 -29.36
CA GLN C 229 -37.68 36.97 -29.50
C GLN C 229 -36.93 38.29 -29.54
N ARG C 230 -37.44 39.26 -30.29
CA ARG C 230 -36.78 40.56 -30.35
C ARG C 230 -36.72 41.21 -28.98
N ASP C 231 -37.84 41.20 -28.26
CA ASP C 231 -37.88 41.84 -26.95
C ASP C 231 -36.94 41.14 -25.98
N TYR C 232 -36.89 39.81 -26.03
CA TYR C 232 -35.96 39.08 -25.17
C TYR C 232 -34.52 39.43 -25.50
N PHE C 233 -34.18 39.44 -26.79
CA PHE C 233 -32.79 39.69 -27.16
C PHE C 233 -32.37 41.13 -26.89
N GLU C 234 -33.33 42.05 -26.87
CA GLU C 234 -33.01 43.45 -26.56
C GLU C 234 -32.64 43.67 -25.10
N THR C 235 -32.91 42.69 -24.22
CA THR C 235 -32.52 42.82 -22.82
C THR C 235 -31.07 42.43 -22.58
N PHE C 236 -30.38 41.90 -23.59
CA PHE C 236 -29.04 41.38 -23.39
C PHE C 236 -28.06 42.51 -23.08
N LYS C 237 -27.32 42.36 -21.98
CA LYS C 237 -26.37 43.38 -21.58
C LYS C 237 -25.11 43.30 -22.44
N SER C 238 -24.45 44.44 -22.58
CA SER C 238 -23.29 44.55 -23.45
C SER C 238 -22.00 44.21 -22.72
N GLY C 239 -20.95 43.99 -23.50
CA GLY C 239 -19.63 43.74 -22.95
C GLY C 239 -18.80 45.01 -22.83
N HIS C 240 -17.57 44.83 -22.36
CA HIS C 240 -16.62 45.92 -22.20
C HIS C 240 -15.29 45.51 -22.80
N THR C 241 -14.52 46.50 -23.23
CA THR C 241 -13.21 46.28 -23.81
C THR C 241 -12.21 47.18 -23.11
N CYS C 242 -11.24 46.57 -22.44
CA CYS C 242 -10.28 47.29 -21.62
C CYS C 242 -9.02 46.43 -21.51
N ILE C 243 -7.95 47.05 -21.05
CA ILE C 243 -6.69 46.34 -20.81
C ILE C 243 -6.32 46.50 -19.35
N TYR C 244 -5.78 45.44 -18.77
CA TYR C 244 -5.45 45.37 -17.37
C TYR C 244 -3.97 45.03 -17.19
N GLY C 245 -3.44 45.42 -16.04
CA GLY C 245 -2.08 45.09 -15.67
C GLY C 245 -2.04 43.90 -14.74
N PRO C 246 -0.83 43.40 -14.46
CA PRO C 246 -0.71 42.21 -13.58
C PRO C 246 -1.30 42.40 -12.19
N ASP C 247 -1.65 43.62 -11.79
CA ASP C 247 -2.36 43.85 -10.54
C ASP C 247 -3.87 43.88 -10.69
N GLY C 248 -4.38 43.71 -11.91
CA GLY C 248 -5.81 43.79 -12.15
C GLY C 248 -6.34 45.19 -12.32
N GLU C 249 -5.49 46.19 -12.31
CA GLU C 249 -5.93 47.56 -12.51
C GLU C 249 -5.99 47.90 -14.00
N PRO C 250 -6.94 48.72 -14.42
CA PRO C 250 -6.99 49.13 -15.82
C PRO C 250 -5.82 50.04 -16.17
N ILE C 251 -5.17 49.76 -17.29
CA ILE C 251 -4.06 50.56 -17.79
C ILE C 251 -4.39 51.20 -19.14
N SER C 252 -5.65 51.15 -19.56
CA SER C 252 -6.10 51.82 -20.77
C SER C 252 -7.46 52.43 -20.50
N ASP C 253 -8.01 53.10 -21.50
CA ASP C 253 -9.34 53.68 -21.42
C ASP C 253 -10.34 52.71 -22.06
N MET C 254 -11.42 52.44 -21.35
CA MET C 254 -12.44 51.52 -21.85
C MET C 254 -13.15 52.14 -23.06
N VAL C 255 -13.41 51.30 -24.06
CA VAL C 255 -14.16 51.76 -25.23
C VAL C 255 -15.60 52.02 -24.83
N PRO C 256 -16.24 53.09 -25.29
CA PRO C 256 -17.63 53.35 -24.91
C PRO C 256 -18.55 52.21 -25.29
N ALA C 257 -19.54 51.95 -24.45
CA ALA C 257 -20.40 50.78 -24.61
C ALA C 257 -21.17 50.83 -25.92
N GLU C 258 -21.26 49.67 -26.58
CA GLU C 258 -22.07 49.50 -27.79
C GLU C 258 -21.60 50.41 -28.92
N THR C 259 -20.30 50.71 -28.97
CA THR C 259 -19.71 51.45 -30.07
C THR C 259 -18.48 50.70 -30.54
N GLU C 260 -18.08 50.97 -31.79
CA GLU C 260 -16.92 50.33 -32.38
C GLU C 260 -15.69 51.18 -32.12
N GLY C 261 -14.75 50.65 -31.36
CA GLY C 261 -13.51 51.34 -31.06
C GLY C 261 -12.44 50.35 -30.67
N ILE C 262 -11.24 50.87 -30.46
CA ILE C 262 -10.08 50.06 -30.12
C ILE C 262 -9.39 50.71 -28.92
N ALA C 263 -9.01 49.88 -27.95
CA ALA C 263 -8.29 50.33 -26.77
C ALA C 263 -6.80 50.04 -26.95
N TYR C 264 -5.96 51.00 -26.54
CA TYR C 264 -4.51 50.89 -26.67
C TYR C 264 -3.86 51.00 -25.29
N ALA C 265 -2.80 50.23 -25.09
CA ALA C 265 -2.08 50.25 -23.82
C ALA C 265 -0.60 50.03 -24.09
N GLU C 266 0.23 50.57 -23.18
CA GLU C 266 1.66 50.31 -23.20
C GLU C 266 1.95 49.14 -22.28
N ILE C 267 2.43 48.04 -22.85
CA ILE C 267 2.67 46.81 -22.10
C ILE C 267 4.16 46.71 -21.84
N ASP C 268 4.52 46.63 -20.56
CA ASP C 268 5.90 46.47 -20.13
C ASP C 268 6.00 45.15 -19.40
N VAL C 269 6.47 44.11 -20.09
CA VAL C 269 6.50 42.77 -19.51
C VAL C 269 7.35 42.73 -18.26
N GLU C 270 8.30 43.66 -18.12
CA GLU C 270 9.14 43.67 -16.93
C GLU C 270 8.34 43.84 -15.64
N ARG C 271 7.11 44.37 -15.73
CA ARG C 271 6.31 44.58 -14.53
C ARG C 271 5.97 43.27 -13.83
N VAL C 272 5.67 42.23 -14.61
CA VAL C 272 5.16 40.99 -14.02
C VAL C 272 6.11 40.42 -12.99
N ILE C 273 7.39 40.80 -13.02
CA ILE C 273 8.33 40.35 -12.00
C ILE C 273 7.89 40.83 -10.63
N ASP C 274 7.42 42.08 -10.55
CA ASP C 274 7.02 42.63 -9.27
C ASP C 274 5.86 41.87 -8.65
N TYR C 275 5.06 41.18 -9.45
CA TYR C 275 3.92 40.42 -8.94
C TYR C 275 4.20 38.94 -8.81
N LYS C 276 5.16 38.41 -9.56
CA LYS C 276 5.68 37.08 -9.24
C LYS C 276 6.30 37.08 -7.85
N TYR C 277 6.86 38.21 -7.43
CA TYR C 277 7.37 38.35 -6.07
C TYR C 277 6.30 38.03 -5.04
N TYR C 278 5.06 38.44 -5.30
CA TYR C 278 3.99 38.20 -4.35
C TYR C 278 3.51 36.74 -4.42
N ILE C 279 3.06 36.31 -5.58
CA ILE C 279 2.36 35.04 -5.72
C ILE C 279 2.73 34.43 -7.07
N ASP C 280 2.84 33.10 -7.09
CA ASP C 280 3.05 32.35 -8.33
C ASP C 280 2.49 30.96 -8.13
N PRO C 281 1.21 30.75 -8.48
CA PRO C 281 0.57 29.46 -8.17
C PRO C 281 1.29 28.25 -8.74
N ALA C 282 1.85 28.34 -9.93
CA ALA C 282 2.60 27.22 -10.51
C ALA C 282 4.03 27.17 -10.01
N GLY C 283 4.45 28.11 -9.18
CA GLY C 283 5.80 28.14 -8.66
C GLY C 283 5.88 28.07 -7.15
N HIS C 284 6.32 29.16 -6.54
CA HIS C 284 6.62 29.15 -5.11
C HIS C 284 5.36 29.17 -4.25
N TYR C 285 4.25 29.69 -4.76
CA TYR C 285 3.03 29.83 -3.97
C TYR C 285 2.17 28.58 -4.15
N SER C 286 2.68 27.48 -3.63
CA SER C 286 2.07 26.18 -3.87
C SER C 286 2.26 25.30 -2.64
N ASN C 287 1.43 24.26 -2.56
CA ASN C 287 1.48 23.28 -1.49
C ASN C 287 1.52 21.90 -2.13
N GLN C 288 2.40 21.05 -1.64
CA GLN C 288 2.60 19.73 -2.26
C GLN C 288 1.33 18.89 -2.26
N SER C 289 0.37 19.19 -1.38
CA SER C 289 -0.84 18.38 -1.32
C SER C 289 -1.71 18.53 -2.56
N LEU C 290 -1.61 19.65 -3.26
CA LEU C 290 -2.42 19.91 -4.45
C LEU C 290 -1.51 20.03 -5.67
N SER C 291 -1.81 19.25 -6.70
CA SER C 291 -1.09 19.33 -7.96
C SER C 291 -2.07 19.03 -9.07
N MET C 292 -1.70 19.42 -10.28
CA MET C 292 -2.57 19.32 -11.45
C MET C 292 -1.94 18.40 -12.48
N ASN C 293 -2.80 17.72 -13.24
CA ASN C 293 -2.39 16.90 -14.36
C ASN C 293 -2.78 17.63 -15.64
N PHE C 294 -1.78 18.03 -16.41
CA PHE C 294 -1.96 18.76 -17.66
C PHE C 294 -1.58 17.79 -18.78
N ASN C 295 -2.58 17.15 -19.36
CA ASN C 295 -2.36 16.16 -20.41
C ASN C 295 -2.43 16.86 -21.77
N GLN C 296 -1.33 16.77 -22.53
CA GLN C 296 -1.20 17.48 -23.80
C GLN C 296 -1.10 16.54 -24.99
N GLN C 297 -1.47 15.27 -24.83
CA GLN C 297 -1.48 14.37 -25.97
C GLN C 297 -2.66 14.71 -26.88
N PRO C 298 -2.49 14.66 -28.19
CA PRO C 298 -3.64 14.88 -29.08
C PRO C 298 -4.72 13.86 -28.81
N THR C 299 -5.98 14.31 -28.85
CA THR C 299 -7.12 13.45 -28.60
C THR C 299 -8.13 13.55 -29.74
N PRO C 300 -7.71 13.22 -30.97
CA PRO C 300 -8.68 13.05 -32.04
C PRO C 300 -9.44 11.75 -31.89
N VAL C 301 -10.65 11.73 -32.42
CA VAL C 301 -11.44 10.51 -32.38
C VAL C 301 -10.76 9.42 -33.21
N VAL C 302 -10.24 9.80 -34.36
CA VAL C 302 -9.56 8.87 -35.26
C VAL C 302 -8.15 9.37 -35.50
N LYS C 303 -7.17 8.53 -35.17
CA LYS C 303 -5.77 8.82 -35.43
C LYS C 303 -5.38 8.14 -36.74
N HIS C 304 -5.16 8.95 -37.77
CA HIS C 304 -4.65 8.43 -39.04
C HIS C 304 -3.18 8.11 -38.91
N LEU C 305 -2.80 6.90 -39.31
CA LEU C 305 -1.41 6.46 -39.28
C LEU C 305 -0.97 6.15 -40.70
N ASN C 306 0.20 6.67 -41.07
CA ASN C 306 0.79 6.40 -42.38
C ASN C 306 -0.10 6.92 -43.50
N HIS C 307 -0.59 8.15 -43.35
CA HIS C 307 -1.52 8.71 -44.32
C HIS C 307 -0.91 8.68 -45.72
N GLN C 308 -1.72 8.27 -46.69
CA GLN C 308 -1.25 7.98 -48.04
C GLN C 308 -2.07 8.75 -49.07
N LYS C 309 -1.54 8.79 -50.28
CA LYS C 309 -2.17 9.49 -51.40
C LYS C 309 -2.62 8.47 -52.43
N ASN C 310 -3.85 8.61 -52.92
CA ASN C 310 -4.36 7.73 -53.95
C ASN C 310 -3.78 8.11 -55.30
N GLU C 311 -3.32 7.11 -56.04
CA GLU C 311 -2.90 7.30 -57.42
C GLU C 311 -4.11 7.25 -58.35
N VAL C 312 -4.15 8.15 -59.32
CA VAL C 312 -5.24 8.24 -60.28
C VAL C 312 -4.75 7.68 -61.60
N PHE C 313 -5.29 6.53 -61.99
CA PHE C 313 -4.97 5.89 -63.27
C PHE C 313 -5.72 6.68 -64.35
N THR C 314 -5.07 7.73 -64.87
CA THR C 314 -5.77 8.67 -65.73
C THR C 314 -6.36 7.97 -66.95
N TYR C 315 -7.28 8.68 -67.60
CA TYR C 315 -7.93 8.13 -68.79
C TYR C 315 -6.91 7.85 -69.90
N GLU C 316 -5.86 8.66 -69.99
CA GLU C 316 -4.86 8.45 -71.03
C GLU C 316 -4.00 7.22 -70.76
N ASP C 317 -3.74 6.93 -69.48
CA ASP C 317 -2.99 5.74 -69.14
C ASP C 317 -3.82 4.47 -69.30
N ILE C 318 -5.14 4.59 -69.09
CA ILE C 318 -6.00 3.43 -69.30
C ILE C 318 -6.08 3.08 -70.78
N GLN C 319 -6.09 4.08 -71.65
CA GLN C 319 -6.21 3.85 -73.08
C GLN C 319 -4.85 3.90 -73.78
N THR D 1 30.74 -1.17 -7.23
CA THR D 1 31.96 -1.48 -6.44
C THR D 1 32.37 -0.29 -5.58
N SER D 2 32.69 -0.56 -4.32
CA SER D 2 33.05 0.50 -3.39
C SER D 2 34.52 0.87 -3.56
N ILE D 3 34.77 2.11 -3.97
CA ILE D 3 36.13 2.63 -4.11
C ILE D 3 36.32 3.71 -3.06
N TYR D 4 37.56 3.90 -2.64
CA TYR D 4 37.91 4.86 -1.59
C TYR D 4 39.05 5.74 -2.09
N PRO D 5 38.75 6.66 -3.01
CA PRO D 5 39.81 7.41 -3.68
C PRO D 5 40.48 8.44 -2.81
N LYS D 6 41.63 8.91 -3.27
CA LYS D 6 42.35 10.02 -2.67
C LYS D 6 42.47 11.14 -3.69
N PHE D 7 42.05 12.33 -3.30
CA PHE D 7 42.05 13.48 -4.20
C PHE D 7 42.21 14.74 -3.37
N ARG D 8 42.49 15.84 -4.05
CA ARG D 8 42.58 17.14 -3.42
C ARG D 8 41.29 17.92 -3.65
N ALA D 9 40.85 18.61 -2.62
CA ALA D 9 39.64 19.42 -2.67
C ALA D 9 40.00 20.89 -2.45
N ALA D 10 39.17 21.78 -2.99
CA ALA D 10 39.32 23.21 -2.82
C ALA D 10 37.98 23.81 -2.44
N ALA D 11 37.95 24.56 -1.34
CA ALA D 11 36.76 25.26 -0.88
C ALA D 11 37.02 26.75 -0.99
N VAL D 12 36.27 27.42 -1.86
CA VAL D 12 36.53 28.81 -2.22
C VAL D 12 35.81 29.74 -1.26
N GLN D 13 36.52 30.74 -0.76
CA GLN D 13 35.92 31.87 -0.06
C GLN D 13 36.05 33.09 -0.94
N ALA D 14 34.93 33.64 -1.38
CA ALA D 14 34.94 34.75 -2.32
C ALA D 14 33.59 35.45 -2.27
N ALA D 15 33.51 36.57 -2.97
CA ALA D 15 32.26 37.29 -3.14
C ALA D 15 32.02 37.53 -4.62
N PRO D 16 30.76 37.56 -5.04
CA PRO D 16 30.47 37.79 -6.46
C PRO D 16 30.48 39.26 -6.82
N ILE D 17 30.11 39.57 -8.05
CA ILE D 17 29.80 40.95 -8.44
C ILE D 17 28.30 41.10 -8.22
N TYR D 18 27.93 41.74 -7.12
CA TYR D 18 26.60 41.60 -6.54
C TYR D 18 25.50 41.86 -7.55
N LEU D 19 24.64 40.86 -7.75
CA LEU D 19 23.48 40.96 -8.64
C LEU D 19 23.90 41.28 -10.06
N ASN D 20 25.04 40.72 -10.49
CA ASN D 20 25.54 40.87 -11.86
C ASN D 20 25.90 39.47 -12.33
N LEU D 21 24.95 38.81 -13.02
CA LEU D 21 25.12 37.40 -13.32
C LEU D 21 26.35 37.14 -14.18
N GLU D 22 26.56 37.95 -15.21
CA GLU D 22 27.67 37.69 -16.14
C GLU D 22 29.02 37.86 -15.45
N ALA D 23 29.20 38.96 -14.71
CA ALA D 23 30.45 39.19 -14.02
C ALA D 23 30.67 38.17 -12.91
N SER D 24 29.60 37.76 -12.22
CA SER D 24 29.75 36.73 -11.19
C SER D 24 30.16 35.41 -11.80
N VAL D 25 29.59 35.07 -12.96
CA VAL D 25 29.99 33.83 -13.63
C VAL D 25 31.44 33.91 -14.09
N GLU D 26 31.87 35.10 -14.53
CA GLU D 26 33.26 35.29 -14.91
C GLU D 26 34.20 35.05 -13.73
N LYS D 27 33.85 35.62 -12.57
CA LYS D 27 34.65 35.41 -11.38
C LYS D 27 34.68 33.94 -11.00
N SER D 28 33.55 33.24 -11.14
CA SER D 28 33.51 31.81 -10.87
C SER D 28 34.44 31.04 -11.80
N CYS D 29 34.46 31.42 -13.08
CA CYS D 29 35.37 30.76 -14.02
C CYS D 29 36.82 30.96 -13.58
N GLU D 30 37.18 32.18 -13.21
CA GLU D 30 38.55 32.43 -12.77
C GLU D 30 38.91 31.61 -11.53
N LEU D 31 37.98 31.55 -10.57
CA LEU D 31 38.25 30.80 -9.35
C LEU D 31 38.38 29.32 -9.62
N ILE D 32 37.54 28.77 -10.50
CA ILE D 32 37.68 27.36 -10.87
C ILE D 32 39.03 27.12 -11.51
N ASP D 33 39.44 28.02 -12.40
CA ASP D 33 40.74 27.88 -13.05
C ASP D 33 41.86 27.83 -12.02
N GLU D 34 41.84 28.75 -11.06
CA GLU D 34 42.91 28.79 -10.07
C GLU D 34 42.89 27.54 -9.19
N ALA D 35 41.70 27.14 -8.72
CA ALA D 35 41.62 25.97 -7.85
C ALA D 35 42.14 24.73 -8.55
N ALA D 36 41.77 24.54 -9.81
CA ALA D 36 42.26 23.37 -10.53
C ALA D 36 43.75 23.49 -10.84
N SER D 37 44.24 24.71 -11.08
CA SER D 37 45.68 24.89 -11.28
C SER D 37 46.46 24.50 -10.04
N ASN D 38 45.85 24.65 -8.85
CA ASN D 38 46.47 24.20 -7.62
C ASN D 38 46.19 22.73 -7.32
N GLY D 39 45.78 21.95 -8.32
CA GLY D 39 45.63 20.53 -8.16
C GLY D 39 44.33 20.06 -7.57
N ALA D 40 43.37 20.94 -7.35
CA ALA D 40 42.09 20.54 -6.79
C ALA D 40 41.26 19.81 -7.83
N LYS D 41 40.66 18.69 -7.42
CA LYS D 41 39.75 17.95 -8.28
C LYS D 41 38.28 18.24 -7.99
N LEU D 42 37.99 18.86 -6.84
CA LEU D 42 36.65 19.31 -6.50
C LEU D 42 36.74 20.76 -6.06
N VAL D 43 35.84 21.60 -6.56
CA VAL D 43 35.75 22.99 -6.18
C VAL D 43 34.32 23.27 -5.72
N ALA D 44 34.19 23.94 -4.58
CA ALA D 44 32.90 24.28 -4.00
C ALA D 44 32.84 25.80 -3.78
N PHE D 45 31.63 26.35 -3.87
CA PHE D 45 31.41 27.78 -3.80
C PHE D 45 30.43 28.14 -2.69
N PRO D 46 30.45 29.38 -2.22
CA PRO D 46 29.50 29.82 -1.20
C PRO D 46 28.06 29.65 -1.64
N GLU D 47 27.15 29.92 -0.71
CA GLU D 47 25.73 29.79 -0.95
C GLU D 47 25.19 30.98 -1.72
N ALA D 48 24.34 30.71 -2.71
CA ALA D 48 23.70 31.74 -3.53
C ALA D 48 24.75 32.63 -4.19
N PHE D 49 25.87 32.03 -4.59
CA PHE D 49 26.98 32.80 -5.12
C PHE D 49 26.60 33.51 -6.41
N LEU D 50 25.86 32.84 -7.29
CA LEU D 50 25.46 33.43 -8.56
C LEU D 50 24.00 33.85 -8.47
N PRO D 51 23.66 35.15 -8.56
CA PRO D 51 24.52 36.33 -8.66
C PRO D 51 24.86 36.94 -7.31
N GLY D 52 24.27 36.47 -6.22
CA GLY D 52 24.61 36.98 -4.90
C GLY D 52 23.53 36.74 -3.86
N TYR D 53 23.92 36.57 -2.61
CA TYR D 53 22.94 36.33 -1.55
C TYR D 53 22.10 37.57 -1.31
N PRO D 54 20.77 37.45 -1.22
CA PRO D 54 19.91 38.65 -1.08
C PRO D 54 19.96 39.25 0.32
N TRP D 55 21.07 39.92 0.63
CA TRP D 55 21.22 40.56 1.93
C TRP D 55 20.21 41.66 2.16
N PHE D 56 19.67 42.24 1.09
CA PHE D 56 18.67 43.29 1.25
C PHE D 56 17.44 42.80 1.98
N ALA D 57 17.12 41.52 1.86
CA ALA D 57 15.93 40.98 2.51
C ALA D 57 15.99 41.07 4.02
N PHE D 58 17.18 41.29 4.59
CA PHE D 58 17.36 41.26 6.03
C PHE D 58 17.52 42.64 6.66
N ILE D 59 17.49 43.71 5.86
CA ILE D 59 17.75 45.04 6.39
C ILE D 59 16.66 46.03 5.98
N GLY D 60 15.51 45.50 5.55
CA GLY D 60 14.39 46.34 5.21
C GLY D 60 13.12 45.51 5.23
N HIS D 61 12.03 46.14 4.82
CA HIS D 61 10.72 45.51 4.81
C HIS D 61 10.40 44.96 3.42
N PRO D 62 9.32 44.19 3.28
CA PRO D 62 9.07 43.52 2.00
C PRO D 62 8.98 44.45 0.80
N GLU D 63 8.49 45.68 0.96
CA GLU D 63 8.39 46.57 -0.18
C GLU D 63 9.75 47.11 -0.60
N TYR D 64 10.66 47.29 0.34
CA TYR D 64 12.03 47.61 -0.01
C TYR D 64 12.73 46.42 -0.63
N THR D 65 12.40 45.21 -0.17
CA THR D 65 12.98 44.00 -0.75
C THR D 65 12.48 43.75 -2.16
N ARG D 66 11.28 44.23 -2.48
CA ARG D 66 10.71 44.00 -3.81
C ARG D 66 11.59 44.58 -4.90
N LYS D 67 12.10 45.79 -4.71
CA LYS D 67 12.86 46.45 -5.75
C LYS D 67 14.14 45.69 -6.08
N PHE D 68 14.85 45.21 -5.06
CA PHE D 68 16.08 44.46 -5.30
C PHE D 68 15.80 43.04 -5.75
N TYR D 69 14.69 42.45 -5.31
CA TYR D 69 14.27 41.18 -5.87
C TYR D 69 14.06 41.29 -7.37
N HIS D 70 13.63 42.47 -7.83
CA HIS D 70 13.54 42.69 -9.27
C HIS D 70 14.86 42.42 -9.97
N GLU D 71 15.95 43.03 -9.47
CA GLU D 71 17.25 42.86 -10.10
C GLU D 71 17.76 41.44 -9.93
N LEU D 72 17.55 40.84 -8.77
CA LEU D 72 17.95 39.44 -8.58
C LEU D 72 17.22 38.55 -9.57
N TYR D 73 15.93 38.77 -9.76
CA TYR D 73 15.15 38.00 -10.73
C TYR D 73 15.71 38.15 -12.13
N LYS D 74 16.06 39.38 -12.53
CA LYS D 74 16.62 39.59 -13.85
C LYS D 74 17.98 38.91 -14.01
N ASN D 75 18.62 38.52 -12.91
CA ASN D 75 19.96 37.95 -12.95
C ASN D 75 20.01 36.54 -12.40
N ALA D 76 18.87 35.85 -12.37
CA ALA D 76 18.83 34.48 -11.91
C ALA D 76 19.31 33.54 -13.01
N VAL D 77 19.68 32.34 -12.60
CA VAL D 77 20.25 31.34 -13.51
C VAL D 77 19.13 30.46 -14.04
N GLU D 78 19.06 30.34 -15.36
CA GLU D 78 18.13 29.42 -16.01
C GLU D 78 18.87 28.18 -16.49
N ILE D 79 18.10 27.16 -16.82
CA ILE D 79 18.62 25.91 -17.37
C ILE D 79 17.82 25.54 -18.61
N PRO D 80 18.41 25.61 -19.82
CA PRO D 80 19.78 26.01 -20.16
C PRO D 80 20.00 27.51 -20.12
N SER D 81 21.25 27.95 -20.04
CA SER D 81 21.57 29.36 -20.06
C SER D 81 23.06 29.52 -20.34
N LEU D 82 23.47 30.76 -20.58
CA LEU D 82 24.87 31.02 -20.85
C LEU D 82 25.74 30.78 -19.63
N ALA D 83 25.22 31.04 -18.42
CA ALA D 83 25.97 30.77 -17.21
C ALA D 83 26.23 29.27 -17.07
N ILE D 84 25.23 28.45 -17.36
CA ILE D 84 25.41 27.01 -17.29
C ILE D 84 26.46 26.56 -18.29
N GLN D 85 26.41 27.11 -19.51
CA GLN D 85 27.39 26.75 -20.53
C GLN D 85 28.80 27.12 -20.07
N LYS D 86 28.96 28.31 -19.48
CA LYS D 86 30.29 28.76 -19.11
C LYS D 86 30.84 27.98 -17.92
N ILE D 87 29.99 27.65 -16.95
CA ILE D 87 30.45 26.83 -15.83
C ILE D 87 30.79 25.42 -16.32
N SER D 88 30.00 24.88 -17.23
CA SER D 88 30.30 23.56 -17.77
C SER D 88 31.63 23.58 -18.52
N GLU D 89 31.87 24.64 -19.29
CA GLU D 89 33.13 24.75 -20.02
C GLU D 89 34.32 24.87 -19.07
N ALA D 90 34.17 25.65 -18.00
CA ALA D 90 35.24 25.77 -17.03
C ALA D 90 35.53 24.43 -16.36
N ALA D 91 34.46 23.70 -15.99
CA ALA D 91 34.64 22.40 -15.37
C ALA D 91 35.35 21.43 -16.30
N LYS D 92 34.93 21.39 -17.57
CA LYS D 92 35.56 20.47 -18.52
C LYS D 92 37.00 20.85 -18.79
N ARG D 93 37.27 22.14 -18.99
CA ARG D 93 38.63 22.57 -19.28
C ARG D 93 39.56 22.25 -18.13
N ASN D 94 39.10 22.44 -16.90
CA ASN D 94 39.94 22.20 -15.74
C ASN D 94 39.86 20.76 -15.24
N GLU D 95 38.92 19.97 -15.75
CA GLU D 95 38.77 18.57 -15.36
C GLU D 95 38.58 18.44 -13.85
N THR D 96 37.71 19.28 -13.30
CA THR D 96 37.33 19.23 -11.90
C THR D 96 35.84 18.92 -11.76
N TYR D 97 35.45 18.50 -10.58
CA TYR D 97 34.06 18.54 -10.16
C TYR D 97 33.79 19.92 -9.57
N VAL D 98 32.64 20.48 -9.92
CA VAL D 98 32.26 21.81 -9.44
C VAL D 98 30.91 21.70 -8.74
N CYS D 99 30.84 22.26 -7.54
CA CYS D 99 29.58 22.52 -6.85
C CYS D 99 29.45 24.03 -6.73
N ILE D 100 28.45 24.60 -7.39
CA ILE D 100 28.24 26.05 -7.39
C ILE D 100 26.79 26.32 -7.03
N SER D 101 26.58 27.25 -6.12
CA SER D 101 25.26 27.64 -5.68
C SER D 101 24.82 28.90 -6.40
N CYS D 102 23.52 29.02 -6.65
CA CYS D 102 23.00 30.08 -7.50
C CYS D 102 21.52 30.30 -7.20
N SER D 103 20.99 31.38 -7.74
CA SER D 103 19.55 31.60 -7.78
C SER D 103 19.01 31.02 -9.08
N GLU D 104 18.13 30.03 -8.96
CA GLU D 104 17.65 29.29 -10.11
C GLU D 104 16.24 29.75 -10.48
N LYS D 105 16.05 30.14 -11.72
CA LYS D 105 14.74 30.53 -12.22
C LYS D 105 14.14 29.35 -12.97
N ASP D 106 12.95 28.94 -12.53
CA ASP D 106 12.23 27.82 -13.14
C ASP D 106 10.80 28.28 -13.38
N GLY D 107 10.50 28.68 -14.61
CA GLY D 107 9.21 29.26 -14.91
C GLY D 107 9.14 30.70 -14.44
N GLY D 108 8.25 30.98 -13.48
CA GLY D 108 8.10 32.30 -12.93
C GLY D 108 8.59 32.50 -11.51
N SER D 109 9.29 31.53 -10.93
CA SER D 109 9.71 31.61 -9.54
C SER D 109 11.20 31.37 -9.43
N LEU D 110 11.77 31.83 -8.31
CA LEU D 110 13.18 31.67 -8.01
C LEU D 110 13.39 30.56 -7.00
N TYR D 111 14.52 29.87 -7.13
CA TYR D 111 14.91 28.81 -6.21
C TYR D 111 16.38 28.97 -5.90
N LEU D 112 16.81 28.34 -4.81
CA LEU D 112 18.21 28.31 -4.43
C LEU D 112 18.72 26.88 -4.64
N ALA D 113 19.72 26.72 -5.51
CA ALA D 113 20.16 25.41 -5.93
C ALA D 113 21.69 25.33 -5.91
N GLN D 114 22.19 24.15 -5.59
CA GLN D 114 23.60 23.80 -5.80
C GLN D 114 23.69 22.99 -7.08
N LEU D 115 24.45 23.50 -8.04
CA LEU D 115 24.58 22.87 -9.35
C LEU D 115 25.90 22.13 -9.43
N TRP D 116 25.86 20.88 -9.88
CA TRP D 116 27.01 20.01 -9.88
C TRP D 116 27.46 19.73 -11.30
N PHE D 117 28.76 19.89 -11.55
CA PHE D 117 29.37 19.59 -12.84
C PHE D 117 30.51 18.63 -12.62
N ASN D 118 30.75 17.77 -13.61
CA ASN D 118 31.79 16.75 -13.56
C ASN D 118 32.90 17.07 -14.56
N PRO D 119 34.01 16.34 -14.51
CA PRO D 119 35.16 16.70 -15.37
C PRO D 119 34.87 16.67 -16.85
N ASN D 120 33.79 16.03 -17.28
CA ASN D 120 33.40 16.06 -18.68
C ASN D 120 32.61 17.31 -19.04
N GLY D 121 32.17 18.08 -18.06
CA GLY D 121 31.34 19.24 -18.29
C GLY D 121 29.85 19.02 -18.10
N ASP D 122 29.42 17.79 -17.85
CA ASP D 122 28.00 17.51 -17.72
C ASP D 122 27.43 18.19 -16.48
N LEU D 123 26.14 18.52 -16.53
CA LEU D 123 25.40 18.97 -15.35
C LEU D 123 24.79 17.72 -14.73
N ILE D 124 25.48 17.16 -13.75
CA ILE D 124 25.10 15.86 -13.22
C ILE D 124 23.90 15.92 -12.29
N GLY D 125 23.56 17.09 -11.76
CA GLY D 125 22.38 17.19 -10.94
C GLY D 125 22.30 18.54 -10.27
N LYS D 126 21.29 18.68 -9.41
CA LYS D 126 21.09 19.92 -8.67
C LYS D 126 20.29 19.61 -7.41
N HIS D 127 20.58 20.38 -6.36
CA HIS D 127 19.88 20.28 -5.08
C HIS D 127 19.25 21.62 -4.78
N ARG D 128 17.92 21.68 -4.78
CA ARG D 128 17.21 22.85 -4.33
C ARG D 128 17.08 22.85 -2.82
N LYS D 129 17.30 24.00 -2.19
CA LYS D 129 17.18 24.09 -0.75
C LYS D 129 15.80 23.65 -0.30
N MET D 130 15.75 22.78 0.70
CA MET D 130 14.49 22.16 1.09
C MET D 130 13.52 23.15 1.69
N ARG D 131 14.03 24.10 2.47
CA ARG D 131 13.20 25.11 3.11
C ARG D 131 14.02 26.38 3.23
N ALA D 132 13.44 27.50 2.80
CA ALA D 132 14.12 28.77 2.88
C ALA D 132 14.10 29.32 4.30
N SER D 133 15.10 30.12 4.63
CA SER D 133 15.24 30.68 5.97
C SER D 133 14.45 31.97 6.07
N VAL D 134 14.69 32.74 7.13
CA VAL D 134 13.67 33.62 7.68
C VAL D 134 13.19 34.63 6.63
N ALA D 135 14.11 35.35 5.99
CA ALA D 135 13.75 36.30 4.96
C ALA D 135 14.04 35.78 3.57
N GLU D 136 14.77 34.66 3.45
CA GLU D 136 14.87 33.97 2.17
C GLU D 136 13.52 33.52 1.67
N ARG D 137 12.53 33.40 2.57
CA ARG D 137 11.18 33.00 2.16
C ARG D 137 10.49 34.07 1.33
N LEU D 138 10.93 35.32 1.44
CA LEU D 138 10.47 36.37 0.55
C LEU D 138 11.01 36.20 -0.87
N ILE D 139 12.03 35.35 -1.06
CA ILE D 139 12.79 35.31 -2.29
C ILE D 139 12.64 33.98 -3.01
N TRP D 140 12.67 32.87 -2.27
CA TRP D 140 12.85 31.55 -2.84
C TRP D 140 11.72 30.61 -2.45
N GLY D 141 11.38 29.71 -3.35
CA GLY D 141 10.49 28.61 -3.05
C GLY D 141 11.23 27.48 -2.37
N ASP D 142 10.50 26.41 -2.11
CA ASP D 142 11.05 25.25 -1.42
C ASP D 142 11.41 24.15 -2.41
N GLY D 143 12.34 23.29 -2.00
CA GLY D 143 12.76 22.16 -2.81
C GLY D 143 11.88 20.96 -2.60
N SER D 144 12.31 19.83 -3.17
CA SER D 144 11.57 18.59 -3.07
C SER D 144 12.55 17.45 -2.84
N GLY D 145 12.01 16.32 -2.38
CA GLY D 145 12.83 15.15 -2.11
C GLY D 145 13.48 14.56 -3.34
N SER D 146 12.93 14.83 -4.52
CA SER D 146 13.53 14.39 -5.77
C SER D 146 14.83 15.11 -6.08
N MET D 147 15.13 16.21 -5.39
CA MET D 147 16.31 17.03 -5.66
C MET D 147 17.28 16.98 -4.49
N MET D 148 17.55 15.79 -3.96
CA MET D 148 18.54 15.58 -2.91
C MET D 148 19.54 14.53 -3.38
N PRO D 149 20.28 14.82 -4.44
CA PRO D 149 21.18 13.81 -5.01
C PRO D 149 22.39 13.52 -4.12
N VAL D 150 22.90 12.31 -4.28
CA VAL D 150 24.26 11.94 -3.89
C VAL D 150 24.88 11.26 -5.10
N PHE D 151 25.98 11.81 -5.60
CA PHE D 151 26.58 11.35 -6.85
C PHE D 151 27.69 10.35 -6.55
N GLN D 152 27.59 9.18 -7.17
CA GLN D 152 28.63 8.16 -7.09
C GLN D 152 29.65 8.46 -8.18
N THR D 153 30.54 9.40 -7.88
CA THR D 153 31.53 9.86 -8.84
C THR D 153 32.80 9.02 -8.67
N ARG D 154 33.86 9.44 -9.34
CA ARG D 154 35.14 8.76 -9.26
C ARG D 154 36.02 9.28 -8.13
N ILE D 155 35.53 10.25 -7.36
CA ILE D 155 36.25 10.78 -6.20
C ILE D 155 35.39 10.54 -4.95
N GLY D 156 34.59 9.49 -4.98
CA GLY D 156 33.74 9.16 -3.85
C GLY D 156 32.34 9.72 -3.99
N ASN D 157 31.50 9.36 -3.03
CA ASN D 157 30.12 9.84 -3.01
C ASN D 157 30.07 11.31 -2.62
N LEU D 158 29.38 12.12 -3.41
CA LEU D 158 29.36 13.56 -3.25
C LEU D 158 27.95 14.06 -2.98
N GLY D 159 27.86 15.14 -2.22
CA GLY D 159 26.59 15.75 -1.93
C GLY D 159 26.80 17.08 -1.26
N GLY D 160 25.70 17.79 -1.05
CA GLY D 160 25.79 19.11 -0.47
C GLY D 160 24.47 19.57 0.12
N LEU D 161 24.57 20.45 1.12
CA LEU D 161 23.39 21.07 1.79
C LEU D 161 23.64 22.57 1.78
N MET D 162 22.68 23.40 2.20
CA MET D 162 22.83 24.87 2.12
C MET D 162 22.54 25.56 3.46
N CYS D 163 23.59 25.96 4.19
CA CYS D 163 23.47 26.76 5.44
C CYS D 163 22.59 26.11 6.51
N TRP D 164 21.30 26.46 6.62
CA TRP D 164 20.43 25.97 7.73
C TRP D 164 19.96 24.53 7.50
N GLU D 165 20.24 23.93 6.35
CA GLU D 165 19.87 22.55 6.09
C GLU D 165 20.67 21.58 6.95
N HIS D 166 21.84 22.02 7.45
CA HIS D 166 22.62 21.20 8.35
C HIS D 166 22.02 21.12 9.74
N GLN D 167 21.13 22.05 10.08
CA GLN D 167 20.45 22.04 11.36
C GLN D 167 19.13 21.31 11.31
N VAL D 168 18.81 20.68 10.18
CA VAL D 168 17.58 19.91 10.01
C VAL D 168 17.95 18.43 10.07
N PRO D 169 17.64 17.72 11.15
CA PRO D 169 18.11 16.33 11.25
C PRO D 169 17.62 15.42 10.13
N LEU D 170 16.43 15.66 9.59
CA LEU D 170 15.93 14.76 8.54
C LEU D 170 16.68 14.95 7.24
N ASP D 171 17.18 16.15 6.95
CA ASP D 171 18.06 16.33 5.81
C ASP D 171 19.35 15.54 5.99
N LEU D 172 19.91 15.54 7.19
CA LEU D 172 21.08 14.73 7.48
C LEU D 172 20.78 13.25 7.28
N MET D 173 19.61 12.79 7.73
CA MET D 173 19.23 11.40 7.51
C MET D 173 19.09 11.09 6.03
N ALA D 174 18.51 11.99 5.25
CA ALA D 174 18.39 11.76 3.82
C ALA D 174 19.77 11.63 3.18
N MET D 175 20.71 12.47 3.60
CA MET D 175 22.04 12.45 2.98
C MET D 175 22.83 11.22 3.42
N ASN D 176 22.70 10.84 4.69
CA ASN D 176 23.41 9.69 5.22
C ASN D 176 22.81 8.36 4.76
N ALA D 177 21.53 8.33 4.40
CA ALA D 177 20.94 7.11 3.87
C ALA D 177 21.56 6.72 2.54
N GLN D 178 22.00 7.71 1.76
CA GLN D 178 22.56 7.48 0.45
C GLN D 178 24.06 7.25 0.49
N ASN D 179 24.65 7.17 1.69
CA ASN D 179 26.06 6.84 1.85
C ASN D 179 26.95 7.94 1.28
N GLU D 180 26.62 9.19 1.61
CA GLU D 180 27.44 10.32 1.22
C GLU D 180 28.79 10.25 1.91
N GLN D 181 29.85 10.66 1.19
CA GLN D 181 31.21 10.57 1.69
C GLN D 181 31.97 11.88 1.67
N VAL D 182 31.71 12.76 0.70
CA VAL D 182 32.32 14.07 0.63
C VAL D 182 31.21 15.10 0.51
N HIS D 183 31.13 16.01 1.48
CA HIS D 183 30.02 16.94 1.59
C HIS D 183 30.49 18.36 1.33
N VAL D 184 29.65 19.13 0.65
CA VAL D 184 29.87 20.55 0.42
C VAL D 184 28.82 21.31 1.21
N ALA D 185 29.28 22.14 2.14
CA ALA D 185 28.41 22.94 2.99
C ALA D 185 28.52 24.39 2.57
N SER D 186 27.48 24.90 1.91
CA SER D 186 27.47 26.25 1.39
C SER D 186 26.79 27.18 2.39
N TRP D 187 27.48 28.23 2.79
CA TRP D 187 26.94 29.21 3.72
C TRP D 187 27.11 30.60 3.12
N PRO D 188 26.22 31.54 3.47
CA PRO D 188 26.34 32.89 2.90
C PRO D 188 27.27 33.80 3.67
N GLY D 189 27.42 33.56 4.97
CA GLY D 189 28.31 34.35 5.79
C GLY D 189 27.72 34.85 7.10
N TYR D 190 26.44 35.20 7.11
CA TYR D 190 25.85 35.83 8.30
C TYR D 190 25.43 34.82 9.35
N PHE D 191 25.35 33.54 9.00
CA PHE D 191 24.78 32.52 9.86
C PHE D 191 25.88 31.61 10.40
N ASP D 192 25.76 31.23 11.68
CA ASP D 192 26.76 30.39 12.30
C ASP D 192 26.90 29.09 11.53
N ASP D 193 28.14 28.74 11.18
CA ASP D 193 28.37 27.62 10.28
C ASP D 193 29.36 26.60 10.83
N GLU D 194 30.31 27.03 11.66
CA GLU D 194 31.36 26.14 12.12
C GLU D 194 30.78 24.95 12.87
N ILE D 195 29.96 25.23 13.89
CA ILE D 195 29.38 24.17 14.69
C ILE D 195 28.59 23.21 13.81
N SER D 196 27.72 23.75 12.96
CA SER D 196 26.84 22.92 12.16
C SER D 196 27.64 22.05 11.19
N SER D 197 28.65 22.62 10.55
CA SER D 197 29.43 21.86 9.59
C SER D 197 30.26 20.77 10.25
N ARG D 198 30.88 21.07 11.39
CA ARG D 198 31.63 20.05 12.12
C ARG D 198 30.72 18.93 12.59
N TYR D 199 29.52 19.28 13.08
CA TYR D 199 28.60 18.25 13.52
C TYR D 199 28.10 17.42 12.35
N TYR D 200 27.88 18.03 11.19
CA TYR D 200 27.52 17.25 10.02
C TYR D 200 28.65 16.29 9.65
N ALA D 201 29.89 16.77 9.71
CA ALA D 201 31.03 15.89 9.44
C ALA D 201 31.01 14.69 10.36
N ILE D 202 30.76 14.91 11.65
CA ILE D 202 30.75 13.79 12.60
C ILE D 202 29.56 12.87 12.34
N ALA D 203 28.37 13.45 12.17
CA ALA D 203 27.14 12.66 12.20
C ALA D 203 26.90 11.90 10.91
N THR D 204 27.37 12.39 9.77
CA THR D 204 27.29 11.64 8.53
C THR D 204 28.57 10.91 8.19
N GLN D 205 29.62 11.08 8.99
CA GLN D 205 30.92 10.45 8.76
C GLN D 205 31.45 10.84 7.37
N THR D 206 31.45 12.14 7.10
CA THR D 206 31.83 12.68 5.80
C THR D 206 32.92 13.72 5.97
N PHE D 207 33.74 13.87 4.94
CA PHE D 207 34.55 15.07 4.79
C PHE D 207 33.65 16.23 4.38
N VAL D 208 33.84 17.38 5.01
CA VAL D 208 33.00 18.54 4.76
C VAL D 208 33.86 19.68 4.24
N LEU D 209 33.44 20.25 3.12
CA LEU D 209 34.04 21.47 2.57
C LEU D 209 33.09 22.62 2.92
N MET D 210 33.49 23.43 3.91
CA MET D 210 32.67 24.54 4.37
C MET D 210 33.06 25.79 3.61
N THR D 211 32.17 26.28 2.76
CA THR D 211 32.42 27.45 1.93
C THR D 211 31.47 28.57 2.33
N SER D 212 32.03 29.74 2.58
CA SER D 212 31.25 30.93 2.91
C SER D 212 31.66 32.07 2.01
N SER D 213 30.77 33.04 1.90
CA SER D 213 31.02 34.24 1.12
C SER D 213 31.52 35.34 2.05
N ILE D 214 31.66 36.54 1.51
CA ILE D 214 32.08 37.71 2.27
C ILE D 214 31.29 38.91 1.77
N TYR D 215 31.44 40.04 2.46
CA TYR D 215 30.76 41.28 2.10
C TYR D 215 31.76 42.23 1.47
N THR D 216 31.39 42.79 0.33
CA THR D 216 32.18 43.82 -0.32
C THR D 216 31.50 45.18 -0.15
N GLU D 217 32.19 46.22 -0.59
CA GLU D 217 31.64 47.56 -0.50
C GLU D 217 30.60 47.82 -1.56
N GLU D 218 30.72 47.20 -2.73
CA GLU D 218 29.74 47.42 -3.80
C GLU D 218 28.36 46.96 -3.37
N MET D 219 28.28 45.80 -2.72
CA MET D 219 27.00 45.32 -2.20
C MET D 219 26.42 46.31 -1.21
N LYS D 220 27.24 46.77 -0.26
CA LYS D 220 26.76 47.70 0.75
C LYS D 220 26.24 48.99 0.12
N GLU D 221 26.97 49.52 -0.85
CA GLU D 221 26.53 50.73 -1.53
C GLU D 221 25.21 50.50 -2.26
N MET D 222 25.07 49.33 -2.89
CA MET D 222 23.87 49.06 -3.67
C MET D 222 22.63 48.94 -2.78
N ILE D 223 22.72 48.22 -1.66
CA ILE D 223 21.52 47.89 -0.91
C ILE D 223 21.26 48.77 0.31
N CYS D 224 22.26 49.50 0.79
CA CYS D 224 22.10 50.34 1.99
C CYS D 224 21.80 51.76 1.54
N LEU D 225 20.51 52.10 1.49
CA LEU D 225 20.06 53.39 0.99
C LEU D 225 19.86 54.43 2.07
N THR D 226 19.93 54.05 3.35
CA THR D 226 19.93 55.00 4.46
C THR D 226 21.16 54.77 5.31
N GLN D 227 21.37 55.65 6.28
CA GLN D 227 22.44 55.45 7.24
C GLN D 227 22.08 54.39 8.29
N GLU D 228 20.80 54.30 8.66
CA GLU D 228 20.40 53.26 9.61
C GLU D 228 20.62 51.88 9.02
N GLN D 229 20.26 51.71 7.75
CA GLN D 229 20.54 50.44 7.08
C GLN D 229 22.03 50.19 7.00
N ARG D 230 22.81 51.23 6.71
CA ARG D 230 24.26 51.06 6.67
C ARG D 230 24.79 50.56 8.01
N ASP D 231 24.41 51.23 9.09
CA ASP D 231 24.88 50.84 10.42
C ASP D 231 24.44 49.42 10.76
N TYR D 232 23.18 49.08 10.46
CA TYR D 232 22.69 47.75 10.83
C TYR D 232 23.40 46.66 10.03
N PHE D 233 23.57 46.86 8.73
CA PHE D 233 24.25 45.85 7.92
C PHE D 233 25.73 45.76 8.28
N GLU D 234 26.35 46.85 8.76
CA GLU D 234 27.76 46.79 9.09
C GLU D 234 28.04 45.87 10.29
N THR D 235 27.02 45.57 11.09
CA THR D 235 27.20 44.71 12.25
C THR D 235 27.10 43.23 11.92
N PHE D 236 26.86 42.87 10.67
CA PHE D 236 26.69 41.47 10.31
C PHE D 236 28.01 40.72 10.43
N LYS D 237 27.98 39.59 11.13
CA LYS D 237 29.19 38.81 11.33
C LYS D 237 29.59 38.10 10.03
N SER D 238 30.85 37.73 9.95
CA SER D 238 31.43 37.15 8.75
C SER D 238 31.56 35.64 8.88
N GLY D 239 31.35 34.93 7.77
CA GLY D 239 31.46 33.49 7.75
C GLY D 239 32.89 33.00 7.65
N HIS D 240 33.04 31.69 7.66
CA HIS D 240 34.34 31.03 7.64
C HIS D 240 34.35 29.97 6.56
N THR D 241 35.53 29.74 6.01
CA THR D 241 35.76 28.69 5.04
C THR D 241 36.82 27.74 5.58
N CYS D 242 36.51 26.45 5.56
CA CYS D 242 37.41 25.45 6.09
C CYS D 242 37.02 24.10 5.51
N ILE D 243 37.87 23.11 5.75
CA ILE D 243 37.61 21.73 5.36
C ILE D 243 37.82 20.86 6.59
N TYR D 244 36.85 19.98 6.86
CA TYR D 244 36.88 19.12 8.02
C TYR D 244 36.94 17.66 7.59
N GLY D 245 37.51 16.82 8.46
CA GLY D 245 37.52 15.40 8.24
C GLY D 245 36.33 14.72 8.87
N PRO D 246 36.23 13.40 8.71
CA PRO D 246 35.07 12.67 9.27
C PRO D 246 35.01 12.69 10.78
N ASP D 247 36.03 13.17 11.48
CA ASP D 247 35.99 13.30 12.93
C ASP D 247 35.58 14.69 13.40
N GLY D 248 35.31 15.62 12.49
CA GLY D 248 34.99 16.98 12.85
C GLY D 248 36.20 17.88 13.05
N GLU D 249 37.42 17.34 12.94
CA GLU D 249 38.62 18.15 13.10
C GLU D 249 39.02 18.79 11.77
N PRO D 250 39.45 20.04 11.76
CA PRO D 250 39.89 20.67 10.51
C PRO D 250 41.11 19.96 9.94
N ILE D 251 41.14 19.86 8.61
CA ILE D 251 42.29 19.31 7.90
C ILE D 251 42.91 20.30 6.93
N SER D 252 42.30 21.47 6.73
CA SER D 252 42.87 22.54 5.92
C SER D 252 43.06 23.76 6.79
N ASP D 253 43.63 24.81 6.19
CA ASP D 253 43.82 26.07 6.88
C ASP D 253 42.62 26.97 6.67
N MET D 254 42.22 27.69 7.71
CA MET D 254 41.12 28.62 7.60
C MET D 254 41.56 29.82 6.78
N VAL D 255 40.75 30.19 5.79
CA VAL D 255 41.05 31.40 5.02
C VAL D 255 40.89 32.61 5.93
N PRO D 256 41.75 33.63 5.83
CA PRO D 256 41.61 34.78 6.71
C PRO D 256 40.23 35.42 6.58
N ALA D 257 39.74 35.94 7.70
CA ALA D 257 38.40 36.51 7.74
C ALA D 257 38.24 37.65 6.75
N GLU D 258 37.11 37.67 6.06
CA GLU D 258 36.72 38.73 5.14
C GLU D 258 37.73 38.93 4.02
N THR D 259 38.55 37.93 3.74
CA THR D 259 39.54 37.97 2.68
C THR D 259 39.25 36.87 1.67
N GLU D 260 39.39 37.20 0.39
CA GLU D 260 39.23 36.21 -0.66
C GLU D 260 40.36 35.18 -0.59
N GLY D 261 40.02 33.92 -0.81
CA GLY D 261 41.02 32.88 -0.78
C GLY D 261 40.36 31.55 -1.03
N ILE D 262 41.20 30.51 -1.08
CA ILE D 262 40.75 29.15 -1.30
C ILE D 262 41.48 28.24 -0.32
N ALA D 263 40.73 27.35 0.31
CA ALA D 263 41.28 26.36 1.25
C ALA D 263 41.42 25.03 0.53
N TYR D 264 42.59 24.40 0.69
CA TYR D 264 42.89 23.14 0.04
C TYR D 264 43.14 22.05 1.07
N ALA D 265 42.73 20.84 0.74
CA ALA D 265 42.94 19.69 1.63
C ALA D 265 43.06 18.42 0.80
N GLU D 266 43.68 17.42 1.39
CA GLU D 266 43.81 16.10 0.81
C GLU D 266 42.74 15.21 1.42
N ILE D 267 41.79 14.77 0.61
CA ILE D 267 40.67 13.97 1.06
C ILE D 267 41.00 12.51 0.79
N ASP D 268 41.06 11.72 1.85
CA ASP D 268 41.25 10.27 1.76
C ASP D 268 39.92 9.63 2.14
N VAL D 269 39.14 9.24 1.14
CA VAL D 269 37.83 8.67 1.40
C VAL D 269 37.95 7.40 2.22
N GLU D 270 39.11 6.76 2.23
CA GLU D 270 39.31 5.56 3.01
C GLU D 270 39.16 5.81 4.51
N ARG D 271 39.23 7.07 4.95
CA ARG D 271 39.10 7.36 6.37
C ARG D 271 37.70 7.05 6.89
N VAL D 272 36.67 7.28 6.08
CA VAL D 272 35.30 7.12 6.54
C VAL D 272 35.06 5.74 7.11
N ILE D 273 35.88 4.75 6.76
CA ILE D 273 35.71 3.40 7.31
C ILE D 273 36.01 3.40 8.80
N ASP D 274 36.99 4.19 9.24
CA ASP D 274 37.34 4.23 10.65
C ASP D 274 36.20 4.80 11.49
N TYR D 275 35.34 5.61 10.89
CA TYR D 275 34.28 6.26 11.63
C TYR D 275 32.91 5.62 11.40
N LYS D 276 32.75 4.85 10.32
CA LYS D 276 31.62 3.95 10.24
C LYS D 276 31.73 2.85 11.29
N TYR D 277 32.96 2.52 11.68
CA TYR D 277 33.16 1.57 12.78
C TYR D 277 32.45 2.03 14.04
N TYR D 278 32.51 3.33 14.33
CA TYR D 278 31.90 3.87 15.54
C TYR D 278 30.39 4.00 15.38
N ILE D 279 29.96 4.77 14.40
CA ILE D 279 28.59 5.22 14.30
C ILE D 279 28.18 5.25 12.84
N ASP D 280 26.93 4.89 12.58
CA ASP D 280 26.34 4.97 11.25
C ASP D 280 24.83 5.03 11.42
N PRO D 281 24.27 6.21 11.68
CA PRO D 281 22.87 6.27 12.11
C PRO D 281 21.88 5.65 11.14
N ALA D 282 22.20 5.59 9.86
CA ALA D 282 21.34 4.95 8.87
C ALA D 282 21.61 3.46 8.74
N GLY D 283 22.56 2.93 9.49
CA GLY D 283 22.92 1.52 9.41
C GLY D 283 22.85 0.81 10.74
N HIS D 284 24.00 0.31 11.22
CA HIS D 284 24.04 -0.48 12.45
C HIS D 284 23.67 0.33 13.69
N TYR D 285 23.81 1.66 13.66
CA TYR D 285 23.58 2.49 14.84
C TYR D 285 22.17 3.06 14.79
N SER D 286 21.19 2.17 14.95
CA SER D 286 19.79 2.56 14.80
C SER D 286 18.92 1.73 15.73
N ASN D 287 17.65 2.11 15.79
CA ASN D 287 16.63 1.42 16.55
C ASN D 287 15.40 1.24 15.68
N GLN D 288 14.79 0.05 15.72
CA GLN D 288 13.64 -0.23 14.87
C GLN D 288 12.45 0.67 15.19
N SER D 289 12.44 1.29 16.37
CA SER D 289 11.32 2.16 16.72
C SER D 289 11.33 3.47 15.95
N LEU D 290 12.49 3.92 15.48
CA LEU D 290 12.62 5.18 14.78
C LEU D 290 13.02 4.93 13.34
N SER D 291 12.27 5.50 12.41
CA SER D 291 12.58 5.40 10.99
C SER D 291 12.11 6.67 10.31
N MET D 292 12.48 6.82 9.05
CA MET D 292 12.19 8.02 8.29
C MET D 292 11.65 7.64 6.92
N ASN D 293 10.64 8.38 6.47
CA ASN D 293 10.11 8.24 5.12
C ASN D 293 10.79 9.27 4.22
N PHE D 294 11.48 8.78 3.20
CA PHE D 294 12.15 9.63 2.21
C PHE D 294 11.38 9.50 0.91
N ASN D 295 10.54 10.50 0.63
CA ASN D 295 9.72 10.51 -0.57
C ASN D 295 10.49 11.21 -1.68
N GLN D 296 10.90 10.45 -2.70
CA GLN D 296 11.74 10.97 -3.76
C GLN D 296 10.97 11.25 -5.05
N GLN D 297 9.64 11.15 -5.02
CA GLN D 297 8.87 11.45 -6.21
C GLN D 297 8.95 12.94 -6.53
N PRO D 298 9.04 13.32 -7.80
CA PRO D 298 8.94 14.74 -8.13
C PRO D 298 7.60 15.31 -7.73
N THR D 299 7.60 16.55 -7.26
CA THR D 299 6.38 17.23 -6.81
C THR D 299 6.27 18.60 -7.48
N PRO D 300 6.22 18.66 -8.80
CA PRO D 300 5.83 19.91 -9.46
C PRO D 300 4.35 20.17 -9.32
N VAL D 301 3.98 21.44 -9.35
CA VAL D 301 2.57 21.79 -9.24
C VAL D 301 1.78 21.15 -10.38
N VAL D 302 2.30 21.24 -11.60
CA VAL D 302 1.63 20.72 -12.79
C VAL D 302 2.52 19.66 -13.41
N LYS D 303 2.01 18.44 -13.48
CA LYS D 303 2.69 17.37 -14.19
C LYS D 303 2.23 17.39 -15.65
N HIS D 304 3.16 17.55 -16.56
CA HIS D 304 2.86 17.45 -17.98
C HIS D 304 2.86 16.00 -18.41
N LEU D 305 1.89 15.63 -19.24
CA LEU D 305 1.78 14.29 -19.80
C LEU D 305 1.75 14.42 -21.31
N ASN D 306 2.76 13.83 -21.96
CA ASN D 306 2.85 13.81 -23.42
C ASN D 306 2.98 15.23 -23.98
N HIS D 307 3.98 15.95 -23.49
CA HIS D 307 4.21 17.32 -23.92
C HIS D 307 4.48 17.37 -25.43
N GLN D 308 3.94 18.39 -26.09
CA GLN D 308 4.04 18.52 -27.53
C GLN D 308 4.46 19.95 -27.90
N LYS D 309 5.08 20.08 -29.08
CA LYS D 309 5.48 21.37 -29.61
C LYS D 309 4.44 21.87 -30.61
N ASN D 310 4.26 23.21 -30.63
CA ASN D 310 3.45 23.87 -31.66
C ASN D 310 4.08 23.69 -33.04
N GLU D 311 3.25 23.32 -34.01
CA GLU D 311 3.66 23.20 -35.41
C GLU D 311 3.21 24.46 -36.14
N VAL D 312 4.14 25.38 -36.35
CA VAL D 312 3.81 26.65 -36.99
C VAL D 312 3.50 26.42 -38.45
N PHE D 313 2.36 26.94 -38.90
CA PHE D 313 1.97 26.92 -40.31
C PHE D 313 2.61 28.14 -40.97
N THR D 314 3.60 27.89 -41.83
CA THR D 314 4.36 28.98 -42.42
C THR D 314 3.45 29.93 -43.20
N TYR D 315 3.92 31.16 -43.36
CA TYR D 315 3.11 32.20 -44.00
C TYR D 315 2.75 31.85 -45.43
N GLU D 316 3.58 31.07 -46.11
CA GLU D 316 3.42 30.85 -47.54
C GLU D 316 1.96 30.52 -47.87
N ASP D 317 1.33 31.41 -48.64
CA ASP D 317 -0.10 31.38 -48.90
C ASP D 317 -0.40 30.25 -49.89
N ILE D 318 -0.71 29.07 -49.35
CA ILE D 318 -1.03 27.88 -50.14
C ILE D 318 -2.13 27.11 -49.43
N GLN D 319 -3.09 26.61 -50.20
CA GLN D 319 -4.17 25.80 -49.65
C GLN D 319 -4.02 24.34 -50.02
N THR E 1 -30.73 13.08 1.53
CA THR E 1 -29.73 14.17 1.67
C THR E 1 -29.95 15.25 0.61
N SER E 2 -28.99 16.16 0.48
CA SER E 2 -29.08 17.31 -0.44
C SER E 2 -30.28 18.20 -0.06
N ILE E 3 -30.12 18.85 1.09
CA ILE E 3 -31.04 19.90 1.52
C ILE E 3 -30.54 21.24 0.99
N TYR E 4 -31.45 22.20 0.87
CA TYR E 4 -31.13 23.55 0.37
C TYR E 4 -31.71 24.58 1.33
N PRO E 5 -31.11 24.73 2.51
CA PRO E 5 -31.73 25.53 3.57
C PRO E 5 -31.71 27.03 3.28
N LYS E 6 -32.58 27.73 3.99
CA LYS E 6 -32.60 29.20 4.01
C LYS E 6 -32.30 29.65 5.43
N PHE E 7 -31.24 30.44 5.58
CA PHE E 7 -30.81 30.92 6.88
C PHE E 7 -30.28 32.34 6.72
N ARG E 8 -29.85 32.92 7.83
CA ARG E 8 -29.32 34.27 7.88
C ARG E 8 -27.86 34.23 8.30
N ALA E 9 -27.03 34.99 7.61
CA ALA E 9 -25.60 35.02 7.84
C ALA E 9 -25.18 36.40 8.32
N ALA E 10 -24.11 36.43 9.11
CA ALA E 10 -23.51 37.68 9.57
C ALA E 10 -22.01 37.64 9.34
N ALA E 11 -21.49 38.66 8.67
CA ALA E 11 -20.07 38.81 8.41
C ALA E 11 -19.57 40.02 9.20
N VAL E 12 -18.70 39.77 10.17
CA VAL E 12 -18.29 40.80 11.13
C VAL E 12 -17.09 41.55 10.58
N GLN E 13 -17.15 42.88 10.65
CA GLN E 13 -15.99 43.75 10.45
C GLN E 13 -15.63 44.36 11.79
N ALA E 14 -14.43 44.03 12.28
CA ALA E 14 -14.01 44.47 13.60
C ALA E 14 -12.50 44.36 13.70
N ALA E 15 -11.96 44.87 14.79
CA ALA E 15 -10.55 44.72 15.11
C ALA E 15 -10.40 44.15 16.51
N PRO E 16 -9.35 43.37 16.74
CA PRO E 16 -9.16 42.79 18.07
C PRO E 16 -8.49 43.75 19.03
N ILE E 17 -8.16 43.28 20.23
CA ILE E 17 -7.27 43.99 21.13
C ILE E 17 -5.87 43.47 20.82
N TYR E 18 -5.11 44.25 20.06
CA TYR E 18 -3.96 43.74 19.33
C TYR E 18 -3.01 42.96 20.21
N LEU E 19 -2.78 41.70 19.86
CA LEU E 19 -1.85 40.81 20.55
C LEU E 19 -2.23 40.65 22.02
N ASN E 20 -3.53 40.60 22.30
CA ASN E 20 -4.05 40.36 23.65
C ASN E 20 -5.11 39.26 23.51
N LEU E 21 -4.70 38.01 23.73
CA LEU E 21 -5.56 36.89 23.40
C LEU E 21 -6.86 36.92 24.18
N GLU E 22 -6.79 37.19 25.49
CA GLU E 22 -8.00 37.12 26.31
C GLU E 22 -8.99 38.22 25.94
N ALA E 23 -8.50 39.45 25.80
CA ALA E 23 -9.38 40.56 25.43
C ALA E 23 -9.95 40.37 24.03
N SER E 24 -9.14 39.87 23.09
CA SER E 24 -9.65 39.61 21.75
C SER E 24 -10.71 38.52 21.78
N VAL E 25 -10.52 37.50 22.61
CA VAL E 25 -11.51 36.43 22.70
C VAL E 25 -12.81 36.96 23.28
N GLU E 26 -12.73 37.83 24.27
CA GLU E 26 -13.96 38.37 24.85
C GLU E 26 -14.67 39.30 23.85
N LYS E 27 -13.91 40.05 23.06
CA LYS E 27 -14.54 40.85 22.02
C LYS E 27 -15.23 39.95 20.99
N SER E 28 -14.62 38.81 20.67
CA SER E 28 -15.26 37.85 19.79
C SER E 28 -16.55 37.31 20.39
N CYS E 29 -16.53 37.03 21.69
CA CYS E 29 -17.75 36.58 22.37
C CYS E 29 -18.87 37.61 22.23
N GLU E 30 -18.54 38.88 22.47
CA GLU E 30 -19.56 39.93 22.36
C GLU E 30 -20.09 40.04 20.93
N LEU E 31 -19.20 39.96 19.94
CA LEU E 31 -19.64 40.06 18.55
C LEU E 31 -20.53 38.89 18.17
N ILE E 32 -20.18 37.68 18.61
CA ILE E 32 -21.03 36.52 18.35
C ILE E 32 -22.39 36.73 18.98
N ASP E 33 -22.42 37.21 20.22
CA ASP E 33 -23.69 37.46 20.90
C ASP E 33 -24.54 38.42 20.09
N GLU E 34 -23.97 39.54 19.63
CA GLU E 34 -24.75 40.52 18.88
C GLU E 34 -25.24 39.94 17.56
N ALA E 35 -24.36 39.25 16.82
CA ALA E 35 -24.75 38.72 15.52
C ALA E 35 -25.89 37.72 15.67
N ALA E 36 -25.82 36.86 16.68
CA ALA E 36 -26.90 35.90 16.88
C ALA E 36 -28.17 36.58 17.39
N SER E 37 -28.03 37.63 18.19
CA SER E 37 -29.21 38.38 18.61
C SER E 37 -29.91 39.02 17.43
N ASN E 38 -29.16 39.34 16.38
CA ASN E 38 -29.77 39.83 15.14
C ASN E 38 -30.23 38.71 14.21
N GLY E 39 -30.37 37.49 14.72
CA GLY E 39 -30.93 36.39 13.94
C GLY E 39 -29.95 35.67 13.06
N ALA E 40 -28.66 35.96 13.13
CA ALA E 40 -27.68 35.28 12.30
C ALA E 40 -27.45 33.87 12.82
N LYS E 41 -27.42 32.90 11.89
CA LYS E 41 -27.11 31.53 12.23
C LYS E 41 -25.66 31.16 11.91
N LEU E 42 -24.97 31.97 11.12
CA LEU E 42 -23.55 31.81 10.85
C LEU E 42 -22.86 33.14 11.09
N VAL E 43 -21.74 33.12 11.80
CA VAL E 43 -20.93 34.31 12.05
C VAL E 43 -19.52 34.02 11.59
N ALA E 44 -18.95 34.94 10.83
CA ALA E 44 -17.59 34.83 10.31
C ALA E 44 -16.78 36.03 10.76
N PHE E 45 -15.48 35.82 10.94
CA PHE E 45 -14.57 36.82 11.49
C PHE E 45 -13.42 37.09 10.53
N PRO E 46 -12.76 38.24 10.66
CA PRO E 46 -11.60 38.55 9.81
C PRO E 46 -10.47 37.55 9.94
N GLU E 47 -9.43 37.73 9.12
CA GLU E 47 -8.29 36.81 9.11
C GLU E 47 -7.35 37.12 10.26
N ALA E 48 -6.88 36.05 10.91
CA ALA E 48 -5.93 36.16 12.01
C ALA E 48 -6.47 37.07 13.12
N PHE E 49 -7.78 36.98 13.35
CA PHE E 49 -8.43 37.88 14.29
C PHE E 49 -7.91 37.67 15.71
N LEU E 50 -7.71 36.43 16.11
CA LEU E 50 -7.22 36.11 17.45
C LEU E 50 -5.75 35.76 17.38
N PRO E 51 -4.83 36.54 17.98
CA PRO E 51 -5.00 37.81 18.68
C PRO E 51 -4.83 39.02 17.79
N GLY E 52 -4.43 38.85 16.52
CA GLY E 52 -4.31 39.97 15.61
C GLY E 52 -3.37 39.71 14.46
N TYR E 53 -3.63 40.32 13.31
CA TYR E 53 -2.78 40.12 12.15
C TYR E 53 -1.41 40.75 12.37
N PRO E 54 -0.32 40.05 12.07
CA PRO E 54 1.03 40.60 12.36
C PRO E 54 1.45 41.68 11.38
N TRP E 55 0.86 42.86 11.54
CA TRP E 55 1.20 43.99 10.66
C TRP E 55 2.64 44.42 10.81
N PHE E 56 3.27 44.13 11.95
CA PHE E 56 4.66 44.51 12.15
C PHE E 56 5.58 43.85 11.14
N ALA E 57 5.20 42.67 10.64
CA ALA E 57 6.04 41.97 9.68
C ALA E 57 6.21 42.72 8.38
N PHE E 58 5.36 43.71 8.10
CA PHE E 58 5.37 44.42 6.83
C PHE E 58 5.98 45.80 6.90
N ILE E 59 6.45 46.25 8.06
CA ILE E 59 6.94 47.62 8.20
C ILE E 59 8.31 47.63 8.85
N GLY E 60 8.98 46.49 8.89
CA GLY E 60 10.32 46.41 9.41
C GLY E 60 11.02 45.19 8.89
N HIS E 61 12.22 44.95 9.40
CA HIS E 61 13.03 43.81 8.98
C HIS E 61 12.87 42.65 9.96
N PRO E 62 13.41 41.48 9.63
CA PRO E 62 13.14 40.30 10.46
C PRO E 62 13.52 40.45 11.92
N GLU E 63 14.58 41.20 12.24
CA GLU E 63 14.97 41.33 13.64
C GLU E 63 14.01 42.23 14.40
N TYR E 64 13.42 43.21 13.73
CA TYR E 64 12.35 43.99 14.35
C TYR E 64 11.08 43.15 14.48
N THR E 65 10.86 42.22 13.54
CA THR E 65 9.71 41.33 13.61
C THR E 65 9.85 40.31 14.74
N ARG E 66 11.08 39.97 15.11
CA ARG E 66 11.31 39.04 16.22
C ARG E 66 10.61 39.51 17.49
N LYS E 67 10.76 40.80 17.81
CA LYS E 67 10.21 41.32 19.06
C LYS E 67 8.73 41.04 19.17
N PHE E 68 7.96 41.41 18.14
CA PHE E 68 6.51 41.27 18.22
C PHE E 68 6.06 39.85 17.93
N TYR E 69 6.84 39.07 17.19
CA TYR E 69 6.56 37.65 17.09
C TYR E 69 6.61 37.00 18.46
N HIS E 70 7.48 37.49 19.34
CA HIS E 70 7.51 37.00 20.71
C HIS E 70 6.13 37.12 21.36
N GLU E 71 5.54 38.32 21.30
CA GLU E 71 4.26 38.55 21.94
C GLU E 71 3.13 37.79 21.23
N LEU E 72 3.17 37.73 19.91
CA LEU E 72 2.17 36.95 19.18
C LEU E 72 2.25 35.48 19.59
N TYR E 73 3.46 34.95 19.70
CA TYR E 73 3.66 33.57 20.13
C TYR E 73 3.07 33.34 21.50
N LYS E 74 3.32 34.27 22.43
CA LYS E 74 2.77 34.12 23.78
C LYS E 74 1.25 34.23 23.79
N ASN E 75 0.65 34.73 22.72
CA ASN E 75 -0.79 34.95 22.67
C ASN E 75 -1.46 34.13 21.57
N ALA E 76 -0.80 33.08 21.10
CA ALA E 76 -1.38 32.22 20.10
C ALA E 76 -2.40 31.28 20.74
N VAL E 77 -3.26 30.71 19.90
CA VAL E 77 -4.34 29.86 20.34
C VAL E 77 -3.88 28.41 20.31
N GLU E 78 -4.00 27.72 21.42
CA GLU E 78 -3.73 26.30 21.50
C GLU E 78 -5.03 25.50 21.47
N ILE E 79 -4.89 24.19 21.26
CA ILE E 79 -6.02 23.27 21.25
C ILE E 79 -5.68 22.07 22.11
N PRO E 80 -6.31 21.87 23.27
CA PRO E 80 -7.35 22.70 23.91
C PRO E 80 -6.79 23.97 24.55
N SER E 81 -7.66 24.94 24.83
CA SER E 81 -7.23 26.16 25.49
C SER E 81 -8.48 26.88 25.99
N LEU E 82 -8.26 27.92 26.78
CA LEU E 82 -9.38 28.69 27.31
C LEU E 82 -10.11 29.46 26.23
N ALA E 83 -9.38 29.96 25.21
CA ALA E 83 -10.04 30.64 24.10
C ALA E 83 -10.96 29.70 23.34
N ILE E 84 -10.52 28.46 23.13
CA ILE E 84 -11.37 27.48 22.46
C ILE E 84 -12.62 27.22 23.29
N GLN E 85 -12.46 27.07 24.60
CA GLN E 85 -13.62 26.85 25.47
C GLN E 85 -14.59 28.01 25.40
N LYS E 86 -14.08 29.23 25.40
CA LYS E 86 -14.96 30.39 25.42
C LYS E 86 -15.67 30.58 24.09
N ILE E 87 -14.99 30.34 22.98
CA ILE E 87 -15.64 30.43 21.69
C ILE E 87 -16.69 29.32 21.55
N SER E 88 -16.37 28.12 22.04
CA SER E 88 -17.35 27.04 21.99
C SER E 88 -18.57 27.38 22.83
N GLU E 89 -18.37 27.97 24.00
CA GLU E 89 -19.49 28.35 24.85
C GLU E 89 -20.34 29.43 24.19
N ALA E 90 -19.69 30.42 23.55
CA ALA E 90 -20.46 31.45 22.87
C ALA E 90 -21.26 30.87 21.73
N ALA E 91 -20.66 29.97 20.95
CA ALA E 91 -21.38 29.33 19.85
C ALA E 91 -22.58 28.54 20.35
N LYS E 92 -22.39 27.75 21.42
CA LYS E 92 -23.49 26.94 21.93
C LYS E 92 -24.58 27.81 22.53
N ARG E 93 -24.21 28.84 23.29
CA ARG E 93 -25.21 29.71 23.91
C ARG E 93 -26.04 30.41 22.85
N ASN E 94 -25.40 30.86 21.78
CA ASN E 94 -26.11 31.58 20.73
C ASN E 94 -26.67 30.67 19.66
N GLU E 95 -26.31 29.39 19.66
CA GLU E 95 -26.80 28.42 18.68
C GLU E 95 -26.52 28.89 17.26
N THR E 96 -25.30 29.36 17.04
CA THR E 96 -24.83 29.74 15.71
C THR E 96 -23.69 28.85 15.29
N TYR E 97 -23.41 28.85 14.00
CA TYR E 97 -22.14 28.38 13.47
C TYR E 97 -21.16 29.54 13.51
N VAL E 98 -19.93 29.26 13.93
CA VAL E 98 -18.89 30.28 14.03
C VAL E 98 -17.70 29.85 13.20
N CYS E 99 -17.21 30.75 12.36
CA CYS E 99 -15.92 30.63 11.71
C CYS E 99 -15.05 31.76 12.23
N ILE E 100 -13.99 31.42 12.95
CA ILE E 100 -13.10 32.41 13.55
C ILE E 100 -11.67 32.06 13.17
N SER E 101 -10.93 33.06 12.74
CA SER E 101 -9.54 32.89 12.35
C SER E 101 -8.62 33.32 13.49
N CYS E 102 -7.48 32.66 13.60
CA CYS E 102 -6.61 32.85 14.76
C CYS E 102 -5.20 32.41 14.41
N SER E 103 -4.26 32.74 15.30
CA SER E 103 -2.92 32.18 15.26
C SER E 103 -2.90 30.92 16.10
N GLU E 104 -2.58 29.79 15.46
CA GLU E 104 -2.68 28.49 16.10
C GLU E 104 -1.28 27.98 16.44
N LYS E 105 -1.08 27.64 17.71
CA LYS E 105 0.18 27.07 18.17
C LYS E 105 0.04 25.57 18.25
N ASP E 106 0.91 24.85 17.54
CA ASP E 106 0.90 23.40 17.51
C ASP E 106 2.34 22.94 17.74
N GLY E 107 2.64 22.56 18.98
CA GLY E 107 4.00 22.26 19.36
C GLY E 107 4.81 23.52 19.55
N GLY E 108 5.85 23.69 18.73
CA GLY E 108 6.70 24.87 18.79
C GLY E 108 6.53 25.85 17.67
N SER E 109 5.51 25.73 16.82
CA SER E 109 5.36 26.57 15.65
C SER E 109 3.96 27.19 15.63
N LEU E 110 3.84 28.29 14.89
CA LEU E 110 2.60 29.00 14.72
C LEU E 110 1.99 28.72 13.36
N TYR E 111 0.66 28.69 13.31
CA TYR E 111 -0.09 28.48 12.08
C TYR E 111 -1.25 29.45 12.05
N LEU E 112 -1.79 29.66 10.86
CA LEU E 112 -2.97 30.49 10.67
C LEU E 112 -4.13 29.57 10.30
N ALA E 113 -5.18 29.57 11.13
CA ALA E 113 -6.26 28.61 10.98
C ALA E 113 -7.61 29.30 11.13
N GLN E 114 -8.58 28.79 10.38
CA GLN E 114 -9.98 29.12 10.59
C GLN E 114 -10.62 28.00 11.40
N LEU E 115 -11.16 28.34 12.56
CA LEU E 115 -11.73 27.36 13.48
C LEU E 115 -13.24 27.42 13.39
N TRP E 116 -13.87 26.25 13.24
CA TRP E 116 -15.29 26.15 13.00
C TRP E 116 -15.99 25.55 14.21
N PHE E 117 -17.06 26.20 14.66
CA PHE E 117 -17.88 25.71 15.74
C PHE E 117 -19.33 25.64 15.27
N ASN E 118 -20.07 24.68 15.81
CA ASN E 118 -21.46 24.44 15.46
C ASN E 118 -22.38 24.81 16.62
N PRO E 119 -23.70 24.81 16.40
CA PRO E 119 -24.62 25.27 17.44
C PRO E 119 -24.56 24.46 18.73
N ASN E 120 -23.99 23.25 18.71
CA ASN E 120 -23.80 22.49 19.93
C ASN E 120 -22.56 22.88 20.69
N GLY E 121 -21.68 23.68 20.09
CA GLY E 121 -20.42 24.05 20.70
C GLY E 121 -19.22 23.24 20.26
N ASP E 122 -19.43 22.20 19.45
CA ASP E 122 -18.32 21.36 19.04
C ASP E 122 -17.35 22.14 18.16
N LEU E 123 -16.09 21.70 18.18
CA LEU E 123 -15.08 22.21 17.24
C LEU E 123 -15.08 21.24 16.06
N ILE E 124 -15.85 21.57 15.03
CA ILE E 124 -16.09 20.63 13.95
C ILE E 124 -14.90 20.48 13.01
N GLY E 125 -13.98 21.44 12.99
CA GLY E 125 -12.80 21.30 12.18
C GLY E 125 -12.00 22.58 12.14
N LYS E 126 -10.94 22.55 11.33
CA LYS E 126 -10.08 23.71 11.17
C LYS E 126 -9.39 23.64 9.82
N HIS E 127 -9.13 24.81 9.24
CA HIS E 127 -8.43 24.95 7.98
C HIS E 127 -7.18 25.79 8.21
N ARG E 128 -6.01 25.18 8.07
CA ARG E 128 -4.75 25.92 8.10
C ARG E 128 -4.47 26.50 6.72
N LYS E 129 -4.03 27.76 6.70
CA LYS E 129 -3.70 28.40 5.42
C LYS E 129 -2.67 27.57 4.67
N MET E 130 -2.94 27.32 3.39
CA MET E 130 -2.12 26.39 2.64
C MET E 130 -0.71 26.94 2.42
N ARG E 131 -0.59 28.24 2.17
CA ARG E 131 0.70 28.87 1.95
C ARG E 131 0.63 30.28 2.49
N ALA E 132 1.63 30.67 3.28
CA ALA E 132 1.67 32.00 3.85
C ALA E 132 2.13 33.02 2.81
N SER E 133 1.68 34.26 2.97
CA SER E 133 2.01 35.33 2.05
C SER E 133 3.35 35.95 2.43
N VAL E 134 3.64 37.12 1.86
CA VAL E 134 5.04 37.50 1.63
C VAL E 134 5.81 37.58 2.95
N ALA E 135 5.29 38.32 3.93
CA ALA E 135 5.93 38.41 5.23
C ALA E 135 5.27 37.55 6.28
N GLU E 136 4.08 37.03 5.99
CA GLU E 136 3.49 35.99 6.83
C GLU E 136 4.38 34.77 6.91
N ARG E 137 5.28 34.59 5.95
CA ARG E 137 6.19 33.45 5.96
C ARG E 137 7.20 33.52 7.08
N LEU E 138 7.46 34.71 7.60
CA LEU E 138 8.28 34.85 8.79
C LEU E 138 7.56 34.42 10.06
N ILE E 139 6.24 34.22 9.99
CA ILE E 139 5.40 34.04 11.16
C ILE E 139 4.77 32.66 11.20
N TRP E 140 4.30 32.16 10.06
CA TRP E 140 3.41 31.00 10.01
C TRP E 140 3.97 29.91 9.12
N GLY E 141 3.74 28.67 9.50
CA GLY E 141 4.00 27.53 8.66
C GLY E 141 2.90 27.33 7.65
N ASP E 142 3.04 26.27 6.86
CA ASP E 142 2.10 25.96 5.80
C ASP E 142 1.12 24.89 6.24
N GLY E 143 -0.06 24.88 5.62
CA GLY E 143 -1.07 23.89 5.89
C GLY E 143 -0.87 22.62 5.08
N SER E 144 -1.86 21.74 5.18
CA SER E 144 -1.82 20.46 4.46
C SER E 144 -3.20 20.18 3.88
N GLY E 145 -3.23 19.28 2.89
CA GLY E 145 -4.47 18.93 2.25
C GLY E 145 -5.47 18.26 3.16
N SER E 146 -5.01 17.67 4.27
CA SER E 146 -5.90 17.09 5.26
C SER E 146 -6.71 18.13 6.01
N MET E 147 -6.35 19.42 5.90
CA MET E 147 -7.00 20.48 6.65
C MET E 147 -7.73 21.44 5.70
N MET E 148 -8.48 20.89 4.76
CA MET E 148 -9.32 21.68 3.85
C MET E 148 -10.75 21.17 3.93
N PRO E 149 -11.38 21.29 5.10
CA PRO E 149 -12.72 20.73 5.28
C PRO E 149 -13.80 21.48 4.51
N VAL E 150 -14.85 20.74 4.18
CA VAL E 150 -16.15 21.30 3.84
C VAL E 150 -17.17 20.57 4.69
N PHE E 151 -17.91 21.30 5.51
CA PHE E 151 -18.80 20.71 6.48
C PHE E 151 -20.21 20.63 5.91
N GLN E 152 -20.81 19.44 5.97
CA GLN E 152 -22.20 19.24 5.58
C GLN E 152 -23.05 19.46 6.81
N THR E 153 -23.44 20.70 7.02
CA THR E 153 -24.15 21.12 8.21
C THR E 153 -25.64 21.25 7.90
N ARG E 154 -26.40 21.77 8.87
CA ARG E 154 -27.82 21.98 8.70
C ARG E 154 -28.14 23.23 7.90
N ILE E 155 -27.14 24.05 7.58
CA ILE E 155 -27.34 25.28 6.83
C ILE E 155 -26.57 25.21 5.53
N GLY E 156 -26.40 24.00 4.99
CA GLY E 156 -25.69 23.82 3.74
C GLY E 156 -24.22 23.53 3.94
N ASN E 157 -23.56 23.27 2.81
CA ASN E 157 -22.13 22.96 2.84
C ASN E 157 -21.33 24.22 3.12
N LEU E 158 -20.42 24.14 4.09
CA LEU E 158 -19.68 25.29 4.58
C LEU E 158 -18.19 25.10 4.38
N GLY E 159 -17.50 26.22 4.17
CA GLY E 159 -16.05 26.17 4.02
C GLY E 159 -15.50 27.58 4.03
N GLY E 160 -14.18 27.66 3.98
CA GLY E 160 -13.54 28.97 4.04
C GLY E 160 -12.11 28.92 3.57
N LEU E 161 -11.62 30.09 3.16
CA LEU E 161 -10.24 30.29 2.79
C LEU E 161 -9.83 31.67 3.30
N MET E 162 -8.53 31.86 3.48
CA MET E 162 -7.99 33.08 4.06
C MET E 162 -7.24 33.86 3.01
N CYS E 163 -7.69 35.09 2.74
CA CYS E 163 -6.95 36.10 1.98
C CYS E 163 -6.57 35.53 0.62
N TRP E 164 -5.30 35.42 0.26
CA TRP E 164 -4.87 35.14 -1.10
C TRP E 164 -5.05 33.68 -1.50
N GLU E 165 -5.57 32.84 -0.60
CA GLU E 165 -5.95 31.49 -1.03
C GLU E 165 -7.03 31.54 -2.11
N HIS E 166 -7.76 32.64 -2.22
CA HIS E 166 -8.74 32.80 -3.30
C HIS E 166 -8.10 33.04 -4.65
N GLN E 167 -6.85 33.45 -4.68
CA GLN E 167 -6.12 33.67 -5.92
C GLN E 167 -5.30 32.46 -6.32
N VAL E 168 -5.46 31.33 -5.62
CA VAL E 168 -4.78 30.09 -5.95
C VAL E 168 -5.83 29.17 -6.59
N PRO E 169 -5.77 28.95 -7.91
CA PRO E 169 -6.84 28.17 -8.54
C PRO E 169 -7.01 26.77 -7.99
N LEU E 170 -5.93 26.12 -7.55
CA LEU E 170 -6.07 24.74 -7.06
C LEU E 170 -6.78 24.68 -5.73
N ASP E 171 -6.66 25.72 -4.89
CA ASP E 171 -7.46 25.79 -3.68
C ASP E 171 -8.95 25.90 -4.02
N LEU E 172 -9.27 26.71 -5.02
CA LEU E 172 -10.66 26.79 -5.50
C LEU E 172 -11.14 25.44 -6.00
N MET E 173 -10.29 24.72 -6.74
CA MET E 173 -10.68 23.40 -7.22
C MET E 173 -10.92 22.45 -6.07
N ALA E 174 -10.07 22.49 -5.05
CA ALA E 174 -10.26 21.64 -3.89
C ALA E 174 -11.58 21.93 -3.20
N MET E 175 -11.92 23.21 -3.07
CA MET E 175 -13.15 23.57 -2.36
C MET E 175 -14.38 23.23 -3.19
N ASN E 176 -14.31 23.42 -4.50
CA ASN E 176 -15.43 23.13 -5.38
C ASN E 176 -15.62 21.64 -5.63
N ALA E 177 -14.57 20.84 -5.49
CA ALA E 177 -14.71 19.39 -5.61
C ALA E 177 -15.58 18.83 -4.51
N GLN E 178 -15.57 19.45 -3.33
CA GLN E 178 -16.34 18.99 -2.19
C GLN E 178 -17.74 19.57 -2.14
N ASN E 179 -18.14 20.32 -3.17
CA ASN E 179 -19.51 20.84 -3.29
C ASN E 179 -19.81 21.85 -2.18
N GLU E 180 -18.87 22.77 -1.98
CA GLU E 180 -19.08 23.87 -1.05
C GLU E 180 -20.21 24.77 -1.52
N GLN E 181 -20.99 25.30 -0.58
CA GLN E 181 -22.17 26.09 -0.92
C GLN E 181 -22.16 27.45 -0.26
N VAL E 182 -21.62 27.55 0.96
CA VAL E 182 -21.51 28.82 1.68
C VAL E 182 -20.06 28.98 2.08
N HIS E 183 -19.44 30.06 1.64
CA HIS E 183 -18.01 30.27 1.80
C HIS E 183 -17.75 31.46 2.70
N VAL E 184 -16.73 31.33 3.55
CA VAL E 184 -16.25 32.42 4.40
C VAL E 184 -14.88 32.83 3.88
N ALA E 185 -14.75 34.09 3.49
CA ALA E 185 -13.51 34.63 2.96
C ALA E 185 -12.94 35.61 3.98
N SER E 186 -11.88 35.21 4.67
CA SER E 186 -11.27 36.02 5.71
C SER E 186 -10.10 36.81 5.13
N TRP E 187 -10.15 38.12 5.31
CA TRP E 187 -9.09 39.01 4.85
C TRP E 187 -8.62 39.87 6.00
N PRO E 188 -7.35 40.29 5.99
CA PRO E 188 -6.86 41.13 7.09
C PRO E 188 -7.11 42.61 6.88
N GLY E 189 -7.21 43.05 5.63
CA GLY E 189 -7.49 44.44 5.33
C GLY E 189 -6.58 45.08 4.31
N TYR E 190 -5.28 44.79 4.36
CA TYR E 190 -4.32 45.47 3.52
C TYR E 190 -4.34 45.00 2.07
N PHE E 191 -4.84 43.80 1.81
CA PHE E 191 -4.77 43.17 0.51
C PHE E 191 -6.08 43.37 -0.25
N ASP E 192 -6.05 43.02 -1.54
CA ASP E 192 -7.20 43.24 -2.41
C ASP E 192 -8.25 42.18 -2.14
N ASP E 193 -9.41 42.62 -1.64
CA ASP E 193 -10.45 41.71 -1.18
C ASP E 193 -11.59 41.55 -2.19
N GLU E 194 -12.07 42.64 -2.76
CA GLU E 194 -13.35 42.64 -3.45
C GLU E 194 -13.34 41.71 -4.66
N ILE E 195 -12.38 41.90 -5.55
CA ILE E 195 -12.35 41.16 -6.81
C ILE E 195 -12.24 39.66 -6.54
N SER E 196 -11.32 39.29 -5.66
CA SER E 196 -11.07 37.87 -5.43
C SER E 196 -12.30 37.18 -4.84
N SER E 197 -12.99 37.84 -3.92
CA SER E 197 -14.18 37.24 -3.32
C SER E 197 -15.34 37.15 -4.31
N ARG E 198 -15.54 38.18 -5.13
CA ARG E 198 -16.58 38.08 -6.16
C ARG E 198 -16.28 36.94 -7.12
N TYR E 199 -15.02 36.80 -7.54
CA TYR E 199 -14.68 35.75 -8.47
C TYR E 199 -14.81 34.37 -7.84
N TYR E 200 -14.46 34.24 -6.56
CA TYR E 200 -14.68 32.97 -5.88
C TYR E 200 -16.16 32.64 -5.84
N ALA E 201 -17.00 33.64 -5.54
CA ALA E 201 -18.44 33.41 -5.54
C ALA E 201 -18.91 32.89 -6.88
N ILE E 202 -18.42 33.49 -7.98
CA ILE E 202 -18.85 33.05 -9.30
C ILE E 202 -18.32 31.67 -9.61
N ALA E 203 -17.02 31.44 -9.36
CA ALA E 203 -16.34 30.25 -9.87
C ALA E 203 -16.67 28.99 -9.09
N THR E 204 -16.98 29.11 -7.80
CA THR E 204 -17.41 27.95 -7.02
C THR E 204 -18.93 27.88 -6.89
N GLN E 205 -19.65 28.87 -7.41
CA GLN E 205 -21.11 28.92 -7.31
C GLN E 205 -21.54 28.87 -5.85
N THR E 206 -20.93 29.72 -5.03
CA THR E 206 -21.15 29.75 -3.60
C THR E 206 -21.56 31.15 -3.16
N PHE E 207 -22.32 31.23 -2.08
CA PHE E 207 -22.44 32.47 -1.32
C PHE E 207 -21.15 32.73 -0.58
N VAL E 208 -20.67 33.97 -0.61
CA VAL E 208 -19.41 34.34 0.02
C VAL E 208 -19.66 35.39 1.08
N LEU E 209 -19.14 35.14 2.28
CA LEU E 209 -19.13 36.11 3.37
C LEU E 209 -17.71 36.67 3.44
N MET E 210 -17.52 37.88 2.94
CA MET E 210 -16.21 38.53 2.90
C MET E 210 -16.05 39.34 4.19
N THR E 211 -15.14 38.89 5.06
CA THR E 211 -14.89 39.54 6.34
C THR E 211 -13.49 40.10 6.36
N SER E 212 -13.36 41.38 6.69
CA SER E 212 -12.07 42.03 6.80
C SER E 212 -11.97 42.70 8.16
N SER E 213 -10.73 42.95 8.59
CA SER E 213 -10.48 43.65 9.83
C SER E 213 -10.27 45.13 9.53
N ILE E 214 -9.87 45.89 10.55
CA ILE E 214 -9.56 47.30 10.42
C ILE E 214 -8.35 47.61 11.28
N TYR E 215 -7.82 48.82 11.12
CA TYR E 215 -6.65 49.27 11.88
C TYR E 215 -7.11 50.17 13.01
N THR E 216 -6.62 49.90 14.21
CA THR E 216 -6.90 50.73 15.37
C THR E 216 -5.64 51.52 15.73
N GLU E 217 -5.82 52.48 16.63
CA GLU E 217 -4.69 53.29 17.06
C GLU E 217 -3.78 52.54 18.03
N GLU E 218 -4.32 51.63 18.83
CA GLU E 218 -3.49 50.87 19.76
C GLU E 218 -2.47 50.03 19.02
N MET E 219 -2.88 49.39 17.93
CA MET E 219 -1.95 48.63 17.11
C MET E 219 -0.84 49.53 16.58
N LYS E 220 -1.21 50.68 16.04
CA LYS E 220 -0.22 51.60 15.47
C LYS E 220 0.77 52.04 16.53
N GLU E 221 0.28 52.38 17.73
CA GLU E 221 1.18 52.78 18.80
C GLU E 221 2.11 51.64 19.18
N MET E 222 1.58 50.42 19.23
CA MET E 222 2.40 49.28 19.67
C MET E 222 3.52 48.97 18.67
N ILE E 223 3.22 48.96 17.38
CA ILE E 223 4.19 48.43 16.41
C ILE E 223 4.99 49.51 15.68
N CYS E 224 4.55 50.76 15.69
CA CYS E 224 5.24 51.84 14.96
C CYS E 224 6.14 52.57 15.94
N LEU E 225 7.42 52.18 15.97
CA LEU E 225 8.38 52.71 16.92
C LEU E 225 9.21 53.86 16.37
N THR E 226 9.08 54.19 15.09
CA THR E 226 9.69 55.37 14.51
C THR E 226 8.62 56.18 13.79
N GLN E 227 9.00 57.37 13.34
CA GLN E 227 8.09 58.16 12.52
C GLN E 227 8.01 57.65 11.10
N GLU E 228 9.11 57.11 10.56
CA GLU E 228 9.06 56.55 9.22
C GLU E 228 8.14 55.34 9.18
N GLN E 229 8.21 54.48 10.20
CA GLN E 229 7.27 53.36 10.27
C GLN E 229 5.85 53.85 10.41
N ARG E 230 5.62 54.89 11.22
CA ARG E 230 4.27 55.42 11.37
C ARG E 230 3.74 55.92 10.03
N ASP E 231 4.53 56.71 9.32
CA ASP E 231 4.10 57.23 8.03
C ASP E 231 3.84 56.11 7.04
N TYR E 232 4.72 55.10 6.99
CA TYR E 232 4.54 54.03 6.03
C TYR E 232 3.29 53.20 6.34
N PHE E 233 3.07 52.87 7.61
CA PHE E 233 1.90 52.09 7.98
C PHE E 233 0.62 52.89 7.79
N GLU E 234 0.66 54.21 7.92
CA GLU E 234 -0.54 55.01 7.76
C GLU E 234 -1.08 54.96 6.34
N THR E 235 -0.26 54.59 5.37
CA THR E 235 -0.68 54.53 3.97
C THR E 235 -1.38 53.22 3.61
N PHE E 236 -1.49 52.28 4.54
CA PHE E 236 -2.08 50.99 4.24
C PHE E 236 -3.57 51.12 3.96
N LYS E 237 -4.02 50.55 2.84
CA LYS E 237 -5.42 50.66 2.48
C LYS E 237 -6.28 49.75 3.35
N SER E 238 -7.56 50.11 3.47
CA SER E 238 -8.49 49.42 4.34
C SER E 238 -9.25 48.34 3.59
N GLY E 239 -9.65 47.31 4.32
CA GLY E 239 -10.41 46.21 3.75
C GLY E 239 -11.89 46.50 3.69
N HIS E 240 -12.62 45.54 3.14
CA HIS E 240 -14.06 45.64 2.95
C HIS E 240 -14.74 44.40 3.49
N THR E 241 -15.95 44.58 4.01
CA THR E 241 -16.77 43.49 4.49
C THR E 241 -18.10 43.52 3.74
N CYS E 242 -18.47 42.39 3.16
CA CYS E 242 -19.69 42.30 2.37
C CYS E 242 -20.07 40.84 2.25
N ILE E 243 -21.26 40.60 1.71
CA ILE E 243 -21.75 39.26 1.43
C ILE E 243 -22.21 39.25 -0.03
N TYR E 244 -21.80 38.22 -0.75
CA TYR E 244 -22.10 38.09 -2.17
C TYR E 244 -22.91 36.82 -2.41
N GLY E 245 -23.70 36.84 -3.48
CA GLY E 245 -24.44 35.68 -3.90
C GLY E 245 -23.66 34.85 -4.91
N PRO E 246 -24.24 33.73 -5.35
CA PRO E 246 -23.54 32.86 -6.29
C PRO E 246 -23.28 33.49 -7.65
N ASP E 247 -23.85 34.66 -7.94
CA ASP E 247 -23.57 35.37 -9.19
C ASP E 247 -22.48 36.42 -9.06
N GLY E 248 -21.91 36.60 -7.88
CA GLY E 248 -20.92 37.63 -7.65
C GLY E 248 -21.50 38.98 -7.29
N GLU E 249 -22.83 39.13 -7.27
CA GLU E 249 -23.45 40.40 -6.92
C GLU E 249 -23.65 40.49 -5.41
N PRO E 250 -23.40 41.65 -4.81
CA PRO E 250 -23.63 41.80 -3.36
C PRO E 250 -25.10 41.61 -3.01
N ILE E 251 -25.34 40.97 -1.86
CA ILE E 251 -26.68 40.80 -1.33
C ILE E 251 -26.85 41.45 0.04
N SER E 252 -25.79 41.94 0.65
CA SER E 252 -25.84 42.67 1.90
C SER E 252 -25.31 44.08 1.69
N ASP E 253 -25.36 44.89 2.74
CA ASP E 253 -24.83 46.24 2.70
C ASP E 253 -23.38 46.24 3.13
N MET E 254 -22.57 47.05 2.48
CA MET E 254 -21.17 47.17 2.84
C MET E 254 -21.05 47.93 4.15
N VAL E 255 -20.28 47.38 5.08
CA VAL E 255 -20.03 48.10 6.34
C VAL E 255 -19.20 49.35 6.03
N PRO E 256 -19.45 50.49 6.66
CA PRO E 256 -18.65 51.68 6.36
C PRO E 256 -17.18 51.43 6.59
N ALA E 257 -16.36 52.07 5.75
CA ALA E 257 -14.92 51.86 5.78
C ALA E 257 -14.35 52.23 7.15
N GLU E 258 -13.44 51.38 7.64
CA GLU E 258 -12.69 51.60 8.88
C GLU E 258 -13.60 51.75 10.09
N THR E 259 -14.84 51.27 10.00
CA THR E 259 -15.80 51.32 11.09
C THR E 259 -16.21 49.91 11.48
N GLU E 260 -16.32 49.67 12.77
CA GLU E 260 -16.80 48.39 13.25
C GLU E 260 -18.26 48.20 12.90
N GLY E 261 -18.62 46.99 12.51
CA GLY E 261 -19.98 46.70 12.14
C GLY E 261 -20.11 45.25 11.71
N ILE E 262 -21.33 44.87 11.40
CA ILE E 262 -21.65 43.52 10.96
C ILE E 262 -22.59 43.60 9.77
N ALA E 263 -22.29 42.86 8.72
CA ALA E 263 -23.13 42.78 7.53
C ALA E 263 -24.01 41.54 7.62
N TYR E 264 -25.30 41.71 7.32
CA TYR E 264 -26.28 40.63 7.42
C TYR E 264 -26.91 40.37 6.06
N ALA E 265 -27.18 39.10 5.78
CA ALA E 265 -27.81 38.72 4.52
C ALA E 265 -28.63 37.46 4.73
N GLU E 266 -29.59 37.26 3.84
CA GLU E 266 -30.40 36.05 3.81
C GLU E 266 -29.84 35.13 2.74
N ILE E 267 -29.37 33.97 3.15
CA ILE E 267 -28.73 33.00 2.27
C ILE E 267 -29.76 31.94 1.91
N ASP E 268 -30.08 31.85 0.64
CA ASP E 268 -30.97 30.81 0.11
C ASP E 268 -30.10 29.84 -0.69
N VAL E 269 -29.76 28.72 -0.07
CA VAL E 269 -28.87 27.76 -0.72
C VAL E 269 -29.49 27.23 -2.01
N GLU E 270 -30.80 27.32 -2.15
CA GLU E 270 -31.45 26.87 -3.38
C GLU E 270 -30.97 27.62 -4.61
N ARG E 271 -30.38 28.81 -4.44
CA ARG E 271 -29.92 29.59 -5.58
C ARG E 271 -28.82 28.88 -6.34
N VAL E 272 -27.91 28.21 -5.62
CA VAL E 272 -26.76 27.59 -6.27
C VAL E 272 -27.17 26.66 -7.40
N ILE E 273 -28.42 26.16 -7.39
CA ILE E 273 -28.87 25.29 -8.47
C ILE E 273 -28.95 26.07 -9.78
N ASP E 274 -29.35 27.33 -9.71
CA ASP E 274 -29.44 28.15 -10.92
C ASP E 274 -28.09 28.41 -11.55
N TYR E 275 -27.02 28.34 -10.77
CA TYR E 275 -25.69 28.63 -11.29
C TYR E 275 -24.85 27.38 -11.53
N LYS E 276 -25.21 26.25 -10.92
CA LYS E 276 -24.69 24.98 -11.37
C LYS E 276 -25.20 24.66 -12.76
N TYR E 277 -26.38 25.18 -13.11
CA TYR E 277 -26.88 25.03 -14.47
C TYR E 277 -25.89 25.60 -15.48
N TYR E 278 -25.30 26.75 -15.17
CA TYR E 278 -24.36 27.39 -16.09
C TYR E 278 -23.02 26.67 -16.08
N ILE E 279 -22.39 26.60 -14.92
CA ILE E 279 -20.99 26.22 -14.83
C ILE E 279 -20.80 25.40 -13.55
N ASP E 280 -19.92 24.42 -13.63
CA ASP E 280 -19.53 23.61 -12.48
C ASP E 280 -18.17 23.00 -12.80
N PRO E 281 -17.08 23.71 -12.55
CA PRO E 281 -15.78 23.27 -13.06
C PRO E 281 -15.36 21.88 -12.58
N ALA E 282 -15.83 21.44 -11.43
CA ALA E 282 -15.53 20.10 -10.93
C ALA E 282 -16.50 19.04 -11.44
N GLY E 283 -17.46 19.43 -12.28
CA GLY E 283 -18.48 18.53 -12.77
C GLY E 283 -18.62 18.55 -14.28
N HIS E 284 -19.81 18.91 -14.76
CA HIS E 284 -20.08 18.88 -16.20
C HIS E 284 -19.20 19.84 -16.99
N TYR E 285 -18.69 20.89 -16.37
CA TYR E 285 -17.93 21.92 -17.08
C TYR E 285 -16.43 21.66 -16.96
N SER E 286 -16.00 20.57 -17.61
CA SER E 286 -14.63 20.12 -17.47
C SER E 286 -14.17 19.46 -18.77
N ASN E 287 -12.87 19.16 -18.80
CA ASN E 287 -12.24 18.45 -19.91
C ASN E 287 -11.37 17.35 -19.35
N GLN E 288 -11.42 16.17 -19.98
CA GLN E 288 -10.67 15.03 -19.47
C GLN E 288 -9.16 15.26 -19.53
N SER E 289 -8.71 16.23 -20.31
CA SER E 289 -7.28 16.51 -20.39
C SER E 289 -6.73 17.17 -19.13
N LEU E 290 -7.58 17.84 -18.35
CA LEU E 290 -7.15 18.55 -17.17
C LEU E 290 -7.81 17.94 -15.94
N SER E 291 -6.98 17.59 -14.96
CA SER E 291 -7.47 17.07 -13.69
C SER E 291 -6.53 17.52 -12.60
N MET E 292 -6.92 17.24 -11.36
CA MET E 292 -6.16 17.69 -10.20
C MET E 292 -6.04 16.55 -9.21
N ASN E 293 -4.86 16.42 -8.61
CA ASN E 293 -4.63 15.47 -7.52
C ASN E 293 -4.84 16.19 -6.19
N PHE E 294 -5.79 15.72 -5.40
CA PHE E 294 -6.09 16.27 -4.09
C PHE E 294 -5.63 15.23 -3.07
N ASN E 295 -4.46 15.45 -2.47
CA ASN E 295 -3.91 14.53 -1.49
C ASN E 295 -4.36 14.96 -0.10
N GLN E 296 -5.22 14.16 0.51
CA GLN E 296 -5.81 14.48 1.80
C GLN E 296 -5.16 13.77 2.97
N GLN E 297 -4.05 13.07 2.73
CA GLN E 297 -3.38 12.39 3.83
C GLN E 297 -2.75 13.42 4.77
N PRO E 298 -2.80 13.21 6.08
CA PRO E 298 -2.06 14.09 6.98
C PRO E 298 -0.56 14.03 6.70
N THR E 299 0.09 15.18 6.81
CA THR E 299 1.54 15.28 6.57
C THR E 299 2.23 15.98 7.73
N PRO E 300 2.13 15.43 8.94
CA PRO E 300 2.99 15.90 10.03
C PRO E 300 4.43 15.42 9.82
N VAL E 301 5.36 16.19 10.36
CA VAL E 301 6.77 15.81 10.25
C VAL E 301 7.00 14.44 10.89
N VAL E 302 6.42 14.23 12.08
CA VAL E 302 6.60 13.00 12.82
C VAL E 302 5.22 12.38 13.03
N LYS E 303 5.03 11.18 12.51
CA LYS E 303 3.83 10.40 12.82
C LYS E 303 4.09 9.57 14.06
N HIS E 304 3.26 9.74 15.08
CA HIS E 304 3.32 8.89 16.26
C HIS E 304 2.57 7.60 15.99
N LEU E 305 3.14 6.49 16.43
CA LEU E 305 2.51 5.19 16.32
C LEU E 305 2.39 4.59 17.71
N ASN E 306 1.16 4.39 18.17
CA ASN E 306 0.89 3.78 19.47
C ASN E 306 1.40 4.67 20.61
N HIS E 307 1.02 5.94 20.57
CA HIS E 307 1.47 6.89 21.58
C HIS E 307 1.04 6.43 22.97
N GLN E 308 1.93 6.59 23.95
CA GLN E 308 1.71 6.11 25.30
C GLN E 308 1.96 7.22 26.32
N LYS E 309 1.36 7.06 27.49
CA LYS E 309 1.51 8.01 28.58
C LYS E 309 2.46 7.46 29.64
N ASN E 310 3.21 8.37 30.27
CA ASN E 310 4.12 8.00 31.33
C ASN E 310 3.35 7.48 32.54
N GLU E 311 3.80 6.36 33.09
CA GLU E 311 3.26 5.81 34.33
C GLU E 311 4.21 6.21 35.46
N VAL E 312 3.79 7.19 36.25
CA VAL E 312 4.65 7.79 37.26
C VAL E 312 4.72 6.87 38.48
N PHE E 313 5.93 6.52 38.88
CA PHE E 313 6.18 5.76 40.09
C PHE E 313 6.22 6.74 41.26
N THR E 314 5.15 6.78 42.03
CA THR E 314 4.99 7.84 43.04
C THR E 314 5.94 7.64 44.21
N TYR E 315 6.12 8.71 44.98
CA TYR E 315 7.01 8.67 46.14
C TYR E 315 6.51 7.70 47.20
N GLU E 316 5.20 7.69 47.46
CA GLU E 316 4.66 6.81 48.49
C GLU E 316 4.91 5.35 48.14
N ASP E 317 4.69 4.98 46.86
CA ASP E 317 4.97 3.63 46.43
C ASP E 317 6.47 3.31 46.54
N ILE E 318 7.32 4.26 46.17
CA ILE E 318 8.76 4.03 46.24
C ILE E 318 9.18 3.79 47.69
N GLN E 319 8.68 4.60 48.61
CA GLN E 319 9.01 4.44 50.01
C GLN E 319 8.12 3.39 50.65
N THR F 1 -34.65 -10.64 5.90
CA THR F 1 -33.42 -10.94 6.68
C THR F 1 -33.45 -12.35 7.24
N SER F 2 -34.65 -12.84 7.56
CA SER F 2 -34.85 -14.19 8.07
C SER F 2 -35.66 -15.00 7.07
N ILE F 3 -35.20 -16.20 6.76
CA ILE F 3 -35.84 -17.07 5.79
C ILE F 3 -35.99 -18.46 6.40
N TYR F 4 -36.96 -19.20 5.88
CA TYR F 4 -37.26 -20.56 6.36
C TYR F 4 -37.47 -21.44 5.13
N PRO F 5 -36.39 -21.75 4.41
CA PRO F 5 -36.54 -22.42 3.12
C PRO F 5 -36.79 -23.92 3.26
N LYS F 6 -37.28 -24.50 2.16
CA LYS F 6 -37.49 -25.92 2.04
C LYS F 6 -36.53 -26.50 1.02
N PHE F 7 -35.95 -27.65 1.33
CA PHE F 7 -34.98 -28.29 0.45
C PHE F 7 -34.89 -29.76 0.82
N ARG F 8 -34.15 -30.50 0.00
CA ARG F 8 -33.90 -31.91 0.20
C ARG F 8 -32.43 -32.11 0.56
N ALA F 9 -32.17 -32.82 1.65
CA ALA F 9 -30.82 -33.05 2.13
C ALA F 9 -30.47 -34.53 2.00
N ALA F 10 -29.18 -34.81 1.89
CA ALA F 10 -28.68 -36.17 1.68
C ALA F 10 -27.59 -36.46 2.69
N ALA F 11 -27.76 -37.55 3.44
CA ALA F 11 -26.77 -38.03 4.38
C ALA F 11 -26.12 -39.28 3.81
N VAL F 12 -24.78 -39.30 3.79
CA VAL F 12 -24.03 -40.33 3.10
C VAL F 12 -23.51 -41.35 4.12
N GLN F 13 -23.67 -42.63 3.80
CA GLN F 13 -23.04 -43.73 4.53
C GLN F 13 -22.10 -44.44 3.57
N ALA F 14 -20.80 -44.23 3.73
CA ALA F 14 -19.84 -44.78 2.79
C ALA F 14 -18.51 -44.99 3.50
N ALA F 15 -17.59 -45.64 2.81
CA ALA F 15 -16.23 -45.79 3.28
C ALA F 15 -15.29 -45.36 2.18
N PRO F 16 -14.12 -44.82 2.51
CA PRO F 16 -13.18 -44.38 1.50
C PRO F 16 -12.22 -45.50 1.09
N ILE F 17 -11.46 -45.24 0.03
CA ILE F 17 -10.34 -46.10 -0.32
C ILE F 17 -9.24 -45.78 0.70
N TYR F 18 -9.07 -46.69 1.66
CA TYR F 18 -8.40 -46.36 2.92
C TYR F 18 -6.99 -45.83 2.71
N LEU F 19 -6.72 -44.67 3.29
CA LEU F 19 -5.41 -44.01 3.21
C LEU F 19 -4.98 -43.84 1.76
N ASN F 20 -5.95 -43.51 0.90
CA ASN F 20 -5.71 -43.15 -0.49
C ASN F 20 -6.55 -41.92 -0.78
N LEU F 21 -5.90 -40.77 -0.91
CA LEU F 21 -6.62 -39.51 -1.00
C LEU F 21 -7.24 -39.31 -2.38
N GLU F 22 -6.56 -39.74 -3.44
CA GLU F 22 -7.08 -39.51 -4.79
C GLU F 22 -8.29 -40.39 -5.07
N ALA F 23 -8.19 -41.68 -4.75
CA ALA F 23 -9.33 -42.57 -4.92
C ALA F 23 -10.49 -42.15 -4.03
N SER F 24 -10.19 -41.71 -2.80
CA SER F 24 -11.25 -41.26 -1.91
C SER F 24 -11.92 -40.00 -2.44
N VAL F 25 -11.14 -39.08 -2.99
CA VAL F 25 -11.72 -37.87 -3.55
C VAL F 25 -12.60 -38.19 -4.74
N GLU F 26 -12.20 -39.17 -5.56
CA GLU F 26 -13.06 -39.60 -6.66
C GLU F 26 -14.34 -40.23 -6.14
N LYS F 27 -14.26 -41.04 -5.09
CA LYS F 27 -15.46 -41.61 -4.51
C LYS F 27 -16.39 -40.52 -3.97
N SER F 28 -15.82 -39.49 -3.35
CA SER F 28 -16.62 -38.37 -2.89
C SER F 28 -17.30 -37.67 -4.05
N CYS F 29 -16.57 -37.46 -5.15
CA CYS F 29 -17.19 -36.82 -6.31
C CYS F 29 -18.37 -37.64 -6.83
N GLU F 30 -18.19 -38.95 -6.92
CA GLU F 30 -19.28 -39.80 -7.39
C GLU F 30 -20.48 -39.74 -6.46
N LEU F 31 -20.25 -39.79 -5.14
CA LEU F 31 -21.35 -39.74 -4.20
C LEU F 31 -22.07 -38.40 -4.27
N ILE F 32 -21.33 -37.30 -4.41
CA ILE F 32 -21.96 -36.00 -4.57
C ILE F 32 -22.83 -35.99 -5.82
N ASP F 33 -22.30 -36.53 -6.93
CA ASP F 33 -23.08 -36.59 -8.16
C ASP F 33 -24.38 -37.33 -7.96
N GLU F 34 -24.31 -38.53 -7.37
CA GLU F 34 -25.50 -39.33 -7.16
C GLU F 34 -26.51 -38.62 -6.28
N ALA F 35 -26.06 -38.14 -5.12
CA ALA F 35 -26.97 -37.51 -4.18
C ALA F 35 -27.63 -36.28 -4.78
N ALA F 36 -26.85 -35.45 -5.49
CA ALA F 36 -27.42 -34.23 -6.05
C ALA F 36 -28.36 -34.54 -7.19
N SER F 37 -28.07 -35.58 -7.97
CA SER F 37 -29.00 -35.99 -9.02
C SER F 37 -30.31 -36.49 -8.42
N ASN F 38 -30.26 -37.07 -7.21
CA ASN F 38 -31.48 -37.50 -6.53
C ASN F 38 -32.20 -36.35 -5.82
N GLY F 39 -31.90 -35.11 -6.16
CA GLY F 39 -32.63 -33.96 -5.65
C GLY F 39 -31.99 -33.24 -4.48
N ALA F 40 -30.95 -33.81 -3.87
CA ALA F 40 -30.38 -33.23 -2.67
C ALA F 40 -29.74 -31.89 -2.96
N LYS F 41 -30.05 -30.90 -2.13
CA LYS F 41 -29.38 -29.60 -2.16
C LYS F 41 -28.32 -29.47 -1.10
N LEU F 42 -28.15 -30.49 -0.26
CA LEU F 42 -27.07 -30.56 0.71
C LEU F 42 -26.59 -32.01 0.77
N VAL F 43 -25.28 -32.20 0.82
CA VAL F 43 -24.67 -33.51 0.93
C VAL F 43 -23.72 -33.49 2.12
N ALA F 44 -23.90 -34.42 3.05
CA ALA F 44 -23.05 -34.56 4.22
C ALA F 44 -22.29 -35.87 4.13
N PHE F 45 -21.12 -35.90 4.75
CA PHE F 45 -20.19 -37.01 4.65
C PHE F 45 -19.75 -37.49 6.02
N PRO F 46 -19.31 -38.74 6.14
CA PRO F 46 -18.85 -39.25 7.44
C PRO F 46 -17.61 -38.52 7.94
N GLU F 47 -17.23 -38.84 9.17
CA GLU F 47 -16.09 -38.20 9.80
C GLU F 47 -14.78 -38.76 9.26
N ALA F 48 -13.80 -37.88 9.06
CA ALA F 48 -12.48 -38.26 8.58
C ALA F 48 -12.57 -39.06 7.29
N PHE F 49 -13.47 -38.65 6.40
CA PHE F 49 -13.70 -39.42 5.18
C PHE F 49 -12.47 -39.41 4.28
N LEU F 50 -11.83 -38.26 4.14
CA LEU F 50 -10.61 -38.15 3.33
C LEU F 50 -9.40 -38.10 4.25
N PRO F 51 -8.48 -39.07 4.21
CA PRO F 51 -8.47 -40.33 3.45
C PRO F 51 -9.02 -41.49 4.25
N GLY F 52 -9.53 -41.26 5.45
CA GLY F 52 -10.09 -42.32 6.28
C GLY F 52 -9.82 -42.11 7.75
N TYR F 53 -10.72 -42.64 8.57
CA TYR F 53 -10.55 -42.53 10.01
C TYR F 53 -9.38 -43.40 10.48
N PRO F 54 -8.51 -42.89 11.36
CA PRO F 54 -7.35 -43.67 11.78
C PRO F 54 -7.71 -44.78 12.74
N TRP F 55 -8.22 -45.90 12.21
CA TRP F 55 -8.59 -47.02 13.06
C TRP F 55 -7.38 -47.70 13.67
N PHE F 56 -6.23 -47.61 13.00
CA PHE F 56 -5.01 -48.23 13.52
C PHE F 56 -4.63 -47.68 14.89
N ALA F 57 -5.08 -46.48 15.25
CA ALA F 57 -4.71 -45.90 16.53
C ALA F 57 -5.42 -46.57 17.70
N PHE F 58 -6.40 -47.43 17.46
CA PHE F 58 -7.18 -48.04 18.52
C PHE F 58 -6.87 -49.52 18.74
N ILE F 59 -6.00 -50.12 17.93
CA ILE F 59 -5.77 -51.55 17.99
C ILE F 59 -4.28 -51.85 18.12
N GLY F 60 -3.51 -50.88 18.59
CA GLY F 60 -2.09 -51.09 18.78
C GLY F 60 -1.50 -49.98 19.61
N HIS F 61 -0.20 -50.13 19.89
CA HIS F 61 0.52 -49.16 20.70
C HIS F 61 1.07 -48.05 19.84
N PRO F 62 1.51 -46.93 20.46
CA PRO F 62 1.84 -45.74 19.66
C PRO F 62 2.89 -45.97 18.58
N GLU F 63 3.89 -46.84 18.81
CA GLU F 63 4.87 -47.10 17.76
C GLU F 63 4.23 -47.76 16.56
N TYR F 64 3.31 -48.70 16.79
CA TYR F 64 2.55 -49.28 15.70
C TYR F 64 1.74 -48.22 14.96
N THR F 65 1.14 -47.30 15.71
CA THR F 65 0.36 -46.22 15.11
C THR F 65 1.25 -45.28 14.29
N ARG F 66 2.52 -45.18 14.64
CA ARG F 66 3.42 -44.26 13.93
C ARG F 66 3.54 -44.62 12.45
N LYS F 67 3.65 -45.90 12.14
CA LYS F 67 3.87 -46.31 10.75
C LYS F 67 2.68 -45.93 9.87
N PHE F 68 1.47 -46.15 10.36
CA PHE F 68 0.29 -45.80 9.58
C PHE F 68 0.00 -44.31 9.61
N TYR F 69 0.40 -43.61 10.68
CA TYR F 69 0.34 -42.17 10.68
C TYR F 69 1.22 -41.59 9.59
N HIS F 70 2.35 -42.26 9.29
CA HIS F 70 3.16 -41.83 8.16
C HIS F 70 2.33 -41.73 6.88
N GLU F 71 1.56 -42.78 6.58
CA GLU F 71 0.78 -42.79 5.35
C GLU F 71 -0.39 -41.82 5.42
N LEU F 72 -1.07 -41.75 6.56
CA LEU F 72 -2.17 -40.80 6.70
C LEU F 72 -1.66 -39.37 6.50
N TYR F 73 -0.50 -39.06 7.06
CA TYR F 73 0.11 -37.75 6.89
C TYR F 73 0.42 -37.50 5.42
N LYS F 74 0.96 -38.49 4.72
CA LYS F 74 1.22 -38.32 3.31
C LYS F 74 -0.06 -38.16 2.50
N ASN F 75 -1.20 -38.58 3.03
CA ASN F 75 -2.47 -38.53 2.30
C ASN F 75 -3.47 -37.55 2.92
N ALA F 76 -2.99 -36.51 3.59
CA ALA F 76 -3.86 -35.53 4.21
C ALA F 76 -4.20 -34.40 3.24
N VAL F 77 -5.33 -33.75 3.48
CA VAL F 77 -5.81 -32.69 2.61
C VAL F 77 -5.11 -31.38 2.96
N GLU F 78 -4.82 -30.58 1.94
CA GLU F 78 -4.24 -29.27 2.10
C GLU F 78 -5.12 -28.23 1.44
N ILE F 79 -5.02 -26.99 1.93
CA ILE F 79 -5.74 -25.87 1.35
C ILE F 79 -4.72 -24.81 0.96
N PRO F 80 -4.51 -24.53 -0.34
CA PRO F 80 -5.13 -25.15 -1.51
C PRO F 80 -4.59 -26.52 -1.83
N SER F 81 -5.33 -27.33 -2.58
CA SER F 81 -4.85 -28.63 -3.01
C SER F 81 -5.73 -29.10 -4.16
N LEU F 82 -5.32 -30.21 -4.77
CA LEU F 82 -6.13 -30.78 -5.84
C LEU F 82 -7.43 -31.37 -5.31
N ALA F 83 -7.40 -31.94 -4.10
CA ALA F 83 -8.63 -32.47 -3.51
C ALA F 83 -9.67 -31.38 -3.33
N ILE F 84 -9.25 -30.24 -2.79
CA ILE F 84 -10.17 -29.11 -2.63
C ILE F 84 -10.73 -28.71 -3.98
N GLN F 85 -9.89 -28.70 -5.01
CA GLN F 85 -10.34 -28.33 -6.35
C GLN F 85 -11.41 -29.28 -6.86
N LYS F 86 -11.17 -30.59 -6.71
CA LYS F 86 -12.13 -31.57 -7.21
C LYS F 86 -13.45 -31.48 -6.47
N ILE F 87 -13.40 -31.30 -5.15
CA ILE F 87 -14.65 -31.24 -4.39
C ILE F 87 -15.40 -29.96 -4.71
N SER F 88 -14.69 -28.85 -4.88
CA SER F 88 -15.34 -27.61 -5.27
C SER F 88 -15.97 -27.74 -6.65
N GLU F 89 -15.27 -28.41 -7.58
CA GLU F 89 -15.83 -28.63 -8.90
C GLU F 89 -17.11 -29.46 -8.83
N ALA F 90 -17.11 -30.52 -8.03
CA ALA F 90 -18.30 -31.34 -7.90
C ALA F 90 -19.44 -30.55 -7.27
N ALA F 91 -19.16 -29.80 -6.21
CA ALA F 91 -20.18 -29.02 -5.55
C ALA F 91 -20.79 -27.99 -6.49
N LYS F 92 -19.95 -27.33 -7.31
CA LYS F 92 -20.47 -26.36 -8.26
C LYS F 92 -21.25 -27.03 -9.37
N ARG F 93 -20.68 -28.07 -9.98
CA ARG F 93 -21.36 -28.76 -11.06
C ARG F 93 -22.73 -29.25 -10.64
N ASN F 94 -22.88 -29.61 -9.37
CA ASN F 94 -24.14 -30.16 -8.88
C ASN F 94 -25.01 -29.13 -8.19
N GLU F 95 -24.54 -27.89 -8.05
CA GLU F 95 -25.34 -26.81 -7.47
C GLU F 95 -25.85 -27.18 -6.08
N THR F 96 -24.96 -27.75 -5.27
CA THR F 96 -25.32 -28.29 -3.97
C THR F 96 -24.32 -27.83 -2.92
N TYR F 97 -24.79 -27.66 -1.70
CA TYR F 97 -23.90 -27.48 -0.56
C TYR F 97 -23.33 -28.83 -0.16
N VAL F 98 -22.04 -28.83 0.18
CA VAL F 98 -21.33 -30.05 0.52
C VAL F 98 -20.61 -29.84 1.84
N CYS F 99 -20.77 -30.77 2.76
CA CYS F 99 -19.99 -30.84 3.99
C CYS F 99 -19.22 -32.14 3.98
N ILE F 100 -17.89 -32.04 4.02
CA ILE F 100 -17.02 -33.20 3.87
C ILE F 100 -15.94 -33.13 4.94
N SER F 101 -15.75 -34.22 5.68
CA SER F 101 -14.74 -34.29 6.71
C SER F 101 -13.45 -34.87 6.16
N CYS F 102 -12.33 -34.51 6.78
CA CYS F 102 -11.03 -34.87 6.25
C CYS F 102 -9.95 -34.63 7.30
N SER F 103 -8.80 -35.24 7.06
CA SER F 103 -7.58 -34.94 7.83
C SER F 103 -6.87 -33.78 7.13
N GLU F 104 -6.81 -32.64 7.80
CA GLU F 104 -6.26 -31.43 7.23
C GLU F 104 -4.80 -31.27 7.64
N LYS F 105 -3.93 -31.01 6.67
CA LYS F 105 -2.53 -30.72 6.92
C LYS F 105 -2.34 -29.22 6.90
N ASP F 106 -1.86 -28.65 8.00
CA ASP F 106 -1.57 -27.24 8.12
C ASP F 106 -0.17 -27.10 8.72
N GLY F 107 0.79 -26.72 7.89
CA GLY F 107 2.17 -26.74 8.33
C GLY F 107 2.64 -28.17 8.50
N GLY F 108 3.20 -28.48 9.66
CA GLY F 108 3.67 -29.81 9.97
C GLY F 108 2.73 -30.66 10.77
N SER F 109 1.48 -30.24 10.95
CA SER F 109 0.54 -30.92 11.83
C SER F 109 -0.71 -31.33 11.07
N LEU F 110 -1.37 -32.37 11.59
CA LEU F 110 -2.63 -32.85 11.06
C LEU F 110 -3.78 -32.40 11.93
N TYR F 111 -4.90 -32.08 11.31
CA TYR F 111 -6.12 -31.67 12.00
C TYR F 111 -7.29 -32.43 11.40
N LEU F 112 -8.37 -32.55 12.19
CA LEU F 112 -9.62 -33.10 11.71
C LEU F 112 -10.58 -31.95 11.43
N ALA F 113 -10.97 -31.79 10.17
CA ALA F 113 -11.74 -30.65 9.73
C ALA F 113 -13.00 -31.09 9.02
N GLN F 114 -13.96 -30.17 8.96
CA GLN F 114 -15.13 -30.28 8.09
C GLN F 114 -15.07 -29.13 7.11
N LEU F 115 -15.09 -29.45 5.82
CA LEU F 115 -14.97 -28.46 4.77
C LEU F 115 -16.32 -28.22 4.12
N TRP F 116 -16.72 -26.97 4.02
CA TRP F 116 -18.01 -26.58 3.49
C TRP F 116 -17.85 -25.90 2.15
N PHE F 117 -18.61 -26.37 1.16
CA PHE F 117 -18.63 -25.80 -0.17
C PHE F 117 -20.06 -25.40 -0.50
N ASN F 118 -20.22 -24.27 -1.17
CA ASN F 118 -21.51 -23.78 -1.58
C ASN F 118 -21.78 -24.14 -3.03
N PRO F 119 -23.00 -23.90 -3.52
CA PRO F 119 -23.32 -24.27 -4.91
C PRO F 119 -22.46 -23.57 -5.96
N ASN F 120 -21.73 -22.52 -5.60
CA ASN F 120 -20.80 -21.88 -6.52
C ASN F 120 -19.43 -22.52 -6.51
N GLY F 121 -19.19 -23.51 -5.65
CA GLY F 121 -17.87 -24.09 -5.52
C GLY F 121 -16.93 -23.31 -4.63
N ASP F 122 -17.42 -22.35 -3.87
CA ASP F 122 -16.57 -21.61 -2.94
C ASP F 122 -16.42 -22.41 -1.65
N LEU F 123 -15.19 -22.56 -1.19
CA LEU F 123 -14.94 -23.15 0.12
C LEU F 123 -15.30 -22.13 1.19
N ILE F 124 -16.56 -22.14 1.61
CA ILE F 124 -17.09 -21.04 2.42
C ILE F 124 -16.57 -21.06 3.85
N GLY F 125 -16.15 -22.20 4.35
CA GLY F 125 -15.62 -22.22 5.71
C GLY F 125 -15.13 -23.60 6.10
N LYS F 126 -14.57 -23.67 7.29
CA LYS F 126 -13.89 -24.85 7.79
C LYS F 126 -14.08 -24.93 9.29
N HIS F 127 -14.34 -26.12 9.80
CA HIS F 127 -14.48 -26.36 11.23
C HIS F 127 -13.52 -27.47 11.63
N ARG F 128 -12.60 -27.15 12.52
CA ARG F 128 -11.69 -28.14 13.08
C ARG F 128 -12.26 -28.68 14.39
N LYS F 129 -12.06 -29.98 14.61
CA LYS F 129 -12.51 -30.60 15.85
C LYS F 129 -11.85 -29.91 17.04
N MET F 130 -12.65 -29.54 18.03
CA MET F 130 -12.13 -28.77 19.16
C MET F 130 -11.21 -29.61 20.03
N ARG F 131 -11.50 -30.90 20.17
CA ARG F 131 -10.73 -31.77 21.03
C ARG F 131 -10.80 -33.18 20.48
N ALA F 132 -9.63 -33.74 20.14
CA ALA F 132 -9.57 -35.11 19.67
C ALA F 132 -9.93 -36.08 20.79
N SER F 133 -10.60 -37.17 20.43
CA SER F 133 -11.01 -38.17 21.41
C SER F 133 -9.85 -39.12 21.71
N VAL F 134 -10.10 -40.09 22.58
CA VAL F 134 -9.11 -41.09 22.96
C VAL F 134 -8.43 -41.63 21.71
N ALA F 135 -7.11 -41.56 21.67
CA ALA F 135 -6.30 -42.15 20.60
C ALA F 135 -6.38 -41.36 19.30
N GLU F 136 -7.33 -40.44 19.18
CA GLU F 136 -7.25 -39.45 18.11
C GLU F 136 -6.31 -38.32 18.47
N ARG F 137 -5.96 -38.21 19.75
CA ARG F 137 -4.98 -37.22 20.18
C ARG F 137 -3.58 -37.58 19.73
N LEU F 138 -3.32 -38.86 19.45
CA LEU F 138 -2.08 -39.24 18.82
C LEU F 138 -1.99 -38.74 17.39
N ILE F 139 -3.13 -38.45 16.76
CA ILE F 139 -3.20 -38.20 15.32
C ILE F 139 -3.40 -36.72 15.03
N TRP F 140 -4.33 -36.07 15.73
CA TRP F 140 -4.78 -34.75 15.37
C TRP F 140 -4.56 -33.75 16.49
N GLY F 141 -4.25 -32.51 16.10
CA GLY F 141 -4.20 -31.41 17.02
C GLY F 141 -5.58 -30.88 17.33
N ASP F 142 -5.62 -29.89 18.21
CA ASP F 142 -6.88 -29.34 18.67
C ASP F 142 -7.34 -28.18 17.78
N GLY F 143 -8.61 -27.82 17.93
CA GLY F 143 -9.20 -26.72 17.22
C GLY F 143 -9.23 -25.44 18.02
N SER F 144 -10.02 -24.49 17.54
CA SER F 144 -10.17 -23.21 18.23
C SER F 144 -11.53 -22.62 17.90
N GLY F 145 -11.97 -21.69 18.74
CA GLY F 145 -13.28 -21.08 18.60
C GLY F 145 -13.44 -20.19 17.40
N SER F 146 -12.34 -19.80 16.76
CA SER F 146 -12.42 -19.10 15.50
C SER F 146 -12.86 -19.99 14.34
N MET F 147 -12.93 -21.30 14.56
CA MET F 147 -13.27 -22.24 13.52
C MET F 147 -14.53 -23.03 13.89
N MET F 148 -15.56 -22.33 14.33
CA MET F 148 -16.86 -22.92 14.67
C MET F 148 -17.95 -22.15 13.94
N PRO F 149 -18.00 -22.25 12.62
CA PRO F 149 -18.87 -21.37 11.84
C PRO F 149 -20.30 -21.89 11.67
N VAL F 150 -21.21 -20.94 11.60
CA VAL F 150 -22.58 -21.18 11.14
C VAL F 150 -22.76 -20.35 9.88
N PHE F 151 -23.15 -20.99 8.79
CA PHE F 151 -23.22 -20.34 7.50
C PHE F 151 -24.66 -19.94 7.22
N GLN F 152 -24.86 -18.64 6.96
CA GLN F 152 -26.16 -18.13 6.56
C GLN F 152 -26.27 -18.28 5.05
N THR F 153 -27.15 -19.19 4.62
CA THR F 153 -27.22 -19.57 3.22
C THR F 153 -28.66 -19.46 2.72
N ARG F 154 -28.91 -19.92 1.51
CA ARG F 154 -30.25 -19.94 0.96
C ARG F 154 -31.05 -21.15 1.43
N ILE F 155 -30.43 -22.12 2.10
CA ILE F 155 -31.12 -23.31 2.55
C ILE F 155 -31.05 -23.40 4.07
N GLY F 156 -31.02 -22.26 4.74
CA GLY F 156 -31.00 -22.21 6.19
C GLY F 156 -29.63 -21.88 6.75
N ASN F 157 -29.54 -21.94 8.07
CA ASN F 157 -28.29 -21.75 8.79
C ASN F 157 -27.65 -23.12 9.00
N LEU F 158 -26.50 -23.33 8.37
CA LEU F 158 -25.84 -24.63 8.36
C LEU F 158 -24.67 -24.65 9.33
N GLY F 159 -24.45 -25.82 9.92
CA GLY F 159 -23.28 -26.02 10.76
C GLY F 159 -22.98 -27.49 10.88
N GLY F 160 -21.87 -27.79 11.54
CA GLY F 160 -21.46 -29.16 11.72
C GLY F 160 -20.66 -29.36 12.99
N LEU F 161 -20.66 -30.59 13.46
CA LEU F 161 -19.80 -31.03 14.54
C LEU F 161 -19.41 -32.48 14.27
N MET F 162 -18.32 -32.91 14.88
CA MET F 162 -17.72 -34.20 14.58
C MET F 162 -17.74 -35.08 15.80
N CYS F 163 -18.35 -36.26 15.67
CA CYS F 163 -18.36 -37.29 16.70
C CYS F 163 -18.65 -36.72 18.09
N TRP F 164 -17.74 -36.90 19.05
CA TRP F 164 -18.01 -36.57 20.44
C TRP F 164 -18.05 -35.10 20.72
N GLU F 165 -18.02 -34.19 19.76
CA GLU F 165 -18.36 -32.81 20.06
C GLU F 165 -19.81 -32.69 20.48
N HIS F 166 -20.65 -33.66 20.11
CA HIS F 166 -22.06 -33.66 20.50
C HIS F 166 -22.26 -33.96 21.97
N GLN F 167 -21.24 -34.43 22.68
CA GLN F 167 -21.32 -34.67 24.11
C GLN F 167 -20.54 -33.62 24.90
N VAL F 168 -20.26 -32.48 24.30
CA VAL F 168 -19.59 -31.36 24.95
C VAL F 168 -20.58 -30.20 25.00
N PRO F 169 -21.14 -29.87 26.17
CA PRO F 169 -22.19 -28.84 26.21
C PRO F 169 -21.80 -27.49 25.64
N LEU F 170 -20.55 -27.06 25.85
CA LEU F 170 -20.16 -25.73 25.37
C LEU F 170 -20.10 -25.67 23.85
N ASP F 171 -19.81 -26.80 23.19
CA ASP F 171 -19.91 -26.85 21.74
C ASP F 171 -21.35 -26.63 21.29
N LEU F 172 -22.30 -27.27 21.96
CA LEU F 172 -23.71 -27.07 21.65
C LEU F 172 -24.11 -25.62 21.85
N MET F 173 -23.64 -25.00 22.94
CA MET F 173 -23.98 -23.59 23.17
C MET F 173 -23.34 -22.70 22.11
N ALA F 174 -22.13 -23.02 21.67
CA ALA F 174 -21.50 -22.23 20.62
C ALA F 174 -22.28 -22.31 19.33
N MET F 175 -22.81 -23.49 19.00
CA MET F 175 -23.63 -23.59 17.80
C MET F 175 -24.98 -22.89 17.98
N ASN F 176 -25.56 -22.98 19.18
CA ASN F 176 -26.87 -22.40 19.43
C ASN F 176 -26.83 -20.88 19.46
N ALA F 177 -25.73 -20.29 19.93
CA ALA F 177 -25.62 -18.84 19.94
C ALA F 177 -25.66 -18.26 18.54
N GLN F 178 -25.18 -19.01 17.56
CA GLN F 178 -25.15 -18.57 16.17
C GLN F 178 -26.41 -18.94 15.41
N ASN F 179 -27.41 -19.52 16.07
CA ASN F 179 -28.73 -19.77 15.50
C ASN F 179 -28.67 -20.78 14.35
N GLU F 180 -28.06 -21.93 14.63
CA GLU F 180 -28.02 -23.02 13.68
C GLU F 180 -29.42 -23.59 13.46
N GLN F 181 -29.69 -24.02 12.23
CA GLN F 181 -31.00 -24.57 11.88
C GLN F 181 -30.91 -25.94 11.22
N VAL F 182 -29.88 -26.20 10.42
CA VAL F 182 -29.61 -27.51 9.84
C VAL F 182 -28.19 -27.88 10.18
N HIS F 183 -27.99 -29.09 10.70
CA HIS F 183 -26.73 -29.48 11.30
C HIS F 183 -26.27 -30.81 10.73
N VAL F 184 -24.97 -30.91 10.44
CA VAL F 184 -24.35 -32.14 9.96
C VAL F 184 -23.60 -32.77 11.12
N ALA F 185 -23.99 -33.99 11.51
CA ALA F 185 -23.35 -34.74 12.58
C ALA F 185 -22.60 -35.91 11.95
N SER F 186 -21.33 -35.69 11.63
CA SER F 186 -20.51 -36.71 11.00
C SER F 186 -19.83 -37.55 12.08
N TRP F 187 -20.01 -38.87 11.99
CA TRP F 187 -19.47 -39.83 12.94
C TRP F 187 -18.58 -40.82 12.20
N PRO F 188 -17.64 -41.45 12.89
CA PRO F 188 -16.74 -42.39 12.20
C PRO F 188 -17.30 -43.80 12.10
N GLY F 189 -18.18 -44.17 13.01
CA GLY F 189 -18.88 -45.45 12.93
C GLY F 189 -18.61 -46.43 14.06
N TYR F 190 -17.77 -46.10 15.05
CA TYR F 190 -17.52 -47.00 16.16
C TYR F 190 -18.04 -46.49 17.48
N PHE F 191 -18.21 -45.17 17.61
CA PHE F 191 -18.77 -44.58 18.82
C PHE F 191 -20.27 -44.43 18.65
N ASP F 192 -21.00 -44.64 19.74
CA ASP F 192 -22.46 -44.56 19.69
C ASP F 192 -22.90 -43.19 19.21
N ASP F 193 -23.83 -43.16 18.26
CA ASP F 193 -24.17 -41.91 17.59
C ASP F 193 -25.65 -41.57 17.60
N GLU F 194 -26.56 -42.53 17.80
CA GLU F 194 -27.99 -42.24 17.72
C GLU F 194 -28.42 -41.26 18.81
N ILE F 195 -28.10 -41.59 20.06
CA ILE F 195 -28.58 -40.79 21.19
C ILE F 195 -28.00 -39.38 21.13
N SER F 196 -26.71 -39.26 20.86
CA SER F 196 -26.06 -37.95 20.89
C SER F 196 -26.64 -37.04 19.82
N SER F 197 -26.84 -37.56 18.62
CA SER F 197 -27.39 -36.75 17.54
C SER F 197 -28.84 -36.39 17.80
N ARG F 198 -29.64 -37.33 18.32
CA ARG F 198 -31.02 -37.00 18.65
C ARG F 198 -31.10 -35.92 19.73
N TYR F 199 -30.26 -36.02 20.75
CA TYR F 199 -30.26 -35.00 21.78
C TYR F 199 -29.81 -33.66 21.22
N TYR F 200 -28.81 -33.67 20.33
CA TYR F 200 -28.39 -32.42 19.72
C TYR F 200 -29.55 -31.80 18.95
N ALA F 201 -30.29 -32.62 18.20
CA ALA F 201 -31.45 -32.13 17.48
C ALA F 201 -32.44 -31.47 18.42
N ILE F 202 -32.77 -32.14 19.53
CA ILE F 202 -33.77 -31.60 20.44
C ILE F 202 -33.28 -30.32 21.11
N ALA F 203 -32.03 -30.32 21.56
CA ALA F 203 -31.50 -29.26 22.40
C ALA F 203 -30.94 -28.09 21.61
N THR F 204 -30.89 -28.19 20.29
CA THR F 204 -30.50 -27.07 19.45
C THR F 204 -31.62 -26.65 18.50
N GLN F 205 -32.74 -27.38 18.45
CA GLN F 205 -33.85 -27.07 17.56
C GLN F 205 -33.37 -27.04 16.11
N THR F 206 -32.71 -28.12 15.70
CA THR F 206 -32.10 -28.22 14.38
C THR F 206 -32.47 -29.55 13.74
N PHE F 207 -32.56 -29.53 12.42
CA PHE F 207 -32.51 -30.77 11.66
C PHE F 207 -31.08 -31.29 11.67
N VAL F 208 -30.92 -32.59 11.90
CA VAL F 208 -29.61 -33.20 12.07
C VAL F 208 -29.41 -34.27 11.00
N LEU F 209 -28.37 -34.11 10.19
CA LEU F 209 -27.91 -35.13 9.26
C LEU F 209 -26.83 -35.94 9.97
N MET F 210 -27.19 -37.13 10.45
CA MET F 210 -26.22 -38.00 11.10
C MET F 210 -25.62 -38.91 10.04
N THR F 211 -24.36 -38.66 9.69
CA THR F 211 -23.64 -39.46 8.71
C THR F 211 -22.60 -40.31 9.42
N SER F 212 -22.39 -41.52 8.93
CA SER F 212 -21.45 -42.45 9.54
C SER F 212 -20.77 -43.28 8.46
N SER F 213 -19.64 -43.87 8.82
CA SER F 213 -18.86 -44.67 7.90
C SER F 213 -19.13 -46.17 8.12
N ILE F 214 -18.50 -46.99 7.28
CA ILE F 214 -18.57 -48.44 7.37
C ILE F 214 -17.15 -48.97 7.26
N TYR F 215 -16.99 -50.26 7.55
CA TYR F 215 -15.69 -50.91 7.48
C TYR F 215 -15.58 -51.71 6.19
N THR F 216 -14.35 -51.84 5.70
CA THR F 216 -14.07 -52.56 4.47
C THR F 216 -12.97 -53.57 4.71
N GLU F 217 -12.94 -54.60 3.85
CA GLU F 217 -11.88 -55.60 3.93
C GLU F 217 -10.52 -54.98 3.59
N GLU F 218 -10.48 -54.07 2.62
CA GLU F 218 -9.22 -53.46 2.24
C GLU F 218 -8.57 -52.71 3.40
N MET F 219 -9.36 -52.33 4.40
CA MET F 219 -8.91 -51.68 5.63
C MET F 219 -8.44 -52.69 6.68
N LYS F 220 -9.26 -53.73 6.92
CA LYS F 220 -8.87 -54.74 7.89
C LYS F 220 -7.59 -55.43 7.49
N GLU F 221 -7.44 -55.74 6.20
CA GLU F 221 -6.23 -56.37 5.72
C GLU F 221 -5.04 -55.40 5.71
N MET F 222 -5.28 -54.10 5.85
CA MET F 222 -4.19 -53.14 5.85
C MET F 222 -3.69 -52.81 7.25
N ILE F 223 -4.57 -52.82 8.25
CA ILE F 223 -4.16 -52.38 9.58
C ILE F 223 -4.00 -53.56 10.53
N CYS F 224 -4.77 -54.63 10.34
CA CYS F 224 -4.71 -55.79 11.22
C CYS F 224 -3.58 -56.69 10.77
N LEU F 225 -2.41 -56.52 11.38
CA LEU F 225 -1.22 -57.27 11.01
C LEU F 225 -1.08 -58.60 11.75
N THR F 226 -1.92 -58.87 12.73
CA THR F 226 -1.88 -60.13 13.47
C THR F 226 -3.31 -60.61 13.70
N GLN F 227 -3.42 -61.90 14.00
CA GLN F 227 -4.75 -62.46 14.25
C GLN F 227 -5.40 -61.81 15.47
N GLU F 228 -4.62 -61.55 16.52
CA GLU F 228 -5.17 -60.88 17.70
C GLU F 228 -5.71 -59.51 17.32
N GLN F 229 -4.93 -58.76 16.53
CA GLN F 229 -5.38 -57.44 16.09
C GLN F 229 -6.65 -57.56 15.26
N ARG F 230 -6.69 -58.53 14.35
CA ARG F 230 -7.86 -58.67 13.49
C ARG F 230 -9.10 -59.03 14.30
N ASP F 231 -8.97 -59.97 15.23
CA ASP F 231 -10.11 -60.37 16.04
C ASP F 231 -10.58 -59.23 16.93
N TYR F 232 -9.65 -58.43 17.46
CA TYR F 232 -10.05 -57.28 18.27
C TYR F 232 -10.75 -56.22 17.43
N PHE F 233 -10.26 -56.00 16.20
CA PHE F 233 -10.86 -54.97 15.35
C PHE F 233 -12.21 -55.41 14.79
N GLU F 234 -12.43 -56.72 14.65
CA GLU F 234 -13.70 -57.18 14.11
C GLU F 234 -14.87 -57.02 15.07
N THR F 235 -14.59 -56.77 16.35
CA THR F 235 -15.65 -56.55 17.33
C THR F 235 -16.18 -55.13 17.31
N PHE F 236 -15.59 -54.23 16.54
CA PHE F 236 -16.02 -52.84 16.52
C PHE F 236 -17.44 -52.76 15.96
N LYS F 237 -18.28 -51.96 16.60
CA LYS F 237 -19.68 -51.86 16.24
C LYS F 237 -19.85 -50.87 15.09
N SER F 238 -20.92 -51.05 14.35
CA SER F 238 -21.19 -50.23 13.17
C SER F 238 -21.97 -48.98 13.54
N GLY F 239 -21.71 -47.89 12.82
CA GLY F 239 -22.47 -46.67 12.95
C GLY F 239 -23.75 -46.71 12.12
N HIS F 240 -24.47 -45.60 12.15
CA HIS F 240 -25.73 -45.47 11.44
C HIS F 240 -25.79 -44.11 10.77
N THR F 241 -26.57 -44.04 9.71
CA THR F 241 -26.81 -42.80 8.99
C THR F 241 -28.31 -42.56 8.92
N CYS F 242 -28.73 -41.36 9.34
CA CYS F 242 -30.14 -41.02 9.39
C CYS F 242 -30.24 -39.51 9.50
N ILE F 243 -31.45 -39.00 9.25
CA ILE F 243 -31.75 -37.58 9.37
C ILE F 243 -32.86 -37.43 10.39
N TYR F 244 -32.66 -36.52 11.34
CA TYR F 244 -33.62 -36.25 12.40
C TYR F 244 -34.19 -34.86 12.26
N GLY F 245 -35.42 -34.68 12.75
CA GLY F 245 -36.06 -33.39 12.77
C GLY F 245 -35.79 -32.64 14.06
N PRO F 246 -36.27 -31.40 14.16
CA PRO F 246 -35.99 -30.60 15.35
C PRO F 246 -36.51 -31.20 16.65
N ASP F 247 -37.36 -32.20 16.58
CA ASP F 247 -37.88 -32.88 17.77
C ASP F 247 -37.10 -34.15 18.11
N GLY F 248 -36.05 -34.47 17.36
CA GLY F 248 -35.31 -35.69 17.58
C GLY F 248 -35.93 -36.93 16.97
N GLU F 249 -37.01 -36.79 16.22
CA GLU F 249 -37.61 -37.93 15.55
C GLU F 249 -37.01 -38.10 14.15
N PRO F 250 -36.78 -39.33 13.70
CA PRO F 250 -36.25 -39.52 12.35
C PRO F 250 -37.21 -39.02 11.29
N ILE F 251 -36.64 -38.50 10.20
CA ILE F 251 -37.44 -38.09 9.04
C ILE F 251 -36.90 -38.77 7.79
N SER F 252 -36.25 -39.92 7.96
CA SER F 252 -35.80 -40.71 6.83
C SER F 252 -35.57 -42.14 7.31
N ASP F 253 -35.44 -43.05 6.34
CA ASP F 253 -35.15 -44.44 6.65
C ASP F 253 -33.67 -44.61 6.97
N MET F 254 -33.39 -45.54 7.87
CA MET F 254 -32.00 -45.87 8.18
C MET F 254 -31.34 -46.50 6.96
N VAL F 255 -30.11 -46.10 6.68
CA VAL F 255 -29.32 -46.82 5.68
C VAL F 255 -28.97 -48.20 6.23
N PRO F 256 -29.20 -49.29 5.48
CA PRO F 256 -28.90 -50.61 6.02
C PRO F 256 -27.47 -50.71 6.54
N ALA F 257 -27.32 -51.41 7.66
CA ALA F 257 -26.05 -51.44 8.36
C ALA F 257 -24.98 -52.10 7.50
N GLU F 258 -23.79 -51.49 7.49
CA GLU F 258 -22.62 -52.03 6.81
C GLU F 258 -22.85 -52.12 5.31
N THR F 259 -23.58 -51.15 4.77
CA THR F 259 -23.81 -51.05 3.34
C THR F 259 -23.69 -49.58 2.94
N GLU F 260 -23.33 -49.35 1.68
CA GLU F 260 -23.25 -48.01 1.15
C GLU F 260 -24.62 -47.53 0.72
N GLY F 261 -24.94 -46.29 1.08
CA GLY F 261 -26.22 -45.73 0.72
C GLY F 261 -26.31 -44.29 1.19
N ILE F 262 -27.35 -43.61 0.70
CA ILE F 262 -27.58 -42.21 1.01
C ILE F 262 -29.00 -42.08 1.55
N ALA F 263 -29.15 -41.32 2.63
CA ALA F 263 -30.45 -41.05 3.22
C ALA F 263 -30.96 -39.70 2.73
N TYR F 264 -32.25 -39.62 2.45
CA TYR F 264 -32.87 -38.42 1.92
C TYR F 264 -34.03 -37.99 2.81
N ALA F 265 -34.22 -36.68 2.91
CA ALA F 265 -35.32 -36.13 3.68
C ALA F 265 -35.65 -34.75 3.14
N GLU F 266 -36.87 -34.31 3.40
CA GLU F 266 -37.31 -32.96 3.07
C GLU F 266 -37.20 -32.09 4.32
N ILE F 267 -36.36 -31.07 4.26
CA ILE F 267 -36.08 -30.19 5.38
C ILE F 267 -36.91 -28.93 5.23
N ASP F 268 -37.88 -28.73 6.11
CA ASP F 268 -38.63 -27.48 6.18
C ASP F 268 -38.07 -26.70 7.36
N VAL F 269 -37.22 -25.71 7.07
CA VAL F 269 -36.59 -24.95 8.13
C VAL F 269 -37.63 -24.21 8.96
N GLU F 270 -38.83 -24.01 8.43
CA GLU F 270 -39.89 -23.37 9.20
C GLU F 270 -40.28 -24.19 10.42
N ARG F 271 -39.98 -25.49 10.44
CA ARG F 271 -40.37 -26.33 11.56
C ARG F 271 -39.64 -25.96 12.85
N VAL F 272 -38.45 -25.37 12.75
CA VAL F 272 -37.70 -25.00 13.95
C VAL F 272 -38.42 -23.93 14.74
N ILE F 273 -39.32 -23.18 14.13
CA ILE F 273 -40.06 -22.16 14.85
C ILE F 273 -40.96 -22.79 15.89
N ASP F 274 -41.51 -23.96 15.60
CA ASP F 274 -42.40 -24.65 16.52
C ASP F 274 -41.66 -25.22 17.74
N TYR F 275 -40.34 -25.19 17.74
CA TYR F 275 -39.56 -25.70 18.87
C TYR F 275 -38.69 -24.65 19.52
N LYS F 276 -38.40 -23.54 18.85
CA LYS F 276 -37.96 -22.35 19.56
C LYS F 276 -39.05 -21.86 20.50
N TYR F 277 -40.31 -22.16 20.18
CA TYR F 277 -41.42 -21.83 21.07
C TYR F 277 -41.25 -22.52 22.41
N TYR F 278 -40.81 -23.77 22.41
CA TYR F 278 -40.67 -24.53 23.64
C TYR F 278 -39.39 -24.17 24.38
N ILE F 279 -38.24 -24.22 23.70
CA ILE F 279 -36.95 -24.12 24.35
C ILE F 279 -35.97 -23.46 23.39
N ASP F 280 -35.20 -22.51 23.90
CA ASP F 280 -34.08 -21.92 23.17
C ASP F 280 -33.03 -21.52 24.18
N PRO F 281 -32.13 -22.45 24.54
CA PRO F 281 -31.21 -22.17 25.66
C PRO F 281 -30.37 -20.92 25.47
N ALA F 282 -30.02 -20.56 24.24
CA ALA F 282 -29.23 -19.37 24.01
C ALA F 282 -30.06 -18.10 23.99
N GLY F 283 -31.39 -18.22 24.05
CA GLY F 283 -32.27 -17.08 24.06
C GLY F 283 -33.10 -16.98 25.32
N HIS F 284 -34.41 -17.28 25.20
CA HIS F 284 -35.34 -17.06 26.30
C HIS F 284 -35.24 -18.12 27.38
N TYR F 285 -34.86 -19.35 27.04
CA TYR F 285 -34.81 -20.44 28.00
C TYR F 285 -33.48 -20.45 28.75
N SER F 286 -33.21 -19.35 29.42
CA SER F 286 -31.91 -19.13 30.04
C SER F 286 -32.10 -18.49 31.41
N ASN F 287 -31.06 -18.63 32.23
CA ASN F 287 -31.02 -18.03 33.56
C ASN F 287 -29.82 -17.10 33.64
N GLN F 288 -29.97 -16.00 34.36
CA GLN F 288 -28.95 -14.97 34.40
C GLN F 288 -27.70 -15.39 35.14
N SER F 289 -27.75 -16.48 35.91
CA SER F 289 -26.58 -16.92 36.66
C SER F 289 -25.64 -17.81 35.85
N LEU F 290 -26.08 -18.34 34.71
CA LEU F 290 -25.27 -19.22 33.90
C LEU F 290 -25.04 -18.59 32.53
N SER F 291 -23.78 -18.43 32.16
CA SER F 291 -23.42 -17.89 30.85
C SER F 291 -22.11 -18.50 30.41
N MET F 292 -21.83 -18.40 29.11
CA MET F 292 -20.60 -18.93 28.54
C MET F 292 -19.85 -17.82 27.83
N ASN F 293 -18.52 -17.94 27.82
CA ASN F 293 -17.64 -17.07 27.06
C ASN F 293 -17.25 -17.78 25.78
N PHE F 294 -17.50 -17.13 24.64
CA PHE F 294 -17.23 -17.69 23.33
C PHE F 294 -16.18 -16.82 22.66
N ASN F 295 -14.93 -17.24 22.71
CA ASN F 295 -13.80 -16.48 22.19
C ASN F 295 -13.51 -16.94 20.76
N GLN F 296 -13.75 -16.07 19.79
CA GLN F 296 -13.59 -16.40 18.38
C GLN F 296 -12.30 -15.85 17.78
N GLN F 297 -11.37 -15.40 18.59
CA GLN F 297 -10.12 -14.87 18.07
C GLN F 297 -9.26 -15.99 17.51
N PRO F 298 -8.60 -15.79 16.37
CA PRO F 298 -7.70 -16.82 15.86
C PRO F 298 -6.60 -17.11 16.87
N THR F 299 -6.28 -18.39 17.01
CA THR F 299 -5.28 -18.83 17.98
C THR F 299 -4.22 -19.68 17.29
N PRO F 300 -3.47 -19.09 16.36
CA PRO F 300 -2.27 -19.77 15.87
C PRO F 300 -1.15 -19.69 16.89
N VAL F 301 -0.23 -20.65 16.81
CA VAL F 301 0.90 -20.63 17.73
C VAL F 301 1.80 -19.44 17.43
N VAL F 302 1.92 -19.08 16.16
CA VAL F 302 2.74 -17.96 15.73
C VAL F 302 1.91 -17.06 14.83
N LYS F 303 1.89 -15.76 15.14
CA LYS F 303 1.12 -14.79 14.38
C LYS F 303 2.05 -14.04 13.44
N HIS F 304 1.82 -14.16 12.14
CA HIS F 304 2.62 -13.48 11.15
C HIS F 304 2.08 -12.07 10.95
N LEU F 305 2.93 -11.07 11.18
CA LEU F 305 2.57 -9.68 10.98
C LEU F 305 3.26 -9.17 9.71
N ASN F 306 2.47 -8.60 8.81
CA ASN F 306 2.98 -8.06 7.56
C ASN F 306 3.74 -9.13 6.78
N HIS F 307 3.03 -10.20 6.44
CA HIS F 307 3.59 -11.25 5.62
C HIS F 307 4.10 -10.69 4.30
N GLN F 308 5.25 -11.17 3.87
CA GLN F 308 5.95 -10.63 2.69
C GLN F 308 6.13 -11.74 1.65
N LYS F 309 6.88 -11.42 0.60
CA LYS F 309 7.26 -12.39 -0.42
C LYS F 309 8.70 -12.09 -0.83
N ASN F 310 9.56 -13.10 -0.71
CA ASN F 310 11.00 -12.85 -0.80
C ASN F 310 11.42 -12.47 -2.21
N GLU F 311 12.33 -11.51 -2.30
CA GLU F 311 12.93 -11.14 -3.58
C GLU F 311 13.90 -12.22 -4.04
N VAL F 312 13.89 -12.49 -5.35
CA VAL F 312 14.83 -13.42 -5.97
C VAL F 312 15.64 -12.63 -7.00
N PHE F 313 16.96 -12.79 -6.94
CA PHE F 313 17.88 -12.18 -7.90
C PHE F 313 18.20 -13.25 -8.94
N THR F 314 17.55 -13.15 -10.10
CA THR F 314 17.71 -14.19 -11.12
C THR F 314 19.14 -14.21 -11.63
N TYR F 315 19.57 -15.40 -12.05
CA TYR F 315 20.95 -15.59 -12.50
C TYR F 315 21.34 -14.58 -13.57
N GLU F 316 20.46 -14.35 -14.55
CA GLU F 316 20.78 -13.43 -15.63
C GLU F 316 21.03 -12.03 -15.10
N ASP F 317 20.23 -11.58 -14.13
CA ASP F 317 20.45 -10.28 -13.53
C ASP F 317 21.82 -10.19 -12.89
N ILE F 318 22.23 -11.23 -12.16
CA ILE F 318 23.53 -11.21 -11.49
C ILE F 318 24.66 -11.15 -12.50
N GLN F 319 24.56 -11.94 -13.57
CA GLN F 319 25.56 -11.87 -14.64
C GLN F 319 25.05 -10.93 -15.74
N THR G 1 23.77 -18.25 -22.62
CA THR G 1 24.42 -19.56 -22.86
C THR G 1 23.54 -20.47 -23.70
N SER G 2 24.17 -21.29 -24.54
CA SER G 2 23.48 -22.22 -25.43
C SER G 2 23.69 -23.65 -24.94
N ILE G 3 22.67 -24.47 -25.11
CA ILE G 3 22.70 -25.87 -24.68
C ILE G 3 22.23 -26.73 -25.84
N TYR G 4 22.65 -27.99 -25.81
CA TYR G 4 22.32 -28.98 -26.85
C TYR G 4 21.92 -30.27 -26.16
N PRO G 5 20.77 -30.28 -25.48
CA PRO G 5 20.38 -31.41 -24.65
C PRO G 5 19.88 -32.60 -25.46
N LYS G 6 19.89 -33.75 -24.79
CA LYS G 6 19.36 -35.00 -25.34
C LYS G 6 18.12 -35.40 -24.56
N PHE G 7 17.09 -35.86 -25.27
CA PHE G 7 15.84 -36.26 -24.64
C PHE G 7 15.09 -37.17 -25.60
N ARG G 8 13.98 -37.71 -25.10
CA ARG G 8 13.09 -38.56 -25.88
C ARG G 8 11.77 -37.84 -26.09
N ALA G 9 11.33 -37.78 -27.34
CA ALA G 9 10.11 -37.10 -27.71
C ALA G 9 9.07 -38.12 -28.19
N ALA G 10 7.81 -37.73 -28.06
CA ALA G 10 6.68 -38.61 -28.38
C ALA G 10 5.71 -37.87 -29.28
N ALA G 11 5.43 -38.44 -30.45
CA ALA G 11 4.45 -37.92 -31.39
C ALA G 11 3.21 -38.79 -31.33
N VAL G 12 2.06 -38.16 -31.16
CA VAL G 12 0.80 -38.87 -30.90
C VAL G 12 -0.01 -38.94 -32.19
N GLN G 13 -0.54 -40.13 -32.48
CA GLN G 13 -1.54 -40.32 -33.53
C GLN G 13 -2.81 -40.83 -32.86
N ALA G 14 -3.82 -39.98 -32.77
CA ALA G 14 -5.04 -40.33 -32.07
C ALA G 14 -6.19 -39.52 -32.62
N ALA G 15 -7.40 -39.86 -32.17
CA ALA G 15 -8.59 -39.11 -32.49
C ALA G 15 -9.33 -38.80 -31.19
N PRO G 16 -10.01 -37.66 -31.12
CA PRO G 16 -10.75 -37.32 -29.91
C PRO G 16 -12.18 -37.87 -29.93
N ILE G 17 -12.83 -37.76 -28.78
CA ILE G 17 -14.26 -38.00 -28.71
C ILE G 17 -14.93 -36.79 -29.35
N TYR G 18 -15.40 -36.98 -30.58
CA TYR G 18 -15.67 -35.86 -31.48
C TYR G 18 -16.65 -34.86 -30.89
N LEU G 19 -16.24 -33.60 -30.88
CA LEU G 19 -17.05 -32.49 -30.36
C LEU G 19 -17.52 -32.78 -28.94
N ASN G 20 -16.63 -33.37 -28.15
CA ASN G 20 -16.84 -33.59 -26.72
C ASN G 20 -15.54 -33.19 -26.02
N LEU G 21 -15.55 -32.05 -25.34
CA LEU G 21 -14.32 -31.50 -24.80
C LEU G 21 -13.87 -32.24 -23.54
N GLU G 22 -14.81 -32.69 -22.71
CA GLU G 22 -14.44 -33.35 -21.46
C GLU G 22 -13.85 -34.74 -21.74
N ALA G 23 -14.52 -35.52 -22.58
CA ALA G 23 -13.98 -36.82 -22.96
C ALA G 23 -12.66 -36.67 -23.71
N SER G 24 -12.56 -35.66 -24.57
CA SER G 24 -11.32 -35.43 -25.29
C SER G 24 -10.18 -35.07 -24.35
N VAL G 25 -10.46 -34.24 -23.35
CA VAL G 25 -9.43 -33.88 -22.38
C VAL G 25 -9.01 -35.09 -21.57
N GLU G 26 -9.97 -35.98 -21.27
CA GLU G 26 -9.62 -37.24 -20.61
C GLU G 26 -8.69 -38.07 -21.49
N LYS G 27 -9.00 -38.17 -22.78
CA LYS G 27 -8.14 -38.93 -23.68
C LYS G 27 -6.76 -38.31 -23.77
N SER G 28 -6.68 -36.99 -23.79
CA SER G 28 -5.39 -36.31 -23.80
C SER G 28 -4.59 -36.63 -22.54
N CYS G 29 -5.24 -36.61 -21.38
CA CYS G 29 -4.54 -36.93 -20.14
C CYS G 29 -4.00 -38.35 -20.18
N GLU G 30 -4.81 -39.30 -20.65
CA GLU G 30 -4.36 -40.68 -20.74
C GLU G 30 -3.17 -40.81 -21.68
N LEU G 31 -3.24 -40.15 -22.85
CA LEU G 31 -2.14 -40.25 -23.80
C LEU G 31 -0.87 -39.62 -23.25
N ILE G 32 -0.99 -38.50 -22.53
CA ILE G 32 0.18 -37.89 -21.92
C ILE G 32 0.79 -38.85 -20.91
N ASP G 33 -0.05 -39.48 -20.08
CA ASP G 33 0.46 -40.45 -19.11
C ASP G 33 1.20 -41.58 -19.80
N GLU G 34 0.58 -42.15 -20.84
CA GLU G 34 1.21 -43.26 -21.55
C GLU G 34 2.55 -42.84 -22.15
N ALA G 35 2.57 -41.72 -22.88
CA ALA G 35 3.79 -41.30 -23.55
C ALA G 35 4.89 -40.98 -22.55
N ALA G 36 4.56 -40.28 -21.47
CA ALA G 36 5.59 -39.88 -20.52
C ALA G 36 6.11 -41.07 -19.72
N SER G 37 5.28 -42.08 -19.49
CA SER G 37 5.76 -43.28 -18.82
C SER G 37 6.78 -44.03 -19.67
N ASN G 38 6.85 -43.74 -20.97
CA ASN G 38 7.81 -44.37 -21.86
C ASN G 38 9.08 -43.54 -22.04
N GLY G 39 9.33 -42.60 -21.14
CA GLY G 39 10.53 -41.79 -21.19
C GLY G 39 10.40 -40.49 -21.96
N ALA G 40 9.26 -40.24 -22.60
CA ALA G 40 9.11 -39.04 -23.41
C ALA G 40 9.14 -37.81 -22.52
N LYS G 41 10.01 -36.86 -22.85
CA LYS G 41 10.06 -35.57 -22.19
C LYS G 41 9.32 -34.50 -22.97
N LEU G 42 8.79 -34.84 -24.14
CA LEU G 42 7.93 -33.97 -24.92
C LEU G 42 6.82 -34.82 -25.51
N VAL G 43 5.60 -34.29 -25.51
CA VAL G 43 4.43 -34.95 -26.09
C VAL G 43 3.76 -33.96 -27.02
N ALA G 44 3.58 -34.36 -28.27
CA ALA G 44 2.92 -33.54 -29.29
C ALA G 44 1.60 -34.19 -29.68
N PHE G 45 0.65 -33.38 -30.10
CA PHE G 45 -0.71 -33.80 -30.39
C PHE G 45 -1.15 -33.35 -31.76
N PRO G 46 -2.14 -34.03 -32.35
CA PRO G 46 -2.63 -33.62 -33.68
C PRO G 46 -3.28 -32.23 -33.65
N GLU G 47 -3.60 -31.74 -34.84
CA GLU G 47 -4.17 -30.41 -34.97
C GLU G 47 -5.65 -30.42 -34.64
N ALA G 48 -6.11 -29.38 -33.93
CA ALA G 48 -7.50 -29.25 -33.52
C ALA G 48 -7.97 -30.47 -32.74
N PHE G 49 -7.09 -31.00 -31.87
CA PHE G 49 -7.42 -32.21 -31.15
C PHE G 49 -8.58 -31.99 -30.18
N LEU G 50 -8.60 -30.85 -29.49
CA LEU G 50 -9.69 -30.54 -28.57
C LEU G 50 -10.61 -29.51 -29.20
N PRO G 51 -11.88 -29.81 -29.47
CA PRO G 51 -12.59 -31.08 -29.34
C PRO G 51 -12.59 -31.89 -30.62
N GLY G 52 -11.89 -31.45 -31.66
CA GLY G 52 -11.83 -32.18 -32.91
C GLY G 52 -11.77 -31.25 -34.10
N TYR G 53 -11.17 -31.73 -35.18
CA TYR G 53 -11.09 -30.94 -36.40
C TYR G 53 -12.46 -30.82 -37.04
N PRO G 54 -12.85 -29.62 -37.49
CA PRO G 54 -14.19 -29.46 -38.08
C PRO G 54 -14.32 -30.04 -39.48
N TRP G 55 -14.48 -31.36 -39.54
CA TRP G 55 -14.61 -32.02 -40.84
C TRP G 55 -15.94 -31.70 -41.52
N PHE G 56 -16.95 -31.34 -40.74
CA PHE G 56 -18.24 -31.00 -41.33
C PHE G 56 -18.14 -29.81 -42.28
N ALA G 57 -17.13 -28.95 -42.12
CA ALA G 57 -17.01 -27.79 -42.97
C ALA G 57 -16.58 -28.12 -44.39
N PHE G 58 -16.17 -29.37 -44.65
CA PHE G 58 -15.65 -29.74 -45.96
C PHE G 58 -16.60 -30.63 -46.75
N ILE G 59 -17.75 -30.99 -46.20
CA ILE G 59 -18.64 -31.94 -46.86
C ILE G 59 -20.06 -31.38 -46.93
N GLY G 60 -20.20 -30.06 -46.82
CA GLY G 60 -21.51 -29.46 -46.91
C GLY G 60 -21.38 -27.97 -47.11
N HIS G 61 -22.53 -27.33 -47.27
CA HIS G 61 -22.60 -25.89 -47.49
C HIS G 61 -22.63 -25.15 -46.16
N PRO G 62 -22.38 -23.83 -46.17
CA PRO G 62 -22.19 -23.11 -44.91
C PRO G 62 -23.34 -23.24 -43.92
N GLU G 63 -24.60 -23.31 -44.38
CA GLU G 63 -25.69 -23.46 -43.44
C GLU G 63 -25.63 -24.81 -42.73
N TYR G 64 -25.26 -25.86 -43.46
CA TYR G 64 -25.03 -27.15 -42.83
C TYR G 64 -23.90 -27.07 -41.81
N THR G 65 -22.83 -26.34 -42.14
CA THR G 65 -21.71 -26.17 -41.24
C THR G 65 -22.10 -25.38 -39.99
N ARG G 66 -23.11 -24.53 -40.10
CA ARG G 66 -23.52 -23.70 -38.97
C ARG G 66 -23.97 -24.54 -37.79
N LYS G 67 -24.74 -25.61 -38.05
CA LYS G 67 -25.28 -26.41 -36.96
C LYS G 67 -24.19 -27.08 -36.15
N PHE G 68 -23.18 -27.63 -36.83
CA PHE G 68 -22.09 -28.28 -36.13
C PHE G 68 -21.11 -27.27 -35.54
N TYR G 69 -20.99 -26.10 -36.14
CA TYR G 69 -20.22 -25.03 -35.52
C TYR G 69 -20.84 -24.63 -34.19
N HIS G 70 -22.16 -24.70 -34.08
CA HIS G 70 -22.80 -24.46 -32.79
C HIS G 70 -22.20 -25.35 -31.70
N GLU G 71 -22.08 -26.65 -31.99
CA GLU G 71 -21.56 -27.58 -30.99
C GLU G 71 -20.07 -27.39 -30.77
N LEU G 72 -19.30 -27.18 -31.84
CA LEU G 72 -17.88 -26.94 -31.66
C LEU G 72 -17.64 -25.70 -30.80
N TYR G 73 -18.42 -24.65 -31.04
CA TYR G 73 -18.34 -23.44 -30.24
C TYR G 73 -18.67 -23.73 -28.78
N LYS G 74 -19.71 -24.52 -28.53
CA LYS G 74 -20.02 -24.89 -27.16
C LYS G 74 -18.93 -25.74 -26.52
N ASN G 75 -18.08 -26.39 -27.33
CA ASN G 75 -17.05 -27.29 -26.81
C ASN G 75 -15.63 -26.77 -27.06
N ALA G 76 -15.45 -25.45 -27.15
CA ALA G 76 -14.14 -24.88 -27.38
C ALA G 76 -13.42 -24.61 -26.06
N VAL G 77 -12.10 -24.55 -26.14
CA VAL G 77 -11.26 -24.37 -24.96
C VAL G 77 -11.18 -22.88 -24.62
N GLU G 78 -11.16 -22.59 -23.33
CA GLU G 78 -10.99 -21.23 -22.83
C GLU G 78 -9.80 -21.17 -21.89
N ILE G 79 -9.24 -19.97 -21.77
CA ILE G 79 -8.12 -19.72 -20.86
C ILE G 79 -8.52 -18.60 -19.92
N PRO G 80 -8.74 -18.85 -18.62
CA PRO G 80 -8.64 -20.13 -17.92
C PRO G 80 -9.83 -21.04 -18.16
N SER G 81 -9.66 -22.34 -17.94
CA SER G 81 -10.77 -23.27 -18.06
C SER G 81 -10.38 -24.56 -17.35
N LEU G 82 -11.36 -25.47 -17.24
CA LEU G 82 -11.08 -26.76 -16.64
C LEU G 82 -10.17 -27.61 -17.52
N ALA G 83 -10.30 -27.49 -18.84
CA ALA G 83 -9.44 -28.23 -19.74
C ALA G 83 -7.98 -27.84 -19.55
N ILE G 84 -7.72 -26.54 -19.47
CA ILE G 84 -6.36 -26.07 -19.22
C ILE G 84 -5.85 -26.62 -17.91
N GLN G 85 -6.71 -26.64 -16.88
CA GLN G 85 -6.31 -27.18 -15.59
C GLN G 85 -5.91 -28.64 -15.70
N LYS G 86 -6.72 -29.45 -16.37
CA LYS G 86 -6.43 -30.87 -16.46
C LYS G 86 -5.16 -31.13 -17.24
N ILE G 87 -4.95 -30.40 -18.34
CA ILE G 87 -3.75 -30.64 -19.14
C ILE G 87 -2.52 -30.17 -18.39
N SER G 88 -2.61 -29.06 -17.67
CA SER G 88 -1.49 -28.61 -16.85
C SER G 88 -1.19 -29.63 -15.76
N GLU G 89 -2.23 -30.20 -15.15
CA GLU G 89 -2.01 -31.22 -14.13
C GLU G 89 -1.31 -32.44 -14.70
N ALA G 90 -1.72 -32.88 -15.88
CA ALA G 90 -1.07 -34.03 -16.50
C ALA G 90 0.39 -33.72 -16.84
N ALA G 91 0.63 -32.55 -17.44
CA ALA G 91 1.98 -32.17 -17.81
C ALA G 91 2.89 -32.10 -16.58
N LYS G 92 2.37 -31.56 -15.47
CA LYS G 92 3.17 -31.49 -14.25
C LYS G 92 3.39 -32.87 -13.65
N ARG G 93 2.31 -33.65 -13.51
CA ARG G 93 2.42 -34.98 -12.93
C ARG G 93 3.43 -35.83 -13.68
N ASN G 94 3.56 -35.62 -14.99
CA ASN G 94 4.44 -36.42 -15.82
C ASN G 94 5.78 -35.76 -16.09
N GLU G 95 5.99 -34.52 -15.61
CA GLU G 95 7.27 -33.83 -15.75
C GLU G 95 7.70 -33.74 -17.22
N THR G 96 6.74 -33.42 -18.08
CA THR G 96 6.96 -33.45 -19.52
C THR G 96 6.43 -32.15 -20.14
N TYR G 97 7.09 -31.71 -21.20
CA TYR G 97 6.55 -30.65 -22.03
C TYR G 97 5.44 -31.23 -22.90
N VAL G 98 4.38 -30.45 -23.06
CA VAL G 98 3.20 -30.88 -23.82
C VAL G 98 2.83 -29.79 -24.82
N CYS G 99 2.63 -30.18 -26.07
CA CYS G 99 2.07 -29.31 -27.09
C CYS G 99 0.76 -29.93 -27.55
N ILE G 100 -0.33 -29.18 -27.40
CA ILE G 100 -1.66 -29.69 -27.67
C ILE G 100 -2.44 -28.64 -28.45
N SER G 101 -3.05 -29.07 -29.56
CA SER G 101 -3.83 -28.17 -30.39
C SER G 101 -5.29 -28.23 -29.99
N CYS G 102 -6.01 -27.13 -30.24
CA CYS G 102 -7.38 -27.00 -29.78
C CYS G 102 -8.07 -25.85 -30.48
N SER G 103 -9.39 -25.82 -30.38
CA SER G 103 -10.20 -24.69 -30.78
C SER G 103 -10.33 -23.75 -29.59
N GLU G 104 -9.76 -22.56 -29.68
CA GLU G 104 -9.70 -21.63 -28.58
C GLU G 104 -10.84 -20.62 -28.70
N LYS G 105 -11.57 -20.43 -27.62
CA LYS G 105 -12.61 -19.41 -27.54
C LYS G 105 -12.03 -18.18 -26.85
N ASP G 106 -12.04 -17.06 -27.54
CA ASP G 106 -11.58 -15.78 -27.00
C ASP G 106 -12.65 -14.74 -27.30
N GLY G 107 -13.39 -14.34 -26.27
CA GLY G 107 -14.53 -13.48 -26.50
C GLY G 107 -15.63 -14.26 -27.21
N GLY G 108 -16.12 -13.71 -28.31
CA GLY G 108 -17.13 -14.35 -29.11
C GLY G 108 -16.64 -15.11 -30.33
N SER G 109 -15.33 -15.32 -30.46
CA SER G 109 -14.75 -15.91 -31.65
C SER G 109 -13.98 -17.17 -31.30
N LEU G 110 -13.84 -18.04 -32.31
CA LEU G 110 -13.06 -19.25 -32.19
C LEU G 110 -11.73 -19.10 -32.92
N TYR G 111 -10.69 -19.71 -32.35
CA TYR G 111 -9.36 -19.70 -32.94
C TYR G 111 -8.78 -21.10 -32.87
N LEU G 112 -7.82 -21.36 -33.76
CA LEU G 112 -7.06 -22.61 -33.72
C LEU G 112 -5.71 -22.32 -33.08
N ALA G 113 -5.45 -22.94 -31.94
CA ALA G 113 -4.27 -22.64 -31.15
C ALA G 113 -3.48 -23.91 -30.85
N GLN G 114 -2.21 -23.71 -30.52
CA GLN G 114 -1.36 -24.74 -29.94
C GLN G 114 -0.96 -24.27 -28.55
N LEU G 115 -1.27 -25.08 -27.54
CA LEU G 115 -1.02 -24.73 -26.15
C LEU G 115 0.18 -25.49 -25.64
N TRP G 116 1.13 -24.77 -25.05
CA TRP G 116 2.38 -25.34 -24.58
C TRP G 116 2.40 -25.34 -23.05
N PHE G 117 2.72 -26.49 -22.47
CA PHE G 117 2.85 -26.66 -21.03
C PHE G 117 4.24 -27.18 -20.74
N ASN G 118 4.84 -26.69 -19.67
CA ASN G 118 6.16 -27.13 -19.25
C ASN G 118 6.05 -28.18 -18.14
N PRO G 119 7.16 -28.79 -17.74
CA PRO G 119 7.08 -29.83 -16.70
C PRO G 119 6.55 -29.34 -15.37
N ASN G 120 6.49 -28.03 -15.15
CA ASN G 120 5.88 -27.49 -13.93
C ASN G 120 4.39 -27.29 -14.04
N GLY G 121 3.80 -27.56 -15.21
CA GLY G 121 2.40 -27.29 -15.42
C GLY G 121 2.06 -25.85 -15.76
N ASP G 122 3.05 -25.03 -16.09
CA ASP G 122 2.78 -23.66 -16.49
C ASP G 122 2.41 -23.63 -17.97
N LEU G 123 1.33 -22.93 -18.30
CA LEU G 123 0.99 -22.68 -19.69
C LEU G 123 1.94 -21.64 -20.25
N ILE G 124 3.08 -22.09 -20.76
CA ILE G 124 4.18 -21.18 -21.08
C ILE G 124 3.84 -20.30 -22.28
N GLY G 125 3.02 -20.78 -23.21
CA GLY G 125 2.69 -19.94 -24.34
C GLY G 125 1.65 -20.58 -25.23
N LYS G 126 1.26 -19.82 -26.25
CA LYS G 126 0.19 -20.22 -27.15
C LYS G 126 0.51 -19.70 -28.55
N HIS G 127 0.18 -20.49 -29.56
CA HIS G 127 0.36 -20.09 -30.95
C HIS G 127 -0.95 -20.30 -31.69
N ARG G 128 -1.51 -19.21 -32.22
CA ARG G 128 -2.71 -19.28 -33.04
C ARG G 128 -2.31 -19.41 -34.51
N LYS G 129 -3.06 -20.22 -35.25
CA LYS G 129 -2.80 -20.37 -36.67
C LYS G 129 -2.92 -19.01 -37.36
N MET G 130 -1.92 -18.67 -38.18
CA MET G 130 -1.88 -17.35 -38.79
C MET G 130 -2.98 -17.14 -39.81
N ARG G 131 -3.36 -18.19 -40.53
CA ARG G 131 -4.34 -18.07 -41.60
C ARG G 131 -5.04 -19.42 -41.77
N ALA G 132 -6.35 -19.42 -41.60
CA ALA G 132 -7.12 -20.64 -41.76
C ALA G 132 -7.12 -21.10 -43.21
N SER G 133 -7.20 -22.41 -43.39
CA SER G 133 -7.21 -23.02 -44.72
C SER G 133 -8.61 -22.93 -45.31
N VAL G 134 -8.88 -23.74 -46.35
CA VAL G 134 -10.00 -23.50 -47.25
C VAL G 134 -11.29 -23.27 -46.46
N ALA G 135 -11.79 -24.31 -45.81
CA ALA G 135 -13.06 -24.22 -45.11
C ALA G 135 -12.89 -23.91 -43.62
N GLU G 136 -11.68 -24.02 -43.08
CA GLU G 136 -11.43 -23.58 -41.72
C GLU G 136 -11.70 -22.09 -41.56
N ARG G 137 -11.70 -21.34 -42.67
CA ARG G 137 -12.00 -19.92 -42.59
C ARG G 137 -13.43 -19.67 -42.13
N LEU G 138 -14.33 -20.61 -42.38
CA LEU G 138 -15.67 -20.52 -41.82
C LEU G 138 -15.67 -20.69 -40.31
N ILE G 139 -14.64 -21.31 -39.75
CA ILE G 139 -14.64 -21.76 -38.37
C ILE G 139 -13.78 -20.89 -37.47
N TRP G 140 -12.59 -20.51 -37.94
CA TRP G 140 -11.59 -19.89 -37.08
C TRP G 140 -11.17 -18.54 -37.62
N GLY G 141 -10.89 -17.61 -36.71
CA GLY G 141 -10.28 -16.35 -37.05
C GLY G 141 -8.79 -16.50 -37.28
N ASP G 142 -8.17 -15.39 -37.61
CA ASP G 142 -6.75 -15.39 -37.97
C ASP G 142 -5.89 -15.15 -36.74
N GLY G 143 -4.59 -15.43 -36.90
CA GLY G 143 -3.61 -15.22 -35.85
C GLY G 143 -2.87 -13.91 -36.00
N SER G 144 -1.78 -13.79 -35.24
CA SER G 144 -0.96 -12.59 -35.27
C SER G 144 0.47 -12.96 -34.93
N GLY G 145 1.39 -12.09 -35.32
CA GLY G 145 2.81 -12.33 -35.11
C GLY G 145 3.25 -12.24 -33.66
N SER G 146 2.41 -11.70 -32.79
CA SER G 146 2.69 -11.75 -31.35
C SER G 146 2.48 -13.14 -30.77
N MET G 147 1.92 -14.06 -31.54
CA MET G 147 1.62 -15.41 -31.07
C MET G 147 2.37 -16.45 -31.90
N MET G 148 3.66 -16.23 -32.11
CA MET G 148 4.52 -17.17 -32.83
C MET G 148 5.76 -17.44 -31.97
N PRO G 149 5.58 -18.10 -30.84
CA PRO G 149 6.67 -18.21 -29.87
C PRO G 149 7.62 -19.36 -30.11
N VAL G 150 8.88 -19.13 -29.75
CA VAL G 150 9.88 -20.17 -29.62
C VAL G 150 10.30 -20.18 -28.15
N PHE G 151 10.19 -21.33 -27.51
CA PHE G 151 10.42 -21.44 -26.07
C PHE G 151 11.81 -21.97 -25.82
N GLN G 152 12.60 -21.20 -25.06
CA GLN G 152 13.91 -21.64 -24.63
C GLN G 152 13.74 -22.47 -23.37
N THR G 153 14.03 -23.75 -23.47
CA THR G 153 13.71 -24.71 -22.42
C THR G 153 14.96 -25.52 -22.10
N ARG G 154 14.80 -26.49 -21.20
CA ARG G 154 15.88 -27.41 -20.87
C ARG G 154 16.05 -28.51 -21.91
N ILE G 155 15.13 -28.63 -22.87
CA ILE G 155 15.21 -29.69 -23.87
C ILE G 155 15.28 -29.06 -25.27
N GLY G 156 15.88 -27.88 -25.37
CA GLY G 156 16.05 -27.22 -26.65
C GLY G 156 15.10 -26.06 -26.84
N ASN G 157 15.16 -25.50 -28.05
CA ASN G 157 14.25 -24.42 -28.45
C ASN G 157 13.05 -25.05 -29.14
N LEU G 158 11.87 -24.92 -28.54
CA LEU G 158 10.68 -25.58 -29.01
C LEU G 158 9.77 -24.61 -29.74
N GLY G 159 9.09 -25.13 -30.76
CA GLY G 159 8.08 -24.35 -31.45
C GLY G 159 7.12 -25.27 -32.17
N GLY G 160 6.09 -24.66 -32.76
CA GLY G 160 5.09 -25.42 -33.45
C GLY G 160 4.47 -24.63 -34.58
N LEU G 161 3.90 -25.37 -35.53
CA LEU G 161 3.08 -24.80 -36.58
C LEU G 161 2.01 -25.82 -36.92
N MET G 162 0.92 -25.35 -37.52
CA MET G 162 -0.27 -26.16 -37.73
C MET G 162 -0.54 -26.30 -39.21
N CYS G 163 -0.59 -27.55 -39.68
CA CYS G 163 -0.97 -27.90 -41.04
C CYS G 163 -0.27 -27.01 -42.08
N TRP G 164 -1.03 -26.27 -42.89
CA TRP G 164 -0.47 -25.56 -44.03
C TRP G 164 0.32 -24.35 -43.66
N GLU G 165 0.62 -24.07 -42.39
CA GLU G 165 1.64 -23.06 -42.10
C GLU G 165 3.00 -23.50 -42.60
N HIS G 166 3.19 -24.80 -42.81
CA HIS G 166 4.46 -25.32 -43.31
C HIS G 166 4.68 -25.02 -44.79
N GLN G 167 3.65 -24.56 -45.50
CA GLN G 167 3.76 -24.15 -46.88
C GLN G 167 3.71 -22.63 -47.04
N VAL G 168 3.95 -21.90 -45.97
CA VAL G 168 4.00 -20.45 -45.98
C VAL G 168 5.43 -20.01 -45.63
N PRO G 169 6.21 -19.55 -46.61
CA PRO G 169 7.63 -19.29 -46.31
C PRO G 169 7.88 -18.29 -45.19
N LEU G 170 7.03 -17.28 -45.05
CA LEU G 170 7.28 -16.28 -44.01
C LEU G 170 7.08 -16.87 -42.61
N ASP G 171 6.20 -17.86 -42.47
CA ASP G 171 6.09 -18.58 -41.20
C ASP G 171 7.39 -19.30 -40.88
N LEU G 172 7.98 -19.96 -41.88
CA LEU G 172 9.25 -20.63 -41.68
C LEU G 172 10.33 -19.65 -41.29
N MET G 173 10.37 -18.48 -41.93
CA MET G 173 11.37 -17.48 -41.57
C MET G 173 11.13 -16.95 -40.16
N ALA G 174 9.87 -16.79 -39.76
CA ALA G 174 9.59 -16.33 -38.41
C ALA G 174 10.07 -17.34 -37.37
N MET G 175 9.91 -18.63 -37.66
CA MET G 175 10.42 -19.63 -36.73
C MET G 175 11.96 -19.68 -36.75
N ASN G 176 12.56 -19.52 -37.93
CA ASN G 176 14.00 -19.62 -38.07
C ASN G 176 14.72 -18.44 -37.43
N ALA G 177 14.12 -17.25 -37.46
CA ALA G 177 14.74 -16.08 -36.84
C ALA G 177 14.86 -16.25 -35.34
N GLN G 178 13.98 -17.03 -34.73
CA GLN G 178 14.00 -17.28 -33.30
C GLN G 178 14.83 -18.50 -32.92
N ASN G 179 15.48 -19.15 -33.89
CA ASN G 179 16.44 -20.23 -33.64
C ASN G 179 15.75 -21.46 -33.04
N GLU G 180 14.70 -21.92 -33.72
CA GLU G 180 14.01 -23.13 -33.32
C GLU G 180 14.90 -24.35 -33.55
N GLN G 181 14.78 -25.34 -32.66
CA GLN G 181 15.58 -26.55 -32.75
C GLN G 181 14.76 -27.82 -32.74
N VAL G 182 13.64 -27.85 -32.01
CA VAL G 182 12.71 -28.97 -32.04
C VAL G 182 11.34 -28.41 -32.34
N HIS G 183 10.64 -29.00 -33.30
CA HIS G 183 9.43 -28.42 -33.85
C HIS G 183 8.31 -29.45 -33.86
N VAL G 184 7.11 -29.02 -33.49
CA VAL G 184 5.92 -29.85 -33.52
C VAL G 184 5.09 -29.46 -34.74
N ALA G 185 4.89 -30.40 -35.66
CA ALA G 185 4.09 -30.19 -36.86
C ALA G 185 2.80 -30.98 -36.73
N SER G 186 1.77 -30.33 -36.18
CA SER G 186 0.49 -30.99 -35.97
C SER G 186 -0.38 -30.82 -37.22
N TRP G 187 -0.89 -31.94 -37.73
CA TRP G 187 -1.69 -31.97 -38.93
C TRP G 187 -3.04 -32.62 -38.61
N PRO G 188 -4.08 -32.30 -39.37
CA PRO G 188 -5.40 -32.87 -39.07
C PRO G 188 -5.59 -34.27 -39.63
N GLY G 189 -5.01 -34.57 -40.79
CA GLY G 189 -5.04 -35.92 -41.30
C GLY G 189 -5.55 -36.08 -42.72
N TYR G 190 -6.02 -35.01 -43.33
CA TYR G 190 -6.54 -35.06 -44.68
C TYR G 190 -5.66 -34.35 -45.70
N PHE G 191 -4.87 -33.38 -45.26
CA PHE G 191 -3.94 -32.69 -46.13
C PHE G 191 -2.58 -33.37 -46.10
N ASP G 192 -1.94 -33.45 -47.25
CA ASP G 192 -0.66 -34.13 -47.36
C ASP G 192 0.34 -33.51 -46.39
N ASP G 193 1.05 -34.34 -45.64
CA ASP G 193 1.88 -33.86 -44.55
C ASP G 193 3.33 -34.31 -44.60
N GLU G 194 3.66 -35.41 -45.29
CA GLU G 194 5.03 -35.91 -45.26
C GLU G 194 6.01 -34.91 -45.86
N ILE G 195 5.73 -34.47 -47.09
CA ILE G 195 6.67 -33.61 -47.81
C ILE G 195 6.86 -32.29 -47.07
N SER G 196 5.77 -31.68 -46.62
CA SER G 196 5.87 -30.35 -46.01
C SER G 196 6.68 -30.40 -44.73
N SER G 197 6.45 -31.41 -43.90
CA SER G 197 7.20 -31.52 -42.64
C SER G 197 8.65 -31.85 -42.90
N ARG G 198 8.94 -32.73 -43.87
CA ARG G 198 10.33 -33.03 -44.18
C ARG G 198 11.06 -31.78 -44.70
N TYR G 199 10.42 -31.01 -45.55
CA TYR G 199 11.04 -29.78 -46.03
C TYR G 199 11.24 -28.79 -44.89
N TYR G 200 10.27 -28.70 -43.98
CA TYR G 200 10.46 -27.81 -42.84
C TYR G 200 11.66 -28.24 -42.03
N ALA G 201 11.81 -29.55 -41.81
CA ALA G 201 12.96 -30.07 -41.10
C ALA G 201 14.25 -29.64 -41.77
N ILE G 202 14.34 -29.84 -43.09
CA ILE G 202 15.59 -29.52 -43.79
C ILE G 202 15.85 -28.02 -43.77
N ALA G 203 14.83 -27.21 -44.03
CA ALA G 203 15.00 -25.79 -44.26
C ALA G 203 14.99 -24.97 -42.98
N THR G 204 14.75 -25.59 -41.82
CA THR G 204 14.85 -24.91 -40.56
C THR G 204 15.90 -25.54 -39.65
N GLN G 205 16.49 -26.66 -40.06
CA GLN G 205 17.50 -27.36 -39.25
C GLN G 205 16.92 -27.74 -37.89
N THR G 206 15.76 -28.41 -37.91
CA THR G 206 15.04 -28.76 -36.71
C THR G 206 14.63 -30.22 -36.77
N PHE G 207 14.58 -30.84 -35.59
CA PHE G 207 13.84 -32.08 -35.44
C PHE G 207 12.34 -31.77 -35.50
N VAL G 208 11.59 -32.57 -36.25
CA VAL G 208 10.18 -32.31 -36.49
C VAL G 208 9.36 -33.49 -35.99
N LEU G 209 8.45 -33.21 -35.06
CA LEU G 209 7.44 -34.16 -34.62
C LEU G 209 6.19 -33.94 -35.46
N MET G 210 5.97 -34.81 -36.45
CA MET G 210 4.79 -34.69 -37.30
C MET G 210 3.70 -35.56 -36.69
N THR G 211 2.69 -34.92 -36.11
CA THR G 211 1.56 -35.60 -35.49
C THR G 211 0.32 -35.40 -36.35
N SER G 212 -0.49 -36.44 -36.45
CA SER G 212 -1.69 -36.41 -37.27
C SER G 212 -2.80 -37.18 -36.58
N SER G 213 -4.04 -36.91 -36.99
CA SER G 213 -5.21 -37.54 -36.42
C SER G 213 -5.69 -38.69 -37.30
N ILE G 214 -6.73 -39.38 -36.83
CA ILE G 214 -7.36 -40.46 -37.56
C ILE G 214 -8.87 -40.21 -37.53
N TYR G 215 -9.60 -40.99 -38.31
CA TYR G 215 -11.05 -40.89 -38.38
C TYR G 215 -11.70 -42.00 -37.56
N THR G 216 -12.87 -41.69 -37.01
CA THR G 216 -13.59 -42.64 -36.19
C THR G 216 -15.01 -42.77 -36.72
N GLU G 217 -15.63 -43.91 -36.38
CA GLU G 217 -17.01 -44.14 -36.82
C GLU G 217 -17.96 -43.15 -36.17
N GLU G 218 -17.72 -42.79 -34.92
CA GLU G 218 -18.59 -41.83 -34.25
C GLU G 218 -18.61 -40.50 -34.99
N MET G 219 -17.44 -40.03 -35.43
CA MET G 219 -17.36 -38.84 -36.26
C MET G 219 -18.18 -38.98 -37.54
N LYS G 220 -17.98 -40.08 -38.27
CA LYS G 220 -18.66 -40.26 -39.55
C LYS G 220 -20.17 -40.29 -39.36
N GLU G 221 -20.65 -40.99 -38.34
CA GLU G 221 -22.08 -41.06 -38.09
C GLU G 221 -22.63 -39.80 -37.45
N MET G 222 -21.77 -38.91 -36.95
CA MET G 222 -22.25 -37.64 -36.43
C MET G 222 -22.36 -36.57 -37.51
N ILE G 223 -21.48 -36.57 -38.50
CA ILE G 223 -21.47 -35.47 -39.46
C ILE G 223 -22.08 -35.87 -40.81
N CYS G 224 -21.97 -37.14 -41.17
CA CYS G 224 -22.48 -37.60 -42.47
C CYS G 224 -23.95 -37.92 -42.33
N LEU G 225 -24.78 -36.90 -42.56
CA LEU G 225 -26.23 -37.02 -42.44
C LEU G 225 -26.90 -37.56 -43.70
N THR G 226 -26.14 -37.79 -44.76
CA THR G 226 -26.68 -38.28 -46.02
C THR G 226 -25.72 -39.31 -46.60
N GLN G 227 -26.28 -40.24 -47.38
CA GLN G 227 -25.43 -41.26 -48.00
C GLN G 227 -24.39 -40.63 -48.90
N GLU G 228 -24.78 -39.64 -49.71
CA GLU G 228 -23.80 -38.93 -50.53
C GLU G 228 -22.72 -38.28 -49.68
N GLN G 229 -23.10 -37.64 -48.57
CA GLN G 229 -22.10 -37.06 -47.68
C GLN G 229 -21.17 -38.12 -47.13
N ARG G 230 -21.73 -39.27 -46.74
CA ARG G 230 -20.89 -40.34 -46.19
C ARG G 230 -19.90 -40.85 -47.22
N ASP G 231 -20.37 -41.10 -48.44
CA ASP G 231 -19.49 -41.60 -49.48
C ASP G 231 -18.41 -40.58 -49.81
N TYR G 232 -18.76 -39.29 -49.85
CA TYR G 232 -17.75 -38.27 -50.11
C TYR G 232 -16.73 -38.18 -48.99
N PHE G 233 -17.18 -38.30 -47.74
CA PHE G 233 -16.27 -38.18 -46.60
C PHE G 233 -15.39 -39.41 -46.46
N GLU G 234 -15.85 -40.58 -46.92
CA GLU G 234 -15.06 -41.79 -46.79
C GLU G 234 -13.86 -41.82 -47.73
N THR G 235 -13.81 -40.93 -48.72
CA THR G 235 -12.67 -40.86 -49.63
C THR G 235 -11.51 -40.05 -49.06
N PHE G 236 -11.70 -39.41 -47.93
CA PHE G 236 -10.64 -38.60 -47.35
C PHE G 236 -9.45 -39.48 -46.98
N LYS G 237 -8.25 -39.03 -47.33
CA LYS G 237 -7.06 -39.83 -47.10
C LYS G 237 -6.54 -39.62 -45.68
N SER G 238 -5.72 -40.57 -45.24
CA SER G 238 -5.23 -40.58 -43.87
C SER G 238 -3.90 -39.85 -43.75
N GLY G 239 -3.70 -39.21 -42.60
CA GLY G 239 -2.42 -38.62 -42.27
C GLY G 239 -1.47 -39.64 -41.68
N HIS G 240 -0.28 -39.16 -41.35
CA HIS G 240 0.77 -39.98 -40.79
C HIS G 240 1.41 -39.28 -39.61
N THR G 241 1.98 -40.07 -38.70
CA THR G 241 2.71 -39.56 -37.56
C THR G 241 4.11 -40.14 -37.58
N CYS G 242 5.11 -39.26 -37.51
CA CYS G 242 6.50 -39.68 -37.55
C CYS G 242 7.35 -38.53 -37.03
N ILE G 243 8.61 -38.84 -36.74
CA ILE G 243 9.57 -37.85 -36.26
C ILE G 243 10.73 -37.83 -37.24
N TYR G 244 11.12 -36.64 -37.67
CA TYR G 244 12.20 -36.44 -38.62
C TYR G 244 13.36 -35.72 -37.94
N GLY G 245 14.56 -35.97 -38.45
CA GLY G 245 15.75 -35.30 -37.98
C GLY G 245 16.04 -34.04 -38.78
N PRO G 246 17.08 -33.31 -38.39
CA PRO G 246 17.37 -32.04 -39.07
C PRO G 246 17.68 -32.19 -40.56
N ASP G 247 17.92 -33.40 -41.04
CA ASP G 247 18.16 -33.64 -42.45
C ASP G 247 16.92 -34.09 -43.21
N GLY G 248 15.77 -34.14 -42.57
CA GLY G 248 14.57 -34.61 -43.20
C GLY G 248 14.41 -36.11 -43.26
N GLU G 249 15.33 -36.87 -42.67
CA GLU G 249 15.20 -38.31 -42.63
C GLU G 249 14.43 -38.74 -41.39
N PRO G 250 13.59 -39.77 -41.49
CA PRO G 250 12.86 -40.22 -40.29
C PRO G 250 13.80 -40.78 -39.24
N ILE G 251 13.44 -40.59 -37.98
CA ILE G 251 14.17 -41.17 -36.86
C ILE G 251 13.22 -41.96 -35.98
N SER G 252 12.14 -42.48 -36.56
CA SER G 252 11.23 -43.36 -35.84
C SER G 252 10.38 -44.10 -36.86
N ASP G 253 9.72 -45.16 -36.38
CA ASP G 253 8.79 -45.90 -37.21
C ASP G 253 7.48 -45.14 -37.33
N MET G 254 6.90 -45.16 -38.52
CA MET G 254 5.61 -44.52 -38.72
C MET G 254 4.51 -45.31 -38.02
N VAL G 255 3.64 -44.60 -37.32
CA VAL G 255 2.51 -45.28 -36.66
C VAL G 255 1.63 -45.91 -37.73
N PRO G 256 1.16 -47.15 -37.56
CA PRO G 256 0.32 -47.76 -38.59
C PRO G 256 -0.89 -46.90 -38.91
N ALA G 257 -1.24 -46.88 -40.20
CA ALA G 257 -2.28 -45.97 -40.67
C ALA G 257 -3.63 -46.31 -40.06
N GLU G 258 -4.35 -45.27 -39.64
CA GLU G 258 -5.71 -45.42 -39.12
C GLU G 258 -5.73 -46.25 -37.83
N THR G 259 -4.69 -46.09 -37.02
CA THR G 259 -4.62 -46.74 -35.73
C THR G 259 -4.06 -45.76 -34.71
N GLU G 260 -4.42 -45.96 -33.45
CA GLU G 260 -3.90 -45.12 -32.38
C GLU G 260 -2.53 -45.62 -31.96
N GLY G 261 -1.58 -44.68 -31.79
CA GLY G 261 -0.25 -45.05 -31.38
C GLY G 261 0.58 -43.80 -31.19
N ILE G 262 1.75 -44.01 -30.58
CA ILE G 262 2.69 -42.94 -30.28
C ILE G 262 4.04 -43.30 -30.88
N ALA G 263 4.69 -42.33 -31.51
CA ALA G 263 6.02 -42.51 -32.08
C ALA G 263 7.06 -41.93 -31.13
N TYR G 264 8.16 -42.64 -30.97
CA TYR G 264 9.23 -42.25 -30.07
C TYR G 264 10.54 -42.12 -30.82
N ALA G 265 11.36 -41.16 -30.39
CA ALA G 265 12.68 -40.97 -30.96
C ALA G 265 13.57 -40.31 -29.92
N GLU G 266 14.88 -40.48 -30.11
CA GLU G 266 15.88 -39.82 -29.28
C GLU G 266 16.36 -38.57 -30.01
N ILE G 267 16.15 -37.41 -29.40
CA ILE G 267 16.46 -36.12 -30.00
C ILE G 267 17.77 -35.63 -29.41
N ASP G 268 18.81 -35.57 -30.23
CA ASP G 268 20.07 -34.96 -29.85
C ASP G 268 20.12 -33.59 -30.50
N VAL G 269 19.82 -32.54 -29.71
CA VAL G 269 19.79 -31.20 -30.25
C VAL G 269 21.14 -30.79 -30.80
N GLU G 270 22.21 -31.46 -30.40
CA GLU G 270 23.53 -31.16 -30.94
C GLU G 270 23.63 -31.45 -32.44
N ARG G 271 22.72 -32.27 -32.98
CA ARG G 271 22.78 -32.61 -34.39
C ARG G 271 22.48 -31.42 -35.29
N VAL G 272 21.73 -30.43 -34.79
CA VAL G 272 21.42 -29.26 -35.60
C VAL G 272 22.65 -28.46 -35.95
N ILE G 273 23.72 -28.60 -35.17
CA ILE G 273 24.95 -27.86 -35.46
C ILE G 273 25.55 -28.33 -36.78
N ASP G 274 25.40 -29.62 -37.09
CA ASP G 274 25.95 -30.17 -38.32
C ASP G 274 25.18 -29.72 -39.55
N TYR G 275 24.04 -29.05 -39.40
CA TYR G 275 23.26 -28.58 -40.52
C TYR G 275 23.09 -27.08 -40.56
N LYS G 276 23.27 -26.39 -39.43
CA LYS G 276 23.59 -24.97 -39.49
C LYS G 276 24.92 -24.75 -40.22
N TYR G 277 25.76 -25.78 -40.30
CA TYR G 277 27.07 -25.64 -40.92
C TYR G 277 26.96 -25.19 -42.37
N TYR G 278 26.06 -25.78 -43.13
CA TYR G 278 25.94 -25.46 -44.54
C TYR G 278 24.56 -24.93 -44.96
N ILE G 279 23.68 -24.59 -44.02
CA ILE G 279 22.54 -23.77 -44.35
C ILE G 279 21.91 -23.18 -43.10
N ASP G 280 21.64 -21.88 -43.13
CA ASP G 280 20.89 -21.19 -42.09
C ASP G 280 20.29 -19.93 -42.69
N PRO G 281 19.11 -20.02 -43.30
CA PRO G 281 18.59 -18.86 -44.06
C PRO G 281 18.47 -17.59 -43.25
N ALA G 282 18.20 -17.69 -41.95
CA ALA G 282 18.07 -16.50 -41.11
C ALA G 282 19.40 -15.95 -40.67
N GLY G 283 20.50 -16.66 -40.92
CA GLY G 283 21.82 -16.22 -40.55
C GLY G 283 22.74 -16.01 -41.73
N HIS G 284 23.70 -16.92 -41.90
CA HIS G 284 24.75 -16.74 -42.90
C HIS G 284 24.28 -17.03 -44.32
N TYR G 285 23.30 -17.90 -44.49
CA TYR G 285 22.84 -18.30 -45.82
C TYR G 285 21.78 -17.34 -46.32
N SER G 286 22.17 -16.07 -46.45
CA SER G 286 21.23 -15.01 -46.75
C SER G 286 21.87 -14.01 -47.70
N ASN G 287 21.01 -13.24 -48.36
CA ASN G 287 21.42 -12.19 -49.28
C ASN G 287 20.85 -10.87 -48.80
N GLN G 288 21.61 -9.79 -49.00
CA GLN G 288 21.22 -8.49 -48.45
C GLN G 288 20.00 -7.91 -49.16
N SER G 289 19.65 -8.40 -50.33
CA SER G 289 18.52 -7.85 -51.08
C SER G 289 17.17 -8.40 -50.61
N LEU G 290 17.16 -9.52 -49.89
CA LEU G 290 15.91 -10.13 -49.43
C LEU G 290 15.88 -10.14 -47.92
N SER G 291 14.92 -9.41 -47.35
CA SER G 291 14.74 -9.34 -45.91
C SER G 291 13.28 -9.51 -45.57
N MET G 292 13.01 -9.67 -44.28
CA MET G 292 11.67 -9.97 -43.78
C MET G 292 11.34 -9.03 -42.63
N ASN G 293 10.09 -8.57 -42.59
CA ASN G 293 9.57 -7.78 -41.47
C ASN G 293 8.74 -8.70 -40.59
N PHE G 294 9.10 -8.76 -39.32
CA PHE G 294 8.44 -9.63 -38.35
C PHE G 294 7.88 -8.75 -37.24
N ASN G 295 6.60 -8.42 -37.34
CA ASN G 295 5.94 -7.53 -36.39
C ASN G 295 5.30 -8.36 -35.29
N GLN G 296 5.82 -8.24 -34.07
CA GLN G 296 5.34 -9.03 -32.94
C GLN G 296 4.45 -8.23 -31.99
N GLN G 297 3.95 -7.08 -32.43
CA GLN G 297 3.10 -6.28 -31.56
C GLN G 297 1.73 -6.95 -31.41
N PRO G 298 1.15 -6.96 -30.20
CA PRO G 298 -0.21 -7.49 -30.07
C PRO G 298 -1.17 -6.72 -30.94
N THR G 299 -2.06 -7.45 -31.61
CA THR G 299 -2.99 -6.88 -32.58
C THR G 299 -4.41 -7.30 -32.26
N PRO G 300 -4.90 -6.94 -31.07
CA PRO G 300 -6.33 -7.10 -30.78
C PRO G 300 -7.14 -6.06 -31.53
N VAL G 301 -8.41 -6.37 -31.74
CA VAL G 301 -9.30 -5.41 -32.42
C VAL G 301 -9.53 -4.20 -31.53
N VAL G 302 -9.65 -4.42 -30.21
CA VAL G 302 -9.87 -3.37 -29.24
C VAL G 302 -8.80 -3.48 -28.16
N LYS G 303 -8.13 -2.37 -27.87
CA LYS G 303 -7.07 -2.32 -26.87
C LYS G 303 -7.62 -1.71 -25.60
N HIS G 304 -7.62 -2.48 -24.52
CA HIS G 304 -8.09 -2.00 -23.22
C HIS G 304 -6.96 -1.29 -22.51
N LEU G 305 -7.19 -0.03 -22.15
CA LEU G 305 -6.22 0.77 -21.41
C LEU G 305 -6.71 0.97 -19.99
N ASN G 306 -5.86 0.67 -19.02
CA ASN G 306 -6.18 0.82 -17.61
C ASN G 306 -7.45 0.04 -17.26
N HIS G 307 -7.40 -1.26 -17.53
CA HIS G 307 -8.49 -2.15 -17.19
C HIS G 307 -8.80 -2.06 -15.70
N GLN G 308 -10.09 -2.06 -15.38
CA GLN G 308 -10.57 -1.84 -14.02
C GLN G 308 -11.39 -3.05 -13.55
N LYS G 309 -12.01 -2.91 -12.38
CA LYS G 309 -12.93 -3.90 -11.84
C LYS G 309 -14.09 -3.16 -11.20
N ASN G 310 -15.31 -3.44 -11.65
CA ASN G 310 -16.45 -2.60 -11.29
C ASN G 310 -16.80 -2.72 -9.82
N GLU G 311 -17.12 -1.58 -9.21
CA GLU G 311 -17.61 -1.57 -7.84
C GLU G 311 -19.03 -2.11 -7.77
N VAL G 312 -19.33 -2.86 -6.70
CA VAL G 312 -20.66 -3.37 -6.43
C VAL G 312 -21.11 -2.83 -5.08
N PHE G 313 -22.30 -2.25 -5.05
CA PHE G 313 -22.91 -1.77 -3.80
C PHE G 313 -23.83 -2.87 -3.30
N THR G 314 -23.34 -3.65 -2.34
CA THR G 314 -24.11 -4.80 -1.88
C THR G 314 -25.40 -4.36 -1.21
N TYR G 315 -26.42 -5.21 -1.32
CA TYR G 315 -27.75 -4.87 -0.84
C TYR G 315 -27.73 -4.38 0.60
N GLU G 316 -26.95 -5.04 1.46
CA GLU G 316 -26.94 -4.68 2.87
C GLU G 316 -26.47 -3.25 3.08
N ASP G 317 -25.43 -2.83 2.35
CA ASP G 317 -24.94 -1.47 2.48
C ASP G 317 -26.01 -0.46 2.10
N ILE G 318 -26.75 -0.72 1.02
CA ILE G 318 -27.79 0.20 0.58
C ILE G 318 -28.87 0.33 1.66
N GLN G 319 -29.28 -0.79 2.24
CA GLN G 319 -30.22 -0.77 3.35
C GLN G 319 -29.46 -0.86 4.68
N THR H 1 -13.27 26.07 -50.10
CA THR H 1 -12.84 24.64 -50.14
C THR H 1 -14.03 23.70 -50.01
N SER H 2 -14.90 23.98 -49.03
CA SER H 2 -16.07 23.15 -48.80
C SER H 2 -17.19 23.56 -49.74
N ILE H 3 -17.74 22.58 -50.47
CA ILE H 3 -18.83 22.81 -51.39
C ILE H 3 -19.97 21.86 -51.02
N TYR H 4 -21.18 22.25 -51.39
CA TYR H 4 -22.39 21.45 -51.14
C TYR H 4 -23.20 21.38 -52.43
N PRO H 5 -22.76 20.57 -53.38
CA PRO H 5 -23.42 20.55 -54.70
C PRO H 5 -24.74 19.81 -54.68
N LYS H 6 -25.51 20.06 -55.74
CA LYS H 6 -26.77 19.37 -56.00
C LYS H 6 -26.65 18.63 -57.31
N PHE H 7 -26.97 17.34 -57.30
CA PHE H 7 -26.81 16.48 -58.47
C PHE H 7 -27.80 15.33 -58.37
N ARG H 8 -27.96 14.62 -59.47
CA ARG H 8 -28.83 13.44 -59.52
C ARG H 8 -27.99 12.18 -59.42
N ALA H 9 -28.41 11.26 -58.56
CA ALA H 9 -27.78 9.97 -58.40
C ALA H 9 -28.65 8.89 -59.01
N ALA H 10 -28.03 7.71 -59.23
CA ALA H 10 -28.74 6.58 -59.81
C ALA H 10 -28.18 5.29 -59.24
N ALA H 11 -29.03 4.49 -58.63
CA ALA H 11 -28.67 3.17 -58.15
C ALA H 11 -29.23 2.12 -59.10
N VAL H 12 -28.40 1.15 -59.46
CA VAL H 12 -28.74 0.15 -60.47
C VAL H 12 -29.15 -1.14 -59.79
N GLN H 13 -30.23 -1.75 -60.28
CA GLN H 13 -30.63 -3.09 -59.89
C GLN H 13 -30.62 -3.95 -61.14
N ALA H 14 -29.66 -4.87 -61.22
CA ALA H 14 -29.52 -5.72 -62.40
C ALA H 14 -28.73 -6.96 -61.99
N ALA H 15 -28.56 -7.86 -62.95
CA ALA H 15 -27.69 -9.01 -62.78
C ALA H 15 -26.74 -9.11 -63.96
N PRO H 16 -25.56 -9.64 -63.75
CA PRO H 16 -24.59 -9.77 -64.85
C PRO H 16 -24.91 -11.00 -65.69
N ILE H 17 -24.10 -11.20 -66.72
CA ILE H 17 -24.07 -12.47 -67.45
C ILE H 17 -23.12 -13.37 -66.67
N TYR H 18 -23.70 -14.33 -65.95
CA TYR H 18 -22.99 -14.95 -64.83
C TYR H 18 -21.65 -15.54 -65.27
N LEU H 19 -20.60 -15.14 -64.57
CA LEU H 19 -19.23 -15.61 -64.82
C LEU H 19 -18.84 -15.43 -66.29
N ASN H 20 -19.16 -14.26 -66.84
CA ASN H 20 -18.81 -13.91 -68.22
C ASN H 20 -18.41 -12.44 -68.22
N LEU H 21 -17.11 -12.17 -68.28
CA LEU H 21 -16.63 -10.80 -68.08
C LEU H 21 -16.98 -9.90 -69.24
N GLU H 22 -16.86 -10.39 -70.47
CA GLU H 22 -17.10 -9.55 -71.64
C GLU H 22 -18.56 -9.10 -71.70
N ALA H 23 -19.49 -10.05 -71.60
CA ALA H 23 -20.91 -9.72 -71.65
C ALA H 23 -21.33 -8.87 -70.47
N SER H 24 -20.78 -9.15 -69.28
CA SER H 24 -21.12 -8.36 -68.11
C SER H 24 -20.63 -6.93 -68.26
N VAL H 25 -19.43 -6.75 -68.83
CA VAL H 25 -18.92 -5.41 -69.06
C VAL H 25 -19.78 -4.67 -70.08
N GLU H 26 -20.22 -5.36 -71.14
CA GLU H 26 -21.10 -4.73 -72.11
C GLU H 26 -22.40 -4.29 -71.46
N LYS H 27 -22.98 -5.15 -70.62
CA LYS H 27 -24.23 -4.81 -69.94
C LYS H 27 -24.03 -3.64 -68.98
N SER H 28 -22.89 -3.59 -68.30
CA SER H 28 -22.61 -2.46 -67.42
C SER H 28 -22.48 -1.16 -68.20
N CYS H 29 -21.83 -1.20 -69.36
CA CYS H 29 -21.73 0.00 -70.19
C CYS H 29 -23.11 0.46 -70.63
N GLU H 30 -23.97 -0.48 -71.02
CA GLU H 30 -25.33 -0.12 -71.41
C GLU H 30 -26.09 0.50 -70.24
N LEU H 31 -25.94 -0.06 -69.04
CA LEU H 31 -26.62 0.49 -67.88
C LEU H 31 -26.10 1.89 -67.56
N ILE H 32 -24.80 2.11 -67.72
CA ILE H 32 -24.24 3.45 -67.51
C ILE H 32 -24.84 4.42 -68.52
N ASP H 33 -24.94 4.00 -69.78
CA ASP H 33 -25.53 4.88 -70.79
C ASP H 33 -26.96 5.23 -70.43
N GLU H 34 -27.74 4.23 -70.02
CA GLU H 34 -29.13 4.48 -69.66
C GLU H 34 -29.24 5.43 -68.48
N ALA H 35 -28.42 5.21 -67.44
CA ALA H 35 -28.52 6.03 -66.25
C ALA H 35 -28.08 7.47 -66.51
N ALA H 36 -26.98 7.65 -67.25
CA ALA H 36 -26.49 9.00 -67.52
C ALA H 36 -27.41 9.74 -68.48
N SER H 37 -27.97 9.03 -69.47
CA SER H 37 -28.92 9.65 -70.38
C SER H 37 -30.18 10.10 -69.67
N ASN H 38 -30.42 9.63 -68.46
CA ASN H 38 -31.54 10.07 -67.64
C ASN H 38 -31.15 11.19 -66.69
N GLY H 39 -29.95 11.74 -66.81
CA GLY H 39 -29.52 12.88 -66.01
C GLY H 39 -28.70 12.53 -64.81
N ALA H 40 -28.38 11.27 -64.58
CA ALA H 40 -27.63 10.87 -63.39
C ALA H 40 -26.16 11.21 -63.56
N LYS H 41 -25.58 11.82 -62.52
CA LYS H 41 -24.16 12.15 -62.49
C LYS H 41 -23.36 11.18 -61.63
N LEU H 42 -24.02 10.27 -60.92
CA LEU H 42 -23.37 9.19 -60.18
C LEU H 42 -24.15 7.92 -60.47
N VAL H 43 -23.44 6.84 -60.79
CA VAL H 43 -24.05 5.57 -61.12
C VAL H 43 -23.37 4.48 -60.30
N ALA H 44 -24.15 3.79 -59.47
CA ALA H 44 -23.64 2.75 -58.60
C ALA H 44 -24.16 1.39 -59.03
N PHE H 45 -23.34 0.37 -58.85
CA PHE H 45 -23.62 -0.99 -59.28
C PHE H 45 -23.60 -1.95 -58.09
N PRO H 46 -24.25 -3.11 -58.22
CA PRO H 46 -24.31 -4.05 -57.10
C PRO H 46 -22.94 -4.63 -56.76
N GLU H 47 -22.89 -5.30 -55.61
CA GLU H 47 -21.66 -5.95 -55.16
C GLU H 47 -21.25 -7.07 -56.09
N ALA H 48 -19.97 -7.11 -56.43
CA ALA H 48 -19.39 -8.15 -57.27
C ALA H 48 -20.18 -8.32 -58.56
N PHE H 49 -20.45 -7.20 -59.23
CA PHE H 49 -21.18 -7.26 -60.48
C PHE H 49 -20.36 -7.95 -61.56
N LEU H 50 -19.06 -7.69 -61.62
CA LEU H 50 -18.21 -8.19 -62.69
C LEU H 50 -17.33 -9.32 -62.16
N PRO H 51 -17.48 -10.57 -62.63
CA PRO H 51 -18.48 -11.10 -63.57
C PRO H 51 -19.74 -11.61 -62.87
N GLY H 52 -19.75 -11.69 -61.55
CA GLY H 52 -20.91 -12.16 -60.81
C GLY H 52 -20.54 -12.58 -59.42
N TYR H 53 -21.54 -12.60 -58.56
CA TYR H 53 -21.33 -13.00 -57.17
C TYR H 53 -21.21 -14.52 -57.06
N PRO H 54 -20.27 -15.03 -56.27
CA PRO H 54 -20.08 -16.50 -56.20
C PRO H 54 -21.14 -17.19 -55.35
N TRP H 55 -22.34 -17.29 -55.90
CA TRP H 55 -23.41 -17.98 -55.19
C TRP H 55 -23.11 -19.46 -55.02
N PHE H 56 -22.36 -20.05 -55.95
CA PHE H 56 -22.02 -21.46 -55.84
C PHE H 56 -21.30 -21.76 -54.53
N ALA H 57 -20.60 -20.78 -53.97
CA ALA H 57 -19.87 -21.02 -52.72
C ALA H 57 -20.80 -21.27 -51.54
N PHE H 58 -22.09 -20.98 -51.68
CA PHE H 58 -23.03 -21.07 -50.57
C PHE H 58 -23.95 -22.29 -50.67
N ILE H 59 -23.82 -23.11 -51.71
CA ILE H 59 -24.76 -24.20 -51.94
C ILE H 59 -24.04 -25.53 -52.19
N GLY H 60 -22.81 -25.64 -51.69
CA GLY H 60 -22.08 -26.89 -51.82
C GLY H 60 -20.86 -26.87 -50.95
N HIS H 61 -20.13 -27.97 -50.98
CA HIS H 61 -18.89 -28.10 -50.22
C HIS H 61 -17.74 -27.47 -51.00
N PRO H 62 -16.59 -27.25 -50.34
CA PRO H 62 -15.52 -26.49 -51.00
C PRO H 62 -15.03 -27.07 -52.31
N GLU H 63 -15.00 -28.40 -52.46
CA GLU H 63 -14.54 -28.96 -53.73
C GLU H 63 -15.48 -28.61 -54.86
N TYR H 64 -16.80 -28.66 -54.60
CA TYR H 64 -17.75 -28.21 -55.61
C TYR H 64 -17.54 -26.74 -55.94
N THR H 65 -17.25 -25.92 -54.92
CA THR H 65 -16.97 -24.52 -55.15
C THR H 65 -15.71 -24.32 -55.98
N ARG H 66 -14.78 -25.26 -55.93
CA ARG H 66 -13.52 -25.14 -56.67
C ARG H 66 -13.76 -25.08 -58.18
N LYS H 67 -14.67 -25.90 -58.69
CA LYS H 67 -14.89 -25.96 -60.13
C LYS H 67 -15.30 -24.59 -60.66
N PHE H 68 -16.26 -23.95 -59.98
CA PHE H 68 -16.75 -22.66 -60.42
C PHE H 68 -15.80 -21.53 -60.06
N TYR H 69 -15.01 -21.69 -58.99
CA TYR H 69 -13.95 -20.74 -58.71
C TYR H 69 -12.98 -20.68 -59.88
N HIS H 70 -12.76 -21.82 -60.54
CA HIS H 70 -11.94 -21.81 -61.74
C HIS H 70 -12.44 -20.78 -62.74
N GLU H 71 -13.73 -20.86 -63.08
CA GLU H 71 -14.30 -19.94 -64.08
C GLU H 71 -14.30 -18.50 -63.57
N LEU H 72 -14.71 -18.29 -62.32
CA LEU H 72 -14.73 -16.93 -61.79
C LEU H 72 -13.33 -16.31 -61.82
N TYR H 73 -12.31 -17.11 -61.52
CA TYR H 73 -10.92 -16.66 -61.59
C TYR H 73 -10.53 -16.29 -63.01
N LYS H 74 -10.90 -17.13 -63.98
CA LYS H 74 -10.57 -16.82 -65.37
C LYS H 74 -11.30 -15.58 -65.89
N ASN H 75 -12.33 -15.12 -65.19
CA ASN H 75 -13.09 -13.95 -65.61
C ASN H 75 -12.99 -12.80 -64.61
N ALA H 76 -11.95 -12.78 -63.79
CA ALA H 76 -11.76 -11.68 -62.85
C ALA H 76 -11.21 -10.46 -63.57
N VAL H 77 -11.38 -9.30 -62.94
CA VAL H 77 -11.02 -8.02 -63.54
C VAL H 77 -9.61 -7.66 -63.11
N GLU H 78 -8.73 -7.46 -64.09
CA GLU H 78 -7.36 -7.04 -63.83
C GLU H 78 -7.23 -5.54 -64.02
N ILE H 79 -6.10 -5.00 -63.57
CA ILE H 79 -5.78 -3.60 -63.74
C ILE H 79 -4.35 -3.50 -64.26
N PRO H 80 -4.12 -3.06 -65.50
CA PRO H 80 -5.10 -2.67 -66.53
C PRO H 80 -5.75 -3.87 -67.21
N SER H 81 -6.90 -3.67 -67.86
CA SER H 81 -7.55 -4.73 -68.59
C SER H 81 -8.54 -4.10 -69.55
N LEU H 82 -9.03 -4.92 -70.49
CA LEU H 82 -10.04 -4.43 -71.43
C LEU H 82 -11.30 -3.97 -70.71
N ALA H 83 -11.68 -4.66 -69.65
CA ALA H 83 -12.85 -4.25 -68.88
C ALA H 83 -12.67 -2.86 -68.30
N ILE H 84 -11.48 -2.57 -67.76
CA ILE H 84 -11.20 -1.24 -67.24
C ILE H 84 -11.28 -0.21 -68.36
N GLN H 85 -10.74 -0.53 -69.53
CA GLN H 85 -10.78 0.40 -70.66
C GLN H 85 -12.23 0.72 -71.04
N LYS H 86 -13.07 -0.31 -71.12
CA LYS H 86 -14.45 -0.09 -71.54
C LYS H 86 -15.23 0.70 -70.49
N ILE H 87 -15.06 0.38 -69.22
CA ILE H 87 -15.80 1.12 -68.19
C ILE H 87 -15.33 2.56 -68.12
N SER H 88 -14.01 2.77 -68.27
CA SER H 88 -13.48 4.12 -68.28
C SER H 88 -14.00 4.91 -69.47
N GLU H 89 -14.09 4.27 -70.64
CA GLU H 89 -14.64 4.97 -71.79
C GLU H 89 -16.11 5.29 -71.60
N ALA H 90 -16.87 4.38 -70.99
CA ALA H 90 -18.29 4.66 -70.75
C ALA H 90 -18.44 5.85 -69.81
N ALA H 91 -17.69 5.85 -68.71
CA ALA H 91 -17.75 6.97 -67.77
C ALA H 91 -17.35 8.27 -68.44
N LYS H 92 -16.33 8.23 -69.30
CA LYS H 92 -15.89 9.43 -70.00
C LYS H 92 -16.94 9.92 -70.98
N ARG H 93 -17.44 9.03 -71.84
CA ARG H 93 -18.41 9.40 -72.86
C ARG H 93 -19.74 9.85 -72.27
N ASN H 94 -20.04 9.44 -71.04
CA ASN H 94 -21.25 9.87 -70.37
C ASN H 94 -21.01 10.99 -69.37
N GLU H 95 -19.76 11.31 -69.06
CA GLU H 95 -19.41 12.40 -68.15
C GLU H 95 -20.06 12.18 -66.78
N THR H 96 -19.83 11.00 -66.21
CA THR H 96 -20.48 10.62 -64.97
C THR H 96 -19.47 9.90 -64.06
N TYR H 97 -19.72 9.98 -62.77
CA TYR H 97 -18.98 9.19 -61.81
C TYR H 97 -19.58 7.79 -61.74
N VAL H 98 -18.71 6.77 -61.67
CA VAL H 98 -19.13 5.38 -61.70
C VAL H 98 -18.46 4.64 -60.56
N CYS H 99 -19.26 3.91 -59.79
CA CYS H 99 -18.76 3.01 -58.75
C CYS H 99 -19.26 1.61 -59.11
N ILE H 100 -18.37 0.79 -59.68
CA ILE H 100 -18.70 -0.56 -60.12
C ILE H 100 -17.90 -1.54 -59.28
N SER H 101 -18.57 -2.59 -58.79
CA SER H 101 -17.92 -3.62 -58.01
C SER H 101 -17.62 -4.82 -58.89
N CYS H 102 -16.58 -5.56 -58.55
CA CYS H 102 -16.05 -6.59 -59.42
C CYS H 102 -15.25 -7.59 -58.60
N SER H 103 -14.76 -8.63 -59.28
CA SER H 103 -13.81 -9.57 -58.74
C SER H 103 -12.44 -9.20 -59.30
N GLU H 104 -11.69 -8.42 -58.53
CA GLU H 104 -10.39 -7.94 -58.99
C GLU H 104 -9.33 -9.01 -58.79
N LYS H 105 -8.51 -9.22 -59.81
CA LYS H 105 -7.39 -10.16 -59.76
C LYS H 105 -6.10 -9.38 -59.63
N ASP H 106 -5.28 -9.75 -58.66
CA ASP H 106 -3.99 -9.10 -58.43
C ASP H 106 -2.98 -10.16 -58.06
N GLY H 107 -2.04 -10.42 -58.97
CA GLY H 107 -1.11 -11.51 -58.79
C GLY H 107 -1.78 -12.85 -59.02
N GLY H 108 -1.73 -13.71 -58.02
CA GLY H 108 -2.34 -15.03 -58.11
C GLY H 108 -3.66 -15.20 -57.39
N SER H 109 -4.14 -14.20 -56.68
CA SER H 109 -5.34 -14.32 -55.87
C SER H 109 -6.38 -13.29 -56.29
N LEU H 110 -7.61 -13.53 -55.85
CA LEU H 110 -8.75 -12.68 -56.18
C LEU H 110 -9.10 -11.80 -54.99
N TYR H 111 -9.62 -10.61 -55.29
CA TYR H 111 -10.11 -9.67 -54.29
C TYR H 111 -11.45 -9.12 -54.74
N LEU H 112 -12.25 -8.71 -53.78
CA LEU H 112 -13.53 -8.07 -54.05
C LEU H 112 -13.33 -6.57 -53.92
N ALA H 113 -13.50 -5.87 -55.03
CA ALA H 113 -13.16 -4.46 -55.10
C ALA H 113 -14.33 -3.65 -55.63
N GLN H 114 -14.40 -2.40 -55.19
CA GLN H 114 -15.20 -1.37 -55.82
C GLN H 114 -14.25 -0.45 -56.60
N LEU H 115 -14.56 -0.21 -57.87
CA LEU H 115 -13.73 0.63 -58.72
C LEU H 115 -14.45 1.94 -59.03
N TRP H 116 -13.72 3.04 -58.93
CA TRP H 116 -14.30 4.38 -59.03
C TRP H 116 -13.75 5.09 -60.25
N PHE H 117 -14.64 5.61 -61.08
CA PHE H 117 -14.27 6.34 -62.30
C PHE H 117 -14.90 7.71 -62.26
N ASN H 118 -14.18 8.71 -62.75
CA ASN H 118 -14.66 10.08 -62.78
C ASN H 118 -15.13 10.44 -64.18
N PRO H 119 -15.79 11.59 -64.33
CA PRO H 119 -16.31 11.95 -65.66
C PRO H 119 -15.24 12.06 -66.74
N ASN H 120 -13.97 12.20 -66.37
CA ASN H 120 -12.88 12.25 -67.35
C ASN H 120 -12.41 10.87 -67.77
N GLY H 121 -12.97 9.80 -67.22
CA GLY H 121 -12.54 8.45 -67.53
C GLY H 121 -11.40 7.94 -66.68
N ASP H 122 -10.97 8.69 -65.68
CA ASP H 122 -9.88 8.24 -64.82
C ASP H 122 -10.39 7.20 -63.84
N LEU H 123 -9.47 6.36 -63.37
CA LEU H 123 -9.75 5.41 -62.28
C LEU H 123 -9.21 6.07 -61.01
N ILE H 124 -10.08 6.81 -60.33
CA ILE H 124 -9.65 7.65 -59.23
C ILE H 124 -9.27 6.83 -58.01
N GLY H 125 -9.75 5.61 -57.88
CA GLY H 125 -9.37 4.78 -56.75
C GLY H 125 -10.14 3.49 -56.74
N LYS H 126 -9.93 2.73 -55.67
CA LYS H 126 -10.60 1.45 -55.49
C LYS H 126 -10.66 1.12 -54.02
N HIS H 127 -11.71 0.40 -53.63
CA HIS H 127 -11.90 -0.10 -52.28
C HIS H 127 -11.98 -1.62 -52.31
N ARG H 128 -11.15 -2.27 -51.50
CA ARG H 128 -11.18 -3.72 -51.35
C ARG H 128 -11.87 -4.09 -50.05
N LYS H 129 -12.72 -5.10 -50.11
CA LYS H 129 -13.46 -5.52 -48.93
C LYS H 129 -12.49 -5.91 -47.81
N MET H 130 -12.78 -5.44 -46.60
CA MET H 130 -11.87 -5.65 -45.49
C MET H 130 -11.92 -7.08 -44.97
N ARG H 131 -13.08 -7.72 -45.05
CA ARG H 131 -13.25 -9.10 -44.63
C ARG H 131 -14.36 -9.72 -45.45
N ALA H 132 -14.10 -10.91 -45.99
CA ALA H 132 -15.10 -11.61 -46.78
C ALA H 132 -16.10 -12.30 -45.88
N SER H 133 -17.35 -12.34 -46.31
CA SER H 133 -18.41 -12.98 -45.55
C SER H 133 -18.18 -14.50 -45.55
N VAL H 134 -19.13 -15.24 -44.99
CA VAL H 134 -18.83 -16.60 -44.51
C VAL H 134 -18.16 -17.45 -45.60
N ALA H 135 -18.87 -17.70 -46.70
CA ALA H 135 -18.30 -18.54 -47.75
C ALA H 135 -17.52 -17.74 -48.77
N GLU H 136 -17.65 -16.41 -48.75
CA GLU H 136 -16.81 -15.55 -49.57
C GLU H 136 -15.34 -15.71 -49.22
N ARG H 137 -15.03 -16.14 -47.99
CA ARG H 137 -13.65 -16.36 -47.59
C ARG H 137 -12.96 -17.45 -48.40
N LEU H 138 -13.72 -18.29 -49.11
CA LEU H 138 -13.11 -19.25 -50.01
C LEU H 138 -12.60 -18.59 -51.29
N ILE H 139 -13.20 -17.48 -51.70
CA ILE H 139 -12.96 -16.91 -53.02
C ILE H 139 -12.03 -15.72 -52.97
N TRP H 140 -12.22 -14.81 -52.00
CA TRP H 140 -11.55 -13.52 -51.98
C TRP H 140 -10.64 -13.41 -50.77
N GLY H 141 -9.63 -12.55 -50.90
CA GLY H 141 -8.77 -12.20 -49.79
C GLY H 141 -9.21 -10.90 -49.12
N ASP H 142 -8.50 -10.56 -48.05
CA ASP H 142 -8.84 -9.38 -47.28
C ASP H 142 -8.25 -8.12 -47.91
N GLY H 143 -8.94 -6.99 -47.70
CA GLY H 143 -8.44 -5.69 -48.06
C GLY H 143 -7.60 -5.08 -46.94
N SER H 144 -7.14 -3.86 -47.20
CA SER H 144 -6.27 -3.15 -46.28
C SER H 144 -6.84 -1.77 -45.99
N GLY H 145 -6.29 -1.13 -44.95
CA GLY H 145 -6.71 0.21 -44.60
C GLY H 145 -6.27 1.26 -45.59
N SER H 146 -5.25 0.97 -46.40
CA SER H 146 -4.83 1.90 -47.45
C SER H 146 -5.84 2.00 -48.59
N MET H 147 -6.83 1.11 -48.63
CA MET H 147 -7.80 1.09 -49.72
C MET H 147 -9.21 1.34 -49.18
N MET H 148 -9.36 2.38 -48.36
CA MET H 148 -10.67 2.83 -47.87
C MET H 148 -10.84 4.30 -48.28
N PRO H 149 -10.89 4.58 -49.58
CA PRO H 149 -10.86 5.97 -50.03
C PRO H 149 -12.20 6.68 -49.90
N VAL H 150 -12.12 7.95 -49.56
CA VAL H 150 -13.20 8.91 -49.81
C VAL H 150 -12.67 9.91 -50.83
N PHE H 151 -13.43 10.12 -51.89
CA PHE H 151 -13.01 10.99 -52.98
C PHE H 151 -13.71 12.34 -52.84
N GLN H 152 -12.93 13.41 -52.75
CA GLN H 152 -13.46 14.77 -52.74
C GLN H 152 -13.64 15.19 -54.19
N THR H 153 -14.88 15.20 -54.65
CA THR H 153 -15.21 15.42 -56.05
C THR H 153 -16.20 16.58 -56.18
N ARG H 154 -16.59 16.85 -57.43
CA ARG H 154 -17.52 17.94 -57.71
C ARG H 154 -18.95 17.60 -57.29
N ILE H 155 -19.24 16.35 -56.96
CA ILE H 155 -20.56 15.97 -56.46
C ILE H 155 -20.43 15.58 -54.99
N GLY H 156 -19.43 16.14 -54.31
CA GLY H 156 -19.23 15.89 -52.89
C GLY H 156 -18.25 14.78 -52.62
N ASN H 157 -18.09 14.49 -51.33
CA ASN H 157 -17.22 13.41 -50.89
C ASN H 157 -17.91 12.07 -51.12
N LEU H 158 -17.25 11.18 -51.85
CA LEU H 158 -17.84 9.93 -52.30
C LEU H 158 -17.11 8.75 -51.66
N GLY H 159 -17.87 7.70 -51.35
CA GLY H 159 -17.32 6.50 -50.78
C GLY H 159 -18.31 5.36 -50.90
N GLY H 160 -17.90 4.20 -50.41
CA GLY H 160 -18.74 3.03 -50.51
C GLY H 160 -18.19 1.88 -49.70
N LEU H 161 -19.09 1.00 -49.29
CA LEU H 161 -18.74 -0.24 -48.63
C LEU H 161 -19.62 -1.34 -49.21
N MET H 162 -19.28 -2.59 -48.91
CA MET H 162 -19.97 -3.74 -49.48
C MET H 162 -20.54 -4.60 -48.37
N CYS H 163 -21.56 -5.39 -48.73
CA CYS H 163 -22.43 -6.07 -47.78
C CYS H 163 -21.68 -6.54 -46.54
N TRP H 164 -22.22 -6.17 -45.38
CA TRP H 164 -21.73 -6.51 -44.04
C TRP H 164 -20.49 -5.70 -43.66
N GLU H 165 -19.93 -4.89 -44.55
CA GLU H 165 -19.00 -3.86 -44.09
C GLU H 165 -19.73 -2.72 -43.41
N HIS H 166 -21.01 -2.52 -43.72
CA HIS H 166 -21.84 -1.56 -43.00
C HIS H 166 -22.21 -2.03 -41.60
N GLN H 167 -21.95 -3.30 -41.29
CA GLN H 167 -22.21 -3.85 -39.97
C GLN H 167 -20.95 -3.93 -39.12
N VAL H 168 -19.84 -3.37 -39.60
CA VAL H 168 -18.58 -3.33 -38.86
C VAL H 168 -18.38 -1.89 -38.37
N PRO H 169 -18.51 -1.62 -37.07
CA PRO H 169 -18.47 -0.22 -36.62
C PRO H 169 -17.20 0.52 -36.98
N LEU H 170 -16.06 -0.17 -37.01
CA LEU H 170 -14.81 0.51 -37.33
C LEU H 170 -14.77 0.97 -38.78
N ASP H 171 -15.39 0.21 -39.70
CA ASP H 171 -15.49 0.67 -41.07
C ASP H 171 -16.31 1.95 -41.17
N LEU H 172 -17.41 2.00 -40.42
CA LEU H 172 -18.22 3.22 -40.37
C LEU H 172 -17.41 4.39 -39.84
N MET H 173 -16.62 4.15 -38.79
CA MET H 173 -15.84 5.26 -38.23
C MET H 173 -14.72 5.68 -39.16
N ALA H 174 -14.13 4.73 -39.90
CA ALA H 174 -13.14 5.08 -40.91
C ALA H 174 -13.74 5.97 -41.98
N MET H 175 -14.96 5.66 -42.44
CA MET H 175 -15.59 6.49 -43.45
C MET H 175 -16.03 7.83 -42.90
N ASN H 176 -16.48 7.87 -41.63
CA ASN H 176 -16.88 9.12 -41.01
C ASN H 176 -15.69 10.03 -40.74
N ALA H 177 -14.52 9.46 -40.48
CA ALA H 177 -13.34 10.26 -40.18
C ALA H 177 -12.86 11.06 -41.38
N GLN H 178 -13.25 10.67 -42.59
CA GLN H 178 -12.84 11.35 -43.81
C GLN H 178 -13.96 12.22 -44.38
N ASN H 179 -15.05 12.40 -43.63
CA ASN H 179 -16.10 13.34 -43.99
C ASN H 179 -16.83 12.90 -45.27
N GLU H 180 -17.15 11.62 -45.35
CA GLU H 180 -17.93 11.12 -46.47
C GLU H 180 -19.31 11.76 -46.46
N GLN H 181 -19.85 12.02 -47.65
CA GLN H 181 -21.15 12.66 -47.80
C GLN H 181 -22.12 11.87 -48.64
N VAL H 182 -21.67 11.25 -49.72
CA VAL H 182 -22.50 10.38 -50.56
C VAL H 182 -21.87 9.01 -50.53
N HIS H 183 -22.67 7.99 -50.23
CA HIS H 183 -22.17 6.65 -49.98
C HIS H 183 -22.87 5.65 -50.88
N VAL H 184 -22.12 4.66 -51.35
CA VAL H 184 -22.64 3.56 -52.18
C VAL H 184 -22.60 2.29 -51.35
N ALA H 185 -23.77 1.74 -51.05
CA ALA H 185 -23.89 0.48 -50.33
C ALA H 185 -24.22 -0.61 -51.35
N SER H 186 -23.24 -1.46 -51.65
CA SER H 186 -23.36 -2.50 -52.66
C SER H 186 -23.72 -3.81 -51.98
N TRP H 187 -24.83 -4.41 -52.41
CA TRP H 187 -25.28 -5.68 -51.87
C TRP H 187 -25.51 -6.65 -53.02
N PRO H 188 -25.31 -7.95 -52.78
CA PRO H 188 -25.56 -8.93 -53.84
C PRO H 188 -26.95 -9.55 -53.80
N GLY H 189 -27.63 -9.41 -52.68
CA GLY H 189 -28.86 -10.13 -52.42
C GLY H 189 -28.67 -11.21 -51.37
N TYR H 190 -29.79 -11.60 -50.76
CA TYR H 190 -29.87 -12.72 -49.82
C TYR H 190 -29.19 -12.41 -48.49
N PHE H 191 -28.42 -11.33 -48.43
CA PHE H 191 -28.01 -10.71 -47.19
C PHE H 191 -28.75 -9.43 -46.92
N ASP H 192 -29.18 -8.75 -47.98
CA ASP H 192 -29.63 -7.38 -47.89
C ASP H 192 -30.74 -7.24 -46.87
N ASP H 193 -30.47 -6.46 -45.83
CA ASP H 193 -31.51 -5.87 -45.01
C ASP H 193 -31.48 -4.36 -45.22
N GLU H 194 -32.67 -3.76 -45.23
CA GLU H 194 -32.75 -2.32 -45.28
C GLU H 194 -32.11 -1.67 -44.06
N ILE H 195 -32.04 -2.42 -42.95
CA ILE H 195 -31.60 -1.85 -41.68
C ILE H 195 -30.17 -1.34 -41.78
N SER H 196 -29.27 -2.13 -42.37
CA SER H 196 -27.86 -1.77 -42.35
C SER H 196 -27.59 -0.49 -43.14
N SER H 197 -28.21 -0.36 -44.31
CA SER H 197 -27.97 0.84 -45.13
C SER H 197 -28.65 2.05 -44.54
N ARG H 198 -29.87 1.90 -44.01
CA ARG H 198 -30.51 3.03 -43.35
C ARG H 198 -29.72 3.49 -42.13
N TYR H 199 -29.22 2.54 -41.35
CA TYR H 199 -28.40 2.89 -40.19
C TYR H 199 -27.13 3.58 -40.62
N TYR H 200 -26.50 3.11 -41.70
CA TYR H 200 -25.31 3.79 -42.19
C TYR H 200 -25.62 5.22 -42.56
N ALA H 201 -26.73 5.43 -43.28
CA ALA H 201 -27.12 6.79 -43.63
C ALA H 201 -27.24 7.66 -42.39
N ILE H 202 -27.91 7.15 -41.36
CA ILE H 202 -28.14 7.96 -40.16
C ILE H 202 -26.85 8.20 -39.41
N ALA H 203 -25.99 7.18 -39.30
CA ALA H 203 -24.82 7.26 -38.43
C ALA H 203 -23.70 8.07 -39.06
N THR H 204 -23.53 8.00 -40.38
CA THR H 204 -22.49 8.77 -41.06
C THR H 204 -23.00 10.09 -41.62
N GLN H 205 -24.30 10.37 -41.49
CA GLN H 205 -24.88 11.62 -41.99
C GLN H 205 -24.67 11.76 -43.49
N THR H 206 -24.80 10.67 -44.22
CA THR H 206 -24.59 10.62 -45.66
C THR H 206 -25.88 10.23 -46.38
N PHE H 207 -25.94 10.58 -47.65
CA PHE H 207 -26.86 9.91 -48.57
C PHE H 207 -26.31 8.53 -48.89
N VAL H 208 -27.19 7.54 -48.95
CA VAL H 208 -26.80 6.16 -49.20
C VAL H 208 -27.52 5.66 -50.45
N LEU H 209 -26.75 5.22 -51.44
CA LEU H 209 -27.28 4.56 -52.62
C LEU H 209 -27.18 3.05 -52.40
N MET H 210 -28.30 2.41 -52.13
CA MET H 210 -28.34 0.97 -51.90
C MET H 210 -28.60 0.28 -53.24
N THR H 211 -27.63 -0.49 -53.71
CA THR H 211 -27.72 -1.21 -54.97
C THR H 211 -27.63 -2.70 -54.70
N SER H 212 -28.58 -3.46 -55.24
CA SER H 212 -28.61 -4.90 -55.09
C SER H 212 -28.73 -5.55 -56.46
N SER H 213 -28.48 -6.85 -56.48
CA SER H 213 -28.58 -7.63 -57.71
C SER H 213 -29.89 -8.40 -57.73
N ILE H 214 -30.08 -9.17 -58.79
CA ILE H 214 -31.21 -10.08 -58.94
C ILE H 214 -30.67 -11.42 -59.40
N TYR H 215 -31.53 -12.43 -59.37
CA TYR H 215 -31.16 -13.78 -59.78
C TYR H 215 -31.74 -14.07 -61.17
N THR H 216 -30.89 -14.56 -62.06
CA THR H 216 -31.31 -14.99 -63.39
C THR H 216 -31.36 -16.51 -63.45
N GLU H 217 -32.06 -17.03 -64.47
CA GLU H 217 -32.17 -18.47 -64.64
C GLU H 217 -30.90 -19.08 -65.21
N GLU H 218 -30.10 -18.31 -65.96
CA GLU H 218 -28.80 -18.80 -66.39
C GLU H 218 -27.93 -19.15 -65.20
N MET H 219 -27.95 -18.30 -64.18
CA MET H 219 -27.21 -18.54 -62.95
C MET H 219 -27.63 -19.86 -62.32
N LYS H 220 -28.94 -20.05 -62.16
CA LYS H 220 -29.45 -21.25 -61.51
C LYS H 220 -29.13 -22.50 -62.31
N GLU H 221 -29.24 -22.44 -63.63
CA GLU H 221 -28.90 -23.59 -64.45
C GLU H 221 -27.41 -23.91 -64.35
N MET H 222 -26.57 -22.88 -64.26
CA MET H 222 -25.13 -23.10 -64.23
C MET H 222 -24.67 -23.70 -62.90
N ILE H 223 -25.14 -23.15 -61.78
CA ILE H 223 -24.58 -23.58 -60.50
C ILE H 223 -25.40 -24.69 -59.85
N CYS H 224 -26.73 -24.65 -59.94
CA CYS H 224 -27.56 -25.67 -59.30
C CYS H 224 -27.51 -26.94 -60.15
N LEU H 225 -26.56 -27.82 -59.82
CA LEU H 225 -26.38 -29.05 -60.58
C LEU H 225 -27.47 -30.07 -60.28
N THR H 226 -27.86 -30.23 -59.01
CA THR H 226 -28.83 -31.22 -58.60
C THR H 226 -30.10 -30.55 -58.09
N GLN H 227 -31.14 -31.36 -57.95
CA GLN H 227 -32.44 -30.86 -57.52
C GLN H 227 -32.39 -30.27 -56.13
N GLU H 228 -31.67 -30.93 -55.21
CA GLU H 228 -31.57 -30.41 -53.85
C GLU H 228 -30.96 -29.02 -53.86
N GLN H 229 -29.89 -28.84 -54.64
CA GLN H 229 -29.27 -27.52 -54.75
C GLN H 229 -30.21 -26.52 -55.40
N ARG H 230 -30.95 -26.96 -56.42
CA ARG H 230 -31.88 -26.06 -57.09
C ARG H 230 -32.92 -25.52 -56.11
N ASP H 231 -33.49 -26.39 -55.29
CA ASP H 231 -34.48 -25.94 -54.32
C ASP H 231 -33.85 -25.06 -53.24
N TYR H 232 -32.73 -25.50 -52.69
CA TYR H 232 -32.09 -24.72 -51.62
C TYR H 232 -31.74 -23.32 -52.11
N PHE H 233 -31.21 -23.21 -53.33
CA PHE H 233 -30.89 -21.89 -53.86
C PHE H 233 -32.15 -21.09 -54.15
N GLU H 234 -33.19 -21.74 -54.68
CA GLU H 234 -34.44 -21.03 -54.92
C GLU H 234 -35.02 -20.45 -53.64
N THR H 235 -34.65 -21.00 -52.48
CA THR H 235 -35.06 -20.36 -51.23
C THR H 235 -34.44 -18.98 -51.04
N PHE H 236 -33.36 -18.65 -51.74
CA PHE H 236 -32.60 -17.45 -51.43
C PHE H 236 -33.43 -16.18 -51.61
N LYS H 237 -33.27 -15.25 -50.66
CA LYS H 237 -34.01 -14.00 -50.66
C LYS H 237 -33.61 -13.12 -51.83
N SER H 238 -34.35 -12.01 -51.98
CA SER H 238 -34.06 -11.01 -52.99
C SER H 238 -33.73 -9.69 -52.31
N GLY H 239 -32.74 -8.98 -52.85
CA GLY H 239 -32.33 -7.71 -52.31
C GLY H 239 -33.24 -6.57 -52.74
N HIS H 240 -32.89 -5.38 -52.28
CA HIS H 240 -33.63 -4.16 -52.58
C HIS H 240 -32.67 -3.10 -53.07
N THR H 241 -33.19 -2.16 -53.85
CA THR H 241 -32.41 -1.07 -54.43
C THR H 241 -33.18 0.21 -54.28
N CYS H 242 -32.58 1.21 -53.63
CA CYS H 242 -33.18 2.53 -53.48
C CYS H 242 -32.14 3.44 -52.86
N ILE H 243 -32.52 4.70 -52.66
CA ILE H 243 -31.61 5.72 -52.15
C ILE H 243 -32.18 6.27 -50.85
N TYR H 244 -31.31 6.56 -49.89
CA TYR H 244 -31.69 7.06 -48.58
C TYR H 244 -31.00 8.39 -48.32
N GLY H 245 -31.70 9.26 -47.59
CA GLY H 245 -31.16 10.54 -47.21
C GLY H 245 -30.44 10.49 -45.89
N PRO H 246 -29.87 11.62 -45.47
CA PRO H 246 -29.06 11.62 -44.24
C PRO H 246 -29.84 11.30 -42.98
N ASP H 247 -31.17 11.32 -43.02
CA ASP H 247 -31.99 10.87 -41.90
C ASP H 247 -32.35 9.40 -41.97
N GLY H 248 -32.00 8.70 -43.05
CA GLY H 248 -32.33 7.31 -43.22
C GLY H 248 -33.63 7.05 -43.94
N GLU H 249 -34.41 8.07 -44.24
CA GLU H 249 -35.64 7.86 -44.99
C GLU H 249 -35.34 7.79 -46.48
N PRO H 250 -36.14 7.06 -47.24
CA PRO H 250 -35.92 7.02 -48.69
C PRO H 250 -36.20 8.35 -49.34
N ILE H 251 -35.51 8.60 -50.46
CA ILE H 251 -35.73 9.81 -51.23
C ILE H 251 -35.94 9.42 -52.69
N SER H 252 -36.21 8.13 -52.93
CA SER H 252 -36.50 7.62 -54.25
C SER H 252 -37.53 6.52 -54.12
N ASP H 253 -37.84 5.87 -55.23
CA ASP H 253 -38.78 4.76 -55.25
C ASP H 253 -38.02 3.43 -55.32
N MET H 254 -38.52 2.45 -54.58
CA MET H 254 -37.99 1.09 -54.69
C MET H 254 -38.08 0.58 -56.12
N VAL H 255 -37.05 -0.12 -56.57
CA VAL H 255 -37.09 -0.88 -57.81
C VAL H 255 -37.90 -2.14 -57.51
N PRO H 256 -38.81 -2.57 -58.38
CA PRO H 256 -39.56 -3.80 -58.09
C PRO H 256 -38.62 -4.99 -57.89
N ALA H 257 -39.00 -5.86 -56.96
CA ALA H 257 -38.09 -6.93 -56.54
C ALA H 257 -37.83 -7.92 -57.66
N GLU H 258 -36.58 -8.32 -57.80
CA GLU H 258 -36.16 -9.34 -58.76
C GLU H 258 -36.51 -8.95 -60.19
N THR H 259 -36.34 -7.66 -60.50
CA THR H 259 -36.44 -7.17 -61.87
C THR H 259 -35.40 -6.07 -62.07
N GLU H 260 -35.03 -5.87 -63.33
CA GLU H 260 -34.01 -4.90 -63.69
C GLU H 260 -34.59 -3.51 -63.69
N GLY H 261 -33.86 -2.56 -63.10
CA GLY H 261 -34.32 -1.19 -63.07
C GLY H 261 -33.31 -0.31 -62.39
N ILE H 262 -33.58 0.99 -62.44
CA ILE H 262 -32.70 2.00 -61.88
C ILE H 262 -33.53 2.93 -61.01
N ALA H 263 -33.04 3.23 -59.81
CA ALA H 263 -33.65 4.19 -58.92
C ALA H 263 -32.90 5.51 -59.04
N TYR H 264 -33.65 6.61 -59.07
CA TYR H 264 -33.08 7.94 -59.24
C TYR H 264 -33.45 8.82 -58.05
N ALA H 265 -32.54 9.73 -57.71
CA ALA H 265 -32.78 10.67 -56.63
C ALA H 265 -31.95 11.92 -56.88
N GLU H 266 -32.47 13.04 -56.39
CA GLU H 266 -31.72 14.30 -56.39
C GLU H 266 -30.97 14.38 -55.06
N ILE H 267 -29.64 14.45 -55.15
CA ILE H 267 -28.78 14.46 -53.98
C ILE H 267 -28.32 15.90 -53.77
N ASP H 268 -28.77 16.50 -52.68
CA ASP H 268 -28.36 17.85 -52.28
C ASP H 268 -27.45 17.70 -51.06
N VAL H 269 -26.15 17.80 -51.29
CA VAL H 269 -25.18 17.55 -50.22
C VAL H 269 -25.36 18.52 -49.05
N GLU H 270 -26.07 19.63 -49.29
CA GLU H 270 -26.31 20.59 -48.21
C GLU H 270 -27.11 19.97 -47.07
N ARG H 271 -27.99 19.01 -47.37
CA ARG H 271 -28.83 18.41 -46.35
C ARG H 271 -28.01 17.78 -45.24
N VAL H 272 -26.77 17.37 -45.51
CA VAL H 272 -25.96 16.72 -44.49
C VAL H 272 -25.62 17.68 -43.35
N ILE H 273 -25.67 18.98 -43.61
CA ILE H 273 -25.34 19.96 -42.58
C ILE H 273 -26.36 19.89 -41.45
N ASP H 274 -27.63 19.70 -41.78
CA ASP H 274 -28.67 19.67 -40.76
C ASP H 274 -28.61 18.44 -39.89
N TYR H 275 -27.79 17.45 -40.24
CA TYR H 275 -27.63 16.26 -39.44
C TYR H 275 -26.26 16.17 -38.78
N LYS H 276 -25.25 16.84 -39.33
CA LYS H 276 -24.03 17.07 -38.57
C LYS H 276 -24.32 17.94 -37.35
N TYR H 277 -25.38 18.75 -37.41
CA TYR H 277 -25.82 19.49 -36.25
C TYR H 277 -26.19 18.56 -35.11
N TYR H 278 -26.95 17.51 -35.40
CA TYR H 278 -27.38 16.58 -34.37
C TYR H 278 -26.21 15.75 -33.86
N ILE H 279 -25.60 14.97 -34.74
CA ILE H 279 -24.62 13.97 -34.37
C ILE H 279 -23.46 14.00 -35.35
N ASP H 280 -22.27 13.68 -34.87
CA ASP H 280 -21.06 13.60 -35.67
C ASP H 280 -20.04 12.75 -34.94
N PRO H 281 -20.09 11.42 -35.08
CA PRO H 281 -19.28 10.55 -34.22
C PRO H 281 -17.79 10.87 -34.26
N ALA H 282 -17.26 11.27 -35.42
CA ALA H 282 -15.85 11.59 -35.54
C ALA H 282 -15.52 13.01 -35.11
N GLY H 283 -16.51 13.86 -34.87
CA GLY H 283 -16.27 15.23 -34.48
C GLY H 283 -16.73 15.56 -33.08
N HIS H 284 -17.81 16.33 -32.95
CA HIS H 284 -18.24 16.81 -31.64
C HIS H 284 -18.96 15.74 -30.82
N TYR H 285 -19.58 14.76 -31.46
CA TYR H 285 -20.34 13.74 -30.74
C TYR H 285 -19.42 12.57 -30.38
N SER H 286 -18.44 12.87 -29.52
CA SER H 286 -17.41 11.90 -29.18
C SER H 286 -17.02 12.05 -27.73
N ASN H 287 -16.22 11.09 -27.26
CA ASN H 287 -15.69 11.04 -25.90
C ASN H 287 -14.22 10.68 -25.97
N GLN H 288 -13.40 11.37 -25.17
CA GLN H 288 -11.96 11.14 -25.23
C GLN H 288 -11.60 9.71 -24.84
N SER H 289 -12.43 9.07 -24.02
CA SER H 289 -12.14 7.71 -23.58
C SER H 289 -12.07 6.74 -24.75
N LEU H 290 -12.86 6.95 -25.80
CA LEU H 290 -12.92 6.04 -26.93
C LEU H 290 -12.25 6.68 -28.13
N SER H 291 -11.39 5.91 -28.79
CA SER H 291 -10.63 6.40 -29.93
C SER H 291 -10.42 5.25 -30.90
N MET H 292 -10.00 5.59 -32.12
CA MET H 292 -9.83 4.62 -33.18
C MET H 292 -8.48 4.84 -33.85
N ASN H 293 -7.76 3.75 -34.06
CA ASN H 293 -6.52 3.77 -34.84
C ASN H 293 -6.86 3.41 -36.28
N PHE H 294 -6.52 4.28 -37.21
CA PHE H 294 -6.79 4.07 -38.63
C PHE H 294 -5.45 4.05 -39.36
N ASN H 295 -4.96 2.84 -39.64
CA ASN H 295 -3.67 2.66 -40.28
C ASN H 295 -3.87 2.56 -41.79
N GLN H 296 -3.37 3.56 -42.52
CA GLN H 296 -3.55 3.63 -43.95
C GLN H 296 -2.31 3.23 -44.73
N GLN H 297 -1.35 2.59 -44.08
CA GLN H 297 -0.16 2.13 -44.79
C GLN H 297 -0.53 1.00 -45.74
N PRO H 298 0.09 0.93 -46.93
CA PRO H 298 -0.10 -0.27 -47.75
C PRO H 298 0.44 -1.50 -47.06
N THR H 299 -0.25 -2.61 -47.22
CA THR H 299 0.12 -3.87 -46.58
C THR H 299 0.11 -5.02 -47.60
N PRO H 300 0.97 -4.97 -48.60
CA PRO H 300 1.18 -6.14 -49.45
C PRO H 300 2.19 -7.08 -48.81
N VAL H 301 2.10 -8.35 -49.19
CA VAL H 301 2.96 -9.35 -48.58
C VAL H 301 4.41 -9.06 -48.91
N VAL H 302 4.68 -8.70 -50.17
CA VAL H 302 6.03 -8.44 -50.65
C VAL H 302 6.07 -6.99 -51.12
N LYS H 303 6.96 -6.20 -50.52
CA LYS H 303 7.18 -4.81 -50.92
C LYS H 303 8.32 -4.78 -51.94
N HIS H 304 8.02 -4.27 -53.14
CA HIS H 304 9.00 -4.22 -54.23
C HIS H 304 9.75 -2.89 -54.15
N LEU H 305 10.96 -2.91 -53.61
CA LEU H 305 11.80 -1.73 -53.56
C LEU H 305 12.61 -1.63 -54.85
N ASN H 306 12.73 -0.41 -55.37
CA ASN H 306 13.57 -0.13 -56.53
C ASN H 306 13.26 -1.10 -57.67
N HIS H 307 11.97 -1.26 -57.96
CA HIS H 307 11.54 -2.17 -59.01
C HIS H 307 12.22 -1.82 -60.32
N GLN H 308 12.74 -2.85 -61.00
CA GLN H 308 13.48 -2.70 -62.25
C GLN H 308 12.80 -3.47 -63.37
N LYS H 309 13.07 -3.06 -64.60
CA LYS H 309 12.53 -3.69 -65.79
C LYS H 309 13.49 -4.76 -66.32
N ASN H 310 12.93 -5.74 -67.01
CA ASN H 310 13.73 -6.81 -67.59
C ASN H 310 14.33 -6.36 -68.92
N GLU H 311 15.63 -6.61 -69.09
CA GLU H 311 16.38 -6.28 -70.30
C GLU H 311 16.77 -7.55 -71.04
N VAL H 312 16.73 -7.50 -72.37
CA VAL H 312 17.04 -8.65 -73.22
C VAL H 312 18.18 -8.28 -74.15
N PHE H 313 19.12 -9.20 -74.32
CA PHE H 313 20.19 -9.06 -75.30
C PHE H 313 19.67 -9.73 -76.57
N THR H 314 19.06 -8.93 -77.44
CA THR H 314 18.27 -9.46 -78.54
C THR H 314 19.12 -10.33 -79.46
N TYR H 315 18.43 -11.10 -80.30
CA TYR H 315 19.11 -12.11 -81.11
C TYR H 315 20.13 -11.47 -82.05
N GLU H 316 19.75 -10.38 -82.71
CA GLU H 316 20.69 -9.73 -83.63
C GLU H 316 21.91 -9.22 -82.90
N ASP H 317 21.72 -8.66 -81.71
CA ASP H 317 22.87 -8.20 -80.93
C ASP H 317 23.80 -9.36 -80.60
N ILE H 318 23.24 -10.53 -80.29
CA ILE H 318 24.08 -11.70 -80.02
C ILE H 318 24.87 -12.07 -81.26
N GLN H 319 24.23 -12.01 -82.43
CA GLN H 319 24.90 -12.25 -83.69
C GLN H 319 25.41 -10.94 -84.30
N THR I 1 15.38 -6.37 45.16
CA THR I 1 16.71 -6.81 45.65
C THR I 1 17.09 -8.14 45.03
N SER I 2 18.33 -8.23 44.54
CA SER I 2 18.83 -9.43 43.90
C SER I 2 19.87 -10.09 44.79
N ILE I 3 19.72 -11.39 45.01
CA ILE I 3 20.65 -12.19 45.79
C ILE I 3 21.22 -13.28 44.89
N TYR I 4 22.41 -13.75 45.24
CA TYR I 4 23.09 -14.82 44.52
C TYR I 4 23.57 -15.84 45.53
N PRO I 5 22.67 -16.68 46.05
CA PRO I 5 23.06 -17.60 47.13
C PRO I 5 23.88 -18.78 46.65
N LYS I 6 24.52 -19.43 47.62
CA LYS I 6 25.26 -20.66 47.40
C LYS I 6 24.66 -21.74 48.27
N PHE I 7 24.29 -22.86 47.67
CA PHE I 7 23.60 -23.93 48.37
C PHE I 7 23.89 -25.24 47.64
N ARG I 8 23.55 -26.35 48.32
CA ARG I 8 23.71 -27.68 47.74
C ARG I 8 22.38 -28.18 47.21
N ALA I 9 22.40 -28.71 45.99
CA ALA I 9 21.23 -29.30 45.37
C ALA I 9 21.37 -30.81 45.34
N ALA I 10 20.25 -31.49 45.10
CA ALA I 10 20.23 -32.95 45.05
C ALA I 10 19.18 -33.39 44.04
N ALA I 11 19.60 -34.17 43.04
CA ALA I 11 18.70 -34.78 42.08
C ALA I 11 18.56 -36.26 42.41
N VAL I 12 17.32 -36.74 42.42
CA VAL I 12 17.01 -38.10 42.85
C VAL I 12 16.81 -38.99 41.63
N GLN I 13 17.38 -40.18 41.67
CA GLN I 13 17.12 -41.23 40.69
C GLN I 13 16.53 -42.42 41.44
N ALA I 14 15.25 -42.68 41.22
CA ALA I 14 14.57 -43.75 41.92
C ALA I 14 13.33 -44.12 41.12
N ALA I 15 12.62 -45.14 41.60
CA ALA I 15 11.33 -45.51 41.05
C ALA I 15 10.33 -45.64 42.18
N PRO I 16 9.06 -45.36 41.92
CA PRO I 16 8.04 -45.46 42.96
C PRO I 16 7.61 -46.91 43.15
N ILE I 17 6.65 -47.10 44.06
CA ILE I 17 5.94 -48.37 44.16
C ILE I 17 4.77 -48.26 43.19
N TYR I 18 4.89 -48.95 42.05
CA TYR I 18 4.11 -48.60 40.88
C TYR I 18 2.61 -48.58 41.18
N LEU I 19 1.97 -47.46 40.87
CA LEU I 19 0.54 -47.25 41.06
C LEU I 19 0.12 -47.58 42.50
N ASN I 20 0.88 -47.04 43.46
CA ASN I 20 0.61 -47.22 44.88
C ASN I 20 0.98 -45.92 45.57
N LEU I 21 -0.03 -45.13 45.93
CA LEU I 21 0.23 -43.76 46.36
C LEU I 21 0.87 -43.71 47.75
N GLU I 22 0.36 -44.51 48.69
CA GLU I 22 0.87 -44.44 50.05
C GLU I 22 2.32 -44.92 50.12
N ALA I 23 2.64 -46.04 49.48
CA ALA I 23 4.00 -46.54 49.50
C ALA I 23 4.95 -45.60 48.76
N SER I 24 4.51 -45.04 47.64
CA SER I 24 5.34 -44.09 46.91
C SER I 24 5.60 -42.84 47.72
N VAL I 25 4.60 -42.37 48.45
CA VAL I 25 4.77 -41.21 49.32
C VAL I 25 5.76 -41.51 50.43
N GLU I 26 5.68 -42.71 51.02
CA GLU I 26 6.64 -43.09 52.05
C GLU I 26 8.05 -43.13 51.48
N LYS I 27 8.21 -43.68 50.28
CA LYS I 27 9.51 -43.73 49.63
C LYS I 27 10.05 -42.32 49.35
N SER I 28 9.17 -41.42 48.92
CA SER I 28 9.59 -40.04 48.67
C SER I 28 10.03 -39.35 49.95
N CYS I 29 9.31 -39.58 51.04
CA CYS I 29 9.72 -39.00 52.32
C CYS I 29 11.08 -39.51 52.75
N GLU I 30 11.32 -40.81 52.56
CA GLU I 30 12.62 -41.37 52.91
C GLU I 30 13.72 -40.77 52.04
N LEU I 31 13.45 -40.60 50.75
CA LEU I 31 14.45 -40.00 49.87
C LEU I 31 14.73 -38.55 50.25
N ILE I 32 13.69 -37.82 50.66
CA ILE I 32 13.90 -36.44 51.12
C ILE I 32 14.77 -36.44 52.37
N ASP I 33 14.51 -37.35 53.30
CA ASP I 33 15.32 -37.43 54.50
C ASP I 33 16.77 -37.71 54.16
N GLU I 34 16.99 -38.67 53.25
CA GLU I 34 18.36 -39.02 52.85
C GLU I 34 19.06 -37.84 52.19
N ALA I 35 18.36 -37.13 51.30
CA ALA I 35 19.00 -36.03 50.57
C ALA I 35 19.29 -34.86 51.49
N ALA I 36 18.35 -34.50 52.36
CA ALA I 36 18.56 -33.36 53.25
C ALA I 36 19.59 -33.66 54.31
N SER I 37 19.61 -34.90 54.83
CA SER I 37 20.62 -35.30 55.80
C SER I 37 22.02 -35.26 55.21
N ASN I 38 22.14 -35.22 53.88
CA ASN I 38 23.42 -35.09 53.21
C ASN I 38 23.75 -33.64 52.89
N GLY I 39 22.95 -32.69 53.37
CA GLY I 39 23.24 -31.28 53.22
C GLY I 39 22.51 -30.59 52.08
N ALA I 40 21.64 -31.30 51.37
CA ALA I 40 20.94 -30.70 50.23
C ALA I 40 19.82 -29.79 50.70
N LYS I 41 19.75 -28.60 50.12
CA LYS I 41 18.68 -27.65 50.39
C LYS I 41 17.62 -27.63 49.30
N LEU I 42 17.84 -28.30 48.19
CA LEU I 42 16.83 -28.49 47.15
C LEU I 42 16.85 -29.95 46.76
N VAL I 43 15.68 -30.57 46.67
CA VAL I 43 15.53 -31.98 46.34
C VAL I 43 14.52 -32.12 45.22
N ALA I 44 14.94 -32.67 44.09
CA ALA I 44 14.10 -32.83 42.92
C ALA I 44 13.83 -34.30 42.66
N PHE I 45 12.65 -34.59 42.13
CA PHE I 45 12.16 -35.93 41.88
C PHE I 45 11.81 -36.13 40.41
N PRO I 46 11.78 -37.37 39.94
CA PRO I 46 11.50 -37.63 38.52
C PRO I 46 10.07 -37.27 38.13
N GLU I 47 9.85 -37.23 36.83
CA GLU I 47 8.52 -36.93 36.29
C GLU I 47 7.52 -37.99 36.71
N ALA I 48 6.34 -37.54 37.15
CA ALA I 48 5.24 -38.42 37.52
C ALA I 48 5.69 -39.49 38.50
N PHE I 49 6.39 -39.06 39.55
CA PHE I 49 6.84 -40.00 40.57
C PHE I 49 5.66 -40.60 41.33
N LEU I 50 4.67 -39.78 41.66
CA LEU I 50 3.55 -40.21 42.49
C LEU I 50 2.31 -40.41 41.63
N PRO I 51 1.76 -41.63 41.49
CA PRO I 51 2.26 -42.92 41.97
C PRO I 51 3.19 -43.62 40.99
N GLY I 52 3.29 -43.12 39.77
CA GLY I 52 4.16 -43.73 38.77
C GLY I 52 3.80 -43.26 37.38
N TYR I 53 4.77 -43.39 36.49
CA TYR I 53 4.57 -42.98 35.11
C TYR I 53 3.76 -44.03 34.35
N PRO I 54 2.78 -43.61 33.54
CA PRO I 54 1.91 -44.60 32.85
C PRO I 54 2.59 -45.26 31.67
N TRP I 55 3.51 -46.19 31.97
CA TRP I 55 4.18 -46.92 30.90
C TRP I 55 3.20 -47.81 30.13
N PHE I 56 2.16 -48.29 30.80
CA PHE I 56 1.18 -49.14 30.14
C PHE I 56 0.55 -48.45 28.93
N ALA I 57 0.51 -47.12 28.93
CA ALA I 57 -0.07 -46.40 27.80
C ALA I 57 0.74 -46.55 26.53
N PHE I 58 1.98 -47.03 26.63
CA PHE I 58 2.88 -47.09 25.49
C PHE I 58 3.07 -48.49 24.94
N ILE I 59 2.42 -49.50 25.52
CA ILE I 59 2.67 -50.89 25.15
C ILE I 59 1.37 -51.64 24.89
N GLY I 60 0.31 -50.91 24.54
CA GLY I 60 -0.95 -51.55 24.21
C GLY I 60 -1.88 -50.56 23.59
N HIS I 61 -3.06 -51.05 23.22
CA HIS I 61 -4.10 -50.21 22.64
C HIS I 61 -4.87 -49.50 23.75
N PRO I 62 -5.68 -48.49 23.39
CA PRO I 62 -6.32 -47.66 24.44
C PRO I 62 -7.18 -48.44 25.41
N GLU I 63 -7.87 -49.50 24.97
CA GLU I 63 -8.70 -50.24 25.91
C GLU I 63 -7.85 -50.93 26.96
N TYR I 64 -6.72 -51.50 26.56
CA TYR I 64 -5.78 -52.07 27.54
C TYR I 64 -5.30 -50.99 28.49
N THR I 65 -5.04 -49.79 27.98
CA THR I 65 -4.63 -48.67 28.83
C THR I 65 -5.73 -48.28 29.82
N ARG I 66 -6.99 -48.53 29.46
CA ARG I 66 -8.11 -48.18 30.33
C ARG I 66 -8.02 -48.88 31.68
N LYS I 67 -7.69 -50.17 31.68
CA LYS I 67 -7.69 -50.93 32.92
C LYS I 67 -6.72 -50.32 33.92
N PHE I 68 -5.51 -49.99 33.47
CA PHE I 68 -4.50 -49.45 34.37
C PHE I 68 -4.72 -47.97 34.64
N TYR I 69 -5.35 -47.24 33.71
CA TYR I 69 -5.78 -45.89 34.01
C TYR I 69 -6.73 -45.89 35.19
N HIS I 70 -7.56 -46.92 35.31
CA HIS I 70 -8.41 -47.03 36.49
C HIS I 70 -7.59 -46.94 37.77
N GLU I 71 -6.54 -47.76 37.89
CA GLU I 71 -5.74 -47.78 39.10
C GLU I 71 -4.98 -46.48 39.28
N LEU I 72 -4.36 -45.97 38.21
CA LEU I 72 -3.62 -44.72 38.32
C LEU I 72 -4.53 -43.59 38.78
N TYR I 73 -5.77 -43.58 38.30
CA TYR I 73 -6.76 -42.59 38.72
C TYR I 73 -7.09 -42.75 40.19
N LYS I 74 -7.29 -43.99 40.66
CA LYS I 74 -7.59 -44.20 42.07
C LYS I 74 -6.43 -43.81 42.97
N ASN I 75 -5.22 -43.65 42.43
CA ASN I 75 -4.04 -43.32 43.22
C ASN I 75 -3.44 -41.97 42.83
N ALA I 76 -4.24 -41.09 42.24
CA ALA I 76 -3.77 -39.76 41.90
C ALA I 76 -3.72 -38.87 43.14
N VAL I 77 -2.90 -37.82 43.06
CA VAL I 77 -2.66 -36.93 44.19
C VAL I 77 -3.66 -35.79 44.14
N GLU I 78 -4.43 -35.62 45.20
CA GLU I 78 -5.38 -34.53 45.32
C GLU I 78 -4.78 -33.41 46.16
N ILE I 79 -5.44 -32.26 46.11
CA ILE I 79 -5.05 -31.10 46.91
C ILE I 79 -6.30 -30.55 47.58
N PRO I 80 -6.43 -30.65 48.92
CA PRO I 80 -5.52 -31.29 49.88
C PRO I 80 -5.62 -32.81 49.89
N SER I 81 -4.62 -33.50 50.42
CA SER I 81 -4.66 -34.94 50.54
C SER I 81 -3.61 -35.37 51.56
N LEU I 82 -3.69 -36.63 51.98
CA LEU I 82 -2.71 -37.16 52.92
C LEU I 82 -1.31 -37.10 52.31
N ALA I 83 -1.19 -37.35 51.01
CA ALA I 83 0.11 -37.29 50.36
C ALA I 83 0.71 -35.89 50.49
N ILE I 84 -0.11 -34.87 50.28
CA ILE I 84 0.37 -33.50 50.43
C ILE I 84 0.80 -33.25 51.86
N GLN I 85 0.03 -33.73 52.83
CA GLN I 85 0.39 -33.56 54.23
C GLN I 85 1.74 -34.18 54.53
N LYS I 86 1.97 -35.41 54.05
CA LYS I 86 3.22 -36.09 54.34
C LYS I 86 4.41 -35.41 53.66
N ILE I 87 4.26 -35.02 52.40
CA ILE I 87 5.38 -34.37 51.72
C ILE I 87 5.68 -33.02 52.33
N SER I 88 4.63 -32.28 52.73
CA SER I 88 4.83 -31.00 53.38
C SER I 88 5.52 -31.17 54.72
N GLU I 89 5.15 -32.21 55.48
CA GLU I 89 5.82 -32.46 56.75
C GLU I 89 7.27 -32.85 56.54
N ALA I 90 7.56 -33.64 55.50
CA ALA I 90 8.95 -34.02 55.24
C ALA I 90 9.77 -32.79 54.89
N ALA I 91 9.26 -31.94 54.01
CA ALA I 91 9.98 -30.72 53.65
C ALA I 91 10.18 -29.83 54.86
N LYS I 92 9.18 -29.74 55.73
CA LYS I 92 9.30 -28.91 56.93
C LYS I 92 10.34 -29.48 57.89
N ARG I 93 10.23 -30.76 58.21
CA ARG I 93 11.12 -31.41 59.16
C ARG I 93 12.55 -31.46 58.67
N ASN I 94 12.76 -31.38 57.36
CA ASN I 94 14.11 -31.35 56.81
C ASN I 94 14.57 -29.95 56.42
N GLU I 95 13.67 -28.96 56.44
CA GLU I 95 14.02 -27.58 56.13
C GLU I 95 14.64 -27.48 54.74
N THR I 96 13.93 -28.01 53.75
CA THR I 96 14.46 -28.08 52.40
C THR I 96 13.34 -27.73 51.40
N TYR I 97 13.76 -27.23 50.24
CA TYR I 97 12.84 -27.05 49.13
C TYR I 97 12.68 -28.38 48.40
N VAL I 98 11.44 -28.69 47.99
CA VAL I 98 11.12 -29.96 47.37
C VAL I 98 10.32 -29.70 46.11
N CYS I 99 10.75 -30.30 45.01
CA CYS I 99 10.00 -30.30 43.75
C CYS I 99 9.70 -31.75 43.40
N ILE I 100 8.46 -32.19 43.67
CA ILE I 100 8.04 -33.56 43.44
C ILE I 100 6.96 -33.55 42.35
N SER I 101 7.09 -34.46 41.39
CA SER I 101 6.11 -34.58 40.33
C SER I 101 5.17 -35.73 40.63
N CYS I 102 3.94 -35.62 40.12
CA CYS I 102 2.87 -36.52 40.53
C CYS I 102 1.79 -36.54 39.46
N SER I 103 0.77 -37.35 39.70
CA SER I 103 -0.45 -37.36 38.88
C SER I 103 -1.53 -36.65 39.70
N GLU I 104 -1.64 -35.35 39.51
CA GLU I 104 -2.59 -34.55 40.26
C GLU I 104 -4.00 -34.77 39.72
N LYS I 105 -4.94 -34.99 40.63
CA LYS I 105 -6.34 -35.13 40.29
C LYS I 105 -7.09 -33.87 40.69
N ASP I 106 -7.87 -33.32 39.76
CA ASP I 106 -8.62 -32.09 40.01
C ASP I 106 -9.97 -32.24 39.33
N GLY I 107 -11.03 -32.36 40.13
CA GLY I 107 -12.34 -32.63 39.59
C GLY I 107 -12.47 -34.08 39.17
N GLY I 108 -12.71 -34.31 37.89
CA GLY I 108 -12.87 -35.65 37.38
C GLY I 108 -11.77 -36.10 36.44
N SER I 109 -10.75 -35.27 36.23
CA SER I 109 -9.68 -35.59 35.29
C SER I 109 -8.33 -35.51 35.99
N LEU I 110 -7.34 -36.12 35.36
CA LEU I 110 -5.98 -36.16 35.87
C LEU I 110 -5.10 -35.15 35.14
N TYR I 111 -4.13 -34.61 35.87
CA TYR I 111 -3.14 -33.71 35.32
C TYR I 111 -1.75 -34.14 35.79
N LEU I 112 -0.75 -33.83 35.00
CA LEU I 112 0.64 -34.08 35.36
C LEU I 112 1.21 -32.79 35.94
N ALA I 113 1.56 -32.82 37.21
CA ALA I 113 1.95 -31.63 37.93
C ALA I 113 3.29 -31.82 38.61
N GLN I 114 4.01 -30.71 38.75
CA GLN I 114 5.13 -30.61 39.68
C GLN I 114 4.66 -29.78 40.87
N LEU I 115 4.91 -30.29 42.09
CA LEU I 115 4.50 -29.62 43.31
C LEU I 115 5.73 -29.12 44.05
N TRP I 116 5.65 -27.89 44.55
CA TRP I 116 6.79 -27.20 45.14
C TRP I 116 6.51 -26.91 46.60
N PHE I 117 7.44 -27.31 47.47
CA PHE I 117 7.32 -27.11 48.91
C PHE I 117 8.55 -26.36 49.40
N ASN I 118 8.35 -25.47 50.35
CA ASN I 118 9.43 -24.68 50.91
C ASN I 118 9.86 -25.24 52.26
N PRO I 119 10.97 -24.76 52.81
CA PRO I 119 11.43 -25.32 54.10
C PRO I 119 10.44 -25.19 55.23
N ASN I 120 9.45 -24.29 55.12
CA ASN I 120 8.42 -24.16 56.15
C ASN I 120 7.28 -25.16 55.98
N GLY I 121 7.31 -26.00 54.95
CA GLY I 121 6.25 -26.94 54.69
C GLY I 121 5.11 -26.41 53.87
N ASP I 122 5.21 -25.19 53.34
CA ASP I 122 4.16 -24.62 52.51
C ASP I 122 4.21 -25.24 51.11
N LEU I 123 3.06 -25.21 50.44
CA LEU I 123 2.97 -25.60 49.04
C LEU I 123 2.98 -24.29 48.25
N ILE I 124 4.18 -23.86 47.87
CA ILE I 124 4.35 -22.53 47.31
C ILE I 124 3.76 -22.41 45.91
N GLY I 125 3.60 -23.53 45.19
CA GLY I 125 3.00 -23.47 43.88
C GLY I 125 3.05 -24.83 43.20
N LYS I 126 2.62 -24.83 41.95
CA LYS I 126 2.61 -26.07 41.16
C LYS I 126 2.66 -25.71 39.68
N HIS I 127 3.26 -26.61 38.90
CA HIS I 127 3.33 -26.47 37.46
C HIS I 127 2.66 -27.68 36.82
N ARG I 128 1.72 -27.43 35.92
CA ARG I 128 1.05 -28.47 35.16
C ARG I 128 1.62 -28.53 33.75
N LYS I 129 1.86 -29.75 33.27
CA LYS I 129 2.44 -29.91 31.95
C LYS I 129 1.57 -29.23 30.89
N MET I 130 2.20 -28.47 30.00
CA MET I 130 1.46 -27.68 29.04
C MET I 130 0.85 -28.55 27.95
N ARG I 131 1.46 -29.69 27.65
CA ARG I 131 0.99 -30.57 26.61
C ARG I 131 1.51 -31.97 26.89
N ALA I 132 0.62 -32.95 26.92
CA ALA I 132 0.99 -34.32 27.19
C ALA I 132 1.66 -34.94 25.97
N SER I 133 2.71 -35.71 26.21
CA SER I 133 3.45 -36.38 25.14
C SER I 133 2.62 -37.54 24.58
N VAL I 134 3.08 -38.08 23.45
CA VAL I 134 2.35 -39.14 22.76
C VAL I 134 1.94 -40.22 23.74
N ALA I 135 0.64 -40.54 23.74
CA ALA I 135 0.08 -41.60 24.58
C ALA I 135 -0.01 -41.19 26.04
N GLU I 136 0.59 -40.06 26.40
CA GLU I 136 0.24 -39.40 27.65
C GLU I 136 -1.06 -38.62 27.50
N ARG I 137 -1.43 -38.28 26.27
CA ARG I 137 -2.68 -37.57 26.02
C ARG I 137 -3.90 -38.43 26.35
N LEU I 138 -3.75 -39.74 26.51
CA LEU I 138 -4.84 -40.55 27.00
C LEU I 138 -5.06 -40.38 28.49
N ILE I 139 -4.02 -40.01 29.23
CA ILE I 139 -4.03 -40.05 30.68
C ILE I 139 -4.27 -38.68 31.29
N TRP I 140 -3.55 -37.66 30.80
CA TRP I 140 -3.52 -36.35 31.42
C TRP I 140 -4.09 -35.29 30.51
N GLY I 141 -4.55 -34.19 31.12
CA GLY I 141 -5.00 -33.02 30.39
C GLY I 141 -3.89 -31.99 30.27
N ASP I 142 -4.22 -30.90 29.59
CA ASP I 142 -3.26 -29.84 29.35
C ASP I 142 -3.22 -28.86 30.51
N GLY I 143 -2.04 -28.27 30.72
CA GLY I 143 -1.89 -27.19 31.67
C GLY I 143 -2.17 -25.83 31.05
N SER I 144 -1.99 -24.79 31.85
CA SER I 144 -2.28 -23.42 31.43
C SER I 144 -1.09 -22.53 31.71
N GLY I 145 -1.13 -21.34 31.14
CA GLY I 145 -0.06 -20.36 31.36
C GLY I 145 -0.05 -19.80 32.76
N SER I 146 -1.15 -19.89 33.49
CA SER I 146 -1.19 -19.46 34.88
C SER I 146 -0.42 -20.40 35.80
N MET I 147 0.00 -21.56 35.31
CA MET I 147 0.69 -22.54 36.14
C MET I 147 2.11 -22.77 35.63
N MET I 148 2.83 -21.68 35.38
CA MET I 148 4.24 -21.74 34.97
C MET I 148 5.07 -20.89 35.92
N PRO I 149 5.12 -21.26 37.20
CA PRO I 149 5.70 -20.38 38.19
C PRO I 149 7.22 -20.47 38.25
N VAL I 150 7.84 -19.32 38.47
CA VAL I 150 9.20 -19.23 38.99
C VAL I 150 9.10 -18.66 40.40
N PHE I 151 9.72 -19.33 41.35
CA PHE I 151 9.65 -18.94 42.75
C PHE I 151 10.93 -18.20 43.13
N GLN I 152 10.79 -16.97 43.61
CA GLN I 152 11.91 -16.19 44.13
C GLN I 152 12.10 -16.59 45.59
N THR I 153 13.10 -17.41 45.85
CA THR I 153 13.32 -18.01 47.16
C THR I 153 14.72 -17.67 47.66
N ARG I 154 15.04 -18.19 48.84
CA ARG I 154 16.35 -17.94 49.46
C ARG I 154 17.47 -18.71 48.77
N ILE I 155 17.15 -19.67 47.90
CA ILE I 155 18.16 -20.38 47.13
C ILE I 155 18.05 -19.97 45.67
N GLY I 156 17.54 -18.76 45.41
CA GLY I 156 17.43 -18.24 44.07
C GLY I 156 16.07 -18.47 43.45
N ASN I 157 15.96 -18.07 42.19
CA ASN I 157 14.73 -18.25 41.43
C ASN I 157 14.63 -19.71 40.98
N LEU I 158 13.55 -20.37 41.36
CA LEU I 158 13.38 -21.81 41.13
C LEU I 158 12.26 -22.06 40.15
N GLY I 159 12.44 -23.08 39.31
CA GLY I 159 11.43 -23.45 38.34
C GLY I 159 11.71 -24.86 37.83
N GLY I 160 10.82 -25.31 36.95
CA GLY I 160 10.95 -26.64 36.41
C GLY I 160 10.02 -26.92 35.25
N LEU I 161 10.46 -27.79 34.35
CA LEU I 161 9.63 -28.30 33.28
C LEU I 161 9.81 -29.81 33.25
N MET I 162 8.92 -30.50 32.54
CA MET I 162 8.87 -31.95 32.54
C MET I 162 9.07 -32.49 31.14
N CYS I 163 10.03 -33.40 31.00
CA CYS I 163 10.21 -34.17 29.77
C CYS I 163 10.29 -33.25 28.55
N TRP I 164 9.43 -33.47 27.55
CA TRP I 164 9.52 -32.72 26.29
C TRP I 164 9.08 -31.29 26.42
N GLU I 165 8.77 -30.75 27.60
CA GLU I 165 8.55 -29.32 27.71
C GLU I 165 9.83 -28.52 27.47
N HIS I 166 11.00 -29.15 27.67
CA HIS I 166 12.27 -28.51 27.34
C HIS I 166 12.51 -28.44 25.84
N GLN I 167 11.70 -29.13 25.04
CA GLN I 167 11.80 -29.07 23.59
C GLN I 167 10.84 -28.09 22.96
N VAL I 168 10.10 -27.34 23.77
CA VAL I 168 9.12 -26.37 23.28
C VAL I 168 9.72 -24.98 23.48
N PRO I 169 10.14 -24.28 22.43
CA PRO I 169 10.85 -23.01 22.62
C PRO I 169 10.06 -21.97 23.41
N LEU I 170 8.74 -21.95 23.28
CA LEU I 170 7.96 -20.96 24.01
C LEU I 170 7.96 -21.23 25.51
N ASP I 171 8.02 -22.50 25.92
CA ASP I 171 8.17 -22.81 27.35
C ASP I 171 9.49 -22.28 27.88
N LEU I 172 10.56 -22.47 27.11
CA LEU I 172 11.85 -21.92 27.49
C LEU I 172 11.79 -20.41 27.62
N MET I 173 11.12 -19.73 26.68
CA MET I 173 11.06 -18.27 26.76
C MET I 173 10.17 -17.82 27.92
N ALA I 174 9.12 -18.57 28.23
CA ALA I 174 8.31 -18.26 29.40
C ALA I 174 9.14 -18.34 30.67
N MET I 175 9.99 -19.36 30.78
CA MET I 175 10.80 -19.48 31.98
C MET I 175 11.93 -18.45 32.01
N ASN I 176 12.46 -18.07 30.84
CA ASN I 176 13.50 -17.05 30.78
C ASN I 176 12.96 -15.67 31.09
N ALA I 177 11.69 -15.41 30.75
CA ALA I 177 11.11 -14.11 30.97
C ALA I 177 10.94 -13.78 32.45
N GLN I 178 10.94 -14.79 33.30
CA GLN I 178 10.78 -14.61 34.74
C GLN I 178 12.10 -14.75 35.48
N ASN I 179 13.22 -14.81 34.76
CA ASN I 179 14.54 -14.78 35.37
C ASN I 179 14.79 -16.02 36.23
N GLU I 180 14.44 -17.19 35.71
CA GLU I 180 14.74 -18.43 36.41
C GLU I 180 16.25 -18.63 36.50
N GLN I 181 16.70 -19.21 37.61
CA GLN I 181 18.12 -19.42 37.85
C GLN I 181 18.47 -20.87 38.15
N VAL I 182 17.65 -21.58 38.91
CA VAL I 182 17.84 -23.00 39.17
C VAL I 182 16.62 -23.73 38.63
N HIS I 183 16.86 -24.77 37.83
CA HIS I 183 15.80 -25.43 37.09
C HIS I 183 15.79 -26.92 37.38
N VAL I 184 14.60 -27.50 37.45
CA VAL I 184 14.41 -28.93 37.66
C VAL I 184 13.86 -29.52 36.36
N ALA I 185 14.65 -30.36 35.71
CA ALA I 185 14.23 -31.07 34.50
C ALA I 185 13.83 -32.49 34.91
N SER I 186 12.53 -32.75 34.93
CA SER I 186 11.99 -34.03 35.38
C SER I 186 11.73 -34.91 34.18
N TRP I 187 12.34 -36.09 34.16
CA TRP I 187 12.18 -37.02 33.05
C TRP I 187 11.70 -38.36 33.58
N PRO I 188 10.94 -39.11 32.78
CA PRO I 188 10.41 -40.40 33.26
C PRO I 188 11.38 -41.55 33.08
N GLY I 189 12.26 -41.46 32.10
CA GLY I 189 13.29 -42.44 31.90
C GLY I 189 13.24 -43.26 30.62
N TYR I 190 12.62 -42.74 29.57
CA TYR I 190 12.58 -43.45 28.29
C TYR I 190 12.91 -42.49 27.15
N PHE I 191 12.61 -41.22 27.35
CA PHE I 191 12.84 -40.18 26.35
C PHE I 191 14.21 -39.56 26.53
N ASP I 192 14.83 -39.20 25.41
CA ASP I 192 16.18 -38.65 25.44
C ASP I 192 16.21 -37.35 26.24
N ASP I 193 17.16 -37.23 27.16
CA ASP I 193 17.13 -36.15 28.14
C ASP I 193 18.42 -35.34 28.18
N GLU I 194 19.55 -35.93 27.81
CA GLU I 194 20.82 -35.22 27.95
C GLU I 194 20.84 -33.96 27.12
N ILE I 195 20.55 -34.08 25.82
CA ILE I 195 20.67 -32.94 24.92
C ILE I 195 19.71 -31.84 25.34
N SER I 196 18.47 -32.20 25.64
CA SER I 196 17.45 -31.19 25.94
C SER I 196 17.76 -30.45 27.23
N SER I 197 18.21 -31.17 28.26
CA SER I 197 18.49 -30.53 29.55
C SER I 197 19.75 -29.68 29.47
N ARG I 198 20.79 -30.16 28.78
CA ARG I 198 21.99 -29.34 28.60
C ARG I 198 21.68 -28.10 27.79
N TYR I 199 20.88 -28.23 26.74
CA TYR I 199 20.50 -27.07 25.95
C TYR I 199 19.69 -26.10 26.79
N TYR I 200 18.78 -26.60 27.62
CA TYR I 200 18.03 -25.72 28.50
C TYR I 200 18.96 -24.94 29.42
N ALA I 201 19.93 -25.64 30.02
CA ALA I 201 20.89 -24.97 30.88
C ALA I 201 21.58 -23.83 30.13
N ILE I 202 22.02 -24.10 28.91
CA ILE I 202 22.77 -23.09 28.16
C ILE I 202 21.85 -21.93 27.75
N ALA I 203 20.64 -22.24 27.31
CA ALA I 203 19.78 -21.24 26.71
C ALA I 203 19.13 -20.34 27.76
N THR I 204 18.78 -20.89 28.93
CA THR I 204 18.18 -20.09 29.99
C THR I 204 19.19 -19.58 31.00
N GLN I 205 20.46 -19.95 30.87
CA GLN I 205 21.51 -19.50 31.79
C GLN I 205 21.21 -19.93 33.22
N THR I 206 20.74 -21.18 33.38
CA THR I 206 20.36 -21.72 34.67
C THR I 206 21.19 -22.95 34.98
N PHE I 207 21.26 -23.28 36.27
CA PHE I 207 21.61 -24.63 36.67
C PHE I 207 20.42 -25.54 36.42
N VAL I 208 20.69 -26.76 35.96
CA VAL I 208 19.64 -27.72 35.64
C VAL I 208 19.86 -28.99 36.44
N LEU I 209 18.86 -29.37 37.22
CA LEU I 209 18.86 -30.64 37.94
C LEU I 209 18.06 -31.62 37.09
N MET I 210 18.76 -32.54 36.43
CA MET I 210 18.11 -33.55 35.60
C MET I 210 17.84 -34.79 36.45
N THR I 211 16.57 -35.12 36.63
CA THR I 211 16.15 -36.24 37.45
C THR I 211 15.35 -37.19 36.58
N SER I 212 15.73 -38.47 36.61
CA SER I 212 15.05 -39.51 35.85
C SER I 212 14.67 -40.64 36.78
N SER I 213 13.82 -41.53 36.29
CA SER I 213 13.39 -42.69 37.03
C SER I 213 14.14 -43.92 36.55
N ILE I 214 13.79 -45.07 37.14
CA ILE I 214 14.32 -46.37 36.74
C ILE I 214 13.14 -47.32 36.63
N TYR I 215 13.38 -48.47 36.02
CA TYR I 215 12.36 -49.49 35.83
C TYR I 215 12.54 -50.58 36.88
N THR I 216 11.46 -50.91 37.57
CA THR I 216 11.46 -52.00 38.54
C THR I 216 10.78 -53.24 37.95
N GLU I 217 10.98 -54.37 38.62
CA GLU I 217 10.43 -55.63 38.15
C GLU I 217 8.93 -55.74 38.44
N GLU I 218 8.45 -55.17 39.53
CA GLU I 218 7.02 -55.19 39.80
C GLU I 218 6.26 -54.42 38.72
N MET I 219 6.87 -53.35 38.21
CA MET I 219 6.26 -52.60 37.11
C MET I 219 6.04 -53.51 35.90
N LYS I 220 7.08 -54.24 35.52
CA LYS I 220 7.00 -55.13 34.36
C LYS I 220 6.00 -56.24 34.60
N GLU I 221 5.99 -56.81 35.80
CA GLU I 221 5.03 -57.87 36.08
C GLU I 221 3.60 -57.34 36.03
N MET I 222 3.38 -56.11 36.49
CA MET I 222 2.03 -55.57 36.55
C MET I 222 1.50 -55.18 35.18
N ILE I 223 2.31 -54.53 34.34
CA ILE I 223 1.80 -54.00 33.08
C ILE I 223 2.05 -54.96 31.92
N CYS I 224 3.19 -55.64 31.87
CA CYS I 224 3.48 -56.54 30.75
C CYS I 224 2.71 -57.83 30.97
N LEU I 225 1.50 -57.90 30.40
CA LEU I 225 0.66 -59.07 30.58
C LEU I 225 1.13 -60.25 29.73
N THR I 226 1.54 -60.00 28.49
CA THR I 226 1.94 -61.06 27.57
C THR I 226 3.42 -60.95 27.24
N GLN I 227 3.94 -62.02 26.63
CA GLN I 227 5.36 -62.09 26.31
C GLN I 227 5.76 -61.00 25.32
N GLU I 228 4.92 -60.74 24.33
CA GLU I 228 5.24 -59.70 23.35
C GLU I 228 5.40 -58.35 24.04
N GLN I 229 4.47 -58.03 24.94
CA GLN I 229 4.58 -56.79 25.71
C GLN I 229 5.82 -56.78 26.58
N ARG I 230 6.13 -57.92 27.20
CA ARG I 230 7.30 -57.98 28.07
C ARG I 230 8.57 -57.67 27.29
N ASP I 231 8.72 -58.25 26.10
CA ASP I 231 9.92 -57.98 25.30
C ASP I 231 9.93 -56.55 24.78
N TYR I 232 8.80 -56.06 24.27
CA TYR I 232 8.76 -54.71 23.76
C TYR I 232 9.09 -53.70 24.85
N PHE I 233 8.66 -53.95 26.09
CA PHE I 233 9.01 -53.06 27.18
C PHE I 233 10.44 -53.25 27.63
N GLU I 234 10.98 -54.48 27.56
CA GLU I 234 12.41 -54.65 27.81
C GLU I 234 13.22 -53.78 26.87
N THR I 235 12.71 -53.53 25.66
CA THR I 235 13.42 -52.64 24.75
C THR I 235 13.58 -51.24 25.35
N PHE I 236 12.64 -50.78 26.17
CA PHE I 236 12.66 -49.41 26.65
C PHE I 236 13.97 -49.11 27.37
N LYS I 237 14.56 -47.97 27.05
CA LYS I 237 15.88 -47.62 27.55
C LYS I 237 15.75 -46.79 28.83
N SER I 238 16.90 -46.42 29.39
CA SER I 238 16.96 -45.80 30.71
C SER I 238 17.42 -44.35 30.59
N GLY I 239 16.86 -43.50 31.44
CA GLY I 239 17.26 -42.11 31.52
C GLY I 239 18.50 -41.94 32.38
N HIS I 240 18.85 -40.68 32.59
CA HIS I 240 20.05 -40.31 33.34
C HIS I 240 19.68 -39.24 34.36
N THR I 241 20.50 -39.15 35.40
CA THR I 241 20.30 -38.20 36.48
C THR I 241 21.64 -37.54 36.80
N CYS I 242 21.69 -36.22 36.71
CA CYS I 242 22.87 -35.45 37.06
C CYS I 242 22.48 -33.98 37.07
N ILE I 243 23.45 -33.13 37.38
CA ILE I 243 23.23 -31.69 37.47
C ILE I 243 24.16 -30.99 36.49
N TYR I 244 23.64 -29.95 35.85
CA TYR I 244 24.37 -29.18 34.86
C TYR I 244 24.47 -27.72 35.29
N GLY I 245 25.58 -27.09 34.93
CA GLY I 245 25.79 -25.69 35.21
C GLY I 245 25.30 -24.80 34.09
N PRO I 246 25.41 -23.48 34.28
CA PRO I 246 24.86 -22.55 33.29
C PRO I 246 25.51 -22.64 31.92
N ASP I 247 26.67 -23.29 31.81
CA ASP I 247 27.29 -23.52 30.52
C ASP I 247 26.88 -24.85 29.89
N GLY I 248 26.10 -25.68 30.60
CA GLY I 248 25.70 -26.97 30.11
C GLY I 248 26.60 -28.11 30.47
N GLU I 249 27.74 -27.85 31.09
CA GLU I 249 28.60 -28.93 31.51
C GLU I 249 28.14 -29.47 32.86
N PRO I 250 28.37 -30.76 33.13
CA PRO I 250 27.99 -31.31 34.43
C PRO I 250 28.81 -30.71 35.56
N ILE I 251 28.20 -30.66 36.74
CA ILE I 251 28.88 -30.20 37.94
C ILE I 251 28.70 -31.23 39.03
N SER I 252 28.31 -32.44 38.65
CA SER I 252 28.13 -33.54 39.59
C SER I 252 28.50 -34.83 38.86
N ASP I 253 28.33 -35.94 39.57
CA ASP I 253 28.59 -37.26 39.01
C ASP I 253 27.29 -37.92 38.59
N MET I 254 27.32 -38.61 37.47
CA MET I 254 26.17 -39.38 37.01
C MET I 254 25.83 -40.45 38.03
N VAL I 255 24.53 -40.66 38.24
CA VAL I 255 24.05 -41.81 39.01
C VAL I 255 24.15 -43.02 38.10
N PRO I 256 24.62 -44.18 38.58
CA PRO I 256 24.70 -45.35 37.71
C PRO I 256 23.34 -45.70 37.13
N ALA I 257 23.34 -46.14 35.88
CA ALA I 257 22.09 -46.33 35.15
C ALA I 257 21.26 -47.45 35.75
N GLU I 258 19.95 -47.20 35.85
CA GLU I 258 18.98 -48.18 36.32
C GLU I 258 19.30 -48.66 37.73
N THR I 259 19.75 -47.74 38.57
CA THR I 259 19.91 -48.01 40.00
C THR I 259 19.52 -46.76 40.78
N GLU I 260 19.15 -46.97 42.03
CA GLU I 260 18.69 -45.89 42.89
C GLU I 260 19.88 -45.12 43.43
N GLY I 261 19.78 -43.79 43.40
CA GLY I 261 20.86 -42.97 43.90
C GLY I 261 20.48 -41.51 43.81
N ILE I 262 21.36 -40.68 44.38
CA ILE I 262 21.16 -39.23 44.41
C ILE I 262 22.44 -38.57 43.95
N ALA I 263 22.31 -37.59 43.06
CA ALA I 263 23.41 -36.76 42.62
C ALA I 263 23.40 -35.45 43.39
N TYR I 264 24.58 -35.00 43.80
CA TYR I 264 24.72 -33.79 44.59
C TYR I 264 25.61 -32.79 43.87
N ALA I 265 25.31 -31.52 44.06
CA ALA I 265 26.11 -30.46 43.47
C ALA I 265 25.99 -29.22 44.34
N GLU I 266 27.04 -28.41 44.34
CA GLU I 266 27.01 -27.10 44.96
C GLU I 266 26.55 -26.08 43.92
N ILE I 267 25.44 -25.42 44.18
CA ILE I 267 24.84 -24.48 43.24
C ILE I 267 25.18 -23.07 43.73
N ASP I 268 26.00 -22.36 42.97
CA ASP I 268 26.34 -20.98 43.24
C ASP I 268 25.63 -20.12 42.20
N VAL I 269 24.52 -19.49 42.60
CA VAL I 269 23.70 -18.75 41.65
C VAL I 269 24.47 -17.60 41.03
N GLU I 270 25.60 -17.21 41.61
CA GLU I 270 26.40 -16.14 41.04
C GLU I 270 26.94 -16.50 39.66
N ARG I 271 27.18 -17.78 39.41
CA ARG I 271 27.74 -18.21 38.13
C ARG I 271 26.86 -17.80 36.96
N VAL I 272 25.55 -17.62 37.18
CA VAL I 272 24.66 -17.27 36.08
C VAL I 272 24.97 -15.89 35.53
N ILE I 273 25.61 -15.03 36.33
CA ILE I 273 25.94 -13.69 35.86
C ILE I 273 26.92 -13.75 34.70
N ASP I 274 27.88 -14.67 34.75
CA ASP I 274 28.89 -14.75 33.71
C ASP I 274 28.34 -15.28 32.40
N TYR I 275 27.10 -15.77 32.39
CA TYR I 275 26.48 -16.25 31.17
C TYR I 275 25.33 -15.36 30.71
N LYS I 276 24.72 -14.60 31.62
CA LYS I 276 23.88 -13.50 31.18
C LYS I 276 24.69 -12.45 30.44
N TYR I 277 25.99 -12.39 30.71
CA TYR I 277 26.89 -11.52 29.95
C TYR I 277 26.88 -11.91 28.48
N TYR I 278 26.99 -13.21 28.19
CA TYR I 278 27.02 -13.67 26.80
C TYR I 278 25.66 -13.51 26.15
N ILE I 279 24.65 -14.19 26.67
CA ILE I 279 23.36 -14.30 26.01
C ILE I 279 22.26 -14.14 27.05
N ASP I 280 21.13 -13.59 26.62
CA ASP I 280 19.95 -13.41 27.45
C ASP I 280 18.75 -13.24 26.54
N PRO I 281 18.12 -14.34 26.09
CA PRO I 281 17.09 -14.21 25.05
C PRO I 281 15.97 -13.26 25.40
N ALA I 282 15.56 -13.21 26.67
CA ALA I 282 14.49 -12.33 27.11
C ALA I 282 14.95 -10.90 27.35
N GLY I 283 16.25 -10.65 27.40
CA GLY I 283 16.77 -9.32 27.67
C GLY I 283 17.49 -8.69 26.50
N HIS I 284 18.82 -8.58 26.59
CA HIS I 284 19.58 -7.87 25.59
C HIS I 284 19.77 -8.66 24.30
N TYR I 285 19.75 -9.99 24.37
CA TYR I 285 20.00 -10.82 23.20
C TYR I 285 18.67 -11.09 22.47
N SER I 286 18.08 -10.02 21.95
CA SER I 286 16.76 -10.11 21.36
C SER I 286 16.67 -9.16 20.16
N ASN I 287 15.56 -9.30 19.43
CA ASN I 287 15.24 -8.48 18.27
C ASN I 287 13.79 -8.06 18.37
N GLN I 288 13.51 -6.79 18.05
CA GLN I 288 12.14 -6.29 18.17
C GLN I 288 11.19 -7.02 17.24
N SER I 289 11.71 -7.56 16.13
CA SER I 289 10.85 -8.25 15.18
C SER I 289 10.15 -9.45 15.81
N LEU I 290 10.82 -10.14 16.73
CA LEU I 290 10.30 -11.35 17.34
C LEU I 290 9.89 -11.06 18.77
N SER I 291 8.69 -11.51 19.14
CA SER I 291 8.14 -11.25 20.46
C SER I 291 7.28 -12.44 20.87
N MET I 292 6.91 -12.47 22.14
CA MET I 292 6.15 -13.57 22.71
C MET I 292 5.00 -13.03 23.55
N ASN I 293 3.83 -13.62 23.37
CA ASN I 293 2.67 -13.35 24.21
C ASN I 293 2.62 -14.42 25.29
N PHE I 294 2.64 -14.00 26.55
CA PHE I 294 2.61 -14.91 27.69
C PHE I 294 1.35 -14.59 28.49
N ASN I 295 0.31 -15.39 28.28
CA ASN I 295 -0.98 -15.18 28.93
C ASN I 295 -1.03 -15.99 30.22
N GLN I 296 -1.05 -15.32 31.35
CA GLN I 296 -1.04 -15.96 32.66
C GLN I 296 -2.40 -15.99 33.31
N GLN I 297 -3.46 -15.72 32.57
CA GLN I 297 -4.80 -15.80 33.14
C GLN I 297 -5.15 -17.25 33.44
N PRO I 298 -5.86 -17.52 34.55
CA PRO I 298 -6.38 -18.87 34.77
C PRO I 298 -7.37 -19.23 33.67
N THR I 299 -7.35 -20.48 33.25
CA THR I 299 -8.21 -20.98 32.19
C THR I 299 -8.88 -22.30 32.59
N PRO I 300 -9.73 -22.27 33.61
CA PRO I 300 -10.59 -23.42 33.87
C PRO I 300 -11.83 -23.37 33.00
N VAL I 301 -12.44 -24.53 32.79
CA VAL I 301 -13.61 -24.60 31.93
C VAL I 301 -14.75 -23.80 32.54
N VAL I 302 -14.95 -23.93 33.85
CA VAL I 302 -16.04 -23.27 34.56
C VAL I 302 -15.42 -22.38 35.63
N LYS I 303 -15.72 -21.09 35.58
CA LYS I 303 -15.27 -20.15 36.59
C LYS I 303 -16.37 -20.01 37.63
N HIS I 304 -16.03 -20.27 38.89
CA HIS I 304 -17.00 -20.22 39.99
C HIS I 304 -16.99 -18.83 40.59
N LEU I 305 -17.94 -17.99 40.16
CA LEU I 305 -18.08 -16.66 40.74
C LEU I 305 -18.88 -16.74 42.02
N ASN I 306 -18.46 -15.98 43.02
CA ASN I 306 -19.18 -15.86 44.28
C ASN I 306 -19.52 -17.25 44.84
N HIS I 307 -18.51 -18.11 44.88
CA HIS I 307 -18.69 -19.47 45.36
C HIS I 307 -19.27 -19.43 46.79
N GLN I 308 -20.27 -20.29 47.02
CA GLN I 308 -20.97 -20.34 48.30
C GLN I 308 -20.95 -21.77 48.84
N LYS I 309 -21.06 -21.87 50.16
CA LYS I 309 -21.12 -23.16 50.84
C LYS I 309 -22.57 -23.59 51.01
N ASN I 310 -22.85 -24.85 50.69
CA ASN I 310 -24.21 -25.36 50.84
C ASN I 310 -24.63 -25.36 52.30
N GLU I 311 -25.85 -24.89 52.54
CA GLU I 311 -26.42 -24.80 53.88
C GLU I 311 -27.22 -26.06 54.21
N VAL I 312 -27.41 -26.30 55.50
CA VAL I 312 -28.08 -27.50 55.99
C VAL I 312 -29.09 -27.09 57.06
N PHE I 313 -30.27 -27.70 57.01
CA PHE I 313 -31.33 -27.50 58.00
C PHE I 313 -31.43 -28.82 58.77
N THR I 314 -30.68 -28.91 59.86
CA THR I 314 -30.42 -30.20 60.50
C THR I 314 -31.71 -30.82 61.03
N TYR I 315 -31.61 -32.10 61.38
CA TYR I 315 -32.78 -32.88 61.74
C TYR I 315 -33.48 -32.30 62.97
N GLU I 316 -32.70 -31.95 64.00
CA GLU I 316 -33.30 -31.41 65.22
C GLU I 316 -34.03 -30.09 64.94
N ASP I 317 -33.43 -29.23 64.11
CA ASP I 317 -34.10 -27.99 63.75
C ASP I 317 -35.43 -28.26 63.06
N ILE I 318 -35.48 -29.28 62.20
CA ILE I 318 -36.75 -29.63 61.56
C ILE I 318 -37.77 -30.06 62.60
N GLN I 319 -37.34 -30.83 63.59
CA GLN I 319 -38.21 -31.25 64.68
C GLN I 319 -38.08 -30.30 65.86
N THR J 1 -27.07 23.65 31.63
CA THR J 1 -26.73 22.29 31.11
C THR J 1 -27.95 21.38 31.14
N SER J 2 -28.68 21.39 32.24
CA SER J 2 -29.96 20.69 32.34
C SER J 2 -31.06 21.64 31.86
N ILE J 3 -31.73 21.26 30.78
CA ILE J 3 -32.72 22.11 30.13
C ILE J 3 -34.11 21.72 30.61
N TYR J 4 -35.07 22.61 30.36
CA TYR J 4 -36.48 22.38 30.70
C TYR J 4 -37.35 22.80 29.53
N PRO J 5 -37.32 22.04 28.43
CA PRO J 5 -38.00 22.47 27.21
C PRO J 5 -39.51 22.31 27.28
N LYS J 6 -40.18 22.87 26.29
CA LYS J 6 -41.62 22.73 26.08
C LYS J 6 -41.87 22.16 24.70
N PHE J 7 -42.88 21.30 24.58
CA PHE J 7 -43.18 20.66 23.31
C PHE J 7 -44.56 20.04 23.38
N ARG J 8 -45.07 19.67 22.21
CA ARG J 8 -46.32 18.95 22.08
C ARG J 8 -46.03 17.46 21.91
N ALA J 9 -46.78 16.63 22.63
CA ALA J 9 -46.58 15.19 22.62
C ALA J 9 -47.86 14.50 22.16
N ALA J 10 -47.72 13.48 21.34
CA ALA J 10 -48.84 12.72 20.79
C ALA J 10 -48.81 11.30 21.33
N ALA J 11 -49.95 10.86 21.87
CA ALA J 11 -50.15 9.47 22.29
C ALA J 11 -51.18 8.83 21.39
N VAL J 12 -50.85 7.65 20.86
CA VAL J 12 -51.61 7.02 19.78
C VAL J 12 -52.45 5.89 20.36
N GLN J 13 -53.74 5.90 20.03
CA GLN J 13 -54.65 4.81 20.32
C GLN J 13 -55.05 4.18 18.98
N ALA J 14 -54.43 3.05 18.66
CA ALA J 14 -54.64 2.44 17.36
C ALA J 14 -54.51 0.93 17.50
N ALA J 15 -55.03 0.23 16.50
CA ALA J 15 -54.80 -1.19 16.37
C ALA J 15 -53.99 -1.48 15.11
N PRO J 16 -53.00 -2.36 15.17
CA PRO J 16 -52.27 -2.73 13.97
C PRO J 16 -53.09 -3.68 13.09
N ILE J 17 -52.58 -3.90 11.89
CA ILE J 17 -53.10 -4.97 11.04
C ILE J 17 -52.52 -6.27 11.59
N TYR J 18 -53.38 -7.08 12.21
CA TYR J 18 -52.93 -8.08 13.17
C TYR J 18 -51.94 -9.06 12.54
N LEU J 19 -50.81 -9.22 13.22
CA LEU J 19 -49.76 -10.16 12.83
C LEU J 19 -49.25 -9.92 11.42
N ASN J 20 -49.40 -8.70 10.92
CA ASN J 20 -48.94 -8.32 9.57
C ASN J 20 -47.92 -7.21 9.76
N LEU J 21 -46.62 -7.57 9.76
CA LEU J 21 -45.59 -6.59 10.01
C LEU J 21 -45.58 -5.49 8.95
N GLU J 22 -45.76 -5.87 7.68
CA GLU J 22 -45.69 -4.88 6.60
C GLU J 22 -46.82 -3.86 6.72
N ALA J 23 -48.06 -4.34 6.83
CA ALA J 23 -49.20 -3.44 6.96
C ALA J 23 -49.14 -2.66 8.27
N SER J 24 -48.69 -3.29 9.35
CA SER J 24 -48.57 -2.58 10.62
C SER J 24 -47.55 -1.44 10.52
N VAL J 25 -46.43 -1.68 9.85
CA VAL J 25 -45.42 -0.64 9.71
C VAL J 25 -45.95 0.49 8.83
N GLU J 26 -46.68 0.14 7.77
CA GLU J 26 -47.29 1.19 6.94
C GLU J 26 -48.26 2.03 7.76
N LYS J 27 -49.09 1.39 8.58
CA LYS J 27 -50.04 2.11 9.40
C LYS J 27 -49.33 3.02 10.41
N SER J 28 -48.25 2.52 11.02
CA SER J 28 -47.54 3.32 12.01
C SER J 28 -46.82 4.50 11.36
N CYS J 29 -46.33 4.33 10.13
CA CYS J 29 -45.79 5.47 9.39
C CYS J 29 -46.87 6.50 9.13
N GLU J 30 -48.07 6.06 8.73
CA GLU J 30 -49.16 7.00 8.54
C GLU J 30 -49.49 7.75 9.82
N LEU J 31 -49.49 7.03 10.95
CA LEU J 31 -49.83 7.67 12.22
C LEU J 31 -48.76 8.66 12.67
N ILE J 32 -47.48 8.32 12.45
CA ILE J 32 -46.42 9.27 12.76
C ILE J 32 -46.56 10.51 11.91
N ASP J 33 -46.86 10.34 10.62
CA ASP J 33 -47.08 11.49 9.75
C ASP J 33 -48.22 12.36 10.26
N GLU J 34 -49.34 11.74 10.62
CA GLU J 34 -50.47 12.51 11.12
C GLU J 34 -50.10 13.29 12.38
N ALA J 35 -49.53 12.60 13.37
CA ALA J 35 -49.20 13.27 14.63
C ALA J 35 -48.22 14.40 14.42
N ALA J 36 -47.20 14.19 13.59
CA ALA J 36 -46.21 15.25 13.39
C ALA J 36 -46.76 16.39 12.57
N SER J 37 -47.73 16.12 11.68
CA SER J 37 -48.42 17.20 11.00
C SER J 37 -49.36 17.95 11.93
N ASN J 38 -49.71 17.36 13.07
CA ASN J 38 -50.49 18.05 14.08
C ASN J 38 -49.64 18.80 15.09
N GLY J 39 -48.31 18.82 14.91
CA GLY J 39 -47.42 19.58 15.77
C GLY J 39 -46.69 18.78 16.83
N ALA J 40 -46.85 17.46 16.87
CA ALA J 40 -46.21 16.64 17.89
C ALA J 40 -44.72 16.47 17.61
N LYS J 41 -43.92 16.54 18.66
CA LYS J 41 -42.50 16.24 18.59
C LYS J 41 -42.15 14.90 19.22
N LEU J 42 -43.14 14.19 19.77
CA LEU J 42 -42.95 12.86 20.30
C LEU J 42 -44.23 12.08 20.06
N VAL J 43 -44.11 10.91 19.44
CA VAL J 43 -45.23 10.04 19.14
C VAL J 43 -45.01 8.72 19.88
N ALA J 44 -45.98 8.33 20.69
CA ALA J 44 -45.92 7.10 21.47
C ALA J 44 -46.97 6.13 20.96
N PHE J 45 -46.61 4.86 20.86
CA PHE J 45 -47.46 3.83 20.30
C PHE J 45 -47.83 2.80 21.36
N PRO J 46 -48.96 2.10 21.19
CA PRO J 46 -49.34 1.07 22.17
C PRO J 46 -48.33 -0.06 22.29
N GLU J 47 -48.59 -0.97 23.22
CA GLU J 47 -47.68 -2.08 23.48
C GLU J 47 -47.79 -3.15 22.41
N ALA J 48 -46.64 -3.63 21.94
CA ALA J 48 -46.56 -4.72 20.96
C ALA J 48 -47.32 -4.35 19.69
N PHE J 49 -47.28 -3.07 19.31
CA PHE J 49 -48.01 -2.64 18.12
C PHE J 49 -47.50 -3.34 16.87
N LEU J 50 -46.24 -3.75 16.85
CA LEU J 50 -45.67 -4.43 15.70
C LEU J 50 -45.37 -5.88 16.04
N PRO J 51 -46.10 -6.86 15.48
CA PRO J 51 -47.25 -6.76 14.59
C PRO J 51 -48.58 -6.84 15.33
N GLY J 52 -48.57 -6.83 16.66
CA GLY J 52 -49.78 -6.89 17.45
C GLY J 52 -49.59 -7.74 18.69
N TYR J 53 -50.45 -7.50 19.66
CA TYR J 53 -50.36 -8.22 20.93
C TYR J 53 -50.79 -9.67 20.77
N PRO J 54 -50.11 -10.61 21.41
CA PRO J 54 -50.55 -12.01 21.33
C PRO J 54 -51.79 -12.26 22.16
N TRP J 55 -52.95 -11.81 21.68
CA TRP J 55 -54.19 -12.04 22.41
C TRP J 55 -54.60 -13.49 22.41
N PHE J 56 -53.99 -14.30 21.56
CA PHE J 56 -54.34 -15.72 21.50
C PHE J 56 -53.81 -16.48 22.69
N ALA J 57 -52.75 -15.99 23.33
CA ALA J 57 -52.15 -16.70 24.46
C ALA J 57 -53.08 -16.74 25.66
N PHE J 58 -54.12 -15.91 25.69
CA PHE J 58 -54.98 -15.77 26.85
C PHE J 58 -56.32 -16.47 26.70
N ILE J 59 -56.63 -17.05 25.54
CA ILE J 59 -57.93 -17.65 25.30
C ILE J 59 -57.80 -19.08 24.80
N GLY J 60 -56.65 -19.71 25.05
CA GLY J 60 -56.46 -21.09 24.69
C GLY J 60 -55.30 -21.69 25.46
N HIS J 61 -55.11 -22.99 25.27
CA HIS J 61 -54.00 -23.70 25.91
C HIS J 61 -52.74 -23.57 25.07
N PRO J 62 -51.58 -23.91 25.64
CA PRO J 62 -50.31 -23.64 24.94
C PRO J 62 -50.20 -24.24 23.54
N GLU J 63 -50.81 -25.40 23.29
CA GLU J 63 -50.75 -25.96 21.93
C GLU J 63 -51.50 -25.08 20.95
N TYR J 64 -52.63 -24.54 21.36
CA TYR J 64 -53.35 -23.56 20.54
C TYR J 64 -52.51 -22.31 20.35
N THR J 65 -51.79 -21.89 21.39
CA THR J 65 -50.94 -20.70 21.30
C THR J 65 -49.77 -20.93 20.34
N ARG J 66 -49.31 -22.18 20.19
CA ARG J 66 -48.16 -22.47 19.34
C ARG J 66 -48.43 -22.07 17.90
N LYS J 67 -49.62 -22.38 17.39
CA LYS J 67 -49.92 -22.14 15.98
C LYS J 67 -49.83 -20.66 15.64
N PHE J 68 -50.39 -19.80 16.49
CA PHE J 68 -50.34 -18.37 16.23
C PHE J 68 -48.99 -17.77 16.59
N TYR J 69 -48.29 -18.37 17.56
CA TYR J 69 -46.92 -17.95 17.82
C TYR J 69 -46.06 -18.15 16.58
N HIS J 70 -46.35 -19.18 15.80
CA HIS J 70 -45.62 -19.36 14.54
C HIS J 70 -45.71 -18.12 13.66
N GLU J 71 -46.93 -17.62 13.43
CA GLU J 71 -47.10 -16.45 12.58
C GLU J 71 -46.50 -15.21 13.20
N LEU J 72 -46.70 -15.01 14.50
CA LEU J 72 -46.10 -13.88 15.18
C LEU J 72 -44.58 -13.89 15.01
N TYR J 73 -43.97 -15.05 15.22
CA TYR J 73 -42.53 -15.21 15.07
C TYR J 73 -42.10 -14.87 13.65
N LYS J 74 -42.84 -15.35 12.65
CA LYS J 74 -42.53 -14.99 11.27
C LYS J 74 -42.70 -13.50 11.00
N ASN J 75 -43.43 -12.77 11.85
CA ASN J 75 -43.68 -11.35 11.65
C ASN J 75 -43.04 -10.49 12.74
N ALA J 76 -41.97 -10.97 13.36
CA ALA J 76 -41.28 -10.20 14.38
C ALA J 76 -40.32 -9.20 13.74
N VAL J 77 -39.91 -8.22 14.53
CA VAL J 77 -39.04 -7.14 14.06
C VAL J 77 -37.61 -7.47 14.42
N GLU J 78 -36.73 -7.46 13.43
CA GLU J 78 -35.31 -7.68 13.64
C GLU J 78 -34.55 -6.37 13.44
N ILE J 79 -33.37 -6.30 14.04
CA ILE J 79 -32.50 -5.14 13.91
C ILE J 79 -31.15 -5.59 13.35
N PRO J 80 -30.75 -5.19 12.14
CA PRO J 80 -31.47 -4.34 11.17
C PRO J 80 -32.57 -5.07 10.40
N SER J 81 -33.57 -4.33 9.94
CA SER J 81 -34.65 -4.88 9.13
C SER J 81 -35.36 -3.74 8.43
N LEU J 82 -36.29 -4.10 7.54
CA LEU J 82 -36.99 -3.08 6.77
C LEU J 82 -37.93 -2.27 7.65
N ALA J 83 -38.52 -2.87 8.68
CA ALA J 83 -39.40 -2.13 9.57
C ALA J 83 -38.64 -1.03 10.30
N ILE J 84 -37.43 -1.33 10.77
CA ILE J 84 -36.59 -0.32 11.40
C ILE J 84 -36.29 0.79 10.42
N GLN J 85 -35.96 0.44 9.18
CA GLN J 85 -35.71 1.44 8.16
C GLN J 85 -36.92 2.35 7.96
N LYS J 86 -38.11 1.75 7.91
CA LYS J 86 -39.32 2.52 7.65
C LYS J 86 -39.62 3.49 8.80
N ILE J 87 -39.53 3.01 10.04
CA ILE J 87 -39.79 3.89 11.17
C ILE J 87 -38.74 4.98 11.24
N SER J 88 -37.48 4.63 10.96
CA SER J 88 -36.42 5.64 10.97
C SER J 88 -36.67 6.70 9.91
N GLU J 89 -37.07 6.29 8.71
CA GLU J 89 -37.38 7.22 7.65
C GLU J 89 -38.53 8.14 8.04
N ALA J 90 -39.58 7.59 8.64
CA ALA J 90 -40.70 8.43 9.07
C ALA J 90 -40.27 9.42 10.15
N ALA J 91 -39.48 8.96 11.12
CA ALA J 91 -39.02 9.84 12.18
C ALA J 91 -38.16 10.97 11.63
N LYS J 92 -37.26 10.66 10.69
CA LYS J 92 -36.44 11.71 10.10
C LYS J 92 -37.27 12.67 9.26
N ARG J 93 -38.20 12.15 8.47
CA ARG J 93 -39.04 12.99 7.63
C ARG J 93 -39.86 13.95 8.47
N ASN J 94 -40.39 13.49 9.60
CA ASN J 94 -41.24 14.31 10.44
C ASN J 94 -40.47 15.06 11.52
N GLU J 95 -39.17 14.80 11.67
CA GLU J 95 -38.34 15.47 12.68
C GLU J 95 -38.97 15.36 14.06
N THR J 96 -39.30 14.12 14.44
CA THR J 96 -39.94 13.84 15.72
C THR J 96 -39.28 12.65 16.38
N TYR J 97 -39.35 12.62 17.71
CA TYR J 97 -39.01 11.42 18.45
C TYR J 97 -40.15 10.41 18.35
N VAL J 98 -39.80 9.14 18.27
CA VAL J 98 -40.79 8.07 18.15
C VAL J 98 -40.49 7.02 19.21
N CYS J 99 -41.54 6.53 19.87
CA CYS J 99 -41.47 5.32 20.68
C CYS J 99 -42.48 4.35 20.09
N ILE J 100 -41.99 3.19 19.63
CA ILE J 100 -42.83 2.19 18.99
C ILE J 100 -42.51 0.84 19.62
N SER J 101 -43.52 0.20 20.19
CA SER J 101 -43.38 -1.12 20.80
C SER J 101 -43.55 -2.21 19.76
N CYS J 102 -42.80 -3.29 19.92
CA CYS J 102 -42.72 -4.31 18.88
C CYS J 102 -42.33 -5.64 19.51
N SER J 103 -42.56 -6.72 18.76
CA SER J 103 -42.00 -8.03 19.07
C SER J 103 -40.64 -8.12 18.39
N GLU J 104 -39.58 -8.10 19.18
CA GLU J 104 -38.23 -8.15 18.66
C GLU J 104 -37.74 -9.58 18.61
N LYS J 105 -37.01 -9.91 17.55
CA LYS J 105 -36.39 -11.21 17.37
C LYS J 105 -34.89 -11.06 17.48
N ASP J 106 -34.28 -11.80 18.41
CA ASP J 106 -32.83 -11.81 18.59
C ASP J 106 -32.38 -13.27 18.59
N GLY J 107 -31.85 -13.72 17.46
CA GLY J 107 -31.49 -15.11 17.32
C GLY J 107 -32.70 -15.98 17.12
N GLY J 108 -32.92 -16.92 18.04
CA GLY J 108 -34.05 -17.83 17.97
C GLY J 108 -35.21 -17.49 18.87
N SER J 109 -35.17 -16.37 19.58
CA SER J 109 -36.17 -16.02 20.58
C SER J 109 -36.78 -14.67 20.27
N LEU J 110 -38.00 -14.48 20.76
CA LEU J 110 -38.71 -13.21 20.66
C LEU J 110 -38.66 -12.46 21.98
N TYR J 111 -38.54 -11.14 21.89
CA TYR J 111 -38.60 -10.25 23.04
C TYR J 111 -39.57 -9.12 22.75
N LEU J 112 -40.11 -8.55 23.80
CA LEU J 112 -40.97 -7.39 23.71
C LEU J 112 -40.14 -6.14 23.98
N ALA J 113 -40.12 -5.21 23.05
CA ALA J 113 -39.22 -4.08 23.13
C ALA J 113 -39.95 -2.78 22.78
N GLN J 114 -39.44 -1.69 23.35
CA GLN J 114 -39.77 -0.34 22.92
C GLN J 114 -38.57 0.20 22.16
N LEU J 115 -38.76 0.51 20.89
CA LEU J 115 -37.70 1.08 20.07
C LEU J 115 -37.86 2.58 20.03
N TRP J 116 -36.75 3.30 20.20
CA TRP J 116 -36.74 4.75 20.24
C TRP J 116 -35.99 5.29 19.03
N PHE J 117 -36.60 6.24 18.34
CA PHE J 117 -36.00 6.90 17.19
C PHE J 117 -35.98 8.40 17.44
N ASN J 118 -34.92 9.05 17.01
CA ASN J 118 -34.74 10.48 17.20
C ASN J 118 -35.04 11.22 15.90
N PRO J 119 -35.12 12.55 15.95
CA PRO J 119 -35.41 13.32 14.73
C PRO J 119 -34.40 13.12 13.62
N ASN J 120 -33.16 12.76 13.93
CA ASN J 120 -32.21 12.42 12.87
C ASN J 120 -32.52 11.07 12.25
N GLY J 121 -33.48 10.33 12.78
CA GLY J 121 -33.79 8.99 12.32
C GLY J 121 -32.97 7.90 12.97
N ASP J 122 -32.09 8.24 13.91
CA ASP J 122 -31.28 7.21 14.55
C ASP J 122 -32.12 6.38 15.50
N LEU J 123 -31.85 5.08 15.53
CA LEU J 123 -32.37 4.21 16.58
C LEU J 123 -31.49 4.42 17.79
N ILE J 124 -31.92 5.32 18.68
CA ILE J 124 -31.07 5.72 19.80
C ILE J 124 -31.00 4.66 20.88
N GLY J 125 -31.99 3.78 20.99
CA GLY J 125 -31.93 2.73 21.99
C GLY J 125 -33.20 1.91 21.98
N LYS J 126 -33.20 0.89 22.82
CA LYS J 126 -34.37 0.04 22.99
C LYS J 126 -34.46 -0.38 24.44
N HIS J 127 -35.65 -0.82 24.84
CA HIS J 127 -35.92 -1.34 26.17
C HIS J 127 -36.72 -2.62 26.03
N ARG J 128 -36.13 -3.73 26.45
CA ARG J 128 -36.85 -5.00 26.52
C ARG J 128 -37.57 -5.09 27.86
N LYS J 129 -38.81 -5.57 27.82
CA LYS J 129 -39.58 -5.75 29.04
C LYS J 129 -38.83 -6.65 30.02
N MET J 130 -38.76 -6.23 31.28
CA MET J 130 -37.96 -6.95 32.26
C MET J 130 -38.54 -8.31 32.58
N ARG J 131 -39.86 -8.44 32.59
CA ARG J 131 -40.52 -9.68 32.98
C ARG J 131 -41.87 -9.72 32.29
N ALA J 132 -42.13 -10.81 31.55
CA ALA J 132 -43.40 -10.95 30.85
C ALA J 132 -44.51 -11.30 31.83
N SER J 133 -45.73 -10.88 31.48
CA SER J 133 -46.88 -11.13 32.34
C SER J 133 -47.38 -12.56 32.13
N VAL J 134 -48.58 -12.85 32.62
CA VAL J 134 -48.94 -14.23 32.93
C VAL J 134 -48.79 -15.14 31.71
N ALA J 135 -49.36 -14.75 30.58
CA ALA J 135 -49.37 -15.62 29.41
C ALA J 135 -48.36 -15.23 28.35
N GLU J 136 -47.91 -13.97 28.32
CA GLU J 136 -46.82 -13.65 27.41
C GLU J 136 -45.52 -14.30 27.83
N ARG J 137 -45.47 -14.91 29.01
CA ARG J 137 -44.34 -15.75 29.36
C ARG J 137 -44.19 -16.94 28.40
N LEU J 138 -45.25 -17.32 27.70
CA LEU J 138 -45.13 -18.29 26.63
C LEU J 138 -44.51 -17.72 25.37
N ILE J 139 -44.54 -16.40 25.21
CA ILE J 139 -44.21 -15.75 23.96
C ILE J 139 -42.83 -15.08 24.02
N TRP J 140 -42.59 -14.27 25.04
CA TRP J 140 -41.43 -13.38 25.08
C TRP J 140 -40.50 -13.76 26.23
N GLY J 141 -39.21 -13.52 26.02
CA GLY J 141 -38.23 -13.67 27.06
C GLY J 141 -38.14 -12.43 27.94
N ASP J 142 -37.24 -12.50 28.91
CA ASP J 142 -37.09 -11.42 29.87
C ASP J 142 -36.02 -10.44 29.43
N GLY J 143 -36.12 -9.21 29.93
CA GLY J 143 -35.16 -8.17 29.65
C GLY J 143 -34.00 -8.19 30.62
N SER J 144 -33.28 -7.08 30.66
CA SER J 144 -32.07 -6.98 31.48
C SER J 144 -31.84 -5.52 31.84
N GLY J 145 -31.00 -5.31 32.86
CA GLY J 145 -30.71 -3.97 33.31
C GLY J 145 -29.94 -3.12 32.31
N SER J 146 -29.25 -3.77 31.36
CA SER J 146 -28.54 -3.03 30.32
C SER J 146 -29.48 -2.31 29.37
N MET J 147 -30.76 -2.67 29.34
CA MET J 147 -31.72 -2.09 28.40
C MET J 147 -32.86 -1.40 29.13
N MET J 148 -32.54 -0.54 30.09
CA MET J 148 -33.53 0.31 30.77
C MET J 148 -33.10 1.76 30.63
N PRO J 149 -33.13 2.30 29.42
CA PRO J 149 -32.47 3.57 29.15
C PRO J 149 -33.34 4.80 29.35
N VAL J 150 -32.69 5.86 29.80
CA VAL J 150 -33.25 7.21 29.78
C VAL J 150 -32.37 8.03 28.86
N PHE J 151 -32.98 8.66 27.86
CA PHE J 151 -32.24 9.45 26.88
C PHE J 151 -32.34 10.92 27.25
N GLN J 152 -31.19 11.57 27.36
CA GLN J 152 -31.11 13.01 27.61
C GLN J 152 -31.23 13.71 26.26
N THR J 153 -32.48 13.89 25.82
CA THR J 153 -32.78 14.46 24.52
C THR J 153 -33.04 15.96 24.64
N ARG J 154 -33.33 16.59 23.50
CA ARG J 154 -33.63 18.01 23.48
C ARG J 154 -35.05 18.33 23.93
N ILE J 155 -35.87 17.32 24.19
CA ILE J 155 -37.22 17.53 24.71
C ILE J 155 -37.35 16.88 26.08
N GLY J 156 -36.25 16.84 26.83
CA GLY J 156 -36.26 16.29 28.17
C GLY J 156 -35.70 14.88 28.22
N ASN J 157 -35.60 14.37 29.44
CA ASN J 157 -35.14 13.00 29.66
C ASN J 157 -36.29 12.06 29.37
N LEU J 158 -36.14 11.24 28.33
CA LEU J 158 -37.22 10.38 27.84
C LEU J 158 -36.97 8.94 28.24
N GLY J 159 -38.02 8.28 28.71
CA GLY J 159 -37.97 6.87 29.01
C GLY J 159 -39.35 6.27 28.84
N GLY J 160 -39.44 4.96 29.05
CA GLY J 160 -40.71 4.28 28.92
C GLY J 160 -40.73 2.90 29.53
N LEU J 161 -41.89 2.46 29.98
CA LEU J 161 -42.10 1.11 30.50
C LEU J 161 -43.36 0.55 29.86
N MET J 162 -43.54 -0.76 29.97
CA MET J 162 -44.60 -1.46 29.27
C MET J 162 -45.53 -2.14 30.27
N CYS J 163 -46.81 -1.77 30.23
CA CYS J 163 -47.86 -2.48 30.96
C CYS J 163 -47.52 -2.66 32.43
N TRP J 164 -47.52 -3.89 32.93
CA TRP J 164 -47.37 -4.15 34.36
C TRP J 164 -46.00 -3.82 34.90
N GLU J 165 -45.04 -3.40 34.07
CA GLU J 165 -43.79 -2.90 34.60
C GLU J 165 -44.01 -1.71 35.51
N HIS J 166 -45.11 -0.96 35.29
CA HIS J 166 -45.43 0.16 36.15
C HIS J 166 -45.84 -0.27 37.55
N GLN J 167 -46.17 -1.54 37.74
CA GLN J 167 -46.52 -2.07 39.05
C GLN J 167 -45.35 -2.76 39.73
N VAL J 168 -44.13 -2.58 39.22
CA VAL J 168 -42.93 -3.17 39.78
C VAL J 168 -42.10 -2.04 40.39
N PRO J 169 -42.03 -1.93 41.73
CA PRO J 169 -41.33 -0.79 42.33
C PRO J 169 -39.90 -0.60 41.86
N LEU J 170 -39.15 -1.69 41.66
CA LEU J 170 -37.75 -1.55 41.29
C LEU J 170 -37.59 -0.98 39.88
N ASP J 171 -38.52 -1.25 38.97
CA ASP J 171 -38.50 -0.57 37.68
C ASP J 171 -38.72 0.93 37.84
N LEU J 172 -39.65 1.31 38.72
CA LEU J 172 -39.86 2.73 39.00
C LEU J 172 -38.59 3.36 39.53
N MET J 173 -37.88 2.68 40.44
CA MET J 173 -36.65 3.26 40.98
C MET J 173 -35.56 3.31 39.93
N ALA J 174 -35.48 2.31 39.05
CA ALA J 174 -34.47 2.35 38.00
C ALA J 174 -34.71 3.55 37.09
N MET J 175 -35.98 3.86 36.80
CA MET J 175 -36.26 5.01 35.94
C MET J 175 -36.06 6.32 36.68
N ASN J 176 -36.42 6.37 37.97
CA ASN J 176 -36.28 7.60 38.74
C ASN J 176 -34.82 7.87 39.14
N ALA J 177 -33.96 6.85 39.09
CA ALA J 177 -32.55 7.06 39.41
C ALA J 177 -31.85 7.84 38.33
N GLN J 178 -32.34 7.75 37.09
CA GLN J 178 -31.75 8.41 35.94
C GLN J 178 -32.46 9.71 35.60
N ASN J 179 -33.36 10.18 36.47
CA ASN J 179 -33.98 11.50 36.35
C ASN J 179 -34.91 11.57 35.14
N GLU J 180 -35.68 10.53 34.91
CA GLU J 180 -36.65 10.56 33.81
C GLU J 180 -37.67 11.67 34.03
N GLN J 181 -37.95 12.41 32.96
CA GLN J 181 -38.84 13.56 32.99
C GLN J 181 -40.11 13.35 32.18
N VAL J 182 -40.00 12.75 31.00
CA VAL J 182 -41.14 12.44 30.13
C VAL J 182 -41.16 10.94 29.92
N HIS J 183 -42.31 10.32 30.20
CA HIS J 183 -42.44 8.87 30.25
C HIS J 183 -43.48 8.40 29.25
N VAL J 184 -43.18 7.29 28.59
CA VAL J 184 -44.12 6.63 27.68
C VAL J 184 -44.55 5.33 28.32
N ALA J 185 -45.85 5.20 28.57
CA ALA J 185 -46.43 4.04 29.23
C ALA J 185 -47.29 3.29 28.21
N SER J 186 -46.74 2.21 27.67
CA SER J 186 -47.42 1.43 26.64
C SER J 186 -48.27 0.35 27.28
N TRP J 187 -49.52 0.25 26.85
CA TRP J 187 -50.44 -0.77 27.34
C TRP J 187 -51.06 -1.49 26.16
N PRO J 188 -51.49 -2.74 26.34
CA PRO J 188 -52.12 -3.46 25.23
C PRO J 188 -53.62 -3.23 25.12
N GLY J 189 -54.28 -2.96 26.25
CA GLY J 189 -55.70 -2.70 26.24
C GLY J 189 -56.49 -3.48 27.27
N TYR J 190 -56.12 -4.74 27.52
CA TYR J 190 -56.94 -5.60 28.36
C TYR J 190 -56.74 -5.31 29.84
N PHE J 191 -55.51 -4.94 30.23
CA PHE J 191 -55.15 -4.78 31.62
C PHE J 191 -55.47 -3.39 32.12
N ASP J 192 -55.84 -3.30 33.39
CA ASP J 192 -56.20 -2.02 34.01
C ASP J 192 -55.06 -1.03 33.86
N ASP J 193 -55.40 0.19 33.43
CA ASP J 193 -54.40 1.12 32.93
C ASP J 193 -54.32 2.43 33.72
N GLU J 194 -55.44 2.97 34.17
CA GLU J 194 -55.45 4.34 34.71
C GLU J 194 -54.58 4.46 35.96
N ILE J 195 -54.82 3.59 36.94
CA ILE J 195 -54.22 3.77 38.25
C ILE J 195 -52.70 3.73 38.15
N SER J 196 -52.18 2.76 37.42
CA SER J 196 -50.73 2.57 37.34
C SER J 196 -50.05 3.77 36.69
N SER J 197 -50.61 4.26 35.58
CA SER J 197 -49.97 5.35 34.86
C SER J 197 -50.04 6.65 35.66
N ARG J 198 -51.18 6.91 36.31
CA ARG J 198 -51.27 8.11 37.14
C ARG J 198 -50.32 8.02 38.33
N TYR J 199 -50.25 6.86 38.97
CA TYR J 199 -49.34 6.71 40.10
C TYR J 199 -47.90 6.89 39.65
N TYR J 200 -47.55 6.36 38.48
CA TYR J 200 -46.20 6.55 37.96
C TYR J 200 -45.91 8.02 37.75
N ALA J 201 -46.86 8.75 37.16
CA ALA J 201 -46.67 10.19 37.00
C ALA J 201 -46.38 10.85 38.33
N ILE J 202 -47.15 10.50 39.37
CA ILE J 202 -46.97 11.14 40.67
C ILE J 202 -45.63 10.76 41.29
N ALA J 203 -45.29 9.48 41.27
CA ALA J 203 -44.16 8.95 42.04
C ALA J 203 -42.83 9.10 41.33
N THR J 204 -42.81 9.40 40.04
CA THR J 204 -41.58 9.65 39.32
C THR J 204 -41.47 11.09 38.84
N GLN J 205 -42.45 11.94 39.16
CA GLN J 205 -42.46 13.33 38.73
C GLN J 205 -42.26 13.42 37.21
N THR J 206 -43.10 12.71 36.48
CA THR J 206 -42.96 12.55 35.05
C THR J 206 -44.28 12.89 34.35
N PHE J 207 -44.19 13.59 33.23
CA PHE J 207 -45.29 13.58 32.27
C PHE J 207 -45.40 12.20 31.66
N VAL J 208 -46.58 11.61 31.70
CA VAL J 208 -46.77 10.23 31.29
C VAL J 208 -47.67 10.21 30.07
N LEU J 209 -47.11 9.74 28.95
CA LEU J 209 -47.88 9.44 27.74
C LEU J 209 -48.39 8.02 27.86
N MET J 210 -49.67 7.87 28.13
CA MET J 210 -50.30 6.56 28.31
C MET J 210 -50.94 6.17 26.99
N THR J 211 -50.35 5.19 26.31
CA THR J 211 -50.82 4.72 25.02
C THR J 211 -51.34 3.30 25.13
N SER J 212 -52.40 2.99 24.39
CA SER J 212 -53.03 1.69 24.46
C SER J 212 -53.73 1.38 23.14
N SER J 213 -53.77 0.10 22.80
CA SER J 213 -54.35 -0.35 21.55
C SER J 213 -55.80 -0.77 21.75
N ILE J 214 -56.46 -1.06 20.63
CA ILE J 214 -57.87 -1.43 20.60
C ILE J 214 -58.00 -2.80 19.94
N TYR J 215 -59.20 -3.36 20.03
CA TYR J 215 -59.50 -4.65 19.39
C TYR J 215 -60.28 -4.40 18.11
N THR J 216 -59.83 -5.02 17.02
CA THR J 216 -60.52 -4.97 15.73
C THR J 216 -61.22 -6.29 15.47
N GLU J 217 -62.03 -6.31 14.41
CA GLU J 217 -62.79 -7.49 14.05
C GLU J 217 -61.92 -8.54 13.37
N GLU J 218 -60.92 -8.11 12.60
CA GLU J 218 -60.07 -9.07 11.90
C GLU J 218 -59.30 -9.93 12.89
N MET J 219 -58.82 -9.33 13.98
CA MET J 219 -58.16 -10.09 15.03
C MET J 219 -59.10 -11.15 15.61
N LYS J 220 -60.32 -10.75 15.97
CA LYS J 220 -61.27 -11.69 16.54
C LYS J 220 -61.55 -12.83 15.57
N GLU J 221 -61.70 -12.51 14.29
CA GLU J 221 -61.90 -13.56 13.29
C GLU J 221 -60.70 -14.50 13.22
N MET J 222 -59.49 -13.93 13.27
CA MET J 222 -58.29 -14.73 13.06
C MET J 222 -58.03 -15.69 14.21
N ILE J 223 -58.22 -15.23 15.46
CA ILE J 223 -57.75 -15.99 16.60
C ILE J 223 -58.87 -16.74 17.30
N CYS J 224 -60.11 -16.27 17.17
CA CYS J 224 -61.25 -16.95 17.76
C CYS J 224 -61.74 -18.01 16.79
N LEU J 225 -61.47 -19.27 17.09
CA LEU J 225 -61.86 -20.37 16.21
C LEU J 225 -63.21 -20.95 16.60
N THR J 226 -63.40 -21.24 17.88
CA THR J 226 -64.68 -21.71 18.39
C THR J 226 -65.54 -20.53 18.81
N GLN J 227 -66.80 -20.83 19.15
CA GLN J 227 -67.70 -19.79 19.63
C GLN J 227 -67.42 -19.43 21.08
N GLU J 228 -67.07 -20.41 21.90
CA GLU J 228 -66.70 -20.13 23.29
C GLU J 228 -65.52 -19.18 23.35
N GLN J 229 -64.50 -19.42 22.51
CA GLN J 229 -63.37 -18.51 22.43
C GLN J 229 -63.81 -17.12 22.02
N ARG J 230 -64.75 -17.04 21.06
CA ARG J 230 -65.23 -15.75 20.60
C ARG J 230 -65.88 -14.96 21.75
N ASP J 231 -66.78 -15.61 22.48
CA ASP J 231 -67.43 -14.91 23.60
C ASP J 231 -66.43 -14.51 24.67
N TYR J 232 -65.52 -15.42 25.02
CA TYR J 232 -64.56 -15.10 26.07
C TYR J 232 -63.69 -13.92 25.67
N PHE J 233 -63.22 -13.89 24.42
CA PHE J 233 -62.44 -12.74 23.96
C PHE J 233 -63.30 -11.49 23.87
N GLU J 234 -64.60 -11.65 23.65
CA GLU J 234 -65.48 -10.49 23.67
C GLU J 234 -65.58 -9.88 25.05
N THR J 235 -65.50 -10.70 26.11
CA THR J 235 -65.56 -10.17 27.46
C THR J 235 -64.37 -9.27 27.81
N PHE J 236 -63.31 -9.29 27.00
CA PHE J 236 -62.16 -8.44 27.29
C PHE J 236 -62.56 -6.97 27.26
N LYS J 237 -61.96 -6.20 28.15
CA LYS J 237 -62.28 -4.78 28.26
C LYS J 237 -61.26 -3.94 27.50
N SER J 238 -61.60 -2.66 27.33
CA SER J 238 -60.80 -1.75 26.53
C SER J 238 -59.92 -0.88 27.41
N GLY J 239 -58.77 -0.49 26.88
CA GLY J 239 -57.88 0.43 27.54
C GLY J 239 -58.16 1.87 27.17
N HIS J 240 -57.28 2.76 27.63
CA HIS J 240 -57.45 4.19 27.44
C HIS J 240 -56.14 4.80 26.99
N THR J 241 -56.23 5.92 26.30
CA THR J 241 -55.07 6.67 25.85
C THR J 241 -55.22 8.11 26.32
N CYS J 242 -54.23 8.59 27.07
CA CYS J 242 -54.29 9.93 27.63
C CYS J 242 -52.89 10.34 28.06
N ILE J 243 -52.75 11.61 28.43
CA ILE J 243 -51.48 12.17 28.88
C ILE J 243 -51.70 12.80 30.25
N TYR J 244 -50.79 12.52 31.18
CA TYR J 244 -50.89 12.98 32.55
C TYR J 244 -49.71 13.89 32.88
N GLY J 245 -49.97 14.87 33.73
CA GLY J 245 -48.92 15.71 34.24
C GLY J 245 -48.21 15.10 35.43
N PRO J 246 -47.15 15.76 35.89
CA PRO J 246 -46.38 15.22 37.02
C PRO J 246 -47.18 15.14 38.31
N ASP J 247 -48.32 15.82 38.41
CA ASP J 247 -49.20 15.69 39.57
C ASP J 247 -50.16 14.52 39.46
N GLY J 248 -50.21 13.84 38.31
CA GLY J 248 -51.12 12.75 38.09
C GLY J 248 -52.41 13.13 37.40
N GLU J 249 -52.74 14.42 37.30
CA GLU J 249 -53.95 14.85 36.63
C GLU J 249 -53.77 14.85 35.12
N PRO J 250 -54.82 14.55 34.36
CA PRO J 250 -54.70 14.58 32.90
C PRO J 250 -54.51 15.98 32.37
N ILE J 251 -53.79 16.09 31.26
CA ILE J 251 -53.64 17.34 30.54
C ILE J 251 -54.15 17.26 29.12
N SER J 252 -54.73 16.13 28.73
CA SER J 252 -55.35 15.96 27.43
C SER J 252 -56.65 15.19 27.61
N ASP J 253 -57.44 15.14 26.54
CA ASP J 253 -58.71 14.43 26.57
C ASP J 253 -58.51 12.99 26.16
N MET J 254 -59.12 12.08 26.90
CA MET J 254 -59.05 10.67 26.58
C MET J 254 -59.61 10.43 25.19
N VAL J 255 -58.92 9.60 24.40
CA VAL J 255 -59.47 9.22 23.10
C VAL J 255 -60.77 8.44 23.33
N PRO J 256 -61.79 8.60 22.48
CA PRO J 256 -63.01 7.81 22.68
C PRO J 256 -62.72 6.32 22.68
N ALA J 257 -63.44 5.59 23.52
CA ALA J 257 -63.18 4.18 23.68
C ALA J 257 -63.43 3.41 22.39
N GLU J 258 -62.52 2.49 22.08
CA GLU J 258 -62.61 1.56 20.96
C GLU J 258 -62.56 2.25 19.60
N THR J 259 -62.17 3.51 19.55
CA THR J 259 -61.92 4.20 18.30
C THR J 259 -60.42 4.48 18.18
N GLU J 260 -60.01 4.87 16.98
CA GLU J 260 -58.62 5.17 16.68
C GLU J 260 -58.45 6.67 16.64
N GLY J 261 -57.51 7.18 17.42
CA GLY J 261 -57.25 8.60 17.46
C GLY J 261 -55.89 8.87 18.08
N ILE J 262 -55.62 10.15 18.31
CA ILE J 262 -54.37 10.59 18.93
C ILE J 262 -54.68 11.67 19.95
N ALA J 263 -54.06 11.56 21.11
CA ALA J 263 -54.18 12.55 22.17
C ALA J 263 -52.97 13.48 22.14
N TYR J 264 -53.22 14.77 22.34
CA TYR J 264 -52.17 15.78 22.26
C TYR J 264 -52.16 16.61 23.54
N ALA J 265 -50.97 16.95 24.01
CA ALA J 265 -50.81 17.78 25.19
C ALA J 265 -49.57 18.63 25.01
N GLU J 266 -49.49 19.69 25.82
CA GLU J 266 -48.33 20.58 25.83
C GLU J 266 -47.47 20.20 27.03
N ILE J 267 -46.38 19.48 26.78
CA ILE J 267 -45.46 19.10 27.84
C ILE J 267 -44.58 20.30 28.16
N ASP J 268 -44.59 20.72 29.41
CA ASP J 268 -43.75 21.81 29.90
C ASP J 268 -42.86 21.21 30.99
N VAL J 269 -41.67 20.75 30.60
CA VAL J 269 -40.80 20.02 31.50
C VAL J 269 -40.48 20.82 32.75
N GLU J 270 -40.62 22.14 32.70
CA GLU J 270 -40.34 22.97 33.85
C GLU J 270 -41.27 22.67 35.02
N ARG J 271 -42.38 21.96 34.78
CA ARG J 271 -43.31 21.66 35.87
C ARG J 271 -42.78 20.58 36.80
N VAL J 272 -41.91 19.69 36.30
CA VAL J 272 -41.42 18.61 37.14
C VAL J 272 -40.71 19.15 38.37
N ILE J 273 -40.19 20.37 38.27
CA ILE J 273 -39.46 20.97 39.39
C ILE J 273 -40.39 21.16 40.59
N ASP J 274 -41.62 21.58 40.35
CA ASP J 274 -42.53 21.85 41.44
C ASP J 274 -42.87 20.61 42.24
N TYR J 275 -42.68 19.43 41.66
CA TYR J 275 -42.96 18.19 42.36
C TYR J 275 -41.70 17.48 42.81
N LYS J 276 -40.54 17.82 42.24
CA LYS J 276 -39.28 17.46 42.89
C LYS J 276 -39.14 18.21 44.22
N TYR J 277 -39.80 19.35 44.34
CA TYR J 277 -39.86 20.06 45.62
C TYR J 277 -40.53 19.19 46.67
N TYR J 278 -41.63 18.53 46.30
CA TYR J 278 -42.35 17.70 47.27
C TYR J 278 -41.60 16.41 47.56
N ILE J 279 -41.14 15.72 46.53
CA ILE J 279 -40.72 14.33 46.66
C ILE J 279 -39.74 13.99 45.55
N ASP J 280 -38.75 13.18 45.88
CA ASP J 280 -37.79 12.62 44.94
C ASP J 280 -37.24 11.34 45.56
N PRO J 281 -37.92 10.20 45.40
CA PRO J 281 -37.51 9.01 46.15
C PRO J 281 -36.07 8.60 45.91
N ALA J 282 -35.55 8.85 44.71
CA ALA J 282 -34.15 8.57 44.42
C ALA J 282 -33.21 9.66 44.93
N GLY J 283 -33.73 10.77 45.43
CA GLY J 283 -32.91 11.84 45.93
C GLY J 283 -33.17 12.18 47.38
N HIS J 284 -33.73 13.36 47.64
CA HIS J 284 -33.87 13.85 48.99
C HIS J 284 -34.90 13.06 49.80
N TYR J 285 -35.94 12.57 49.16
CA TYR J 285 -37.03 11.89 49.88
C TYR J 285 -36.71 10.41 50.08
N SER J 286 -35.61 10.16 50.77
CA SER J 286 -35.06 8.82 50.92
C SER J 286 -34.59 8.61 52.34
N ASN J 287 -34.37 7.34 52.66
CA ASN J 287 -33.84 6.93 53.94
C ASN J 287 -32.68 5.98 53.70
N GLN J 288 -31.61 6.12 54.50
CA GLN J 288 -30.39 5.35 54.25
C GLN J 288 -30.60 3.86 54.44
N SER J 289 -31.61 3.45 55.19
CA SER J 289 -31.78 2.04 55.48
C SER J 289 -32.23 1.23 54.27
N LEU J 290 -32.81 1.88 53.25
CA LEU J 290 -33.32 1.20 52.07
C LEU J 290 -32.59 1.72 50.84
N SER J 291 -31.96 0.82 50.10
CA SER J 291 -31.30 1.15 48.86
C SER J 291 -31.52 0.00 47.89
N MET J 292 -31.08 0.20 46.64
CA MET J 292 -31.25 -0.81 45.61
C MET J 292 -30.01 -0.88 44.73
N ASN J 293 -29.77 -2.05 44.17
CA ASN J 293 -28.68 -2.29 43.24
C ASN J 293 -29.24 -2.37 41.83
N PHE J 294 -28.73 -1.52 40.96
CA PHE J 294 -29.13 -1.46 39.55
C PHE J 294 -27.94 -1.93 38.72
N ASN J 295 -27.99 -3.18 38.26
CA ASN J 295 -26.92 -3.77 37.47
C ASN J 295 -27.22 -3.55 36.00
N GLN J 296 -26.37 -2.77 35.32
CA GLN J 296 -26.56 -2.44 33.92
C GLN J 296 -25.57 -3.16 33.02
N GLN J 297 -24.90 -4.19 33.52
CA GLN J 297 -23.98 -4.94 32.69
C GLN J 297 -24.77 -5.81 31.70
N PRO J 298 -24.35 -5.88 30.43
CA PRO J 298 -25.01 -6.79 29.50
C PRO J 298 -24.92 -8.23 29.96
N THR J 299 -26.03 -8.97 29.81
CA THR J 299 -26.11 -10.37 30.22
C THR J 299 -26.70 -11.22 29.11
N PRO J 300 -26.01 -11.31 27.96
CA PRO J 300 -26.37 -12.35 27.00
C PRO J 300 -26.00 -13.72 27.53
N VAL J 301 -26.76 -14.72 27.09
CA VAL J 301 -26.47 -16.09 27.50
C VAL J 301 -25.07 -16.49 27.06
N VAL J 302 -24.70 -16.14 25.82
CA VAL J 302 -23.36 -16.35 25.30
C VAL J 302 -22.77 -14.98 25.03
N LYS J 303 -21.64 -14.69 25.67
CA LYS J 303 -20.91 -13.45 25.47
C LYS J 303 -19.81 -13.73 24.44
N HIS J 304 -19.83 -12.97 23.34
CA HIS J 304 -18.85 -13.15 22.27
C HIS J 304 -17.61 -12.32 22.56
N LEU J 305 -16.45 -12.96 22.46
CA LEU J 305 -15.17 -12.29 22.63
C LEU J 305 -14.41 -12.34 21.32
N ASN J 306 -13.89 -11.20 20.89
CA ASN J 306 -13.05 -11.11 19.70
C ASN J 306 -13.78 -11.72 18.48
N HIS J 307 -15.03 -11.33 18.31
CA HIS J 307 -15.84 -11.86 17.22
C HIS J 307 -15.14 -11.65 15.89
N GLN J 308 -15.09 -12.71 15.07
CA GLN J 308 -14.38 -12.69 13.80
C GLN J 308 -15.31 -13.09 12.68
N LYS J 309 -14.95 -12.67 11.47
CA LYS J 309 -15.73 -12.95 10.28
C LYS J 309 -15.23 -14.22 9.59
N ASN J 310 -16.05 -14.74 8.68
CA ASN J 310 -15.74 -15.95 7.93
C ASN J 310 -15.24 -15.59 6.54
N GLU J 311 -14.06 -16.10 6.20
CA GLU J 311 -13.45 -15.87 4.90
C GLU J 311 -13.68 -17.07 3.99
N VAL J 312 -14.14 -16.80 2.78
CA VAL J 312 -14.43 -17.84 1.79
C VAL J 312 -13.30 -17.87 0.78
N PHE J 313 -12.83 -19.06 0.44
CA PHE J 313 -11.94 -19.26 -0.70
C PHE J 313 -12.83 -19.35 -1.93
N THR J 314 -12.80 -18.32 -2.78
CA THR J 314 -13.71 -18.27 -3.91
C THR J 314 -13.43 -19.42 -4.87
N TYR J 315 -14.42 -19.72 -5.71
CA TYR J 315 -14.26 -20.79 -6.68
C TYR J 315 -13.10 -20.50 -7.64
N GLU J 316 -12.97 -19.24 -8.06
CA GLU J 316 -11.83 -18.87 -8.89
C GLU J 316 -10.53 -19.02 -8.12
N ASP J 317 -10.50 -18.57 -6.87
CA ASP J 317 -9.29 -18.71 -6.05
C ASP J 317 -8.94 -20.17 -5.80
N ILE J 318 -9.88 -21.09 -6.00
CA ILE J 318 -9.62 -22.51 -5.75
C ILE J 318 -9.19 -23.21 -7.03
N GLN J 319 -9.75 -22.82 -8.17
CA GLN J 319 -9.52 -23.51 -9.43
C GLN J 319 -8.59 -22.71 -10.33
N THR K 1 -16.30 -20.09 -16.97
CA THR K 1 -16.85 -20.81 -18.15
C THR K 1 -17.99 -20.03 -18.76
N SER K 2 -18.38 -20.41 -19.96
CA SER K 2 -19.41 -19.70 -20.73
C SER K 2 -20.72 -20.47 -20.63
N ILE K 3 -21.76 -19.79 -20.16
CA ILE K 3 -23.09 -20.37 -20.02
C ILE K 3 -24.01 -19.69 -21.02
N TYR K 4 -25.07 -20.42 -21.39
CA TYR K 4 -26.04 -19.93 -22.38
C TYR K 4 -27.44 -20.11 -21.78
N PRO K 5 -27.83 -19.22 -20.87
CA PRO K 5 -29.08 -19.41 -20.14
C PRO K 5 -30.30 -19.03 -20.96
N LYS K 6 -31.44 -19.58 -20.53
CA LYS K 6 -32.74 -19.24 -21.08
C LYS K 6 -33.57 -18.60 -19.97
N PHE K 7 -34.20 -17.46 -20.28
CA PHE K 7 -34.99 -16.74 -19.30
C PHE K 7 -36.00 -15.88 -20.05
N ARG K 8 -36.86 -15.20 -19.30
CA ARG K 8 -37.84 -14.28 -19.84
C ARG K 8 -37.42 -12.85 -19.53
N ALA K 9 -37.52 -11.98 -20.52
CA ALA K 9 -37.23 -10.57 -20.36
C ALA K 9 -38.53 -9.77 -20.41
N ALA K 10 -38.41 -8.51 -20.00
CA ALA K 10 -39.57 -7.62 -19.95
C ALA K 10 -39.10 -6.20 -20.21
N ALA K 11 -39.48 -5.63 -21.35
CA ALA K 11 -39.19 -4.25 -21.69
C ALA K 11 -40.43 -3.40 -21.40
N VAL K 12 -40.24 -2.31 -20.68
CA VAL K 12 -41.34 -1.54 -20.11
C VAL K 12 -41.57 -0.29 -20.95
N GLN K 13 -42.84 -0.03 -21.27
CA GLN K 13 -43.26 1.21 -21.90
C GLN K 13 -44.15 1.95 -20.90
N ALA K 14 -43.65 3.06 -20.37
CA ALA K 14 -44.41 3.82 -19.39
C ALA K 14 -43.85 5.23 -19.31
N ALA K 15 -44.53 6.06 -18.52
CA ALA K 15 -44.05 7.40 -18.21
C ALA K 15 -44.01 7.56 -16.70
N PRO K 16 -43.08 8.34 -16.19
CA PRO K 16 -43.04 8.61 -14.75
C PRO K 16 -44.08 9.65 -14.38
N ILE K 17 -44.10 10.01 -13.11
CA ILE K 17 -44.77 11.22 -12.66
C ILE K 17 -43.75 12.34 -12.81
N TYR K 18 -44.02 13.29 -13.70
CA TYR K 18 -42.98 14.15 -14.23
C TYR K 18 -42.33 14.99 -13.14
N LEU K 19 -40.99 14.92 -13.08
CA LEU K 19 -40.19 15.72 -12.14
C LEU K 19 -40.66 15.51 -10.71
N ASN K 20 -40.97 14.26 -10.37
CA ASN K 20 -41.42 13.88 -9.03
C ASN K 20 -40.75 12.55 -8.72
N LEU K 21 -39.63 12.61 -8.00
CA LEU K 21 -38.81 11.41 -7.81
C LEU K 21 -39.53 10.35 -7.01
N GLU K 22 -40.20 10.74 -5.93
CA GLU K 22 -40.82 9.74 -5.04
C GLU K 22 -41.91 8.98 -5.76
N ALA K 23 -42.80 9.69 -6.45
CA ALA K 23 -43.90 9.03 -7.15
C ALA K 23 -43.38 8.17 -8.30
N SER K 24 -42.33 8.62 -8.99
CA SER K 24 -41.76 7.82 -10.07
C SER K 24 -41.09 6.56 -9.52
N VAL K 25 -40.47 6.65 -8.35
CA VAL K 25 -39.90 5.47 -7.72
C VAL K 25 -41.01 4.49 -7.36
N GLU K 26 -42.13 5.00 -6.86
CA GLU K 26 -43.28 4.15 -6.58
C GLU K 26 -43.78 3.45 -7.84
N LYS K 27 -43.92 4.21 -8.93
CA LYS K 27 -44.41 3.61 -10.17
C LYS K 27 -43.44 2.55 -10.69
N SER K 28 -42.14 2.82 -10.59
CA SER K 28 -41.15 1.83 -11.01
C SER K 28 -41.23 0.58 -10.16
N CYS K 29 -41.46 0.74 -8.85
CA CYS K 29 -41.64 -0.43 -7.99
C CYS K 29 -42.83 -1.26 -8.46
N GLU K 30 -43.94 -0.59 -8.76
CA GLU K 30 -45.13 -1.30 -9.21
C GLU K 30 -44.86 -2.03 -10.53
N LEU K 31 -44.17 -1.37 -11.46
CA LEU K 31 -43.91 -1.99 -12.76
C LEU K 31 -42.97 -3.18 -12.61
N ILE K 32 -41.97 -3.08 -11.74
CA ILE K 32 -41.08 -4.21 -11.51
C ILE K 32 -41.86 -5.38 -10.93
N ASP K 33 -42.75 -5.10 -9.97
CA ASP K 33 -43.58 -6.17 -9.41
C ASP K 33 -44.40 -6.83 -10.50
N GLU K 34 -45.10 -6.03 -11.32
CA GLU K 34 -45.96 -6.58 -12.35
C GLU K 34 -45.16 -7.41 -13.35
N ALA K 35 -44.02 -6.90 -13.80
CA ALA K 35 -43.23 -7.62 -14.79
C ALA K 35 -42.70 -8.93 -14.22
N ALA K 36 -42.23 -8.91 -12.97
CA ALA K 36 -41.71 -10.12 -12.36
C ALA K 36 -42.81 -11.12 -12.04
N SER K 37 -44.05 -10.67 -11.91
CA SER K 37 -45.17 -11.57 -11.69
C SER K 37 -45.62 -12.26 -12.96
N ASN K 38 -45.11 -11.84 -14.11
CA ASN K 38 -45.32 -12.54 -15.37
C ASN K 38 -44.12 -13.42 -15.74
N GLY K 39 -43.20 -13.63 -14.81
CA GLY K 39 -42.08 -14.52 -15.03
C GLY K 39 -40.82 -13.85 -15.54
N ALA K 40 -40.79 -12.52 -15.63
CA ALA K 40 -39.63 -11.83 -16.16
C ALA K 40 -38.45 -11.93 -15.21
N LYS K 41 -37.26 -12.10 -15.78
CA LYS K 41 -36.02 -12.10 -15.03
C LYS K 41 -35.20 -10.84 -15.25
N LEU K 42 -35.51 -10.06 -16.28
CA LEU K 42 -34.88 -8.78 -16.52
C LEU K 42 -35.99 -7.76 -16.80
N VAL K 43 -35.92 -6.62 -16.12
CA VAL K 43 -36.87 -5.53 -16.31
C VAL K 43 -36.08 -4.28 -16.69
N ALA K 44 -36.44 -3.66 -17.81
CA ALA K 44 -35.75 -2.49 -18.32
C ALA K 44 -36.72 -1.32 -18.41
N PHE K 45 -36.19 -0.11 -18.37
CA PHE K 45 -36.97 1.11 -18.30
C PHE K 45 -36.49 2.11 -19.33
N PRO K 46 -37.34 3.08 -19.71
CA PRO K 46 -36.94 4.08 -20.71
C PRO K 46 -35.80 4.96 -20.26
N GLU K 47 -35.35 5.84 -21.14
CA GLU K 47 -34.25 6.75 -20.83
C GLU K 47 -34.72 7.84 -19.87
N ALA K 48 -33.92 8.10 -18.85
CA ALA K 48 -34.19 9.14 -17.86
C ALA K 48 -35.60 8.99 -17.27
N PHE K 49 -35.93 7.75 -16.89
CA PHE K 49 -37.25 7.50 -16.32
C PHE K 49 -37.43 8.22 -14.99
N LEU K 50 -36.39 8.25 -14.16
CA LEU K 50 -36.46 8.89 -12.85
C LEU K 50 -35.72 10.21 -12.86
N PRO K 51 -36.40 11.37 -12.73
CA PRO K 51 -37.83 11.61 -12.63
C PRO K 51 -38.50 11.96 -13.95
N GLY K 52 -37.83 11.77 -15.07
CA GLY K 52 -38.40 12.04 -16.38
C GLY K 52 -37.39 12.68 -17.31
N TYR K 53 -37.71 12.66 -18.60
CA TYR K 53 -36.83 13.21 -19.62
C TYR K 53 -37.05 14.71 -19.75
N PRO K 54 -35.99 15.52 -19.83
CA PRO K 54 -36.18 16.98 -19.84
C PRO K 54 -36.69 17.51 -21.16
N TRP K 55 -37.97 17.27 -21.44
CA TRP K 55 -38.57 17.75 -22.69
C TRP K 55 -38.59 19.27 -22.74
N PHE K 56 -38.60 19.93 -21.58
CA PHE K 56 -38.58 21.39 -21.57
C PHE K 56 -37.35 21.94 -22.29
N ALA K 57 -36.26 21.18 -22.33
CA ALA K 57 -35.04 21.65 -22.98
C ALA K 57 -35.16 21.72 -24.49
N PHE K 58 -36.25 21.19 -25.07
CA PHE K 58 -36.41 21.11 -26.51
C PHE K 58 -37.43 22.09 -27.08
N ILE K 59 -38.15 22.83 -26.23
CA ILE K 59 -39.28 23.62 -26.71
C ILE K 59 -39.16 25.08 -26.24
N GLY K 60 -37.98 25.46 -25.77
CA GLY K 60 -37.76 26.84 -25.37
C GLY K 60 -36.28 27.12 -25.26
N HIS K 61 -35.97 28.36 -24.92
CA HIS K 61 -34.59 28.83 -24.89
C HIS K 61 -33.95 28.49 -23.54
N PRO K 62 -32.61 28.61 -23.46
CA PRO K 62 -31.93 28.13 -22.25
C PRO K 62 -32.42 28.74 -20.94
N GLU K 63 -32.82 30.01 -20.94
CA GLU K 63 -33.33 30.60 -19.70
C GLU K 63 -34.68 30.00 -19.30
N TYR K 64 -35.50 29.65 -20.29
CA TYR K 64 -36.73 28.94 -19.99
C TYR K 64 -36.43 27.53 -19.48
N THR K 65 -35.35 26.92 -19.98
CA THR K 65 -34.96 25.59 -19.54
C THR K 65 -34.40 25.62 -18.12
N ARG K 66 -33.84 26.75 -17.68
CA ARG K 66 -33.26 26.83 -16.36
C ARG K 66 -34.31 26.62 -15.27
N LYS K 67 -35.52 27.15 -15.47
CA LYS K 67 -36.57 27.03 -14.47
C LYS K 67 -36.85 25.57 -14.16
N PHE K 68 -37.01 24.75 -15.20
CA PHE K 68 -37.32 23.35 -15.01
C PHE K 68 -36.09 22.51 -14.69
N TYR K 69 -34.90 22.97 -15.10
CA TYR K 69 -33.69 22.35 -14.59
C TYR K 69 -33.63 22.45 -13.08
N HIS K 70 -34.16 23.53 -12.51
CA HIS K 70 -34.21 23.64 -11.07
C HIS K 70 -34.97 22.47 -10.45
N GLU K 71 -36.17 22.18 -10.96
CA GLU K 71 -36.97 21.09 -10.43
C GLU K 71 -36.31 19.74 -10.67
N LEU K 72 -35.79 19.53 -11.88
CA LEU K 72 -35.11 18.27 -12.16
C LEU K 72 -33.94 18.05 -11.22
N TYR K 73 -33.14 19.10 -11.00
CA TYR K 73 -32.01 19.01 -10.10
C TYR K 73 -32.46 18.67 -8.68
N LYS K 74 -33.53 19.32 -8.22
CA LYS K 74 -34.05 18.99 -6.90
C LYS K 74 -34.68 17.61 -6.82
N ASN K 75 -34.94 16.96 -7.97
CA ASN K 75 -35.53 15.62 -8.00
C ASN K 75 -34.62 14.59 -8.62
N ALA K 76 -33.32 14.86 -8.70
CA ALA K 76 -32.38 13.90 -9.25
C ALA K 76 -32.06 12.81 -8.25
N VAL K 77 -31.60 11.69 -8.76
CA VAL K 77 -31.25 10.52 -7.94
C VAL K 77 -29.81 10.65 -7.48
N GLU K 78 -29.54 10.13 -6.29
CA GLU K 78 -28.21 10.14 -5.71
C GLU K 78 -27.84 8.73 -5.26
N ILE K 79 -26.55 8.48 -5.15
CA ILE K 79 -26.03 7.20 -4.66
C ILE K 79 -25.18 7.45 -3.44
N PRO K 80 -25.62 7.07 -2.23
CA PRO K 80 -26.89 6.44 -1.84
C PRO K 80 -28.07 7.39 -1.74
N SER K 81 -29.28 6.86 -1.74
CA SER K 81 -30.49 7.66 -1.60
C SER K 81 -31.64 6.73 -1.29
N LEU K 82 -32.80 7.32 -0.98
CA LEU K 82 -34.00 6.52 -0.75
C LEU K 82 -34.43 5.81 -2.01
N ALA K 83 -34.29 6.47 -3.17
CA ALA K 83 -34.70 5.86 -4.43
C ALA K 83 -33.91 4.57 -4.70
N ILE K 84 -32.60 4.61 -4.48
CA ILE K 84 -31.77 3.43 -4.67
C ILE K 84 -32.24 2.32 -3.74
N GLN K 85 -32.56 2.67 -2.49
CA GLN K 85 -33.04 1.68 -1.54
C GLN K 85 -34.32 1.02 -2.03
N LYS K 86 -35.28 1.83 -2.48
CA LYS K 86 -36.56 1.27 -2.91
C LYS K 86 -36.39 0.38 -4.14
N ILE K 87 -35.56 0.80 -5.10
CA ILE K 87 -35.37 -0.01 -6.29
C ILE K 87 -34.65 -1.30 -5.94
N SER K 88 -33.66 -1.23 -5.06
CA SER K 88 -32.97 -2.44 -4.61
C SER K 88 -33.93 -3.40 -3.93
N GLU K 89 -34.84 -2.88 -3.09
CA GLU K 89 -35.81 -3.75 -2.45
C GLU K 89 -36.76 -4.37 -3.46
N ALA K 90 -37.19 -3.61 -4.46
CA ALA K 90 -38.06 -4.18 -5.48
C ALA K 90 -37.37 -5.30 -6.23
N ALA K 91 -36.12 -5.07 -6.63
CA ALA K 91 -35.36 -6.08 -7.35
C ALA K 91 -35.13 -7.33 -6.50
N LYS K 92 -34.83 -7.14 -5.21
CA LYS K 92 -34.60 -8.29 -4.34
C LYS K 92 -35.89 -9.06 -4.08
N ARG K 93 -36.98 -8.34 -3.79
CA ARG K 93 -38.24 -9.01 -3.52
C ARG K 93 -38.72 -9.78 -4.73
N ASN K 94 -38.50 -9.25 -5.92
CA ASN K 94 -38.93 -9.92 -7.13
C ASN K 94 -37.87 -10.85 -7.72
N GLU K 95 -36.64 -10.83 -7.20
CA GLU K 95 -35.55 -11.63 -7.72
C GLU K 95 -35.42 -11.44 -9.23
N THR K 96 -35.12 -10.20 -9.62
CA THR K 96 -34.97 -9.85 -11.02
C THR K 96 -33.75 -8.96 -11.17
N TYR K 97 -33.21 -8.96 -12.39
CA TYR K 97 -32.27 -7.93 -12.79
C TYR K 97 -33.06 -6.72 -13.28
N VAL K 98 -32.66 -5.54 -12.83
CA VAL K 98 -33.32 -4.29 -13.20
C VAL K 98 -32.28 -3.37 -13.82
N CYS K 99 -32.63 -2.81 -14.99
CA CYS K 99 -31.88 -1.70 -15.57
C CYS K 99 -32.82 -0.52 -15.64
N ILE K 100 -32.56 0.51 -14.84
CA ILE K 100 -33.43 1.68 -14.72
C ILE K 100 -32.61 2.92 -15.00
N SER K 101 -33.10 3.77 -15.89
CA SER K 101 -32.42 5.00 -16.26
C SER K 101 -32.91 6.15 -15.41
N CYS K 102 -32.01 7.09 -15.12
CA CYS K 102 -32.31 8.16 -14.18
C CYS K 102 -31.39 9.32 -14.42
N SER K 103 -31.79 10.48 -13.91
CA SER K 103 -30.86 11.59 -13.74
C SER K 103 -30.11 11.38 -12.43
N GLU K 104 -28.78 11.53 -12.48
CA GLU K 104 -27.91 11.19 -11.38
C GLU K 104 -27.18 12.44 -10.92
N LYS K 105 -27.36 12.80 -9.66
CA LYS K 105 -26.63 13.91 -9.07
C LYS K 105 -25.33 13.39 -8.46
N ASP K 106 -24.21 13.85 -8.98
CA ASP K 106 -22.90 13.50 -8.47
C ASP K 106 -22.17 14.80 -8.15
N GLY K 107 -22.22 15.20 -6.89
CA GLY K 107 -21.69 16.51 -6.53
C GLY K 107 -22.66 17.57 -6.95
N GLY K 108 -22.14 18.62 -7.58
CA GLY K 108 -22.96 19.70 -8.07
C GLY K 108 -23.55 19.51 -9.46
N SER K 109 -23.20 18.43 -10.15
CA SER K 109 -23.60 18.24 -11.54
C SER K 109 -24.58 17.07 -11.67
N LEU K 110 -25.28 17.06 -12.80
CA LEU K 110 -26.21 16.00 -13.15
C LEU K 110 -25.64 15.16 -14.28
N TYR K 111 -25.94 13.86 -14.24
CA TYR K 111 -25.56 12.94 -15.30
C TYR K 111 -26.74 12.03 -15.57
N LEU K 112 -26.76 11.47 -16.78
CA LEU K 112 -27.77 10.49 -17.17
C LEU K 112 -27.14 9.12 -17.05
N ALA K 113 -27.77 8.24 -16.26
CA ALA K 113 -27.16 6.97 -15.92
C ALA K 113 -28.18 5.85 -16.03
N GLN K 114 -27.69 4.65 -16.32
CA GLN K 114 -28.45 3.41 -16.28
C GLN K 114 -27.94 2.61 -15.09
N LEU K 115 -28.80 2.43 -14.09
CA LEU K 115 -28.43 1.73 -12.88
C LEU K 115 -28.88 0.27 -12.96
N TRP K 116 -28.01 -0.64 -12.55
CA TRP K 116 -28.25 -2.07 -12.67
C TRP K 116 -28.34 -2.69 -11.29
N PHE K 117 -29.39 -3.47 -11.06
CA PHE K 117 -29.58 -4.21 -9.82
C PHE K 117 -29.72 -5.70 -10.14
N ASN K 118 -29.21 -6.54 -9.26
CA ASN K 118 -29.30 -7.98 -9.42
C ASN K 118 -30.35 -8.55 -8.47
N PRO K 119 -30.67 -9.83 -8.60
CA PRO K 119 -31.71 -10.41 -7.74
C PRO K 119 -31.38 -10.37 -6.26
N ASN K 120 -30.11 -10.28 -5.88
CA ASN K 120 -29.78 -10.03 -4.48
C ASN K 120 -30.08 -8.61 -4.06
N GLY K 121 -30.38 -7.72 -4.99
CA GLY K 121 -30.63 -6.33 -4.69
C GLY K 121 -29.42 -5.45 -4.71
N ASP K 122 -28.25 -5.96 -5.10
CA ASP K 122 -27.05 -5.16 -5.13
C ASP K 122 -27.04 -4.28 -6.36
N LEU K 123 -26.56 -3.05 -6.20
CA LEU K 123 -26.32 -2.14 -7.32
C LEU K 123 -25.02 -2.60 -7.98
N ILE K 124 -25.15 -3.52 -8.94
CA ILE K 124 -23.97 -4.16 -9.51
C ILE K 124 -23.16 -3.20 -10.37
N GLY K 125 -23.72 -2.08 -10.80
CA GLY K 125 -22.98 -1.16 -11.62
C GLY K 125 -23.87 -0.07 -12.17
N LYS K 126 -23.26 0.78 -12.98
CA LYS K 126 -23.92 1.98 -13.47
C LYS K 126 -23.19 2.46 -14.72
N HIS K 127 -23.96 2.90 -15.70
CA HIS K 127 -23.42 3.43 -16.95
C HIS K 127 -23.93 4.84 -17.18
N ARG K 128 -23.01 5.79 -17.26
CA ARG K 128 -23.35 7.16 -17.60
C ARG K 128 -23.28 7.36 -19.11
N LYS K 129 -24.25 8.09 -19.66
CA LYS K 129 -24.27 8.36 -21.08
C LYS K 129 -22.97 9.04 -21.50
N MET K 130 -22.35 8.51 -22.56
CA MET K 130 -21.03 8.98 -22.95
C MET K 130 -21.08 10.42 -23.45
N ARG K 131 -22.13 10.79 -24.16
CA ARG K 131 -22.23 12.11 -24.74
C ARG K 131 -23.71 12.50 -24.80
N ALA K 132 -24.03 13.71 -24.37
CA ALA K 132 -25.41 14.17 -24.37
C ALA K 132 -25.80 14.64 -25.76
N SER K 133 -27.12 14.67 -26.00
CA SER K 133 -27.72 14.97 -27.29
C SER K 133 -28.10 16.45 -27.40
N VAL K 134 -28.87 16.79 -28.45
CA VAL K 134 -29.11 18.18 -28.81
C VAL K 134 -30.10 18.80 -27.82
N ALA K 135 -29.64 19.80 -27.07
CA ALA K 135 -30.32 20.47 -25.97
C ALA K 135 -30.35 19.58 -24.74
N GLU K 136 -30.00 18.32 -24.86
CA GLU K 136 -29.73 17.44 -23.75
C GLU K 136 -28.40 17.80 -23.08
N ARG K 137 -27.54 18.52 -23.80
CA ARG K 137 -26.26 18.97 -23.31
C ARG K 137 -26.38 20.13 -22.33
N LEU K 138 -27.55 20.74 -22.21
CA LEU K 138 -27.79 21.76 -21.21
C LEU K 138 -28.10 21.18 -19.83
N ILE K 139 -28.24 19.87 -19.71
CA ILE K 139 -28.74 19.23 -18.51
C ILE K 139 -27.69 18.32 -17.88
N TRP K 140 -27.07 17.45 -18.68
CA TRP K 140 -26.22 16.39 -18.18
C TRP K 140 -24.80 16.54 -18.72
N GLY K 141 -23.85 16.09 -17.91
CA GLY K 141 -22.47 16.00 -18.32
C GLY K 141 -22.21 14.74 -19.12
N ASP K 142 -20.93 14.50 -19.39
CA ASP K 142 -20.51 13.37 -20.20
C ASP K 142 -20.06 12.22 -19.32
N GLY K 143 -20.13 11.01 -19.88
CA GLY K 143 -19.66 9.82 -19.20
C GLY K 143 -18.18 9.58 -19.42
N SER K 144 -17.73 8.42 -18.98
CA SER K 144 -16.34 8.02 -19.14
C SER K 144 -16.28 6.53 -19.40
N GLY K 145 -15.18 6.10 -20.04
CA GLY K 145 -15.01 4.70 -20.36
C GLY K 145 -14.95 3.79 -19.15
N SER K 146 -14.76 4.35 -17.96
CA SER K 146 -14.83 3.55 -16.74
C SER K 146 -16.26 3.13 -16.43
N MET K 147 -17.26 3.72 -17.09
CA MET K 147 -18.66 3.43 -16.80
C MET K 147 -19.36 2.89 -18.04
N MET K 148 -18.75 1.91 -18.69
CA MET K 148 -19.38 1.18 -19.80
C MET K 148 -19.32 -0.32 -19.49
N PRO K 149 -20.00 -0.76 -18.44
CA PRO K 149 -19.83 -2.13 -17.97
C PRO K 149 -20.69 -3.14 -18.71
N VAL K 150 -20.17 -4.36 -18.78
CA VAL K 150 -20.93 -5.53 -19.18
C VAL K 150 -20.86 -6.51 -18.01
N PHE K 151 -22.01 -6.95 -17.54
CA PHE K 151 -22.11 -7.78 -16.34
C PHE K 151 -22.25 -9.24 -16.75
N GLN K 152 -21.31 -10.07 -16.30
CA GLN K 152 -21.39 -11.52 -16.51
C GLN K 152 -22.29 -12.10 -15.43
N THR K 153 -23.59 -12.04 -15.70
CA THR K 153 -24.60 -12.46 -14.75
C THR K 153 -25.02 -13.91 -15.04
N ARG K 154 -25.99 -14.39 -14.26
CA ARG K 154 -26.55 -15.72 -14.44
C ARG K 154 -27.56 -15.80 -15.59
N ILE K 155 -27.91 -14.66 -16.19
CA ILE K 155 -28.77 -14.63 -17.36
C ILE K 155 -28.02 -14.18 -18.60
N GLY K 156 -26.69 -14.14 -18.53
CA GLY K 156 -25.85 -13.79 -19.66
C GLY K 156 -25.03 -12.55 -19.37
N ASN K 157 -24.31 -12.12 -20.40
CA ASN K 157 -23.51 -10.91 -20.34
C ASN K 157 -24.41 -9.73 -20.65
N LEU K 158 -24.79 -8.97 -19.63
CA LEU K 158 -25.75 -7.89 -19.75
C LEU K 158 -25.04 -6.57 -19.99
N GLY K 159 -25.72 -5.69 -20.71
CA GLY K 159 -25.23 -4.35 -20.95
C GLY K 159 -26.36 -3.48 -21.43
N GLY K 160 -26.06 -2.20 -21.58
CA GLY K 160 -27.06 -1.26 -22.04
C GLY K 160 -26.48 0.05 -22.50
N LEU K 161 -27.16 0.70 -23.44
CA LEU K 161 -26.82 2.04 -23.88
C LEU K 161 -28.11 2.85 -23.94
N MET K 162 -27.96 4.16 -24.08
CA MET K 162 -29.09 5.08 -24.04
C MET K 162 -29.16 5.87 -25.33
N CYS K 163 -30.34 5.87 -25.96
CA CYS K 163 -30.66 6.71 -27.10
C CYS K 163 -29.57 6.68 -28.17
N TRP K 164 -29.02 7.84 -28.55
CA TRP K 164 -28.13 7.90 -29.70
C TRP K 164 -26.76 7.30 -29.45
N GLU K 165 -26.50 6.73 -28.27
CA GLU K 165 -25.29 5.94 -28.10
C GLU K 165 -25.26 4.74 -29.03
N HIS K 166 -26.42 4.31 -29.54
CA HIS K 166 -26.49 3.23 -30.50
C HIS K 166 -26.06 3.65 -31.89
N GLN K 167 -25.94 4.95 -32.14
CA GLN K 167 -25.47 5.47 -33.42
C GLN K 167 -24.02 5.90 -33.37
N VAL K 168 -23.33 5.63 -32.27
CA VAL K 168 -21.91 5.94 -32.12
C VAL K 168 -21.15 4.62 -32.27
N PRO K 169 -20.45 4.39 -33.39
CA PRO K 169 -19.85 3.07 -33.61
C PRO K 169 -18.83 2.66 -32.55
N LEU K 170 -18.12 3.62 -31.94
CA LEU K 170 -17.14 3.25 -30.93
C LEU K 170 -17.82 2.74 -29.66
N ASP K 171 -19.02 3.21 -29.37
CA ASP K 171 -19.80 2.63 -28.27
C ASP K 171 -20.18 1.17 -28.57
N LEU K 172 -20.61 0.92 -29.81
CA LEU K 172 -20.92 -0.45 -30.20
C LEU K 172 -19.69 -1.34 -30.11
N MET K 173 -18.53 -0.84 -30.51
CA MET K 173 -17.32 -1.64 -30.40
C MET K 173 -16.92 -1.85 -28.95
N ALA K 174 -17.11 -0.85 -28.10
CA ALA K 174 -16.83 -1.03 -26.67
C ALA K 174 -17.68 -2.14 -26.09
N MET K 175 -18.97 -2.17 -26.45
CA MET K 175 -19.84 -3.22 -25.91
C MET K 175 -19.52 -4.57 -26.53
N ASN K 176 -19.19 -4.60 -27.82
CA ASN K 176 -18.86 -5.85 -28.48
C ASN K 176 -17.56 -6.45 -27.97
N ALA K 177 -16.60 -5.62 -27.57
CA ALA K 177 -15.34 -6.11 -27.05
C ALA K 177 -15.47 -6.74 -25.66
N GLN K 178 -16.62 -6.62 -25.02
CA GLN K 178 -16.86 -7.25 -23.73
C GLN K 178 -17.81 -8.43 -23.84
N ASN K 179 -18.12 -8.87 -25.05
CA ASN K 179 -18.93 -10.07 -25.28
C ASN K 179 -20.33 -9.92 -24.70
N GLU K 180 -20.92 -8.74 -24.88
CA GLU K 180 -22.29 -8.54 -24.47
C GLU K 180 -23.22 -9.48 -25.25
N GLN K 181 -24.27 -9.94 -24.59
CA GLN K 181 -25.20 -10.89 -25.17
C GLN K 181 -26.65 -10.41 -25.12
N VAL K 182 -27.04 -9.73 -24.05
CA VAL K 182 -28.38 -9.17 -23.90
C VAL K 182 -28.24 -7.68 -23.67
N HIS K 183 -28.91 -6.88 -24.50
CA HIS K 183 -28.73 -5.44 -24.50
C HIS K 183 -30.04 -4.75 -24.14
N VAL K 184 -29.94 -3.68 -23.36
CA VAL K 184 -31.06 -2.82 -23.01
C VAL K 184 -30.87 -1.50 -23.74
N ALA K 185 -31.83 -1.13 -24.58
CA ALA K 185 -31.77 0.09 -25.37
C ALA K 185 -32.85 1.05 -24.88
N SER K 186 -32.47 2.00 -24.04
CA SER K 186 -33.41 2.93 -23.43
C SER K 186 -33.53 4.18 -24.29
N TRP K 187 -34.75 4.50 -24.69
CA TRP K 187 -35.05 5.66 -25.50
C TRP K 187 -36.09 6.53 -24.81
N PRO K 188 -36.07 7.84 -25.04
CA PRO K 188 -37.07 8.69 -24.40
C PRO K 188 -38.39 8.72 -25.15
N GLY K 189 -38.33 8.62 -26.47
CA GLY K 189 -39.54 8.58 -27.28
C GLY K 189 -39.49 9.46 -28.52
N TYR K 190 -38.80 10.59 -28.45
CA TYR K 190 -38.85 11.56 -29.54
C TYR K 190 -38.04 11.08 -30.74
N PHE K 191 -36.86 10.51 -30.49
CA PHE K 191 -35.90 10.24 -31.54
C PHE K 191 -36.13 8.86 -32.15
N ASP K 192 -35.84 8.75 -33.44
CA ASP K 192 -36.05 7.50 -34.15
C ASP K 192 -35.25 6.39 -33.50
N ASP K 193 -35.91 5.26 -33.23
CA ASP K 193 -35.34 4.28 -32.32
C ASP K 193 -35.29 2.86 -32.89
N GLU K 194 -36.22 2.53 -33.79
CA GLU K 194 -36.35 1.13 -34.21
C GLU K 194 -35.12 0.67 -34.98
N ILE K 195 -34.69 1.44 -35.99
CA ILE K 195 -33.59 1.03 -36.85
C ILE K 195 -32.30 0.93 -36.05
N SER K 196 -32.04 1.91 -35.18
CA SER K 196 -30.81 1.90 -34.40
C SER K 196 -30.73 0.65 -33.52
N SER K 197 -31.84 0.29 -32.88
CA SER K 197 -31.84 -0.87 -31.99
C SER K 197 -31.73 -2.17 -32.77
N ARG K 198 -32.41 -2.27 -33.91
CA ARG K 198 -32.27 -3.47 -34.73
C ARG K 198 -30.86 -3.63 -35.26
N TYR K 199 -30.24 -2.53 -35.71
CA TYR K 199 -28.88 -2.60 -36.18
C TYR K 199 -27.93 -2.95 -35.05
N TYR K 200 -28.19 -2.47 -33.83
CA TYR K 200 -27.38 -2.89 -32.70
C TYR K 200 -27.51 -4.38 -32.49
N ALA K 201 -28.73 -4.91 -32.56
CA ALA K 201 -28.94 -6.35 -32.44
C ALA K 201 -28.09 -7.11 -33.43
N ILE K 202 -28.06 -6.63 -34.69
CA ILE K 202 -27.33 -7.35 -35.72
C ILE K 202 -25.82 -7.21 -35.53
N ALA K 203 -25.35 -5.99 -35.27
CA ALA K 203 -23.92 -5.71 -35.30
C ALA K 203 -23.19 -6.05 -34.02
N THR K 204 -23.91 -6.30 -32.92
CA THR K 204 -23.29 -6.83 -31.71
C THR K 204 -23.71 -8.26 -31.44
N GLN K 205 -24.60 -8.84 -32.26
CA GLN K 205 -25.07 -10.20 -32.07
C GLN K 205 -25.66 -10.37 -30.67
N THR K 206 -26.59 -9.49 -30.33
CA THR K 206 -27.19 -9.46 -29.00
C THR K 206 -28.71 -9.45 -29.12
N PHE K 207 -29.37 -9.98 -28.09
CA PHE K 207 -30.77 -9.69 -27.88
C PHE K 207 -30.91 -8.26 -27.36
N VAL K 208 -31.86 -7.51 -27.92
CA VAL K 208 -32.00 -6.10 -27.61
C VAL K 208 -33.40 -5.86 -27.07
N LEU K 209 -33.47 -5.29 -25.86
CA LEU K 209 -34.71 -4.82 -25.27
C LEU K 209 -34.80 -3.32 -25.50
N MET K 210 -35.69 -2.89 -26.40
CA MET K 210 -35.88 -1.47 -26.67
C MET K 210 -37.02 -0.98 -25.78
N THR K 211 -36.68 -0.13 -24.82
CA THR K 211 -37.62 0.43 -23.86
C THR K 211 -37.78 1.92 -24.13
N SER K 212 -39.02 2.37 -24.25
CA SER K 212 -39.30 3.75 -24.60
C SER K 212 -40.38 4.30 -23.68
N SER K 213 -40.41 5.62 -23.54
CA SER K 213 -41.40 6.30 -22.73
C SER K 213 -42.55 6.79 -23.60
N ILE K 214 -43.58 7.31 -22.92
CA ILE K 214 -44.74 7.89 -23.57
C ILE K 214 -45.05 9.21 -22.89
N TYR K 215 -45.75 10.08 -23.61
CA TYR K 215 -46.08 11.40 -23.11
C TYR K 215 -47.37 11.35 -22.31
N THR K 216 -47.40 12.11 -21.21
CA THR K 216 -48.59 12.25 -20.38
C THR K 216 -49.10 13.68 -20.44
N GLU K 217 -50.36 13.84 -20.03
CA GLU K 217 -50.97 15.16 -19.99
C GLU K 217 -50.34 16.04 -18.90
N GLU K 218 -49.94 15.45 -17.78
CA GLU K 218 -49.38 16.25 -16.69
C GLU K 218 -48.08 16.91 -17.12
N MET K 219 -47.23 16.17 -17.83
CA MET K 219 -45.98 16.73 -18.34
C MET K 219 -46.26 17.90 -19.27
N LYS K 220 -47.20 17.74 -20.20
CA LYS K 220 -47.53 18.82 -21.13
C LYS K 220 -48.06 20.03 -20.40
N GLU K 221 -48.91 19.83 -19.39
CA GLU K 221 -49.41 20.95 -18.62
C GLU K 221 -48.29 21.66 -17.88
N MET K 222 -47.33 20.90 -17.37
CA MET K 222 -46.25 21.49 -16.56
C MET K 222 -45.29 22.30 -17.43
N ILE K 223 -44.92 21.79 -18.61
CA ILE K 223 -43.81 22.38 -19.35
C ILE K 223 -44.23 23.28 -20.50
N CYS K 224 -45.52 23.34 -20.84
CA CYS K 224 -46.00 24.16 -21.96
C CYS K 224 -46.75 25.37 -21.41
N LEU K 225 -46.01 26.46 -21.19
CA LEU K 225 -46.58 27.64 -20.56
C LEU K 225 -47.33 28.55 -21.53
N THR K 226 -47.24 28.29 -22.84
CA THR K 226 -47.93 29.10 -23.84
C THR K 226 -48.48 28.18 -24.91
N GLN K 227 -49.45 28.70 -25.67
CA GLN K 227 -50.10 27.90 -26.70
C GLN K 227 -49.12 27.45 -27.76
N GLU K 228 -48.20 28.33 -28.17
CA GLU K 228 -47.22 27.94 -29.18
C GLU K 228 -46.38 26.78 -28.70
N GLN K 229 -45.93 26.82 -27.45
CA GLN K 229 -45.13 25.74 -26.90
C GLN K 229 -45.91 24.44 -26.89
N ARG K 230 -47.18 24.49 -26.49
CA ARG K 230 -47.98 23.27 -26.44
C ARG K 230 -48.19 22.70 -27.84
N ASP K 231 -48.49 23.56 -28.81
CA ASP K 231 -48.67 23.10 -30.18
C ASP K 231 -47.39 22.44 -30.69
N TYR K 232 -46.24 23.05 -30.41
CA TYR K 232 -44.97 22.48 -30.87
C TYR K 232 -44.70 21.15 -30.19
N PHE K 233 -44.96 21.04 -28.89
CA PHE K 233 -44.73 19.79 -28.18
C PHE K 233 -45.74 18.71 -28.56
N GLU K 234 -46.89 19.08 -29.11
CA GLU K 234 -47.87 18.11 -29.54
C GLU K 234 -47.51 17.43 -30.85
N THR K 235 -46.55 17.98 -31.59
CA THR K 235 -46.09 17.35 -32.81
C THR K 235 -45.04 16.27 -32.56
N PHE K 236 -44.46 16.23 -31.37
CA PHE K 236 -43.46 15.22 -31.06
C PHE K 236 -44.04 13.83 -31.26
N LYS K 237 -43.32 13.00 -32.01
CA LYS K 237 -43.80 11.65 -32.26
C LYS K 237 -43.49 10.74 -31.07
N SER K 238 -44.00 9.53 -31.14
CA SER K 238 -43.89 8.57 -30.05
C SER K 238 -42.80 7.55 -30.32
N GLY K 239 -42.29 6.95 -29.25
CA GLY K 239 -41.34 5.88 -29.34
C GLY K 239 -42.02 4.53 -29.48
N HIS K 240 -41.21 3.47 -29.39
CA HIS K 240 -41.69 2.11 -29.52
C HIS K 240 -41.01 1.26 -28.46
N THR K 241 -41.64 0.14 -28.12
CA THR K 241 -41.11 -0.79 -27.13
C THR K 241 -41.29 -2.20 -27.64
N CYS K 242 -40.19 -2.90 -27.86
CA CYS K 242 -40.21 -4.28 -28.34
C CYS K 242 -38.85 -4.89 -28.10
N ILE K 243 -38.75 -6.19 -28.34
CA ILE K 243 -37.53 -6.96 -28.08
C ILE K 243 -37.16 -7.68 -29.37
N TYR K 244 -35.88 -7.62 -29.73
CA TYR K 244 -35.37 -8.21 -30.95
C TYR K 244 -34.37 -9.31 -30.64
N GLY K 245 -34.20 -10.21 -31.59
CA GLY K 245 -33.22 -11.27 -31.49
C GLY K 245 -31.90 -10.86 -32.10
N PRO K 246 -30.90 -11.73 -32.01
CA PRO K 246 -29.57 -11.40 -32.54
C PRO K 246 -29.55 -11.16 -34.04
N ASP K 247 -30.61 -11.53 -34.77
CA ASP K 247 -30.71 -11.20 -36.18
C ASP K 247 -31.46 -9.91 -36.44
N GLY K 248 -31.89 -9.20 -35.39
CA GLY K 248 -32.64 -7.98 -35.56
C GLY K 248 -34.12 -8.17 -35.77
N GLU K 249 -34.60 -9.40 -35.85
CA GLU K 249 -36.03 -9.61 -36.02
C GLU K 249 -36.73 -9.58 -34.66
N PRO K 250 -37.91 -8.98 -34.57
CA PRO K 250 -38.61 -8.94 -33.28
C PRO K 250 -38.96 -10.33 -32.78
N ILE K 251 -38.90 -10.50 -31.46
CA ILE K 251 -39.29 -11.74 -30.81
C ILE K 251 -40.39 -11.52 -29.79
N SER K 252 -41.06 -10.38 -29.83
CA SER K 252 -42.19 -10.10 -28.95
C SER K 252 -43.20 -9.28 -29.75
N ASP K 253 -44.24 -8.81 -29.06
CA ASP K 253 -45.23 -7.93 -29.64
C ASP K 253 -44.96 -6.50 -29.20
N MET K 254 -45.16 -5.56 -30.12
CA MET K 254 -44.99 -4.16 -29.79
C MET K 254 -46.08 -3.70 -28.83
N VAL K 255 -45.71 -2.83 -27.90
CA VAL K 255 -46.71 -2.22 -27.02
C VAL K 255 -47.50 -1.19 -27.82
N PRO K 256 -48.83 -1.13 -27.69
CA PRO K 256 -49.59 -0.16 -28.49
C PRO K 256 -49.12 1.27 -28.24
N ALA K 257 -49.15 2.08 -29.29
CA ALA K 257 -48.58 3.41 -29.24
C ALA K 257 -49.24 4.26 -28.17
N GLU K 258 -48.40 4.96 -27.41
CA GLU K 258 -48.81 5.96 -26.43
C GLU K 258 -49.60 5.37 -25.27
N THR K 259 -49.49 4.07 -25.05
CA THR K 259 -50.12 3.43 -23.90
C THR K 259 -49.04 2.77 -23.03
N GLU K 260 -49.45 2.36 -21.84
CA GLU K 260 -48.55 1.73 -20.88
C GLU K 260 -48.68 0.22 -20.98
N GLY K 261 -47.55 -0.46 -21.06
CA GLY K 261 -47.56 -1.91 -21.12
C GLY K 261 -46.15 -2.43 -21.12
N ILE K 262 -46.04 -3.74 -20.93
CA ILE K 262 -44.75 -4.43 -20.85
C ILE K 262 -44.69 -5.47 -21.94
N ALA K 263 -43.62 -5.46 -22.73
CA ALA K 263 -43.38 -6.46 -23.74
C ALA K 263 -42.47 -7.54 -23.16
N TYR K 264 -42.87 -8.80 -23.34
CA TYR K 264 -42.13 -9.94 -22.81
C TYR K 264 -41.64 -10.81 -23.97
N ALA K 265 -40.44 -11.35 -23.82
CA ALA K 265 -39.89 -12.28 -24.79
C ALA K 265 -39.18 -13.39 -24.05
N GLU K 266 -38.83 -14.44 -24.78
CA GLU K 266 -38.06 -15.55 -24.25
C GLU K 266 -36.66 -15.46 -24.84
N ILE K 267 -35.69 -15.17 -23.99
CA ILE K 267 -34.30 -14.97 -24.42
C ILE K 267 -33.58 -16.31 -24.31
N ASP K 268 -32.98 -16.75 -25.41
CA ASP K 268 -32.15 -17.96 -25.44
C ASP K 268 -30.75 -17.52 -25.87
N VAL K 269 -29.86 -17.37 -24.90
CA VAL K 269 -28.53 -16.84 -25.18
C VAL K 269 -27.76 -17.77 -26.11
N GLU K 270 -28.16 -19.04 -26.21
CA GLU K 270 -27.52 -19.95 -27.15
C GLU K 270 -27.64 -19.49 -28.59
N ARG K 271 -28.64 -18.65 -28.91
CA ARG K 271 -28.86 -18.24 -30.28
C ARG K 271 -27.81 -17.27 -30.78
N VAL K 272 -27.10 -16.58 -29.87
CA VAL K 272 -26.06 -15.67 -30.31
C VAL K 272 -24.92 -16.41 -30.98
N ILE K 273 -24.77 -17.70 -30.72
CA ILE K 273 -23.71 -18.47 -31.35
C ILE K 273 -23.94 -18.56 -32.84
N ASP K 274 -25.18 -18.81 -33.26
CA ASP K 274 -25.47 -18.97 -34.67
C ASP K 274 -25.17 -17.72 -35.47
N TYR K 275 -25.06 -16.57 -34.80
CA TYR K 275 -24.76 -15.31 -35.48
C TYR K 275 -23.33 -14.84 -35.26
N LYS K 276 -22.68 -15.26 -34.18
CA LYS K 276 -21.23 -15.09 -34.08
C LYS K 276 -20.52 -15.92 -35.12
N TYR K 277 -21.18 -16.96 -35.63
CA TYR K 277 -20.66 -17.72 -36.77
C TYR K 277 -20.53 -16.84 -38.00
N TYR K 278 -21.53 -15.99 -38.26
CA TYR K 278 -21.49 -15.12 -39.43
C TYR K 278 -20.50 -13.99 -39.25
N ILE K 279 -20.53 -13.32 -38.09
CA ILE K 279 -19.85 -12.05 -37.92
C ILE K 279 -19.52 -11.86 -36.43
N ASP K 280 -18.39 -11.22 -36.18
CA ASP K 280 -17.99 -10.81 -34.84
C ASP K 280 -16.95 -9.70 -34.99
N PRO K 281 -17.38 -8.44 -35.05
CA PRO K 281 -16.43 -7.36 -35.38
C PRO K 281 -15.24 -7.25 -34.43
N ALA K 282 -15.41 -7.61 -33.15
CA ALA K 282 -14.32 -7.58 -32.20
C ALA K 282 -13.50 -8.86 -32.19
N GLY K 283 -13.80 -9.80 -33.09
CA GLY K 283 -13.14 -11.09 -33.12
C GLY K 283 -12.63 -11.45 -34.50
N HIS K 284 -13.16 -12.56 -35.03
CA HIS K 284 -12.69 -13.07 -36.31
C HIS K 284 -13.01 -12.13 -37.47
N TYR K 285 -14.06 -11.32 -37.34
CA TYR K 285 -14.52 -10.49 -38.45
C TYR K 285 -13.89 -9.09 -38.33
N SER K 286 -12.57 -9.06 -38.47
CA SER K 286 -11.83 -7.82 -38.28
C SER K 286 -10.63 -7.79 -39.21
N ASN K 287 -10.14 -6.59 -39.44
CA ASN K 287 -8.96 -6.33 -40.25
C ASN K 287 -7.86 -5.75 -39.36
N GLN K 288 -6.63 -6.21 -39.57
CA GLN K 288 -5.52 -5.75 -38.74
C GLN K 288 -5.30 -4.25 -38.84
N SER K 289 -5.79 -3.62 -39.91
CA SER K 289 -5.52 -2.21 -40.16
C SER K 289 -6.31 -1.27 -39.27
N LEU K 290 -7.43 -1.72 -38.72
CA LEU K 290 -8.30 -0.89 -37.90
C LEU K 290 -8.37 -1.49 -36.49
N SER K 291 -8.22 -0.64 -35.49
CA SER K 291 -8.34 -1.05 -34.10
C SER K 291 -8.89 0.12 -33.31
N MET K 292 -9.22 -0.15 -32.04
CA MET K 292 -9.87 0.84 -31.19
C MET K 292 -9.14 0.91 -29.85
N ASN K 293 -9.15 2.10 -29.26
CA ASN K 293 -8.59 2.33 -27.93
C ASN K 293 -9.74 2.52 -26.95
N PHE K 294 -9.87 1.59 -26.01
CA PHE K 294 -10.89 1.64 -24.98
C PHE K 294 -10.18 1.97 -23.67
N ASN K 295 -10.22 3.23 -23.27
CA ASN K 295 -9.57 3.68 -22.04
C ASN K 295 -10.59 3.65 -20.92
N GLN K 296 -10.42 2.70 -20.01
CA GLN K 296 -11.35 2.49 -18.91
C GLN K 296 -10.89 3.10 -17.60
N GLN K 297 -9.82 3.90 -17.62
CA GLN K 297 -9.37 4.55 -16.41
C GLN K 297 -10.42 5.57 -15.95
N PRO K 298 -10.69 5.68 -14.65
CA PRO K 298 -11.60 6.72 -14.18
C PRO K 298 -11.02 8.11 -14.48
N THR K 299 -11.90 9.04 -14.82
CA THR K 299 -11.50 10.41 -15.17
C THR K 299 -12.34 11.42 -14.40
N PRO K 300 -12.28 11.41 -13.08
CA PRO K 300 -12.82 12.54 -12.31
C PRO K 300 -11.94 13.76 -12.46
N VAL K 301 -12.55 14.93 -12.34
CA VAL K 301 -11.77 16.17 -12.43
C VAL K 301 -10.76 16.23 -11.29
N VAL K 302 -11.18 15.85 -10.10
CA VAL K 302 -10.34 15.87 -8.91
C VAL K 302 -10.25 14.45 -8.40
N LYS K 303 -9.03 13.93 -8.28
CA LYS K 303 -8.78 12.61 -7.71
C LYS K 303 -8.49 12.77 -6.22
N HIS K 304 -9.39 12.23 -5.39
CA HIS K 304 -9.21 12.28 -3.94
C HIS K 304 -8.27 11.17 -3.53
N LEU K 305 -7.06 11.54 -3.10
CA LEU K 305 -6.06 10.58 -2.64
C LEU K 305 -6.07 10.52 -1.12
N ASN K 306 -6.11 9.30 -0.59
CA ASN K 306 -6.08 9.08 0.86
C ASN K 306 -7.20 9.85 1.55
N HIS K 307 -8.40 9.77 0.97
CA HIS K 307 -9.57 10.47 1.50
C HIS K 307 -9.59 10.41 3.02
N GLN K 308 -9.66 11.58 3.66
CA GLN K 308 -9.60 11.70 5.10
C GLN K 308 -10.89 12.30 5.63
N LYS K 309 -11.25 11.90 6.83
CA LYS K 309 -12.46 12.38 7.48
C LYS K 309 -12.16 13.56 8.39
N ASN K 310 -13.23 14.21 8.86
CA ASN K 310 -13.13 15.30 9.82
C ASN K 310 -13.55 14.77 11.19
N GLU K 311 -12.62 14.76 12.13
CA GLU K 311 -12.89 14.31 13.49
C GLU K 311 -13.32 15.50 14.33
N VAL K 312 -14.54 15.44 14.87
CA VAL K 312 -15.11 16.55 15.63
C VAL K 312 -14.65 16.49 17.08
N PHE K 313 -14.33 17.64 17.64
CA PHE K 313 -14.04 17.79 19.07
C PHE K 313 -15.32 18.26 19.75
N THR K 314 -15.96 17.37 20.50
CA THR K 314 -17.28 17.66 21.00
C THR K 314 -17.25 18.75 22.07
N TYR K 315 -18.41 19.37 22.28
CA TYR K 315 -18.52 20.42 23.28
C TYR K 315 -18.25 19.88 24.67
N GLU K 316 -18.73 18.67 24.97
CA GLU K 316 -18.48 18.07 26.27
C GLU K 316 -16.98 17.88 26.49
N ASP K 317 -16.27 17.36 25.48
CA ASP K 317 -14.84 17.16 25.58
C ASP K 317 -14.09 18.49 25.68
N ILE K 318 -14.53 19.50 24.92
CA ILE K 318 -13.84 20.79 24.94
C ILE K 318 -13.86 21.39 26.33
N GLN K 319 -15.02 21.36 26.98
CA GLN K 319 -15.16 21.91 28.33
C GLN K 319 -14.82 20.84 29.37
N THR L 1 1.44 -28.14 -2.64
CA THR L 1 1.77 -29.56 -2.73
C THR L 1 2.99 -29.86 -1.87
N SER L 2 2.92 -30.94 -1.10
CA SER L 2 3.97 -31.32 -0.17
C SER L 2 4.74 -32.50 -0.74
N ILE L 3 6.05 -32.32 -0.92
CA ILE L 3 6.92 -33.34 -1.47
C ILE L 3 7.96 -33.70 -0.43
N TYR L 4 8.48 -34.92 -0.51
CA TYR L 4 9.44 -35.45 0.45
C TYR L 4 10.63 -36.01 -0.33
N PRO L 5 11.47 -35.15 -0.85
CA PRO L 5 12.56 -35.60 -1.73
C PRO L 5 13.72 -36.23 -0.96
N LYS L 6 14.48 -37.03 -1.69
CA LYS L 6 15.71 -37.63 -1.20
C LYS L 6 16.88 -37.08 -2.02
N PHE L 7 17.93 -36.66 -1.34
CA PHE L 7 19.10 -36.07 -2.00
C PHE L 7 20.31 -36.25 -1.10
N ARG L 8 21.46 -35.82 -1.60
CA ARG L 8 22.72 -35.86 -0.86
C ARG L 8 23.09 -34.44 -0.45
N ALA L 9 23.47 -34.28 0.81
CA ALA L 9 23.93 -33.01 1.34
C ALA L 9 25.43 -33.04 1.57
N ALA L 10 26.00 -31.86 1.77
CA ALA L 10 27.44 -31.73 1.97
C ALA L 10 27.69 -30.53 2.88
N ALA L 11 28.18 -30.78 4.09
CA ALA L 11 28.57 -29.73 5.02
C ALA L 11 30.08 -29.57 5.00
N VAL L 12 30.54 -28.34 4.84
CA VAL L 12 31.94 -28.05 4.54
C VAL L 12 32.65 -27.60 5.81
N GLN L 13 33.83 -28.16 6.05
CA GLN L 13 34.75 -27.69 7.09
C GLN L 13 35.98 -27.12 6.40
N ALA L 14 36.17 -25.81 6.49
CA ALA L 14 37.31 -25.19 5.85
C ALA L 14 37.53 -23.81 6.46
N ALA L 15 38.60 -23.18 6.03
CA ALA L 15 38.88 -21.79 6.39
C ALA L 15 39.11 -21.00 5.12
N PRO L 16 38.76 -19.73 5.10
CA PRO L 16 39.03 -18.88 3.94
C PRO L 16 40.49 -18.45 3.94
N ILE L 17 40.83 -17.62 2.97
CA ILE L 17 42.06 -16.85 3.02
C ILE L 17 41.69 -15.56 3.75
N TYR L 18 42.29 -15.36 4.92
CA TYR L 18 41.74 -14.44 5.90
C TYR L 18 41.72 -13.00 5.38
N LEU L 19 40.55 -12.37 5.46
CA LEU L 19 40.35 -10.98 5.04
C LEU L 19 40.84 -10.74 3.62
N ASN L 20 40.55 -11.70 2.74
CA ASN L 20 40.90 -11.63 1.33
C ASN L 20 39.71 -12.17 0.55
N LEU L 21 38.86 -11.27 0.07
CA LEU L 21 37.59 -11.69 -0.51
C LEU L 21 37.78 -12.49 -1.78
N GLU L 22 38.68 -12.06 -2.65
CA GLU L 22 38.83 -12.73 -3.95
C GLU L 22 39.31 -14.17 -3.78
N ALA L 23 40.35 -14.36 -2.96
CA ALA L 23 40.88 -15.70 -2.75
C ALA L 23 39.87 -16.60 -2.05
N SER L 24 39.11 -16.04 -1.11
CA SER L 24 38.09 -16.83 -0.42
C SER L 24 36.96 -17.22 -1.37
N VAL L 25 36.61 -16.34 -2.31
CA VAL L 25 35.62 -16.70 -3.32
C VAL L 25 36.14 -17.82 -4.19
N GLU L 26 37.43 -17.77 -4.54
CA GLU L 26 38.04 -18.84 -5.31
C GLU L 26 37.96 -20.17 -4.55
N LYS L 27 38.33 -20.15 -3.26
CA LYS L 27 38.30 -21.37 -2.47
C LYS L 27 36.88 -21.92 -2.35
N SER L 28 35.91 -21.03 -2.17
CA SER L 28 34.52 -21.47 -2.10
C SER L 28 34.08 -22.09 -3.42
N CYS L 29 34.51 -21.52 -4.54
CA CYS L 29 34.20 -22.12 -5.82
C CYS L 29 34.76 -23.53 -5.91
N GLU L 30 36.01 -23.71 -5.48
CA GLU L 30 36.63 -25.03 -5.54
C GLU L 30 35.88 -26.02 -4.65
N LEU L 31 35.49 -25.59 -3.45
CA LEU L 31 34.80 -26.50 -2.53
C LEU L 31 33.42 -26.87 -3.05
N ILE L 32 32.71 -25.92 -3.66
CA ILE L 32 31.43 -26.22 -4.27
C ILE L 32 31.60 -27.23 -5.38
N ASP L 33 32.62 -27.05 -6.22
CA ASP L 33 32.89 -28.00 -7.29
C ASP L 33 33.12 -29.39 -6.73
N GLU L 34 33.98 -29.50 -5.72
CA GLU L 34 34.30 -30.82 -5.16
C GLU L 34 33.07 -31.48 -4.55
N ALA L 35 32.32 -30.73 -3.75
CA ALA L 35 31.15 -31.30 -3.09
C ALA L 35 30.12 -31.74 -4.11
N ALA L 36 29.89 -30.95 -5.15
CA ALA L 36 28.93 -31.34 -6.17
C ALA L 36 29.43 -32.50 -7.02
N SER L 37 30.76 -32.65 -7.13
CA SER L 37 31.33 -33.77 -7.85
C SER L 37 31.27 -35.06 -7.04
N ASN L 38 31.11 -34.95 -5.73
CA ASN L 38 30.82 -36.11 -4.90
C ASN L 38 29.33 -36.40 -4.82
N GLY L 39 28.50 -35.67 -5.56
CA GLY L 39 27.08 -35.96 -5.66
C GLY L 39 26.19 -35.09 -4.79
N ALA L 40 26.72 -34.09 -4.12
CA ALA L 40 25.92 -33.27 -3.21
C ALA L 40 24.95 -32.38 -3.99
N LYS L 41 23.77 -32.17 -3.41
CA LYS L 41 22.80 -31.24 -3.93
C LYS L 41 22.68 -29.97 -3.10
N LEU L 42 23.19 -29.99 -1.88
CA LEU L 42 23.25 -28.81 -1.02
C LEU L 42 24.66 -28.70 -0.47
N VAL L 43 25.25 -27.51 -0.57
CA VAL L 43 26.58 -27.24 -0.04
C VAL L 43 26.46 -26.07 0.94
N ALA L 44 26.94 -26.27 2.16
CA ALA L 44 26.86 -25.26 3.21
C ALA L 44 28.27 -24.90 3.67
N PHE L 45 28.40 -23.70 4.23
CA PHE L 45 29.68 -23.12 4.59
C PHE L 45 29.63 -22.58 6.01
N PRO L 46 30.80 -22.42 6.66
CA PRO L 46 30.82 -21.92 8.03
C PRO L 46 30.32 -20.49 8.16
N GLU L 47 30.25 -19.98 9.39
CA GLU L 47 29.80 -18.63 9.62
C GLU L 47 30.85 -17.61 9.20
N ALA L 48 30.40 -16.58 8.49
CA ALA L 48 31.27 -15.50 8.02
C ALA L 48 32.47 -16.04 7.26
N PHE L 49 32.20 -16.96 6.34
CA PHE L 49 33.28 -17.56 5.57
C PHE L 49 33.95 -16.53 4.68
N LEU L 50 33.18 -15.64 4.06
CA LEU L 50 33.70 -14.62 3.16
C LEU L 50 33.71 -13.27 3.83
N PRO L 51 34.87 -12.66 4.14
CA PRO L 51 36.25 -13.13 3.96
C PRO L 51 36.83 -13.78 5.21
N GLY L 52 36.02 -14.07 6.22
CA GLY L 52 36.50 -14.72 7.43
C GLY L 52 35.84 -14.13 8.66
N TYR L 53 35.91 -14.89 9.76
CA TYR L 53 35.30 -14.49 11.02
C TYR L 53 36.23 -13.54 11.77
N PRO L 54 35.71 -12.44 12.32
CA PRO L 54 36.60 -11.42 12.94
C PRO L 54 37.12 -11.83 14.31
N TRP L 55 38.06 -12.78 14.32
CA TRP L 55 38.66 -13.22 15.57
C TRP L 55 39.44 -12.11 16.26
N PHE L 56 39.91 -11.11 15.50
CA PHE L 56 40.60 -9.99 16.12
C PHE L 56 39.73 -9.28 17.15
N ALA L 57 38.41 -9.35 17.00
CA ALA L 57 37.51 -8.67 17.92
C ALA L 57 37.46 -9.33 19.28
N PHE L 58 38.07 -10.51 19.44
CA PHE L 58 37.99 -11.28 20.69
C PHE L 58 39.28 -11.28 21.48
N ILE L 59 40.36 -10.70 20.97
CA ILE L 59 41.67 -10.86 21.61
C ILE L 59 42.34 -9.51 21.83
N GLY L 60 41.58 -8.42 21.72
CA GLY L 60 42.11 -7.10 21.99
C GLY L 60 40.99 -6.10 22.19
N HIS L 61 41.39 -4.87 22.50
CA HIS L 61 40.42 -3.83 22.81
C HIS L 61 39.85 -3.22 21.53
N PRO L 62 38.74 -2.50 21.63
CA PRO L 62 38.06 -2.02 20.41
C PRO L 62 38.93 -1.18 19.49
N GLU L 63 39.88 -0.41 20.01
CA GLU L 63 40.75 0.35 19.13
C GLU L 63 41.68 -0.58 18.34
N TYR L 64 42.12 -1.66 18.95
CA TYR L 64 42.86 -2.68 18.22
C TYR L 64 41.97 -3.37 17.20
N THR L 65 40.69 -3.55 17.52
CA THR L 65 39.77 -4.17 16.58
C THR L 65 39.47 -3.25 15.40
N ARG L 66 39.62 -1.93 15.57
CA ARG L 66 39.31 -1.00 14.49
C ARG L 66 40.25 -1.21 13.30
N LYS L 67 41.53 -1.46 13.57
CA LYS L 67 42.49 -1.64 12.49
C LYS L 67 42.05 -2.76 11.54
N PHE L 68 41.68 -3.90 12.11
CA PHE L 68 41.27 -5.04 11.29
C PHE L 68 39.84 -4.94 10.80
N TYR L 69 38.98 -4.19 11.50
CA TYR L 69 37.68 -3.87 10.93
C TYR L 69 37.84 -3.10 9.64
N HIS L 70 38.88 -2.26 9.55
CA HIS L 70 39.15 -1.57 8.29
C HIS L 70 39.36 -2.58 7.15
N GLU L 71 40.19 -3.58 7.39
CA GLU L 71 40.50 -4.57 6.36
C GLU L 71 39.29 -5.42 6.02
N LEU L 72 38.52 -5.82 7.04
CA LEU L 72 37.30 -6.58 6.78
C LEU L 72 36.30 -5.75 5.97
N TYR L 73 36.14 -4.48 6.33
CA TYR L 73 35.23 -3.60 5.61
C TYR L 73 35.62 -3.45 4.16
N LYS L 74 36.91 -3.32 3.88
CA LYS L 74 37.38 -3.24 2.50
C LYS L 74 37.17 -4.54 1.74
N ASN L 75 36.85 -5.64 2.42
CA ASN L 75 36.73 -6.96 1.80
C ASN L 75 35.36 -7.58 2.02
N ALA L 76 34.38 -6.79 2.42
CA ALA L 76 33.03 -7.30 2.62
C ALA L 76 32.35 -7.53 1.28
N VAL L 77 31.35 -8.41 1.30
CA VAL L 77 30.59 -8.75 0.12
C VAL L 77 29.46 -7.74 -0.07
N GLU L 78 29.16 -7.44 -1.33
CA GLU L 78 28.08 -6.53 -1.68
C GLU L 78 27.13 -7.22 -2.64
N ILE L 79 25.90 -6.73 -2.69
CA ILE L 79 24.88 -7.24 -3.61
C ILE L 79 24.41 -6.11 -4.50
N PRO L 80 24.74 -6.09 -5.80
CA PRO L 80 25.57 -7.03 -6.56
C PRO L 80 27.08 -6.84 -6.39
N SER L 81 27.87 -7.84 -6.76
CA SER L 81 29.32 -7.75 -6.69
C SER L 81 29.89 -8.89 -7.52
N LEU L 82 31.21 -8.87 -7.67
CA LEU L 82 31.89 -9.96 -8.37
C LEU L 82 31.76 -11.27 -7.60
N ALA L 83 31.82 -11.20 -6.28
CA ALA L 83 31.72 -12.40 -5.46
C ALA L 83 30.39 -13.10 -5.67
N ILE L 84 29.30 -12.33 -5.69
CA ILE L 84 27.98 -12.91 -5.94
C ILE L 84 27.94 -13.57 -7.31
N GLN L 85 28.53 -12.92 -8.31
CA GLN L 85 28.56 -13.50 -9.66
C GLN L 85 29.29 -14.83 -9.66
N LYS L 86 30.46 -14.89 -9.03
CA LYS L 86 31.24 -16.12 -9.05
C LYS L 86 30.52 -17.24 -8.30
N ILE L 87 29.90 -16.93 -7.16
CA ILE L 87 29.20 -17.98 -6.42
C ILE L 87 27.98 -18.45 -7.21
N SER L 88 27.26 -17.52 -7.83
CA SER L 88 26.13 -17.91 -8.65
C SER L 88 26.55 -18.81 -9.81
N GLU L 89 27.67 -18.48 -10.46
CA GLU L 89 28.13 -19.31 -11.56
C GLU L 89 28.56 -20.69 -11.07
N ALA L 90 29.20 -20.76 -9.91
CA ALA L 90 29.57 -22.07 -9.37
C ALA L 90 28.34 -22.91 -9.07
N ALA L 91 27.33 -22.30 -8.44
CA ALA L 91 26.11 -23.03 -8.13
C ALA L 91 25.39 -23.48 -9.39
N LYS L 92 25.37 -22.64 -10.42
CA LYS L 92 24.70 -23.01 -11.67
C LYS L 92 25.46 -24.12 -12.39
N ARG L 93 26.78 -23.99 -12.49
CA ARG L 93 27.58 -24.99 -13.18
C ARG L 93 27.48 -26.34 -12.48
N ASN L 94 27.39 -26.33 -11.16
CA ASN L 94 27.30 -27.57 -10.41
C ASN L 94 25.87 -28.04 -10.18
N GLU L 95 24.88 -27.22 -10.54
CA GLU L 95 23.47 -27.54 -10.31
C GLU L 95 23.26 -27.99 -8.86
N THR L 96 23.52 -27.06 -7.95
CA THR L 96 23.49 -27.34 -6.53
C THR L 96 22.93 -26.13 -5.79
N TYR L 97 22.33 -26.41 -4.64
CA TYR L 97 21.96 -25.34 -3.72
C TYR L 97 23.16 -25.01 -2.84
N VAL L 98 23.40 -23.71 -2.65
CA VAL L 98 24.52 -23.22 -1.86
C VAL L 98 23.98 -22.31 -0.78
N CYS L 99 24.43 -22.52 0.46
CA CYS L 99 24.24 -21.58 1.55
C CYS L 99 25.62 -21.17 2.02
N ILE L 100 25.98 -19.91 1.79
CA ILE L 100 27.33 -19.41 2.08
C ILE L 100 27.20 -18.19 2.97
N SER L 101 27.93 -18.17 4.07
CA SER L 101 27.90 -17.07 5.02
C SER L 101 28.99 -16.06 4.69
N CYS L 102 28.71 -14.80 4.95
CA CYS L 102 29.62 -13.73 4.54
C CYS L 102 29.35 -12.49 5.37
N SER L 103 30.34 -11.59 5.38
CA SER L 103 30.08 -10.21 5.81
C SER L 103 29.49 -9.45 4.64
N GLU L 104 28.43 -8.70 4.92
CA GLU L 104 27.63 -8.06 3.88
C GLU L 104 27.68 -6.56 4.08
N LYS L 105 28.12 -5.83 3.08
CA LYS L 105 28.11 -4.37 3.11
C LYS L 105 26.79 -3.88 2.53
N ASP L 106 26.01 -3.16 3.32
CA ASP L 106 24.75 -2.59 2.89
C ASP L 106 24.81 -1.11 3.26
N GLY L 107 25.24 -0.29 2.31
CA GLY L 107 25.47 1.11 2.60
C GLY L 107 26.77 1.27 3.34
N GLY L 108 26.74 2.03 4.43
CA GLY L 108 27.92 2.23 5.24
C GLY L 108 28.18 1.20 6.31
N SER L 109 27.27 0.26 6.51
CA SER L 109 27.35 -0.69 7.62
C SER L 109 27.60 -2.10 7.11
N LEU L 110 28.06 -2.95 8.02
CA LEU L 110 28.31 -4.35 7.76
C LEU L 110 27.27 -5.21 8.47
N TYR L 111 26.88 -6.31 7.83
CA TYR L 111 25.98 -7.28 8.42
C TYR L 111 26.52 -8.66 8.14
N LEU L 112 26.12 -9.61 8.97
CA LEU L 112 26.45 -11.02 8.78
C LEU L 112 25.24 -11.70 8.14
N ALA L 113 25.45 -12.31 6.97
CA ALA L 113 24.35 -12.85 6.19
C ALA L 113 24.68 -14.25 5.68
N GLN L 114 23.62 -15.04 5.50
CA GLN L 114 23.70 -16.33 4.83
C GLN L 114 23.01 -16.20 3.49
N LEU L 115 23.79 -16.31 2.41
CA LEU L 115 23.27 -16.14 1.06
C LEU L 115 22.94 -17.49 0.45
N TRP L 116 21.79 -17.57 -0.21
CA TRP L 116 21.28 -18.82 -0.76
C TRP L 116 21.22 -18.74 -2.27
N PHE L 117 21.75 -19.75 -2.93
CA PHE L 117 21.72 -19.87 -4.38
C PHE L 117 21.07 -21.20 -4.76
N ASN L 118 20.32 -21.20 -5.84
CA ASN L 118 19.67 -22.40 -6.35
C ASN L 118 20.42 -22.94 -7.57
N PRO L 119 20.06 -24.13 -8.05
CA PRO L 119 20.78 -24.70 -9.19
C PRO L 119 20.68 -23.86 -10.45
N ASN L 120 19.68 -23.00 -10.60
CA ASN L 120 19.68 -22.05 -11.70
C ASN L 120 20.69 -20.93 -11.50
N GLY L 121 21.28 -20.81 -10.31
CA GLY L 121 22.21 -19.76 -10.01
C GLY L 121 21.59 -18.49 -9.46
N ASP L 122 20.28 -18.48 -9.20
CA ASP L 122 19.63 -17.29 -8.69
C ASP L 122 19.90 -17.16 -7.20
N LEU L 123 20.14 -15.93 -6.76
CA LEU L 123 20.25 -15.61 -5.33
C LEU L 123 18.82 -15.56 -4.79
N ILE L 124 18.36 -16.69 -4.27
CA ILE L 124 16.96 -16.82 -3.87
C ILE L 124 16.63 -16.09 -2.58
N GLY L 125 17.63 -15.62 -1.85
CA GLY L 125 17.37 -14.88 -0.63
C GLY L 125 18.58 -14.89 0.28
N LYS L 126 18.47 -14.12 1.35
CA LYS L 126 19.53 -14.05 2.35
C LYS L 126 18.93 -13.90 3.73
N HIS L 127 19.69 -14.33 4.73
CA HIS L 127 19.29 -14.20 6.13
C HIS L 127 20.39 -13.46 6.87
N ARG L 128 20.08 -12.29 7.40
CA ARG L 128 20.98 -11.56 8.26
C ARG L 128 20.83 -12.03 9.70
N LYS L 129 21.95 -12.19 10.39
CA LYS L 129 21.92 -12.61 11.78
C LYS L 129 21.07 -11.65 12.61
N MET L 130 20.15 -12.20 13.38
CA MET L 130 19.19 -11.38 14.10
C MET L 130 19.88 -10.52 15.15
N ARG L 131 20.88 -11.08 15.83
CA ARG L 131 21.56 -10.37 16.90
C ARG L 131 23.01 -10.83 16.93
N ALA L 132 23.94 -9.87 16.97
CA ALA L 132 25.35 -10.19 17.02
C ALA L 132 25.74 -10.63 18.42
N SER L 133 26.85 -11.35 18.50
CA SER L 133 27.33 -11.97 19.72
C SER L 133 28.39 -11.10 20.41
N VAL L 134 29.03 -11.65 21.44
CA VAL L 134 29.96 -10.88 22.26
C VAL L 134 31.16 -10.47 21.42
N ALA L 135 31.31 -9.17 21.18
CA ALA L 135 32.36 -8.52 20.39
C ALA L 135 32.13 -8.70 18.90
N GLU L 136 31.18 -9.53 18.47
CA GLU L 136 30.65 -9.42 17.12
C GLU L 136 29.82 -8.15 16.97
N ARG L 137 29.32 -7.62 18.09
CA ARG L 137 28.55 -6.39 18.10
C ARG L 137 29.38 -5.16 17.74
N LEU L 138 30.70 -5.29 17.72
CA LEU L 138 31.57 -4.23 17.21
C LEU L 138 31.67 -4.23 15.70
N ILE L 139 31.17 -5.26 15.03
CA ILE L 139 31.42 -5.48 13.61
C ILE L 139 30.13 -5.38 12.79
N TRP L 140 29.10 -6.10 13.20
CA TRP L 140 27.90 -6.26 12.40
C TRP L 140 26.69 -5.67 13.13
N GLY L 141 25.74 -5.20 12.34
CA GLY L 141 24.45 -4.77 12.85
C GLY L 141 23.51 -5.94 13.05
N ASP L 142 22.26 -5.60 13.30
CA ASP L 142 21.23 -6.59 13.60
C ASP L 142 20.38 -6.87 12.36
N GLY L 143 19.80 -8.07 12.33
CA GLY L 143 18.89 -8.46 11.28
C GLY L 143 17.47 -8.01 11.55
N SER L 144 16.56 -8.45 10.69
CA SER L 144 15.15 -8.16 10.84
C SER L 144 14.34 -9.37 10.43
N GLY L 145 13.11 -9.44 10.96
CA GLY L 145 12.22 -10.55 10.65
C GLY L 145 11.86 -10.66 9.19
N SER L 146 12.13 -9.64 8.37
CA SER L 146 11.95 -9.77 6.94
C SER L 146 13.02 -10.66 6.30
N MET L 147 14.08 -10.98 7.03
CA MET L 147 15.19 -11.76 6.48
C MET L 147 15.39 -13.04 7.27
N MET L 148 14.31 -13.78 7.51
CA MET L 148 14.36 -15.11 8.10
C MET L 148 13.60 -16.06 7.18
N PRO L 149 14.10 -16.29 5.97
CA PRO L 149 13.34 -17.03 4.97
C PRO L 149 13.49 -18.55 5.10
N VAL L 150 12.44 -19.24 4.70
CA VAL L 150 12.47 -20.68 4.45
C VAL L 150 12.07 -20.88 3.00
N PHE L 151 12.91 -21.56 2.24
CA PHE L 151 12.73 -21.73 0.81
C PHE L 151 12.09 -23.07 0.51
N GLN L 152 10.94 -23.04 -0.14
CA GLN L 152 10.26 -24.25 -0.59
C GLN L 152 10.89 -24.68 -1.91
N THR L 153 12.02 -25.36 -1.79
CA THR L 153 12.79 -25.78 -2.96
C THR L 153 12.40 -27.19 -3.36
N ARG L 154 13.10 -27.71 -4.37
CA ARG L 154 12.89 -29.07 -4.86
C ARG L 154 13.59 -30.12 -4.01
N ILE L 155 14.39 -29.70 -3.02
CA ILE L 155 15.00 -30.61 -2.07
C ILE L 155 14.42 -30.44 -0.68
N GLY L 156 13.30 -29.73 -0.55
CA GLY L 156 12.62 -29.55 0.71
C GLY L 156 12.55 -28.08 1.09
N ASN L 157 12.01 -27.85 2.29
CA ASN L 157 11.93 -26.51 2.84
C ASN L 157 13.25 -26.19 3.51
N LEU L 158 14.05 -25.33 2.88
CA LEU L 158 15.40 -25.05 3.34
C LEU L 158 15.42 -23.81 4.22
N GLY L 159 16.35 -23.80 5.17
CA GLY L 159 16.55 -22.65 6.02
C GLY L 159 17.89 -22.75 6.69
N GLY L 160 18.23 -21.71 7.43
CA GLY L 160 19.50 -21.69 8.13
C GLY L 160 19.60 -20.59 9.16
N LEU L 161 20.39 -20.84 10.21
CA LEU L 161 20.71 -19.86 11.23
C LEU L 161 22.21 -19.90 11.46
N MET L 162 22.71 -18.91 12.20
CA MET L 162 24.14 -18.76 12.43
C MET L 162 24.42 -18.75 13.93
N CYS L 163 25.34 -19.62 14.34
CA CYS L 163 25.93 -19.64 15.70
C CYS L 163 24.81 -19.55 16.74
N TRP L 164 24.84 -18.58 17.65
CA TRP L 164 23.96 -18.59 18.82
C TRP L 164 22.51 -18.26 18.49
N GLU L 165 22.16 -18.06 17.21
CA GLU L 165 20.76 -18.00 16.86
C GLU L 165 20.03 -19.30 17.17
N HIS L 166 20.77 -20.40 17.30
CA HIS L 166 20.19 -21.67 17.68
C HIS L 166 19.86 -21.76 19.16
N GLN L 167 20.35 -20.81 19.95
CA GLN L 167 20.05 -20.74 21.38
C GLN L 167 19.01 -19.68 21.70
N VAL L 168 18.43 -19.06 20.68
CA VAL L 168 17.37 -18.08 20.85
C VAL L 168 16.05 -18.76 20.51
N PRO L 169 15.20 -19.09 21.50
CA PRO L 169 14.01 -19.88 21.20
C PRO L 169 13.07 -19.23 20.19
N LEU L 170 12.98 -17.91 20.15
CA LEU L 170 12.07 -17.27 19.20
C LEU L 170 12.56 -17.44 17.77
N ASP L 171 13.88 -17.54 17.55
CA ASP L 171 14.39 -17.89 16.23
C ASP L 171 13.98 -19.30 15.83
N LEU L 172 14.08 -20.24 16.77
CA LEU L 172 13.63 -21.60 16.49
C LEU L 172 12.16 -21.63 16.17
N MET L 173 11.34 -20.86 16.88
CA MET L 173 9.92 -20.84 16.60
C MET L 173 9.63 -20.17 15.26
N ALA L 174 10.39 -19.13 14.91
CA ALA L 174 10.22 -18.52 13.60
C ALA L 174 10.49 -19.52 12.48
N MET L 175 11.55 -20.32 12.63
CA MET L 175 11.85 -21.31 11.60
C MET L 175 10.85 -22.44 11.60
N ASN L 176 10.38 -22.85 12.78
CA ASN L 176 9.40 -23.93 12.87
C ASN L 176 8.04 -23.53 12.31
N ALA L 177 7.68 -22.26 12.42
CA ALA L 177 6.40 -21.78 11.89
C ALA L 177 6.38 -21.72 10.38
N GLN L 178 7.52 -21.92 9.71
CA GLN L 178 7.57 -21.96 8.26
C GLN L 178 7.80 -23.36 7.73
N ASN L 179 7.71 -24.38 8.58
CA ASN L 179 7.79 -25.77 8.17
C ASN L 179 9.15 -26.08 7.55
N GLU L 180 10.21 -25.58 8.15
CA GLU L 180 11.55 -25.93 7.72
C GLU L 180 11.77 -27.42 7.88
N GLN L 181 12.54 -28.00 6.97
CA GLN L 181 12.81 -29.43 6.95
C GLN L 181 14.30 -29.75 6.94
N VAL L 182 15.10 -28.96 6.25
CA VAL L 182 16.55 -29.13 6.20
C VAL L 182 17.19 -27.83 6.65
N HIS L 183 18.06 -27.91 7.66
CA HIS L 183 18.61 -26.73 8.31
C HIS L 183 20.12 -26.70 8.12
N VAL L 184 20.65 -25.50 7.89
CA VAL L 184 22.08 -25.25 7.82
C VAL L 184 22.47 -24.46 9.07
N ALA L 185 23.38 -25.02 9.86
CA ALA L 185 23.83 -24.42 11.11
C ALA L 185 25.29 -24.01 10.95
N SER L 186 25.52 -22.73 10.67
CA SER L 186 26.86 -22.23 10.40
C SER L 186 27.48 -21.72 11.69
N TRP L 187 28.63 -22.27 12.03
CA TRP L 187 29.39 -21.87 13.21
C TRP L 187 30.80 -21.48 12.80
N PRO L 188 31.45 -20.58 13.54
CA PRO L 188 32.81 -20.19 13.18
C PRO L 188 33.87 -21.06 13.81
N GLY L 189 33.56 -21.63 14.96
CA GLY L 189 34.52 -22.24 15.86
C GLY L 189 34.41 -21.60 17.22
N TYR L 190 35.31 -22.00 18.13
CA TYR L 190 35.38 -21.38 19.45
C TYR L 190 34.13 -21.67 20.28
N PHE L 191 33.01 -21.03 19.95
CA PHE L 191 31.77 -21.30 20.67
C PHE L 191 31.13 -22.59 20.23
N ASP L 192 31.64 -23.22 19.19
CA ASP L 192 30.98 -24.34 18.55
C ASP L 192 30.54 -25.38 19.57
N ASP L 193 29.27 -25.73 19.50
CA ASP L 193 28.68 -26.76 20.35
C ASP L 193 27.79 -27.63 19.49
N GLU L 194 27.95 -28.95 19.61
CA GLU L 194 27.01 -29.86 18.96
C GLU L 194 25.68 -29.91 19.70
N ILE L 195 25.65 -29.51 20.97
CA ILE L 195 24.41 -29.50 21.74
C ILE L 195 23.36 -28.66 21.03
N SER L 196 23.72 -27.44 20.64
CA SER L 196 22.73 -26.53 20.07
C SER L 196 22.19 -27.05 18.75
N SER L 197 23.07 -27.58 17.90
CA SER L 197 22.63 -28.07 16.59
C SER L 197 21.78 -29.33 16.73
N ARG L 198 22.16 -30.24 17.62
CA ARG L 198 21.34 -31.44 17.84
C ARG L 198 19.98 -31.07 18.44
N TYR L 199 19.96 -30.13 19.38
CA TYR L 199 18.68 -29.71 19.94
C TYR L 199 17.83 -29.02 18.89
N TYR L 200 18.44 -28.26 17.98
CA TYR L 200 17.67 -27.70 16.88
C TYR L 200 17.08 -28.80 16.02
N ALA L 201 17.88 -29.82 15.72
CA ALA L 201 17.38 -30.96 14.95
C ALA L 201 16.15 -31.56 15.62
N ILE L 202 16.18 -31.70 16.94
CA ILE L 202 15.07 -32.35 17.64
C ILE L 202 13.87 -31.41 17.72
N ALA L 203 14.09 -30.14 18.08
CA ALA L 203 12.99 -29.24 18.42
C ALA L 203 12.36 -28.59 17.20
N THR L 204 12.98 -28.65 16.03
CA THR L 204 12.33 -28.23 14.79
C THR L 204 12.04 -29.40 13.88
N GLN L 205 12.43 -30.62 14.25
CA GLN L 205 12.20 -31.81 13.44
C GLN L 205 12.80 -31.63 12.05
N THR L 206 14.08 -31.26 12.01
CA THR L 206 14.77 -30.96 10.77
C THR L 206 16.07 -31.75 10.69
N PHE L 207 16.49 -32.04 9.47
CA PHE L 207 17.88 -32.42 9.22
C PHE L 207 18.75 -31.17 9.37
N VAL L 208 19.87 -31.31 10.08
CA VAL L 208 20.73 -30.18 10.40
C VAL L 208 22.11 -30.43 9.82
N LEU L 209 22.60 -29.50 9.02
CA LEU L 209 23.97 -29.50 8.51
C LEU L 209 24.77 -28.53 9.37
N MET L 210 25.63 -29.07 10.23
CA MET L 210 26.48 -28.25 11.09
C MET L 210 27.81 -28.02 10.38
N THR L 211 28.03 -26.78 9.93
CA THR L 211 29.22 -26.40 9.20
C THR L 211 30.06 -25.47 10.07
N SER L 212 31.35 -25.78 10.20
CA SER L 212 32.23 -25.02 11.08
C SER L 212 33.54 -24.73 10.36
N SER L 213 34.22 -23.69 10.83
CA SER L 213 35.50 -23.29 10.28
C SER L 213 36.64 -23.85 11.12
N ILE L 214 37.86 -23.67 10.62
CA ILE L 214 39.07 -24.09 11.31
C ILE L 214 40.06 -22.93 11.25
N TYR L 215 41.02 -22.94 12.17
CA TYR L 215 42.01 -21.88 12.26
C TYR L 215 43.20 -22.20 11.36
N THR L 216 43.70 -21.17 10.68
CA THR L 216 44.90 -21.27 9.85
C THR L 216 46.03 -20.49 10.48
N GLU L 217 47.25 -20.81 10.03
CA GLU L 217 48.43 -20.08 10.50
C GLU L 217 48.44 -18.65 10.00
N GLU L 218 47.94 -18.40 8.78
CA GLU L 218 47.99 -17.05 8.23
C GLU L 218 47.14 -16.10 9.07
N MET L 219 45.96 -16.55 9.48
CA MET L 219 45.10 -15.74 10.33
C MET L 219 45.79 -15.39 11.64
N LYS L 220 46.42 -16.38 12.26
CA LYS L 220 47.13 -16.13 13.52
C LYS L 220 48.27 -15.16 13.34
N GLU L 221 49.02 -15.29 12.24
CA GLU L 221 50.11 -14.35 11.98
C GLU L 221 49.57 -12.95 11.77
N MET L 222 48.43 -12.82 11.09
CA MET L 222 47.89 -11.50 10.76
C MET L 222 47.34 -10.79 11.99
N ILE L 223 46.64 -11.50 12.87
CA ILE L 223 45.87 -10.83 13.91
C ILE L 223 46.54 -10.88 15.29
N CYS L 224 47.66 -11.57 15.45
CA CYS L 224 48.33 -11.69 16.74
C CYS L 224 49.63 -10.90 16.70
N LEU L 225 49.56 -9.63 17.07
CA LEU L 225 50.70 -8.74 16.96
C LEU L 225 51.68 -8.85 18.12
N THR L 226 51.32 -9.57 19.19
CA THR L 226 52.20 -9.73 20.33
C THR L 226 52.08 -11.16 20.85
N GLN L 227 53.08 -11.57 21.63
CA GLN L 227 53.13 -12.94 22.12
C GLN L 227 51.92 -13.26 23.00
N GLU L 228 51.52 -12.31 23.86
CA GLU L 228 50.36 -12.56 24.71
C GLU L 228 49.11 -12.82 23.88
N GLN L 229 48.91 -12.02 22.83
CA GLN L 229 47.75 -12.21 21.98
C GLN L 229 47.79 -13.58 21.30
N ARG L 230 48.95 -13.99 20.82
CA ARG L 230 49.06 -15.28 20.15
C ARG L 230 48.80 -16.41 21.12
N ASP L 231 49.36 -16.33 22.33
CA ASP L 231 49.11 -17.37 23.32
C ASP L 231 47.63 -17.46 23.65
N TYR L 232 46.97 -16.31 23.81
CA TYR L 232 45.55 -16.31 24.12
C TYR L 232 44.73 -16.90 22.98
N PHE L 233 45.06 -16.55 21.74
CA PHE L 233 44.32 -17.08 20.60
C PHE L 233 44.62 -18.55 20.34
N GLU L 234 45.74 -19.06 20.85
CA GLU L 234 46.05 -20.48 20.68
C GLU L 234 45.25 -21.37 21.60
N THR L 235 44.60 -20.81 22.63
CA THR L 235 43.75 -21.60 23.50
C THR L 235 42.35 -21.79 22.92
N PHE L 236 41.96 -21.02 21.92
CA PHE L 236 40.64 -21.16 21.34
C PHE L 236 40.43 -22.59 20.83
N LYS L 237 39.32 -23.20 21.22
CA LYS L 237 39.06 -24.57 20.84
C LYS L 237 38.50 -24.61 19.42
N SER L 238 38.33 -25.83 18.91
CA SER L 238 37.91 -26.06 17.54
C SER L 238 36.43 -26.35 17.47
N GLY L 239 35.85 -26.09 16.29
CA GLY L 239 34.49 -26.47 15.99
C GLY L 239 34.41 -27.88 15.43
N HIS L 240 33.21 -28.24 14.99
CA HIS L 240 32.95 -29.55 14.42
C HIS L 240 32.04 -29.38 13.22
N THR L 241 32.11 -30.35 12.31
CA THR L 241 31.29 -30.37 11.10
C THR L 241 30.64 -31.74 11.01
N CYS L 242 29.31 -31.77 10.96
CA CYS L 242 28.55 -33.00 11.05
C CYS L 242 27.15 -32.73 10.52
N ILE L 243 26.41 -33.81 10.27
CA ILE L 243 25.03 -33.74 9.81
C ILE L 243 24.19 -34.65 10.69
N TYR L 244 23.06 -34.15 11.15
CA TYR L 244 22.18 -34.88 12.06
C TYR L 244 20.81 -35.07 11.42
N GLY L 245 20.11 -36.09 11.90
CA GLY L 245 18.76 -36.36 11.47
C GLY L 245 17.75 -35.65 12.35
N PRO L 246 16.46 -35.77 12.01
CA PRO L 246 15.43 -35.12 12.81
C PRO L 246 15.37 -35.60 14.25
N ASP L 247 16.00 -36.72 14.58
CA ASP L 247 16.09 -37.18 15.96
C ASP L 247 17.32 -36.66 16.68
N GLY L 248 18.16 -35.88 16.02
CA GLY L 248 19.38 -35.39 16.61
C GLY L 248 20.55 -36.33 16.53
N GLU L 249 20.36 -37.54 16.01
CA GLU L 249 21.48 -38.45 15.89
C GLU L 249 22.26 -38.18 14.61
N PRO L 250 23.59 -38.26 14.63
CA PRO L 250 24.36 -38.00 13.41
C PRO L 250 24.04 -39.02 12.32
N ILE L 251 24.08 -38.56 11.08
CA ILE L 251 23.89 -39.41 9.92
C ILE L 251 25.08 -39.33 8.96
N SER L 252 26.21 -38.83 9.44
CA SER L 252 27.44 -38.81 8.67
C SER L 252 28.62 -38.99 9.61
N ASP L 253 29.82 -38.93 9.06
CA ASP L 253 31.05 -38.95 9.84
C ASP L 253 31.53 -37.53 10.06
N MET L 254 32.06 -37.28 11.25
CA MET L 254 32.61 -35.96 11.55
C MET L 254 33.92 -35.75 10.81
N VAL L 255 34.15 -34.51 10.38
CA VAL L 255 35.44 -34.17 9.76
C VAL L 255 36.51 -34.14 10.83
N PRO L 256 37.70 -34.69 10.60
CA PRO L 256 38.73 -34.67 11.64
C PRO L 256 39.06 -33.26 12.09
N ALA L 257 39.34 -33.12 13.37
CA ALA L 257 39.51 -31.80 13.97
C ALA L 257 40.62 -31.02 13.30
N GLU L 258 40.33 -29.75 13.03
CA GLU L 258 41.30 -28.77 12.52
C GLU L 258 41.83 -29.11 11.14
N THR L 259 41.11 -29.92 10.37
CA THR L 259 41.47 -30.23 9.00
C THR L 259 40.33 -29.86 8.07
N GLU L 260 40.65 -29.77 6.79
CA GLU L 260 39.68 -29.42 5.76
C GLU L 260 39.04 -30.68 5.22
N GLY L 261 37.72 -30.67 5.08
CA GLY L 261 37.01 -31.81 4.54
C GLY L 261 35.53 -31.51 4.48
N ILE L 262 34.82 -32.36 3.76
CA ILE L 262 33.39 -32.21 3.54
C ILE L 262 32.69 -33.45 4.07
N ALA L 263 31.67 -33.25 4.91
CA ALA L 263 30.85 -34.34 5.41
C ALA L 263 29.62 -34.46 4.54
N TYR L 264 29.33 -35.68 4.08
CA TYR L 264 28.20 -35.96 3.22
C TYR L 264 27.23 -36.87 3.93
N ALA L 265 25.94 -36.64 3.72
CA ALA L 265 24.89 -37.48 4.27
C ALA L 265 23.82 -37.68 3.21
N GLU L 266 22.92 -38.61 3.49
CA GLU L 266 21.78 -38.90 2.63
C GLU L 266 20.52 -38.40 3.34
N ILE L 267 19.93 -37.35 2.79
CA ILE L 267 18.78 -36.68 3.42
C ILE L 267 17.51 -37.27 2.83
N ASP L 268 16.64 -37.79 3.68
CA ASP L 268 15.33 -38.29 3.29
C ASP L 268 14.29 -37.46 4.03
N VAL L 269 13.68 -36.51 3.34
CA VAL L 269 12.76 -35.58 3.99
C VAL L 269 11.53 -36.30 4.52
N GLU L 270 11.24 -37.50 4.03
CA GLU L 270 10.12 -38.28 4.56
C GLU L 270 10.30 -38.61 6.03
N ARG L 271 11.54 -38.60 6.53
CA ARG L 271 11.78 -38.97 7.93
C ARG L 271 11.25 -37.94 8.91
N VAL L 272 11.09 -36.68 8.48
CA VAL L 272 10.60 -35.66 9.39
C VAL L 272 9.16 -35.96 9.80
N ILE L 273 8.44 -36.75 9.00
CA ILE L 273 7.06 -37.08 9.37
C ILE L 273 7.04 -37.92 10.64
N ASP L 274 7.94 -38.89 10.75
CA ASP L 274 7.94 -39.78 11.91
C ASP L 274 8.21 -39.02 13.21
N TYR L 275 8.73 -37.80 13.13
CA TYR L 275 9.00 -37.00 14.30
C TYR L 275 8.02 -35.86 14.49
N LYS L 276 7.39 -35.38 13.42
CA LYS L 276 6.24 -34.51 13.57
C LYS L 276 5.07 -35.25 14.23
N TYR L 277 5.09 -36.58 14.15
CA TYR L 277 4.13 -37.40 14.88
C TYR L 277 4.28 -37.19 16.39
N TYR L 278 5.51 -37.10 16.87
CA TYR L 278 5.75 -36.95 18.31
C TYR L 278 5.51 -35.52 18.76
N ILE L 279 6.08 -34.55 18.04
CA ILE L 279 6.12 -33.17 18.51
C ILE L 279 6.09 -32.24 17.31
N ASP L 280 5.45 -31.10 17.48
CA ASP L 280 5.46 -30.02 16.50
C ASP L 280 5.08 -28.73 17.24
N PRO L 281 6.06 -28.01 17.79
CA PRO L 281 5.72 -26.86 18.66
C PRO L 281 4.86 -25.79 18.00
N ALA L 282 4.98 -25.60 16.69
CA ALA L 282 4.16 -24.63 15.98
C ALA L 282 2.83 -25.21 15.52
N GLY L 283 2.54 -26.45 15.88
CA GLY L 283 1.33 -27.11 15.43
C GLY L 283 0.54 -27.73 16.57
N HIS L 284 0.38 -29.06 16.50
CA HIS L 284 -0.42 -29.76 17.49
C HIS L 284 0.18 -29.71 18.88
N TYR L 285 1.50 -29.56 18.99
CA TYR L 285 2.17 -29.62 20.29
C TYR L 285 2.34 -28.21 20.85
N SER L 286 1.20 -27.60 21.18
CA SER L 286 1.18 -26.23 21.63
C SER L 286 0.04 -26.01 22.62
N ASN L 287 0.18 -24.95 23.40
CA ASN L 287 -0.81 -24.55 24.38
C ASN L 287 -1.38 -23.20 23.96
N GLN L 288 -2.69 -23.03 24.12
CA GLN L 288 -3.35 -21.81 23.67
C GLN L 288 -2.84 -20.58 24.39
N SER L 289 -2.25 -20.74 25.57
CA SER L 289 -1.86 -19.60 26.39
C SER L 289 -0.54 -18.97 25.99
N LEU L 290 0.26 -19.64 25.15
CA LEU L 290 1.53 -19.11 24.69
C LEU L 290 1.49 -18.98 23.18
N SER L 291 1.91 -17.82 22.68
CA SER L 291 2.00 -17.59 21.24
C SER L 291 3.14 -16.62 20.98
N MET L 292 3.44 -16.44 19.71
CA MET L 292 4.58 -15.63 19.29
C MET L 292 4.15 -14.65 18.21
N ASN L 293 4.82 -13.50 18.17
CA ASN L 293 4.61 -12.48 17.17
C ASN L 293 5.80 -12.47 16.23
N PHE L 294 5.58 -12.86 14.98
CA PHE L 294 6.61 -12.86 13.94
C PHE L 294 6.30 -11.69 13.01
N ASN L 295 7.05 -10.60 13.16
CA ASN L 295 6.86 -9.40 12.36
C ASN L 295 7.85 -9.43 11.21
N GLN L 296 7.36 -9.72 10.01
CA GLN L 296 8.18 -9.84 8.82
C GLN L 296 8.22 -8.57 7.99
N GLN L 297 7.67 -7.48 8.50
CA GLN L 297 7.73 -6.21 7.80
C GLN L 297 9.19 -5.74 7.72
N PRO L 298 9.64 -5.23 6.57
CA PRO L 298 11.00 -4.69 6.50
C PRO L 298 11.16 -3.49 7.41
N THR L 299 12.34 -3.37 8.00
CA THR L 299 12.63 -2.27 8.94
C THR L 299 13.93 -1.58 8.56
N PRO L 300 13.99 -0.98 7.37
CA PRO L 300 15.10 -0.06 7.08
C PRO L 300 14.95 1.22 7.87
N VAL L 301 16.07 1.84 8.20
CA VAL L 301 16.01 3.11 8.93
C VAL L 301 15.32 4.16 8.08
N VAL L 302 15.66 4.21 6.80
CA VAL L 302 15.08 5.16 5.86
C VAL L 302 14.37 4.37 4.77
N LYS L 303 13.09 4.64 4.60
CA LYS L 303 12.27 3.99 3.58
C LYS L 303 12.25 4.88 2.34
N HIS L 304 12.85 4.40 1.26
CA HIS L 304 12.90 5.15 0.02
C HIS L 304 11.57 4.94 -0.72
N LEU L 305 10.79 6.02 -0.85
CA LEU L 305 9.52 5.98 -1.55
C LEU L 305 9.69 6.58 -2.93
N ASN L 306 9.21 5.88 -3.95
CA ASN L 306 9.27 6.34 -5.33
C ASN L 306 10.71 6.67 -5.73
N HIS L 307 11.62 5.77 -5.37
CA HIS L 307 13.04 5.95 -5.66
C HIS L 307 13.24 6.51 -7.06
N GLN L 308 13.93 7.65 -7.14
CA GLN L 308 14.09 8.39 -8.38
C GLN L 308 15.56 8.46 -8.76
N LYS L 309 15.81 8.51 -10.06
CA LYS L 309 17.16 8.57 -10.59
C LYS L 309 17.58 10.01 -10.83
N ASN L 310 18.87 10.19 -11.11
CA ASN L 310 19.43 11.49 -11.48
C ASN L 310 19.71 11.47 -12.99
N GLU L 311 18.99 12.32 -13.72
CA GLU L 311 19.19 12.44 -15.16
C GLU L 311 20.23 13.50 -15.44
N VAL L 312 21.31 13.11 -16.12
CA VAL L 312 22.45 13.98 -16.38
C VAL L 312 22.19 14.78 -17.65
N PHE L 313 22.57 16.07 -17.61
CA PHE L 313 22.57 16.92 -18.79
C PHE L 313 24.00 16.97 -19.33
N THR L 314 24.22 16.32 -20.47
CA THR L 314 25.57 16.10 -20.95
C THR L 314 26.20 17.41 -21.43
N TYR L 315 27.54 17.38 -21.52
CA TYR L 315 28.28 18.55 -21.98
C TYR L 315 27.91 18.88 -23.43
N GLU L 316 27.76 17.86 -24.27
CA GLU L 316 27.40 18.11 -25.67
C GLU L 316 26.04 18.77 -25.77
N ASP L 317 25.07 18.29 -24.98
CA ASP L 317 23.74 18.89 -24.99
C ASP L 317 23.77 20.30 -24.40
N ILE L 318 24.56 20.51 -23.35
CA ILE L 318 24.59 21.83 -22.71
C ILE L 318 25.08 22.89 -23.67
N GLN L 319 26.15 22.59 -24.41
CA GLN L 319 26.72 23.54 -25.35
C GLN L 319 26.01 23.43 -26.72
N THR M 1 -1.90 24.15 28.72
CA THR M 1 -1.47 25.57 28.57
C THR M 1 0.04 25.66 28.44
N SER M 2 0.50 26.67 27.71
CA SER M 2 1.93 26.86 27.48
C SER M 2 2.49 27.84 28.50
N ILE M 3 3.57 27.44 29.16
CA ILE M 3 4.22 28.25 30.18
C ILE M 3 5.69 28.38 29.83
N TYR M 4 6.31 29.46 30.30
CA TYR M 4 7.71 29.77 30.02
C TYR M 4 8.39 30.20 31.31
N PRO M 5 8.62 29.26 32.23
CA PRO M 5 9.15 29.60 33.55
C PRO M 5 10.62 29.99 33.49
N LYS M 6 11.10 30.49 34.63
CA LYS M 6 12.51 30.82 34.82
C LYS M 6 12.99 30.19 36.11
N PHE M 7 14.11 29.47 36.05
CA PHE M 7 14.61 28.73 37.19
C PHE M 7 16.13 28.69 37.11
N ARG M 8 16.75 28.05 38.10
CA ARG M 8 18.18 27.83 38.12
C ARG M 8 18.47 26.35 37.99
N ALA M 9 19.48 26.02 37.19
CA ALA M 9 19.82 24.64 36.91
C ALA M 9 21.27 24.38 37.30
N ALA M 10 21.55 23.12 37.63
CA ALA M 10 22.88 22.70 38.03
C ALA M 10 23.32 21.53 37.18
N ALA M 11 24.53 21.61 36.65
CA ALA M 11 25.16 20.53 35.90
C ALA M 11 26.35 20.04 36.70
N VAL M 12 26.33 18.77 37.10
CA VAL M 12 27.33 18.21 37.99
C VAL M 12 28.47 17.62 37.17
N GLN M 13 29.70 17.85 37.64
CA GLN M 13 30.89 17.17 37.13
C GLN M 13 31.53 16.43 38.29
N ALA M 14 31.48 15.11 38.26
CA ALA M 14 32.01 14.31 39.35
C ALA M 14 32.24 12.89 38.85
N ALA M 15 32.81 12.08 39.73
CA ALA M 15 33.01 10.67 39.48
C ALA M 15 32.38 9.88 40.62
N PRO M 16 31.88 8.68 40.35
CA PRO M 16 31.30 7.86 41.41
C PRO M 16 32.38 7.11 42.16
N ILE M 17 31.97 6.45 43.23
CA ILE M 17 32.80 5.45 43.88
C ILE M 17 32.69 4.19 43.02
N TYR M 18 33.75 3.84 42.33
CA TYR M 18 33.63 3.01 41.13
C TYR M 18 33.08 1.63 41.44
N LEU M 19 32.01 1.28 40.75
CA LEU M 19 31.35 -0.03 40.87
C LEU M 19 31.00 -0.32 42.32
N ASN M 20 30.60 0.72 43.05
CA ASN M 20 30.14 0.61 44.44
C ASN M 20 28.82 1.37 44.51
N LEU M 21 27.70 0.65 44.53
CA LEU M 21 26.42 1.30 44.38
C LEU M 21 26.05 2.14 45.59
N GLU M 22 26.26 1.62 46.81
CA GLU M 22 25.86 2.37 48.00
C GLU M 22 26.66 3.65 48.15
N ALA M 23 27.98 3.58 47.93
CA ALA M 23 28.80 4.77 48.02
C ALA M 23 28.47 5.76 46.91
N SER M 24 28.18 5.25 45.72
CA SER M 24 27.80 6.13 44.62
C SER M 24 26.49 6.85 44.92
N VAL M 25 25.52 6.14 45.51
CA VAL M 25 24.26 6.77 45.85
C VAL M 25 24.47 7.80 46.95
N GLU M 26 25.36 7.52 47.90
CA GLU M 26 25.69 8.51 48.91
C GLU M 26 26.26 9.78 48.29
N LYS M 27 27.22 9.61 47.36
CA LYS M 27 27.80 10.77 46.70
C LYS M 27 26.76 11.53 45.89
N SER M 28 25.85 10.82 45.24
CA SER M 28 24.79 11.47 44.49
C SER M 28 23.88 12.27 45.41
N CYS M 29 23.52 11.72 46.57
CA CYS M 29 22.71 12.46 47.52
C CYS M 29 23.42 13.73 47.98
N GLU M 30 24.72 13.63 48.27
CA GLU M 30 25.46 14.81 48.70
C GLU M 30 25.50 15.87 47.60
N LEU M 31 25.73 15.45 46.35
CA LEU M 31 25.78 16.42 45.26
C LEU M 31 24.42 17.09 45.05
N ILE M 32 23.34 16.32 45.17
CA ILE M 32 22.01 16.92 45.06
C ILE M 32 21.80 17.93 46.18
N ASP M 33 22.19 17.59 47.41
CA ASP M 33 22.07 18.52 48.52
C ASP M 33 22.81 19.82 48.23
N GLU M 34 24.05 19.71 47.77
CA GLU M 34 24.86 20.90 47.52
C GLU M 34 24.24 21.75 46.41
N ALA M 35 23.90 21.13 45.29
CA ALA M 35 23.37 21.89 44.15
C ALA M 35 22.07 22.57 44.51
N ALA M 36 21.19 21.89 45.25
CA ALA M 36 19.92 22.48 45.61
C ALA M 36 20.09 23.53 46.71
N SER M 37 21.12 23.41 47.55
CA SER M 37 21.38 24.45 48.53
C SER M 37 21.95 25.70 47.88
N ASN M 38 22.60 25.55 46.73
CA ASN M 38 23.01 26.70 45.95
C ASN M 38 21.88 27.28 45.11
N GLY M 39 20.66 26.77 45.27
CA GLY M 39 19.49 27.33 44.62
C GLY M 39 19.04 26.63 43.36
N ALA M 40 19.73 25.59 42.93
CA ALA M 40 19.37 24.91 41.69
C ALA M 40 18.01 24.23 41.82
N LYS M 41 17.27 24.23 40.72
CA LYS M 41 15.98 23.54 40.63
C LYS M 41 16.02 22.34 39.71
N LEU M 42 17.10 22.15 38.96
CA LEU M 42 17.32 20.95 38.17
C LEU M 42 18.77 20.52 38.38
N VAL M 43 18.97 19.23 38.63
CA VAL M 43 20.30 18.68 38.89
C VAL M 43 20.51 17.53 37.92
N ALA M 44 21.52 17.64 37.07
CA ALA M 44 21.83 16.65 36.05
C ALA M 44 23.17 15.99 36.37
N PHE M 45 23.24 14.68 36.22
CA PHE M 45 24.41 13.89 36.54
C PHE M 45 25.06 13.31 35.29
N PRO M 46 26.33 12.94 35.36
CA PRO M 46 27.01 12.38 34.19
C PRO M 46 26.44 11.02 33.79
N GLU M 47 26.90 10.55 32.63
CA GLU M 47 26.41 9.30 32.08
C GLU M 47 26.87 8.11 32.91
N ALA M 48 25.94 7.18 33.14
CA ALA M 48 26.23 5.94 33.84
C ALA M 48 26.84 6.18 35.21
N PHE M 49 26.35 7.22 35.90
CA PHE M 49 26.97 7.61 37.17
C PHE M 49 26.84 6.51 38.22
N LEU M 50 25.71 5.84 38.29
CA LEU M 50 25.51 4.78 39.27
C LEU M 50 25.64 3.42 38.59
N PRO M 51 26.67 2.61 38.90
CA PRO M 51 27.81 2.84 39.80
C PRO M 51 29.07 3.32 39.08
N GLY M 52 29.06 3.42 37.76
CA GLY M 52 30.23 3.88 37.03
C GLY M 52 30.23 3.47 35.58
N TYR M 53 30.91 4.24 34.73
CA TYR M 53 30.97 3.91 33.32
C TYR M 53 31.93 2.74 33.10
N PRO M 54 31.54 1.73 32.33
CA PRO M 54 32.41 0.56 32.17
C PRO M 54 33.64 0.84 31.32
N TRP M 55 34.62 1.55 31.88
CA TRP M 55 35.84 1.83 31.13
C TRP M 55 36.63 0.58 30.84
N PHE M 56 36.46 -0.46 31.67
CA PHE M 56 37.17 -1.71 31.44
C PHE M 56 36.82 -2.32 30.09
N ALA M 57 35.67 -1.97 29.51
CA ALA M 57 35.27 -2.52 28.22
C ALA M 57 36.07 -1.95 27.06
N PHE M 58 36.90 -0.94 27.29
CA PHE M 58 37.63 -0.28 26.22
C PHE M 58 39.13 -0.56 26.23
N ILE M 59 39.64 -1.26 27.25
CA ILE M 59 41.08 -1.45 27.37
C ILE M 59 41.41 -2.92 27.56
N GLY M 60 40.57 -3.79 27.01
CA GLY M 60 40.86 -5.21 27.04
C GLY M 60 39.93 -5.95 26.10
N HIS M 61 40.01 -7.27 26.14
CA HIS M 61 39.18 -8.13 25.31
C HIS M 61 37.95 -8.58 26.07
N PRO M 62 36.98 -9.17 25.37
CA PRO M 62 35.70 -9.49 26.04
C PRO M 62 35.84 -10.35 27.28
N GLU M 63 36.81 -11.27 27.34
CA GLU M 63 36.95 -12.09 28.56
C GLU M 63 37.43 -11.24 29.73
N TYR M 64 38.36 -10.32 29.48
CA TYR M 64 38.75 -9.36 30.50
C TYR M 64 37.56 -8.51 30.92
N THR M 65 36.77 -8.06 29.94
CA THR M 65 35.61 -7.23 30.25
C THR M 65 34.59 -7.99 31.09
N ARG M 66 34.53 -9.31 30.93
CA ARG M 66 33.52 -10.10 31.64
C ARG M 66 33.72 -10.04 33.15
N LYS M 67 34.97 -10.08 33.60
CA LYS M 67 35.24 -10.12 35.04
C LYS M 67 34.70 -8.87 35.72
N PHE M 68 34.90 -7.70 35.13
CA PHE M 68 34.38 -6.48 35.72
C PHE M 68 32.91 -6.27 35.40
N TYR M 69 32.41 -6.84 34.31
CA TYR M 69 30.96 -6.87 34.10
C TYR M 69 30.27 -7.58 35.24
N HIS M 70 30.92 -8.59 35.82
CA HIS M 70 30.37 -9.27 36.98
C HIS M 70 30.10 -8.28 38.12
N GLU M 71 31.13 -7.49 38.49
CA GLU M 71 30.98 -6.55 39.59
C GLU M 71 29.99 -5.45 39.25
N LEU M 72 30.04 -4.93 38.02
CA LEU M 72 29.09 -3.92 37.61
C LEU M 72 27.66 -4.46 37.69
N TYR M 73 27.47 -5.72 37.29
CA TYR M 73 26.15 -6.32 37.31
C TYR M 73 25.62 -6.46 38.73
N LYS M 74 26.48 -6.88 39.66
CA LYS M 74 26.03 -6.96 41.04
C LYS M 74 25.74 -5.58 41.65
N ASN M 75 26.18 -4.50 41.00
CA ASN M 75 25.98 -3.15 41.49
C ASN M 75 25.04 -2.34 40.60
N ALA M 76 24.24 -3.01 39.78
CA ALA M 76 23.26 -2.31 38.97
C ALA M 76 22.07 -1.87 39.82
N VAL M 77 21.38 -0.84 39.35
CA VAL M 77 20.23 -0.29 40.05
C VAL M 77 18.98 -1.04 39.59
N GLU M 78 18.16 -1.45 40.54
CA GLU M 78 16.88 -2.09 40.26
C GLU M 78 15.74 -1.14 40.61
N ILE M 79 14.60 -1.36 39.96
CA ILE M 79 13.42 -0.53 40.16
C ILE M 79 12.27 -1.42 40.64
N PRO M 80 11.90 -1.40 41.93
CA PRO M 80 12.40 -0.56 43.03
C PRO M 80 13.68 -1.09 43.67
N SER M 81 14.36 -0.24 44.43
CA SER M 81 15.58 -0.61 45.13
C SER M 81 15.89 0.46 46.15
N LEU M 82 16.88 0.19 47.00
CA LEU M 82 17.27 1.19 47.98
C LEU M 82 17.84 2.42 47.31
N ALA M 83 18.52 2.25 46.17
CA ALA M 83 19.07 3.39 45.45
C ALA M 83 17.97 4.33 44.97
N ILE M 84 16.90 3.77 44.39
CA ILE M 84 15.80 4.60 43.92
C ILE M 84 15.16 5.33 45.10
N GLN M 85 15.03 4.66 46.24
CA GLN M 85 14.48 5.30 47.43
C GLN M 85 15.37 6.46 47.88
N LYS M 86 16.68 6.25 47.91
CA LYS M 86 17.59 7.29 48.36
C LYS M 86 17.53 8.50 47.45
N ILE M 87 17.51 8.28 46.13
CA ILE M 87 17.46 9.41 45.21
C ILE M 87 16.09 10.09 45.29
N SER M 88 15.03 9.31 45.47
CA SER M 88 13.70 9.88 45.62
C SER M 88 13.65 10.79 46.84
N GLU M 89 14.23 10.34 47.95
CA GLU M 89 14.22 11.15 49.16
C GLU M 89 15.08 12.40 48.99
N ALA M 90 16.24 12.27 48.33
CA ALA M 90 17.06 13.47 48.10
C ALA M 90 16.30 14.49 47.27
N ALA M 91 15.65 14.03 46.19
CA ALA M 91 14.90 14.95 45.33
C ALA M 91 13.76 15.62 46.09
N LYS M 92 13.01 14.85 46.87
CA LYS M 92 11.89 15.43 47.61
C LYS M 92 12.37 16.39 48.70
N ARG M 93 13.40 15.98 49.45
CA ARG M 93 13.92 16.82 50.52
C ARG M 93 14.42 18.14 49.99
N ASN M 94 15.13 18.12 48.87
CA ASN M 94 15.70 19.34 48.31
C ASN M 94 14.76 20.05 47.34
N GLU M 95 13.58 19.49 47.09
CA GLU M 95 12.61 20.08 46.15
C GLU M 95 13.28 20.46 44.83
N THR M 96 13.87 19.46 44.18
CA THR M 96 14.53 19.67 42.90
C THR M 96 14.16 18.55 41.95
N TYR M 97 14.03 18.88 40.68
CA TYR M 97 14.04 17.85 39.65
C TYR M 97 15.46 17.30 39.51
N VAL M 98 15.56 15.99 39.35
CA VAL M 98 16.85 15.32 39.22
C VAL M 98 16.82 14.43 38.00
N CYS M 99 17.87 14.50 37.20
CA CYS M 99 18.13 13.53 36.13
C CYS M 99 19.44 12.84 36.47
N ILE M 100 19.36 11.55 36.80
CA ILE M 100 20.53 10.77 37.23
C ILE M 100 20.66 9.57 36.30
N SER M 101 21.85 9.40 35.73
CA SER M 101 22.14 8.27 34.86
C SER M 101 22.70 7.11 35.67
N CYS M 102 22.41 5.89 35.21
CA CYS M 102 22.76 4.70 35.97
C CYS M 102 22.76 3.51 35.03
N SER M 103 23.26 2.39 35.55
CA SER M 103 23.04 1.07 34.96
C SER M 103 21.82 0.47 35.61
N GLU M 104 20.86 0.06 34.79
CA GLU M 104 19.55 -0.38 35.25
C GLU M 104 19.39 -1.86 34.94
N LYS M 105 19.04 -2.65 35.96
CA LYS M 105 18.90 -4.09 35.82
C LYS M 105 17.43 -4.43 35.69
N ASP M 106 17.06 -5.04 34.57
CA ASP M 106 15.69 -5.50 34.32
C ASP M 106 15.77 -6.99 34.06
N GLY M 107 15.36 -7.79 35.04
CA GLY M 107 15.47 -9.24 34.92
C GLY M 107 16.92 -9.69 34.89
N GLY M 108 17.37 -10.22 33.76
CA GLY M 108 18.72 -10.71 33.61
C GLY M 108 19.69 -9.83 32.86
N SER M 109 19.24 -8.69 32.34
CA SER M 109 20.07 -7.85 31.48
C SER M 109 20.22 -6.47 32.08
N LEU M 110 21.31 -5.80 31.69
CA LEU M 110 21.57 -4.41 32.09
C LEU M 110 21.21 -3.46 30.97
N TYR M 111 20.71 -2.29 31.34
CA TYR M 111 20.46 -1.21 30.42
C TYR M 111 21.03 0.07 31.01
N LEU M 112 21.38 1.00 30.13
CA LEU M 112 21.84 2.32 30.53
C LEU M 112 20.64 3.26 30.51
N ALA M 113 20.31 3.83 31.67
CA ALA M 113 19.08 4.58 31.82
C ALA M 113 19.32 5.94 32.47
N GLN M 114 18.52 6.92 32.05
CA GLN M 114 18.44 8.22 32.71
C GLN M 114 17.14 8.28 33.49
N LEU M 115 17.25 8.38 34.81
CA LEU M 115 16.09 8.37 35.70
C LEU M 115 15.76 9.79 36.13
N TRP M 116 14.47 10.10 36.17
CA TRP M 116 13.98 11.44 36.45
C TRP M 116 13.15 11.43 37.73
N PHE M 117 13.44 12.38 38.62
CA PHE M 117 12.71 12.55 39.86
C PHE M 117 12.23 13.99 39.96
N ASN M 118 11.01 14.18 40.42
CA ASN M 118 10.43 15.49 40.56
C ASN M 118 10.50 15.96 42.01
N PRO M 119 10.15 17.21 42.29
CA PRO M 119 10.32 17.75 43.65
C PRO M 119 9.47 17.06 44.71
N ASN M 120 8.56 16.16 44.33
CA ASN M 120 7.85 15.35 45.31
C ASN M 120 8.52 14.00 45.54
N GLY M 121 9.62 13.71 44.85
CA GLY M 121 10.28 12.43 44.98
C GLY M 121 9.73 11.34 44.09
N ASP M 122 8.78 11.65 43.20
CA ASP M 122 8.25 10.66 42.29
C ASP M 122 9.26 10.37 41.18
N LEU M 123 9.34 9.11 40.76
CA LEU M 123 10.15 8.73 39.60
C LEU M 123 9.28 8.92 38.36
N ILE M 124 9.31 10.12 37.79
CA ILE M 124 8.37 10.48 36.74
C ILE M 124 8.64 9.74 35.44
N GLY M 125 9.81 9.17 35.26
CA GLY M 125 10.08 8.40 34.06
C GLY M 125 11.53 8.02 33.96
N LYS M 126 11.84 7.26 32.92
CA LYS M 126 13.20 6.87 32.63
C LYS M 126 13.39 6.79 31.12
N HIS M 127 14.62 7.02 30.70
CA HIS M 127 15.02 6.92 29.30
C HIS M 127 16.16 5.92 29.19
N ARG M 128 15.98 4.92 28.34
CA ARG M 128 17.04 3.96 28.06
C ARG M 128 17.76 4.35 26.78
N LYS M 129 19.08 4.29 26.81
CA LYS M 129 19.88 4.64 25.64
C LYS M 129 19.46 3.81 24.44
N MET M 130 19.15 4.49 23.34
CA MET M 130 18.55 3.81 22.19
C MET M 130 19.51 2.78 21.60
N ARG M 131 20.80 3.10 21.55
CA ARG M 131 21.80 2.20 20.99
C ARG M 131 23.06 2.28 21.83
N ALA M 132 23.64 1.14 22.14
CA ALA M 132 24.91 1.09 22.85
C ALA M 132 26.06 1.36 21.89
N SER M 133 27.04 2.12 22.36
CA SER M 133 28.17 2.50 21.53
C SER M 133 29.21 1.39 21.53
N VAL M 134 30.35 1.67 20.88
CA VAL M 134 31.44 0.72 20.74
C VAL M 134 31.83 0.18 22.12
N ALA M 135 31.72 -1.14 22.29
CA ALA M 135 32.14 -1.84 23.50
C ALA M 135 31.18 -1.61 24.66
N GLU M 136 30.25 -0.67 24.53
CA GLU M 136 29.11 -0.65 25.42
C GLU M 136 28.11 -1.73 25.07
N ARG M 137 28.21 -2.27 23.85
CA ARG M 137 27.32 -3.33 23.41
C ARG M 137 27.62 -4.65 24.11
N LEU M 138 28.80 -4.81 24.69
CA LEU M 138 29.05 -5.95 25.56
C LEU M 138 28.33 -5.83 26.88
N ILE M 139 27.98 -4.62 27.29
CA ILE M 139 27.46 -4.36 28.63
C ILE M 139 25.96 -4.20 28.64
N TRP M 140 25.42 -3.32 27.80
CA TRP M 140 24.03 -2.89 27.88
C TRP M 140 23.25 -3.32 26.65
N GLY M 141 21.98 -3.63 26.88
CA GLY M 141 21.04 -3.80 25.79
C GLY M 141 20.50 -2.46 25.31
N ASP M 142 19.75 -2.52 24.22
CA ASP M 142 19.21 -1.33 23.60
C ASP M 142 17.86 -0.93 24.22
N GLY M 143 17.55 0.36 24.14
CA GLY M 143 16.27 0.86 24.58
C GLY M 143 15.23 0.84 23.47
N SER M 144 14.04 1.30 23.81
CA SER M 144 12.90 1.27 22.91
C SER M 144 12.31 2.66 22.77
N GLY M 145 11.53 2.85 21.70
CA GLY M 145 10.88 4.12 21.46
C GLY M 145 9.86 4.49 22.51
N SER M 146 9.36 3.53 23.26
CA SER M 146 8.42 3.80 24.34
C SER M 146 9.06 4.49 25.53
N MET M 147 10.40 4.58 25.57
CA MET M 147 11.09 5.15 26.71
C MET M 147 11.94 6.34 26.29
N MET M 148 11.35 7.28 25.55
CA MET M 148 11.98 8.52 25.13
C MET M 148 11.11 9.68 25.58
N PRO M 149 10.95 9.87 26.90
CA PRO M 149 9.93 10.79 27.40
C PRO M 149 10.40 12.23 27.50
N VAL M 150 9.47 13.14 27.23
CA VAL M 150 9.61 14.55 27.55
C VAL M 150 8.54 14.89 28.55
N PHE M 151 8.94 15.41 29.70
CA PHE M 151 8.01 15.68 30.79
C PHE M 151 7.61 17.15 30.75
N GLN M 152 6.31 17.40 30.73
CA GLN M 152 5.78 18.75 30.89
C GLN M 152 5.71 19.04 32.37
N THR M 153 6.69 19.77 32.88
CA THR M 153 6.80 20.12 34.29
C THR M 153 6.69 21.63 34.45
N ARG M 154 6.84 22.09 35.69
CA ARG M 154 6.73 23.51 36.00
C ARG M 154 8.02 24.27 35.78
N ILE M 155 9.09 23.60 35.38
CA ILE M 155 10.31 24.26 34.95
C ILE M 155 10.56 24.04 33.46
N GLY M 156 9.54 23.61 32.72
CA GLY M 156 9.60 23.46 31.29
C GLY M 156 9.54 22.02 30.84
N ASN M 157 9.44 21.84 29.53
CA ASN M 157 9.44 20.51 28.94
C ASN M 157 10.86 19.95 29.01
N LEU M 158 11.07 18.99 29.90
CA LEU M 158 12.39 18.47 30.18
C LEU M 158 12.64 17.18 29.39
N GLY M 159 13.90 16.96 29.07
CA GLY M 159 14.28 15.75 28.36
C GLY M 159 15.77 15.55 28.48
N GLY M 160 16.22 14.41 27.96
CA GLY M 160 17.63 14.10 27.96
C GLY M 160 18.00 12.97 27.04
N LEU M 161 19.23 13.00 26.53
CA LEU M 161 19.84 11.89 25.82
C LEU M 161 21.21 11.64 26.42
N MET M 162 21.84 10.55 26.00
CA MET M 162 23.11 10.12 26.57
C MET M 162 24.15 10.02 25.48
N CYS M 163 25.29 10.69 25.70
CA CYS M 163 26.48 10.56 24.86
C CYS M 163 26.14 10.62 23.37
N TRP M 164 26.53 9.61 22.60
CA TRP M 164 26.38 9.69 21.15
C TRP M 164 24.94 9.63 20.67
N GLU M 165 23.96 9.62 21.57
CA GLU M 165 22.58 9.78 21.15
C GLU M 165 22.32 11.16 20.56
N HIS M 166 23.20 12.12 20.81
CA HIS M 166 23.10 13.45 20.22
C HIS M 166 23.65 13.50 18.81
N GLN M 167 24.31 12.44 18.35
CA GLN M 167 24.80 12.35 16.98
C GLN M 167 23.88 11.53 16.08
N VAL M 168 22.69 11.17 16.58
CA VAL M 168 21.72 10.36 15.87
C VAL M 168 20.55 11.26 15.47
N PRO M 169 20.42 11.66 14.21
CA PRO M 169 19.39 12.65 13.87
C PRO M 169 17.97 12.24 14.21
N LEU M 170 17.65 10.94 14.15
CA LEU M 170 16.29 10.52 14.48
C LEU M 170 16.00 10.68 15.95
N ASP M 171 17.00 10.55 16.83
CA ASP M 171 16.81 10.86 18.24
C ASP M 171 16.49 12.33 18.44
N LEU M 172 17.22 13.22 17.75
CA LEU M 172 16.92 14.65 17.84
C LEU M 172 15.52 14.94 17.35
N MET M 173 15.11 14.31 16.25
CA MET M 173 13.77 14.55 15.73
C MET M 173 12.72 14.06 16.71
N ALA M 174 12.94 12.91 17.34
CA ALA M 174 11.98 12.41 18.32
C ALA M 174 11.85 13.39 19.50
N MET M 175 12.97 13.94 19.97
CA MET M 175 12.90 14.83 21.11
C MET M 175 12.27 16.18 20.74
N ASN M 176 12.64 16.73 19.59
CA ASN M 176 12.09 18.00 19.17
C ASN M 176 10.62 17.89 18.75
N ALA M 177 10.17 16.68 18.37
CA ALA M 177 8.76 16.49 18.06
C ALA M 177 7.88 16.66 19.29
N GLN M 178 8.44 16.45 20.49
CA GLN M 178 7.70 16.56 21.73
C GLN M 178 7.88 17.90 22.42
N ASN M 179 8.47 18.87 21.72
CA ASN M 179 8.61 20.25 22.21
C ASN M 179 9.49 20.29 23.46
N GLU M 180 10.66 19.68 23.37
CA GLU M 180 11.62 19.75 24.46
C GLU M 180 12.16 21.17 24.59
N GLN M 181 12.36 21.61 25.83
CA GLN M 181 12.81 22.96 26.11
C GLN M 181 14.09 23.01 26.93
N VAL M 182 14.24 22.13 27.91
CA VAL M 182 15.46 22.02 28.69
C VAL M 182 15.97 20.59 28.55
N HIS M 183 17.24 20.45 28.18
CA HIS M 183 17.80 19.15 27.81
C HIS M 183 18.99 18.84 28.70
N VAL M 184 19.06 17.60 29.15
CA VAL M 184 20.19 17.07 29.91
C VAL M 184 20.98 16.16 28.98
N ALA M 185 22.23 16.51 28.73
CA ALA M 185 23.12 15.71 27.87
C ALA M 185 24.18 15.07 28.76
N SER M 186 23.99 13.80 29.08
CA SER M 186 24.93 13.06 29.92
C SER M 186 26.03 12.46 29.06
N TRP M 187 27.28 12.70 29.46
CA TRP M 187 28.44 12.15 28.78
C TRP M 187 29.35 11.47 29.79
N PRO M 188 30.10 10.45 29.37
CA PRO M 188 30.98 9.75 30.32
C PRO M 188 32.31 10.43 30.56
N GLY M 189 32.87 11.08 29.55
CA GLY M 189 34.12 11.80 29.72
C GLY M 189 35.14 11.59 28.63
N TYR M 190 35.02 10.52 27.84
CA TYR M 190 36.03 10.17 26.86
C TYR M 190 35.66 10.56 25.43
N PHE M 191 34.38 10.69 25.14
CA PHE M 191 33.91 11.06 23.82
C PHE M 191 33.65 12.57 23.76
N ASP M 192 34.01 13.19 22.65
CA ASP M 192 33.86 14.63 22.50
C ASP M 192 32.39 15.02 22.70
N ASP M 193 32.16 16.03 23.53
CA ASP M 193 30.82 16.42 23.92
C ASP M 193 30.46 17.87 23.63
N GLU M 194 31.40 18.68 23.14
CA GLU M 194 31.13 20.10 22.93
C GLU M 194 30.32 20.33 21.66
N ILE M 195 30.86 19.91 20.51
CA ILE M 195 30.19 20.13 19.24
C ILE M 195 28.80 19.52 19.26
N SER M 196 28.67 18.30 19.78
CA SER M 196 27.39 17.61 19.76
C SER M 196 26.36 18.33 20.63
N SER M 197 26.75 18.72 21.84
CA SER M 197 25.80 19.34 22.75
C SER M 197 25.39 20.72 22.26
N ARG M 198 26.34 21.49 21.71
CA ARG M 198 25.99 22.81 21.18
C ARG M 198 25.10 22.69 19.95
N TYR M 199 25.41 21.74 19.05
CA TYR M 199 24.53 21.52 17.92
C TYR M 199 23.14 21.11 18.37
N TYR M 200 23.06 20.29 19.42
CA TYR M 200 21.75 19.92 19.94
C TYR M 200 20.99 21.14 20.44
N ALA M 201 21.68 22.01 21.19
CA ALA M 201 21.05 23.23 21.65
C ALA M 201 20.47 24.02 20.48
N ILE M 202 21.25 24.18 19.42
CA ILE M 202 20.80 24.98 18.28
C ILE M 202 19.64 24.30 17.56
N ALA M 203 19.79 23.01 17.26
CA ALA M 203 18.86 22.33 16.37
C ALA M 203 17.54 21.98 17.03
N THR M 204 17.52 21.81 18.35
CA THR M 204 16.28 21.53 19.06
C THR M 204 15.72 22.74 19.80
N GLN M 205 16.41 23.88 19.74
CA GLN M 205 15.99 25.10 20.41
C GLN M 205 15.74 24.83 21.89
N THR M 206 16.78 24.35 22.55
CA THR M 206 16.71 23.94 23.95
C THR M 206 17.88 24.54 24.71
N PHE M 207 17.70 24.64 26.02
CA PHE M 207 18.83 24.80 26.93
C PHE M 207 19.42 23.43 27.19
N VAL M 208 20.74 23.31 27.06
CA VAL M 208 21.42 22.02 27.18
C VAL M 208 22.33 22.07 28.41
N LEU M 209 22.10 21.14 29.34
CA LEU M 209 22.96 20.96 30.50
C LEU M 209 23.88 19.78 30.21
N MET M 210 25.11 20.07 29.80
CA MET M 210 26.08 19.04 29.46
C MET M 210 26.83 18.67 30.73
N THR M 211 26.65 17.43 31.18
CA THR M 211 27.27 16.93 32.41
C THR M 211 28.16 15.75 32.07
N SER M 212 29.42 15.82 32.49
CA SER M 212 30.38 14.77 32.22
C SER M 212 31.09 14.37 33.51
N SER M 213 31.69 13.19 33.48
CA SER M 213 32.40 12.63 34.62
C SER M 213 33.90 12.84 34.48
N ILE M 214 34.62 12.45 35.53
CA ILE M 214 36.08 12.59 35.57
C ILE M 214 36.67 11.26 36.02
N TYR M 215 37.79 10.88 35.42
CA TYR M 215 38.48 9.68 35.83
C TYR M 215 39.09 9.88 37.22
N THR M 216 39.20 8.79 37.97
CA THR M 216 39.76 8.83 39.31
C THR M 216 40.86 7.78 39.43
N GLU M 217 41.73 7.98 40.41
CA GLU M 217 42.81 7.04 40.65
C GLU M 217 42.28 5.69 41.12
N GLU M 218 41.17 5.67 41.85
CA GLU M 218 40.62 4.42 42.34
C GLU M 218 40.24 3.49 41.19
N MET M 219 39.46 3.99 40.23
CA MET M 219 39.06 3.16 39.10
C MET M 219 40.27 2.79 38.26
N LYS M 220 41.23 3.70 38.14
CA LYS M 220 42.48 3.37 37.45
C LYS M 220 43.13 2.16 38.06
N GLU M 221 43.31 2.15 39.38
CA GLU M 221 43.95 1.03 40.04
C GLU M 221 43.09 -0.24 39.93
N MET M 222 41.77 -0.09 39.91
CA MET M 222 40.91 -1.26 39.91
C MET M 222 40.93 -1.97 38.55
N ILE M 223 40.88 -1.23 37.44
CA ILE M 223 40.71 -1.87 36.14
C ILE M 223 42.00 -2.02 35.34
N CYS M 224 43.06 -1.29 35.69
CA CYS M 224 44.31 -1.34 34.91
C CYS M 224 45.24 -2.36 35.55
N LEU M 225 45.13 -3.61 35.10
CA LEU M 225 45.85 -4.73 35.68
C LEU M 225 47.26 -4.89 35.10
N THR M 226 47.58 -4.23 34.00
CA THR M 226 48.90 -4.30 33.40
C THR M 226 49.36 -2.89 33.05
N GLN M 227 50.69 -2.70 33.04
CA GLN M 227 51.24 -1.41 32.67
C GLN M 227 50.83 -1.02 31.26
N GLU M 228 50.69 -2.00 30.37
CA GLU M 228 50.15 -1.72 29.05
C GLU M 228 48.76 -1.10 29.15
N GLN M 229 47.88 -1.74 29.93
CA GLN M 229 46.52 -1.24 30.08
C GLN M 229 46.51 0.12 30.77
N ARG M 230 47.32 0.29 31.81
CA ARG M 230 47.37 1.57 32.50
C ARG M 230 47.82 2.67 31.58
N ASP M 231 48.89 2.42 30.80
CA ASP M 231 49.39 3.44 29.90
C ASP M 231 48.37 3.79 28.83
N TYR M 232 47.67 2.78 28.31
CA TYR M 232 46.62 3.05 27.33
C TYR M 232 45.52 3.91 27.94
N PHE M 233 45.01 3.51 29.11
CA PHE M 233 43.90 4.24 29.72
C PHE M 233 44.30 5.62 30.17
N GLU M 234 45.58 5.87 30.41
CA GLU M 234 46.03 7.19 30.81
C GLU M 234 45.97 8.20 29.67
N THR M 235 45.84 7.74 28.43
CA THR M 235 45.74 8.63 27.29
C THR M 235 44.32 9.15 27.07
N PHE M 236 43.34 8.65 27.82
CA PHE M 236 41.95 8.98 27.56
C PHE M 236 41.70 10.46 27.87
N LYS M 237 41.05 11.15 26.94
CA LYS M 237 40.82 12.58 27.09
C LYS M 237 39.64 12.83 28.02
N SER M 238 39.65 14.01 28.64
CA SER M 238 38.65 14.36 29.64
C SER M 238 37.42 14.98 28.99
N GLY M 239 36.32 14.97 29.75
CA GLY M 239 35.10 15.62 29.34
C GLY M 239 34.99 17.04 29.88
N HIS M 240 33.89 17.69 29.52
CA HIS M 240 33.60 19.05 29.97
C HIS M 240 32.18 19.11 30.48
N THR M 241 31.94 20.06 31.38
CA THR M 241 30.62 20.28 31.97
C THR M 241 30.28 21.76 31.85
N CYS M 242 29.23 22.06 31.09
CA CYS M 242 28.84 23.43 30.78
C CYS M 242 27.36 23.44 30.47
N ILE M 243 26.78 24.64 30.45
CA ILE M 243 25.39 24.84 30.11
C ILE M 243 25.31 25.77 28.91
N TYR M 244 24.40 25.48 28.00
CA TYR M 244 24.25 26.22 26.75
C TYR M 244 22.83 26.75 26.63
N GLY M 245 22.70 27.81 25.83
CA GLY M 245 21.40 28.37 25.52
C GLY M 245 20.90 27.89 24.18
N PRO M 246 19.64 28.23 23.85
CA PRO M 246 19.07 27.76 22.57
C PRO M 246 19.84 28.22 21.35
N ASP M 247 20.79 29.14 21.47
CA ASP M 247 21.67 29.51 20.37
C ASP M 247 22.98 28.72 20.36
N GLY M 248 23.18 27.82 21.31
CA GLY M 248 24.42 27.08 21.40
C GLY M 248 25.55 27.81 22.08
N GLU M 249 25.30 28.99 22.64
CA GLU M 249 26.34 29.74 23.34
C GLU M 249 26.38 29.34 24.80
N PRO M 250 27.56 29.24 25.40
CA PRO M 250 27.62 28.95 26.84
C PRO M 250 26.98 30.06 27.65
N ILE M 251 26.25 29.67 28.70
CA ILE M 251 25.60 30.62 29.59
C ILE M 251 26.00 30.33 31.02
N SER M 252 27.10 29.60 31.20
CA SER M 252 27.64 29.32 32.51
C SER M 252 29.14 29.15 32.38
N ASP M 253 29.82 29.13 33.53
CA ASP M 253 31.25 28.89 33.57
C ASP M 253 31.51 27.39 33.58
N MET M 254 32.42 26.95 32.71
CA MET M 254 32.75 25.54 32.64
C MET M 254 33.52 25.11 33.88
N VAL M 255 33.22 23.91 34.36
CA VAL M 255 33.95 23.36 35.51
C VAL M 255 35.37 23.02 35.08
N PRO M 256 36.39 23.33 35.88
CA PRO M 256 37.76 23.01 35.47
C PRO M 256 37.95 21.52 35.20
N ALA M 257 38.78 21.21 34.22
CA ALA M 257 38.93 19.84 33.75
C ALA M 257 39.46 18.93 34.85
N GLU M 258 38.90 17.73 34.92
CA GLU M 258 39.37 16.68 35.83
C GLU M 258 39.28 17.10 37.29
N THR M 259 38.29 17.91 37.62
CA THR M 259 38.01 18.28 39.01
C THR M 259 36.52 18.13 39.27
N GLU M 260 36.16 17.99 40.53
CA GLU M 260 34.78 17.81 40.93
C GLU M 260 34.16 19.18 41.22
N GLY M 261 33.17 19.57 40.42
CA GLY M 261 32.48 20.82 40.63
C GLY M 261 31.12 20.77 39.96
N ILE M 262 30.37 21.85 40.14
CA ILE M 262 29.01 21.97 39.62
C ILE M 262 28.88 23.30 38.91
N ALA M 263 28.27 23.28 37.73
CA ALA M 263 27.99 24.49 36.96
C ALA M 263 26.55 24.92 37.18
N TYR M 264 26.35 26.23 37.33
CA TYR M 264 25.03 26.80 37.57
C TYR M 264 24.69 27.80 36.46
N ALA M 265 23.41 27.84 36.09
CA ALA M 265 22.95 28.75 35.05
C ALA M 265 21.53 29.20 35.36
N GLU M 266 21.19 30.39 34.90
CA GLU M 266 19.82 30.90 34.97
C GLU M 266 19.11 30.55 33.68
N ILE M 267 18.09 29.70 33.76
CA ILE M 267 17.36 29.22 32.59
C ILE M 267 16.06 29.99 32.48
N ASP M 268 15.87 30.67 31.37
CA ASP M 268 14.65 31.41 31.09
C ASP M 268 14.00 30.77 29.85
N VAL M 269 12.98 29.94 30.08
CA VAL M 269 12.39 29.19 28.98
C VAL M 269 11.78 30.11 27.95
N GLU M 270 11.43 31.33 28.33
CA GLU M 270 10.85 32.27 27.36
C GLU M 270 11.80 32.55 26.20
N ARG M 271 13.10 32.31 26.38
CA ARG M 271 14.06 32.61 25.32
C ARG M 271 13.83 31.74 24.09
N VAL M 272 13.45 30.47 24.29
CA VAL M 272 13.35 29.54 23.17
C VAL M 272 12.38 30.02 22.11
N ILE M 273 11.46 30.93 22.46
CA ILE M 273 10.54 31.47 21.46
C ILE M 273 11.32 32.20 20.38
N ASP M 274 12.33 32.98 20.78
CA ASP M 274 13.08 33.76 19.80
C ASP M 274 13.80 32.88 18.80
N TYR M 275 14.07 31.63 19.14
CA TYR M 275 14.75 30.72 18.23
C TYR M 275 13.80 29.78 17.51
N LYS M 276 12.62 29.53 18.06
CA LYS M 276 11.56 28.93 17.26
C LYS M 276 11.19 29.82 16.09
N TYR M 277 11.31 31.13 16.26
CA TYR M 277 11.11 32.08 15.17
C TYR M 277 11.99 31.75 13.98
N TYR M 278 13.23 31.34 14.24
CA TYR M 278 14.17 31.03 13.16
C TYR M 278 13.85 29.68 12.54
N ILE M 279 13.89 28.63 13.34
CA ILE M 279 13.86 27.26 12.83
C ILE M 279 13.08 26.39 13.81
N ASP M 280 12.33 25.43 13.27
CA ASP M 280 11.63 24.43 14.07
C ASP M 280 11.46 23.19 13.23
N PRO M 281 12.42 22.25 13.29
CA PRO M 281 12.37 21.10 12.38
C PRO M 281 11.08 20.31 12.44
N ALA M 282 10.50 20.12 13.63
CA ALA M 282 9.24 19.40 13.73
C ALA M 282 8.03 20.28 13.46
N GLY M 283 8.24 21.56 13.17
CA GLY M 283 7.15 22.47 12.88
C GLY M 283 7.22 23.10 11.51
N HIS M 284 7.46 24.41 11.49
CA HIS M 284 7.36 25.17 10.24
C HIS M 284 8.56 24.93 9.32
N TYR M 285 9.71 24.55 9.88
CA TYR M 285 10.92 24.40 9.09
C TYR M 285 11.05 22.96 8.59
N SER M 286 10.12 22.59 7.72
CA SER M 286 9.99 21.22 7.29
C SER M 286 9.54 21.17 5.84
N ASN M 287 9.76 20.02 5.22
CA ASN M 287 9.36 19.75 3.85
C ASN M 287 8.59 18.45 3.83
N GLN M 288 7.46 18.44 3.11
CA GLN M 288 6.58 17.27 3.12
C GLN M 288 7.26 16.02 2.61
N SER M 289 8.35 16.14 1.86
CA SER M 289 9.00 14.96 1.30
C SER M 289 9.70 14.13 2.36
N LEU M 290 10.06 14.72 3.49
CA LEU M 290 10.77 14.01 4.56
C LEU M 290 9.88 13.97 5.79
N SER M 291 9.65 12.76 6.32
CA SER M 291 8.86 12.57 7.51
C SER M 291 9.49 11.47 8.35
N MET M 292 9.12 11.44 9.62
CA MET M 292 9.67 10.51 10.59
C MET M 292 8.57 9.64 11.16
N ASN M 293 8.92 8.39 11.45
CA ASN M 293 8.04 7.45 12.13
C ASN M 293 8.57 7.27 13.54
N PHE M 294 7.82 7.74 14.52
CA PHE M 294 8.18 7.65 15.92
C PHE M 294 7.24 6.64 16.55
N ASN M 295 7.71 5.40 16.68
CA ASN M 295 6.92 4.31 17.22
C ASN M 295 7.15 4.22 18.72
N GLN M 296 6.10 4.39 19.51
CA GLN M 296 6.19 4.41 20.96
C GLN M 296 5.47 3.24 21.62
N GLN M 297 5.20 2.17 20.87
CA GLN M 297 4.62 0.99 21.50
C GLN M 297 5.69 0.26 22.31
N PRO M 298 5.36 -0.27 23.49
CA PRO M 298 6.35 -1.05 24.23
C PRO M 298 6.81 -2.23 23.41
N THR M 299 8.11 -2.53 23.50
CA THR M 299 8.71 -3.63 22.75
C THR M 299 9.49 -4.54 23.70
N PRO M 300 8.81 -5.11 24.70
CA PRO M 300 9.43 -6.19 25.47
C PRO M 300 9.47 -7.48 24.68
N VAL M 301 10.45 -8.32 25.01
CA VAL M 301 10.54 -9.62 24.33
C VAL M 301 9.31 -10.46 24.67
N VAL M 302 8.90 -10.45 25.93
CA VAL M 302 7.75 -11.20 26.40
C VAL M 302 6.76 -10.22 27.00
N LYS M 303 5.54 -10.23 26.47
CA LYS M 303 4.45 -9.43 27.01
C LYS M 303 3.62 -10.32 27.94
N HIS M 304 3.69 -10.04 29.23
CA HIS M 304 2.85 -10.74 30.20
C HIS M 304 1.42 -10.21 30.11
N LEU M 305 0.46 -11.11 30.03
CA LEU M 305 -0.95 -10.76 29.99
C LEU M 305 -1.65 -11.39 31.17
N ASN M 306 -2.46 -10.59 31.87
CA ASN M 306 -3.25 -11.07 33.00
C ASN M 306 -2.34 -11.61 34.11
N HIS M 307 -1.30 -10.85 34.44
CA HIS M 307 -0.33 -11.29 35.43
C HIS M 307 -1.03 -11.60 36.75
N GLN M 308 -0.65 -12.73 37.36
CA GLN M 308 -1.36 -13.29 38.49
C GLN M 308 -0.41 -13.59 39.64
N LYS M 309 -0.99 -13.75 40.82
CA LYS M 309 -0.25 -14.05 42.04
C LYS M 309 -0.50 -15.50 42.44
N ASN M 310 0.57 -16.21 42.78
CA ASN M 310 0.44 -17.59 43.25
C ASN M 310 -0.05 -17.61 44.69
N GLU M 311 -1.02 -18.47 44.98
CA GLU M 311 -1.45 -18.72 46.34
C GLU M 311 -0.54 -19.75 47.00
N VAL M 312 -0.18 -19.52 48.26
CA VAL M 312 0.69 -20.39 49.01
C VAL M 312 -0.17 -21.15 50.02
N PHE M 313 -0.30 -22.46 49.81
CA PHE M 313 -1.02 -23.35 50.73
C PHE M 313 -0.12 -23.57 51.94
N THR M 314 -0.24 -22.69 52.93
CA THR M 314 0.72 -22.69 54.03
C THR M 314 0.73 -24.03 54.75
N TYR M 315 1.80 -24.25 55.53
CA TYR M 315 1.93 -25.49 56.28
C TYR M 315 0.79 -25.68 57.27
N GLU M 316 0.23 -24.59 57.79
CA GLU M 316 -0.86 -24.70 58.74
C GLU M 316 -2.17 -25.08 58.07
N ASP M 317 -2.38 -24.65 56.83
CA ASP M 317 -3.58 -25.04 56.10
C ASP M 317 -3.54 -26.50 55.68
N ILE M 318 -2.36 -27.13 55.73
CA ILE M 318 -2.23 -28.54 55.40
C ILE M 318 -2.28 -29.34 56.70
N GLN M 319 -1.32 -29.10 57.59
CA GLN M 319 -1.36 -29.63 58.94
C GLN M 319 -0.23 -29.05 59.76
N THR N 1 35.43 18.29 -29.65
CA THR N 1 36.83 18.79 -29.74
C THR N 1 37.77 17.70 -30.22
N SER N 2 38.65 18.05 -31.15
CA SER N 2 39.66 17.12 -31.65
C SER N 2 40.85 17.12 -30.69
N ILE N 3 41.02 16.03 -29.95
CA ILE N 3 42.16 15.86 -29.06
C ILE N 3 43.23 15.07 -29.79
N TYR N 4 44.46 15.14 -29.27
CA TYR N 4 45.61 14.44 -29.85
C TYR N 4 46.41 13.81 -28.72
N PRO N 5 45.90 12.73 -28.13
CA PRO N 5 46.53 12.16 -26.93
C PRO N 5 47.81 11.40 -27.25
N LYS N 6 48.54 11.07 -26.17
CA LYS N 6 49.68 10.18 -26.22
C LYS N 6 49.46 9.03 -25.26
N PHE N 7 49.87 7.82 -25.66
CA PHE N 7 49.66 6.65 -24.84
C PHE N 7 50.54 5.52 -25.34
N ARG N 8 50.67 4.50 -24.51
CA ARG N 8 51.39 3.27 -24.85
C ARG N 8 50.38 2.23 -25.31
N ALA N 9 50.69 1.55 -26.41
CA ALA N 9 49.82 0.55 -26.99
C ALA N 9 50.53 -0.79 -27.05
N ALA N 10 49.80 -1.86 -26.73
CA ALA N 10 50.33 -3.22 -26.71
C ALA N 10 49.68 -4.04 -27.82
N ALA N 11 50.51 -4.70 -28.62
CA ALA N 11 50.06 -5.65 -29.63
C ALA N 11 50.52 -7.05 -29.22
N VAL N 12 49.59 -8.00 -29.21
CA VAL N 12 49.81 -9.31 -28.62
C VAL N 12 50.05 -10.33 -29.72
N GLN N 13 51.14 -11.10 -29.59
CA GLN N 13 51.42 -12.25 -30.42
C GLN N 13 51.29 -13.50 -29.56
N ALA N 14 50.17 -14.19 -29.67
CA ALA N 14 49.89 -15.33 -28.81
C ALA N 14 49.06 -16.34 -29.57
N ALA N 15 49.04 -17.55 -29.04
CA ALA N 15 48.13 -18.58 -29.52
C ALA N 15 47.14 -18.93 -28.41
N PRO N 16 45.86 -19.09 -28.74
CA PRO N 16 44.90 -19.54 -27.72
C PRO N 16 45.05 -21.02 -27.45
N ILE N 17 44.35 -21.48 -26.41
CA ILE N 17 44.17 -22.91 -26.18
C ILE N 17 43.10 -23.37 -27.17
N TYR N 18 43.53 -24.12 -28.18
CA TYR N 18 42.76 -24.25 -29.41
C TYR N 18 41.36 -24.77 -29.15
N LEU N 19 40.37 -24.05 -29.69
CA LEU N 19 38.96 -24.41 -29.63
C LEU N 19 38.47 -24.61 -28.20
N ASN N 20 39.15 -23.99 -27.24
CA ASN N 20 38.78 -24.04 -25.83
C ASN N 20 38.45 -22.62 -25.38
N LEU N 21 37.16 -22.27 -25.38
CA LEU N 21 36.78 -20.90 -25.06
C LEU N 21 37.17 -20.52 -23.64
N GLU N 22 37.00 -21.45 -22.69
CA GLU N 22 37.29 -21.14 -21.29
C GLU N 22 38.78 -20.88 -21.09
N ALA N 23 39.62 -21.80 -21.55
CA ALA N 23 41.06 -21.62 -21.43
C ALA N 23 41.55 -20.44 -22.25
N SER N 24 40.99 -20.22 -23.43
CA SER N 24 41.39 -19.07 -24.23
C SER N 24 41.05 -17.76 -23.54
N VAL N 25 39.88 -17.69 -22.89
CA VAL N 25 39.51 -16.46 -22.20
C VAL N 25 40.42 -16.25 -21.00
N GLU N 26 40.77 -17.33 -20.28
CA GLU N 26 41.71 -17.19 -19.18
C GLU N 26 43.07 -16.68 -19.67
N LYS N 27 43.55 -17.22 -20.80
CA LYS N 27 44.81 -16.77 -21.36
C LYS N 27 44.75 -15.30 -21.74
N SER N 28 43.67 -14.88 -22.39
CA SER N 28 43.56 -13.48 -22.82
C SER N 28 43.44 -12.54 -21.62
N CYS N 29 42.79 -12.98 -20.54
CA CYS N 29 42.78 -12.21 -19.31
C CYS N 29 44.18 -12.04 -18.75
N GLU N 30 44.97 -13.12 -18.74
CA GLU N 30 46.35 -13.00 -18.28
C GLU N 30 47.14 -12.03 -19.15
N LEU N 31 46.92 -12.09 -20.46
CA LEU N 31 47.67 -11.23 -21.37
C LEU N 31 47.29 -9.77 -21.21
N ILE N 32 45.99 -9.49 -21.01
CA ILE N 32 45.58 -8.11 -20.74
C ILE N 32 46.21 -7.62 -19.45
N ASP N 33 46.22 -8.47 -18.41
CA ASP N 33 46.87 -8.08 -17.16
C ASP N 33 48.33 -7.75 -17.38
N GLU N 34 49.06 -8.59 -18.11
CA GLU N 34 50.47 -8.33 -18.37
C GLU N 34 50.68 -7.02 -19.10
N ALA N 35 49.97 -6.83 -20.21
CA ALA N 35 50.16 -5.63 -21.01
C ALA N 35 49.84 -4.38 -20.22
N ALA N 36 48.75 -4.41 -19.45
CA ALA N 36 48.38 -3.21 -18.69
C ALA N 36 49.32 -2.98 -17.52
N SER N 37 49.89 -4.04 -16.96
CA SER N 37 50.93 -3.87 -15.95
C SER N 37 52.22 -3.36 -16.53
N ASN N 38 52.37 -3.43 -17.85
CA ASN N 38 53.53 -2.86 -18.52
C ASN N 38 53.28 -1.47 -19.08
N GLY N 39 52.14 -0.86 -18.75
CA GLY N 39 51.86 0.51 -19.13
C GLY N 39 50.93 0.69 -20.32
N ALA N 40 50.49 -0.38 -20.97
CA ALA N 40 49.64 -0.25 -22.14
C ALA N 40 48.25 0.25 -21.77
N LYS N 41 47.71 1.16 -22.58
CA LYS N 41 46.34 1.61 -22.45
C LYS N 41 45.46 1.02 -23.55
N LEU N 42 46.02 0.25 -24.46
CA LEU N 42 45.27 -0.45 -25.49
C LEU N 42 45.96 -1.77 -25.78
N VAL N 43 45.20 -2.85 -25.71
CA VAL N 43 45.71 -4.20 -25.97
C VAL N 43 44.96 -4.76 -27.16
N ALA N 44 45.71 -5.19 -28.18
CA ALA N 44 45.14 -5.75 -29.39
C ALA N 44 45.53 -7.22 -29.50
N PHE N 45 44.58 -8.04 -29.92
CA PHE N 45 44.75 -9.49 -29.97
C PHE N 45 44.69 -9.99 -31.41
N PRO N 46 45.30 -11.14 -31.69
CA PRO N 46 45.25 -11.68 -33.06
C PRO N 46 43.84 -11.99 -33.55
N GLU N 47 43.72 -12.40 -34.80
CA GLU N 47 42.42 -12.66 -35.40
C GLU N 47 41.87 -14.00 -34.91
N ALA N 48 40.58 -14.00 -34.57
CA ALA N 48 39.87 -15.20 -34.13
C ALA N 48 40.53 -15.84 -32.93
N PHE N 49 41.09 -15.03 -32.03
CA PHE N 49 41.78 -15.58 -30.87
C PHE N 49 40.85 -16.41 -29.99
N LEU N 50 39.56 -16.10 -29.99
CA LEU N 50 38.59 -16.84 -29.19
C LEU N 50 37.67 -17.64 -30.10
N PRO N 51 37.72 -18.98 -30.11
CA PRO N 51 38.65 -19.87 -29.40
C PRO N 51 39.86 -20.25 -30.25
N GLY N 52 40.00 -19.69 -31.44
CA GLY N 52 41.11 -19.99 -32.31
C GLY N 52 40.68 -19.98 -33.76
N TYR N 53 41.67 -19.81 -34.64
CA TYR N 53 41.41 -19.74 -36.06
C TYR N 53 41.07 -21.12 -36.61
N PRO N 54 40.09 -21.22 -37.51
CA PRO N 54 39.77 -22.54 -38.10
C PRO N 54 40.82 -22.98 -39.11
N TRP N 55 41.99 -23.40 -38.63
CA TRP N 55 43.04 -23.86 -39.54
C TRP N 55 42.68 -25.16 -40.22
N PHE N 56 41.65 -25.86 -39.72
CA PHE N 56 41.24 -27.11 -40.33
C PHE N 56 40.55 -26.91 -41.67
N ALA N 57 39.96 -25.74 -41.88
CA ALA N 57 39.24 -25.49 -43.12
C ALA N 57 40.16 -25.47 -44.33
N PHE N 58 41.47 -25.33 -44.13
CA PHE N 58 42.42 -25.15 -45.21
C PHE N 58 43.21 -26.41 -45.55
N ILE N 59 43.05 -27.49 -44.79
CA ILE N 59 43.85 -28.69 -44.99
C ILE N 59 42.97 -29.93 -45.17
N GLY N 60 41.70 -29.74 -45.54
CA GLY N 60 40.83 -30.86 -45.81
C GLY N 60 39.62 -30.42 -46.59
N HIS N 61 38.84 -31.40 -47.03
CA HIS N 61 37.60 -31.12 -47.74
C HIS N 61 36.50 -30.74 -46.75
N PRO N 62 35.42 -30.11 -47.23
CA PRO N 62 34.42 -29.56 -46.30
C PRO N 62 33.77 -30.58 -45.37
N GLU N 63 33.70 -31.85 -45.74
CA GLU N 63 33.18 -32.85 -44.80
C GLU N 63 34.12 -33.00 -43.61
N TYR N 64 35.43 -32.99 -43.86
CA TYR N 64 36.41 -32.97 -42.78
C TYR N 64 36.29 -31.69 -41.96
N THR N 65 36.00 -30.57 -42.62
CA THR N 65 35.84 -29.30 -41.92
C THR N 65 34.60 -29.32 -41.02
N ARG N 66 33.59 -30.11 -41.39
CA ARG N 66 32.36 -30.14 -40.61
C ARG N 66 32.59 -30.59 -39.18
N LYS N 67 33.40 -31.64 -39.00
CA LYS N 67 33.60 -32.20 -37.67
C LYS N 67 34.22 -31.19 -36.72
N PHE N 68 35.23 -30.46 -37.18
CA PHE N 68 35.87 -29.46 -36.33
C PHE N 68 35.03 -28.19 -36.24
N TYR N 69 34.23 -27.89 -37.25
CA TYR N 69 33.31 -26.78 -37.16
C TYR N 69 32.32 -27.02 -36.03
N HIS N 70 31.93 -28.28 -35.82
CA HIS N 70 31.08 -28.60 -34.68
C HIS N 70 31.70 -28.11 -33.37
N GLU N 71 32.95 -28.48 -33.13
CA GLU N 71 33.62 -28.11 -31.88
C GLU N 71 33.82 -26.60 -31.78
N LEU N 72 34.17 -25.95 -32.90
CA LEU N 72 34.28 -24.50 -32.89
C LEU N 72 32.96 -23.85 -32.56
N TYR N 73 31.87 -24.33 -33.15
CA TYR N 73 30.54 -23.78 -32.93
C TYR N 73 30.15 -23.90 -31.47
N LYS N 74 30.47 -25.03 -30.84
CA LYS N 74 30.18 -25.20 -29.42
C LYS N 74 31.01 -24.27 -28.54
N ASN N 75 32.04 -23.60 -29.08
CA ASN N 75 32.94 -22.75 -28.31
C ASN N 75 32.97 -21.31 -28.84
N ALA N 76 31.90 -20.89 -29.50
CA ALA N 76 31.79 -19.54 -30.00
C ALA N 76 31.37 -18.59 -28.88
N VAL N 77 31.62 -17.31 -29.09
CA VAL N 77 31.33 -16.28 -28.10
C VAL N 77 29.95 -15.70 -28.37
N GLU N 78 29.07 -15.77 -27.39
CA GLU N 78 27.75 -15.16 -27.47
C GLU N 78 27.75 -13.86 -26.69
N ILE N 79 26.82 -12.98 -27.04
CA ILE N 79 26.62 -11.71 -26.33
C ILE N 79 25.18 -11.63 -25.86
N PRO N 80 24.90 -11.65 -24.55
CA PRO N 80 25.82 -11.78 -23.41
C PRO N 80 26.32 -13.21 -23.18
N SER N 81 27.49 -13.33 -22.57
CA SER N 81 28.05 -14.63 -22.22
C SER N 81 29.14 -14.42 -21.19
N LEU N 82 29.66 -15.53 -20.65
CA LEU N 82 30.67 -15.44 -19.62
C LEU N 82 31.99 -14.91 -20.15
N ALA N 83 32.32 -15.20 -21.40
CA ALA N 83 33.56 -14.69 -21.99
C ALA N 83 33.53 -13.17 -22.07
N ILE N 84 32.39 -12.60 -22.47
CA ILE N 84 32.25 -11.14 -22.50
C ILE N 84 32.42 -10.58 -21.10
N GLN N 85 31.81 -11.23 -20.11
CA GLN N 85 31.97 -10.78 -18.73
C GLN N 85 33.42 -10.79 -18.31
N LYS N 86 34.15 -11.84 -18.66
CA LYS N 86 35.55 -11.96 -18.25
C LYS N 86 36.40 -10.87 -18.88
N ILE N 87 36.25 -10.65 -20.19
CA ILE N 87 37.04 -9.62 -20.85
C ILE N 87 36.66 -8.24 -20.32
N SER N 88 35.37 -8.01 -20.05
CA SER N 88 34.95 -6.74 -19.49
C SER N 88 35.57 -6.51 -18.13
N GLU N 89 35.57 -7.54 -17.29
CA GLU N 89 36.17 -7.44 -15.97
C GLU N 89 37.65 -7.14 -16.06
N ALA N 90 38.36 -7.81 -16.97
CA ALA N 90 39.79 -7.54 -17.12
C ALA N 90 40.04 -6.13 -17.60
N ALA N 91 39.24 -5.65 -18.56
CA ALA N 91 39.39 -4.30 -19.08
C ALA N 91 39.16 -3.27 -17.99
N LYS N 92 38.12 -3.47 -17.17
CA LYS N 92 37.84 -2.52 -16.09
C LYS N 92 38.92 -2.57 -15.03
N ARG N 93 39.38 -3.76 -14.67
CA ARG N 93 40.42 -3.90 -13.65
C ARG N 93 41.70 -3.21 -14.09
N ASN N 94 42.05 -3.34 -15.36
CA ASN N 94 43.29 -2.77 -15.86
C ASN N 94 43.13 -1.36 -16.41
N GLU N 95 41.91 -0.85 -16.50
CA GLU N 95 41.64 0.50 -17.00
C GLU N 95 42.29 0.70 -18.38
N THR N 96 42.02 -0.22 -19.29
CA THR N 96 42.59 -0.20 -20.62
C THR N 96 41.52 -0.49 -21.65
N TYR N 97 41.72 0.02 -22.86
CA TYR N 97 40.93 -0.40 -24.00
C TYR N 97 41.41 -1.76 -24.48
N VAL N 98 40.47 -2.60 -24.92
CA VAL N 98 40.79 -3.93 -25.40
C VAL N 98 40.15 -4.12 -26.77
N CYS N 99 40.89 -4.72 -27.68
CA CYS N 99 40.34 -5.25 -28.93
C CYS N 99 40.66 -6.74 -28.95
N ILE N 100 39.61 -7.57 -28.97
CA ILE N 100 39.76 -9.01 -28.94
C ILE N 100 38.91 -9.60 -30.06
N SER N 101 39.54 -10.35 -30.95
CA SER N 101 38.84 -11.00 -32.06
C SER N 101 38.33 -12.37 -31.62
N CYS N 102 37.18 -12.75 -32.15
CA CYS N 102 36.48 -13.94 -31.66
C CYS N 102 35.56 -14.47 -32.75
N SER N 103 35.15 -15.72 -32.58
CA SER N 103 34.05 -16.29 -33.35
C SER N 103 32.75 -16.00 -32.61
N GLU N 104 31.94 -15.12 -33.18
CA GLU N 104 30.68 -14.72 -32.55
C GLU N 104 29.54 -15.58 -33.06
N LYS N 105 28.63 -15.94 -32.16
CA LYS N 105 27.44 -16.68 -32.50
C LYS N 105 26.23 -15.76 -32.38
N ASP N 106 25.44 -15.67 -33.45
CA ASP N 106 24.21 -14.88 -33.46
C ASP N 106 23.12 -15.77 -34.03
N GLY N 107 22.30 -16.36 -33.16
CA GLY N 107 21.30 -17.30 -33.58
C GLY N 107 21.91 -18.64 -33.94
N GLY N 108 21.77 -19.05 -35.19
CA GLY N 108 22.29 -20.30 -35.67
C GLY N 108 23.58 -20.22 -36.45
N SER N 109 24.15 -19.04 -36.61
CA SER N 109 25.32 -18.85 -37.45
C SER N 109 26.48 -18.25 -36.67
N LEU N 110 27.69 -18.49 -37.16
CA LEU N 110 28.90 -17.92 -36.60
C LEU N 110 29.38 -16.76 -37.46
N TYR N 111 29.89 -15.73 -36.80
CA TYR N 111 30.52 -14.59 -37.46
C TYR N 111 31.87 -14.33 -36.82
N LEU N 112 32.77 -13.73 -37.59
CA LEU N 112 34.06 -13.30 -37.09
C LEU N 112 33.97 -11.83 -36.69
N ALA N 113 34.29 -11.53 -35.44
CA ALA N 113 34.07 -10.20 -34.91
C ALA N 113 35.29 -9.73 -34.14
N GLN N 114 35.47 -8.41 -34.11
CA GLN N 114 36.38 -7.74 -33.17
C GLN N 114 35.51 -7.06 -32.12
N LEU N 115 35.68 -7.47 -30.87
CA LEU N 115 34.94 -6.88 -29.77
C LEU N 115 35.80 -5.82 -29.10
N TRP N 116 35.21 -4.68 -28.81
CA TRP N 116 35.91 -3.55 -28.21
C TRP N 116 35.39 -3.31 -26.81
N PHE N 117 36.29 -3.19 -25.85
CA PHE N 117 35.96 -2.89 -24.47
C PHE N 117 36.71 -1.64 -24.04
N ASN N 118 36.06 -0.81 -23.25
CA ASN N 118 36.63 0.44 -22.77
C ASN N 118 37.09 0.29 -21.33
N PRO N 119 37.81 1.28 -20.80
CA PRO N 119 38.30 1.18 -19.42
C PRO N 119 37.20 1.06 -18.38
N ASN N 120 35.98 1.51 -18.67
CA ASN N 120 34.88 1.26 -17.76
C ASN N 120 34.40 -0.18 -17.80
N GLY N 121 34.93 -0.98 -18.72
CA GLY N 121 34.47 -2.34 -18.91
C GLY N 121 33.32 -2.49 -19.88
N ASP N 122 32.84 -1.39 -20.47
CA ASP N 122 31.72 -1.49 -21.40
C ASP N 122 32.16 -2.12 -22.71
N LEU N 123 31.29 -2.96 -23.27
CA LEU N 123 31.44 -3.41 -24.65
C LEU N 123 30.94 -2.29 -25.54
N ILE N 124 31.85 -1.44 -26.00
CA ILE N 124 31.44 -0.23 -26.72
C ILE N 124 30.99 -0.54 -28.13
N GLY N 125 31.44 -1.62 -28.73
CA GLY N 125 30.98 -1.97 -30.07
C GLY N 125 31.68 -3.21 -30.56
N LYS N 126 31.29 -3.62 -31.77
CA LYS N 126 31.93 -4.75 -32.42
C LYS N 126 31.94 -4.52 -33.92
N HIS N 127 32.81 -5.24 -34.60
CA HIS N 127 32.94 -5.20 -36.05
C HIS N 127 32.98 -6.62 -36.57
N ARG N 128 31.99 -7.00 -37.37
CA ARG N 128 32.01 -8.27 -38.06
C ARG N 128 32.74 -8.11 -39.39
N LYS N 129 33.55 -9.10 -39.74
CA LYS N 129 34.29 -9.08 -40.99
C LYS N 129 33.32 -8.96 -42.17
N MET N 130 33.62 -8.04 -43.08
CA MET N 130 32.73 -7.80 -44.21
C MET N 130 32.60 -9.02 -45.11
N ARG N 131 33.71 -9.71 -45.37
CA ARG N 131 33.73 -10.82 -46.31
C ARG N 131 34.82 -11.78 -45.87
N ALA N 132 34.50 -13.07 -45.86
CA ALA N 132 35.43 -14.09 -45.41
C ALA N 132 36.32 -14.55 -46.56
N SER N 133 37.48 -15.08 -46.20
CA SER N 133 38.48 -15.49 -47.19
C SER N 133 38.12 -16.86 -47.74
N VAL N 134 39.08 -17.50 -48.42
CA VAL N 134 38.73 -18.60 -49.32
C VAL N 134 38.00 -19.71 -48.58
N ALA N 135 38.56 -20.19 -47.47
CA ALA N 135 37.93 -21.27 -46.73
C ALA N 135 37.22 -20.79 -45.47
N GLU N 136 37.53 -19.58 -45.01
CA GLU N 136 36.75 -18.97 -43.94
C GLU N 136 35.29 -18.82 -44.36
N ARG N 137 35.02 -18.83 -45.66
CA ARG N 137 33.65 -18.76 -46.15
C ARG N 137 32.84 -19.98 -45.77
N LEU N 138 33.48 -21.10 -45.44
CA LEU N 138 32.77 -22.27 -44.95
C LEU N 138 32.29 -22.12 -43.51
N ILE N 139 32.90 -21.22 -42.73
CA ILE N 139 32.70 -21.15 -41.30
C ILE N 139 31.90 -19.92 -40.90
N TRP N 140 32.25 -18.75 -41.44
CA TRP N 140 31.70 -17.49 -40.97
C TRP N 140 30.86 -16.82 -42.05
N GLY N 141 29.83 -16.11 -41.60
CA GLY N 141 29.03 -15.28 -42.48
C GLY N 141 29.65 -13.92 -42.70
N ASP N 142 28.95 -13.11 -43.48
CA ASP N 142 29.47 -11.80 -43.85
C ASP N 142 28.97 -10.72 -42.91
N GLY N 143 29.72 -9.62 -42.85
CA GLY N 143 29.37 -8.49 -42.04
C GLY N 143 28.47 -7.51 -42.76
N SER N 144 28.37 -6.31 -42.21
CA SER N 144 27.47 -5.30 -42.75
C SER N 144 28.03 -3.92 -42.40
N GLY N 145 27.57 -2.91 -43.14
CA GLY N 145 28.03 -1.56 -42.92
C GLY N 145 27.65 -0.97 -41.59
N SER N 146 26.64 -1.54 -40.93
CA SER N 146 26.24 -1.08 -39.62
C SER N 146 27.27 -1.40 -38.54
N MET N 147 28.25 -2.25 -38.82
CA MET N 147 29.23 -2.70 -37.85
C MET N 147 30.64 -2.46 -38.37
N MET N 148 30.92 -1.23 -38.79
CA MET N 148 32.27 -0.78 -39.15
C MET N 148 32.58 0.47 -38.33
N PRO N 149 32.71 0.35 -37.02
CA PRO N 149 32.71 1.53 -36.15
C PRO N 149 34.10 2.11 -35.91
N VAL N 150 34.12 3.42 -35.77
CA VAL N 150 35.26 4.15 -35.24
C VAL N 150 34.79 4.81 -33.96
N PHE N 151 35.50 4.55 -32.87
CA PHE N 151 35.14 5.08 -31.56
C PHE N 151 35.99 6.30 -31.26
N GLN N 152 35.32 7.41 -30.95
CA GLN N 152 36.00 8.64 -30.54
C GLN N 152 36.29 8.53 -29.04
N THR N 153 37.40 7.86 -28.72
CA THR N 153 37.77 7.58 -27.35
C THR N 153 38.74 8.65 -26.84
N ARG N 154 39.16 8.49 -25.58
CA ARG N 154 40.12 9.41 -24.98
C ARG N 154 41.55 9.15 -25.43
N ILE N 155 41.80 8.08 -26.18
CA ILE N 155 43.13 7.81 -26.71
C ILE N 155 43.09 7.84 -28.23
N GLY N 156 42.21 8.67 -28.79
CA GLY N 156 42.11 8.83 -30.23
C GLY N 156 40.95 8.07 -30.81
N ASN N 157 40.76 8.27 -32.11
CA ASN N 157 39.72 7.57 -32.86
C ASN N 157 40.21 6.16 -33.16
N LEU N 158 39.56 5.15 -32.55
CA LEU N 158 40.01 3.78 -32.62
C LEU N 158 39.13 2.98 -33.57
N GLY N 159 39.77 2.16 -34.40
CA GLY N 159 39.07 1.23 -35.27
C GLY N 159 39.95 0.04 -35.55
N GLY N 160 39.42 -0.89 -36.33
CA GLY N 160 40.18 -2.08 -36.67
C GLY N 160 39.57 -2.88 -37.80
N LEU N 161 40.41 -3.59 -38.54
CA LEU N 161 39.99 -4.51 -39.59
C LEU N 161 40.74 -5.81 -39.42
N MET N 162 40.27 -6.85 -40.09
CA MET N 162 40.77 -8.20 -39.91
C MET N 162 41.35 -8.73 -41.21
N CYS N 163 42.64 -9.09 -41.18
CA CYS N 163 43.28 -9.82 -42.26
C CYS N 163 43.08 -9.15 -43.61
N TRP N 164 42.51 -9.87 -44.59
CA TRP N 164 42.45 -9.36 -45.96
C TRP N 164 41.49 -8.21 -46.14
N GLU N 165 40.76 -7.80 -45.09
CA GLU N 165 39.98 -6.58 -45.20
C GLU N 165 40.87 -5.38 -45.52
N HIS N 166 42.15 -5.45 -45.13
CA HIS N 166 43.09 -4.39 -45.44
C HIS N 166 43.40 -4.31 -46.94
N GLN N 167 43.08 -5.35 -47.70
CA GLN N 167 43.29 -5.36 -49.13
C GLN N 167 42.02 -5.01 -49.90
N VAL N 168 41.00 -4.49 -49.23
CA VAL N 168 39.74 -4.10 -49.83
C VAL N 168 39.66 -2.57 -49.80
N PRO N 169 39.81 -1.89 -50.92
CA PRO N 169 39.83 -0.41 -50.89
C PRO N 169 38.63 0.23 -50.21
N LEU N 170 37.43 -0.31 -50.42
CA LEU N 170 36.24 0.32 -49.84
C LEU N 170 36.22 0.22 -48.33
N ASP N 171 36.77 -0.85 -47.75
CA ASP N 171 36.94 -0.88 -46.30
C ASP N 171 37.88 0.21 -45.82
N LEU N 172 38.97 0.43 -46.56
CA LEU N 172 39.89 1.51 -46.22
C LEU N 172 39.17 2.85 -46.26
N MET N 173 38.33 3.08 -47.28
CA MET N 173 37.62 4.35 -47.36
C MET N 173 36.57 4.48 -46.27
N ALA N 174 35.90 3.38 -45.92
CA ALA N 174 34.94 3.43 -44.83
C ALA N 174 35.61 3.83 -43.53
N MET N 175 36.81 3.32 -43.29
CA MET N 175 37.52 3.67 -42.07
C MET N 175 38.09 5.09 -42.13
N ASN N 176 38.59 5.52 -43.29
CA ASN N 176 39.15 6.85 -43.45
C ASN N 176 38.09 7.94 -43.51
N ALA N 177 36.83 7.58 -43.79
CA ALA N 177 35.75 8.56 -43.82
C ALA N 177 35.40 9.02 -42.42
N GLN N 178 35.63 8.18 -41.42
CA GLN N 178 35.31 8.47 -40.04
C GLN N 178 36.52 8.95 -39.25
N ASN N 179 37.62 9.23 -39.94
CA ASN N 179 38.80 9.88 -39.33
C ASN N 179 39.49 8.97 -38.32
N GLU N 180 39.62 7.69 -38.66
CA GLU N 180 40.34 6.77 -37.79
C GLU N 180 41.80 7.22 -37.64
N GLN N 181 42.29 7.16 -36.42
CA GLN N 181 43.65 7.60 -36.08
C GLN N 181 44.53 6.48 -35.56
N VAL N 182 43.99 5.57 -34.75
CA VAL N 182 44.69 4.41 -34.24
C VAL N 182 43.94 3.17 -34.70
N HIS N 183 44.65 2.25 -35.36
CA HIS N 183 44.05 1.13 -36.05
C HIS N 183 44.61 -0.18 -35.51
N VAL N 184 43.73 -1.16 -35.35
CA VAL N 184 44.11 -2.50 -34.94
C VAL N 184 43.93 -3.44 -36.13
N ALA N 185 45.01 -4.06 -36.57
CA ALA N 185 45.03 -4.94 -37.72
C ALA N 185 45.28 -6.36 -37.22
N SER N 186 44.21 -7.16 -37.13
CA SER N 186 44.31 -8.52 -36.63
C SER N 186 44.57 -9.49 -37.78
N TRP N 187 45.55 -10.36 -37.59
CA TRP N 187 45.90 -11.36 -38.59
C TRP N 187 45.95 -12.72 -37.94
N PRO N 188 45.68 -13.78 -38.70
CA PRO N 188 45.76 -15.13 -38.11
C PRO N 188 47.16 -15.70 -38.06
N GLY N 189 47.97 -15.42 -39.07
CA GLY N 189 49.35 -15.89 -39.11
C GLY N 189 49.79 -16.45 -40.44
N TYR N 190 48.88 -17.10 -41.17
CA TYR N 190 49.27 -17.77 -42.41
C TYR N 190 49.42 -16.81 -43.56
N PHE N 191 48.58 -15.78 -43.62
CA PHE N 191 48.57 -14.83 -44.71
C PHE N 191 49.60 -13.73 -44.48
N ASP N 192 49.99 -13.06 -45.57
CA ASP N 192 51.01 -12.04 -45.50
C ASP N 192 50.48 -10.78 -44.83
N ASP N 193 51.20 -10.30 -43.81
CA ASP N 193 50.73 -9.22 -42.97
C ASP N 193 51.46 -7.90 -43.18
N GLU N 194 52.73 -7.92 -43.57
CA GLU N 194 53.56 -6.72 -43.54
C GLU N 194 53.06 -5.67 -44.51
N ILE N 195 53.00 -6.01 -45.81
CA ILE N 195 52.72 -5.03 -46.84
C ILE N 195 51.38 -4.37 -46.58
N SER N 196 50.35 -5.17 -46.28
CA SER N 196 49.01 -4.63 -46.13
C SER N 196 48.93 -3.67 -44.94
N SER N 197 49.51 -4.06 -43.80
CA SER N 197 49.39 -3.22 -42.61
C SER N 197 50.18 -1.94 -42.76
N ARG N 198 51.38 -2.00 -43.36
CA ARG N 198 52.14 -0.79 -43.60
C ARG N 198 51.43 0.12 -44.59
N TYR N 199 50.88 -0.44 -45.66
CA TYR N 199 50.15 0.37 -46.62
C TYR N 199 48.94 1.01 -45.97
N TYR N 200 48.24 0.27 -45.11
CA TYR N 200 47.10 0.86 -44.40
C TYR N 200 47.54 2.03 -43.55
N ALA N 201 48.65 1.86 -42.82
CA ALA N 201 49.18 2.97 -42.03
C ALA N 201 49.41 4.19 -42.90
N ILE N 202 50.02 3.99 -44.07
CA ILE N 202 50.34 5.13 -44.92
C ILE N 202 49.07 5.77 -45.48
N ALA N 203 48.15 4.95 -45.98
CA ALA N 203 47.02 5.44 -46.77
C ALA N 203 45.84 5.90 -45.92
N THR N 204 45.82 5.58 -44.62
CA THR N 204 44.79 6.06 -43.72
C THR N 204 45.35 6.99 -42.66
N GLN N 205 46.64 7.28 -42.68
CA GLN N 205 47.29 8.14 -41.70
C GLN N 205 46.99 7.66 -40.28
N THR N 206 47.27 6.39 -40.04
CA THR N 206 46.90 5.72 -38.81
C THR N 206 48.12 5.03 -38.21
N PHE N 207 48.24 5.10 -36.88
CA PHE N 207 49.09 4.16 -36.16
C PHE N 207 48.43 2.79 -36.24
N VAL N 208 49.18 1.78 -36.68
CA VAL N 208 48.61 0.46 -36.94
C VAL N 208 49.24 -0.53 -35.99
N LEU N 209 48.42 -1.15 -35.15
CA LEU N 209 48.82 -2.28 -34.31
C LEU N 209 48.56 -3.55 -35.09
N MET N 210 49.61 -4.16 -35.61
CA MET N 210 49.50 -5.42 -36.33
C MET N 210 49.68 -6.56 -35.32
N THR N 211 48.61 -7.32 -35.09
CA THR N 211 48.61 -8.42 -34.15
C THR N 211 48.37 -9.72 -34.91
N SER N 212 49.17 -10.73 -34.63
CA SER N 212 49.10 -12.00 -35.35
C SER N 212 49.32 -13.14 -34.37
N SER N 213 48.75 -14.29 -34.70
CA SER N 213 48.81 -15.47 -33.85
C SER N 213 49.91 -16.42 -34.32
N ILE N 214 50.16 -17.45 -33.52
CA ILE N 214 51.19 -18.44 -33.77
C ILE N 214 50.56 -19.82 -33.77
N TYR N 215 51.31 -20.81 -34.23
CA TYR N 215 50.87 -22.20 -34.25
C TYR N 215 51.50 -22.96 -33.10
N THR N 216 50.67 -23.62 -32.29
CA THR N 216 51.13 -24.49 -31.22
C THR N 216 51.07 -25.95 -31.67
N GLU N 217 51.64 -26.82 -30.83
CA GLU N 217 51.69 -28.25 -31.15
C GLU N 217 50.35 -28.93 -30.94
N GLU N 218 49.61 -28.53 -29.90
CA GLU N 218 48.35 -29.20 -29.63
C GLU N 218 47.34 -28.97 -30.75
N MET N 219 47.39 -27.82 -31.40
CA MET N 219 46.54 -27.59 -32.58
C MET N 219 46.88 -28.59 -33.67
N LYS N 220 48.16 -28.77 -33.96
CA LYS N 220 48.57 -29.74 -34.97
C LYS N 220 48.13 -31.15 -34.58
N GLU N 221 48.23 -31.49 -33.29
CA GLU N 221 47.72 -32.78 -32.83
C GLU N 221 46.22 -32.90 -33.10
N MET N 222 45.47 -31.85 -32.79
CA MET N 222 44.02 -31.95 -32.83
C MET N 222 43.49 -32.05 -34.25
N ILE N 223 44.05 -31.26 -35.18
CA ILE N 223 43.43 -31.14 -36.49
C ILE N 223 44.15 -31.93 -37.58
N CYS N 224 45.41 -32.28 -37.41
CA CYS N 224 46.13 -33.10 -38.39
C CYS N 224 45.88 -34.56 -38.06
N LEU N 225 44.97 -35.19 -38.81
CA LEU N 225 44.60 -36.58 -38.56
C LEU N 225 45.38 -37.55 -39.43
N THR N 226 46.21 -37.06 -40.35
CA THR N 226 47.02 -37.91 -41.22
C THR N 226 48.39 -37.28 -41.37
N GLN N 227 49.34 -38.06 -41.87
CA GLN N 227 50.69 -37.54 -42.05
C GLN N 227 50.73 -36.49 -43.16
N GLU N 228 50.01 -36.72 -44.25
CA GLU N 228 49.98 -35.75 -45.34
C GLU N 228 49.44 -34.41 -44.84
N GLN N 229 48.34 -34.45 -44.09
CA GLN N 229 47.80 -33.23 -43.50
C GLN N 229 48.81 -32.59 -42.57
N ARG N 230 49.54 -33.40 -41.80
CA ARG N 230 50.54 -32.87 -40.89
C ARG N 230 51.61 -32.07 -41.64
N ASP N 231 52.17 -32.66 -42.69
CA ASP N 231 53.21 -31.97 -43.46
C ASP N 231 52.65 -30.71 -44.10
N TYR N 232 51.47 -30.81 -44.72
CA TYR N 232 50.91 -29.65 -45.39
C TYR N 232 50.69 -28.51 -44.41
N PHE N 233 50.15 -28.80 -43.22
CA PHE N 233 49.99 -27.75 -42.23
C PHE N 233 51.33 -27.26 -41.70
N GLU N 234 52.35 -28.11 -41.74
CA GLU N 234 53.69 -27.68 -41.34
C GLU N 234 54.25 -26.65 -42.31
N THR N 235 53.88 -26.74 -43.59
CA THR N 235 54.39 -25.78 -44.56
C THR N 235 53.85 -24.36 -44.36
N PHE N 236 52.87 -24.18 -43.48
CA PHE N 236 52.25 -22.87 -43.33
C PHE N 236 53.26 -21.83 -42.82
N LYS N 237 53.09 -20.61 -43.30
CA LYS N 237 54.00 -19.51 -42.97
C LYS N 237 53.65 -18.92 -41.59
N SER N 238 54.61 -18.19 -41.04
CA SER N 238 54.46 -17.53 -39.75
C SER N 238 54.07 -16.06 -39.94
N GLY N 239 53.28 -15.55 -39.00
CA GLY N 239 52.92 -14.15 -38.99
C GLY N 239 53.88 -13.30 -38.17
N HIS N 240 53.59 -12.00 -38.13
CA HIS N 240 54.40 -11.04 -37.41
C HIS N 240 53.51 -10.13 -36.59
N THR N 241 54.06 -9.60 -35.50
CA THR N 241 53.36 -8.66 -34.63
C THR N 241 54.25 -7.44 -34.44
N CYS N 242 53.73 -6.26 -34.78
CA CYS N 242 54.51 -5.04 -34.72
C CYS N 242 53.55 -3.86 -34.74
N ILE N 243 54.09 -2.66 -34.49
CA ILE N 243 53.33 -1.43 -34.49
C ILE N 243 53.99 -0.46 -35.46
N TYR N 244 53.18 0.17 -36.30
CA TYR N 244 53.66 1.07 -37.34
C TYR N 244 53.13 2.48 -37.10
N GLY N 245 53.93 3.47 -37.46
CA GLY N 245 53.49 4.84 -37.42
C GLY N 245 52.73 5.22 -38.67
N PRO N 246 52.19 6.45 -38.67
CA PRO N 246 51.40 6.91 -39.82
C PRO N 246 52.20 7.02 -41.11
N ASP N 247 53.54 7.00 -41.06
CA ASP N 247 54.36 6.97 -42.26
C ASP N 247 54.62 5.56 -42.77
N GLY N 248 54.17 4.53 -42.04
CA GLY N 248 54.41 3.16 -42.41
C GLY N 248 55.64 2.53 -41.80
N GLU N 249 56.52 3.31 -41.17
CA GLU N 249 57.70 2.75 -40.55
C GLU N 249 57.36 2.19 -39.17
N PRO N 250 58.03 1.13 -38.74
CA PRO N 250 57.76 0.58 -37.41
C PRO N 250 58.24 1.50 -36.30
N ILE N 251 57.52 1.46 -35.18
CA ILE N 251 57.92 2.18 -33.99
C ILE N 251 58.15 1.24 -32.81
N SER N 252 58.10 -0.06 -33.04
CA SER N 252 58.38 -1.06 -32.02
C SER N 252 59.13 -2.21 -32.68
N ASP N 253 59.67 -3.09 -31.85
CA ASP N 253 60.41 -4.24 -32.34
C ASP N 253 59.46 -5.42 -32.55
N MET N 254 59.62 -6.09 -33.68
CA MET N 254 58.82 -7.26 -33.98
C MET N 254 59.04 -8.33 -32.92
N VAL N 255 57.95 -8.96 -32.49
CA VAL N 255 58.08 -10.08 -31.56
C VAL N 255 58.85 -11.20 -32.27
N PRO N 256 59.70 -11.95 -31.57
CA PRO N 256 60.40 -13.07 -32.23
C PRO N 256 59.41 -14.05 -32.85
N ALA N 257 59.78 -14.58 -34.01
CA ALA N 257 58.88 -15.46 -34.74
C ALA N 257 58.56 -16.72 -33.96
N GLU N 258 57.29 -17.10 -33.97
CA GLU N 258 56.77 -18.32 -33.38
C GLU N 258 56.90 -18.37 -31.87
N THR N 259 57.18 -17.24 -31.23
CA THR N 259 57.15 -17.13 -29.78
C THR N 259 55.98 -16.26 -29.36
N GLU N 260 55.70 -16.27 -28.07
CA GLU N 260 54.61 -15.50 -27.49
C GLU N 260 55.18 -14.28 -26.78
N GLY N 261 54.71 -13.10 -27.15
CA GLY N 261 55.18 -11.89 -26.54
C GLY N 261 54.22 -10.75 -26.81
N ILE N 262 54.63 -9.54 -26.42
CA ILE N 262 53.83 -8.34 -26.64
C ILE N 262 54.76 -7.23 -27.12
N ALA N 263 54.31 -6.50 -28.13
CA ALA N 263 55.04 -5.36 -28.67
C ALA N 263 54.44 -4.08 -28.09
N TYR N 264 55.31 -3.14 -27.73
CA TYR N 264 54.89 -1.89 -27.10
C TYR N 264 55.46 -0.71 -27.88
N ALA N 265 54.64 0.34 -28.00
CA ALA N 265 55.05 1.55 -28.69
C ALA N 265 54.38 2.73 -28.01
N GLU N 266 54.91 3.92 -28.26
CA GLU N 266 54.36 5.17 -27.74
C GLU N 266 53.58 5.82 -28.88
N ILE N 267 52.25 5.70 -28.83
CA ILE N 267 51.39 6.33 -29.83
C ILE N 267 51.26 7.81 -29.49
N ASP N 268 51.63 8.66 -30.43
CA ASP N 268 51.49 10.11 -30.29
C ASP N 268 50.55 10.55 -31.42
N VAL N 269 49.26 10.63 -31.11
CA VAL N 269 48.25 10.88 -32.12
C VAL N 269 48.50 12.19 -32.85
N GLU N 270 49.28 13.10 -32.25
CA GLU N 270 49.58 14.36 -32.89
C GLU N 270 50.39 14.20 -34.17
N ARG N 271 50.97 13.02 -34.42
CA ARG N 271 51.75 12.80 -35.63
C ARG N 271 50.88 12.63 -36.87
N VAL N 272 49.64 12.17 -36.70
CA VAL N 272 48.78 11.95 -37.87
C VAL N 272 48.58 13.25 -38.64
N ILE N 273 48.72 14.39 -37.96
CA ILE N 273 48.53 15.69 -38.62
C ILE N 273 49.56 15.89 -39.71
N ASP N 274 50.81 15.50 -39.45
CA ASP N 274 51.87 15.73 -40.43
C ASP N 274 51.64 14.98 -41.72
N TYR N 275 50.83 13.93 -41.70
CA TYR N 275 50.54 13.15 -42.89
C TYR N 275 49.16 13.43 -43.45
N LYS N 276 48.26 14.01 -42.66
CA LYS N 276 47.08 14.64 -43.24
C LYS N 276 47.47 15.84 -44.08
N TYR N 277 48.62 16.45 -43.76
CA TYR N 277 49.17 17.50 -44.62
C TYR N 277 49.46 16.97 -46.01
N TYR N 278 50.03 15.77 -46.10
CA TYR N 278 50.37 15.20 -47.39
C TYR N 278 49.13 14.72 -48.14
N ILE N 279 48.27 13.98 -47.46
CA ILE N 279 47.24 13.20 -48.14
C ILE N 279 46.09 12.93 -47.17
N ASP N 280 44.88 12.94 -47.72
CA ASP N 280 43.66 12.58 -47.00
C ASP N 280 42.64 12.15 -48.03
N PRO N 281 42.64 10.88 -48.46
CA PRO N 281 41.79 10.50 -49.59
C PRO N 281 40.32 10.79 -49.37
N ALA N 282 39.85 10.74 -48.13
CA ALA N 282 38.47 11.09 -47.82
C ALA N 282 38.26 12.59 -47.65
N GLY N 283 39.31 13.38 -47.81
CA GLY N 283 39.22 14.82 -47.66
C GLY N 283 39.80 15.57 -48.85
N HIS N 284 40.83 16.38 -48.59
CA HIS N 284 41.37 17.26 -49.62
C HIS N 284 41.95 16.49 -50.79
N TYR N 285 42.53 15.32 -50.55
CA TYR N 285 43.22 14.57 -51.60
C TYR N 285 42.25 13.69 -52.38
N SER N 286 41.28 14.35 -53.01
CA SER N 286 40.16 13.67 -53.64
C SER N 286 39.83 14.34 -54.95
N ASN N 287 39.04 13.64 -55.75
CA ASN N 287 38.54 14.14 -57.02
C ASN N 287 37.04 13.88 -57.07
N GLN N 288 36.28 14.86 -57.57
CA GLN N 288 34.83 14.76 -57.55
C GLN N 288 34.30 13.63 -58.40
N SER N 289 35.09 13.11 -59.34
CA SER N 289 34.59 12.08 -60.24
C SER N 289 34.43 10.73 -59.56
N LEU N 290 35.10 10.49 -58.44
CA LEU N 290 35.05 9.21 -57.75
C LEU N 290 34.55 9.43 -56.33
N SER N 291 33.44 8.77 -56.00
CA SER N 291 32.89 8.80 -54.66
C SER N 291 32.42 7.40 -54.31
N MET N 292 31.99 7.22 -53.07
CA MET N 292 31.52 5.92 -52.62
C MET N 292 30.31 6.10 -51.71
N ASN N 293 29.47 5.07 -51.69
CA ASN N 293 28.29 5.03 -50.83
C ASN N 293 28.56 4.09 -49.66
N PHE N 294 28.43 4.59 -48.45
CA PHE N 294 28.64 3.84 -47.23
C PHE N 294 27.28 3.71 -46.55
N ASN N 295 26.67 2.54 -46.69
CA ASN N 295 25.36 2.28 -46.11
C ASN N 295 25.54 1.65 -44.72
N GLN N 296 25.09 2.36 -43.69
CA GLN N 296 25.24 1.91 -42.31
C GLN N 296 23.92 1.46 -41.70
N GLN N 297 22.90 1.22 -42.51
CA GLN N 297 21.64 0.73 -41.97
C GLN N 297 21.79 -0.74 -41.57
N PRO N 298 21.24 -1.13 -40.42
CA PRO N 298 21.26 -2.56 -40.06
C PRO N 298 20.53 -3.41 -41.09
N THR N 299 21.11 -4.56 -41.41
CA THR N 299 20.54 -5.48 -42.40
C THR N 299 20.50 -6.89 -41.84
N PRO N 300 19.73 -7.13 -40.78
CA PRO N 300 19.41 -8.51 -40.41
C PRO N 300 18.48 -9.13 -41.43
N VAL N 301 18.57 -10.46 -41.57
CA VAL N 301 17.70 -11.16 -42.51
C VAL N 301 16.24 -10.96 -42.10
N VAL N 302 15.95 -11.06 -40.81
CA VAL N 302 14.63 -10.78 -40.26
C VAL N 302 14.76 -9.57 -39.36
N LYS N 303 13.99 -8.53 -39.66
CA LYS N 303 13.96 -7.31 -38.86
C LYS N 303 12.76 -7.41 -37.93
N HIS N 304 13.02 -7.34 -36.63
CA HIS N 304 11.97 -7.47 -35.63
C HIS N 304 11.33 -6.10 -35.38
N LEU N 305 10.00 -6.06 -35.41
CA LEU N 305 9.25 -4.85 -35.12
C LEU N 305 8.41 -5.08 -33.87
N ASN N 306 8.49 -4.16 -32.92
CA ASN N 306 7.67 -4.23 -31.72
C ASN N 306 7.87 -5.56 -30.99
N HIS N 307 9.12 -6.00 -30.91
CA HIS N 307 9.43 -7.27 -30.27
C HIS N 307 8.95 -7.28 -28.83
N GLN N 308 8.32 -8.39 -28.44
CA GLN N 308 7.82 -8.53 -27.08
C GLN N 308 8.09 -9.94 -26.58
N LYS N 309 8.21 -10.08 -25.27
CA LYS N 309 8.54 -11.35 -24.64
C LYS N 309 7.28 -12.11 -24.26
N ASN N 310 7.45 -13.42 -24.05
CA ASN N 310 6.34 -14.30 -23.69
C ASN N 310 6.10 -14.25 -22.19
N GLU N 311 4.83 -14.05 -21.81
CA GLU N 311 4.44 -14.04 -20.41
C GLU N 311 3.80 -15.39 -20.06
N VAL N 312 4.39 -16.08 -19.10
CA VAL N 312 3.94 -17.42 -18.75
C VAL N 312 2.72 -17.34 -17.86
N PHE N 313 1.81 -18.31 -18.02
CA PHE N 313 0.63 -18.44 -17.18
C PHE N 313 0.92 -19.57 -16.19
N THR N 314 1.19 -19.19 -14.95
CA THR N 314 1.83 -20.08 -14.00
C THR N 314 0.89 -21.22 -13.59
N TYR N 315 1.49 -22.27 -13.03
CA TYR N 315 0.72 -23.41 -12.56
C TYR N 315 -0.23 -23.01 -11.43
N GLU N 316 0.24 -22.16 -10.51
CA GLU N 316 -0.65 -21.64 -9.48
C GLU N 316 -1.72 -20.75 -10.08
N ASP N 317 -1.35 -19.88 -11.02
CA ASP N 317 -2.33 -19.03 -11.68
C ASP N 317 -3.35 -19.84 -12.45
N ILE N 318 -3.05 -21.11 -12.77
CA ILE N 318 -3.97 -21.95 -13.51
C ILE N 318 -4.87 -22.77 -12.58
N GLN N 319 -4.46 -23.00 -11.34
CA GLN N 319 -5.13 -23.94 -10.48
C GLN N 319 -5.48 -23.34 -9.12
N THR O 1 -9.60 -38.12 49.88
CA THR O 1 -11.01 -37.68 50.08
C THR O 1 -11.91 -38.15 48.95
N SER O 2 -11.34 -38.91 48.02
CA SER O 2 -12.09 -39.46 46.90
C SER O 2 -12.51 -40.89 47.25
N ILE O 3 -13.82 -41.14 47.24
CA ILE O 3 -14.37 -42.45 47.57
C ILE O 3 -15.30 -42.86 46.45
N TYR O 4 -15.41 -44.18 46.23
CA TYR O 4 -16.20 -44.76 45.15
C TYR O 4 -17.02 -45.90 45.73
N PRO O 5 -18.10 -45.58 46.45
CA PRO O 5 -18.84 -46.62 47.16
C PRO O 5 -19.78 -47.40 46.25
N LYS O 6 -20.30 -48.49 46.80
CA LYS O 6 -21.33 -49.30 46.15
C LYS O 6 -22.59 -49.22 46.99
N PHE O 7 -23.75 -49.11 46.33
CA PHE O 7 -25.01 -49.00 47.03
C PHE O 7 -26.15 -49.28 46.06
N ARG O 8 -27.35 -49.35 46.61
CA ARG O 8 -28.55 -49.66 45.86
C ARG O 8 -29.44 -48.43 45.81
N ALA O 9 -29.85 -48.03 44.61
CA ALA O 9 -30.71 -46.87 44.41
C ALA O 9 -32.09 -47.32 44.00
N ALA O 10 -33.07 -46.44 44.22
CA ALA O 10 -34.47 -46.73 43.94
C ALA O 10 -35.10 -45.54 43.23
N ALA O 11 -35.58 -45.75 42.01
CA ALA O 11 -36.34 -44.77 41.27
C ALA O 11 -37.83 -45.09 41.43
N VAL O 12 -38.62 -44.08 41.77
CA VAL O 12 -40.05 -44.25 42.05
C VAL O 12 -40.83 -43.78 40.83
N GLN O 13 -41.78 -44.60 40.38
CA GLN O 13 -42.79 -44.21 39.41
C GLN O 13 -44.14 -44.25 40.12
N ALA O 14 -44.69 -43.08 40.40
CA ALA O 14 -45.93 -43.02 41.16
C ALA O 14 -46.62 -41.70 40.88
N ALA O 15 -47.88 -41.64 41.26
CA ALA O 15 -48.65 -40.41 41.25
C ALA O 15 -48.89 -39.95 42.68
N PRO O 16 -49.08 -38.66 42.90
CA PRO O 16 -49.53 -38.20 44.22
C PRO O 16 -51.04 -38.22 44.33
N ILE O 17 -51.58 -37.80 45.47
CA ILE O 17 -53.01 -37.52 45.58
C ILE O 17 -53.19 -36.06 45.16
N TYR O 18 -53.77 -35.85 43.99
CA TYR O 18 -53.63 -34.59 43.27
C TYR O 18 -54.09 -33.41 44.13
N LEU O 19 -53.18 -32.45 44.33
CA LEU O 19 -53.46 -31.21 45.05
C LEU O 19 -53.97 -31.49 46.46
N ASN O 20 -53.35 -32.46 47.12
CA ASN O 20 -53.65 -32.80 48.51
C ASN O 20 -52.30 -33.08 49.18
N LEU O 21 -51.74 -32.07 49.84
CA LEU O 21 -50.37 -32.20 50.33
C LEU O 21 -50.26 -33.27 51.41
N GLU O 22 -51.23 -33.36 52.31
CA GLU O 22 -51.13 -34.34 53.39
C GLU O 22 -51.09 -35.76 52.82
N ALA O 23 -52.03 -36.08 51.93
CA ALA O 23 -52.08 -37.42 51.35
C ALA O 23 -50.84 -37.70 50.50
N SER O 24 -50.37 -36.71 49.75
CA SER O 24 -49.16 -36.90 48.95
C SER O 24 -47.95 -37.16 49.85
N VAL O 25 -47.86 -36.46 50.98
CA VAL O 25 -46.77 -36.67 51.91
C VAL O 25 -46.85 -38.06 52.52
N GLU O 26 -48.07 -38.51 52.85
CA GLU O 26 -48.24 -39.85 53.39
C GLU O 26 -47.84 -40.92 52.39
N LYS O 27 -48.23 -40.74 51.13
CA LYS O 27 -47.84 -41.67 50.08
C LYS O 27 -46.33 -41.66 49.90
N SER O 28 -45.70 -40.49 50.02
CA SER O 28 -44.26 -40.41 49.93
C SER O 28 -43.60 -41.18 51.06
N CYS O 29 -44.15 -41.09 52.27
CA CYS O 29 -43.62 -41.87 53.38
C CYS O 29 -43.73 -43.37 53.09
N GLU O 30 -44.89 -43.80 52.58
CA GLU O 30 -45.06 -45.22 52.27
C GLU O 30 -44.07 -45.69 51.22
N LEU O 31 -43.88 -44.89 50.18
CA LEU O 31 -42.97 -45.27 49.10
C LEU O 31 -41.53 -45.31 49.58
N ILE O 32 -41.13 -44.33 50.41
CA ILE O 32 -39.78 -44.37 50.96
C ILE O 32 -39.60 -45.62 51.81
N ASP O 33 -40.61 -45.95 52.62
CA ASP O 33 -40.51 -47.15 53.46
C ASP O 33 -40.29 -48.39 52.61
N GLU O 34 -41.09 -48.55 51.55
CA GLU O 34 -40.95 -49.74 50.71
C GLU O 34 -39.59 -49.78 50.03
N ALA O 35 -39.19 -48.69 49.39
CA ALA O 35 -37.91 -48.67 48.68
C ALA O 35 -36.75 -48.97 49.62
N ALA O 36 -36.77 -48.39 50.83
CA ALA O 36 -35.69 -48.63 51.77
C ALA O 36 -35.71 -50.06 52.28
N SER O 37 -36.90 -50.60 52.57
CA SER O 37 -36.99 -51.98 53.02
C SER O 37 -36.46 -52.93 51.97
N ASN O 38 -36.51 -52.55 50.69
CA ASN O 38 -35.91 -53.36 49.64
C ASN O 38 -34.44 -53.04 49.43
N GLY O 39 -33.76 -52.50 50.44
CA GLY O 39 -32.33 -52.29 50.38
C GLY O 39 -31.88 -51.01 49.71
N ALA O 40 -32.80 -50.16 49.26
CA ALA O 40 -32.41 -48.95 48.56
C ALA O 40 -31.87 -47.90 49.53
N LYS O 41 -30.74 -47.30 49.19
CA LYS O 41 -30.12 -46.27 49.99
C LYS O 41 -30.33 -44.87 49.43
N LEU O 42 -30.85 -44.76 48.21
CA LEU O 42 -31.28 -43.51 47.64
C LEU O 42 -32.68 -43.73 47.06
N VAL O 43 -33.58 -42.79 47.30
CA VAL O 43 -34.93 -42.85 46.78
C VAL O 43 -35.21 -41.54 46.06
N ALA O 44 -35.59 -41.62 44.79
CA ALA O 44 -35.86 -40.48 43.95
C ALA O 44 -37.32 -40.48 43.52
N PHE O 45 -37.89 -39.30 43.37
CA PHE O 45 -39.31 -39.12 43.14
C PHE O 45 -39.57 -38.31 41.88
N PRO O 46 -40.74 -38.45 41.27
CA PRO O 46 -41.06 -37.69 40.05
C PRO O 46 -41.03 -36.19 40.30
N GLU O 47 -41.14 -35.44 39.20
CA GLU O 47 -41.13 -33.99 39.27
C GLU O 47 -42.43 -33.46 39.87
N ALA O 48 -42.30 -32.47 40.76
CA ALA O 48 -43.44 -31.80 41.38
C ALA O 48 -44.36 -32.80 42.07
N PHE O 49 -43.79 -33.85 42.65
CA PHE O 49 -44.61 -34.90 43.23
C PHE O 49 -45.48 -34.39 44.36
N LEU O 50 -45.07 -33.33 45.05
CA LEU O 50 -45.84 -32.76 46.14
C LEU O 50 -46.33 -31.38 45.77
N PRO O 51 -47.64 -31.14 45.61
CA PRO O 51 -48.78 -32.08 45.65
C PRO O 51 -49.20 -32.61 44.29
N GLY O 52 -48.49 -32.29 43.22
CA GLY O 52 -48.84 -32.76 41.89
C GLY O 52 -48.44 -31.76 40.84
N TYR O 53 -48.15 -32.26 39.65
CA TYR O 53 -47.73 -31.43 38.54
C TYR O 53 -48.93 -30.66 37.98
N PRO O 54 -48.81 -29.35 37.73
CA PRO O 54 -49.98 -28.59 37.27
C PRO O 54 -50.35 -28.88 35.83
N TRP O 55 -51.05 -30.00 35.61
CA TRP O 55 -51.46 -30.34 34.26
C TRP O 55 -52.50 -29.38 33.71
N PHE O 56 -53.35 -28.83 34.59
CA PHE O 56 -54.38 -27.90 34.16
C PHE O 56 -53.79 -26.73 33.38
N ALA O 57 -52.55 -26.35 33.68
CA ALA O 57 -51.92 -25.24 32.98
C ALA O 57 -51.77 -25.51 31.49
N PHE O 58 -51.86 -26.77 31.06
CA PHE O 58 -51.65 -27.14 29.67
C PHE O 58 -52.93 -27.42 28.91
N ILE O 59 -54.08 -27.44 29.57
CA ILE O 59 -55.34 -27.82 28.91
C ILE O 59 -56.39 -26.73 29.02
N GLY O 60 -55.99 -25.49 29.30
CA GLY O 60 -56.94 -24.40 29.34
C GLY O 60 -56.21 -23.08 29.24
N HIS O 61 -56.98 -22.01 29.17
CA HIS O 61 -56.40 -20.68 29.14
C HIS O 61 -56.02 -20.22 30.54
N PRO O 62 -55.17 -19.20 30.66
CA PRO O 62 -54.64 -18.83 31.98
C PRO O 62 -55.70 -18.51 33.03
N GLU O 63 -56.88 -18.01 32.65
CA GLU O 63 -57.89 -17.73 33.66
C GLU O 63 -58.50 -19.01 34.22
N TYR O 64 -58.60 -20.05 33.40
CA TYR O 64 -58.95 -21.37 33.91
C TYR O 64 -57.84 -21.93 34.78
N THR O 65 -56.58 -21.64 34.42
CA THR O 65 -55.44 -22.10 35.20
C THR O 65 -55.39 -21.44 36.57
N ARG O 66 -55.92 -20.22 36.69
CA ARG O 66 -55.86 -19.49 37.95
C ARG O 66 -56.65 -20.19 39.05
N LYS O 67 -57.80 -20.77 38.70
CA LYS O 67 -58.63 -21.43 39.71
C LYS O 67 -57.90 -22.59 40.36
N PHE O 68 -57.18 -23.38 39.57
CA PHE O 68 -56.44 -24.51 40.12
C PHE O 68 -55.09 -24.10 40.69
N TYR O 69 -54.53 -22.99 40.22
CA TYR O 69 -53.38 -22.40 40.90
C TYR O 69 -53.74 -22.03 42.33
N HIS O 70 -54.97 -21.61 42.57
CA HIS O 70 -55.41 -21.37 43.94
C HIS O 70 -55.20 -22.62 44.81
N GLU O 71 -55.73 -23.77 44.35
CA GLU O 71 -55.61 -24.99 45.15
C GLU O 71 -54.16 -25.44 45.28
N LEU O 72 -53.40 -25.37 44.19
CA LEU O 72 -51.99 -25.75 44.28
C LEU O 72 -51.23 -24.85 45.24
N TYR O 73 -51.53 -23.55 45.23
CA TYR O 73 -50.89 -22.61 46.14
C TYR O 73 -51.20 -22.93 47.58
N LYS O 74 -52.45 -23.30 47.87
CA LYS O 74 -52.80 -23.65 49.24
C LYS O 74 -52.13 -24.94 49.70
N ASN O 75 -51.56 -25.73 48.80
CA ASN O 75 -51.02 -27.04 49.12
C ASN O 75 -49.52 -27.13 48.86
N ALA O 76 -48.85 -25.99 48.68
CA ALA O 76 -47.41 -26.02 48.44
C ALA O 76 -46.65 -26.29 49.73
N VAL O 77 -45.40 -26.71 49.57
CA VAL O 77 -44.54 -27.05 50.69
C VAL O 77 -43.81 -25.80 51.15
N GLU O 78 -43.90 -25.50 52.43
CA GLU O 78 -43.12 -24.45 53.06
C GLU O 78 -41.94 -25.05 53.80
N ILE O 79 -40.87 -24.29 53.90
CA ILE O 79 -39.68 -24.70 54.65
C ILE O 79 -39.50 -23.75 55.82
N PRO O 80 -39.74 -24.17 57.07
CA PRO O 80 -40.21 -25.49 57.53
C PRO O 80 -41.71 -25.67 57.39
N SER O 81 -42.16 -26.92 57.45
CA SER O 81 -43.58 -27.24 57.40
C SER O 81 -43.73 -28.68 57.86
N LEU O 82 -44.98 -29.11 58.02
CA LEU O 82 -45.25 -30.48 58.43
C LEU O 82 -44.73 -31.47 57.41
N ALA O 83 -44.87 -31.16 56.11
CA ALA O 83 -44.40 -32.07 55.08
C ALA O 83 -42.90 -32.29 55.18
N ILE O 84 -42.14 -31.21 55.42
CA ILE O 84 -40.70 -31.35 55.57
C ILE O 84 -40.37 -32.20 56.79
N GLN O 85 -41.08 -31.97 57.90
CA GLN O 85 -40.84 -32.79 59.10
C GLN O 85 -41.11 -34.27 58.81
N LYS O 86 -42.19 -34.57 58.12
CA LYS O 86 -42.56 -35.98 57.91
C LYS O 86 -41.59 -36.66 56.95
N ILE O 87 -41.19 -35.97 55.87
CA ILE O 87 -40.23 -36.56 54.95
C ILE O 87 -38.88 -36.72 55.62
N SER O 88 -38.50 -35.77 56.48
CA SER O 88 -37.25 -35.89 57.22
C SER O 88 -37.30 -37.07 58.17
N GLU O 89 -38.42 -37.25 58.87
CA GLU O 89 -38.58 -38.38 59.76
C GLU O 89 -38.50 -39.70 59.01
N ALA O 90 -39.12 -39.77 57.83
CA ALA O 90 -39.02 -40.98 57.02
C ALA O 90 -37.57 -41.24 56.60
N ALA O 91 -36.88 -40.20 56.14
CA ALA O 91 -35.49 -40.38 55.72
C ALA O 91 -34.62 -40.86 56.86
N LYS O 92 -34.81 -40.31 58.06
CA LYS O 92 -34.05 -40.79 59.21
C LYS O 92 -34.42 -42.22 59.58
N ARG O 93 -35.72 -42.48 59.72
CA ARG O 93 -36.18 -43.80 60.15
C ARG O 93 -35.70 -44.89 59.22
N ASN O 94 -35.57 -44.59 57.93
CA ASN O 94 -35.14 -45.58 56.96
C ASN O 94 -33.66 -45.45 56.59
N GLU O 95 -32.94 -44.51 57.18
CA GLU O 95 -31.51 -44.32 56.93
C GLU O 95 -31.21 -44.31 55.44
N THR O 96 -31.92 -43.46 54.71
CA THR O 96 -31.79 -43.38 53.26
C THR O 96 -31.71 -41.94 52.82
N TYR O 97 -30.95 -41.71 51.75
CA TYR O 97 -30.98 -40.43 51.07
C TYR O 97 -32.24 -40.33 50.23
N VAL O 98 -32.95 -39.21 50.33
CA VAL O 98 -34.20 -39.00 49.62
C VAL O 98 -34.07 -37.74 48.78
N CYS O 99 -34.36 -37.86 47.49
CA CYS O 99 -34.56 -36.71 46.61
C CYS O 99 -36.03 -36.69 46.24
N ILE O 100 -36.73 -35.64 46.66
CA ILE O 100 -38.17 -35.52 46.46
C ILE O 100 -38.46 -34.13 45.88
N SER O 101 -39.31 -34.09 44.87
CA SER O 101 -39.67 -32.85 44.20
C SER O 101 -41.01 -32.36 44.72
N CYS O 102 -41.22 -31.05 44.65
CA CYS O 102 -42.38 -30.44 45.28
C CYS O 102 -42.59 -29.04 44.69
N SER O 103 -43.67 -28.41 45.11
CA SER O 103 -43.91 -26.99 44.89
C SER O 103 -43.51 -26.26 46.17
N GLU O 104 -42.42 -25.48 46.09
CA GLU O 104 -41.94 -24.73 47.24
C GLU O 104 -42.62 -23.37 47.26
N LYS O 105 -43.07 -22.96 48.44
CA LYS O 105 -43.74 -21.68 48.64
C LYS O 105 -42.84 -20.81 49.51
N ASP O 106 -42.10 -19.91 48.87
CA ASP O 106 -41.13 -19.04 49.54
C ASP O 106 -41.66 -17.62 49.48
N GLY O 107 -42.35 -17.21 50.54
CA GLY O 107 -42.97 -15.89 50.59
C GLY O 107 -44.36 -15.91 49.95
N GLY O 108 -44.50 -15.23 48.82
CA GLY O 108 -45.77 -15.19 48.11
C GLY O 108 -45.71 -15.85 46.75
N SER O 109 -44.57 -16.43 46.39
CA SER O 109 -44.37 -17.05 45.09
C SER O 109 -44.13 -18.55 45.25
N LEU O 110 -44.55 -19.30 44.23
CA LEU O 110 -44.29 -20.73 44.15
C LEU O 110 -43.03 -21.00 43.36
N TYR O 111 -42.31 -22.04 43.77
CA TYR O 111 -41.12 -22.51 43.07
C TYR O 111 -41.18 -24.02 42.99
N LEU O 112 -40.56 -24.57 41.96
CA LEU O 112 -40.44 -26.00 41.77
C LEU O 112 -39.07 -26.43 42.27
N ALA O 113 -39.05 -27.20 43.36
CA ALA O 113 -37.82 -27.53 44.04
C ALA O 113 -37.62 -29.04 44.13
N GLN O 114 -36.37 -29.44 44.26
CA GLN O 114 -35.98 -30.78 44.64
C GLN O 114 -35.36 -30.71 46.02
N LEU O 115 -35.90 -31.48 46.96
CA LEU O 115 -35.45 -31.45 48.34
C LEU O 115 -34.63 -32.69 48.64
N TRP O 116 -33.47 -32.50 49.27
CA TRP O 116 -32.54 -33.57 49.54
C TRP O 116 -32.43 -33.80 51.04
N PHE O 117 -32.65 -35.05 51.45
CA PHE O 117 -32.52 -35.44 52.84
C PHE O 117 -31.48 -36.55 52.96
N ASN O 118 -30.76 -36.56 54.07
CA ASN O 118 -29.73 -37.54 54.34
C ASN O 118 -30.21 -38.53 55.39
N PRO O 119 -29.48 -39.63 55.60
CA PRO O 119 -29.94 -40.65 56.54
C PRO O 119 -30.12 -40.16 57.96
N ASN O 120 -29.50 -39.03 58.33
CA ASN O 120 -29.73 -38.47 59.65
C ASN O 120 -31.04 -37.69 59.74
N GLY O 121 -31.67 -37.39 58.61
CA GLY O 121 -32.90 -36.63 58.59
C GLY O 121 -32.76 -35.15 58.34
N ASP O 122 -31.59 -34.67 57.94
CA ASP O 122 -31.38 -33.26 57.66
C ASP O 122 -31.86 -32.93 56.25
N LEU O 123 -32.30 -31.68 56.07
CA LEU O 123 -32.57 -31.15 54.73
C LEU O 123 -31.27 -30.57 54.22
N ILE O 124 -30.45 -31.42 53.59
CA ILE O 124 -29.09 -31.04 53.26
C ILE O 124 -29.02 -30.03 52.14
N GLY O 125 -30.09 -29.85 51.37
CA GLY O 125 -30.07 -28.84 50.34
C GLY O 125 -31.35 -28.87 49.53
N LYS O 126 -31.37 -28.00 48.52
CA LYS O 126 -32.53 -27.92 47.63
C LYS O 126 -32.10 -27.29 46.32
N HIS O 127 -32.74 -27.73 45.25
CA HIS O 127 -32.50 -27.21 43.91
C HIS O 127 -33.81 -26.70 43.34
N ARG O 128 -33.82 -25.45 42.91
CA ARG O 128 -34.97 -24.87 42.24
C ARG O 128 -34.77 -24.93 40.73
N LYS O 129 -35.81 -25.30 40.00
CA LYS O 129 -35.73 -25.36 38.55
C LYS O 129 -35.30 -24.00 38.00
N MET O 130 -34.25 -24.01 37.18
CA MET O 130 -33.67 -22.75 36.73
C MET O 130 -34.64 -21.97 35.86
N ARG O 131 -35.36 -22.65 34.97
CA ARG O 131 -36.29 -22.00 34.07
C ARG O 131 -37.53 -22.87 33.94
N ALA O 132 -38.69 -22.29 34.21
CA ALA O 132 -39.94 -23.03 34.07
C ALA O 132 -40.29 -23.19 32.60
N SER O 133 -40.80 -24.37 32.25
CA SER O 133 -41.10 -24.69 30.87
C SER O 133 -42.48 -24.13 30.48
N VAL O 134 -42.84 -24.35 29.22
CA VAL O 134 -44.10 -23.83 28.69
C VAL O 134 -45.23 -24.07 29.67
N ALA O 135 -45.91 -23.00 30.07
CA ALA O 135 -47.11 -23.06 30.89
C ALA O 135 -46.80 -23.42 32.35
N GLU O 136 -45.56 -23.80 32.63
CA GLU O 136 -45.08 -23.78 34.01
C GLU O 136 -44.66 -22.38 34.43
N ARG O 137 -44.45 -21.49 33.46
CA ARG O 137 -44.12 -20.10 33.78
C ARG O 137 -45.31 -19.38 34.38
N LEU O 138 -46.52 -19.88 34.16
CA LEU O 138 -47.69 -19.34 34.85
C LEU O 138 -47.71 -19.71 36.33
N ILE O 139 -47.00 -20.76 36.72
CA ILE O 139 -47.10 -21.35 38.05
C ILE O 139 -45.87 -21.05 38.89
N TRP O 140 -44.69 -21.21 38.32
CA TRP O 140 -43.44 -21.22 39.08
C TRP O 140 -42.50 -20.13 38.61
N GLY O 141 -41.82 -19.51 39.57
CA GLY O 141 -40.75 -18.60 39.26
C GLY O 141 -39.47 -19.34 38.92
N ASP O 142 -38.48 -18.57 38.50
CA ASP O 142 -37.19 -19.15 38.15
C ASP O 142 -36.33 -19.35 39.38
N GLY O 143 -35.32 -20.19 39.24
CA GLY O 143 -34.36 -20.45 40.30
C GLY O 143 -33.13 -19.58 40.21
N SER O 144 -32.10 -19.97 40.94
CA SER O 144 -30.88 -19.20 41.06
C SER O 144 -29.67 -20.11 40.92
N GLY O 145 -28.56 -19.54 40.47
CA GLY O 145 -27.31 -20.28 40.40
C GLY O 145 -26.75 -20.64 41.75
N SER O 146 -27.32 -20.11 42.83
CA SER O 146 -26.93 -20.46 44.19
C SER O 146 -27.72 -21.65 44.72
N MET O 147 -28.54 -22.28 43.90
CA MET O 147 -29.34 -23.45 44.29
C MET O 147 -29.20 -24.55 43.25
N MET O 148 -27.96 -24.89 42.91
CA MET O 148 -27.64 -26.06 42.09
C MET O 148 -26.60 -26.88 42.84
N PRO O 149 -26.99 -27.50 43.95
CA PRO O 149 -26.00 -28.20 44.79
C PRO O 149 -25.67 -29.59 44.26
N VAL O 150 -24.42 -29.97 44.51
CA VAL O 150 -23.97 -31.36 44.39
C VAL O 150 -23.40 -31.74 45.75
N PHE O 151 -23.97 -32.78 46.36
CA PHE O 151 -23.63 -33.15 47.72
C PHE O 151 -22.61 -34.27 47.72
N GLN O 152 -21.45 -34.02 48.34
CA GLN O 152 -20.49 -35.07 48.62
C GLN O 152 -21.00 -35.87 49.81
N THR O 153 -21.32 -37.14 49.59
CA THR O 153 -22.01 -37.97 50.56
C THR O 153 -21.33 -39.32 50.63
N ARG O 154 -21.82 -40.17 51.53
CA ARG O 154 -21.26 -41.50 51.69
C ARG O 154 -21.64 -42.43 50.55
N ILE O 155 -22.51 -42.01 49.64
CA ILE O 155 -22.85 -42.78 48.46
C ILE O 155 -22.50 -42.03 47.18
N GLY O 156 -21.64 -41.03 47.26
CA GLY O 156 -21.11 -40.35 46.09
C GLY O 156 -21.54 -38.90 46.04
N ASN O 157 -21.22 -38.27 44.92
CA ASN O 157 -21.58 -36.88 44.67
C ASN O 157 -22.96 -36.84 44.03
N LEU O 158 -23.97 -36.46 44.80
CA LEU O 158 -25.35 -36.51 44.36
C LEU O 158 -25.79 -35.17 43.79
N GLY O 159 -26.80 -35.23 42.93
CA GLY O 159 -27.34 -34.02 42.34
C GLY O 159 -28.60 -34.35 41.56
N GLY O 160 -29.20 -33.31 40.99
CA GLY O 160 -30.42 -33.50 40.25
C GLY O 160 -30.81 -32.34 39.38
N LEU O 161 -31.55 -32.63 38.31
CA LEU O 161 -32.18 -31.62 37.49
C LEU O 161 -33.57 -32.12 37.15
N MET O 162 -34.47 -31.21 36.82
CA MET O 162 -35.87 -31.55 36.57
C MET O 162 -36.20 -31.36 35.10
N CYS O 163 -36.76 -32.40 34.49
CA CYS O 163 -37.34 -32.33 33.16
C CYS O 163 -36.40 -31.66 32.16
N TRP O 164 -36.84 -30.57 31.54
CA TRP O 164 -36.11 -29.97 30.43
C TRP O 164 -34.82 -29.30 30.85
N GLU O 165 -34.48 -29.28 32.14
CA GLU O 165 -33.17 -28.82 32.55
C GLU O 165 -32.06 -29.69 31.96
N HIS O 166 -32.36 -30.93 31.58
CA HIS O 166 -31.39 -31.81 30.97
C HIS O 166 -31.14 -31.47 29.51
N GLN O 167 -31.93 -30.58 28.92
CA GLN O 167 -31.75 -30.12 27.56
C GLN O 167 -31.10 -28.75 27.51
N VAL O 168 -30.64 -28.23 28.65
CA VAL O 168 -29.99 -26.94 28.73
C VAL O 168 -28.49 -27.20 28.95
N PRO O 169 -27.64 -26.99 27.95
CA PRO O 169 -26.23 -27.40 28.10
C PRO O 169 -25.52 -26.78 29.29
N LEU O 170 -25.87 -25.55 29.67
CA LEU O 170 -25.14 -24.90 30.75
C LEU O 170 -25.50 -25.50 32.11
N ASP O 171 -26.72 -26.01 32.27
CA ASP O 171 -27.04 -26.76 33.48
C ASP O 171 -26.20 -28.02 33.59
N LEU O 172 -26.06 -28.75 32.47
CA LEU O 172 -25.19 -29.91 32.44
C LEU O 172 -23.77 -29.54 32.82
N MET O 173 -23.26 -28.44 32.28
CA MET O 173 -21.89 -28.06 32.57
C MET O 173 -21.73 -27.57 34.00
N ALA O 174 -22.76 -26.94 34.56
CA ALA O 174 -22.73 -26.55 35.96
C ALA O 174 -22.64 -27.77 36.86
N MET O 175 -23.40 -28.83 36.55
CA MET O 175 -23.31 -30.04 37.35
C MET O 175 -21.98 -30.76 37.14
N ASN O 176 -21.49 -30.79 35.90
CA ASN O 176 -20.22 -31.44 35.62
C ASN O 176 -19.08 -30.75 36.35
N ALA O 177 -19.14 -29.42 36.45
CA ALA O 177 -18.09 -28.67 37.13
C ALA O 177 -17.89 -29.14 38.57
N GLN O 178 -18.94 -29.65 39.20
CA GLN O 178 -18.90 -30.05 40.60
C GLN O 178 -18.65 -31.54 40.78
N ASN O 179 -18.35 -32.26 39.70
CA ASN O 179 -17.94 -33.66 39.78
C ASN O 179 -19.08 -34.56 40.27
N GLU O 180 -20.30 -34.25 39.81
CA GLU O 180 -21.46 -35.06 40.13
C GLU O 180 -21.27 -36.48 39.61
N GLN O 181 -21.70 -37.47 40.41
CA GLN O 181 -21.52 -38.87 40.07
C GLN O 181 -22.83 -39.65 39.97
N VAL O 182 -23.77 -39.41 40.87
CA VAL O 182 -25.08 -40.04 40.84
C VAL O 182 -26.12 -38.94 40.67
N HIS O 183 -27.01 -39.13 39.71
CA HIS O 183 -27.94 -38.08 39.29
C HIS O 183 -29.38 -38.55 39.42
N VAL O 184 -30.26 -37.63 39.80
CA VAL O 184 -31.69 -37.86 39.85
C VAL O 184 -32.34 -36.99 38.80
N ALA O 185 -33.01 -37.63 37.84
CA ALA O 185 -33.72 -36.93 36.77
C ALA O 185 -35.21 -37.09 37.01
N SER O 186 -35.86 -36.01 37.44
CA SER O 186 -37.28 -36.02 37.74
C SER O 186 -38.06 -35.53 36.52
N TRP O 187 -39.08 -36.27 36.14
CA TRP O 187 -39.90 -35.95 34.99
C TRP O 187 -41.37 -36.03 35.36
N PRO O 188 -42.22 -35.19 34.76
CA PRO O 188 -43.63 -35.20 35.13
C PRO O 188 -44.42 -36.30 34.44
N GLY O 189 -43.99 -36.69 33.25
CA GLY O 189 -44.60 -37.79 32.54
C GLY O 189 -45.37 -37.40 31.30
N TYR O 190 -44.96 -36.33 30.63
CA TYR O 190 -45.59 -35.93 29.37
C TYR O 190 -44.53 -35.62 28.33
N PHE O 191 -43.36 -35.22 28.77
CA PHE O 191 -42.25 -34.94 27.88
C PHE O 191 -41.41 -36.21 27.70
N ASP O 192 -40.61 -36.22 26.64
CA ASP O 192 -39.84 -37.41 26.27
C ASP O 192 -38.64 -37.50 27.21
N ASP O 193 -38.62 -38.53 28.05
CA ASP O 193 -37.65 -38.62 29.12
C ASP O 193 -36.38 -39.36 28.73
N GLU O 194 -36.50 -40.41 27.90
CA GLU O 194 -35.41 -41.37 27.75
C GLU O 194 -34.16 -40.74 27.17
N ILE O 195 -34.29 -40.04 26.04
CA ILE O 195 -33.11 -39.58 25.30
C ILE O 195 -32.33 -38.58 26.13
N SER O 196 -33.04 -37.63 26.75
CA SER O 196 -32.35 -36.58 27.50
C SER O 196 -31.62 -37.15 28.70
N SER O 197 -32.25 -38.07 29.42
CA SER O 197 -31.58 -38.67 30.58
C SER O 197 -30.38 -39.50 30.14
N ARG O 198 -30.51 -40.24 29.04
CA ARG O 198 -29.38 -41.03 28.55
C ARG O 198 -28.22 -40.14 28.13
N TYR O 199 -28.51 -39.06 27.41
CA TYR O 199 -27.45 -38.15 27.02
C TYR O 199 -26.83 -37.49 28.24
N TYR O 200 -27.63 -37.19 29.25
CA TYR O 200 -27.06 -36.65 30.48
C TYR O 200 -26.10 -37.64 31.12
N ALA O 201 -26.50 -38.91 31.17
CA ALA O 201 -25.61 -39.93 31.72
C ALA O 201 -24.30 -39.97 30.97
N ILE O 202 -24.36 -39.93 29.64
CA ILE O 202 -23.13 -40.02 28.84
C ILE O 202 -22.28 -38.76 29.02
N ALA O 203 -22.89 -37.58 28.95
CA ALA O 203 -22.13 -36.34 28.93
C ALA O 203 -21.50 -36.05 30.28
N THR O 204 -22.23 -36.27 31.36
CA THR O 204 -21.71 -36.00 32.69
C THR O 204 -21.03 -37.19 33.33
N GLN O 205 -21.04 -38.35 32.67
CA GLN O 205 -20.39 -39.55 33.20
C GLN O 205 -20.96 -39.90 34.57
N THR O 206 -22.29 -39.93 34.67
CA THR O 206 -22.99 -40.19 35.92
C THR O 206 -24.02 -41.29 35.73
N PHE O 207 -24.35 -41.98 36.82
CA PHE O 207 -25.56 -42.77 36.85
C PHE O 207 -26.75 -41.83 36.94
N VAL O 208 -27.81 -42.14 36.20
CA VAL O 208 -29.01 -41.29 36.15
C VAL O 208 -30.18 -42.11 36.65
N LEU O 209 -30.81 -41.64 37.73
CA LEU O 209 -32.05 -42.21 38.25
C LEU O 209 -33.20 -41.41 37.67
N MET O 210 -33.81 -41.93 36.61
CA MET O 210 -34.89 -41.23 35.93
C MET O 210 -36.22 -41.69 36.51
N THR O 211 -36.97 -40.75 37.08
CA THR O 211 -38.23 -41.02 37.73
C THR O 211 -39.31 -40.16 37.10
N SER O 212 -40.38 -40.79 36.63
CA SER O 212 -41.50 -40.09 36.04
C SER O 212 -42.78 -40.50 36.77
N SER O 213 -43.77 -39.62 36.71
CA SER O 213 -45.04 -39.83 37.36
C SER O 213 -46.02 -40.47 36.38
N ILE O 214 -47.21 -40.81 36.88
CA ILE O 214 -48.27 -41.41 36.06
C ILE O 214 -49.55 -40.61 36.28
N TYR O 215 -50.41 -40.65 35.27
CA TYR O 215 -51.71 -39.98 35.36
C TYR O 215 -52.71 -40.87 36.08
N THR O 216 -53.51 -40.26 36.95
CA THR O 216 -54.58 -40.95 37.66
C THR O 216 -55.93 -40.48 37.14
N GLU O 217 -56.98 -41.15 37.60
CA GLU O 217 -58.34 -40.80 37.20
C GLU O 217 -58.96 -39.73 38.08
N GLU O 218 -58.57 -39.66 39.36
CA GLU O 218 -59.01 -38.56 40.20
C GLU O 218 -58.49 -37.23 39.67
N MET O 219 -57.25 -37.22 39.19
CA MET O 219 -56.69 -36.02 38.58
C MET O 219 -57.50 -35.60 37.36
N LYS O 220 -57.87 -36.56 36.51
CA LYS O 220 -58.66 -36.24 35.32
C LYS O 220 -60.05 -35.72 35.70
N GLU O 221 -60.67 -36.32 36.71
CA GLU O 221 -61.98 -35.84 37.16
C GLU O 221 -61.87 -34.42 37.69
N MET O 222 -60.82 -34.13 38.43
CA MET O 222 -60.69 -32.83 39.06
C MET O 222 -60.30 -31.74 38.07
N ILE O 223 -59.60 -32.10 37.00
CA ILE O 223 -58.99 -31.09 36.12
C ILE O 223 -59.79 -30.89 34.84
N CYS O 224 -60.43 -31.95 34.34
CA CYS O 224 -61.18 -31.89 33.09
C CYS O 224 -62.64 -31.57 33.38
N LEU O 225 -63.06 -30.35 33.08
CA LEU O 225 -64.43 -29.92 33.35
C LEU O 225 -65.35 -30.22 32.18
N THR O 226 -64.94 -29.88 30.96
CA THR O 226 -65.72 -30.17 29.77
C THR O 226 -65.31 -31.51 29.18
N GLN O 227 -66.03 -31.94 28.14
CA GLN O 227 -65.67 -33.16 27.43
C GLN O 227 -64.47 -32.92 26.52
N GLU O 228 -64.41 -31.77 25.86
CA GLU O 228 -63.30 -31.48 24.97
C GLU O 228 -61.98 -31.48 25.73
N GLN O 229 -61.98 -30.90 26.93
CA GLN O 229 -60.78 -30.91 27.76
C GLN O 229 -60.38 -32.32 28.14
N ARG O 230 -61.35 -33.16 28.50
CA ARG O 230 -61.03 -34.54 28.87
C ARG O 230 -60.43 -35.29 27.70
N ASP O 231 -61.00 -35.13 26.51
CA ASP O 231 -60.46 -35.80 25.34
C ASP O 231 -59.05 -35.31 25.04
N TYR O 232 -58.83 -34.00 25.12
CA TYR O 232 -57.50 -33.46 24.85
C TYR O 232 -56.48 -33.98 25.86
N PHE O 233 -56.87 -34.05 27.13
CA PHE O 233 -55.92 -34.51 28.15
C PHE O 233 -55.62 -36.00 27.99
N GLU O 234 -56.62 -36.80 27.61
CA GLU O 234 -56.37 -38.24 27.47
C GLU O 234 -55.34 -38.54 26.39
N THR O 235 -55.04 -37.57 25.52
CA THR O 235 -54.00 -37.74 24.52
C THR O 235 -52.60 -37.67 25.10
N PHE O 236 -52.44 -37.12 26.30
CA PHE O 236 -51.12 -36.95 26.88
C PHE O 236 -50.43 -38.29 27.05
N LYS O 237 -49.17 -38.37 26.62
CA LYS O 237 -48.41 -39.61 26.68
C LYS O 237 -47.68 -39.72 28.01
N SER O 238 -47.47 -40.96 28.44
CA SER O 238 -46.91 -41.23 29.75
C SER O 238 -45.39 -41.10 29.75
N GLY O 239 -44.80 -41.20 30.93
CA GLY O 239 -43.37 -41.19 31.11
C GLY O 239 -42.83 -42.56 31.47
N HIS O 240 -41.51 -42.62 31.64
CA HIS O 240 -40.81 -43.85 31.96
C HIS O 240 -39.97 -43.66 33.22
N THR O 241 -39.66 -44.76 33.87
CA THR O 241 -38.77 -44.77 35.03
C THR O 241 -37.71 -45.84 34.80
N CYS O 242 -36.47 -45.40 34.56
CA CYS O 242 -35.35 -46.30 34.35
C CYS O 242 -34.18 -45.81 35.19
N ILE O 243 -33.15 -46.64 35.29
CA ILE O 243 -31.86 -46.22 35.84
C ILE O 243 -30.78 -46.57 34.82
N TYR O 244 -29.88 -45.63 34.57
CA TYR O 244 -28.88 -45.76 33.53
C TYR O 244 -27.48 -45.71 34.12
N GLY O 245 -26.56 -46.44 33.50
CA GLY O 245 -25.17 -46.38 33.87
C GLY O 245 -24.47 -45.21 33.22
N PRO O 246 -23.20 -45.04 33.57
CA PRO O 246 -22.43 -43.90 33.02
C PRO O 246 -22.29 -43.92 31.51
N ASP O 247 -22.50 -45.07 30.85
CA ASP O 247 -22.45 -45.12 29.39
C ASP O 247 -23.79 -44.83 28.74
N GLY O 248 -24.86 -44.69 29.51
CA GLY O 248 -26.18 -44.45 28.99
C GLY O 248 -27.04 -45.69 28.87
N GLU O 249 -26.48 -46.87 29.04
CA GLU O 249 -27.26 -48.09 28.99
C GLU O 249 -28.07 -48.26 30.28
N PRO O 250 -29.27 -48.83 30.21
CA PRO O 250 -30.03 -49.07 31.44
C PRO O 250 -29.42 -50.19 32.26
N ILE O 251 -29.33 -49.97 33.56
CA ILE O 251 -28.79 -50.95 34.49
C ILE O 251 -29.87 -51.47 35.43
N SER O 252 -31.14 -51.27 35.09
CA SER O 252 -32.25 -51.70 35.92
C SER O 252 -33.37 -52.16 35.00
N ASP O 253 -34.55 -52.37 35.57
CA ASP O 253 -35.72 -52.80 34.84
C ASP O 253 -36.67 -51.63 34.68
N MET O 254 -37.10 -51.39 33.44
CA MET O 254 -38.10 -50.37 33.18
C MET O 254 -39.38 -50.69 33.94
N VAL O 255 -39.93 -49.71 34.63
CA VAL O 255 -41.21 -49.91 35.32
C VAL O 255 -42.32 -49.98 34.28
N PRO O 256 -43.27 -50.91 34.38
CA PRO O 256 -44.36 -50.96 33.41
C PRO O 256 -45.11 -49.63 33.37
N ALA O 257 -45.50 -49.23 32.16
CA ALA O 257 -46.09 -47.92 31.96
C ALA O 257 -47.40 -47.78 32.72
N GLU O 258 -47.63 -46.58 33.27
CA GLU O 258 -48.89 -46.20 33.88
C GLU O 258 -49.24 -47.03 35.11
N THR O 259 -48.24 -47.64 35.76
CA THR O 259 -48.46 -48.34 37.01
C THR O 259 -47.46 -47.85 38.04
N GLU O 260 -47.84 -48.03 39.31
CA GLU O 260 -46.97 -47.67 40.41
C GLU O 260 -45.94 -48.76 40.65
N GLY O 261 -44.67 -48.37 40.67
CA GLY O 261 -43.61 -49.32 40.90
C GLY O 261 -42.29 -48.61 41.08
N ILE O 262 -41.33 -49.35 41.61
CA ILE O 262 -39.99 -48.84 41.90
C ILE O 262 -38.99 -49.64 41.09
N ALA O 263 -38.08 -48.94 40.43
CA ALA O 263 -36.98 -49.56 39.70
C ALA O 263 -35.74 -49.51 40.58
N TYR O 264 -35.14 -50.67 40.82
CA TYR O 264 -33.96 -50.79 41.66
C TYR O 264 -32.76 -51.15 40.82
N ALA O 265 -31.61 -50.56 41.13
CA ALA O 265 -30.37 -50.84 40.43
C ALA O 265 -29.22 -50.81 41.41
N GLU O 266 -28.19 -51.58 41.10
CA GLU O 266 -26.97 -51.61 41.90
C GLU O 266 -25.98 -50.58 41.36
N ILE O 267 -25.64 -49.60 42.19
CA ILE O 267 -24.82 -48.48 41.76
C ILE O 267 -23.40 -48.68 42.30
N ASP O 268 -22.44 -48.74 41.39
CA ASP O 268 -21.02 -48.84 41.72
C ASP O 268 -20.35 -47.58 41.20
N VAL O 269 -20.15 -46.59 42.08
CA VAL O 269 -19.66 -45.29 41.65
C VAL O 269 -18.31 -45.39 40.98
N GLU O 270 -17.55 -46.46 41.25
CA GLU O 270 -16.25 -46.62 40.62
C GLU O 270 -16.33 -46.71 39.10
N ARG O 271 -17.48 -47.08 38.56
CA ARG O 271 -17.61 -47.20 37.11
C ARG O 271 -17.45 -45.87 36.39
N VAL O 272 -17.62 -44.74 37.10
CA VAL O 272 -17.49 -43.45 36.44
C VAL O 272 -16.06 -43.20 35.96
N ILE O 273 -15.07 -43.86 36.58
CA ILE O 273 -13.68 -43.63 36.22
C ILE O 273 -13.42 -44.10 34.79
N ASP O 274 -13.99 -45.23 34.40
CA ASP O 274 -13.79 -45.77 33.07
C ASP O 274 -14.36 -44.88 31.98
N TYR O 275 -15.17 -43.90 32.34
CA TYR O 275 -15.75 -42.98 31.37
C TYR O 275 -15.22 -41.57 31.49
N LYS O 276 -14.73 -41.17 32.67
CA LYS O 276 -13.87 -40.00 32.75
C LYS O 276 -12.60 -40.20 31.95
N TYR O 277 -12.19 -41.45 31.74
CA TYR O 277 -11.08 -41.74 30.85
C TYR O 277 -11.37 -41.27 29.43
N TYR O 278 -12.58 -41.50 28.95
CA TYR O 278 -12.95 -41.12 27.59
C TYR O 278 -13.17 -39.62 27.48
N ILE O 279 -14.11 -39.10 28.27
CA ILE O 279 -14.60 -37.73 28.09
C ILE O 279 -14.81 -37.11 29.45
N ASP O 280 -14.37 -35.86 29.60
CA ASP O 280 -14.65 -35.06 30.78
C ASP O 280 -14.78 -33.62 30.33
N PRO O 281 -15.99 -33.18 29.99
CA PRO O 281 -16.14 -31.84 29.42
C PRO O 281 -15.65 -30.72 30.33
N ALA O 282 -15.79 -30.88 31.65
CA ALA O 282 -15.34 -29.86 32.58
C ALA O 282 -13.86 -29.98 32.91
N GLY O 283 -13.20 -31.06 32.50
CA GLY O 283 -11.80 -31.27 32.81
C GLY O 283 -10.91 -31.35 31.60
N HIS O 284 -10.42 -32.56 31.31
CA HIS O 284 -9.42 -32.75 30.27
C HIS O 284 -9.99 -32.60 28.87
N TYR O 285 -11.28 -32.83 28.69
CA TYR O 285 -11.90 -32.80 27.36
C TYR O 285 -12.53 -31.42 27.13
N SER O 286 -11.65 -30.43 26.95
CA SER O 286 -12.09 -29.04 26.88
C SER O 286 -11.17 -28.26 25.94
N ASN O 287 -11.66 -27.10 25.53
CA ASN O 287 -10.92 -26.15 24.71
C ASN O 287 -10.94 -24.80 25.39
N GLN O 288 -9.77 -24.15 25.47
CA GLN O 288 -9.68 -22.88 26.16
C GLN O 288 -10.56 -21.80 25.56
N SER O 289 -10.96 -21.95 24.29
CA SER O 289 -11.79 -20.93 23.65
C SER O 289 -13.20 -20.90 24.23
N LEU O 290 -13.70 -22.02 24.73
CA LEU O 290 -15.04 -22.12 25.29
C LEU O 290 -14.94 -22.27 26.80
N SER O 291 -15.46 -21.29 27.54
CA SER O 291 -15.48 -21.36 28.99
C SER O 291 -16.86 -20.94 29.47
N MET O 292 -17.11 -21.16 30.77
CA MET O 292 -18.41 -20.92 31.35
C MET O 292 -18.28 -20.06 32.60
N ASN O 293 -19.23 -19.15 32.78
CA ASN O 293 -19.36 -18.37 34.00
C ASN O 293 -20.47 -18.99 34.85
N PHE O 294 -20.13 -19.38 36.06
CA PHE O 294 -21.08 -19.99 37.00
C PHE O 294 -21.18 -19.09 38.21
N ASN O 295 -22.25 -18.31 38.28
CA ASN O 295 -22.46 -17.38 39.38
C ASN O 295 -23.30 -18.08 40.44
N GLN O 296 -22.71 -18.34 41.60
CA GLN O 296 -23.37 -19.02 42.70
C GLN O 296 -23.87 -18.08 43.78
N GLN O 297 -23.77 -16.76 43.56
CA GLN O 297 -24.25 -15.83 44.56
C GLN O 297 -25.77 -15.92 44.69
N PRO O 298 -26.31 -15.74 45.89
CA PRO O 298 -27.77 -15.68 46.02
C PRO O 298 -28.33 -14.52 45.20
N THR O 299 -29.52 -14.74 44.65
CA THR O 299 -30.22 -13.72 43.87
C THR O 299 -31.65 -13.57 44.36
N PRO O 300 -31.84 -13.14 45.61
CA PRO O 300 -33.18 -12.78 46.06
C PRO O 300 -33.50 -11.36 45.66
N VAL O 301 -34.79 -11.10 45.42
CA VAL O 301 -35.20 -9.76 45.03
C VAL O 301 -34.83 -8.76 46.10
N VAL O 302 -35.12 -9.08 47.35
CA VAL O 302 -34.80 -8.25 48.50
C VAL O 302 -33.93 -9.06 49.42
N LYS O 303 -32.75 -8.53 49.74
CA LYS O 303 -31.83 -9.17 50.66
C LYS O 303 -31.87 -8.44 51.99
N HIS O 304 -31.97 -9.21 53.07
CA HIS O 304 -32.07 -8.63 54.42
C HIS O 304 -30.67 -8.51 55.00
N LEU O 305 -30.37 -7.33 55.55
CA LEU O 305 -29.11 -7.06 56.23
C LEU O 305 -29.42 -6.73 57.68
N ASN O 306 -28.67 -7.37 58.58
CA ASN O 306 -28.81 -7.12 60.02
C ASN O 306 -30.24 -7.38 60.48
N HIS O 307 -30.86 -8.42 59.92
CA HIS O 307 -32.21 -8.81 60.32
C HIS O 307 -32.34 -8.81 61.83
N GLN O 308 -33.47 -8.29 62.31
CA GLN O 308 -33.73 -8.18 63.74
C GLN O 308 -35.10 -8.76 64.07
N LYS O 309 -35.42 -8.77 65.36
CA LYS O 309 -36.71 -9.22 65.84
C LYS O 309 -37.41 -8.07 66.56
N ASN O 310 -38.74 -8.08 66.49
CA ASN O 310 -39.54 -7.02 67.10
C ASN O 310 -39.91 -7.42 68.52
N GLU O 311 -39.41 -6.66 69.49
CA GLU O 311 -39.83 -6.83 70.87
C GLU O 311 -41.30 -6.45 71.02
N VAL O 312 -41.95 -7.04 72.02
CA VAL O 312 -43.37 -6.82 72.28
C VAL O 312 -43.52 -6.33 73.72
N PHE O 313 -44.32 -5.28 73.91
CA PHE O 313 -44.63 -4.75 75.23
C PHE O 313 -45.90 -5.42 75.70
N THR O 314 -45.76 -6.55 76.39
CA THR O 314 -46.91 -7.34 76.81
C THR O 314 -47.94 -6.49 77.54
N TYR O 315 -49.19 -6.94 77.56
CA TYR O 315 -50.23 -6.20 78.25
C TYR O 315 -49.93 -6.06 79.73
N GLU O 316 -49.40 -7.12 80.34
CA GLU O 316 -49.12 -7.10 81.77
C GLU O 316 -47.98 -6.13 82.11
N ASP O 317 -47.21 -5.71 81.12
CA ASP O 317 -46.17 -4.70 81.32
C ASP O 317 -46.71 -3.29 81.11
N ILE O 318 -47.58 -3.09 80.11
CA ILE O 318 -48.12 -1.77 79.85
C ILE O 318 -48.89 -1.26 81.05
N GLN O 319 -49.80 -2.08 81.57
CA GLN O 319 -50.58 -1.71 82.75
C GLN O 319 -49.67 -1.68 83.98
N THR P 1 -4.89 -9.86 -69.99
CA THR P 1 -3.42 -10.11 -70.10
C THR P 1 -3.04 -11.43 -69.43
N SER P 2 -4.01 -12.09 -68.81
CA SER P 2 -3.79 -13.38 -68.17
C SER P 2 -4.08 -14.49 -69.17
N ILE P 3 -3.08 -15.32 -69.43
CA ILE P 3 -3.21 -16.43 -70.36
C ILE P 3 -2.75 -17.70 -69.65
N TYR P 4 -3.32 -18.83 -70.05
CA TYR P 4 -3.04 -20.12 -69.44
C TYR P 4 -2.79 -21.15 -70.55
N PRO P 5 -1.62 -21.10 -71.17
CA PRO P 5 -1.37 -21.92 -72.36
C PRO P 5 -1.08 -23.38 -72.01
N LYS P 6 -1.03 -24.19 -73.07
CA LYS P 6 -0.64 -25.58 -72.98
C LYS P 6 0.59 -25.81 -73.84
N PHE P 7 1.53 -26.61 -73.33
CA PHE P 7 2.77 -26.86 -74.05
C PHE P 7 3.46 -28.06 -73.44
N ARG P 8 4.55 -28.47 -74.10
CA ARG P 8 5.33 -29.63 -73.69
C ARG P 8 6.70 -29.14 -73.21
N ALA P 9 7.07 -29.55 -72.00
CA ALA P 9 8.35 -29.18 -71.41
C ALA P 9 9.29 -30.38 -71.43
N ALA P 10 10.58 -30.09 -71.35
CA ALA P 10 11.62 -31.11 -71.40
C ALA P 10 12.66 -30.83 -70.33
N ALA P 11 12.84 -31.78 -69.41
CA ALA P 11 13.89 -31.72 -68.40
C ALA P 11 15.03 -32.62 -68.84
N VAL P 12 16.24 -32.08 -68.83
CA VAL P 12 17.42 -32.80 -69.31
C VAL P 12 18.19 -33.36 -68.11
N GLN P 13 18.54 -34.64 -68.19
CA GLN P 13 19.49 -35.26 -67.28
C GLN P 13 20.72 -35.65 -68.09
N ALA P 14 21.81 -34.91 -67.90
CA ALA P 14 22.99 -35.12 -68.72
C ALA P 14 24.21 -34.59 -67.97
N ALA P 15 25.37 -35.00 -68.44
CA ALA P 15 26.63 -34.45 -67.99
C ALA P 15 27.23 -33.59 -69.10
N PRO P 16 28.06 -32.61 -68.75
CA PRO P 16 28.82 -31.92 -69.79
C PRO P 16 30.12 -32.62 -70.09
N ILE P 17 30.94 -32.08 -70.97
CA ILE P 17 32.31 -32.52 -71.15
C ILE P 17 33.14 -31.69 -70.16
N TYR P 18 33.57 -32.31 -69.07
CA TYR P 18 34.02 -31.59 -67.89
C TYR P 18 35.11 -30.58 -68.21
N LEU P 19 34.86 -29.32 -67.83
CA LEU P 19 35.81 -28.23 -67.99
C LEU P 19 36.24 -28.06 -69.44
N ASN P 20 35.28 -28.18 -70.35
CA ASN P 20 35.52 -27.98 -71.78
C ASN P 20 34.30 -27.25 -72.32
N LEU P 21 34.38 -25.92 -72.41
CA LEU P 21 33.21 -25.13 -72.74
C LEU P 21 32.72 -25.42 -74.16
N GLU P 22 33.63 -25.57 -75.11
CA GLU P 22 33.21 -25.81 -76.49
C GLU P 22 32.42 -27.11 -76.61
N ALA P 23 32.96 -28.19 -76.05
CA ALA P 23 32.28 -29.47 -76.12
C ALA P 23 30.97 -29.46 -75.33
N SER P 24 30.96 -28.81 -74.17
CA SER P 24 29.72 -28.71 -73.40
C SER P 24 28.66 -27.92 -74.17
N VAL P 25 29.06 -26.86 -74.86
CA VAL P 25 28.12 -26.07 -75.65
C VAL P 25 27.58 -26.91 -76.81
N GLU P 26 28.46 -27.68 -77.45
CA GLU P 26 28.03 -28.53 -78.55
C GLU P 26 27.04 -29.58 -78.07
N LYS P 27 27.32 -30.21 -76.93
CA LYS P 27 26.40 -31.17 -76.36
C LYS P 27 25.07 -30.50 -75.99
N SER P 28 25.13 -29.25 -75.51
CA SER P 28 23.90 -28.52 -75.21
C SER P 28 23.08 -28.29 -76.48
N CYS P 29 23.74 -27.97 -77.59
CA CYS P 29 23.03 -27.83 -78.85
C CYS P 29 22.37 -29.14 -79.25
N GLU P 30 23.10 -30.25 -79.13
CA GLU P 30 22.53 -31.55 -79.48
C GLU P 30 21.32 -31.88 -78.61
N LEU P 31 21.43 -31.61 -77.31
CA LEU P 31 20.34 -31.92 -76.40
C LEU P 31 19.12 -31.04 -76.66
N ILE P 32 19.35 -29.76 -76.97
CA ILE P 32 18.23 -28.89 -77.31
C ILE P 32 17.55 -29.39 -78.58
N ASP P 33 18.33 -29.80 -79.57
CA ASP P 33 17.75 -30.33 -80.80
C ASP P 33 16.88 -31.55 -80.50
N GLU P 34 17.40 -32.48 -79.72
CA GLU P 34 16.65 -33.70 -79.42
C GLU P 34 15.37 -33.38 -78.66
N ALA P 35 15.46 -32.52 -77.64
CA ALA P 35 14.28 -32.19 -76.85
C ALA P 35 13.23 -31.50 -77.70
N ALA P 36 13.65 -30.57 -78.56
CA ALA P 36 12.68 -29.82 -79.37
C ALA P 36 12.05 -30.70 -80.45
N SER P 37 12.81 -31.63 -81.01
CA SER P 37 12.25 -32.50 -82.04
C SER P 37 11.11 -33.35 -81.50
N ASN P 38 11.00 -33.51 -80.18
CA ASN P 38 9.89 -34.23 -79.56
C ASN P 38 8.81 -33.29 -79.06
N GLY P 39 8.68 -32.12 -79.66
CA GLY P 39 7.62 -31.20 -79.32
C GLY P 39 7.84 -30.36 -78.09
N ALA P 40 9.00 -30.47 -77.43
CA ALA P 40 9.24 -29.68 -76.23
C ALA P 40 9.43 -28.22 -76.59
N LYS P 41 8.68 -27.35 -75.90
CA LYS P 41 8.78 -25.91 -76.09
C LYS P 41 9.61 -25.23 -75.00
N LEU P 42 9.95 -25.95 -73.94
CA LEU P 42 10.88 -25.49 -72.92
C LEU P 42 11.89 -26.60 -72.70
N VAL P 43 13.16 -26.23 -72.60
CA VAL P 43 14.23 -27.18 -72.32
C VAL P 43 15.05 -26.64 -71.15
N ALA P 44 15.18 -27.45 -70.10
CA ALA P 44 15.88 -27.07 -68.89
C ALA P 44 17.08 -27.98 -68.69
N PHE P 45 18.14 -27.42 -68.10
CA PHE P 45 19.42 -28.09 -67.98
C PHE P 45 19.87 -28.15 -66.54
N PRO P 46 20.76 -29.09 -66.20
CA PRO P 46 21.26 -29.19 -64.82
C PRO P 46 21.99 -27.93 -64.38
N GLU P 47 22.32 -27.90 -63.10
CA GLU P 47 23.04 -26.77 -62.52
C GLU P 47 24.49 -26.74 -62.99
N ALA P 48 24.97 -25.54 -63.34
CA ALA P 48 26.36 -25.33 -63.74
C ALA P 48 26.75 -26.22 -64.90
N PHE P 49 25.81 -26.48 -65.81
CA PHE P 49 26.07 -27.43 -66.89
C PHE P 49 27.23 -26.99 -67.77
N LEU P 50 27.47 -25.68 -67.89
CA LEU P 50 28.56 -25.18 -68.71
C LEU P 50 29.60 -24.52 -67.82
N PRO P 51 30.84 -25.05 -67.73
CA PRO P 51 31.38 -26.28 -68.31
C PRO P 51 31.29 -27.49 -67.38
N GLY P 52 30.71 -27.37 -66.21
CA GLY P 52 30.61 -28.47 -65.28
C GLY P 52 30.63 -27.98 -63.85
N TYR P 53 30.00 -28.73 -62.97
CA TYR P 53 29.90 -28.36 -61.57
C TYR P 53 31.23 -28.62 -60.86
N PRO P 54 31.75 -27.69 -60.07
CA PRO P 54 33.07 -27.88 -59.47
C PRO P 54 33.08 -28.92 -58.36
N TRP P 55 33.11 -30.19 -58.72
CA TRP P 55 33.13 -31.24 -57.72
C TRP P 55 34.44 -31.26 -56.95
N PHE P 56 35.54 -30.88 -57.61
CA PHE P 56 36.84 -30.87 -56.94
C PHE P 56 36.81 -30.03 -55.67
N ALA P 57 35.97 -29.00 -55.63
CA ALA P 57 35.90 -28.16 -54.44
C ALA P 57 35.45 -28.94 -53.21
N PHE P 58 34.85 -30.11 -53.38
CA PHE P 58 34.31 -30.89 -52.27
C PHE P 58 35.18 -32.07 -51.87
N ILE P 59 36.24 -32.38 -52.61
CA ILE P 59 37.04 -33.56 -52.35
C ILE P 59 38.51 -33.22 -52.10
N GLY P 60 38.80 -31.97 -51.76
CA GLY P 60 40.17 -31.59 -51.45
C GLY P 60 40.17 -30.29 -50.68
N HIS P 61 41.37 -29.87 -50.28
CA HIS P 61 41.51 -28.61 -49.57
C HIS P 61 41.60 -27.45 -50.55
N PRO P 62 41.45 -26.21 -50.06
CA PRO P 62 41.34 -25.06 -50.98
C PRO P 62 42.49 -24.92 -51.97
N GLU P 63 43.72 -25.27 -51.60
CA GLU P 63 44.83 -25.10 -52.54
C GLU P 63 44.76 -26.13 -53.66
N TYR P 64 44.25 -27.33 -53.38
CA TYR P 64 43.95 -28.28 -54.44
C TYR P 64 42.82 -27.76 -55.31
N THR P 65 41.84 -27.10 -54.71
CA THR P 65 40.71 -26.54 -55.47
C THR P 65 41.16 -25.42 -56.39
N ARG P 66 42.22 -24.70 -56.02
CA ARG P 66 42.69 -23.57 -56.83
C ARG P 66 43.15 -24.04 -58.20
N LYS P 67 43.81 -25.19 -58.28
CA LYS P 67 44.32 -25.68 -59.56
C LYS P 67 43.20 -25.89 -60.56
N PHE P 68 42.09 -26.49 -60.13
CA PHE P 68 40.97 -26.72 -61.02
C PHE P 68 40.09 -25.51 -61.19
N TYR P 69 40.09 -24.59 -60.21
CA TYR P 69 39.48 -23.29 -60.43
C TYR P 69 40.14 -22.56 -61.59
N HIS P 70 41.44 -22.74 -61.77
CA HIS P 70 42.10 -22.19 -62.94
C HIS P 70 41.43 -22.65 -64.24
N GLU P 71 41.25 -23.98 -64.40
CA GLU P 71 40.65 -24.50 -65.62
C GLU P 71 39.19 -24.07 -65.76
N LEU P 72 38.44 -24.11 -64.66
CA LEU P 72 37.04 -23.67 -64.73
C LEU P 72 36.95 -22.19 -65.11
N TYR P 73 37.84 -21.37 -64.58
CA TYR P 73 37.86 -19.95 -64.90
C TYR P 73 38.15 -19.73 -66.37
N LYS P 74 39.09 -20.49 -66.93
CA LYS P 74 39.38 -20.33 -68.35
C LYS P 74 38.23 -20.76 -69.24
N ASN P 75 37.25 -21.49 -68.71
CA ASN P 75 36.16 -22.06 -69.50
C ASN P 75 34.80 -21.50 -69.11
N ALA P 76 34.75 -20.39 -68.38
CA ALA P 76 33.47 -19.81 -68.01
C ALA P 76 32.84 -19.09 -69.20
N VAL P 77 31.54 -18.86 -69.08
CA VAL P 77 30.76 -18.21 -70.13
C VAL P 77 30.79 -16.71 -69.90
N GLU P 78 31.17 -15.97 -70.93
CA GLU P 78 31.07 -14.52 -70.93
C GLU P 78 29.85 -14.10 -71.74
N ILE P 79 29.29 -12.95 -71.37
CA ILE P 79 28.16 -12.36 -72.07
C ILE P 79 28.63 -11.04 -72.68
N PRO P 80 28.79 -10.95 -74.01
CA PRO P 80 28.59 -11.96 -75.05
C PRO P 80 29.77 -12.90 -75.19
N SER P 81 29.56 -14.04 -75.85
CA SER P 81 30.62 -15.00 -76.11
C SER P 81 30.13 -15.95 -77.19
N LEU P 82 31.01 -16.85 -77.62
CA LEU P 82 30.62 -17.85 -78.60
C LEU P 82 29.57 -18.79 -78.04
N ALA P 83 29.69 -19.17 -76.77
CA ALA P 83 28.72 -20.09 -76.18
C ALA P 83 27.32 -19.49 -76.18
N ILE P 84 27.21 -18.22 -75.80
CA ILE P 84 25.91 -17.55 -75.82
C ILE P 84 25.39 -17.48 -77.25
N GLN P 85 26.28 -17.19 -78.21
CA GLN P 85 25.88 -17.15 -79.61
C GLN P 85 25.29 -18.49 -80.05
N LYS P 86 25.96 -19.59 -79.72
CA LYS P 86 25.52 -20.90 -80.21
C LYS P 86 24.25 -21.35 -79.52
N ILE P 87 24.12 -21.10 -78.22
CA ILE P 87 22.89 -21.46 -77.52
C ILE P 87 21.72 -20.63 -78.03
N SER P 88 21.97 -19.35 -78.33
CA SER P 88 20.93 -18.51 -78.91
C SER P 88 20.52 -19.01 -80.28
N GLU P 89 21.50 -19.39 -81.10
CA GLU P 89 21.19 -19.94 -82.41
C GLU P 89 20.38 -21.22 -82.30
N ALA P 90 20.71 -22.09 -81.35
CA ALA P 90 19.92 -23.30 -81.17
C ALA P 90 18.51 -22.99 -80.72
N ALA P 91 18.36 -22.06 -79.77
CA ALA P 91 17.03 -21.70 -79.29
C ALA P 91 16.17 -21.13 -80.41
N LYS P 92 16.75 -20.31 -81.28
CA LYS P 92 16.01 -19.80 -82.43
C LYS P 92 15.68 -20.93 -83.41
N ARG P 93 16.69 -21.70 -83.80
CA ARG P 93 16.50 -22.73 -84.80
C ARG P 93 15.42 -23.71 -84.40
N ASN P 94 15.29 -23.98 -83.11
CA ASN P 94 14.30 -24.94 -82.62
C ASN P 94 13.05 -24.28 -82.07
N GLU P 95 12.97 -22.95 -82.10
CA GLU P 95 11.79 -22.21 -81.62
C GLU P 95 11.36 -22.70 -80.24
N THR P 96 12.31 -22.70 -79.31
CA THR P 96 12.07 -23.23 -77.97
C THR P 96 12.64 -22.28 -76.94
N TYR P 97 11.98 -22.25 -75.78
CA TYR P 97 12.55 -21.57 -74.63
C TYR P 97 13.58 -22.48 -73.98
N VAL P 98 14.75 -21.93 -73.67
CA VAL P 98 15.85 -22.69 -73.09
C VAL P 98 16.25 -22.03 -71.78
N CYS P 99 16.29 -22.83 -70.72
CA CYS P 99 16.91 -22.44 -69.46
C CYS P 99 18.15 -23.29 -69.29
N ILE P 100 19.33 -22.66 -69.31
CA ILE P 100 20.60 -23.36 -69.25
C ILE P 100 21.45 -22.71 -68.17
N SER P 101 22.09 -23.53 -67.35
CA SER P 101 22.93 -23.07 -66.26
C SER P 101 24.39 -23.12 -66.68
N CYS P 102 25.21 -22.27 -66.07
CA CYS P 102 26.58 -22.08 -66.51
C CYS P 102 27.37 -21.39 -65.41
N SER P 103 28.67 -21.28 -65.64
CA SER P 103 29.53 -20.39 -64.86
C SER P 103 29.70 -19.09 -65.64
N GLU P 104 29.21 -18.00 -65.08
CA GLU P 104 29.26 -16.70 -65.73
C GLU P 104 30.49 -15.94 -65.27
N LYS P 105 31.25 -15.41 -66.22
CA LYS P 105 32.45 -14.63 -65.94
C LYS P 105 32.11 -13.16 -66.23
N ASP P 106 32.02 -12.38 -65.16
CA ASP P 106 31.64 -10.96 -65.23
C ASP P 106 32.79 -10.16 -64.63
N GLY P 107 33.72 -9.74 -65.47
CA GLY P 107 34.93 -9.05 -65.00
C GLY P 107 36.01 -10.05 -64.61
N GLY P 108 36.32 -10.09 -63.32
CA GLY P 108 37.34 -10.99 -62.82
C GLY P 108 36.79 -12.05 -61.88
N SER P 109 35.47 -12.08 -61.69
CA SER P 109 34.84 -13.02 -60.77
C SER P 109 33.91 -13.96 -61.52
N LEU P 110 33.77 -15.18 -60.99
CA LEU P 110 32.84 -16.16 -61.52
C LEU P 110 31.52 -16.10 -60.77
N TYR P 111 30.44 -16.34 -61.50
CA TYR P 111 29.11 -16.43 -60.93
C TYR P 111 28.40 -17.64 -61.52
N LEU P 112 27.47 -18.20 -60.76
CA LEU P 112 26.66 -19.33 -61.22
C LEU P 112 25.33 -18.76 -61.69
N ALA P 113 25.08 -18.83 -62.99
CA ALA P 113 23.93 -18.17 -63.60
C ALA P 113 23.04 -19.18 -64.30
N GLN P 114 21.77 -18.80 -64.44
CA GLN P 114 20.81 -19.47 -65.31
C GLN P 114 20.47 -18.51 -66.44
N LEU P 115 20.69 -18.94 -67.67
CA LEU P 115 20.47 -18.11 -68.85
C LEU P 115 19.18 -18.53 -69.54
N TRP P 116 18.35 -17.55 -69.88
CA TRP P 116 17.05 -17.79 -70.48
C TRP P 116 17.04 -17.27 -71.91
N PHE P 117 16.66 -18.13 -72.84
CA PHE P 117 16.53 -17.77 -74.25
C PHE P 117 15.10 -18.04 -74.69
N ASN P 118 14.61 -17.22 -75.60
CA ASN P 118 13.28 -17.35 -76.15
C ASN P 118 13.33 -17.88 -77.58
N PRO P 119 12.19 -18.25 -78.15
CA PRO P 119 12.20 -18.84 -79.50
C PRO P 119 12.77 -17.94 -80.56
N ASN P 120 12.84 -16.62 -80.33
CA ASN P 120 13.48 -15.74 -81.29
C ASN P 120 14.99 -15.75 -81.19
N GLY P 121 15.55 -16.34 -80.14
CA GLY P 121 16.98 -16.37 -79.94
C GLY P 121 17.55 -15.28 -79.06
N ASP P 122 16.71 -14.54 -78.34
CA ASP P 122 17.20 -13.49 -77.45
C ASP P 122 17.61 -14.08 -76.11
N LEU P 123 18.57 -13.42 -75.46
CA LEU P 123 18.92 -13.73 -74.08
C LEU P 123 18.00 -12.88 -73.20
N ILE P 124 16.82 -13.42 -72.92
CA ILE P 124 15.77 -12.61 -72.30
C ILE P 124 16.05 -12.30 -70.84
N GLY P 125 16.95 -13.03 -70.19
CA GLY P 125 17.22 -12.73 -68.80
C GLY P 125 18.32 -13.60 -68.25
N LYS P 126 18.51 -13.47 -66.93
CA LYS P 126 19.64 -14.09 -66.26
C LYS P 126 19.36 -14.09 -64.77
N HIS P 127 19.57 -15.24 -64.13
CA HIS P 127 19.45 -15.39 -62.68
C HIS P 127 20.78 -15.88 -62.14
N ARG P 128 21.35 -15.13 -61.20
CA ARG P 128 22.54 -15.55 -60.49
C ARG P 128 22.15 -16.15 -59.15
N LYS P 129 22.79 -17.26 -58.80
CA LYS P 129 22.53 -17.88 -57.51
C LYS P 129 22.80 -16.89 -56.39
N MET P 130 21.83 -16.76 -55.47
CA MET P 130 21.95 -15.75 -54.44
C MET P 130 23.01 -16.09 -53.41
N ARG P 131 23.23 -17.38 -53.16
CA ARG P 131 24.19 -17.82 -52.15
C ARG P 131 24.74 -19.17 -52.57
N ALA P 132 25.96 -19.45 -52.13
CA ALA P 132 26.65 -20.67 -52.50
C ALA P 132 26.65 -21.64 -51.32
N SER P 133 26.86 -22.91 -51.63
CA SER P 133 26.63 -24.00 -50.70
C SER P 133 27.84 -24.20 -49.80
N VAL P 134 27.86 -25.31 -49.02
CA VAL P 134 28.99 -25.60 -48.09
C VAL P 134 30.28 -25.23 -48.82
N ALA P 135 30.56 -25.86 -49.96
CA ALA P 135 31.71 -25.51 -50.81
C ALA P 135 31.12 -24.72 -51.98
N GLU P 136 31.90 -24.41 -53.02
CA GLU P 136 31.43 -23.60 -54.17
C GLU P 136 31.38 -22.12 -53.74
N ARG P 137 31.56 -21.78 -52.46
CA ARG P 137 31.67 -20.36 -52.04
C ARG P 137 33.08 -19.99 -52.47
N LEU P 138 34.00 -20.96 -52.52
CA LEU P 138 35.34 -20.76 -53.04
C LEU P 138 35.34 -20.41 -54.51
N ILE P 139 34.27 -20.74 -55.23
CA ILE P 139 34.24 -20.66 -56.69
C ILE P 139 33.42 -19.45 -57.16
N TRP P 140 32.25 -19.24 -56.57
CA TRP P 140 31.27 -18.30 -57.10
C TRP P 140 30.93 -17.23 -56.09
N GLY P 141 30.77 -16.00 -56.59
CA GLY P 141 30.23 -14.94 -55.78
C GLY P 141 28.72 -15.03 -55.68
N ASP P 142 28.16 -14.14 -54.87
CA ASP P 142 26.73 -14.11 -54.66
C ASP P 142 26.05 -13.25 -55.71
N GLY P 143 24.75 -13.47 -55.88
CA GLY P 143 23.93 -12.70 -56.79
C GLY P 143 23.29 -11.51 -56.11
N SER P 144 22.23 -11.00 -56.74
CA SER P 144 21.55 -9.81 -56.27
C SER P 144 20.06 -9.93 -56.53
N GLY P 145 19.30 -9.13 -55.78
CA GLY P 145 17.85 -9.10 -55.96
C GLY P 145 17.41 -8.53 -57.28
N SER P 146 18.31 -7.94 -58.05
CA SER P 146 18.01 -7.44 -59.38
C SER P 146 18.16 -8.50 -60.46
N MET P 147 18.46 -9.74 -60.09
CA MET P 147 18.62 -10.84 -61.04
C MET P 147 17.83 -12.05 -60.56
N MET P 148 16.55 -11.85 -60.24
CA MET P 148 15.60 -12.93 -59.98
C MET P 148 14.39 -12.72 -60.88
N PRO P 149 14.56 -12.91 -62.19
CA PRO P 149 13.49 -12.59 -63.12
C PRO P 149 12.44 -13.69 -63.22
N VAL P 150 11.21 -13.26 -63.44
CA VAL P 150 10.13 -14.14 -63.89
C VAL P 150 9.62 -13.56 -65.20
N PHE P 151 9.65 -14.35 -66.27
CA PHE P 151 9.32 -13.88 -67.60
C PHE P 151 7.89 -14.22 -67.95
N GLN P 152 7.09 -13.20 -68.24
CA GLN P 152 5.78 -13.40 -68.86
C GLN P 152 6.01 -13.73 -70.33
N THR P 153 5.70 -14.97 -70.71
CA THR P 153 6.05 -15.49 -72.02
C THR P 153 4.83 -16.14 -72.65
N ARG P 154 5.03 -16.67 -73.86
CA ARG P 154 3.95 -17.32 -74.58
C ARG P 154 3.57 -18.66 -73.98
N ILE P 155 4.35 -19.17 -73.02
CA ILE P 155 4.06 -20.43 -72.36
C ILE P 155 3.94 -20.25 -70.84
N GLY P 156 3.73 -19.04 -70.37
CA GLY P 156 3.46 -18.77 -68.97
C GLY P 156 4.55 -17.93 -68.34
N ASN P 157 4.44 -17.80 -67.01
CA ASN P 157 5.41 -17.04 -66.23
C ASN P 157 6.54 -17.98 -65.81
N LEU P 158 7.70 -17.82 -66.44
CA LEU P 158 8.81 -18.73 -66.24
C LEU P 158 9.78 -18.18 -65.19
N GLY P 159 10.52 -19.10 -64.58
CA GLY P 159 11.51 -18.73 -63.58
C GLY P 159 12.33 -19.93 -63.20
N GLY P 160 13.29 -19.71 -62.32
CA GLY P 160 14.17 -20.79 -61.90
C GLY P 160 14.96 -20.42 -60.67
N LEU P 161 15.34 -21.47 -59.94
CA LEU P 161 16.29 -21.37 -58.85
C LEU P 161 17.18 -22.60 -58.93
N MET P 162 18.38 -22.50 -58.36
CA MET P 162 19.36 -23.57 -58.45
C MET P 162 19.56 -24.20 -57.08
N CYS P 163 19.44 -25.54 -57.03
CA CYS P 163 19.83 -26.32 -55.87
C CYS P 163 19.23 -25.77 -54.58
N TRP P 164 20.06 -25.41 -53.60
CA TRP P 164 19.57 -25.08 -52.27
C TRP P 164 18.86 -23.74 -52.21
N GLU P 165 18.71 -23.03 -53.32
CA GLU P 165 17.85 -21.85 -53.31
C GLU P 165 16.40 -22.22 -53.03
N HIS P 166 16.04 -23.48 -53.28
CA HIS P 166 14.68 -23.94 -52.99
C HIS P 166 14.45 -24.19 -51.51
N GLN P 167 15.51 -24.18 -50.71
CA GLN P 167 15.41 -24.31 -49.26
C GLN P 167 15.52 -22.98 -48.55
N VAL P 168 15.52 -21.88 -49.27
CA VAL P 168 15.60 -20.53 -48.72
C VAL P 168 14.22 -19.90 -48.85
N PRO P 169 13.45 -19.75 -47.76
CA PRO P 169 12.05 -19.32 -47.90
C PRO P 169 11.89 -17.99 -48.61
N LEU P 170 12.83 -17.05 -48.45
CA LEU P 170 12.65 -15.73 -49.04
C LEU P 170 12.84 -15.78 -50.55
N ASP P 171 13.66 -16.70 -51.07
CA ASP P 171 13.72 -16.88 -52.52
C ASP P 171 12.39 -17.39 -53.05
N LEU P 172 11.78 -18.33 -52.35
CA LEU P 172 10.45 -18.80 -52.72
C LEU P 172 9.46 -17.66 -52.75
N MET P 173 9.49 -16.79 -51.74
CA MET P 173 8.54 -15.69 -51.70
C MET P 173 8.83 -14.65 -52.76
N ALA P 174 10.11 -14.43 -53.08
CA ALA P 174 10.46 -13.54 -54.18
C ALA P 174 9.88 -14.03 -55.49
N MET P 175 9.97 -15.34 -55.75
CA MET P 175 9.41 -15.87 -56.97
C MET P 175 7.88 -15.85 -56.95
N ASN P 176 7.29 -16.18 -55.80
CA ASN P 176 5.84 -16.22 -55.70
C ASN P 176 5.24 -14.84 -55.88
N ALA P 177 5.93 -13.80 -55.39
CA ALA P 177 5.43 -12.44 -55.53
C ALA P 177 5.24 -12.05 -56.99
N GLN P 178 5.99 -12.65 -57.89
CA GLN P 178 5.93 -12.33 -59.31
C GLN P 178 5.00 -13.25 -60.10
N ASN P 179 4.26 -14.12 -59.41
CA ASN P 179 3.23 -14.95 -60.05
C ASN P 179 3.85 -15.98 -60.99
N GLU P 180 5.00 -16.52 -60.61
CA GLU P 180 5.64 -17.56 -61.39
C GLU P 180 4.72 -18.77 -61.51
N GLN P 181 4.69 -19.38 -62.70
CA GLN P 181 3.81 -20.50 -63.00
C GLN P 181 4.55 -21.76 -63.39
N VAL P 182 5.59 -21.66 -64.20
CA VAL P 182 6.41 -22.80 -64.61
C VAL P 182 7.82 -22.55 -64.10
N HIS P 183 8.38 -23.55 -63.44
CA HIS P 183 9.64 -23.39 -62.73
C HIS P 183 10.67 -24.40 -63.22
N VAL P 184 11.93 -23.97 -63.25
CA VAL P 184 13.06 -24.82 -63.58
C VAL P 184 13.93 -24.94 -62.34
N ALA P 185 14.07 -26.16 -61.84
CA ALA P 185 14.89 -26.45 -60.66
C ALA P 185 16.14 -27.17 -61.13
N SER P 186 17.28 -26.47 -61.12
CA SER P 186 18.54 -27.04 -61.55
C SER P 186 19.29 -27.60 -60.35
N TRP P 187 19.77 -28.83 -60.47
CA TRP P 187 20.50 -29.49 -59.40
C TRP P 187 21.77 -30.11 -59.95
N PRO P 188 22.84 -30.14 -59.15
CA PRO P 188 24.11 -30.69 -59.67
C PRO P 188 24.16 -32.21 -59.62
N GLY P 189 23.45 -32.80 -58.66
CA GLY P 189 23.34 -34.25 -58.59
C GLY P 189 24.04 -34.88 -57.41
N TYR P 190 24.17 -34.15 -56.31
CA TYR P 190 24.75 -34.71 -55.10
C TYR P 190 23.85 -34.41 -53.90
N PHE P 191 23.14 -33.30 -53.96
CA PHE P 191 22.20 -32.93 -52.91
C PHE P 191 20.83 -33.56 -53.20
N ASP P 192 19.99 -33.60 -52.17
CA ASP P 192 18.69 -34.27 -52.26
C ASP P 192 17.72 -33.32 -52.94
N ASP P 193 17.31 -33.66 -54.17
CA ASP P 193 16.55 -32.76 -55.01
C ASP P 193 15.04 -32.90 -54.82
N GLU P 194 14.57 -34.13 -54.62
CA GLU P 194 13.15 -34.44 -54.76
C GLU P 194 12.28 -33.67 -53.76
N ILE P 195 12.61 -33.74 -52.46
CA ILE P 195 11.76 -33.10 -51.46
C ILE P 195 11.66 -31.61 -51.71
N SER P 196 12.80 -30.96 -51.96
CA SER P 196 12.80 -29.51 -52.10
C SER P 196 12.02 -29.07 -53.32
N SER P 197 12.19 -29.77 -54.44
CA SER P 197 11.45 -29.40 -55.65
C SER P 197 9.96 -29.64 -55.48
N ARG P 198 9.58 -30.74 -54.82
CA ARG P 198 8.16 -31.00 -54.59
C ARG P 198 7.55 -29.94 -53.67
N TYR P 199 8.24 -29.58 -52.61
CA TYR P 199 7.72 -28.54 -51.73
C TYR P 199 7.65 -27.21 -52.46
N TYR P 200 8.61 -26.92 -53.33
CA TYR P 200 8.54 -25.69 -54.12
C TYR P 200 7.30 -25.71 -55.00
N ALA P 201 7.03 -26.84 -55.65
CA ALA P 201 5.84 -26.93 -56.48
C ALA P 201 4.59 -26.66 -55.68
N ILE P 202 4.49 -27.22 -54.47
CA ILE P 202 3.30 -27.05 -53.65
C ILE P 202 3.19 -25.60 -53.17
N ALA P 203 4.29 -25.04 -52.66
CA ALA P 203 4.23 -23.74 -52.02
C ALA P 203 4.00 -22.62 -53.02
N THR P 204 4.65 -22.67 -54.17
CA THR P 204 4.50 -21.63 -55.18
C THR P 204 3.40 -21.91 -56.18
N GLN P 205 2.75 -23.08 -56.10
CA GLN P 205 1.68 -23.45 -57.01
C GLN P 205 2.17 -23.39 -58.46
N THR P 206 3.29 -24.03 -58.72
CA THR P 206 3.93 -24.02 -60.04
C THR P 206 4.26 -25.44 -60.46
N PHE P 207 4.35 -25.64 -61.77
CA PHE P 207 5.01 -26.83 -62.30
C PHE P 207 6.51 -26.66 -62.11
N VAL P 208 7.18 -27.75 -61.75
CA VAL P 208 8.62 -27.73 -61.48
C VAL P 208 9.28 -28.73 -62.40
N LEU P 209 10.18 -28.25 -63.27
CA LEU P 209 11.03 -29.12 -64.08
C LEU P 209 12.35 -29.28 -63.34
N MET P 210 12.53 -30.43 -62.70
CA MET P 210 13.74 -30.70 -61.93
C MET P 210 14.73 -31.44 -62.81
N THR P 211 15.92 -30.85 -62.97
CA THR P 211 16.96 -31.37 -63.84
C THR P 211 18.24 -31.53 -63.04
N SER P 212 18.75 -32.76 -62.97
CA SER P 212 20.00 -33.06 -62.30
C SER P 212 21.00 -33.58 -63.31
N SER P 213 22.28 -33.42 -62.99
CA SER P 213 23.36 -33.93 -63.82
C SER P 213 23.77 -35.32 -63.34
N ILE P 214 24.67 -35.94 -64.09
CA ILE P 214 25.19 -37.26 -63.76
C ILE P 214 26.71 -37.20 -63.75
N TYR P 215 27.32 -38.08 -62.97
CA TYR P 215 28.78 -38.17 -62.91
C TYR P 215 29.29 -39.02 -64.07
N THR P 216 30.39 -38.57 -64.67
CA THR P 216 31.06 -39.31 -65.73
C THR P 216 32.40 -39.84 -65.23
N GLU P 217 33.04 -40.65 -66.05
CA GLU P 217 34.34 -41.22 -65.70
C GLU P 217 35.50 -40.31 -66.08
N GLU P 218 35.35 -39.51 -67.13
CA GLU P 218 36.38 -38.53 -67.47
C GLU P 218 36.52 -37.50 -66.35
N MET P 219 35.39 -37.09 -65.76
CA MET P 219 35.43 -36.18 -64.63
C MET P 219 36.20 -36.77 -63.46
N LYS P 220 35.93 -38.04 -63.15
CA LYS P 220 36.63 -38.71 -62.06
C LYS P 220 38.11 -38.82 -62.35
N GLU P 221 38.48 -39.14 -63.58
CA GLU P 221 39.90 -39.19 -63.93
C GLU P 221 40.54 -37.82 -63.78
N MET P 222 39.81 -36.77 -64.12
CA MET P 222 40.40 -35.43 -64.09
C MET P 222 40.63 -34.94 -62.67
N ILE P 223 39.64 -35.13 -61.78
CA ILE P 223 39.71 -34.48 -60.47
C ILE P 223 40.16 -35.40 -59.34
N CYS P 224 40.18 -36.72 -59.53
CA CYS P 224 40.65 -37.66 -58.51
C CYS P 224 42.10 -38.02 -58.82
N LEU P 225 43.03 -37.43 -58.07
CA LEU P 225 44.45 -37.65 -58.28
C LEU P 225 44.96 -38.84 -57.47
N THR P 226 44.61 -38.91 -56.20
CA THR P 226 45.00 -40.02 -55.35
C THR P 226 43.91 -41.10 -55.36
N GLN P 227 44.21 -42.23 -54.70
CA GLN P 227 43.22 -43.28 -54.55
C GLN P 227 42.18 -42.91 -53.50
N GLU P 228 42.62 -42.30 -52.40
CA GLU P 228 41.68 -41.91 -51.35
C GLU P 228 40.64 -40.94 -51.87
N GLN P 229 41.07 -39.98 -52.68
CA GLN P 229 40.13 -39.04 -53.28
C GLN P 229 39.13 -39.75 -54.18
N ARG P 230 39.60 -40.70 -54.99
CA ARG P 230 38.71 -41.43 -55.88
C ARG P 230 37.67 -42.21 -55.09
N ASP P 231 38.11 -42.88 -54.02
CA ASP P 231 37.17 -43.63 -53.20
C ASP P 231 36.15 -42.71 -52.56
N TYR P 232 36.61 -41.57 -52.02
CA TYR P 232 35.69 -40.64 -51.39
C TYR P 232 34.68 -40.09 -52.39
N PHE P 233 35.13 -39.77 -53.61
CA PHE P 233 34.21 -39.23 -54.60
C PHE P 233 33.22 -40.27 -55.10
N GLU P 234 33.63 -41.54 -55.17
CA GLU P 234 32.73 -42.56 -55.68
C GLU P 234 31.53 -42.79 -54.78
N THR P 235 31.52 -42.24 -53.57
CA THR P 235 30.39 -42.35 -52.66
C THR P 235 29.37 -41.24 -52.85
N PHE P 236 29.62 -40.29 -53.75
CA PHE P 236 28.66 -39.22 -53.98
C PHE P 236 27.40 -39.78 -54.65
N LYS P 237 26.25 -39.51 -54.05
CA LYS P 237 24.99 -40.02 -54.59
C LYS P 237 24.55 -39.21 -55.79
N SER P 238 23.80 -39.85 -56.67
CA SER P 238 23.35 -39.22 -57.90
C SER P 238 22.09 -38.39 -57.66
N GLY P 239 21.73 -37.56 -58.64
CA GLY P 239 20.49 -36.76 -58.58
C GLY P 239 19.39 -37.44 -59.39
N HIS P 240 18.33 -36.72 -59.74
CA HIS P 240 17.23 -37.25 -60.58
C HIS P 240 16.61 -36.16 -61.43
N THR P 241 15.94 -36.51 -62.53
CA THR P 241 15.23 -35.54 -63.40
C THR P 241 13.75 -35.89 -63.38
N CYS P 242 12.91 -35.07 -62.74
CA CYS P 242 11.48 -35.27 -62.67
C CYS P 242 10.79 -34.02 -63.17
N ILE P 243 9.49 -34.13 -63.41
CA ILE P 243 8.63 -32.99 -63.63
C ILE P 243 7.40 -33.16 -62.75
N TYR P 244 7.03 -32.10 -62.03
CA TYR P 244 5.98 -32.15 -61.02
C TYR P 244 4.87 -31.17 -61.36
N GLY P 245 3.65 -31.55 -61.01
CA GLY P 245 2.53 -30.66 -61.14
C GLY P 245 2.41 -29.71 -59.97
N PRO P 246 1.45 -28.80 -60.04
CA PRO P 246 1.28 -27.82 -58.97
C PRO P 246 0.97 -28.41 -57.61
N ASP P 247 0.54 -29.67 -57.53
CA ASP P 247 0.30 -30.32 -56.26
C ASP P 247 1.52 -31.07 -55.73
N GLY P 248 2.62 -31.10 -56.48
CA GLY P 248 3.80 -31.82 -56.08
C GLY P 248 3.90 -33.24 -56.60
N GLU P 249 2.84 -33.75 -57.21
CA GLU P 249 2.92 -35.08 -57.79
C GLU P 249 3.67 -35.05 -59.11
N PRO P 250 4.43 -36.11 -59.43
CA PRO P 250 5.13 -36.13 -60.72
C PRO P 250 4.16 -36.34 -61.87
N ILE P 251 4.34 -35.56 -62.93
CA ILE P 251 3.51 -35.64 -64.12
C ILE P 251 4.32 -36.17 -65.32
N SER P 252 5.44 -36.81 -65.06
CA SER P 252 6.30 -37.32 -66.12
C SER P 252 6.95 -38.61 -65.62
N ASP P 253 7.94 -39.08 -66.37
CA ASP P 253 8.67 -40.30 -66.04
C ASP P 253 10.04 -39.93 -65.50
N MET P 254 10.38 -40.46 -64.33
CA MET P 254 11.71 -40.27 -63.78
C MET P 254 12.75 -40.85 -64.74
N VAL P 255 13.77 -40.07 -65.04
CA VAL P 255 14.86 -40.57 -65.89
C VAL P 255 15.66 -41.59 -65.10
N PRO P 256 16.03 -42.73 -65.69
CA PRO P 256 16.83 -43.72 -64.95
C PRO P 256 18.11 -43.10 -64.43
N ALA P 257 18.49 -43.52 -63.22
CA ALA P 257 19.62 -42.90 -62.54
C ALA P 257 20.90 -43.09 -63.32
N GLU P 258 21.77 -42.07 -63.27
CA GLU P 258 23.10 -42.12 -63.86
C GLU P 258 23.05 -42.34 -65.37
N THR P 259 21.91 -42.09 -66.00
CA THR P 259 21.73 -42.26 -67.42
C THR P 259 21.40 -40.92 -68.06
N GLU P 260 21.88 -40.72 -69.28
CA GLU P 260 21.55 -39.52 -70.04
C GLU P 260 20.18 -39.70 -70.69
N GLY P 261 19.27 -38.80 -70.39
CA GLY P 261 17.94 -38.87 -70.95
C GLY P 261 17.16 -37.62 -70.62
N ILE P 262 16.02 -37.48 -71.29
CA ILE P 262 15.15 -36.32 -71.17
C ILE P 262 13.80 -36.78 -70.68
N ALA P 263 13.25 -36.07 -69.70
CA ALA P 263 11.91 -36.31 -69.19
C ALA P 263 10.96 -35.29 -69.80
N TYR P 264 9.89 -35.77 -70.42
CA TYR P 264 8.92 -34.92 -71.08
C TYR P 264 7.59 -34.98 -70.33
N ALA P 265 6.93 -33.83 -70.21
CA ALA P 265 5.64 -33.74 -69.55
C ALA P 265 4.78 -32.73 -70.28
N GLU P 266 3.47 -32.94 -70.21
CA GLU P 266 2.50 -32.02 -70.80
C GLU P 266 2.10 -31.00 -69.76
N ILE P 267 2.38 -29.73 -70.03
CA ILE P 267 2.17 -28.65 -69.06
C ILE P 267 0.92 -27.88 -69.46
N ASP P 268 -0.04 -27.83 -68.55
CA ASP P 268 -1.28 -27.07 -68.72
C ASP P 268 -1.32 -26.02 -67.62
N VAL P 269 -0.90 -24.79 -67.95
CA VAL P 269 -0.75 -23.75 -66.95
C VAL P 269 -2.05 -23.46 -66.23
N GLU P 270 -3.19 -23.78 -66.84
CA GLU P 270 -4.48 -23.55 -66.20
C GLU P 270 -4.62 -24.32 -64.89
N ARG P 271 -3.88 -25.41 -64.71
CA ARG P 271 -4.01 -26.19 -63.49
C ARG P 271 -3.57 -25.41 -62.26
N VAL P 272 -2.80 -24.33 -62.41
CA VAL P 272 -2.36 -23.57 -61.24
C VAL P 272 -3.53 -22.90 -60.54
N ILE P 273 -4.63 -22.65 -61.25
CA ILE P 273 -5.76 -21.94 -60.65
C ILE P 273 -6.40 -22.79 -59.55
N ASP P 274 -6.50 -24.10 -59.77
CA ASP P 274 -7.10 -24.98 -58.79
C ASP P 274 -6.30 -25.05 -57.50
N TYR P 275 -5.07 -24.56 -57.49
CA TYR P 275 -4.24 -24.57 -56.31
C TYR P 275 -3.98 -23.18 -55.74
N LYS P 276 -4.08 -22.14 -56.56
CA LYS P 276 -4.24 -20.79 -56.01
C LYS P 276 -5.54 -20.67 -55.24
N TYR P 277 -6.52 -21.52 -55.54
CA TYR P 277 -7.74 -21.59 -54.75
C TYR P 277 -7.42 -21.98 -53.31
N TYR P 278 -6.53 -22.96 -53.14
CA TYR P 278 -6.18 -23.44 -51.80
C TYR P 278 -5.28 -22.46 -51.08
N ILE P 279 -4.12 -22.17 -51.65
CA ILE P 279 -3.05 -21.46 -50.96
C ILE P 279 -2.39 -20.49 -51.93
N ASP P 280 -2.14 -19.28 -51.46
CA ASP P 280 -1.37 -18.29 -52.22
C ASP P 280 -0.62 -17.46 -51.19
N PRO P 281 0.61 -17.87 -50.84
CA PRO P 281 1.33 -17.17 -49.78
C PRO P 281 1.56 -15.69 -50.06
N ALA P 282 1.75 -15.30 -51.32
CA ALA P 282 1.97 -13.90 -51.65
C ALA P 282 0.67 -13.13 -51.82
N GLY P 283 -0.47 -13.81 -51.84
CA GLY P 283 -1.75 -13.15 -52.03
C GLY P 283 -2.71 -13.30 -50.88
N HIS P 284 -3.76 -14.11 -51.08
CA HIS P 284 -4.84 -14.19 -50.10
C HIS P 284 -4.44 -14.96 -48.86
N TYR P 285 -3.45 -15.85 -48.96
CA TYR P 285 -3.06 -16.71 -47.84
C TYR P 285 -1.87 -16.08 -47.11
N SER P 286 -2.16 -14.97 -46.42
CA SER P 286 -1.11 -14.17 -45.81
C SER P 286 -1.63 -13.54 -44.54
N ASN P 287 -0.68 -13.08 -43.71
CA ASN P 287 -0.98 -12.35 -42.48
C ASN P 287 -0.23 -11.03 -42.53
N GLN P 288 -0.91 -9.94 -42.16
CA GLN P 288 -0.28 -8.62 -42.23
C GLN P 288 0.93 -8.51 -41.32
N SER P 289 1.04 -9.37 -40.30
CA SER P 289 2.17 -9.31 -39.38
C SER P 289 3.48 -9.70 -40.05
N LEU P 290 3.44 -10.60 -41.03
CA LEU P 290 4.63 -11.05 -41.74
C LEU P 290 4.64 -10.47 -43.13
N SER P 291 5.66 -9.67 -43.43
CA SER P 291 5.84 -9.11 -44.76
C SER P 291 7.29 -9.26 -45.17
N MET P 292 7.57 -8.98 -46.44
CA MET P 292 8.89 -9.18 -47.01
C MET P 292 9.33 -7.92 -47.75
N ASN P 293 10.62 -7.62 -47.65
CA ASN P 293 11.24 -6.57 -48.43
C ASN P 293 12.01 -7.21 -49.59
N PHE P 294 11.68 -6.81 -50.80
CA PHE P 294 12.30 -7.35 -52.02
C PHE P 294 12.98 -6.19 -52.73
N ASN P 295 14.29 -6.07 -52.54
CA ASN P 295 15.07 -5.00 -53.16
C ASN P 295 15.59 -5.50 -54.50
N GLN P 296 15.11 -4.91 -55.58
CA GLN P 296 15.48 -5.31 -56.93
C GLN P 296 16.45 -4.34 -57.58
N GLN P 297 16.98 -3.38 -56.84
CA GLN P 297 17.98 -2.48 -57.40
C GLN P 297 19.27 -3.23 -57.71
N PRO P 298 19.98 -2.83 -58.76
CA PRO P 298 21.29 -3.43 -59.02
C PRO P 298 22.24 -3.18 -57.85
N THR P 299 23.10 -4.16 -57.59
CA THR P 299 24.10 -4.06 -56.53
C THR P 299 25.46 -4.45 -57.08
N PRO P 300 25.98 -3.69 -58.03
CA PRO P 300 27.38 -3.88 -58.43
C PRO P 300 28.31 -3.14 -57.49
N VAL P 301 29.52 -3.68 -57.32
CA VAL P 301 30.48 -3.04 -56.44
C VAL P 301 30.78 -1.63 -56.93
N VAL P 302 31.03 -1.49 -58.22
CA VAL P 302 31.30 -0.20 -58.85
C VAL P 302 30.29 -0.01 -59.96
N LYS P 303 29.48 1.04 -59.83
CA LYS P 303 28.53 1.39 -60.87
C LYS P 303 29.09 2.52 -61.72
N HIS P 304 28.89 2.42 -63.03
CA HIS P 304 29.43 3.39 -63.97
C HIS P 304 28.37 4.44 -64.27
N LEU P 305 28.78 5.70 -64.19
CA LEU P 305 27.91 6.83 -64.53
C LEU P 305 28.50 7.55 -65.74
N ASN P 306 27.65 7.83 -66.72
CA ASN P 306 28.07 8.58 -67.91
C ASN P 306 29.22 7.89 -68.61
N HIS P 307 29.17 6.55 -68.64
CA HIS P 307 30.21 5.77 -69.32
C HIS P 307 30.51 6.36 -70.69
N GLN P 308 31.80 6.38 -71.04
CA GLN P 308 32.26 6.96 -72.31
C GLN P 308 33.19 5.97 -73.00
N LYS P 309 33.61 6.34 -74.20
CA LYS P 309 34.55 5.56 -74.98
C LYS P 309 35.83 6.34 -75.20
N ASN P 310 36.96 5.64 -75.24
CA ASN P 310 38.27 6.25 -75.44
C ASN P 310 38.57 6.28 -76.93
N GLU P 311 38.55 7.48 -77.51
CA GLU P 311 38.95 7.65 -78.90
C GLU P 311 40.47 7.49 -79.03
N VAL P 312 40.91 7.23 -80.25
CA VAL P 312 42.30 6.92 -80.55
C VAL P 312 42.81 7.88 -81.61
N PHE P 313 44.04 8.36 -81.42
CA PHE P 313 44.72 9.21 -82.41
C PHE P 313 45.55 8.29 -83.29
N THR P 314 44.94 7.80 -84.36
CA THR P 314 45.59 6.83 -85.23
C THR P 314 46.99 7.32 -85.63
N TYR P 315 47.86 6.36 -85.96
CA TYR P 315 49.21 6.70 -86.37
C TYR P 315 49.19 7.59 -87.61
N GLU P 316 48.30 7.32 -88.56
CA GLU P 316 48.24 8.08 -89.78
C GLU P 316 47.78 9.52 -89.54
N ASP P 317 47.19 9.79 -88.37
CA ASP P 317 46.81 11.14 -87.99
C ASP P 317 47.94 11.86 -87.26
N ILE P 318 48.66 11.15 -86.39
CA ILE P 318 49.75 11.78 -85.64
C ILE P 318 50.80 12.31 -86.60
N GLN P 319 51.26 11.48 -87.52
CA GLN P 319 52.24 11.89 -88.51
C GLN P 319 51.62 12.86 -89.51
N THR Q 1 9.06 38.43 -50.41
CA THR Q 1 9.53 38.42 -51.82
C THR Q 1 9.76 39.82 -52.36
N SER Q 2 10.95 40.04 -52.93
CA SER Q 2 11.28 41.28 -53.64
C SER Q 2 11.13 42.50 -52.73
N ILE Q 3 12.00 42.53 -51.72
CA ILE Q 3 12.09 43.63 -50.77
C ILE Q 3 13.44 44.31 -50.94
N TYR Q 4 13.46 45.62 -50.69
CA TYR Q 4 14.63 46.46 -50.92
C TYR Q 4 14.90 47.28 -49.67
N PRO Q 5 15.62 46.73 -48.70
CA PRO Q 5 15.86 47.43 -47.44
C PRO Q 5 17.06 48.36 -47.47
N LYS Q 6 17.15 49.17 -46.42
CA LYS Q 6 18.26 50.08 -46.21
C LYS Q 6 18.85 49.81 -44.83
N PHE Q 7 20.17 49.78 -44.74
CA PHE Q 7 20.85 49.46 -43.49
C PHE Q 7 22.27 50.00 -43.56
N ARG Q 8 22.95 49.91 -42.42
CA ARG Q 8 24.35 50.32 -42.31
C ARG Q 8 25.24 49.09 -42.25
N ALA Q 9 26.32 49.12 -43.01
CA ALA Q 9 27.25 47.99 -43.11
C ALA Q 9 28.55 48.31 -42.40
N ALA Q 10 29.31 47.26 -42.10
CA ALA Q 10 30.60 47.38 -41.43
C ALA Q 10 31.57 46.41 -42.07
N ALA Q 11 32.60 46.94 -42.72
CA ALA Q 11 33.71 46.15 -43.23
C ALA Q 11 34.91 46.36 -42.32
N VAL Q 12 35.50 45.26 -41.86
CA VAL Q 12 36.51 45.29 -40.80
C VAL Q 12 37.89 45.13 -41.42
N GLN Q 13 38.81 46.01 -41.04
CA GLN Q 13 40.24 45.82 -41.29
C GLN Q 13 40.91 45.54 -39.96
N ALA Q 14 41.57 44.40 -39.86
CA ALA Q 14 42.18 43.99 -38.60
C ALA Q 14 42.96 42.72 -38.84
N ALA Q 15 43.85 42.42 -37.90
CA ALA Q 15 44.60 41.19 -37.88
C ALA Q 15 44.18 40.34 -36.68
N PRO Q 16 44.32 39.02 -36.77
CA PRO Q 16 44.01 38.18 -35.61
C PRO Q 16 45.22 37.98 -34.72
N ILE Q 17 45.07 37.19 -33.67
CA ILE Q 17 46.22 36.67 -32.93
C ILE Q 17 46.67 35.41 -33.66
N TYR Q 18 47.83 35.49 -34.29
CA TYR Q 18 48.19 34.54 -35.34
C TYR Q 18 48.23 33.11 -34.82
N LEU Q 19 47.42 32.25 -35.44
CA LEU Q 19 47.37 30.83 -35.11
C LEU Q 19 47.02 30.61 -33.64
N ASN Q 20 46.13 31.44 -33.12
CA ASN Q 20 45.62 31.31 -31.75
C ASN Q 20 44.10 31.49 -31.83
N LEU Q 21 43.37 30.37 -31.84
CA LEU Q 21 41.94 30.45 -32.12
C LEU Q 21 41.19 31.21 -31.02
N GLU Q 22 41.51 30.96 -29.75
CA GLU Q 22 40.75 31.58 -28.66
C GLU Q 22 40.94 33.10 -28.67
N ALA Q 23 42.19 33.57 -28.80
CA ALA Q 23 42.44 35.01 -28.82
C ALA Q 23 41.80 35.66 -30.04
N SER Q 24 41.88 34.99 -31.21
CA SER Q 24 41.27 35.53 -32.41
C SER Q 24 39.76 35.60 -32.30
N VAL Q 25 39.15 34.62 -31.65
CA VAL Q 25 37.70 34.64 -31.46
C VAL Q 25 37.31 35.76 -30.52
N GLU Q 26 38.12 35.99 -29.48
CA GLU Q 26 37.85 37.11 -28.60
C GLU Q 26 37.95 38.44 -29.35
N LYS Q 27 38.97 38.59 -30.19
CA LYS Q 27 39.10 39.80 -30.99
C LYS Q 27 37.92 39.97 -31.94
N SER Q 28 37.46 38.87 -32.54
CA SER Q 28 36.32 38.95 -33.44
C SER Q 28 35.06 39.38 -32.70
N CYS Q 29 34.84 38.85 -31.50
CA CYS Q 29 33.70 39.28 -30.70
C CYS Q 29 33.79 40.77 -30.37
N GLU Q 30 34.98 41.24 -30.00
CA GLU Q 30 35.16 42.67 -29.71
C GLU Q 30 34.88 43.51 -30.95
N LEU Q 31 35.36 43.07 -32.11
CA LEU Q 31 35.14 43.83 -33.34
C LEU Q 31 33.66 43.88 -33.71
N ILE Q 32 32.96 42.75 -33.56
CA ILE Q 32 31.53 42.73 -33.80
C ILE Q 32 30.81 43.67 -32.85
N ASP Q 33 31.23 43.69 -31.59
CA ASP Q 33 30.62 44.61 -30.62
C ASP Q 33 30.82 46.05 -31.05
N GLU Q 34 32.04 46.41 -31.46
CA GLU Q 34 32.31 47.77 -31.89
C GLU Q 34 31.48 48.14 -33.11
N ALA Q 35 31.42 47.24 -34.10
CA ALA Q 35 30.67 47.52 -35.31
C ALA Q 35 29.19 47.71 -35.02
N ALA Q 36 28.62 46.83 -34.19
CA ALA Q 36 27.20 46.93 -33.90
C ALA Q 36 26.87 48.13 -33.03
N SER Q 37 27.78 48.51 -32.12
CA SER Q 37 27.58 49.73 -31.35
C SER Q 37 27.61 50.96 -32.22
N ASN Q 38 28.44 50.94 -33.28
CA ASN Q 38 28.43 52.05 -34.23
C ASN Q 38 27.19 52.05 -35.12
N GLY Q 39 26.37 51.01 -35.07
CA GLY Q 39 25.09 51.00 -35.75
C GLY Q 39 24.97 50.09 -36.95
N ALA Q 40 25.92 49.18 -37.16
CA ALA Q 40 25.91 48.33 -38.34
C ALA Q 40 24.99 47.13 -38.15
N LYS Q 41 24.44 46.66 -39.28
CA LYS Q 41 23.62 45.45 -39.30
C LYS Q 41 24.32 44.28 -39.98
N LEU Q 42 25.44 44.52 -40.66
CA LEU Q 42 26.24 43.48 -41.25
C LEU Q 42 27.70 43.77 -40.96
N VAL Q 43 28.43 42.76 -40.50
CA VAL Q 43 29.85 42.89 -40.17
C VAL Q 43 30.60 41.79 -40.92
N ALA Q 44 31.66 42.18 -41.63
CA ALA Q 44 32.43 41.28 -42.46
C ALA Q 44 33.89 41.27 -42.02
N PHE Q 45 34.51 40.09 -42.04
CA PHE Q 45 35.89 39.92 -41.62
C PHE Q 45 36.77 39.45 -42.78
N PRO Q 46 38.07 39.74 -42.74
CA PRO Q 46 38.95 39.34 -43.85
C PRO Q 46 39.06 37.84 -44.04
N GLU Q 47 39.79 37.43 -45.07
CA GLU Q 47 39.92 36.01 -45.40
C GLU Q 47 40.74 35.28 -44.35
N ALA Q 48 40.28 34.09 -43.98
CA ALA Q 48 40.99 33.20 -43.06
C ALA Q 48 41.29 33.91 -41.74
N PHE Q 49 40.36 34.74 -41.28
CA PHE Q 49 40.62 35.53 -40.09
C PHE Q 49 40.83 34.63 -38.87
N LEU Q 50 40.07 33.53 -38.77
CA LEU Q 50 40.24 32.59 -37.68
C LEU Q 50 41.00 31.36 -38.17
N PRO Q 51 42.22 31.10 -37.71
CA PRO Q 51 43.08 31.89 -36.81
C PRO Q 51 44.12 32.74 -37.54
N GLY Q 52 43.97 32.94 -38.83
CA GLY Q 52 44.88 33.77 -39.60
C GLY Q 52 45.26 33.13 -40.92
N TYR Q 53 45.66 33.98 -41.87
CA TYR Q 53 46.05 33.50 -43.17
C TYR Q 53 47.42 32.82 -43.10
N PRO Q 54 47.61 31.70 -43.78
CA PRO Q 54 48.89 30.98 -43.70
C PRO Q 54 49.99 31.54 -44.60
N TRP Q 55 50.54 32.68 -44.18
CA TRP Q 55 51.60 33.32 -44.95
C TRP Q 55 52.88 32.49 -44.97
N PHE Q 56 53.02 31.54 -44.04
CA PHE Q 56 54.19 30.70 -44.02
C PHE Q 56 54.30 29.81 -45.24
N ALA Q 57 53.22 29.71 -46.03
CA ALA Q 57 53.23 28.89 -47.24
C ALA Q 57 53.73 29.64 -48.46
N PHE Q 58 54.07 30.92 -48.34
CA PHE Q 58 54.53 31.72 -49.47
C PHE Q 58 55.98 32.18 -49.32
N ILE Q 59 56.68 31.80 -48.26
CA ILE Q 59 58.04 32.28 -48.03
C ILE Q 59 58.98 31.13 -47.72
N GLY Q 60 58.56 29.91 -47.99
CA GLY Q 60 59.39 28.74 -47.74
C GLY Q 60 58.96 27.58 -48.62
N HIS Q 61 59.67 26.47 -48.47
CA HIS Q 61 59.37 25.25 -49.22
C HIS Q 61 58.39 24.39 -48.45
N PRO Q 62 57.79 23.39 -49.10
CA PRO Q 62 56.68 22.66 -48.46
C PRO Q 62 57.02 22.03 -47.13
N GLU Q 63 58.24 21.50 -46.96
CA GLU Q 63 58.59 20.92 -45.68
C GLU Q 63 58.66 21.98 -44.59
N TYR Q 64 59.05 23.20 -44.94
CA TYR Q 64 58.98 24.31 -44.00
C TYR Q 64 57.53 24.65 -43.67
N THR Q 65 56.64 24.59 -44.68
CA THR Q 65 55.23 24.89 -44.45
C THR Q 65 54.57 23.85 -43.58
N ARG Q 66 55.07 22.61 -43.57
CA ARG Q 66 54.42 21.54 -42.80
C ARG Q 66 54.39 21.87 -41.32
N LYS Q 67 55.49 22.44 -40.80
CA LYS Q 67 55.57 22.69 -39.36
C LYS Q 67 54.50 23.67 -38.90
N PHE Q 68 54.29 24.74 -39.67
CA PHE Q 68 53.29 25.72 -39.31
C PHE Q 68 51.88 25.25 -39.66
N TYR Q 69 51.75 24.44 -40.70
CA TYR Q 69 50.47 23.79 -40.95
C TYR Q 69 50.04 22.97 -39.74
N HIS Q 70 51.00 22.37 -39.04
CA HIS Q 70 50.67 21.63 -37.82
C HIS Q 70 49.93 22.52 -36.82
N GLU Q 71 50.51 23.69 -36.53
CA GLU Q 71 49.89 24.61 -35.59
C GLU Q 71 48.54 25.09 -36.10
N LEU Q 72 48.44 25.40 -37.39
CA LEU Q 72 47.18 25.86 -37.93
C LEU Q 72 46.10 24.78 -37.79
N TYR Q 73 46.44 23.55 -38.17
CA TYR Q 73 45.50 22.44 -38.08
C TYR Q 73 45.03 22.25 -36.65
N LYS Q 74 45.92 22.42 -35.68
CA LYS Q 74 45.50 22.37 -34.29
C LYS Q 74 44.62 23.54 -33.89
N ASN Q 75 44.50 24.57 -34.73
CA ASN Q 75 43.74 25.77 -34.38
C ASN Q 75 42.61 26.06 -35.37
N ALA Q 76 42.24 25.09 -36.20
CA ALA Q 76 41.15 25.30 -37.13
C ALA Q 76 39.81 25.31 -36.41
N VAL Q 77 38.81 25.89 -37.05
CA VAL Q 77 37.45 25.95 -36.53
C VAL Q 77 36.71 24.69 -36.95
N GLU Q 78 36.05 24.06 -36.00
CA GLU Q 78 35.18 22.92 -36.27
C GLU Q 78 33.73 23.31 -36.07
N ILE Q 79 32.84 22.63 -36.78
CA ILE Q 79 31.41 22.86 -36.70
C ILE Q 79 30.74 21.58 -36.19
N PRO Q 80 30.26 21.54 -34.93
CA PRO Q 80 30.23 22.59 -33.91
C PRO Q 80 31.52 22.75 -33.15
N SER Q 81 31.69 23.88 -32.46
CA SER Q 81 32.88 24.12 -31.64
C SER Q 81 32.59 25.33 -30.77
N LEU Q 82 33.53 25.63 -29.88
CA LEU Q 82 33.39 26.79 -29.01
C LEU Q 82 33.48 28.09 -29.79
N ALA Q 83 34.33 28.14 -30.82
CA ALA Q 83 34.42 29.34 -31.64
C ALA Q 83 33.08 29.67 -32.28
N ILE Q 84 32.39 28.66 -32.78
CA ILE Q 84 31.08 28.88 -33.37
C ILE Q 84 30.11 29.43 -32.34
N GLN Q 85 30.12 28.89 -31.12
CA GLN Q 85 29.22 29.39 -30.08
C GLN Q 85 29.53 30.83 -29.74
N LYS Q 86 30.80 31.19 -29.66
CA LYS Q 86 31.15 32.57 -29.31
C LYS Q 86 30.70 33.53 -30.39
N ILE Q 87 30.95 33.19 -31.65
CA ILE Q 87 30.56 34.10 -32.73
C ILE Q 87 29.05 34.18 -32.84
N SER Q 88 28.35 33.07 -32.64
CA SER Q 88 26.90 33.09 -32.68
C SER Q 88 26.33 33.93 -31.54
N GLU Q 89 26.92 33.83 -30.36
CA GLU Q 89 26.45 34.65 -29.24
C GLU Q 89 26.71 36.13 -29.52
N ALA Q 90 27.86 36.46 -30.12
CA ALA Q 90 28.11 37.85 -30.48
C ALA Q 90 27.07 38.36 -31.48
N ALA Q 91 26.76 37.55 -32.49
CA ALA Q 91 25.77 37.95 -33.49
C ALA Q 91 24.40 38.13 -32.84
N LYS Q 92 24.00 37.22 -31.94
CA LYS Q 92 22.69 37.35 -31.30
C LYS Q 92 22.63 38.54 -30.36
N ARG Q 93 23.68 38.73 -29.55
CA ARG Q 93 23.70 39.85 -28.62
C ARG Q 93 23.63 41.17 -29.37
N ASN Q 94 24.41 41.31 -30.44
CA ASN Q 94 24.46 42.55 -31.19
C ASN Q 94 23.40 42.64 -32.27
N GLU Q 95 22.63 41.57 -32.48
CA GLU Q 95 21.53 41.54 -33.45
C GLU Q 95 22.00 42.04 -34.81
N THR Q 96 23.05 41.42 -35.32
CA THR Q 96 23.64 41.77 -36.60
C THR Q 96 23.92 40.49 -37.37
N TYR Q 97 23.99 40.62 -38.70
CA TYR Q 97 24.55 39.56 -39.52
C TYR Q 97 26.06 39.61 -39.44
N VAL Q 98 26.69 38.45 -39.47
CA VAL Q 98 28.14 38.35 -39.40
C VAL Q 98 28.61 37.40 -40.50
N CYS Q 99 29.58 37.85 -41.28
CA CYS Q 99 30.30 36.99 -42.22
C CYS Q 99 31.76 36.97 -41.78
N ILE Q 100 32.23 35.82 -41.31
CA ILE Q 100 33.58 35.67 -40.79
C ILE Q 100 34.24 34.52 -41.54
N SER Q 101 35.48 34.74 -41.98
CA SER Q 101 36.24 33.70 -42.66
C SER Q 101 37.12 32.96 -41.66
N CYS Q 102 37.42 31.70 -41.97
CA CYS Q 102 38.14 30.85 -41.06
C CYS Q 102 38.68 29.64 -41.82
N SER Q 103 39.62 28.95 -41.18
CA SER Q 103 40.02 27.61 -41.60
C SER Q 103 39.08 26.61 -40.95
N GLU Q 104 38.45 25.78 -41.75
CA GLU Q 104 37.41 24.86 -41.29
C GLU Q 104 37.94 23.44 -41.39
N LYS Q 105 37.92 22.72 -40.27
CA LYS Q 105 38.38 21.34 -40.22
C LYS Q 105 37.17 20.43 -40.29
N ASP Q 106 37.01 19.76 -41.43
CA ASP Q 106 35.99 18.75 -41.62
C ASP Q 106 36.70 17.41 -41.84
N GLY Q 107 36.43 16.45 -40.97
CA GLY Q 107 37.18 15.21 -41.03
C GLY Q 107 38.62 15.45 -40.65
N GLY Q 108 39.54 14.97 -41.48
CA GLY Q 108 40.95 15.17 -41.25
C GLY Q 108 41.58 16.16 -42.19
N SER Q 109 40.77 17.01 -42.82
CA SER Q 109 41.21 17.98 -43.80
C SER Q 109 40.82 19.38 -43.36
N LEU Q 110 41.48 20.36 -43.95
CA LEU Q 110 41.18 21.77 -43.72
C LEU Q 110 40.57 22.39 -44.97
N TYR Q 111 39.61 23.29 -44.77
CA TYR Q 111 39.00 24.06 -45.83
C TYR Q 111 38.93 25.52 -45.41
N LEU Q 112 38.85 26.40 -46.39
CA LEU Q 112 38.67 27.82 -46.16
C LEU Q 112 37.20 28.16 -46.36
N ALA Q 113 36.55 28.65 -45.31
CA ALA Q 113 35.11 28.84 -45.32
C ALA Q 113 34.76 30.25 -44.89
N GLN Q 114 33.60 30.71 -45.34
CA GLN Q 114 32.96 31.91 -44.83
C GLN Q 114 31.70 31.49 -44.09
N LEU Q 115 31.62 31.82 -42.81
CA LEU Q 115 30.49 31.45 -41.97
C LEU Q 115 29.54 32.64 -41.83
N TRP Q 116 28.25 32.36 -41.88
CA TRP Q 116 27.22 33.39 -41.86
C TRP Q 116 26.31 33.18 -40.66
N PHE Q 117 26.14 34.24 -39.87
CA PHE Q 117 25.29 34.22 -38.70
C PHE Q 117 24.24 35.32 -38.81
N ASN Q 118 23.01 35.00 -38.52
CA ASN Q 118 21.91 35.94 -38.57
C ASN Q 118 21.66 36.55 -37.19
N PRO Q 119 20.85 37.60 -37.11
CA PRO Q 119 20.63 38.25 -35.81
C PRO Q 119 20.05 37.35 -34.74
N ASN Q 120 19.35 36.27 -35.10
CA ASN Q 120 18.91 35.32 -34.09
C ASN Q 120 20.06 34.48 -33.54
N GLY Q 121 21.22 34.54 -34.18
CA GLY Q 121 22.38 33.80 -33.72
C GLY Q 121 22.57 32.44 -34.34
N ASP Q 122 21.77 32.08 -35.33
CA ASP Q 122 21.94 30.80 -36.00
C ASP Q 122 23.09 30.87 -37.00
N LEU Q 123 23.62 29.70 -37.35
CA LEU Q 123 24.58 29.58 -38.44
C LEU Q 123 23.79 29.24 -39.70
N ILE Q 124 23.52 30.26 -40.52
CA ILE Q 124 22.60 30.07 -41.64
C ILE Q 124 23.25 29.36 -42.82
N GLY Q 125 24.57 29.34 -42.90
CA GLY Q 125 25.22 28.67 -44.00
C GLY Q 125 26.70 28.99 -44.03
N LYS Q 126 27.41 28.24 -44.87
CA LYS Q 126 28.83 28.44 -45.05
C LYS Q 126 29.19 28.27 -46.52
N HIS Q 127 30.23 28.97 -46.94
CA HIS Q 127 30.77 28.88 -48.29
C HIS Q 127 32.24 28.50 -48.21
N ARG Q 128 32.56 27.32 -48.70
CA ARG Q 128 33.95 26.90 -48.79
C ARG Q 128 34.56 27.44 -50.08
N LYS Q 129 35.78 27.96 -49.98
CA LYS Q 129 36.45 28.48 -51.17
C LYS Q 129 36.49 27.40 -52.24
N MET Q 130 36.09 27.77 -53.46
CA MET Q 130 35.98 26.78 -54.52
C MET Q 130 37.33 26.21 -54.91
N ARG Q 131 38.35 27.06 -55.02
CA ARG Q 131 39.67 26.66 -55.49
C ARG Q 131 40.72 27.47 -54.74
N ALA Q 132 41.61 26.77 -54.04
CA ALA Q 132 42.66 27.44 -53.30
C ALA Q 132 43.67 28.05 -54.27
N SER Q 133 44.18 29.23 -53.91
CA SER Q 133 45.06 29.96 -54.81
C SER Q 133 46.50 29.51 -54.64
N VAL Q 134 47.40 30.15 -55.37
CA VAL Q 134 48.81 29.76 -55.43
C VAL Q 134 49.35 29.60 -54.02
N ALA Q 135 49.81 28.39 -53.70
CA ALA Q 135 50.44 28.00 -52.44
C ALA Q 135 49.43 27.85 -51.31
N GLU Q 136 48.17 28.23 -51.51
CA GLU Q 136 47.11 27.83 -50.59
C GLU Q 136 46.67 26.40 -50.84
N ARG Q 137 47.06 25.83 -51.98
CA ARG Q 137 46.71 24.46 -52.31
C ARG Q 137 47.42 23.44 -51.44
N LEU Q 138 48.42 23.87 -50.68
CA LEU Q 138 49.07 22.99 -49.71
C LEU Q 138 48.31 22.91 -48.40
N ILE Q 139 47.37 23.80 -48.16
CA ILE Q 139 46.72 23.95 -46.86
C ILE Q 139 45.25 23.57 -46.91
N TRP Q 140 44.54 24.01 -47.94
CA TRP Q 140 43.09 23.90 -48.00
C TRP Q 140 42.64 23.07 -49.18
N GLY Q 141 41.55 22.34 -48.99
CA GLY Q 141 40.91 21.62 -50.07
C GLY Q 141 39.97 22.50 -50.85
N ASP Q 142 39.35 21.90 -51.87
CA ASP Q 142 38.47 22.63 -52.75
C ASP Q 142 37.02 22.52 -52.28
N GLY Q 143 36.25 23.54 -52.62
CA GLY Q 143 34.84 23.59 -52.28
C GLY Q 143 33.97 22.86 -53.29
N SER Q 144 32.68 23.14 -53.23
CA SER Q 144 31.72 22.50 -54.12
C SER Q 144 30.55 23.43 -54.37
N GLY Q 145 29.82 23.15 -55.44
CA GLY Q 145 28.68 23.98 -55.79
C GLY Q 145 27.58 23.98 -54.76
N SER Q 146 27.50 22.96 -53.93
CA SER Q 146 26.49 22.90 -52.87
C SER Q 146 26.74 23.92 -51.77
N MET Q 147 27.91 24.54 -51.72
CA MET Q 147 28.25 25.45 -50.65
C MET Q 147 28.56 26.84 -51.21
N MET Q 148 27.69 27.34 -52.08
CA MET Q 148 27.79 28.67 -52.64
C MET Q 148 26.46 29.37 -52.42
N PRO Q 149 26.11 29.67 -51.18
CA PRO Q 149 24.76 30.11 -50.86
C PRO Q 149 24.56 31.61 -51.00
N VAL Q 150 23.34 31.97 -51.38
CA VAL Q 150 22.85 33.33 -51.29
C VAL Q 150 21.68 33.31 -50.32
N PHE Q 151 21.75 34.12 -49.27
CA PHE Q 151 20.76 34.14 -48.22
C PHE Q 151 19.77 35.26 -48.47
N GLN Q 152 18.48 34.91 -48.56
CA GLN Q 152 17.42 35.90 -48.64
C GLN Q 152 17.08 36.34 -47.21
N THR Q 153 17.60 37.48 -46.82
CA THR Q 153 17.53 37.95 -45.45
C THR Q 153 16.68 39.22 -45.39
N ARG Q 154 16.56 39.76 -44.18
CA ARG Q 154 15.83 40.99 -43.96
C ARG Q 154 16.60 42.23 -44.41
N ILE Q 155 17.86 42.09 -44.78
CA ILE Q 155 18.67 43.21 -45.26
C ILE Q 155 19.15 43.00 -46.69
N GLY Q 156 18.46 42.16 -47.45
CA GLY Q 156 18.81 41.89 -48.84
C GLY Q 156 19.25 40.45 -49.04
N ASN Q 157 19.68 40.18 -50.27
CA ASN Q 157 20.22 38.88 -50.64
C ASN Q 157 21.74 38.92 -50.45
N LEU Q 158 22.24 38.30 -49.39
CA LEU Q 158 23.64 38.38 -49.03
C LEU Q 158 24.42 37.17 -49.53
N GLY Q 159 25.67 37.42 -49.91
CA GLY Q 159 26.55 36.37 -50.38
C GLY Q 159 27.98 36.83 -50.24
N GLY Q 160 28.91 35.94 -50.57
CA GLY Q 160 30.31 36.27 -50.43
C GLY Q 160 31.20 35.39 -51.28
N LEU Q 161 32.42 35.88 -51.51
CA LEU Q 161 33.47 35.13 -52.15
C LEU Q 161 34.79 35.57 -51.54
N MET Q 162 35.81 34.75 -51.70
CA MET Q 162 37.10 34.96 -51.06
C MET Q 162 38.18 35.18 -52.11
N CYS Q 163 38.93 36.28 -51.95
CA CYS Q 163 40.17 36.54 -52.69
C CYS Q 163 39.95 36.27 -54.18
N TRP Q 164 40.78 35.44 -54.82
CA TRP Q 164 40.76 35.28 -56.27
C TRP Q 164 39.48 34.63 -56.79
N GLU Q 165 38.53 34.28 -55.93
CA GLU Q 165 37.23 33.82 -56.43
C GLU Q 165 36.52 34.91 -57.21
N HIS Q 166 36.92 36.18 -57.04
CA HIS Q 166 36.33 37.28 -57.78
C HIS Q 166 36.89 37.41 -59.19
N GLN Q 167 37.92 36.64 -59.54
CA GLN Q 167 38.49 36.65 -60.88
C GLN Q 167 38.14 35.40 -61.66
N VAL Q 168 37.29 34.54 -61.12
CA VAL Q 168 36.80 33.36 -61.83
C VAL Q 168 35.39 33.67 -62.32
N PRO Q 169 35.17 33.85 -63.62
CA PRO Q 169 33.86 34.32 -64.09
C PRO Q 169 32.71 33.43 -63.66
N LEU Q 170 32.92 32.12 -63.59
CA LEU Q 170 31.84 31.22 -63.24
C LEU Q 170 31.34 31.44 -61.82
N ASP Q 171 32.21 31.92 -60.92
CA ASP Q 171 31.74 32.25 -59.57
C ASP Q 171 30.87 33.49 -59.58
N LEU Q 172 31.27 34.50 -60.36
CA LEU Q 172 30.41 35.67 -60.56
C LEU Q 172 29.05 35.25 -61.09
N MET Q 173 29.02 34.35 -62.06
CA MET Q 173 27.74 33.94 -62.64
C MET Q 173 26.92 33.12 -61.65
N ALA Q 174 27.58 32.28 -60.84
CA ALA Q 174 26.84 31.53 -59.83
C ALA Q 174 26.20 32.48 -58.82
N MET Q 175 26.92 33.52 -58.41
CA MET Q 175 26.31 34.49 -57.50
C MET Q 175 25.18 35.26 -58.17
N ASN Q 176 25.39 35.70 -59.41
CA ASN Q 176 24.38 36.48 -60.11
C ASN Q 176 23.10 35.69 -60.33
N ALA Q 177 23.22 34.41 -60.71
CA ALA Q 177 22.05 33.60 -60.97
C ALA Q 177 21.19 33.44 -59.73
N GLN Q 178 21.75 33.60 -58.54
CA GLN Q 178 21.00 33.59 -57.31
C GLN Q 178 20.50 34.97 -56.91
N ASN Q 179 20.74 35.99 -57.73
CA ASN Q 179 20.24 37.34 -57.49
C ASN Q 179 20.86 37.96 -56.23
N GLU Q 180 22.19 37.92 -56.18
CA GLU Q 180 22.90 38.52 -55.05
C GLU Q 180 22.73 40.03 -55.05
N GLN Q 181 22.67 40.61 -53.86
CA GLN Q 181 22.49 42.05 -53.70
C GLN Q 181 23.57 42.72 -52.87
N VAL Q 182 24.01 42.11 -51.78
CA VAL Q 182 25.05 42.66 -50.92
C VAL Q 182 26.15 41.62 -50.79
N HIS Q 183 27.35 41.97 -51.22
CA HIS Q 183 28.45 41.03 -51.35
C HIS Q 183 29.55 41.36 -50.35
N VAL Q 184 29.97 40.35 -49.59
CA VAL Q 184 31.14 40.45 -48.72
C VAL Q 184 32.33 39.84 -49.45
N ALA Q 185 33.33 40.67 -49.74
CA ALA Q 185 34.54 40.25 -50.47
C ALA Q 185 35.70 40.17 -49.49
N SER Q 186 36.00 38.97 -49.01
CA SER Q 186 37.09 38.76 -48.08
C SER Q 186 38.40 38.60 -48.83
N TRP Q 187 39.43 39.29 -48.35
CA TRP Q 187 40.77 39.22 -48.93
C TRP Q 187 41.79 39.04 -47.82
N PRO Q 188 42.94 38.45 -48.11
CA PRO Q 188 43.92 38.19 -47.05
C PRO Q 188 44.84 39.37 -46.77
N GLY Q 189 45.05 40.22 -47.76
CA GLY Q 189 45.84 41.43 -47.60
C GLY Q 189 47.05 41.55 -48.50
N TYR Q 190 47.32 40.59 -49.38
CA TYR Q 190 48.52 40.62 -50.21
C TYR Q 190 48.23 40.70 -51.70
N PHE Q 191 47.05 40.29 -52.15
CA PHE Q 191 46.71 40.25 -53.56
C PHE Q 191 45.86 41.46 -53.92
N ASP Q 192 46.17 42.07 -55.07
CA ASP Q 192 45.44 43.25 -55.51
C ASP Q 192 43.94 43.01 -55.45
N ASP Q 193 43.26 43.76 -54.59
CA ASP Q 193 41.85 43.50 -54.29
C ASP Q 193 40.92 44.58 -54.80
N GLU Q 194 41.42 45.78 -55.11
CA GLU Q 194 40.54 46.87 -55.52
C GLU Q 194 39.85 46.58 -56.84
N ILE Q 195 40.63 46.23 -57.88
CA ILE Q 195 40.07 46.07 -59.22
C ILE Q 195 39.02 44.97 -59.23
N SER Q 196 39.35 43.81 -58.65
CA SER Q 196 38.45 42.68 -58.70
C SER Q 196 37.15 42.99 -57.97
N SER Q 197 37.22 43.66 -56.83
CA SER Q 197 36.03 43.95 -56.07
C SER Q 197 35.16 44.98 -56.78
N ARG Q 198 35.76 46.02 -57.35
CA ARG Q 198 34.98 47.01 -58.08
C ARG Q 198 34.34 46.39 -59.32
N TYR Q 199 35.08 45.54 -60.04
CA TYR Q 199 34.49 44.85 -61.19
C TYR Q 199 33.35 43.96 -60.75
N TYR Q 200 33.49 43.28 -59.61
CA TYR Q 200 32.39 42.47 -59.11
C TYR Q 200 31.18 43.34 -58.82
N ALA Q 201 31.38 44.49 -58.21
CA ALA Q 201 30.28 45.40 -57.95
C ALA Q 201 29.54 45.73 -59.24
N ILE Q 202 30.28 46.08 -60.28
CA ILE Q 202 29.64 46.45 -61.54
C ILE Q 202 28.94 45.25 -62.17
N ALA Q 203 29.65 44.11 -62.25
CA ALA Q 203 29.18 42.99 -63.05
C ALA Q 203 28.05 42.22 -62.39
N THR Q 204 28.00 42.18 -61.06
CA THR Q 204 26.91 41.53 -60.34
C THR Q 204 25.89 42.50 -59.80
N GLN Q 205 26.08 43.81 -60.02
CA GLN Q 205 25.17 44.85 -59.53
C GLN Q 205 24.87 44.63 -58.06
N THR Q 206 25.93 44.61 -57.26
CA THR Q 206 25.85 44.41 -55.83
C THR Q 206 26.67 45.48 -55.12
N PHE Q 207 26.26 45.79 -53.89
CA PHE Q 207 27.13 46.51 -52.97
C PHE Q 207 28.19 45.54 -52.45
N VAL Q 208 29.45 45.95 -52.51
CA VAL Q 208 30.57 45.09 -52.18
C VAL Q 208 31.24 45.62 -50.91
N LEU Q 209 31.26 44.79 -49.87
CA LEU Q 209 32.03 45.05 -48.66
C LEU Q 209 33.39 44.40 -48.83
N MET Q 210 34.40 45.20 -49.15
CA MET Q 210 35.77 44.69 -49.28
C MET Q 210 36.45 44.77 -47.92
N THR Q 211 36.94 43.64 -47.44
CA THR Q 211 37.62 43.58 -46.15
C THR Q 211 38.97 42.90 -46.35
N SER Q 212 39.99 43.42 -45.66
CA SER Q 212 41.34 42.90 -45.76
C SER Q 212 41.97 42.85 -44.38
N SER Q 213 43.00 42.03 -44.25
CA SER Q 213 43.78 41.93 -43.04
C SER Q 213 45.06 42.74 -43.16
N ILE Q 214 45.75 42.89 -42.04
CA ILE Q 214 47.03 43.58 -41.98
C ILE Q 214 48.03 42.67 -41.29
N TYR Q 215 49.30 42.95 -41.51
CA TYR Q 215 50.37 42.18 -40.91
C TYR Q 215 50.73 42.74 -39.55
N THR Q 216 51.20 41.85 -38.67
CA THR Q 216 51.60 42.22 -37.32
C THR Q 216 53.01 41.73 -37.07
N GLU Q 217 53.59 42.22 -35.97
CA GLU Q 217 54.94 41.79 -35.59
C GLU Q 217 54.95 40.37 -35.03
N GLU Q 218 53.88 39.97 -34.36
CA GLU Q 218 53.81 38.60 -33.84
C GLU Q 218 53.87 37.59 -34.97
N MET Q 219 53.11 37.83 -36.03
CA MET Q 219 53.12 36.94 -37.19
C MET Q 219 54.52 36.89 -37.81
N LYS Q 220 55.15 38.05 -38.00
CA LYS Q 220 56.47 38.09 -38.61
C LYS Q 220 57.48 37.31 -37.76
N GLU Q 221 57.49 37.55 -36.46
CA GLU Q 221 58.44 36.86 -35.60
C GLU Q 221 58.17 35.36 -35.58
N MET Q 222 56.90 34.96 -35.65
CA MET Q 222 56.58 33.54 -35.59
C MET Q 222 57.02 32.81 -36.86
N ILE Q 223 56.69 33.35 -38.04
CA ILE Q 223 56.89 32.58 -39.27
C ILE Q 223 58.21 32.88 -39.97
N CYS Q 224 58.97 33.87 -39.55
CA CYS Q 224 60.25 34.19 -40.15
C CYS Q 224 61.37 33.58 -39.30
N LEU Q 225 62.15 32.68 -39.89
CA LEU Q 225 63.23 32.00 -39.19
C LEU Q 225 64.59 32.59 -39.55
N THR Q 226 64.87 32.72 -40.84
CA THR Q 226 66.08 33.36 -41.30
C THR Q 226 65.88 34.87 -41.37
N GLN Q 227 66.89 35.57 -41.89
CA GLN Q 227 66.72 36.99 -42.22
C GLN Q 227 66.27 37.19 -43.65
N GLU Q 228 66.65 36.29 -44.56
CA GLU Q 228 66.16 36.38 -45.92
C GLU Q 228 64.65 36.20 -45.97
N GLN Q 229 64.12 35.28 -45.18
CA GLN Q 229 62.67 35.13 -45.09
C GLN Q 229 62.03 36.40 -44.56
N ARG Q 230 62.62 37.01 -43.53
CA ARG Q 230 62.06 38.25 -42.99
C ARG Q 230 62.03 39.34 -44.04
N ASP Q 231 63.13 39.50 -44.79
CA ASP Q 231 63.18 40.53 -45.80
C ASP Q 231 62.18 40.27 -46.92
N TYR Q 232 62.07 39.01 -47.35
CA TYR Q 232 61.13 38.68 -48.41
C TYR Q 232 59.69 38.90 -47.98
N PHE Q 233 59.36 38.58 -46.74
CA PHE Q 233 58.02 38.82 -46.23
C PHE Q 233 57.78 40.27 -45.86
N GLU Q 234 58.83 41.09 -45.78
CA GLU Q 234 58.64 42.51 -45.55
C GLU Q 234 58.22 43.26 -46.80
N THR Q 235 58.33 42.64 -47.97
CA THR Q 235 57.96 43.30 -49.22
C THR Q 235 56.49 43.09 -49.59
N PHE Q 236 55.78 42.25 -48.86
CA PHE Q 236 54.37 42.01 -49.16
C PHE Q 236 53.57 43.30 -48.99
N LYS Q 237 52.72 43.60 -49.96
CA LYS Q 237 51.97 44.84 -49.95
C LYS Q 237 50.72 44.69 -49.09
N SER Q 238 50.12 45.82 -48.76
CA SER Q 238 48.97 45.85 -47.86
C SER Q 238 47.67 45.71 -48.64
N GLY Q 239 46.62 45.31 -47.92
CA GLY Q 239 45.28 45.27 -48.46
C GLY Q 239 44.53 46.57 -48.24
N HIS Q 240 43.27 46.56 -48.63
CA HIS Q 240 42.39 47.71 -48.49
C HIS Q 240 41.02 47.26 -48.01
N THR Q 241 40.39 48.12 -47.21
CA THR Q 241 39.04 47.88 -46.71
C THR Q 241 38.18 49.07 -47.11
N CYS Q 242 37.19 48.82 -47.97
CA CYS Q 242 36.31 49.87 -48.45
C CYS Q 242 35.03 49.23 -48.95
N ILE Q 243 33.98 50.05 -49.08
CA ILE Q 243 32.68 49.61 -49.53
C ILE Q 243 32.34 50.35 -50.82
N TYR Q 244 31.76 49.63 -51.77
CA TYR Q 244 31.41 50.18 -53.07
C TYR Q 244 29.92 50.05 -53.33
N GLY Q 245 29.41 50.94 -54.16
CA GLY Q 245 28.04 50.86 -54.61
C GLY Q 245 27.93 49.95 -55.82
N PRO Q 246 26.70 49.70 -56.29
CA PRO Q 246 26.52 48.86 -57.48
C PRO Q 246 27.09 49.46 -58.75
N ASP Q 247 27.64 50.68 -58.72
CA ASP Q 247 28.38 51.23 -59.84
C ASP Q 247 29.88 51.07 -59.70
N GLY Q 248 30.35 50.38 -58.66
CA GLY Q 248 31.78 50.22 -58.44
C GLY Q 248 32.47 51.41 -57.83
N GLU Q 249 31.71 52.42 -57.42
CA GLU Q 249 32.33 53.60 -56.82
C GLU Q 249 32.24 53.52 -55.29
N PRO Q 250 33.26 53.98 -54.58
CA PRO Q 250 33.25 53.86 -53.12
C PRO Q 250 32.12 54.65 -52.50
N ILE Q 251 31.52 54.08 -51.45
CA ILE Q 251 30.51 54.76 -50.66
C ILE Q 251 30.97 54.95 -49.22
N SER Q 252 32.25 54.70 -48.94
CA SER Q 252 32.81 54.91 -47.61
C SER Q 252 34.30 55.13 -47.77
N ASP Q 253 34.92 55.58 -46.68
CA ASP Q 253 36.34 55.90 -46.67
C ASP Q 253 37.18 54.64 -46.60
N MET Q 254 38.20 54.56 -47.46
CA MET Q 254 39.19 53.50 -47.36
C MET Q 254 39.90 53.61 -46.01
N VAL Q 255 40.05 52.48 -45.33
CA VAL Q 255 40.67 52.50 -43.99
C VAL Q 255 42.18 52.72 -44.15
N PRO Q 256 42.83 53.46 -43.24
CA PRO Q 256 44.26 53.73 -43.42
C PRO Q 256 45.09 52.45 -43.50
N ALA Q 257 46.14 52.51 -44.31
CA ALA Q 257 46.93 51.33 -44.62
C ALA Q 257 47.59 50.77 -43.37
N GLU Q 258 47.51 49.45 -43.23
CA GLU Q 258 48.16 48.72 -42.13
C GLU Q 258 47.74 49.27 -40.78
N THR Q 259 46.44 49.47 -40.62
CA THR Q 259 45.86 49.88 -39.35
C THR Q 259 44.54 49.15 -39.15
N GLU Q 260 44.19 48.93 -37.89
CA GLU Q 260 42.89 48.35 -37.57
C GLU Q 260 41.81 49.43 -37.61
N GLY Q 261 40.68 49.08 -38.20
CA GLY Q 261 39.58 50.02 -38.31
C GLY Q 261 38.37 49.31 -38.88
N ILE Q 262 37.29 50.07 -39.01
CA ILE Q 262 36.05 49.57 -39.59
C ILE Q 262 35.51 50.63 -40.53
N ALA Q 263 35.11 50.20 -41.72
CA ALA Q 263 34.47 51.08 -42.70
C ALA Q 263 32.97 50.90 -42.58
N TYR Q 264 32.24 52.02 -42.58
CA TYR Q 264 30.79 52.01 -42.50
C TYR Q 264 30.22 52.68 -43.74
N ALA Q 265 29.12 52.13 -44.25
CA ALA Q 265 28.43 52.68 -45.39
C ALA Q 265 26.94 52.50 -45.19
N GLU Q 266 26.17 53.30 -45.91
CA GLU Q 266 24.72 53.17 -45.95
C GLU Q 266 24.35 52.40 -47.21
N ILE Q 267 23.92 51.16 -47.03
CA ILE Q 267 23.54 50.31 -48.16
C ILE Q 267 22.06 50.53 -48.46
N ASP Q 268 21.78 50.85 -49.72
CA ASP Q 268 20.41 51.01 -50.20
C ASP Q 268 20.16 49.93 -51.24
N VAL Q 269 19.55 48.82 -50.80
CA VAL Q 269 19.35 47.70 -51.72
C VAL Q 269 18.49 48.15 -52.91
N GLU Q 270 17.65 49.15 -52.71
CA GLU Q 270 16.84 49.69 -53.80
C GLU Q 270 17.68 50.28 -54.92
N ARG Q 271 18.93 50.67 -54.63
CA ARG Q 271 19.79 51.25 -55.66
C ARG Q 271 20.17 50.26 -56.73
N VAL Q 272 20.16 48.96 -56.43
CA VAL Q 272 20.59 47.97 -57.40
C VAL Q 272 19.64 47.91 -58.59
N ILE Q 273 18.41 48.38 -58.44
CA ILE Q 273 17.45 48.34 -59.55
C ILE Q 273 17.94 49.18 -60.71
N ASP Q 274 18.48 50.37 -60.42
CA ASP Q 274 18.88 51.28 -61.49
C ASP Q 274 20.02 50.73 -62.32
N TYR Q 275 20.76 49.76 -61.80
CA TYR Q 275 21.86 49.14 -62.53
C TYR Q 275 21.47 47.79 -63.12
N LYS Q 276 20.49 47.10 -62.51
CA LYS Q 276 19.85 45.99 -63.22
C LYS Q 276 19.18 46.49 -64.49
N TYR Q 277 18.81 47.77 -64.52
CA TYR Q 277 18.27 48.36 -65.73
C TYR Q 277 19.30 48.36 -66.86
N TYR Q 278 20.55 48.67 -66.53
CA TYR Q 278 21.60 48.70 -67.55
C TYR Q 278 21.97 47.29 -67.99
N ILE Q 279 22.13 46.38 -67.03
CA ILE Q 279 22.82 45.12 -67.30
C ILE Q 279 22.42 44.11 -66.24
N ASP Q 280 22.28 42.87 -66.66
CA ASP Q 280 22.00 41.75 -65.77
C ASP Q 280 22.39 40.47 -66.48
N PRO Q 281 23.66 40.06 -66.42
CA PRO Q 281 24.11 38.91 -67.22
C PRO Q 281 23.30 37.64 -67.02
N ALA Q 282 22.78 37.39 -65.83
CA ALA Q 282 21.96 36.21 -65.60
C ALA Q 282 20.52 36.38 -66.07
N GLY Q 283 20.13 37.59 -66.49
CA GLY Q 283 18.77 37.84 -66.90
C GLY Q 283 18.64 38.27 -68.35
N HIS Q 284 18.35 39.55 -68.56
CA HIS Q 284 18.07 40.06 -69.90
C HIS Q 284 19.31 40.30 -70.73
N TYR Q 285 20.49 40.31 -70.13
CA TYR Q 285 21.73 40.65 -70.82
C TYR Q 285 22.50 39.41 -71.25
N SER Q 286 21.79 38.38 -71.65
CA SER Q 286 22.37 37.10 -72.02
C SER Q 286 22.19 36.84 -73.50
N ASN Q 287 22.89 35.82 -73.98
CA ASN Q 287 22.76 35.31 -75.34
C ASN Q 287 22.51 33.82 -75.26
N GLN Q 288 21.66 33.30 -76.16
CA GLN Q 288 21.29 31.90 -76.10
C GLN Q 288 22.46 30.98 -76.41
N SER Q 289 23.54 31.50 -76.98
CA SER Q 289 24.67 30.66 -77.35
C SER Q 289 25.58 30.32 -76.17
N LEU Q 290 25.45 31.04 -75.05
CA LEU Q 290 26.26 30.81 -73.87
C LEU Q 290 25.36 30.45 -72.70
N SER Q 291 25.77 29.45 -71.94
CA SER Q 291 25.01 29.00 -70.78
C SER Q 291 25.96 28.36 -69.78
N MET Q 292 25.48 28.23 -68.55
CA MET Q 292 26.30 27.77 -67.44
C MET Q 292 25.62 26.59 -66.75
N ASN Q 293 26.43 25.66 -66.26
CA ASN Q 293 25.96 24.50 -65.50
C ASN Q 293 26.35 24.71 -64.04
N PHE Q 294 25.37 24.93 -63.19
CA PHE Q 294 25.58 25.15 -61.76
C PHE Q 294 25.13 23.88 -61.02
N ASN Q 295 26.08 22.99 -60.76
CA ASN Q 295 25.80 21.72 -60.07
C ASN Q 295 25.84 21.97 -58.57
N GLN Q 296 24.67 22.03 -57.94
CA GLN Q 296 24.57 22.34 -56.53
C GLN Q 296 24.38 21.10 -55.66
N GLN Q 297 24.64 19.92 -56.20
CA GLN Q 297 24.56 18.71 -55.40
C GLN Q 297 25.77 18.59 -54.47
N PRO Q 298 25.61 18.02 -53.29
CA PRO Q 298 26.77 17.76 -52.44
C PRO Q 298 27.74 16.80 -53.14
N THR Q 299 29.03 17.02 -52.89
CA THR Q 299 30.08 16.19 -53.48
C THR Q 299 31.03 15.72 -52.39
N PRO Q 300 30.55 14.93 -51.43
CA PRO Q 300 31.45 14.28 -50.48
C PRO Q 300 32.06 13.03 -51.08
N VAL Q 301 33.28 12.74 -50.65
CA VAL Q 301 33.96 11.54 -51.14
C VAL Q 301 33.20 10.29 -50.74
N VAL Q 302 32.74 10.23 -49.49
CA VAL Q 302 31.97 9.11 -48.99
C VAL Q 302 30.58 9.61 -48.61
N LYS Q 303 29.56 9.08 -49.27
CA LYS Q 303 28.18 9.38 -48.91
C LYS Q 303 27.76 8.48 -47.76
N HIS Q 304 27.32 9.10 -46.66
CA HIS Q 304 26.82 8.36 -45.51
C HIS Q 304 25.32 8.17 -45.67
N LEU Q 305 24.91 6.92 -45.85
CA LEU Q 305 23.51 6.56 -46.03
C LEU Q 305 23.01 5.84 -44.78
N ASN Q 306 21.85 6.25 -44.29
CA ASN Q 306 21.22 5.61 -43.14
C ASN Q 306 22.15 5.62 -41.93
N HIS Q 307 22.89 6.73 -41.74
CA HIS Q 307 23.74 6.88 -40.58
C HIS Q 307 22.92 6.67 -39.31
N GLN Q 308 23.23 5.61 -38.57
CA GLN Q 308 22.44 5.25 -37.39
C GLN Q 308 23.35 4.86 -36.25
N LYS Q 309 22.98 5.27 -35.05
CA LYS Q 309 23.76 4.94 -33.86
C LYS Q 309 23.58 3.47 -33.49
N ASN Q 310 24.66 2.85 -33.05
CA ASN Q 310 24.64 1.48 -32.56
C ASN Q 310 24.60 1.49 -31.03
N GLU Q 311 23.99 0.45 -30.47
CA GLU Q 311 23.84 0.34 -29.02
C GLU Q 311 25.19 0.05 -28.36
N VAL Q 312 25.30 0.42 -27.09
CA VAL Q 312 26.48 0.16 -26.27
C VAL Q 312 26.05 -0.62 -25.04
N PHE Q 313 26.80 -1.66 -24.71
CA PHE Q 313 26.54 -2.49 -23.53
C PHE Q 313 27.46 -2.04 -22.41
N THR Q 314 26.87 -1.61 -21.30
CA THR Q 314 27.64 -1.09 -20.19
C THR Q 314 28.17 -2.24 -19.31
N TYR Q 315 29.16 -1.90 -18.48
CA TYR Q 315 29.75 -2.91 -17.60
C TYR Q 315 28.69 -3.49 -16.67
N GLU Q 316 27.86 -2.63 -16.07
CA GLU Q 316 26.82 -3.11 -15.16
C GLU Q 316 25.81 -3.99 -15.91
N ASP Q 317 25.47 -3.61 -17.14
CA ASP Q 317 24.58 -4.44 -17.95
C ASP Q 317 25.16 -5.82 -18.15
N ILE Q 318 26.46 -5.90 -18.46
CA ILE Q 318 27.12 -7.19 -18.63
C ILE Q 318 27.28 -7.93 -17.29
N GLN Q 319 27.29 -7.20 -16.18
CA GLN Q 319 27.50 -7.81 -14.87
C GLN Q 319 26.32 -7.49 -13.94
N THR R 1 5.30 -26.30 66.19
CA THR R 1 4.81 -25.71 67.46
C THR R 1 5.67 -26.19 68.63
N SER R 2 5.90 -25.29 69.59
CA SER R 2 6.68 -25.58 70.80
C SER R 2 8.11 -26.00 70.43
N ILE R 3 8.85 -25.02 69.92
CA ILE R 3 10.28 -25.14 69.72
C ILE R 3 10.99 -24.35 70.81
N TYR R 4 12.23 -24.74 71.12
CA TYR R 4 13.03 -24.12 72.17
C TYR R 4 14.42 -23.81 71.62
N PRO R 5 14.58 -22.70 70.92
CA PRO R 5 15.84 -22.42 70.24
C PRO R 5 16.90 -21.80 71.14
N LYS R 6 18.13 -21.77 70.63
CA LYS R 6 19.26 -21.12 71.25
C LYS R 6 19.77 -20.01 70.34
N PHE R 7 20.31 -18.96 70.94
CA PHE R 7 20.74 -17.78 70.18
C PHE R 7 21.37 -16.80 71.16
N ARG R 8 22.08 -15.83 70.59
CA ARG R 8 22.74 -14.77 71.37
C ARG R 8 21.93 -13.49 71.28
N ALA R 9 21.68 -12.84 72.41
CA ALA R 9 20.90 -11.63 72.48
C ALA R 9 21.78 -10.46 72.87
N ALA R 10 21.39 -9.26 72.42
CA ALA R 10 22.11 -8.02 72.71
C ALA R 10 21.18 -7.07 73.44
N ALA R 11 21.67 -6.50 74.53
CA ALA R 11 20.93 -5.51 75.31
C ALA R 11 21.70 -4.20 75.27
N VAL R 12 21.16 -3.22 74.55
CA VAL R 12 21.86 -1.96 74.32
C VAL R 12 21.74 -1.06 75.54
N GLN R 13 22.81 -0.32 75.83
CA GLN R 13 22.80 0.77 76.80
C GLN R 13 23.35 2.00 76.09
N ALA R 14 22.48 2.89 75.64
CA ALA R 14 22.90 4.05 74.87
C ALA R 14 21.97 5.21 75.20
N ALA R 15 22.36 6.40 74.73
CA ALA R 15 21.54 7.58 74.80
C ALA R 15 21.32 8.16 73.41
N PRO R 16 20.14 8.69 73.11
CA PRO R 16 19.89 9.23 71.78
C PRO R 16 20.44 10.65 71.64
N ILE R 17 20.50 11.11 70.39
CA ILE R 17 20.76 12.51 70.12
C ILE R 17 19.49 13.27 70.45
N TYR R 18 19.48 13.93 71.61
CA TYR R 18 18.23 14.29 72.26
C TYR R 18 17.31 15.08 71.34
N LEU R 19 16.07 14.64 71.24
CA LEU R 19 15.03 15.32 70.47
C LEU R 19 15.49 15.59 69.04
N ASN R 20 16.21 14.62 68.47
CA ASN R 20 16.65 14.69 67.08
C ASN R 20 16.38 13.32 66.47
N LEU R 21 15.26 13.17 65.77
CA LEU R 21 14.84 11.86 65.31
C LEU R 21 15.84 11.28 64.31
N GLU R 22 16.31 12.09 63.37
CA GLU R 22 17.16 11.56 62.30
C GLU R 22 18.51 11.09 62.84
N ALA R 23 19.14 11.90 63.68
CA ALA R 23 20.42 11.50 64.27
C ALA R 23 20.24 10.29 65.18
N SER R 24 19.14 10.24 65.94
CA SER R 24 18.91 9.09 66.80
C SER R 24 18.68 7.83 65.98
N VAL R 25 18.03 7.95 64.83
CA VAL R 25 17.83 6.79 63.96
C VAL R 25 19.16 6.34 63.38
N GLU R 26 20.03 7.28 63.03
CA GLU R 26 21.37 6.91 62.57
C GLU R 26 22.15 6.17 63.67
N LYS R 27 22.07 6.66 64.90
CA LYS R 27 22.72 5.98 66.02
C LYS R 27 22.14 4.59 66.24
N SER R 28 20.82 4.45 66.14
CA SER R 28 20.21 3.13 66.28
C SER R 28 20.69 2.19 65.20
N CYS R 29 20.80 2.67 63.96
CA CYS R 29 21.31 1.83 62.89
C CYS R 29 22.74 1.37 63.20
N GLU R 30 23.57 2.29 63.68
CA GLU R 30 24.95 1.93 64.03
C GLU R 30 24.97 0.86 65.11
N LEU R 31 24.17 1.03 66.17
CA LEU R 31 24.19 0.09 67.28
C LEU R 31 23.66 -1.28 66.86
N ILE R 32 22.64 -1.30 66.01
CA ILE R 32 22.15 -2.56 65.46
C ILE R 32 23.23 -3.24 64.63
N ASP R 33 23.92 -2.46 63.79
CA ASP R 33 25.01 -3.02 63.00
C ASP R 33 26.03 -3.69 63.91
N GLU R 34 26.43 -3.01 64.98
CA GLU R 34 27.44 -3.55 65.87
C GLU R 34 26.95 -4.81 66.56
N ALA R 35 25.78 -4.76 67.18
CA ALA R 35 25.25 -5.93 67.89
C ALA R 35 25.13 -7.12 66.96
N ALA R 36 24.61 -6.92 65.76
CA ALA R 36 24.51 -8.02 64.81
C ALA R 36 25.89 -8.54 64.44
N SER R 37 26.86 -7.65 64.23
CA SER R 37 28.20 -8.07 63.91
C SER R 37 28.77 -8.97 64.99
N ASN R 38 28.35 -8.76 66.24
CA ASN R 38 28.79 -9.61 67.33
C ASN R 38 27.94 -10.88 67.48
N GLY R 39 27.02 -11.13 66.56
CA GLY R 39 26.24 -12.36 66.58
C GLY R 39 24.95 -12.29 67.34
N ALA R 40 24.44 -11.10 67.64
CA ALA R 40 23.21 -10.95 68.42
C ALA R 40 22.02 -11.16 67.50
N LYS R 41 21.29 -12.26 67.71
CA LYS R 41 20.07 -12.51 66.94
C LYS R 41 18.90 -11.64 67.39
N LEU R 42 19.01 -11.02 68.56
CA LEU R 42 18.01 -10.07 69.05
C LEU R 42 18.73 -8.83 69.57
N VAL R 43 18.18 -7.67 69.26
CA VAL R 43 18.72 -6.38 69.70
C VAL R 43 17.59 -5.59 70.34
N ALA R 44 17.79 -5.15 71.59
CA ALA R 44 16.78 -4.46 72.35
C ALA R 44 17.32 -3.12 72.82
N PHE R 45 16.54 -2.07 72.60
CA PHE R 45 16.94 -0.69 72.90
C PHE R 45 16.22 -0.18 74.15
N PRO R 46 16.69 0.93 74.73
CA PRO R 46 16.04 1.48 75.93
C PRO R 46 14.66 2.06 75.65
N GLU R 47 14.05 2.62 76.69
CA GLU R 47 12.71 3.19 76.56
C GLU R 47 12.78 4.58 75.92
N ALA R 48 11.84 4.83 75.01
CA ALA R 48 11.70 6.13 74.36
C ALA R 48 13.01 6.58 73.70
N PHE R 49 13.74 5.63 73.13
CA PHE R 49 15.03 5.97 72.54
C PHE R 49 14.86 6.95 71.38
N LEU R 50 13.87 6.74 70.53
CA LEU R 50 13.59 7.66 69.45
C LEU R 50 12.46 8.60 69.84
N PRO R 51 12.67 9.91 69.96
CA PRO R 51 13.92 10.67 69.88
C PRO R 51 14.54 10.89 71.26
N GLY R 52 13.90 10.42 72.32
CA GLY R 52 14.44 10.57 73.66
C GLY R 52 13.37 10.49 74.73
N TYR R 53 13.76 10.10 75.93
CA TYR R 53 12.83 10.12 77.04
C TYR R 53 12.61 11.56 77.50
N PRO R 54 11.37 11.99 77.73
CA PRO R 54 11.13 13.42 78.03
C PRO R 54 11.43 13.78 79.47
N TRP R 55 12.72 14.01 79.75
CA TRP R 55 13.14 14.30 81.11
C TRP R 55 12.68 15.67 81.56
N PHE R 56 12.47 16.59 80.61
CA PHE R 56 12.01 17.92 80.96
C PHE R 56 10.71 17.88 81.75
N ALA R 57 9.92 16.83 81.57
CA ALA R 57 8.64 16.72 82.25
C ALA R 57 8.78 16.48 83.74
N PHE R 58 9.99 16.21 84.24
CA PHE R 58 10.19 15.89 85.65
C PHE R 58 10.91 16.99 86.41
N ILE R 59 11.27 18.09 85.77
CA ILE R 59 12.09 19.13 86.39
C ILE R 59 11.43 20.51 86.36
N GLY R 60 10.22 20.63 85.81
CA GLY R 60 9.51 21.88 85.77
C GLY R 60 8.01 21.68 85.77
N HIS R 61 7.28 22.80 85.66
CA HIS R 61 5.83 22.78 85.67
C HIS R 61 5.27 22.60 84.26
N PRO R 62 3.99 22.22 84.14
CA PRO R 62 3.47 21.83 82.82
C PRO R 62 3.64 22.88 81.74
N GLU R 63 3.51 24.17 82.06
CA GLU R 63 3.71 25.20 81.04
C GLU R 63 5.14 25.18 80.54
N TYR R 64 6.11 24.96 81.44
CA TYR R 64 7.49 24.79 81.03
C TYR R 64 7.64 23.55 80.15
N THR R 65 6.96 22.47 80.52
CA THR R 65 7.05 21.22 79.77
C THR R 65 6.53 21.38 78.35
N ARG R 66 5.53 22.25 78.15
CA ARG R 66 4.94 22.42 76.83
C ARG R 66 6.00 22.83 75.79
N LYS R 67 6.93 23.69 76.18
CA LYS R 67 7.89 24.22 75.22
C LYS R 67 8.72 23.10 74.59
N PHE R 68 9.16 22.14 75.39
CA PHE R 68 9.93 21.02 74.86
C PHE R 68 9.04 19.92 74.31
N TYR R 69 7.80 19.81 74.80
CA TYR R 69 6.83 18.93 74.17
C TYR R 69 6.66 19.29 72.70
N HIS R 70 6.72 20.58 72.39
CA HIS R 70 6.64 20.99 71.00
C HIS R 70 7.71 20.28 70.15
N GLU R 71 8.97 20.35 70.59
CA GLU R 71 10.05 19.73 69.84
C GLU R 71 9.91 18.22 69.81
N LEU R 72 9.55 17.61 70.94
CA LEU R 72 9.38 16.16 70.98
C LEU R 72 8.30 15.70 70.01
N TYR R 73 7.18 16.43 69.97
CA TYR R 73 6.11 16.12 69.04
C TYR R 73 6.59 16.24 67.60
N LYS R 74 7.38 17.26 67.31
CA LYS R 74 7.90 17.40 65.96
C LYS R 74 8.92 16.33 65.60
N ASN R 75 9.35 15.52 66.57
CA ASN R 75 10.35 14.48 66.32
C ASN R 75 9.82 13.08 66.64
N ALA R 76 8.50 12.91 66.67
CA ALA R 76 7.93 11.61 66.96
C ALA R 76 7.97 10.71 65.72
N VAL R 77 7.77 9.42 65.94
CA VAL R 77 7.82 8.41 64.89
C VAL R 77 6.41 8.16 64.39
N GLU R 78 6.23 8.17 63.07
CA GLU R 78 4.97 7.84 62.44
C GLU R 78 5.12 6.55 61.65
N ILE R 79 4.00 5.85 61.47
CA ILE R 79 3.98 4.59 60.73
C ILE R 79 3.02 4.74 59.56
N PRO R 80 3.51 4.77 58.31
CA PRO R 80 4.89 4.65 57.86
C PRO R 80 5.68 5.96 57.94
N SER R 81 7.00 5.88 57.97
CA SER R 81 7.83 7.07 57.99
C SER R 81 9.25 6.66 57.58
N LEU R 82 10.10 7.66 57.40
CA LEU R 82 11.49 7.39 57.03
C LEU R 82 12.23 6.65 58.13
N ALA R 83 11.94 6.97 59.39
CA ALA R 83 12.59 6.27 60.50
C ALA R 83 12.23 4.80 60.51
N ILE R 84 10.96 4.47 60.28
CA ILE R 84 10.54 3.07 60.23
C ILE R 84 11.30 2.36 59.12
N GLN R 85 11.41 3.00 57.97
CA GLN R 85 12.14 2.40 56.86
C GLN R 85 13.60 2.19 57.21
N LYS R 86 14.22 3.15 57.90
CA LYS R 86 15.62 3.02 58.26
C LYS R 86 15.83 1.83 59.20
N ILE R 87 14.98 1.70 60.21
CA ILE R 87 15.14 0.59 61.16
C ILE R 87 14.83 -0.73 60.48
N SER R 88 13.83 -0.76 59.60
CA SER R 88 13.51 -1.98 58.88
C SER R 88 14.66 -2.40 57.98
N GLU R 89 15.30 -1.44 57.32
CA GLU R 89 16.47 -1.74 56.51
C GLU R 89 17.60 -2.25 57.37
N ALA R 90 17.80 -1.66 58.55
CA ALA R 90 18.85 -2.15 59.45
C ALA R 90 18.59 -3.59 59.86
N ALA R 91 17.34 -3.91 60.21
CA ALA R 91 17.00 -5.27 60.60
C ALA R 91 17.21 -6.24 59.45
N LYS R 92 16.76 -5.88 58.25
CA LYS R 92 16.91 -6.78 57.10
C LYS R 92 18.38 -6.98 56.76
N ARG R 93 19.18 -5.92 56.81
CA ARG R 93 20.60 -6.03 56.52
C ARG R 93 21.30 -6.92 57.54
N ASN R 94 20.95 -6.77 58.80
CA ASN R 94 21.63 -7.47 59.88
C ASN R 94 20.96 -8.79 60.25
N GLU R 95 19.84 -9.14 59.63
CA GLU R 95 19.16 -10.40 59.87
C GLU R 95 18.98 -10.66 61.37
N THR R 96 18.37 -9.69 62.03
CA THR R 96 18.20 -9.73 63.48
C THR R 96 16.84 -9.20 63.84
N TYR R 97 16.31 -9.64 64.98
CA TYR R 97 15.11 -9.05 65.53
C TYR R 97 15.48 -7.78 66.28
N VAL R 98 14.66 -6.76 66.14
CA VAL R 98 14.88 -5.46 66.77
C VAL R 98 13.65 -5.11 67.58
N CYS R 99 13.86 -4.74 68.84
CA CYS R 99 12.83 -4.14 69.69
C CYS R 99 13.33 -2.77 70.06
N ILE R 100 12.76 -1.74 69.45
CA ILE R 100 13.17 -0.36 69.67
C ILE R 100 11.96 0.42 70.16
N SER R 101 12.14 1.14 71.26
CA SER R 101 11.11 2.01 71.79
C SER R 101 11.20 3.38 71.14
N CYS R 102 10.11 4.12 71.20
CA CYS R 102 10.04 5.41 70.53
C CYS R 102 8.79 6.14 70.98
N SER R 103 8.68 7.39 70.57
CA SER R 103 7.46 8.16 70.71
C SER R 103 6.68 8.05 69.41
N GLU R 104 5.45 7.55 69.50
CA GLU R 104 4.62 7.29 68.33
C GLU R 104 3.59 8.40 68.21
N LYS R 105 3.60 9.10 67.08
CA LYS R 105 2.57 10.08 66.78
C LYS R 105 1.49 9.40 65.95
N ASP R 106 0.27 9.38 66.47
CA ASP R 106 -0.88 8.83 65.77
C ASP R 106 -1.95 9.90 65.72
N GLY R 107 -2.26 10.36 64.52
CA GLY R 107 -3.16 11.49 64.39
C GLY R 107 -2.54 12.72 65.02
N GLY R 108 -3.24 13.31 65.98
CA GLY R 108 -2.75 14.47 66.69
C GLY R 108 -2.23 14.20 68.09
N SER R 109 -1.97 12.94 68.45
CA SER R 109 -1.56 12.59 69.80
C SER R 109 -0.31 11.72 69.75
N LEU R 110 0.45 11.74 70.84
CA LEU R 110 1.65 10.95 70.98
C LEU R 110 1.39 9.72 71.84
N TYR R 111 2.14 8.66 71.57
CA TYR R 111 2.12 7.44 72.35
C TYR R 111 3.55 6.93 72.49
N LEU R 112 3.81 6.23 73.57
CA LEU R 112 5.10 5.60 73.81
C LEU R 112 4.99 4.13 73.47
N ALA R 113 5.74 3.68 72.47
CA ALA R 113 5.54 2.36 71.90
C ALA R 113 6.86 1.63 71.69
N GLN R 114 6.80 0.31 71.71
CA GLN R 114 7.90 -0.55 71.29
C GLN R 114 7.58 -1.11 69.92
N LEU R 115 8.52 -0.95 68.99
CA LEU R 115 8.34 -1.37 67.61
C LEU R 115 9.21 -2.61 67.38
N TRP R 116 8.60 -3.65 66.83
CA TRP R 116 9.25 -4.93 66.64
C TRP R 116 9.48 -5.19 65.16
N PHE R 117 10.72 -5.53 64.81
CA PHE R 117 11.09 -5.90 63.45
C PHE R 117 11.68 -7.31 63.47
N ASN R 118 11.43 -8.05 62.41
CA ASN R 118 11.98 -9.37 62.22
C ASN R 118 13.11 -9.33 61.20
N PRO R 119 13.87 -10.41 61.06
CA PRO R 119 15.01 -10.38 60.12
C PRO R 119 14.62 -10.07 58.69
N ASN R 120 13.38 -10.33 58.28
CA ASN R 120 12.93 -9.91 56.96
C ASN R 120 12.76 -8.41 56.85
N GLY R 121 12.84 -7.68 57.97
CA GLY R 121 12.59 -6.26 57.98
C GLY R 121 11.14 -5.88 58.12
N ASP R 122 10.25 -6.85 58.27
CA ASP R 122 8.83 -6.55 58.44
C ASP R 122 8.59 -6.04 59.85
N LEU R 123 7.83 -4.95 59.96
CA LEU R 123 7.35 -4.49 61.26
C LEU R 123 6.26 -5.45 61.72
N ILE R 124 6.60 -6.31 62.68
CA ILE R 124 5.71 -7.41 63.05
C ILE R 124 4.69 -7.03 64.12
N GLY R 125 4.80 -5.85 64.71
CA GLY R 125 3.83 -5.44 65.71
C GLY R 125 4.38 -4.33 66.56
N LYS R 126 3.49 -3.76 67.37
CA LYS R 126 3.82 -2.62 68.21
C LYS R 126 3.10 -2.76 69.54
N HIS R 127 3.76 -2.37 70.61
CA HIS R 127 3.18 -2.32 71.95
C HIS R 127 3.16 -0.88 72.44
N ARG R 128 2.01 -0.42 72.89
CA ARG R 128 1.87 0.89 73.51
C ARG R 128 1.81 0.74 75.02
N LYS R 129 2.55 1.59 75.72
CA LYS R 129 2.53 1.54 77.18
C LYS R 129 1.09 1.69 77.67
N MET R 130 0.69 0.80 78.59
CA MET R 130 -0.70 0.77 79.01
C MET R 130 -1.03 1.95 79.92
N ARG R 131 -0.16 2.25 80.88
CA ARG R 131 -0.32 3.39 81.77
C ARG R 131 0.91 4.27 81.64
N ALA R 132 0.70 5.57 81.45
CA ALA R 132 1.79 6.52 81.49
C ALA R 132 2.16 6.82 82.93
N SER R 133 3.46 6.99 83.18
CA SER R 133 3.95 7.24 84.52
C SER R 133 3.62 8.67 84.94
N VAL R 134 4.16 9.10 86.09
CA VAL R 134 3.65 10.28 86.76
C VAL R 134 3.64 11.50 85.83
N ALA R 135 4.82 11.94 85.39
CA ALA R 135 4.91 13.18 84.64
C ALA R 135 4.84 12.96 83.14
N GLU R 136 5.13 11.75 82.67
CA GLU R 136 4.90 11.42 81.29
C GLU R 136 3.43 11.27 80.98
N ARG R 137 2.57 11.31 82.00
CA ARG R 137 1.14 11.45 81.79
C ARG R 137 0.81 12.73 81.03
N LEU R 138 1.69 13.73 81.06
CA LEU R 138 1.54 14.96 80.28
C LEU R 138 1.97 14.80 78.83
N ILE R 139 2.65 13.72 78.49
CA ILE R 139 3.29 13.55 77.20
C ILE R 139 2.55 12.54 76.33
N TRP R 140 2.18 11.40 76.89
CA TRP R 140 1.72 10.25 76.13
C TRP R 140 0.32 9.84 76.54
N GLY R 141 -0.45 9.38 75.55
CA GLY R 141 -1.72 8.75 75.82
C GLY R 141 -1.55 7.29 76.19
N ASP R 142 -2.62 6.70 76.74
CA ASP R 142 -2.57 5.34 77.23
C ASP R 142 -2.79 4.35 76.09
N GLY R 143 -2.18 3.17 76.24
CA GLY R 143 -2.33 2.11 75.27
C GLY R 143 -3.62 1.34 75.46
N SER R 144 -3.71 0.21 74.78
CA SER R 144 -4.89 -0.62 74.84
C SER R 144 -4.47 -2.09 74.83
N GLY R 145 -5.33 -2.93 75.40
CA GLY R 145 -5.06 -4.35 75.47
C GLY R 145 -4.91 -5.01 74.13
N SER R 146 -5.44 -4.39 73.08
CA SER R 146 -5.25 -4.86 71.71
C SER R 146 -3.83 -4.65 71.20
N MET R 147 -2.93 -4.11 72.01
CA MET R 147 -1.55 -3.83 71.61
C MET R 147 -0.58 -4.41 72.64
N MET R 148 -0.78 -5.67 73.00
CA MET R 148 0.10 -6.39 73.92
C MET R 148 0.59 -7.67 73.28
N PRO R 149 1.22 -7.58 72.11
CA PRO R 149 1.55 -8.78 71.35
C PRO R 149 2.62 -9.64 72.01
N VAL R 150 2.50 -10.94 71.79
CA VAL R 150 3.59 -11.89 71.97
C VAL R 150 3.83 -12.56 70.64
N PHE R 151 5.06 -12.52 70.15
CA PHE R 151 5.39 -13.01 68.83
C PHE R 151 6.01 -14.39 68.93
N GLN R 152 5.43 -15.36 68.22
CA GLN R 152 6.03 -16.67 68.06
C GLN R 152 7.02 -16.61 66.90
N THR R 153 8.31 -16.74 67.21
CA THR R 153 9.36 -16.55 66.22
C THR R 153 10.32 -17.73 66.23
N ARG R 154 11.27 -17.69 65.29
CA ARG R 154 12.29 -18.72 65.21
C ARG R 154 13.22 -18.72 66.41
N ILE R 155 13.25 -17.64 67.18
CA ILE R 155 14.08 -17.55 68.37
C ILE R 155 13.24 -17.50 69.64
N GLY R 156 12.00 -17.99 69.59
CA GLY R 156 11.16 -18.12 70.76
C GLY R 156 9.99 -17.15 70.74
N ASN R 157 9.25 -17.19 71.85
CA ASN R 157 8.13 -16.28 72.04
C ASN R 157 8.65 -14.97 72.62
N LEU R 158 8.52 -13.89 71.86
CA LEU R 158 9.10 -12.60 72.21
C LEU R 158 8.01 -11.61 72.57
N GLY R 159 8.24 -10.88 73.67
CA GLY R 159 7.38 -9.79 74.06
C GLY R 159 8.19 -8.76 74.83
N GLY R 160 7.55 -7.65 75.15
CA GLY R 160 8.23 -6.57 75.83
C GLY R 160 7.27 -5.68 76.57
N LEU R 161 7.78 -5.09 77.66
CA LEU R 161 7.05 -4.11 78.45
C LEU R 161 7.98 -2.95 78.73
N MET R 162 7.42 -1.86 79.24
CA MET R 162 8.19 -0.63 79.47
C MET R 162 8.07 -0.19 80.91
N CYS R 163 9.21 0.08 81.53
CA CYS R 163 9.32 0.76 82.84
C CYS R 163 8.32 0.14 83.81
N TRP R 164 7.50 0.94 84.49
CA TRP R 164 6.64 0.47 85.57
C TRP R 164 5.55 -0.48 85.12
N GLU R 165 5.46 -0.80 83.82
CA GLU R 165 4.54 -1.85 83.40
C GLU R 165 4.85 -3.17 84.07
N HIS R 166 6.12 -3.39 84.45
CA HIS R 166 6.48 -4.60 85.18
C HIS R 166 6.00 -4.57 86.62
N GLN R 167 5.60 -3.41 87.13
CA GLN R 167 5.04 -3.30 88.46
C GLN R 167 3.53 -3.42 88.47
N VAL R 168 2.92 -3.71 87.32
CA VAL R 168 1.47 -3.87 87.19
C VAL R 168 1.18 -5.36 87.05
N PRO R 169 0.64 -6.02 88.08
CA PRO R 169 0.43 -7.47 87.97
C PRO R 169 -0.40 -7.91 86.78
N LEU R 170 -1.41 -7.14 86.41
CA LEU R 170 -2.24 -7.53 85.27
C LEU R 170 -1.45 -7.52 83.97
N ASP R 171 -0.47 -6.62 83.84
CA ASP R 171 0.42 -6.66 82.68
C ASP R 171 1.22 -7.96 82.65
N LEU R 172 1.73 -8.38 83.80
CA LEU R 172 2.45 -9.65 83.88
C LEU R 172 1.55 -10.80 83.47
N MET R 173 0.31 -10.82 83.98
CA MET R 173 -0.62 -11.88 83.64
C MET R 173 -0.93 -11.89 82.15
N ALA R 174 -1.16 -10.71 81.57
CA ALA R 174 -1.45 -10.62 80.15
C ALA R 174 -0.30 -11.18 79.33
N MET R 175 0.94 -10.88 79.73
CA MET R 175 2.07 -11.36 78.95
C MET R 175 2.30 -12.85 79.16
N ASN R 176 2.08 -13.34 80.38
CA ASN R 176 2.29 -14.74 80.72
C ASN R 176 1.24 -15.64 80.09
N ALA R 177 0.01 -15.16 79.94
CA ALA R 177 -1.04 -15.97 79.35
C ALA R 177 -0.77 -16.31 77.89
N GLN R 178 0.09 -15.56 77.23
CA GLN R 178 0.50 -15.85 75.87
C GLN R 178 1.81 -16.64 75.82
N ASN R 179 2.32 -17.09 76.97
CA ASN R 179 3.49 -17.94 77.06
C ASN R 179 4.73 -17.23 76.49
N GLU R 180 5.02 -16.07 77.09
CA GLU R 180 6.24 -15.36 76.76
C GLU R 180 7.46 -16.20 77.13
N GLN R 181 8.52 -16.08 76.33
CA GLN R 181 9.75 -16.83 76.58
C GLN R 181 10.98 -15.94 76.63
N VAL R 182 11.04 -14.89 75.82
CA VAL R 182 12.13 -13.93 75.84
C VAL R 182 11.51 -12.54 75.93
N HIS R 183 11.88 -11.79 76.97
CA HIS R 183 11.24 -10.53 77.30
C HIS R 183 12.24 -9.38 77.23
N VAL R 184 11.79 -8.27 76.65
CA VAL R 184 12.57 -7.04 76.60
C VAL R 184 11.99 -6.08 77.63
N ALA R 185 12.83 -5.64 78.56
CA ALA R 185 12.42 -4.72 79.64
C ALA R 185 13.10 -3.38 79.39
N SER R 186 12.43 -2.52 78.64
CA SER R 186 12.99 -1.22 78.28
C SER R 186 12.71 -0.22 79.40
N TRP R 187 13.74 0.53 79.79
CA TRP R 187 13.66 1.47 80.89
C TRP R 187 14.27 2.81 80.49
N PRO R 188 13.85 3.90 81.13
CA PRO R 188 14.42 5.22 80.78
C PRO R 188 15.77 5.47 81.41
N GLY R 189 15.97 5.00 82.63
CA GLY R 189 17.25 5.14 83.29
C GLY R 189 17.23 5.92 84.59
N TYR R 190 16.05 6.23 85.10
CA TYR R 190 15.90 6.95 86.37
C TYR R 190 15.17 6.15 87.42
N PHE R 191 14.08 5.50 87.05
CA PHE R 191 13.32 4.68 87.96
C PHE R 191 14.05 3.37 88.24
N ASP R 192 13.76 2.78 89.40
CA ASP R 192 14.42 1.53 89.78
C ASP R 192 14.04 0.44 88.79
N ASP R 193 15.05 -0.17 88.16
CA ASP R 193 14.84 -1.16 87.11
C ASP R 193 15.26 -2.57 87.50
N GLU R 194 15.96 -2.75 88.62
CA GLU R 194 16.54 -4.05 88.94
C GLU R 194 15.51 -5.02 89.49
N ILE R 195 14.94 -4.68 90.66
CA ILE R 195 14.03 -5.59 91.35
C ILE R 195 12.90 -5.99 90.41
N SER R 196 12.32 -5.02 89.71
CA SER R 196 11.15 -5.31 88.87
C SER R 196 11.51 -6.25 87.73
N SER R 197 12.64 -6.03 87.06
CA SER R 197 13.00 -6.88 85.92
C SER R 197 13.37 -8.28 86.37
N ARG R 198 14.11 -8.39 87.48
CA ARG R 198 14.42 -9.72 88.02
C ARG R 198 13.15 -10.46 88.40
N TYR R 199 12.22 -9.78 89.08
CA TYR R 199 10.97 -10.43 89.45
C TYR R 199 10.16 -10.80 88.22
N TYR R 200 10.18 -9.97 87.18
CA TYR R 200 9.50 -10.33 85.95
C TYR R 200 10.06 -11.62 85.38
N ALA R 201 11.39 -11.74 85.37
CA ALA R 201 12.01 -12.98 84.91
C ALA R 201 11.54 -14.17 85.73
N ILE R 202 11.50 -14.01 87.06
CA ILE R 202 11.18 -15.14 87.93
C ILE R 202 9.71 -15.52 87.84
N ALA R 203 8.82 -14.52 87.82
CA ALA R 203 7.38 -14.74 87.88
C ALA R 203 6.75 -14.93 86.52
N THR R 204 7.49 -14.76 85.43
CA THR R 204 6.99 -15.07 84.11
C THR R 204 7.76 -16.21 83.46
N GLN R 205 8.86 -16.67 84.07
CA GLN R 205 9.66 -17.76 83.54
C GLN R 205 10.20 -17.42 82.16
N THR R 206 10.84 -16.26 82.07
CA THR R 206 11.33 -15.72 80.82
C THR R 206 12.77 -15.23 81.00
N PHE R 207 13.52 -15.22 79.90
CA PHE R 207 14.76 -14.46 79.83
C PHE R 207 14.41 -13.00 79.66
N VAL R 208 15.01 -12.14 80.47
CA VAL R 208 14.67 -10.73 80.50
C VAL R 208 15.88 -9.92 80.05
N LEU R 209 15.71 -9.20 78.95
CA LEU R 209 16.70 -8.23 78.47
C LEU R 209 16.32 -6.87 79.05
N MET R 210 17.03 -6.45 80.08
CA MET R 210 16.80 -5.15 80.69
C MET R 210 17.76 -4.15 80.05
N THR R 211 17.21 -3.23 79.27
CA THR R 211 17.98 -2.18 78.61
C THR R 211 17.60 -0.84 79.22
N SER R 212 18.57 0.05 79.35
CA SER R 212 18.34 1.36 79.92
C SER R 212 19.23 2.39 79.23
N SER R 213 18.79 3.64 79.25
CA SER R 213 19.54 4.75 78.69
C SER R 213 20.32 5.47 79.79
N ILE R 214 21.27 6.28 79.35
CA ILE R 214 22.08 7.11 80.24
C ILE R 214 21.92 8.56 79.80
N TYR R 215 22.19 9.46 80.72
CA TYR R 215 22.08 10.88 80.43
C TYR R 215 23.31 11.37 79.65
N THR R 216 23.20 12.57 79.10
CA THR R 216 24.30 13.19 78.37
C THR R 216 24.31 14.69 78.66
N GLU R 217 25.42 15.33 78.31
CA GLU R 217 25.54 16.76 78.57
C GLU R 217 24.70 17.59 77.61
N GLU R 218 24.53 17.12 76.38
CA GLU R 218 23.70 17.84 75.41
C GLU R 218 22.26 17.93 75.90
N MET R 219 21.73 16.85 76.44
CA MET R 219 20.36 16.84 76.96
C MET R 219 20.23 17.82 78.13
N LYS R 220 21.19 17.80 79.05
CA LYS R 220 21.14 18.71 80.19
C LYS R 220 21.20 20.16 79.72
N GLU R 221 22.03 20.44 78.72
CA GLU R 221 22.07 21.78 78.14
C GLU R 221 20.72 22.15 77.58
N MET R 222 20.09 21.23 76.85
CA MET R 222 18.83 21.55 76.19
C MET R 222 17.73 21.84 77.19
N ILE R 223 17.65 21.08 78.29
CA ILE R 223 16.46 21.15 79.15
C ILE R 223 16.68 21.93 80.45
N CYS R 224 17.91 22.29 80.81
CA CYS R 224 18.18 22.97 82.07
C CYS R 224 18.32 24.47 81.80
N LEU R 225 17.28 25.22 82.13
CA LEU R 225 17.24 26.65 81.87
C LEU R 225 17.64 27.49 83.08
N THR R 226 17.67 26.90 84.27
CA THR R 226 18.08 27.60 85.48
C THR R 226 19.04 26.70 86.26
N GLN R 227 19.85 27.32 87.11
CA GLN R 227 20.79 26.56 87.91
C GLN R 227 20.07 25.60 88.85
N GLU R 228 18.89 25.98 89.34
CA GLU R 228 18.12 25.07 90.18
C GLU R 228 17.76 23.80 89.41
N GLN R 229 17.29 23.96 88.17
CA GLN R 229 16.93 22.80 87.37
C GLN R 229 18.13 21.91 87.10
N ARG R 230 19.28 22.50 86.78
CA ARG R 230 20.47 21.71 86.52
C ARG R 230 20.89 20.94 87.77
N ASP R 231 20.90 21.61 88.92
CA ASP R 231 21.27 20.92 90.16
C ASP R 231 20.31 19.79 90.48
N TYR R 232 19.01 20.02 90.30
CA TYR R 232 18.02 18.99 90.58
C TYR R 232 18.18 17.81 89.63
N PHE R 233 18.28 18.08 88.33
CA PHE R 233 18.45 17.01 87.35
C PHE R 233 19.77 16.29 87.50
N GLU R 234 20.77 16.90 88.15
CA GLU R 234 22.01 16.21 88.43
C GLU R 234 21.84 15.04 89.39
N THR R 235 20.80 15.06 90.21
CA THR R 235 20.58 14.00 91.18
C THR R 235 19.97 12.74 90.58
N PHE R 236 19.44 12.81 89.37
CA PHE R 236 18.76 11.67 88.78
C PHE R 236 19.73 10.50 88.64
N LYS R 237 19.38 9.37 89.25
CA LYS R 237 20.28 8.24 89.30
C LYS R 237 20.33 7.52 87.96
N SER R 238 21.29 6.62 87.83
CA SER R 238 21.58 5.92 86.59
C SER R 238 20.89 4.57 86.55
N GLY R 239 20.48 4.16 85.36
CA GLY R 239 19.87 2.87 85.15
C GLY R 239 20.90 1.76 85.01
N HIS R 240 20.40 0.57 84.69
CA HIS R 240 21.24 -0.61 84.50
C HIS R 240 20.83 -1.31 83.22
N THR R 241 21.80 -1.99 82.62
CA THR R 241 21.54 -2.84 81.45
C THR R 241 22.12 -4.21 81.74
N CYS R 242 21.24 -5.21 81.81
CA CYS R 242 21.66 -6.58 82.10
C CYS R 242 20.69 -7.54 81.43
N ILE R 243 21.11 -8.80 81.36
CA ILE R 243 20.29 -9.87 80.80
C ILE R 243 20.13 -10.93 81.89
N TYR R 244 18.89 -11.35 82.13
CA TYR R 244 18.57 -12.26 83.21
C TYR R 244 18.01 -13.57 82.66
N GLY R 245 18.24 -14.64 83.41
CA GLY R 245 17.67 -15.92 83.09
C GLY R 245 16.36 -16.13 83.82
N PRO R 246 15.64 -17.20 83.49
CA PRO R 246 14.36 -17.44 84.15
C PRO R 246 14.47 -17.62 85.65
N ASP R 247 15.64 -18.00 86.16
CA ASP R 247 15.83 -18.09 87.60
C ASP R 247 15.89 -16.72 88.27
N GLY R 248 16.11 -15.66 87.48
CA GLY R 248 16.31 -14.33 88.00
C GLY R 248 17.75 -13.87 88.04
N GLU R 249 18.70 -14.79 87.91
CA GLU R 249 20.11 -14.44 87.96
C GLU R 249 20.54 -13.81 86.63
N PRO R 250 21.57 -12.95 86.66
CA PRO R 250 22.09 -12.42 85.40
C PRO R 250 22.92 -13.45 84.66
N ILE R 251 22.85 -13.41 83.33
CA ILE R 251 23.65 -14.25 82.46
C ILE R 251 24.63 -13.45 81.63
N SER R 252 24.67 -12.13 81.80
CA SER R 252 25.64 -11.28 81.14
C SER R 252 26.31 -10.40 82.19
N ASP R 253 27.15 -9.48 81.72
CA ASP R 253 27.83 -8.53 82.59
C ASP R 253 27.16 -7.17 82.47
N MET R 254 27.03 -6.49 83.61
CA MET R 254 26.48 -5.15 83.62
C MET R 254 27.31 -4.25 82.71
N VAL R 255 26.63 -3.51 81.84
CA VAL R 255 27.37 -2.46 81.13
C VAL R 255 27.83 -1.43 82.15
N PRO R 256 29.06 -0.94 82.09
CA PRO R 256 29.52 0.01 83.12
C PRO R 256 28.56 1.19 83.25
N ALA R 257 28.30 1.56 84.50
CA ALA R 257 27.29 2.56 84.80
C ALA R 257 27.63 3.89 84.12
N GLU R 258 26.63 4.48 83.47
CA GLU R 258 26.79 5.75 82.76
C GLU R 258 27.84 5.65 81.66
N THR R 259 27.57 4.78 80.69
CA THR R 259 28.40 4.65 79.50
C THR R 259 27.55 4.09 78.38
N GLU R 260 28.14 4.00 77.19
CA GLU R 260 27.49 3.43 76.03
C GLU R 260 28.08 2.04 75.79
N GLY R 261 27.24 1.02 75.81
CA GLY R 261 27.71 -0.34 75.64
C GLY R 261 26.56 -1.29 75.44
N ILE R 262 26.90 -2.53 75.09
CA ILE R 262 25.93 -3.57 74.82
C ILE R 262 26.26 -4.77 75.69
N ALA R 263 25.23 -5.44 76.19
CA ALA R 263 25.36 -6.64 76.99
C ALA R 263 24.92 -7.84 76.14
N TYR R 264 25.71 -8.91 76.17
CA TYR R 264 25.44 -10.09 75.39
C TYR R 264 25.20 -11.28 76.31
N ALA R 265 24.40 -12.23 75.84
CA ALA R 265 24.12 -13.44 76.60
C ALA R 265 23.68 -14.53 75.65
N GLU R 266 23.86 -15.77 76.09
CA GLU R 266 23.43 -16.95 75.35
C GLU R 266 22.09 -17.39 75.90
N ILE R 267 21.03 -17.12 75.15
CA ILE R 267 19.67 -17.47 75.56
C ILE R 267 19.38 -18.89 75.14
N ASP R 268 18.96 -19.72 76.09
CA ASP R 268 18.58 -21.11 75.85
C ASP R 268 17.12 -21.24 76.25
N VAL R 269 16.21 -20.96 75.31
CA VAL R 269 14.79 -20.97 75.62
C VAL R 269 14.35 -22.31 76.18
N GLU R 270 15.09 -23.37 75.90
CA GLU R 270 14.81 -24.67 76.50
C GLU R 270 14.95 -24.64 78.01
N ARG R 271 15.68 -23.67 78.56
CA ARG R 271 15.86 -23.60 80.00
C ARG R 271 14.55 -23.32 80.73
N VAL R 272 13.59 -22.67 80.06
CA VAL R 272 12.40 -22.23 80.75
C VAL R 272 11.53 -23.39 81.22
N ILE R 273 11.72 -24.58 80.63
CA ILE R 273 10.95 -25.73 81.04
C ILE R 273 11.25 -26.09 82.49
N ASP R 274 12.49 -25.88 82.92
CA ASP R 274 12.85 -26.22 84.29
C ASP R 274 12.09 -25.36 85.30
N TYR R 275 11.75 -24.14 84.91
CA TYR R 275 11.10 -23.21 85.83
C TYR R 275 9.59 -23.13 85.64
N LYS R 276 9.08 -23.53 84.47
CA LYS R 276 7.66 -23.79 84.36
C LYS R 276 7.25 -25.02 85.15
N TYR R 277 8.21 -25.92 85.39
CA TYR R 277 7.97 -27.08 86.25
C TYR R 277 7.66 -26.64 87.67
N TYR R 278 8.22 -25.51 88.11
CA TYR R 278 7.98 -25.02 89.47
C TYR R 278 6.70 -24.20 89.54
N ILE R 279 6.61 -23.17 88.72
CA ILE R 279 5.52 -22.20 88.79
C ILE R 279 5.12 -21.82 87.37
N ASP R 280 3.82 -21.80 87.10
CA ASP R 280 3.26 -21.25 85.87
C ASP R 280 1.94 -20.58 86.20
N PRO R 281 1.96 -19.32 86.64
CA PRO R 281 0.76 -18.72 87.22
C PRO R 281 -0.44 -18.69 86.28
N ALA R 282 -0.21 -18.64 84.97
CA ALA R 282 -1.28 -18.73 84.01
C ALA R 282 -1.75 -20.16 83.75
N GLY R 283 -0.96 -21.15 84.15
CA GLY R 283 -1.29 -22.53 83.89
C GLY R 283 -1.64 -23.34 85.12
N HIS R 284 -0.70 -24.14 85.60
CA HIS R 284 -0.96 -25.09 86.67
C HIS R 284 -0.87 -24.49 88.06
N TYR R 285 -0.37 -23.26 88.20
CA TYR R 285 -0.20 -22.61 89.49
C TYR R 285 -1.30 -21.59 89.76
N SER R 286 -2.53 -21.93 89.41
CA SER R 286 -3.65 -21.00 89.50
C SER R 286 -4.70 -21.54 90.46
N ASN R 287 -5.62 -20.66 90.83
CA ASN R 287 -6.79 -20.99 91.61
C ASN R 287 -8.03 -20.54 90.86
N GLN R 288 -9.15 -21.23 91.08
CA GLN R 288 -10.37 -20.93 90.37
C GLN R 288 -11.11 -19.73 90.93
N SER R 289 -10.68 -19.18 92.06
CA SER R 289 -11.31 -18.00 92.63
C SER R 289 -10.76 -16.70 92.08
N LEU R 290 -9.61 -16.73 91.41
CA LEU R 290 -8.98 -15.55 90.84
C LEU R 290 -8.76 -15.78 89.35
N SER R 291 -9.33 -14.91 88.54
CA SER R 291 -9.26 -15.03 87.10
C SER R 291 -9.13 -13.63 86.50
N MET R 292 -8.63 -13.58 85.28
CA MET R 292 -8.29 -12.32 84.64
C MET R 292 -9.07 -12.16 83.34
N ASN R 293 -9.52 -10.95 83.07
CA ASN R 293 -10.16 -10.59 81.82
C ASN R 293 -9.17 -9.79 80.98
N PHE R 294 -8.88 -10.29 79.79
CA PHE R 294 -7.91 -9.69 78.88
C PHE R 294 -8.67 -9.33 77.61
N ASN R 295 -9.24 -8.14 77.59
CA ASN R 295 -9.99 -7.65 76.44
C ASN R 295 -9.01 -7.16 75.38
N GLN R 296 -8.90 -7.92 74.29
CA GLN R 296 -7.96 -7.62 73.21
C GLN R 296 -8.64 -6.91 72.04
N GLN R 297 -9.88 -6.47 72.20
CA GLN R 297 -10.56 -5.79 71.12
C GLN R 297 -9.96 -4.40 70.91
N PRO R 298 -9.79 -3.96 69.67
CA PRO R 298 -9.31 -2.59 69.46
C PRO R 298 -10.22 -1.57 70.13
N THR R 299 -9.60 -0.53 70.67
CA THR R 299 -10.34 0.56 71.32
C THR R 299 -9.85 1.91 70.79
N PRO R 300 -9.97 2.15 69.49
CA PRO R 300 -9.81 3.51 68.99
C PRO R 300 -11.02 4.36 69.36
N VAL R 301 -10.79 5.67 69.48
CA VAL R 301 -11.87 6.56 69.88
C VAL R 301 -12.95 6.59 68.81
N VAL R 302 -12.55 6.53 67.54
CA VAL R 302 -13.48 6.54 66.41
C VAL R 302 -13.23 5.30 65.57
N LYS R 303 -14.29 4.52 65.33
CA LYS R 303 -14.21 3.34 64.48
C LYS R 303 -14.55 3.75 63.05
N HIS R 304 -13.58 3.60 62.16
CA HIS R 304 -13.78 3.92 60.75
C HIS R 304 -14.29 2.69 60.02
N LEU R 305 -15.46 2.81 59.40
CA LEU R 305 -16.11 1.72 58.70
C LEU R 305 -16.14 2.01 57.20
N ASN R 306 -15.78 1.00 56.41
CA ASN R 306 -15.77 1.10 54.95
C ASN R 306 -15.00 2.35 54.50
N HIS R 307 -13.83 2.56 55.10
CA HIS R 307 -13.05 3.75 54.82
C HIS R 307 -12.91 3.96 53.32
N GLN R 308 -13.30 5.15 52.88
CA GLN R 308 -13.25 5.54 51.48
C GLN R 308 -12.28 6.71 51.31
N LYS R 309 -12.19 7.19 50.07
CA LYS R 309 -11.31 8.30 49.74
C LYS R 309 -12.06 9.27 48.84
N ASN R 310 -11.61 10.53 48.87
CA ASN R 310 -12.25 11.56 48.06
C ASN R 310 -11.99 11.31 46.57
N GLU R 311 -12.88 11.84 45.74
CA GLU R 311 -12.76 11.75 44.29
C GLU R 311 -12.32 13.11 43.77
N VAL R 312 -11.06 13.21 43.35
CA VAL R 312 -10.51 14.45 42.81
C VAL R 312 -10.83 14.53 41.33
N PHE R 313 -11.46 15.62 40.91
CA PHE R 313 -11.75 15.89 39.50
C PHE R 313 -10.66 16.81 38.98
N THR R 314 -9.73 16.25 38.21
CA THR R 314 -8.56 17.01 37.79
C THR R 314 -8.97 18.21 36.94
N TYR R 315 -8.16 19.27 37.05
CA TYR R 315 -8.41 20.49 36.27
C TYR R 315 -8.53 20.18 34.79
N GLU R 316 -7.72 19.25 34.29
CA GLU R 316 -7.71 18.97 32.86
C GLU R 316 -9.05 18.45 32.39
N ASP R 317 -9.69 17.60 33.20
CA ASP R 317 -11.00 17.07 32.85
C ASP R 317 -12.07 18.15 32.93
N ILE R 318 -12.07 18.93 34.02
CA ILE R 318 -13.01 20.04 34.13
C ILE R 318 -12.84 21.00 32.95
N GLN R 319 -11.65 21.03 32.36
CA GLN R 319 -11.41 21.84 31.18
C GLN R 319 -10.88 20.94 30.06
N THR S 1 37.11 -12.99 -76.58
CA THR S 1 37.51 -12.17 -75.40
C THR S 1 38.11 -13.06 -74.31
N SER S 2 38.67 -12.42 -73.28
CA SER S 2 39.27 -13.12 -72.14
C SER S 2 40.41 -14.04 -72.61
N ILE S 3 41.46 -13.41 -73.09
CA ILE S 3 42.70 -14.09 -73.42
C ILE S 3 43.69 -13.89 -72.26
N TYR S 4 44.77 -14.65 -72.28
CA TYR S 4 45.79 -14.60 -71.22
C TYR S 4 47.16 -14.78 -71.85
N PRO S 5 47.73 -13.72 -72.41
CA PRO S 5 48.95 -13.84 -73.20
C PRO S 5 50.22 -13.85 -72.34
N LYS S 6 51.33 -14.15 -73.01
CA LYS S 6 52.66 -14.14 -72.40
C LYS S 6 53.54 -13.18 -73.20
N PHE S 7 54.25 -12.30 -72.50
CA PHE S 7 55.07 -11.30 -73.17
C PHE S 7 56.14 -10.81 -72.20
N ARG S 8 57.07 -10.03 -72.74
CA ARG S 8 58.19 -9.48 -72.00
C ARG S 8 57.96 -7.99 -71.76
N ALA S 9 58.08 -7.57 -70.51
CA ALA S 9 57.90 -6.18 -70.12
C ALA S 9 59.23 -5.57 -69.71
N ALA S 10 59.28 -4.24 -69.71
CA ALA S 10 60.51 -3.53 -69.37
C ALA S 10 60.17 -2.23 -68.65
N ALA S 11 60.48 -2.16 -67.36
CA ALA S 11 60.41 -0.91 -66.62
C ALA S 11 61.77 -0.21 -66.68
N VAL S 12 61.73 1.11 -66.85
CA VAL S 12 62.92 1.91 -67.12
C VAL S 12 63.22 2.77 -65.90
N GLN S 13 64.48 2.79 -65.49
CA GLN S 13 64.98 3.70 -64.45
C GLN S 13 65.95 4.66 -65.12
N ALA S 14 65.46 5.85 -65.47
CA ALA S 14 66.29 6.83 -66.16
C ALA S 14 65.83 8.22 -65.77
N ALA S 15 66.71 9.19 -66.01
CA ALA S 15 66.40 10.59 -65.82
C ALA S 15 66.38 11.30 -67.15
N PRO S 16 65.58 12.35 -67.31
CA PRO S 16 65.54 13.09 -68.57
C PRO S 16 66.64 14.14 -68.64
N ILE S 17 66.71 14.82 -69.78
CA ILE S 17 67.50 16.04 -69.92
C ILE S 17 66.65 17.16 -69.34
N TYR S 18 66.95 17.57 -68.12
CA TYR S 18 65.99 18.29 -67.30
C TYR S 18 65.49 19.56 -67.98
N LEU S 19 64.16 19.67 -68.06
CA LEU S 19 63.49 20.84 -68.64
C LEU S 19 63.97 21.10 -70.06
N ASN S 20 64.26 20.04 -70.80
CA ASN S 20 64.61 20.11 -72.20
C ASN S 20 63.77 19.08 -72.94
N LEU S 21 62.83 19.56 -73.76
CA LEU S 21 61.87 18.65 -74.38
C LEU S 21 62.50 17.82 -75.49
N GLU S 22 63.30 18.45 -76.35
CA GLU S 22 63.85 17.74 -77.50
C GLU S 22 64.81 16.64 -77.06
N ALA S 23 65.76 16.98 -76.20
CA ALA S 23 66.72 15.97 -75.74
C ALA S 23 66.04 14.90 -74.90
N SER S 24 65.02 15.27 -74.13
CA SER S 24 64.27 14.27 -73.37
C SER S 24 63.55 13.30 -74.29
N VAL S 25 62.94 13.80 -75.37
CA VAL S 25 62.26 12.91 -76.31
C VAL S 25 63.27 12.03 -77.04
N GLU S 26 64.44 12.58 -77.36
CA GLU S 26 65.48 11.77 -78.00
C GLU S 26 65.94 10.65 -77.07
N LYS S 27 66.15 10.97 -75.79
CA LYS S 27 66.52 9.95 -74.82
C LYS S 27 65.44 8.90 -74.69
N SER S 28 64.17 9.32 -74.69
CA SER S 28 63.07 8.37 -74.60
C SER S 28 63.06 7.43 -75.81
N CYS S 29 63.28 7.98 -77.00
CA CYS S 29 63.33 7.14 -78.19
C CYS S 29 64.46 6.12 -78.09
N GLU S 30 65.63 6.56 -77.62
CA GLU S 30 66.76 5.64 -77.47
C GLU S 30 66.43 4.54 -76.47
N LEU S 31 65.82 4.90 -75.33
CA LEU S 31 65.49 3.90 -74.33
C LEU S 31 64.47 2.91 -74.86
N ILE S 32 63.48 3.39 -75.61
CA ILE S 32 62.50 2.49 -76.21
C ILE S 32 63.18 1.53 -77.18
N ASP S 33 64.09 2.06 -78.02
CA ASP S 33 64.81 1.22 -78.95
C ASP S 33 65.56 0.12 -78.21
N GLU S 34 66.28 0.49 -77.16
CA GLU S 34 67.06 -0.49 -76.41
C GLU S 34 66.17 -1.56 -75.79
N ALA S 35 65.12 -1.14 -75.08
CA ALA S 35 64.24 -2.09 -74.42
C ALA S 35 63.60 -3.03 -75.43
N ALA S 36 63.13 -2.50 -76.55
CA ALA S 36 62.52 -3.34 -77.57
C ALA S 36 63.53 -4.31 -78.15
N SER S 37 64.77 -3.85 -78.39
CA SER S 37 65.79 -4.76 -78.90
C SER S 37 66.07 -5.89 -77.92
N ASN S 38 65.91 -5.64 -76.62
CA ASN S 38 66.04 -6.71 -75.63
C ASN S 38 64.75 -7.50 -75.45
N GLY S 39 63.85 -7.49 -76.44
CA GLY S 39 62.67 -8.34 -76.43
C GLY S 39 61.45 -7.77 -75.75
N ALA S 40 61.51 -6.56 -75.21
CA ALA S 40 60.39 -6.02 -74.45
C ALA S 40 59.26 -5.60 -75.38
N LYS S 41 58.04 -6.03 -75.05
CA LYS S 41 56.85 -5.64 -75.78
C LYS S 41 56.05 -4.56 -75.06
N LEU S 42 56.43 -4.20 -73.83
CA LEU S 42 55.85 -3.06 -73.13
C LEU S 42 56.97 -2.31 -72.46
N VAL S 43 56.99 -0.98 -72.65
CA VAL S 43 57.99 -0.12 -72.07
C VAL S 43 57.29 0.97 -71.28
N ALA S 44 57.72 1.19 -70.03
CA ALA S 44 57.12 2.20 -69.16
C ALA S 44 58.21 3.11 -68.62
N PHE S 45 57.82 4.36 -68.33
CA PHE S 45 58.73 5.43 -67.99
C PHE S 45 58.34 6.07 -66.65
N PRO S 46 59.30 6.72 -65.98
CA PRO S 46 58.99 7.37 -64.71
C PRO S 46 57.95 8.47 -64.85
N GLU S 47 57.46 8.91 -63.69
CA GLU S 47 56.48 10.00 -63.67
C GLU S 47 57.10 11.29 -64.18
N ALA S 48 56.35 11.99 -65.02
CA ALA S 48 56.74 13.31 -65.52
C ALA S 48 58.10 13.26 -66.21
N PHE S 49 58.38 12.18 -66.92
CA PHE S 49 59.68 12.03 -67.56
C PHE S 49 59.96 13.16 -68.54
N LEU S 50 58.96 13.53 -69.34
CA LEU S 50 59.12 14.56 -70.35
C LEU S 50 58.53 15.88 -69.85
N PRO S 51 59.32 16.93 -69.62
CA PRO S 51 60.79 17.03 -69.69
C PRO S 51 61.48 16.83 -68.34
N GLY S 52 60.73 16.63 -67.25
CA GLY S 52 61.32 16.40 -65.95
C GLY S 52 60.39 16.69 -64.79
N TYR S 53 60.60 16.03 -63.67
CA TYR S 53 59.76 16.28 -62.49
C TYR S 53 60.09 17.64 -61.89
N PRO S 54 59.09 18.46 -61.55
CA PRO S 54 59.40 19.80 -61.03
C PRO S 54 59.97 19.77 -59.63
N TRP S 55 61.22 19.31 -59.49
CA TRP S 55 61.85 19.27 -58.17
C TRP S 55 62.02 20.67 -57.60
N PHE S 56 62.07 21.69 -58.45
CA PHE S 56 62.22 23.06 -57.97
C PHE S 56 61.06 23.46 -57.06
N ALA S 57 59.88 22.90 -57.27
CA ALA S 57 58.71 23.27 -56.50
C ALA S 57 58.82 22.84 -55.04
N PHE S 58 59.79 21.99 -54.69
CA PHE S 58 59.89 21.44 -53.34
C PHE S 58 61.03 22.03 -52.54
N ILE S 59 61.87 22.90 -53.11
CA ILE S 59 63.01 23.44 -52.40
C ILE S 59 63.02 24.96 -52.43
N GLY S 60 61.84 25.57 -52.51
CA GLY S 60 61.76 27.01 -52.43
C GLY S 60 60.33 27.46 -52.35
N HIS S 61 60.14 28.77 -52.22
CA HIS S 61 58.81 29.34 -52.09
C HIS S 61 58.17 29.49 -53.47
N PRO S 62 56.86 29.78 -53.51
CA PRO S 62 56.16 29.84 -54.81
C PRO S 62 56.78 30.81 -55.80
N GLU S 63 57.31 31.95 -55.35
CA GLU S 63 57.85 32.92 -56.30
C GLU S 63 59.11 32.41 -56.98
N TYR S 64 59.93 31.67 -56.24
CA TYR S 64 61.08 30.99 -56.85
C TYR S 64 60.62 29.88 -57.77
N THR S 65 59.60 29.13 -57.36
CA THR S 65 59.04 28.07 -58.19
C THR S 65 58.52 28.61 -59.52
N ARG S 66 58.06 29.86 -59.53
CA ARG S 66 57.46 30.43 -60.73
C ARG S 66 58.44 30.53 -61.88
N LYS S 67 59.69 30.93 -61.59
CA LYS S 67 60.66 31.11 -62.66
C LYS S 67 60.92 29.80 -63.40
N PHE S 68 61.05 28.70 -62.66
CA PHE S 68 61.27 27.41 -63.29
C PHE S 68 59.99 26.83 -63.89
N TYR S 69 58.84 27.13 -63.29
CA TYR S 69 57.58 26.73 -63.91
C TYR S 69 57.45 27.36 -65.29
N HIS S 70 57.96 28.57 -65.47
CA HIS S 70 57.98 29.18 -66.79
C HIS S 70 58.66 28.26 -67.80
N GLU S 71 59.86 27.79 -67.48
CA GLU S 71 60.62 26.99 -68.42
C GLU S 71 60.02 25.60 -68.60
N LEU S 72 59.42 25.05 -67.56
CA LEU S 72 58.69 23.79 -67.70
C LEU S 72 57.50 23.96 -68.63
N TYR S 73 56.74 25.05 -68.44
CA TYR S 73 55.59 25.35 -69.29
C TYR S 73 56.02 25.48 -70.74
N LYS S 74 57.19 26.06 -70.99
CA LYS S 74 57.65 26.22 -72.35
C LYS S 74 58.09 24.92 -73.00
N ASN S 75 58.29 23.86 -72.22
CA ASN S 75 58.70 22.56 -72.73
C ASN S 75 57.66 21.48 -72.47
N ALA S 76 56.42 21.87 -72.18
CA ALA S 76 55.36 20.89 -71.99
C ALA S 76 54.99 20.23 -73.29
N VAL S 77 54.49 19.01 -73.20
CA VAL S 77 54.05 18.26 -74.37
C VAL S 77 52.63 18.69 -74.74
N GLU S 78 52.39 18.86 -76.03
CA GLU S 78 51.08 19.15 -76.57
C GLU S 78 50.64 18.00 -77.47
N ILE S 79 49.34 17.81 -77.56
CA ILE S 79 48.75 16.79 -78.42
C ILE S 79 47.86 17.51 -79.45
N PRO S 80 48.26 17.58 -80.73
CA PRO S 80 49.46 17.04 -81.38
C PRO S 80 50.71 17.89 -81.20
N SER S 81 51.89 17.28 -81.33
CA SER S 81 53.15 18.01 -81.23
C SER S 81 54.20 17.19 -81.96
N LEU S 82 55.45 17.65 -81.88
CA LEU S 82 56.55 16.86 -82.43
C LEU S 82 56.93 15.72 -81.50
N ALA S 83 56.82 15.94 -80.19
CA ALA S 83 57.16 14.88 -79.23
C ALA S 83 56.25 13.68 -79.39
N ILE S 84 54.93 13.93 -79.49
CA ILE S 84 53.98 12.84 -79.68
C ILE S 84 54.32 12.08 -80.96
N GLN S 85 54.67 12.80 -82.01
CA GLN S 85 55.02 12.16 -83.29
C GLN S 85 56.25 11.26 -83.13
N LYS S 86 57.29 11.77 -82.46
CA LYS S 86 58.51 10.98 -82.32
C LYS S 86 58.28 9.73 -81.48
N ILE S 87 57.54 9.88 -80.36
CA ILE S 87 57.29 8.72 -79.51
C ILE S 87 56.41 7.72 -80.23
N SER S 88 55.41 8.19 -80.98
CA SER S 88 54.57 7.28 -81.75
C SER S 88 55.38 6.55 -82.80
N GLU S 89 56.28 7.25 -83.48
CA GLU S 89 57.11 6.62 -84.50
C GLU S 89 58.02 5.57 -83.88
N ALA S 90 58.59 5.87 -82.72
CA ALA S 90 59.43 4.87 -82.04
C ALA S 90 58.62 3.64 -81.65
N ALA S 91 57.42 3.86 -81.12
CA ALA S 91 56.57 2.73 -80.73
C ALA S 91 56.20 1.88 -81.95
N LYS S 92 55.88 2.53 -83.07
CA LYS S 92 55.55 1.77 -84.28
C LYS S 92 56.76 1.03 -84.83
N ARG S 93 57.91 1.69 -84.87
CA ARG S 93 59.11 1.06 -85.41
C ARG S 93 59.52 -0.15 -84.58
N ASN S 94 59.40 -0.05 -83.26
CA ASN S 94 59.78 -1.14 -82.39
C ASN S 94 58.61 -2.06 -82.05
N GLU S 95 57.40 -1.74 -82.50
CA GLU S 95 56.24 -2.62 -82.34
C GLU S 95 56.01 -2.97 -80.88
N THR S 96 55.98 -1.94 -80.04
CA THR S 96 55.89 -2.12 -78.59
C THR S 96 54.83 -1.18 -78.04
N TYR S 97 54.10 -1.64 -77.05
CA TYR S 97 53.26 -0.75 -76.27
C TYR S 97 54.16 0.13 -75.40
N VAL S 98 53.89 1.43 -75.39
CA VAL S 98 54.71 2.40 -74.67
C VAL S 98 53.82 3.23 -73.78
N CYS S 99 54.15 3.26 -72.49
CA CYS S 99 53.55 4.19 -71.55
C CYS S 99 54.62 5.18 -71.15
N ILE S 100 54.38 6.47 -71.39
CA ILE S 100 55.34 7.51 -71.10
C ILE S 100 54.62 8.65 -70.39
N SER S 101 55.22 9.13 -69.30
CA SER S 101 54.64 10.20 -68.51
C SER S 101 55.30 11.52 -68.85
N CYS S 102 54.54 12.60 -68.74
CA CYS S 102 55.02 13.91 -69.20
C CYS S 102 54.15 15.00 -68.57
N SER S 103 54.60 16.23 -68.75
CA SER S 103 53.78 17.41 -68.45
C SER S 103 53.02 17.80 -69.71
N GLU S 104 51.70 17.78 -69.63
CA GLU S 104 50.84 17.95 -70.78
C GLU S 104 50.22 19.34 -70.74
N LYS S 105 50.28 20.04 -71.88
CA LYS S 105 49.74 21.39 -72.01
C LYS S 105 48.42 21.32 -72.74
N ASP S 106 47.35 21.77 -72.09
CA ASP S 106 46.02 21.86 -72.70
C ASP S 106 45.56 23.31 -72.57
N GLY S 107 45.70 24.08 -73.64
CA GLY S 107 45.38 25.49 -73.57
C GLY S 107 46.34 26.21 -72.66
N GLY S 108 45.79 26.91 -71.67
CA GLY S 108 46.62 27.69 -70.78
C GLY S 108 47.21 26.94 -69.61
N SER S 109 46.74 25.74 -69.32
CA SER S 109 47.12 25.01 -68.12
C SER S 109 48.08 23.88 -68.46
N LEU S 110 48.65 23.31 -67.40
CA LEU S 110 49.52 22.14 -67.49
C LEU S 110 48.89 20.99 -66.71
N TYR S 111 49.11 19.77 -67.20
CA TYR S 111 48.58 18.58 -66.57
C TYR S 111 49.66 17.51 -66.56
N LEU S 112 49.53 16.57 -65.63
CA LEU S 112 50.42 15.43 -65.54
C LEU S 112 49.69 14.21 -66.09
N ALA S 113 50.20 13.67 -67.18
CA ALA S 113 49.52 12.61 -67.93
C ALA S 113 50.46 11.49 -68.29
N GLN S 114 49.96 10.26 -68.22
CA GLN S 114 50.60 9.11 -68.84
C GLN S 114 50.03 8.94 -70.24
N LEU S 115 50.91 8.86 -71.23
CA LEU S 115 50.52 8.70 -72.62
C LEU S 115 50.81 7.28 -73.07
N TRP S 116 49.81 6.63 -73.66
CA TRP S 116 49.89 5.24 -74.06
C TRP S 116 49.97 5.14 -75.58
N PHE S 117 50.92 4.36 -76.06
CA PHE S 117 51.10 4.09 -77.48
C PHE S 117 51.14 2.59 -77.69
N ASN S 118 50.59 2.14 -78.81
CA ASN S 118 50.55 0.73 -79.15
C ASN S 118 51.53 0.41 -80.26
N PRO S 119 51.73 -0.87 -80.58
CA PRO S 119 52.72 -1.23 -81.61
C PRO S 119 52.47 -0.61 -82.98
N ASN S 120 51.34 0.05 -83.19
CA ASN S 120 51.07 0.75 -84.44
C ASN S 120 51.36 2.24 -84.37
N GLY S 121 51.78 2.74 -83.22
CA GLY S 121 52.01 4.15 -83.05
C GLY S 121 50.78 4.96 -82.74
N ASP S 122 49.64 4.33 -82.51
CA ASP S 122 48.43 5.05 -82.17
C ASP S 122 48.49 5.53 -80.72
N LEU S 123 48.23 6.81 -80.52
CA LEU S 123 48.08 7.33 -79.16
C LEU S 123 46.72 6.85 -78.68
N ILE S 124 46.71 5.68 -78.03
CA ILE S 124 45.44 5.03 -77.74
C ILE S 124 44.72 5.66 -76.55
N GLY S 125 45.41 6.43 -75.72
CA GLY S 125 44.74 7.10 -74.62
C GLY S 125 45.74 7.70 -73.66
N LYS S 126 45.22 8.55 -72.79
CA LYS S 126 46.03 9.18 -71.76
C LYS S 126 45.26 9.17 -70.44
N HIS S 127 46.01 9.13 -69.35
CA HIS S 127 45.47 9.21 -68.01
C HIS S 127 46.11 10.40 -67.31
N ARG S 128 45.29 11.32 -66.83
CA ARG S 128 45.77 12.49 -66.11
C ARG S 128 45.73 12.23 -64.61
N LYS S 129 46.83 12.51 -63.92
CA LYS S 129 46.86 12.37 -62.47
C LYS S 129 45.69 13.11 -61.85
N MET S 130 44.89 12.39 -61.06
CA MET S 130 43.62 12.94 -60.60
C MET S 130 43.79 13.99 -59.51
N ARG S 131 44.98 14.12 -58.93
CA ARG S 131 45.21 15.10 -57.88
C ARG S 131 46.71 15.26 -57.68
N ALA S 132 47.16 16.50 -57.62
CA ALA S 132 48.57 16.79 -57.36
C ALA S 132 48.89 16.56 -55.89
N SER S 133 50.15 16.23 -55.60
CA SER S 133 50.47 15.72 -54.27
C SER S 133 50.67 16.82 -53.23
N VAL S 134 51.77 17.58 -53.34
CA VAL S 134 52.01 18.65 -52.35
C VAL S 134 52.30 19.97 -53.06
N ALA S 135 53.43 20.02 -53.76
CA ALA S 135 53.82 21.20 -54.51
C ALA S 135 53.62 21.02 -56.00
N GLU S 136 53.27 19.80 -56.43
CA GLU S 136 52.77 19.64 -57.79
C GLU S 136 51.48 20.41 -58.00
N ARG S 137 50.79 20.77 -56.91
CA ARG S 137 49.57 21.55 -57.03
C ARG S 137 49.85 22.96 -57.53
N LEU S 138 51.07 23.45 -57.37
CA LEU S 138 51.47 24.72 -57.96
C LEU S 138 51.74 24.59 -59.46
N ILE S 139 51.86 23.37 -59.97
CA ILE S 139 52.29 23.11 -61.34
C ILE S 139 51.14 22.60 -62.21
N TRP S 140 50.44 21.57 -61.73
CA TRP S 140 49.53 20.80 -62.56
C TRP S 140 48.09 20.90 -62.05
N GLY S 141 47.15 20.66 -62.97
CA GLY S 141 45.75 20.59 -62.62
C GLY S 141 45.29 19.17 -62.35
N ASP S 142 44.01 19.03 -62.06
CA ASP S 142 43.43 17.75 -61.71
C ASP S 142 42.92 17.02 -62.94
N GLY S 143 42.93 15.69 -62.88
CA GLY S 143 42.37 14.86 -63.92
C GLY S 143 40.88 14.64 -63.73
N SER S 144 40.31 13.84 -64.61
CA SER S 144 38.90 13.55 -64.60
C SER S 144 38.67 12.05 -64.64
N GLY S 145 37.48 11.64 -64.21
CA GLY S 145 37.09 10.25 -64.29
C GLY S 145 37.02 9.72 -65.70
N SER S 146 36.99 10.60 -66.70
CA SER S 146 37.00 10.21 -68.10
C SER S 146 38.40 9.94 -68.61
N MET S 147 39.44 10.11 -67.79
CA MET S 147 40.81 9.81 -68.19
C MET S 147 41.40 8.75 -67.27
N MET S 148 40.67 7.66 -67.03
CA MET S 148 41.16 6.53 -66.26
C MET S 148 41.01 5.26 -67.10
N PRO S 149 41.69 5.19 -68.24
CA PRO S 149 41.48 4.06 -69.14
C PRO S 149 42.13 2.79 -68.64
N VAL S 150 41.54 1.67 -69.05
CA VAL S 150 42.18 0.37 -69.05
C VAL S 150 42.05 -0.16 -70.47
N PHE S 151 43.17 -0.35 -71.14
CA PHE S 151 43.16 -0.73 -72.55
C PHE S 151 43.15 -2.24 -72.67
N GLN S 152 42.23 -2.76 -73.47
CA GLN S 152 42.21 -4.17 -73.83
C GLN S 152 43.06 -4.35 -75.06
N THR S 153 44.25 -4.89 -74.88
CA THR S 153 45.26 -4.98 -75.94
C THR S 153 45.56 -6.44 -76.23
N ARG S 154 46.57 -6.66 -77.05
CA ARG S 154 47.04 -8.00 -77.38
C ARG S 154 47.92 -8.59 -76.29
N ILE S 155 48.24 -7.82 -75.25
CA ILE S 155 49.07 -8.28 -74.16
C ILE S 155 48.36 -8.14 -72.81
N GLY S 156 47.03 -8.08 -72.82
CA GLY S 156 46.24 -8.02 -71.60
C GLY S 156 45.62 -6.66 -71.41
N ASN S 157 44.96 -6.51 -70.26
CA ASN S 157 44.33 -5.24 -69.89
C ASN S 157 45.39 -4.36 -69.24
N LEU S 158 45.74 -3.27 -69.91
CA LEU S 158 46.79 -2.38 -69.45
C LEU S 158 46.21 -1.12 -68.81
N GLY S 159 46.95 -0.56 -67.87
CA GLY S 159 46.60 0.70 -67.26
C GLY S 159 47.76 1.21 -66.45
N GLY S 160 47.55 2.36 -65.82
CA GLY S 160 48.62 2.95 -65.03
C GLY S 160 48.12 4.03 -64.11
N LEU S 161 48.90 4.27 -63.05
CA LEU S 161 48.69 5.38 -62.14
C LEU S 161 50.06 5.94 -61.77
N MET S 162 50.06 7.15 -61.23
CA MET S 162 51.29 7.86 -60.94
C MET S 162 51.38 8.16 -59.44
N CYS S 163 52.53 7.83 -58.86
CA CYS S 163 52.94 8.26 -57.52
C CYS S 163 51.80 7.97 -56.53
N TRP S 164 51.33 8.94 -55.76
CA TRP S 164 50.39 8.69 -54.68
C TRP S 164 49.00 8.40 -55.14
N GLU S 165 48.71 8.21 -56.43
CA GLU S 165 47.41 7.66 -56.81
C GLU S 165 47.24 6.24 -56.31
N HIS S 166 48.34 5.53 -56.05
CA HIS S 166 48.26 4.17 -55.53
C HIS S 166 47.83 4.15 -54.07
N GLN S 167 47.93 5.28 -53.38
CA GLN S 167 47.53 5.39 -51.99
C GLN S 167 46.12 5.95 -51.84
N VAL S 168 45.38 6.06 -52.94
CA VAL S 168 43.99 6.49 -52.95
C VAL S 168 43.13 5.25 -53.25
N PRO S 169 42.39 4.73 -52.28
CA PRO S 169 41.63 3.50 -52.54
C PRO S 169 40.65 3.60 -53.68
N LEU S 170 40.06 4.77 -53.92
CA LEU S 170 39.06 4.90 -54.99
C LEU S 170 39.70 4.73 -56.36
N ASP S 171 40.94 5.18 -56.53
CA ASP S 171 41.64 4.95 -57.80
C ASP S 171 41.88 3.46 -58.02
N LEU S 172 42.30 2.74 -56.97
CA LEU S 172 42.45 1.30 -57.08
C LEU S 172 41.12 0.66 -57.44
N MET S 173 40.03 1.13 -56.83
CA MET S 173 38.72 0.55 -57.10
C MET S 173 38.32 0.76 -58.55
N ALA S 174 38.52 1.98 -59.06
CA ALA S 174 38.19 2.24 -60.46
C ALA S 174 39.02 1.40 -61.40
N MET S 175 40.30 1.20 -61.07
CA MET S 175 41.18 0.41 -61.95
C MET S 175 40.81 -1.07 -61.90
N ASN S 176 40.46 -1.57 -60.72
CA ASN S 176 40.07 -2.97 -60.57
C ASN S 176 38.73 -3.24 -61.24
N ALA S 177 37.82 -2.26 -61.24
CA ALA S 177 36.51 -2.47 -61.85
C ALA S 177 36.62 -2.75 -63.34
N GLN S 178 37.66 -2.23 -64.00
CA GLN S 178 37.87 -2.43 -65.42
C GLN S 178 38.66 -3.69 -65.72
N ASN S 179 38.91 -4.53 -64.72
CA ASN S 179 39.61 -5.79 -64.91
C ASN S 179 41.02 -5.57 -65.45
N GLU S 180 41.73 -4.60 -64.87
CA GLU S 180 43.11 -4.37 -65.23
C GLU S 180 43.96 -5.59 -64.88
N GLN S 181 44.95 -5.86 -65.69
CA GLN S 181 45.79 -7.05 -65.51
C GLN S 181 47.27 -6.73 -65.44
N VAL S 182 47.74 -5.76 -66.21
CA VAL S 182 49.13 -5.35 -66.20
C VAL S 182 49.16 -3.84 -65.99
N HIS S 183 49.81 -3.40 -64.91
CA HIS S 183 49.71 -2.04 -64.44
C HIS S 183 51.09 -1.38 -64.43
N VAL S 184 51.14 -0.14 -64.90
CA VAL S 184 52.35 0.67 -64.88
C VAL S 184 52.26 1.63 -63.71
N ALA S 185 53.21 1.52 -62.78
CA ALA S 185 53.26 2.39 -61.60
C ALA S 185 54.44 3.33 -61.75
N SER S 186 54.16 4.56 -62.20
CA SER S 186 55.18 5.57 -62.42
C SER S 186 55.42 6.36 -61.14
N TRP S 187 56.68 6.50 -60.76
CA TRP S 187 57.06 7.24 -59.57
C TRP S 187 58.14 8.25 -59.91
N PRO S 188 58.19 9.39 -59.20
CA PRO S 188 59.14 10.43 -59.54
C PRO S 188 60.54 10.17 -59.00
N GLY S 189 60.62 9.60 -57.80
CA GLY S 189 61.91 9.20 -57.25
C GLY S 189 62.25 9.78 -55.88
N TYR S 190 61.25 10.27 -55.15
CA TYR S 190 61.51 10.87 -53.84
C TYR S 190 60.56 10.31 -52.78
N PHE S 191 59.39 9.85 -53.21
CA PHE S 191 58.41 9.27 -52.33
C PHE S 191 58.66 7.77 -52.19
N ASP S 192 57.93 7.13 -51.29
CA ASP S 192 58.20 5.75 -50.89
C ASP S 192 57.40 4.80 -51.77
N ASP S 193 58.10 4.03 -52.60
CA ASP S 193 57.48 3.28 -53.70
C ASP S 193 57.17 1.83 -53.39
N GLU S 194 58.03 1.15 -52.63
CA GLU S 194 57.92 -0.30 -52.50
C GLU S 194 56.58 -0.72 -51.93
N ILE S 195 56.23 -0.19 -50.75
CA ILE S 195 55.01 -0.61 -50.07
C ILE S 195 53.80 -0.39 -50.98
N SER S 196 53.71 0.77 -51.59
CA SER S 196 52.51 1.13 -52.35
C SER S 196 52.37 0.25 -53.59
N SER S 197 53.45 0.10 -54.36
CA SER S 197 53.36 -0.68 -55.60
C SER S 197 53.10 -2.15 -55.30
N ARG S 198 53.76 -2.70 -54.27
CA ARG S 198 53.51 -4.08 -53.91
C ARG S 198 52.08 -4.29 -53.44
N TYR S 199 51.58 -3.38 -52.61
CA TYR S 199 50.19 -3.52 -52.15
C TYR S 199 49.23 -3.38 -53.31
N TYR S 200 49.53 -2.50 -54.26
CA TYR S 200 48.68 -2.39 -55.44
C TYR S 200 48.65 -3.70 -56.20
N ALA S 201 49.82 -4.30 -56.42
CA ALA S 201 49.87 -5.59 -57.10
C ALA S 201 48.99 -6.60 -56.40
N ILE S 202 49.03 -6.63 -55.07
CA ILE S 202 48.24 -7.60 -54.32
C ILE S 202 46.75 -7.27 -54.42
N ALA S 203 46.39 -6.01 -54.23
CA ALA S 203 44.99 -5.62 -54.08
C ALA S 203 44.23 -5.60 -55.39
N THR S 204 44.93 -5.34 -56.50
CA THR S 204 44.32 -5.38 -57.82
C THR S 204 44.58 -6.69 -58.56
N GLN S 205 45.43 -7.55 -58.02
CA GLN S 205 45.77 -8.82 -58.66
C GLN S 205 46.36 -8.59 -60.05
N THR S 206 47.24 -7.60 -60.16
CA THR S 206 47.86 -7.23 -61.42
C THR S 206 49.38 -7.34 -61.32
N PHE S 207 50.01 -7.55 -62.46
CA PHE S 207 51.44 -7.29 -62.59
C PHE S 207 51.68 -5.78 -62.55
N VAL S 208 52.71 -5.36 -61.83
CA VAL S 208 53.03 -3.95 -61.67
C VAL S 208 54.45 -3.71 -62.14
N LEU S 209 54.60 -2.78 -63.08
CA LEU S 209 55.91 -2.31 -63.51
C LEU S 209 56.15 -0.98 -62.78
N MET S 210 56.97 -1.03 -61.75
CA MET S 210 57.30 0.16 -60.98
C MET S 210 58.51 0.84 -61.63
N THR S 211 58.30 2.04 -62.13
CA THR S 211 59.34 2.82 -62.81
C THR S 211 59.62 4.06 -62.00
N SER S 212 60.89 4.45 -61.94
CA SER S 212 61.31 5.59 -61.15
C SER S 212 62.55 6.20 -61.77
N SER S 213 62.65 7.53 -61.69
CA SER S 213 63.75 8.25 -62.28
C SER S 213 64.83 8.49 -61.22
N ILE S 214 65.93 9.10 -61.65
CA ILE S 214 67.06 9.39 -60.77
C ILE S 214 67.36 10.88 -60.86
N TYR S 215 68.22 11.34 -59.96
CA TYR S 215 68.65 12.73 -59.92
C TYR S 215 69.95 12.86 -60.68
N THR S 216 70.01 13.84 -61.59
CA THR S 216 71.21 14.13 -62.35
C THR S 216 71.83 15.42 -61.85
N GLU S 217 73.14 15.56 -62.09
CA GLU S 217 73.84 16.75 -61.64
C GLU S 217 73.35 18.00 -62.37
N GLU S 218 73.08 17.89 -63.67
CA GLU S 218 72.62 19.07 -64.41
C GLU S 218 71.34 19.64 -63.82
N MET S 219 70.46 18.76 -63.35
CA MET S 219 69.25 19.23 -62.67
C MET S 219 69.60 20.05 -61.45
N LYS S 220 70.51 19.55 -60.61
CA LYS S 220 70.90 20.28 -59.41
C LYS S 220 71.52 21.63 -59.76
N GLU S 221 72.41 21.65 -60.75
CA GLU S 221 73.04 22.90 -61.15
C GLU S 221 72.01 23.87 -61.70
N MET S 222 70.93 23.37 -62.28
CA MET S 222 69.88 24.25 -62.78
C MET S 222 69.03 24.83 -61.64
N ILE S 223 68.66 24.01 -60.66
CA ILE S 223 67.62 24.40 -59.70
C ILE S 223 68.16 24.68 -58.31
N CYS S 224 69.44 24.44 -58.04
CA CYS S 224 70.02 24.73 -56.73
C CYS S 224 70.84 26.00 -56.88
N LEU S 225 70.17 27.14 -56.72
CA LEU S 225 70.81 28.43 -56.93
C LEU S 225 71.76 28.76 -55.78
N THR S 226 71.31 28.55 -54.55
CA THR S 226 72.11 28.84 -53.37
C THR S 226 72.68 27.55 -52.80
N GLN S 227 73.30 27.64 -51.62
CA GLN S 227 73.91 26.49 -50.98
C GLN S 227 72.93 25.76 -50.07
N GLU S 228 72.07 26.50 -49.37
CA GLU S 228 71.04 25.86 -48.58
C GLU S 228 70.14 25.00 -49.46
N GLN S 229 69.77 25.51 -50.64
CA GLN S 229 68.95 24.74 -51.56
C GLN S 229 69.68 23.47 -51.99
N ARG S 230 70.96 23.58 -52.32
CA ARG S 230 71.71 22.42 -52.78
C ARG S 230 71.77 21.36 -51.68
N ASP S 231 72.11 21.78 -50.46
CA ASP S 231 72.20 20.81 -49.37
C ASP S 231 70.85 20.18 -49.07
N TYR S 232 69.78 20.98 -49.10
CA TYR S 232 68.45 20.43 -48.83
C TYR S 232 68.05 19.42 -49.90
N PHE S 233 68.35 19.71 -51.16
CA PHE S 233 68.01 18.76 -52.22
C PHE S 233 68.89 17.52 -52.15
N GLU S 234 70.11 17.64 -51.61
CA GLU S 234 70.99 16.49 -51.48
C GLU S 234 70.45 15.43 -50.54
N THR S 235 69.52 15.77 -49.66
CA THR S 235 68.95 14.82 -48.71
C THR S 235 67.78 14.04 -49.30
N PHE S 236 67.47 14.22 -50.57
CA PHE S 236 66.32 13.57 -51.18
C PHE S 236 66.67 12.12 -51.53
N LYS S 237 65.90 11.18 -50.95
CA LYS S 237 66.13 9.77 -51.20
C LYS S 237 65.73 9.40 -52.63
N SER S 238 66.35 8.37 -53.15
CA SER S 238 66.09 7.91 -54.50
C SER S 238 65.01 6.83 -54.50
N GLY S 239 64.50 6.54 -55.70
CA GLY S 239 63.49 5.53 -55.87
C GLY S 239 64.07 4.21 -56.35
N HIS S 240 63.15 3.29 -56.69
CA HIS S 240 63.52 1.98 -57.17
C HIS S 240 62.66 1.63 -58.39
N THR S 241 63.21 0.77 -59.24
CA THR S 241 62.52 0.32 -60.46
C THR S 241 62.51 -1.19 -60.46
N CYS S 242 61.34 -1.79 -60.26
CA CYS S 242 61.20 -3.23 -60.23
C CYS S 242 59.92 -3.61 -60.94
N ILE S 243 59.66 -4.90 -60.99
CA ILE S 243 58.43 -5.46 -61.52
C ILE S 243 57.94 -6.51 -60.53
N TYR S 244 56.62 -6.59 -60.35
CA TYR S 244 56.03 -7.48 -59.37
C TYR S 244 54.98 -8.36 -60.02
N GLY S 245 54.78 -9.54 -59.43
CA GLY S 245 53.70 -10.41 -59.82
C GLY S 245 52.43 -10.10 -59.06
N PRO S 246 51.33 -10.75 -59.44
CA PRO S 246 50.04 -10.44 -58.79
C PRO S 246 50.01 -10.69 -57.30
N ASP S 247 50.96 -11.46 -56.75
CA ASP S 247 51.03 -11.70 -55.32
C ASP S 247 51.88 -10.67 -54.59
N GLY S 248 52.41 -9.67 -55.27
CA GLY S 248 53.24 -8.67 -54.65
C GLY S 248 54.71 -9.00 -54.57
N GLU S 249 55.13 -10.08 -55.15
CA GLU S 249 56.54 -10.44 -55.08
C GLU S 249 57.26 -10.02 -56.35
N PRO S 250 58.56 -9.73 -56.27
CA PRO S 250 59.27 -9.25 -57.45
C PRO S 250 59.63 -10.38 -58.41
N ILE S 251 59.49 -10.10 -59.70
CA ILE S 251 59.84 -11.04 -60.76
C ILE S 251 61.01 -10.54 -61.59
N SER S 252 61.72 -9.51 -61.12
CA SER S 252 62.90 -9.02 -61.83
C SER S 252 63.89 -8.46 -60.81
N ASP S 253 65.06 -8.10 -61.31
CA ASP S 253 66.10 -7.52 -60.47
C ASP S 253 65.83 -6.04 -60.23
N MET S 254 66.13 -5.59 -59.01
CA MET S 254 66.15 -4.16 -58.74
C MET S 254 67.22 -3.52 -59.59
N VAL S 255 66.85 -2.47 -60.33
CA VAL S 255 67.91 -1.69 -60.99
C VAL S 255 68.74 -1.00 -59.93
N PRO S 256 70.06 -0.93 -60.06
CA PRO S 256 70.86 -0.25 -59.03
C PRO S 256 70.42 1.19 -58.84
N ALA S 257 70.41 1.63 -57.59
CA ALA S 257 69.93 2.97 -57.28
C ALA S 257 70.84 4.03 -57.89
N GLU S 258 70.21 5.09 -58.41
CA GLU S 258 70.92 6.22 -58.99
C GLU S 258 71.74 5.80 -60.21
N THR S 259 71.32 4.74 -60.88
CA THR S 259 71.96 4.27 -62.10
C THR S 259 70.90 4.17 -63.18
N GLU S 260 71.30 4.43 -64.42
CA GLU S 260 70.40 4.26 -65.55
C GLU S 260 70.40 2.80 -65.98
N GLY S 261 69.20 2.24 -66.15
CA GLY S 261 69.08 0.84 -66.51
C GLY S 261 67.62 0.47 -66.63
N ILE S 262 67.39 -0.74 -67.13
CA ILE S 262 66.06 -1.25 -67.41
C ILE S 262 65.89 -2.59 -66.72
N ALA S 263 64.73 -2.79 -66.11
CA ALA S 263 64.36 -4.07 -65.50
C ALA S 263 63.38 -4.77 -66.42
N TYR S 264 63.70 -6.01 -66.80
CA TYR S 264 62.85 -6.82 -67.64
C TYR S 264 62.23 -7.95 -66.83
N ALA S 265 61.14 -8.49 -67.34
CA ALA S 265 60.47 -9.61 -66.70
C ALA S 265 59.65 -10.34 -67.75
N GLU S 266 59.28 -11.56 -67.43
CA GLU S 266 58.34 -12.34 -68.23
C GLU S 266 56.96 -12.24 -67.59
N ILE S 267 55.99 -11.77 -68.34
CA ILE S 267 54.64 -11.53 -67.84
C ILE S 267 53.73 -12.60 -68.42
N ASP S 268 53.32 -13.55 -67.60
CA ASP S 268 52.29 -14.52 -67.96
C ASP S 268 51.00 -14.05 -67.30
N VAL S 269 50.11 -13.46 -68.10
CA VAL S 269 48.88 -12.89 -67.57
C VAL S 269 47.99 -13.96 -66.93
N GLU S 270 48.25 -15.23 -67.21
CA GLU S 270 47.43 -16.29 -66.64
C GLU S 270 47.52 -16.33 -65.12
N ARG S 271 48.66 -15.89 -64.55
CA ARG S 271 48.85 -15.97 -63.11
C ARG S 271 47.77 -15.21 -62.34
N VAL S 272 47.13 -14.24 -62.98
CA VAL S 272 46.12 -13.43 -62.29
C VAL S 272 44.93 -14.27 -61.86
N ILE S 273 44.66 -15.38 -62.56
CA ILE S 273 43.53 -16.22 -62.21
C ILE S 273 43.72 -16.81 -60.82
N ASP S 274 44.94 -17.26 -60.51
CA ASP S 274 45.18 -17.89 -59.23
C ASP S 274 44.96 -16.95 -58.06
N TYR S 275 44.91 -15.64 -58.32
CA TYR S 275 44.70 -14.66 -57.27
C TYR S 275 43.32 -14.01 -57.32
N LYS S 276 42.66 -14.03 -58.48
CA LYS S 276 41.22 -13.79 -58.50
C LYS S 276 40.49 -14.85 -57.71
N TYR S 277 41.08 -16.03 -57.59
CA TYR S 277 40.55 -17.06 -56.71
C TYR S 277 40.53 -16.58 -55.27
N TYR S 278 41.60 -15.92 -54.83
CA TYR S 278 41.69 -15.47 -53.45
C TYR S 278 40.81 -14.24 -53.21
N ILE S 279 41.02 -13.18 -53.97
CA ILE S 279 40.41 -11.89 -53.68
C ILE S 279 40.16 -11.16 -54.99
N ASP S 280 39.05 -10.41 -55.02
CA ASP S 280 38.68 -9.56 -56.15
C ASP S 280 37.73 -8.49 -55.64
N PRO S 281 38.25 -7.35 -55.18
CA PRO S 281 37.39 -6.40 -54.46
C PRO S 281 36.18 -5.93 -55.26
N ALA S 282 36.26 -5.89 -56.58
CA ALA S 282 35.14 -5.48 -57.41
C ALA S 282 34.21 -6.63 -57.76
N GLY S 283 34.54 -7.86 -57.40
CA GLY S 283 33.73 -8.99 -57.75
C GLY S 283 33.20 -9.76 -56.55
N HIS S 284 33.63 -11.00 -56.41
CA HIS S 284 33.12 -11.85 -55.34
C HIS S 284 33.49 -11.31 -53.97
N TYR S 285 34.66 -10.70 -53.84
CA TYR S 285 35.16 -10.26 -52.54
C TYR S 285 34.67 -8.86 -52.22
N SER S 286 33.35 -8.72 -52.18
CA SER S 286 32.71 -7.45 -51.92
C SER S 286 31.62 -7.63 -50.87
N ASN S 287 31.09 -6.51 -50.39
CA ASN S 287 29.95 -6.47 -49.49
C ASN S 287 28.96 -5.46 -50.03
N GLN S 288 27.68 -5.85 -50.08
CA GLN S 288 26.67 -5.03 -50.75
C GLN S 288 26.46 -3.69 -50.06
N SER S 289 26.87 -3.55 -48.80
CA SER S 289 26.67 -2.28 -48.10
C SER S 289 27.66 -1.21 -48.56
N LEU S 290 28.77 -1.61 -49.18
CA LEU S 290 29.74 -0.67 -49.71
C LEU S 290 29.71 -0.71 -51.22
N SER S 291 29.90 0.45 -51.85
CA SER S 291 29.90 0.55 -53.30
C SER S 291 30.51 1.88 -53.68
N MET S 292 30.88 2.00 -54.96
CA MET S 292 31.60 3.15 -55.44
C MET S 292 30.87 3.75 -56.64
N ASN S 293 30.83 5.07 -56.70
CA ASN S 293 30.28 5.80 -57.84
C ASN S 293 31.44 6.25 -58.72
N PHE S 294 31.65 5.53 -59.82
CA PHE S 294 32.68 5.87 -60.80
C PHE S 294 32.03 6.68 -61.91
N ASN S 295 32.27 7.98 -61.93
CA ASN S 295 31.71 8.88 -62.93
C ASN S 295 32.73 9.12 -64.02
N GLN S 296 32.39 8.76 -65.26
CA GLN S 296 33.30 8.83 -66.39
C GLN S 296 32.92 9.90 -67.39
N GLN S 297 32.03 10.81 -67.04
CA GLN S 297 31.67 11.89 -67.95
C GLN S 297 32.86 12.85 -68.10
N PRO S 298 33.14 13.33 -69.30
CA PRO S 298 34.19 14.36 -69.45
C PRO S 298 33.82 15.60 -68.65
N THR S 299 34.82 16.21 -68.03
CA THR S 299 34.60 17.39 -67.19
C THR S 299 35.60 18.48 -67.52
N PRO S 300 35.57 19.01 -68.75
CA PRO S 300 36.25 20.27 -69.02
C PRO S 300 35.45 21.44 -68.46
N VAL S 301 36.13 22.57 -68.30
CA VAL S 301 35.46 23.75 -67.78
C VAL S 301 34.40 24.22 -68.76
N VAL S 302 34.74 24.25 -70.05
CA VAL S 302 33.87 24.79 -71.09
C VAL S 302 33.69 23.70 -72.14
N LYS S 303 32.44 23.30 -72.36
CA LYS S 303 32.11 22.35 -73.42
C LYS S 303 31.93 23.12 -74.73
N HIS S 304 32.67 22.71 -75.74
CA HIS S 304 32.57 23.31 -77.08
C HIS S 304 31.53 22.52 -77.86
N LEU S 305 30.29 23.02 -77.86
CA LEU S 305 29.20 22.36 -78.56
C LEU S 305 29.10 22.89 -79.98
N ASN S 306 28.93 21.98 -80.93
CA ASN S 306 28.80 22.33 -82.35
C ASN S 306 29.97 23.19 -82.80
N HIS S 307 31.17 22.78 -82.43
CA HIS S 307 32.38 23.50 -82.82
C HIS S 307 32.43 23.69 -84.33
N GLN S 308 32.80 24.90 -84.75
CA GLN S 308 32.96 25.21 -86.17
C GLN S 308 34.02 26.28 -86.33
N LYS S 309 34.54 26.40 -87.55
CA LYS S 309 35.66 27.28 -87.86
C LYS S 309 35.15 28.58 -88.48
N ASN S 310 36.07 29.40 -88.96
CA ASN S 310 35.79 30.76 -89.42
C ASN S 310 35.90 30.86 -90.94
N GLU S 311 35.16 31.82 -91.50
CA GLU S 311 35.13 32.06 -92.94
C GLU S 311 36.20 33.09 -93.28
N VAL S 312 37.39 32.60 -93.61
CA VAL S 312 38.54 33.47 -93.90
C VAL S 312 38.34 34.07 -95.30
N PHE S 313 37.92 35.33 -95.34
CA PHE S 313 37.77 36.05 -96.60
C PHE S 313 39.15 36.47 -97.09
N THR S 314 39.67 35.76 -98.08
CA THR S 314 41.04 36.01 -98.52
C THR S 314 41.15 37.37 -99.21
N TYR S 315 42.40 37.84 -99.31
CA TYR S 315 42.64 39.16 -99.92
C TYR S 315 42.21 39.17 -101.39
N GLU S 316 42.41 38.06 -102.08
CA GLU S 316 42.09 38.01 -103.51
C GLU S 316 40.60 38.23 -103.76
N ASP S 317 39.75 37.62 -102.93
CA ASP S 317 38.32 37.79 -103.10
C ASP S 317 37.92 39.24 -102.87
N ILE S 318 38.48 39.88 -101.84
CA ILE S 318 38.07 41.23 -101.51
C ILE S 318 38.36 42.19 -102.66
N GLN S 319 39.47 41.98 -103.36
CA GLN S 319 39.84 42.83 -104.48
C GLN S 319 39.21 42.36 -105.80
#